data_8AOW
#
_entry.id   8AOW
#
_cell.length_a   1.00
_cell.length_b   1.00
_cell.length_c   1.00
_cell.angle_alpha   90.00
_cell.angle_beta   90.00
_cell.angle_gamma   90.00
#
_symmetry.space_group_name_H-M   'P 1'
#
loop_
_entity.id
_entity.type
_entity.pdbx_description
1 polymer 'mRNA-capping enzyme nsP1'
2 non-polymer 'ZINC ION'
3 non-polymer S-ADENOSYL-L-HOMOCYSTEINE
4 non-polymer "7-METHYL-GUANOSINE-5'-TRIPHOSPHATE"
5 non-polymer 'MAGNESIUM ION'
6 water water
#
_entity_poly.entity_id   1
_entity_poly.type   'polypeptide(L)'
_entity_poly.pdbx_seq_one_letter_code
;MDPVYVDIDADSAFLKALQRAYPMFEVEPRQVTPNDHANARAFSHLAIKLIEQEIDPDSTILDIGSAPARRMMSDRKYHC
VCPMRSAEDPERLANYARKLASAAGKVLDRNISGKIGDLQAVMAVPDTETPTFCLHTDVSCRQRADVAIYQDVYAVHAPT
SLYHQAIKGVRLAYWVGFDTTPFMYNAMAGAYPSYSTNWADEQVLKAKNIGLCSTDLTEGRRGKLSIMRGKKLEPCDRVL
FSVGSTLYPESRKLLKSWHLPSVFHLKGKLSFTCRCDTVVSCEGYVVKRITMSPGLYGKTTGYAVTHHADGFLMCKTTDT
VDGERVSFSVCTYVPATICDQMTGILATEVTPEDAQKLLVGLNQRIVVNGRTQRNTNTMKNYMIPVVAQAFSKWAKECRK
DMEDEKLLGVRERTLTCCCLWAFKKQKTHTVYKRPDTQSIQKVQAEFDSFVVPSLWSSGLSIPLRTRIKWLLSKVPKTDL
TPYSGDAQEARDAEKEAEEEREAELTLEALPPLQAAQEDVQVEIDVEQLEDRAGAAAHHHHHH
;
_entity_poly.pdbx_strand_id   A,C,E,G,I,K,M,O,Q,S,V,X
#
loop_
_chem_comp.id
_chem_comp.type
_chem_comp.name
_chem_comp.formula
MG non-polymer 'MAGNESIUM ION' 'Mg 2'
MGP non-polymer 7-METHYL-GUANOSINE-5'-TRIPHOSPHATE 'C11 H19 N5 O14 P3 1'
SAH non-polymer S-ADENOSYL-L-HOMOCYSTEINE 'C14 H20 N6 O5 S'
ZN non-polymer 'ZINC ION' 'Zn 2'
#
# COMPACT_ATOMS: atom_id res chain seq x y z
N PRO A 3 -10.58 54.02 23.47
CA PRO A 3 -10.71 53.68 22.05
C PRO A 3 -10.36 54.84 21.13
N VAL A 4 -9.27 54.70 20.39
CA VAL A 4 -8.83 55.69 19.43
C VAL A 4 -9.04 55.12 18.04
N TYR A 5 -9.76 55.85 17.20
CA TYR A 5 -10.09 55.40 15.85
C TYR A 5 -9.13 56.05 14.85
N VAL A 6 -8.55 55.22 14.00
CA VAL A 6 -7.55 55.65 13.02
C VAL A 6 -8.11 55.39 11.63
N ASP A 7 -7.93 56.35 10.74
CA ASP A 7 -8.42 56.25 9.36
C ASP A 7 -7.40 55.43 8.55
N ILE A 8 -7.39 54.12 8.80
CA ILE A 8 -6.58 53.18 8.04
C ILE A 8 -7.42 51.95 7.75
N ASP A 9 -6.94 51.14 6.81
CA ASP A 9 -7.68 49.95 6.41
C ASP A 9 -7.66 48.91 7.53
N ALA A 10 -8.77 48.18 7.64
CA ALA A 10 -8.92 47.21 8.73
C ALA A 10 -7.89 46.08 8.62
N ASP A 11 -7.55 45.69 7.40
CA ASP A 11 -6.60 44.62 7.18
C ASP A 11 -5.16 45.10 7.07
N SER A 12 -4.91 46.39 7.30
CA SER A 12 -3.56 46.93 7.16
C SER A 12 -2.63 46.31 8.20
N ALA A 13 -1.41 45.99 7.77
CA ALA A 13 -0.41 45.45 8.67
C ALA A 13 0.21 46.52 9.56
N PHE A 14 0.02 47.79 9.25
CA PHE A 14 0.48 48.86 10.11
C PHE A 14 -0.29 48.91 11.43
N LEU A 15 -1.44 48.25 11.49
CA LEU A 15 -2.25 48.27 12.70
C LEU A 15 -1.51 47.64 13.88
N LYS A 16 -0.86 46.50 13.64
CA LYS A 16 -0.12 45.85 14.72
C LYS A 16 1.05 46.71 15.17
N ALA A 17 1.75 47.35 14.24
CA ALA A 17 2.83 48.26 14.60
C ALA A 17 2.34 49.43 15.43
N LEU A 18 1.19 50.00 15.05
CA LEU A 18 0.62 51.09 15.83
C LEU A 18 0.20 50.64 17.22
N GLN A 19 -0.38 49.44 17.31
CA GLN A 19 -0.77 48.90 18.61
C GLN A 19 0.44 48.69 19.51
N ARG A 20 1.52 48.17 18.94
CA ARG A 20 2.74 48.00 19.73
C ARG A 20 3.35 49.34 20.13
N ALA A 21 3.26 50.34 19.25
CA ALA A 21 3.82 51.66 19.57
C ALA A 21 3.00 52.36 20.65
N TYR A 22 1.70 52.08 20.72
CA TYR A 22 0.80 52.73 21.69
C TYR A 22 0.04 51.66 22.44
N PRO A 23 0.70 50.96 23.37
CA PRO A 23 0.00 49.92 24.14
C PRO A 23 -1.01 50.47 25.13
N MET A 24 -0.97 51.76 25.44
CA MET A 24 -1.91 52.36 26.38
C MET A 24 -3.26 52.70 25.77
N PHE A 25 -3.42 52.50 24.47
CA PHE A 25 -4.66 52.84 23.77
C PHE A 25 -5.23 51.59 23.11
N GLU A 26 -6.53 51.62 22.87
CA GLU A 26 -7.19 50.60 22.06
C GLU A 26 -7.34 51.18 20.65
N VAL A 27 -6.50 50.73 19.74
CA VAL A 27 -6.44 51.27 18.39
C VAL A 27 -7.43 50.51 17.52
N GLU A 28 -8.37 51.23 16.91
CA GLU A 28 -9.38 50.62 16.07
C GLU A 28 -9.38 51.28 14.69
N PRO A 29 -9.35 50.51 13.61
CA PRO A 29 -9.35 51.11 12.27
C PRO A 29 -10.76 51.51 11.85
N ARG A 30 -10.91 52.77 11.45
CA ARG A 30 -12.16 53.31 10.92
C ARG A 30 -11.82 54.07 9.64
N GLN A 31 -11.79 53.35 8.52
CA GLN A 31 -11.36 53.93 7.26
C GLN A 31 -12.50 54.75 6.65
N VAL A 32 -12.23 56.02 6.35
CA VAL A 32 -13.21 56.89 5.75
C VAL A 32 -12.73 57.56 4.47
N THR A 33 -11.43 57.62 4.22
CA THR A 33 -10.88 58.26 3.03
C THR A 33 -9.78 57.38 2.47
N PRO A 34 -9.52 57.45 1.15
CA PRO A 34 -8.44 56.66 0.53
C PRO A 34 -7.09 57.38 0.60
N ASN A 35 -6.75 57.87 1.79
CA ASN A 35 -5.53 58.67 1.96
C ASN A 35 -4.30 57.82 1.66
N ASP A 36 -3.39 58.37 0.84
CA ASP A 36 -2.18 57.64 0.49
C ASP A 36 -1.05 57.85 1.50
N HIS A 37 -1.21 58.74 2.46
CA HIS A 37 -0.32 58.85 3.61
C HIS A 37 -1.11 58.63 4.90
N ALA A 38 -1.96 57.62 4.90
CA ALA A 38 -2.85 57.36 6.02
C ALA A 38 -2.07 56.98 7.27
N ASN A 39 -0.98 56.23 7.11
CA ASN A 39 -0.21 55.75 8.25
C ASN A 39 0.46 56.90 9.00
N ALA A 40 0.99 57.88 8.27
CA ALA A 40 1.64 59.02 8.92
C ALA A 40 0.63 59.83 9.72
N ARG A 41 -0.55 60.07 9.14
CA ARG A 41 -1.60 60.79 9.85
C ARG A 41 -2.08 60.01 11.07
N ALA A 42 -2.19 58.69 10.94
CA ALA A 42 -2.59 57.87 12.09
C ALA A 42 -1.58 57.97 13.21
N PHE A 43 -0.29 57.91 12.88
CA PHE A 43 0.73 58.03 13.91
C PHE A 43 0.67 59.40 14.58
N SER A 44 0.49 60.46 13.80
CA SER A 44 0.41 61.80 14.38
C SER A 44 -0.80 61.92 15.30
N HIS A 45 -1.93 61.36 14.90
CA HIS A 45 -3.12 61.36 15.75
C HIS A 45 -2.85 60.68 17.08
N LEU A 46 -2.29 59.46 17.03
CA LEU A 46 -2.04 58.74 18.26
C LEU A 46 -1.00 59.45 19.11
N ALA A 47 -0.03 60.12 18.48
CA ALA A 47 0.99 60.84 19.21
C ALA A 47 0.41 62.03 19.96
N ILE A 48 -0.47 62.80 19.32
CA ILE A 48 -1.07 63.93 20.01
C ILE A 48 -1.98 63.43 21.13
N LYS A 49 -2.65 62.29 20.94
CA LYS A 49 -3.43 61.72 22.03
C LYS A 49 -2.55 61.35 23.21
N LEU A 50 -1.40 60.72 22.96
CA LEU A 50 -0.49 60.37 24.04
C LEU A 50 0.03 61.61 24.76
N ILE A 51 0.41 62.64 24.00
CA ILE A 51 0.92 63.86 24.62
C ILE A 51 -0.15 64.51 25.49
N GLU A 52 -1.38 64.57 24.99
CA GLU A 52 -2.48 65.11 25.79
C GLU A 52 -2.70 64.29 27.05
N GLN A 53 -2.57 62.97 26.95
CA GLN A 53 -2.71 62.11 28.12
C GLN A 53 -1.64 62.42 29.16
N GLU A 54 -0.41 62.67 28.71
CA GLU A 54 0.71 62.81 29.64
C GLU A 54 0.69 64.12 30.42
N ILE A 55 0.20 65.20 29.83
CA ILE A 55 0.35 66.54 30.40
C ILE A 55 -0.85 66.88 31.26
N ASP A 56 -0.66 67.86 32.14
CA ASP A 56 -1.71 68.29 33.05
C ASP A 56 -2.80 69.04 32.28
N PRO A 57 -4.07 68.75 32.54
CA PRO A 57 -5.14 69.45 31.81
C PRO A 57 -5.13 70.96 31.98
N ASP A 58 -4.75 71.46 33.15
CA ASP A 58 -4.74 72.90 33.38
C ASP A 58 -3.59 73.60 32.68
N SER A 59 -2.66 72.85 32.08
CA SER A 59 -1.55 73.45 31.36
C SER A 59 -2.04 74.14 30.09
N THR A 60 -1.32 75.20 29.71
CA THR A 60 -1.52 75.88 28.43
C THR A 60 -0.42 75.47 27.47
N ILE A 61 -0.79 75.06 26.27
CA ILE A 61 0.11 74.39 25.34
C ILE A 61 0.33 75.29 24.14
N LEU A 62 1.58 75.67 23.90
CA LEU A 62 1.93 76.33 22.65
C LEU A 62 2.00 75.30 21.54
N ASP A 63 1.31 75.57 20.44
CA ASP A 63 1.35 74.71 19.25
C ASP A 63 2.13 75.48 18.20
N ILE A 64 3.41 75.13 18.06
CA ILE A 64 4.29 75.86 17.15
C ILE A 64 4.06 75.36 15.74
N GLY A 65 3.86 76.30 14.81
CA GLY A 65 3.54 75.94 13.44
C GLY A 65 2.26 75.16 13.39
N SER A 66 1.23 75.66 14.07
CA SER A 66 0.01 74.89 14.28
C SER A 66 -0.81 74.81 13.01
N ALA A 67 -1.65 73.77 12.94
CA ALA A 67 -2.76 73.68 12.01
C ALA A 67 -4.02 73.76 12.87
N PRO A 68 -4.58 74.96 13.08
CA PRO A 68 -5.55 75.14 14.17
C PRO A 68 -6.82 74.32 14.01
N ALA A 69 -7.14 73.85 12.80
CA ALA A 69 -8.34 73.06 12.61
C ALA A 69 -8.26 71.72 13.33
N ARG A 70 -7.07 71.27 13.72
CA ARG A 70 -6.91 70.01 14.40
C ARG A 70 -7.00 70.13 15.91
N ARG A 71 -6.75 71.31 16.47
CA ARG A 71 -6.89 71.56 17.90
C ARG A 71 -8.27 72.08 18.27
N MET A 72 -9.18 72.20 17.30
CA MET A 72 -10.45 72.88 17.55
C MET A 72 -11.44 72.00 18.32
N MET A 73 -11.32 70.68 18.20
CA MET A 73 -12.12 69.73 18.96
C MET A 73 -11.38 69.18 20.18
N SER A 74 -10.50 69.97 20.78
CA SER A 74 -9.69 69.53 21.91
C SER A 74 -10.10 70.31 23.15
N ASP A 75 -10.25 69.60 24.27
CA ASP A 75 -10.58 70.24 25.53
C ASP A 75 -9.38 70.95 26.14
N ARG A 76 -8.18 70.71 25.64
CA ARG A 76 -6.99 71.36 26.16
C ARG A 76 -6.94 72.82 25.73
N LYS A 77 -6.07 73.58 26.39
CA LYS A 77 -5.92 75.01 26.12
C LYS A 77 -4.74 75.22 25.19
N TYR A 78 -5.01 75.22 23.90
CA TYR A 78 -3.99 75.37 22.86
C TYR A 78 -3.88 76.84 22.46
N HIS A 79 -2.66 77.35 22.43
CA HIS A 79 -2.35 78.62 21.79
C HIS A 79 -1.61 78.30 20.49
N CYS A 80 -2.27 78.53 19.36
CA CYS A 80 -1.74 78.14 18.06
C CYS A 80 -0.90 79.28 17.50
N VAL A 81 0.35 78.99 17.15
CA VAL A 81 1.26 79.98 16.59
C VAL A 81 1.32 79.74 15.09
N CYS A 82 0.80 80.70 14.31
CA CYS A 82 0.63 80.55 12.87
C CYS A 82 1.26 81.72 12.15
N PRO A 83 2.55 81.65 11.84
CA PRO A 83 3.22 82.76 11.15
C PRO A 83 2.85 82.90 9.69
N MET A 84 2.19 81.89 9.11
CA MET A 84 1.77 81.91 7.71
C MET A 84 2.96 82.08 6.77
N ARG A 85 3.94 81.20 6.91
CA ARG A 85 5.14 81.23 6.07
C ARG A 85 5.15 80.14 5.02
N SER A 86 4.13 79.31 4.96
CA SER A 86 4.05 78.23 3.98
C SER A 86 2.89 78.51 3.02
N ALA A 87 3.05 78.03 1.78
CA ALA A 87 2.02 78.18 0.77
C ALA A 87 0.79 77.34 1.06
N GLU A 88 0.88 76.37 1.96
CA GLU A 88 -0.25 75.55 2.36
C GLU A 88 -0.98 76.10 3.58
N ASP A 89 -0.50 77.20 4.16
CA ASP A 89 -1.06 77.80 5.35
C ASP A 89 -2.38 78.52 5.12
N PRO A 90 -2.55 79.29 4.04
CA PRO A 90 -3.86 79.92 3.82
C PRO A 90 -5.00 78.93 3.74
N GLU A 91 -4.78 77.78 3.12
CA GLU A 91 -5.81 76.75 3.08
C GLU A 91 -6.14 76.24 4.47
N ARG A 92 -5.11 76.03 5.30
CA ARG A 92 -5.35 75.56 6.66
C ARG A 92 -6.10 76.58 7.49
N LEU A 93 -5.78 77.87 7.35
CA LEU A 93 -6.51 78.90 8.07
C LEU A 93 -7.96 78.97 7.60
N ALA A 94 -8.19 78.87 6.29
CA ALA A 94 -9.55 78.88 5.78
C ALA A 94 -10.34 77.68 6.28
N ASN A 95 -9.71 76.51 6.33
CA ASN A 95 -10.36 75.32 6.86
C ASN A 95 -10.71 75.50 8.33
N TYR A 96 -9.80 76.10 9.10
CA TYR A 96 -10.08 76.38 10.51
C TYR A 96 -11.29 77.29 10.65
N ALA A 97 -11.33 78.37 9.87
CA ALA A 97 -12.45 79.29 9.96
C ALA A 97 -13.76 78.63 9.57
N ARG A 98 -13.74 77.83 8.51
CA ARG A 98 -14.95 77.14 8.05
C ARG A 98 -15.45 76.15 9.09
N LYS A 99 -14.54 75.39 9.71
CA LYS A 99 -14.95 74.45 10.74
C LYS A 99 -15.49 75.16 11.98
N LEU A 100 -14.86 76.28 12.37
CA LEU A 100 -15.37 77.05 13.49
C LEU A 100 -16.79 77.55 13.22
N ALA A 101 -17.03 78.04 12.00
CA ALA A 101 -18.37 78.46 11.64
C ALA A 101 -19.34 77.29 11.68
N SER A 102 -18.93 76.13 11.18
CA SER A 102 -19.79 74.95 11.18
C SER A 102 -20.08 74.44 12.59
N ALA A 103 -19.24 74.77 13.58
CA ALA A 103 -19.48 74.35 14.96
C ALA A 103 -19.74 75.53 15.89
N ALA A 104 -20.18 76.67 15.35
CA ALA A 104 -20.32 77.87 16.17
C ALA A 104 -21.39 77.70 17.25
N GLY A 105 -22.51 77.09 16.90
CA GLY A 105 -23.60 76.92 17.84
C GLY A 105 -24.07 75.49 17.93
N LYS A 106 -23.15 74.54 17.75
CA LYS A 106 -23.47 73.12 17.84
C LYS A 106 -22.60 72.36 18.82
N VAL A 107 -21.37 72.81 19.07
CA VAL A 107 -20.51 72.24 20.10
C VAL A 107 -20.43 73.24 21.24
N LEU A 108 -20.72 72.77 22.45
CA LEU A 108 -20.91 73.65 23.61
C LEU A 108 -19.65 73.79 24.47
N ASP A 109 -18.98 72.69 24.76
CA ASP A 109 -17.89 72.67 25.75
C ASP A 109 -16.52 72.59 25.10
N ARG A 110 -16.34 73.17 23.92
CA ARG A 110 -15.03 73.23 23.26
C ARG A 110 -14.58 74.66 23.00
N ASN A 111 -15.22 75.64 23.63
CA ASN A 111 -14.83 77.05 23.52
C ASN A 111 -14.81 77.53 22.07
N ILE A 112 -15.82 77.13 21.30
CA ILE A 112 -15.88 77.54 19.90
C ILE A 112 -16.13 79.03 19.79
N SER A 113 -17.01 79.57 20.64
CA SER A 113 -17.26 81.01 20.65
C SER A 113 -15.99 81.78 20.99
N GLY A 114 -15.23 81.30 21.97
CA GLY A 114 -13.95 81.92 22.27
C GLY A 114 -12.99 81.88 21.10
N LYS A 115 -12.93 80.73 20.41
CA LYS A 115 -12.01 80.60 19.28
C LYS A 115 -12.37 81.55 18.14
N ILE A 116 -13.66 81.66 17.82
CA ILE A 116 -14.04 82.59 16.76
C ILE A 116 -13.78 84.03 17.19
N GLY A 117 -13.97 84.32 18.48
CA GLY A 117 -13.66 85.66 18.96
C GLY A 117 -12.19 86.00 18.82
N ASP A 118 -11.31 85.07 19.20
CA ASP A 118 -9.87 85.32 19.07
C ASP A 118 -9.46 85.42 17.60
N LEU A 119 -10.05 84.59 16.73
CA LEU A 119 -9.72 84.69 15.31
C LEU A 119 -10.13 86.04 14.74
N GLN A 120 -11.33 86.51 15.08
CA GLN A 120 -11.76 87.83 14.63
C GLN A 120 -10.87 88.93 15.23
N ALA A 121 -10.42 88.74 16.47
CA ALA A 121 -9.55 89.74 17.09
C ALA A 121 -8.22 89.85 16.35
N VAL A 122 -7.62 88.71 16.00
CA VAL A 122 -6.36 88.74 15.28
C VAL A 122 -6.56 89.30 13.87
N MET A 123 -7.68 88.97 13.24
CA MET A 123 -7.99 89.58 11.94
C MET A 123 -8.12 91.09 12.05
N ALA A 124 -8.71 91.59 13.13
CA ALA A 124 -8.83 93.03 13.32
C ALA A 124 -7.47 93.67 13.54
N VAL A 125 -6.80 93.30 14.64
CA VAL A 125 -5.44 93.76 14.94
C VAL A 125 -4.50 92.57 14.74
N PRO A 126 -3.63 92.59 13.73
CA PRO A 126 -2.78 91.42 13.48
C PRO A 126 -1.83 91.08 14.61
N ASP A 127 -1.39 92.07 15.38
CA ASP A 127 -0.36 91.86 16.40
C ASP A 127 -0.94 91.47 17.75
N THR A 128 -2.26 91.37 17.89
CA THR A 128 -2.82 91.01 19.19
C THR A 128 -2.50 89.55 19.52
N GLU A 129 -2.28 89.29 20.80
CA GLU A 129 -1.89 87.96 21.27
C GLU A 129 -3.08 87.36 22.03
N THR A 130 -3.94 86.68 21.30
CA THR A 130 -5.13 86.08 21.87
C THR A 130 -4.82 84.71 22.47
N PRO A 131 -5.64 84.24 23.41
CA PRO A 131 -5.33 82.98 24.11
C PRO A 131 -5.19 81.77 23.20
N THR A 132 -5.95 81.70 22.10
CA THR A 132 -5.96 80.49 21.29
C THR A 132 -5.38 80.67 19.89
N PHE A 133 -4.97 81.87 19.51
CA PHE A 133 -4.47 82.09 18.16
C PHE A 133 -3.58 83.32 18.12
N CYS A 134 -2.57 83.26 17.25
CA CYS A 134 -1.72 84.41 16.97
C CYS A 134 -1.03 84.17 15.63
N LEU A 135 -0.55 85.26 15.03
CA LEU A 135 0.11 85.21 13.73
C LEU A 135 1.62 85.43 13.84
N HIS A 136 2.20 85.16 15.00
CA HIS A 136 3.62 85.36 15.23
C HIS A 136 4.40 84.09 14.93
N THR A 137 5.69 84.11 15.19
CA THR A 137 6.54 82.94 15.06
C THR A 137 6.89 82.38 16.44
N ASP A 138 7.70 81.33 16.44
CA ASP A 138 8.14 80.75 17.70
C ASP A 138 9.02 81.71 18.49
N VAL A 139 9.77 82.57 17.80
CA VAL A 139 10.68 83.51 18.46
C VAL A 139 10.08 84.89 18.64
N SER A 140 8.88 85.14 18.12
CA SER A 140 8.22 86.42 18.27
C SER A 140 6.89 86.36 18.98
N CYS A 141 6.37 85.17 19.25
CA CYS A 141 5.17 85.04 20.06
C CYS A 141 5.48 85.45 21.50
N ARG A 142 4.51 86.11 22.14
CA ARG A 142 4.68 86.57 23.50
C ARG A 142 3.89 85.76 24.53
N GLN A 143 3.04 84.85 24.08
CA GLN A 143 2.21 84.06 25.00
C GLN A 143 3.08 83.13 25.81
N ARG A 144 3.12 83.34 27.12
CA ARG A 144 3.80 82.43 28.02
C ARG A 144 2.98 81.15 28.18
N ALA A 145 3.67 80.03 28.31
CA ALA A 145 2.98 78.74 28.43
C ALA A 145 3.87 77.78 29.21
N ASP A 146 3.32 76.60 29.48
CA ASP A 146 4.02 75.55 30.20
C ASP A 146 4.46 74.39 29.31
N VAL A 147 3.78 74.17 28.19
CA VAL A 147 4.10 73.09 27.27
C VAL A 147 4.16 73.64 25.86
N ALA A 148 5.10 73.14 25.07
CA ALA A 148 5.17 73.43 23.64
C ALA A 148 5.11 72.13 22.87
N ILE A 149 4.47 72.16 21.71
CA ILE A 149 4.34 70.99 20.85
C ILE A 149 4.77 71.37 19.45
N TYR A 150 5.69 70.58 18.88
CA TYR A 150 6.10 70.70 17.48
C TYR A 150 5.60 69.45 16.78
N GLN A 151 4.58 69.58 15.94
CA GLN A 151 4.04 68.45 15.20
C GLN A 151 4.37 68.63 13.72
N ASP A 152 5.25 67.78 13.20
CA ASP A 152 5.70 67.84 11.81
C ASP A 152 6.24 69.22 11.46
N VAL A 153 7.08 69.75 12.34
CA VAL A 153 7.73 71.03 12.14
C VAL A 153 9.21 70.77 11.91
N TYR A 154 9.69 71.08 10.70
CA TYR A 154 11.08 70.90 10.34
C TYR A 154 11.75 72.19 9.89
N ALA A 155 11.07 73.32 9.96
CA ALA A 155 11.57 74.57 9.41
C ALA A 155 12.21 75.48 10.46
N VAL A 156 12.44 74.98 11.66
CA VAL A 156 13.00 75.78 12.74
C VAL A 156 14.29 75.11 13.24
N HIS A 157 15.28 75.94 13.57
CA HIS A 157 16.45 75.47 14.30
C HIS A 157 16.02 75.03 15.69
N ALA A 158 16.35 73.80 16.06
CA ALA A 158 15.85 73.26 17.32
C ALA A 158 16.36 74.02 18.54
N PRO A 159 17.67 74.24 18.73
CA PRO A 159 18.09 74.92 19.97
C PRO A 159 17.56 76.33 20.11
N THR A 160 17.53 77.13 19.03
CA THR A 160 17.03 78.49 19.14
C THR A 160 15.55 78.51 19.50
N SER A 161 14.75 77.68 18.83
CA SER A 161 13.33 77.61 19.13
C SER A 161 13.09 77.14 20.57
N LEU A 162 13.82 76.11 21.00
CA LEU A 162 13.64 75.60 22.35
C LEU A 162 14.05 76.63 23.39
N TYR A 163 15.13 77.38 23.14
CA TYR A 163 15.52 78.44 24.07
C TYR A 163 14.46 79.52 24.14
N HIS A 164 13.89 79.89 23.00
CA HIS A 164 12.87 80.93 23.00
C HIS A 164 11.60 80.47 23.72
N GLN A 165 11.30 79.18 23.67
CA GLN A 165 10.21 78.66 24.48
C GLN A 165 10.57 78.66 25.95
N ALA A 166 11.80 78.26 26.28
CA ALA A 166 12.20 78.12 27.68
C ALA A 166 12.22 79.45 28.40
N ILE A 167 12.67 80.51 27.73
CA ILE A 167 12.65 81.83 28.35
C ILE A 167 11.24 82.37 28.53
N LYS A 168 10.24 81.68 27.99
CA LYS A 168 8.83 82.02 28.18
C LYS A 168 8.16 81.12 29.21
N GLY A 169 8.94 80.36 29.97
CA GLY A 169 8.39 79.50 30.99
C GLY A 169 8.06 78.09 30.56
N VAL A 170 8.27 77.75 29.29
CA VAL A 170 7.98 76.39 28.82
C VAL A 170 9.00 75.43 29.42
N ARG A 171 8.50 74.37 30.04
CA ARG A 171 9.34 73.40 30.71
C ARG A 171 9.26 72.01 30.08
N LEU A 172 8.29 71.80 29.20
CA LEU A 172 8.14 70.55 28.48
C LEU A 172 7.86 70.85 27.02
N ALA A 173 8.57 70.17 26.12
CA ALA A 173 8.36 70.31 24.69
C ALA A 173 8.27 68.93 24.08
N TYR A 174 7.47 68.82 23.03
CA TYR A 174 7.29 67.56 22.32
C TYR A 174 7.55 67.79 20.84
N TRP A 175 8.25 66.84 20.23
CA TRP A 175 8.53 66.89 18.80
C TRP A 175 8.07 65.59 18.16
N VAL A 176 7.11 65.68 17.25
CA VAL A 176 6.62 64.53 16.49
C VAL A 176 7.12 64.70 15.07
N GLY A 177 7.79 63.68 14.55
CA GLY A 177 8.27 63.79 13.18
C GLY A 177 9.01 62.55 12.75
N PHE A 178 9.44 62.56 11.49
CA PHE A 178 10.21 61.46 10.94
C PHE A 178 11.58 61.38 11.61
N ASP A 179 12.07 60.16 11.75
CA ASP A 179 13.34 59.93 12.42
C ASP A 179 14.47 60.67 11.71
N THR A 180 15.29 61.35 12.49
CA THR A 180 16.38 62.18 11.97
C THR A 180 17.68 61.42 11.80
N THR A 181 17.70 60.13 12.13
CA THR A 181 18.90 59.33 11.96
C THR A 181 19.39 59.22 10.51
N PRO A 182 18.54 58.99 9.50
CA PRO A 182 19.06 58.88 8.14
C PRO A 182 19.81 60.12 7.67
N PHE A 183 19.48 61.29 8.21
CA PHE A 183 20.16 62.52 7.83
C PHE A 183 21.41 62.77 8.67
N MET A 184 21.56 62.06 9.79
CA MET A 184 22.82 62.10 10.54
C MET A 184 23.88 61.23 9.87
N TYR A 185 23.46 60.24 9.11
CA TYR A 185 24.36 59.42 8.30
C TYR A 185 24.67 60.02 6.94
N ASN A 186 24.09 61.18 6.62
CA ASN A 186 24.38 61.92 5.39
C ASN A 186 24.01 61.12 4.13
N ALA A 187 22.89 60.39 4.19
CA ALA A 187 22.44 59.64 3.03
C ALA A 187 21.93 60.58 1.94
N MET A 188 22.09 60.16 0.69
CA MET A 188 21.64 60.97 -0.44
C MET A 188 20.14 60.79 -0.70
N ALA A 189 19.63 59.59 -0.53
CA ALA A 189 18.21 59.31 -0.73
C ALA A 189 17.81 58.25 0.29
N GLY A 190 16.51 58.14 0.52
CA GLY A 190 16.06 57.19 1.51
C GLY A 190 14.57 56.99 1.48
N ALA A 191 14.13 56.01 2.26
CA ALA A 191 12.72 55.64 2.32
C ALA A 191 12.30 55.41 3.77
N TYR A 192 11.11 55.86 4.09
CA TYR A 192 10.34 55.34 5.21
C TYR A 192 9.21 54.54 4.58
N PRO A 193 9.44 53.25 4.29
CA PRO A 193 8.47 52.50 3.49
C PRO A 193 7.16 52.23 4.20
N SER A 194 7.16 52.12 5.54
CA SER A 194 5.91 51.90 6.25
C SER A 194 4.95 53.06 6.09
N TYR A 195 5.47 54.27 5.91
CA TYR A 195 4.66 55.46 5.77
C TYR A 195 4.52 55.91 4.33
N SER A 196 4.92 55.07 3.38
CA SER A 196 4.88 55.39 1.95
C SER A 196 5.65 56.67 1.65
N THR A 197 6.74 56.88 2.37
CA THR A 197 7.49 58.12 2.27
C THR A 197 8.82 57.87 1.60
N ASN A 198 9.15 58.69 0.60
CA ASN A 198 10.46 58.62 -0.05
C ASN A 198 11.04 60.02 -0.10
N TRP A 199 12.31 60.14 0.27
CA TRP A 199 12.99 61.42 0.25
C TRP A 199 14.26 61.29 -0.57
N ALA A 200 14.64 62.40 -1.21
CA ALA A 200 15.82 62.39 -2.06
C ALA A 200 16.49 63.74 -2.06
N ASP A 201 17.81 63.73 -2.19
CA ASP A 201 18.55 64.97 -2.44
C ASP A 201 18.13 65.52 -3.80
N GLU A 202 18.14 66.85 -3.91
CA GLU A 202 17.72 67.49 -5.15
C GLU A 202 18.60 67.07 -6.34
N GLN A 203 19.84 66.69 -6.08
CA GLN A 203 20.75 66.31 -7.14
C GLN A 203 20.41 64.97 -7.79
N VAL A 204 19.64 64.12 -7.12
CA VAL A 204 19.37 62.78 -7.62
C VAL A 204 17.89 62.58 -7.93
N LEU A 205 17.14 63.66 -8.10
CA LEU A 205 15.73 63.54 -8.48
C LEU A 205 15.55 62.97 -9.87
N LYS A 206 16.58 63.03 -10.71
CA LYS A 206 16.53 62.46 -12.04
C LYS A 206 17.18 61.08 -12.13
N ALA A 207 17.24 60.38 -11.01
CA ALA A 207 17.75 59.01 -10.99
C ALA A 207 16.69 58.09 -11.60
N LYS A 208 16.91 56.80 -11.49
CA LYS A 208 16.04 55.82 -12.13
C LYS A 208 15.39 54.83 -11.18
N ASN A 209 16.08 54.40 -10.12
CA ASN A 209 15.61 53.30 -9.31
C ASN A 209 15.43 53.60 -7.83
N ILE A 210 15.61 54.85 -7.40
CA ILE A 210 15.27 55.20 -6.02
C ILE A 210 13.78 55.45 -5.94
N GLY A 211 13.26 55.59 -4.72
CA GLY A 211 11.82 55.72 -4.56
C GLY A 211 11.26 57.00 -5.15
N LEU A 212 11.96 58.11 -4.97
CA LEU A 212 11.48 59.43 -5.40
C LEU A 212 12.40 59.92 -6.51
N CYS A 213 11.99 59.68 -7.76
CA CYS A 213 12.80 60.08 -8.90
C CYS A 213 11.96 59.99 -10.16
N SER A 214 12.44 60.65 -11.22
CA SER A 214 11.85 60.54 -12.55
C SER A 214 12.95 60.77 -13.56
N THR A 215 13.13 59.81 -14.46
CA THR A 215 14.09 59.93 -15.55
C THR A 215 13.36 59.80 -16.88
N ASP A 216 14.11 59.96 -17.96
CA ASP A 216 13.58 59.83 -19.32
C ASP A 216 14.19 58.62 -20.00
N LEU A 217 13.66 58.30 -21.17
CA LEU A 217 14.22 57.24 -22.01
C LEU A 217 15.20 57.87 -22.99
N THR A 218 16.41 57.32 -23.04
CA THR A 218 17.45 57.84 -23.91
C THR A 218 18.13 56.69 -24.64
N GLU A 219 18.89 57.03 -25.69
CA GLU A 219 19.55 56.00 -26.48
C GLU A 219 21.04 55.92 -26.19
N GLY A 220 21.61 56.93 -25.54
CA GLY A 220 23.02 56.89 -25.18
C GLY A 220 23.89 57.77 -26.04
N ARG A 221 24.47 58.82 -25.45
CA ARG A 221 25.33 59.73 -26.19
C ARG A 221 26.57 60.05 -25.36
N ARG A 222 27.69 60.24 -26.05
CA ARG A 222 28.91 60.74 -25.44
C ARG A 222 28.87 62.26 -25.32
N GLY A 223 27.78 62.79 -24.76
CA GLY A 223 27.60 64.23 -24.69
C GLY A 223 27.25 64.74 -23.32
N LYS A 224 26.14 65.46 -23.22
CA LYS A 224 25.65 66.11 -22.01
C LYS A 224 26.71 67.03 -21.40
N LEU A 225 27.45 67.76 -22.23
CA LEU A 225 28.42 68.73 -21.75
C LEU A 225 27.72 69.81 -20.93
N SER A 226 28.37 70.25 -19.86
CA SER A 226 27.78 71.24 -18.97
C SER A 226 28.82 72.27 -18.58
N ILE A 227 28.36 73.34 -17.94
CA ILE A 227 29.26 74.42 -17.53
C ILE A 227 29.69 74.23 -16.07
N MET A 228 29.03 73.32 -15.35
CA MET A 228 29.37 73.09 -13.96
C MET A 228 30.30 71.89 -13.84
N ARG A 229 31.52 72.13 -13.34
CA ARG A 229 32.49 71.06 -13.12
C ARG A 229 32.04 70.25 -11.91
N GLY A 230 31.08 69.35 -12.16
CA GLY A 230 30.68 68.43 -11.14
C GLY A 230 31.54 67.20 -11.18
N LYS A 231 32.60 67.20 -10.37
CA LYS A 231 33.43 66.02 -10.18
C LYS A 231 33.08 65.26 -8.92
N LYS A 232 32.34 65.89 -8.02
CA LYS A 232 31.92 65.30 -6.75
C LYS A 232 30.41 65.32 -6.65
N LEU A 233 29.83 64.22 -6.19
CA LEU A 233 28.41 64.10 -5.94
C LEU A 233 28.22 63.88 -4.44
N GLU A 234 28.00 64.97 -3.71
CA GLU A 234 27.84 64.92 -2.26
C GLU A 234 26.49 65.50 -1.88
N PRO A 235 25.94 65.07 -0.75
CA PRO A 235 24.64 65.59 -0.32
C PRO A 235 24.69 67.09 -0.07
N CYS A 236 23.68 67.78 -0.55
CA CYS A 236 23.51 69.21 -0.34
C CYS A 236 22.34 69.45 0.60
N ASP A 237 22.14 70.71 0.96
CA ASP A 237 21.21 71.05 2.03
C ASP A 237 19.77 70.69 1.67
N ARG A 238 19.37 70.92 0.43
CA ARG A 238 17.97 70.79 0.06
C ARG A 238 17.62 69.34 -0.26
N VAL A 239 16.60 68.82 0.40
CA VAL A 239 16.06 67.50 0.10
C VAL A 239 14.56 67.65 -0.15
N LEU A 240 14.00 66.68 -0.85
CA LEU A 240 12.58 66.63 -1.15
C LEU A 240 11.99 65.41 -0.46
N PHE A 241 10.95 65.63 0.34
CA PHE A 241 10.15 64.58 0.94
C PHE A 241 8.88 64.38 0.12
N SER A 242 8.51 63.14 -0.10
CA SER A 242 7.22 62.80 -0.69
C SER A 242 6.56 61.83 0.28
N VAL A 243 5.57 62.31 1.01
CA VAL A 243 4.79 61.50 1.93
C VAL A 243 3.51 61.13 1.20
N GLY A 244 3.35 59.86 0.88
CA GLY A 244 2.31 59.50 -0.06
C GLY A 244 2.53 60.25 -1.36
N SER A 245 1.69 61.25 -1.63
CA SER A 245 1.85 62.08 -2.82
C SER A 245 1.96 63.56 -2.50
N THR A 246 2.21 63.93 -1.24
CA THR A 246 2.40 65.34 -0.91
C THR A 246 3.88 65.62 -0.73
N LEU A 247 4.35 66.70 -1.35
CA LEU A 247 5.77 67.03 -1.42
C LEU A 247 6.10 68.15 -0.45
N TYR A 248 7.25 68.02 0.21
CA TYR A 248 7.76 69.01 1.14
C TYR A 248 9.26 69.20 0.98
N PRO A 249 9.72 70.42 0.69
CA PRO A 249 11.16 70.68 0.71
C PRO A 249 11.68 70.82 2.13
N GLU A 250 12.86 70.27 2.37
CA GLU A 250 13.47 70.28 3.69
C GLU A 250 14.93 70.70 3.58
N SER A 251 15.44 71.25 4.68
CA SER A 251 16.83 71.65 4.78
C SER A 251 17.55 70.67 5.71
N ARG A 252 18.72 70.21 5.28
CA ARG A 252 19.44 69.19 6.04
C ARG A 252 19.87 69.71 7.41
N LYS A 253 20.31 70.97 7.48
CA LYS A 253 20.78 71.51 8.75
C LYS A 253 19.65 71.60 9.76
N LEU A 254 18.47 72.05 9.32
CA LEU A 254 17.31 72.12 10.21
C LEU A 254 16.85 70.74 10.62
N LEU A 255 16.90 69.77 9.70
CA LEU A 255 16.55 68.40 10.05
C LEU A 255 17.50 67.83 11.10
N LYS A 256 18.80 68.07 10.92
CA LYS A 256 19.80 67.53 11.84
C LYS A 256 19.81 68.26 13.18
N SER A 257 19.36 69.51 13.22
CA SER A 257 19.34 70.23 14.48
C SER A 257 18.42 69.56 15.50
N TRP A 258 17.42 68.82 15.02
CA TRP A 258 16.47 68.14 15.89
C TRP A 258 16.98 66.78 16.36
N HIS A 259 18.14 66.36 15.90
CA HIS A 259 18.82 65.18 16.45
C HIS A 259 19.66 65.61 17.66
N LEU A 260 18.94 65.91 18.74
CA LEU A 260 19.51 66.48 19.94
C LEU A 260 20.17 65.40 20.81
N PRO A 261 21.16 65.77 21.62
CA PRO A 261 21.78 64.80 22.51
C PRO A 261 20.84 64.41 23.65
N SER A 262 21.30 63.45 24.45
CA SER A 262 20.52 63.05 25.63
C SER A 262 20.37 64.21 26.61
N VAL A 263 21.45 64.95 26.85
CA VAL A 263 21.42 66.14 27.70
C VAL A 263 22.20 67.24 27.02
N PHE A 264 21.70 68.47 27.10
CA PHE A 264 22.40 69.60 26.52
C PHE A 264 22.11 70.85 27.34
N HIS A 265 22.84 71.92 27.05
CA HIS A 265 22.75 73.18 27.77
C HIS A 265 22.47 74.31 26.79
N LEU A 266 21.52 75.16 27.15
CA LEU A 266 21.23 76.40 26.42
C LEU A 266 21.73 77.54 27.29
N LYS A 267 22.76 78.25 26.84
CA LYS A 267 23.42 79.28 27.63
C LYS A 267 23.18 80.63 26.98
N GLY A 268 22.15 81.35 27.44
CA GLY A 268 21.89 82.68 26.95
C GLY A 268 21.85 83.70 28.07
N LYS A 269 20.93 84.67 27.96
CA LYS A 269 20.68 85.56 29.09
C LYS A 269 20.18 84.76 30.29
N LEU A 270 19.31 83.79 30.04
CA LEU A 270 19.00 82.73 30.97
C LEU A 270 19.65 81.44 30.48
N SER A 271 19.89 80.52 31.41
N SER A 271 19.89 80.52 31.41
CA SER A 271 20.53 79.25 31.12
CA SER A 271 20.54 79.26 31.13
C SER A 271 19.61 78.11 31.48
C SER A 271 19.61 78.11 31.49
N PHE A 272 19.59 77.07 30.65
CA PHE A 272 18.69 75.95 30.84
C PHE A 272 19.43 74.64 30.59
N THR A 273 19.11 73.64 31.40
CA THR A 273 19.60 72.27 31.22
C THR A 273 18.46 71.43 30.67
N CYS A 274 18.65 70.85 29.49
CA CYS A 274 17.58 70.20 28.76
C CYS A 274 17.91 68.74 28.54
N ARG A 275 16.88 67.90 28.56
CA ARG A 275 17.03 66.46 28.40
C ARG A 275 16.08 65.99 27.30
N CYS A 276 16.64 65.44 26.23
CA CYS A 276 15.87 64.94 25.10
C CYS A 276 15.72 63.43 25.20
N ASP A 277 14.51 62.94 24.99
CA ASP A 277 14.23 61.52 25.12
C ASP A 277 13.21 61.11 24.07
N THR A 278 13.50 60.02 23.35
CA THR A 278 12.58 59.49 22.35
C THR A 278 11.60 58.57 23.06
N VAL A 279 10.33 58.98 23.12
CA VAL A 279 9.35 58.25 23.91
C VAL A 279 8.53 57.34 23.01
N VAL A 280 8.42 57.67 21.72
CA VAL A 280 7.73 56.80 20.77
C VAL A 280 8.61 56.63 19.55
N SER A 281 8.70 55.39 19.07
CA SER A 281 9.49 55.07 17.88
C SER A 281 8.79 53.97 17.11
N CYS A 282 8.27 54.29 15.93
CA CYS A 282 7.51 53.34 15.12
C CYS A 282 7.97 53.46 13.68
N GLU A 283 8.86 52.56 13.27
CA GLU A 283 9.21 52.32 11.87
C GLU A 283 9.57 53.61 11.13
N GLY A 284 10.28 54.50 11.80
CA GLY A 284 10.73 55.74 11.20
C GLY A 284 10.01 56.99 11.66
N TYR A 285 8.95 56.88 12.45
CA TYR A 285 8.24 58.04 12.98
C TYR A 285 8.45 58.07 14.48
N VAL A 286 8.88 59.20 15.02
CA VAL A 286 9.24 59.29 16.43
C VAL A 286 8.49 60.43 17.11
N VAL A 287 8.31 60.26 18.42
CA VAL A 287 7.91 61.31 19.34
C VAL A 287 9.02 61.45 20.37
N LYS A 288 9.56 62.66 20.47
CA LYS A 288 10.63 63.01 21.39
C LYS A 288 10.11 63.97 22.45
N ARG A 289 10.51 63.75 23.69
CA ARG A 289 10.15 64.59 24.82
C ARG A 289 11.38 65.33 25.32
N ILE A 290 11.29 66.66 25.42
CA ILE A 290 12.39 67.50 25.85
C ILE A 290 11.94 68.21 27.13
N THR A 291 12.65 67.97 28.21
CA THR A 291 12.42 68.73 29.43
C THR A 291 13.41 69.88 29.50
N MET A 292 12.98 70.99 30.08
CA MET A 292 13.82 72.17 30.21
C MET A 292 13.76 72.64 31.65
N SER A 293 14.92 72.87 32.25
CA SER A 293 15.01 73.28 33.65
C SER A 293 15.99 74.44 33.76
N PRO A 294 15.65 75.49 34.49
CA PRO A 294 16.57 76.63 34.60
C PRO A 294 17.83 76.26 35.38
N GLY A 295 18.92 76.94 35.04
CA GLY A 295 20.21 76.65 35.63
C GLY A 295 21.00 75.62 34.86
N LEU A 296 22.30 75.60 35.13
CA LEU A 296 23.21 74.67 34.49
C LEU A 296 23.58 73.58 35.48
N TYR A 297 23.34 72.32 35.09
CA TYR A 297 23.57 71.18 35.96
C TYR A 297 24.25 70.06 35.18
N GLY A 298 25.20 69.41 35.82
CA GLY A 298 25.83 68.23 35.23
C GLY A 298 26.77 68.57 34.09
N LYS A 299 27.14 67.51 33.37
CA LYS A 299 28.07 67.61 32.26
C LYS A 299 27.47 66.90 31.05
N THR A 300 27.75 67.43 29.86
CA THR A 300 27.23 66.90 28.62
C THR A 300 28.33 66.18 27.86
N THR A 301 28.00 65.02 27.27
CA THR A 301 28.93 64.31 26.41
C THR A 301 28.81 64.70 24.95
N GLY A 302 27.67 65.24 24.52
CA GLY A 302 27.45 65.54 23.12
C GLY A 302 27.13 64.34 22.26
N TYR A 303 26.60 63.26 22.83
CA TYR A 303 26.30 62.05 22.10
C TYR A 303 24.79 61.85 22.01
N ALA A 304 24.30 61.66 20.78
CA ALA A 304 22.91 61.33 20.52
C ALA A 304 22.82 59.87 20.11
N VAL A 305 21.87 59.15 20.71
CA VAL A 305 21.75 57.71 20.55
C VAL A 305 20.40 57.39 19.94
N THR A 306 20.41 56.52 18.93
CA THR A 306 19.19 55.97 18.34
C THR A 306 19.17 54.47 18.58
N HIS A 307 18.09 53.98 19.20
CA HIS A 307 17.89 52.55 19.36
C HIS A 307 17.13 52.00 18.16
N HIS A 308 17.60 50.89 17.62
CA HIS A 308 17.03 50.32 16.41
C HIS A 308 16.17 49.13 16.77
N ALA A 309 14.85 49.33 16.82
CA ALA A 309 13.93 48.21 16.99
C ALA A 309 13.86 47.38 15.72
N ASP A 310 13.88 48.03 14.56
CA ASP A 310 13.99 47.38 13.27
C ASP A 310 15.34 47.70 12.67
N GLY A 311 15.75 46.90 11.69
CA GLY A 311 17.05 47.12 11.07
C GLY A 311 17.09 48.42 10.31
N PHE A 312 18.23 49.09 10.35
CA PHE A 312 18.47 50.30 9.57
C PHE A 312 19.63 50.06 8.63
N LEU A 313 19.44 50.35 7.35
CA LEU A 313 20.45 50.10 6.34
C LEU A 313 20.81 51.39 5.63
N MET A 314 22.11 51.65 5.49
CA MET A 314 22.61 52.64 4.54
C MET A 314 23.60 51.92 3.66
N CYS A 315 23.46 52.07 2.34
CA CYS A 315 24.28 51.30 1.43
CA CYS A 315 24.31 51.30 1.44
C CYS A 315 24.63 52.13 0.21
N LYS A 316 25.63 51.68 -0.53
CA LYS A 316 26.01 52.27 -1.81
CA LYS A 316 25.96 52.32 -1.78
C LYS A 316 25.12 51.72 -2.91
N THR A 317 24.53 52.59 -3.71
CA THR A 317 23.77 52.16 -4.86
C THR A 317 24.36 52.83 -6.10
N THR A 318 24.37 52.09 -7.19
CA THR A 318 24.78 52.62 -8.49
C THR A 318 23.51 52.85 -9.31
N ASP A 319 23.30 54.11 -9.70
CA ASP A 319 22.11 54.49 -10.44
C ASP A 319 22.53 55.33 -11.64
N THR A 320 21.53 55.76 -12.41
CA THR A 320 21.73 56.57 -13.60
C THR A 320 20.95 57.86 -13.40
N VAL A 321 21.66 58.96 -13.16
CA VAL A 321 21.06 60.28 -12.98
C VAL A 321 21.24 61.05 -14.28
N ASP A 322 20.12 61.37 -14.93
CA ASP A 322 20.11 62.10 -16.20
C ASP A 322 21.01 61.44 -17.23
N GLY A 323 21.02 60.11 -17.23
CA GLY A 323 21.84 59.34 -18.15
C GLY A 323 23.21 59.00 -17.65
N GLU A 324 23.74 59.69 -16.65
CA GLU A 324 25.11 59.51 -16.20
C GLU A 324 25.12 58.54 -15.04
N ARG A 325 25.95 57.50 -15.13
CA ARG A 325 26.01 56.49 -14.08
C ARG A 325 26.84 57.02 -12.91
N VAL A 326 26.23 57.03 -11.72
CA VAL A 326 26.86 57.52 -10.50
C VAL A 326 26.55 56.55 -9.38
N SER A 327 27.21 56.76 -8.24
CA SER A 327 26.97 56.00 -7.02
C SER A 327 26.66 56.96 -5.89
N PHE A 328 25.68 56.62 -5.06
CA PHE A 328 25.35 57.42 -3.90
C PHE A 328 24.77 56.52 -2.83
N SER A 329 24.73 57.03 -1.60
CA SER A 329 24.23 56.27 -0.47
C SER A 329 22.72 56.39 -0.34
N VAL A 330 22.09 55.25 -0.07
CA VAL A 330 20.63 55.13 0.06
C VAL A 330 20.35 54.42 1.38
N CYS A 331 19.42 54.97 2.16
CA CYS A 331 19.07 54.41 3.45
C CYS A 331 17.64 53.90 3.44
N THR A 332 17.34 53.01 4.37
CA THR A 332 16.02 52.38 4.46
C THR A 332 15.90 51.69 5.81
N TYR A 333 14.67 51.29 6.13
CA TYR A 333 14.36 50.49 7.31
C TYR A 333 13.88 49.11 6.87
N VAL A 334 14.30 48.08 7.61
CA VAL A 334 13.98 46.70 7.31
C VAL A 334 13.29 46.11 8.53
N PRO A 335 12.17 45.39 8.37
CA PRO A 335 11.51 44.80 9.54
C PRO A 335 12.43 43.85 10.29
N ALA A 336 12.28 43.84 11.61
CA ALA A 336 13.16 43.05 12.46
C ALA A 336 13.04 41.56 12.19
N THR A 337 11.84 41.09 11.82
CA THR A 337 11.68 39.68 11.52
C THR A 337 12.47 39.28 10.27
N ILE A 338 12.50 40.15 9.26
CA ILE A 338 13.30 39.90 8.07
C ILE A 338 14.78 39.88 8.43
N CYS A 339 15.21 40.83 9.25
CA CYS A 339 16.61 40.89 9.66
C CYS A 339 17.02 39.64 10.42
N ASP A 340 16.14 39.16 11.32
CA ASP A 340 16.44 37.93 12.06
C ASP A 340 16.48 36.72 11.14
N GLN A 341 15.60 36.67 10.14
CA GLN A 341 15.55 35.52 9.26
C GLN A 341 16.74 35.45 8.30
N MET A 342 17.53 36.51 8.20
CA MET A 342 18.70 36.51 7.33
C MET A 342 20.01 36.34 8.08
N THR A 343 19.97 36.04 9.38
CA THR A 343 21.18 35.89 10.17
C THR A 343 22.02 34.70 9.68
N GLY A 344 21.36 33.57 9.39
CA GLY A 344 22.08 32.40 8.94
C GLY A 344 22.68 32.57 7.55
N ILE A 345 21.94 33.23 6.66
CA ILE A 345 22.42 33.42 5.29
C ILE A 345 23.63 34.33 5.23
N LEU A 346 23.65 35.37 6.05
CA LEU A 346 24.76 36.33 6.01
C LEU A 346 26.00 35.81 6.71
N ALA A 347 26.01 34.55 7.15
CA ALA A 347 27.22 33.95 7.69
C ALA A 347 28.28 33.77 6.63
N THR A 348 27.89 33.57 5.38
CA THR A 348 28.78 33.40 4.25
C THR A 348 28.51 34.50 3.23
N GLU A 349 29.35 34.56 2.21
CA GLU A 349 29.16 35.53 1.13
C GLU A 349 28.02 35.07 0.24
N VAL A 350 27.06 35.95 0.02
CA VAL A 350 25.90 35.66 -0.80
C VAL A 350 25.84 36.70 -1.91
N THR A 351 25.53 36.25 -3.11
CA THR A 351 25.36 37.17 -4.22
C THR A 351 24.09 37.99 -4.02
N PRO A 352 24.04 39.20 -4.58
CA PRO A 352 22.82 40.01 -4.44
C PRO A 352 21.59 39.36 -5.03
N GLU A 353 21.74 38.54 -6.07
CA GLU A 353 20.61 37.85 -6.67
C GLU A 353 20.07 36.76 -5.77
N ASP A 354 20.96 35.96 -5.18
CA ASP A 354 20.52 34.95 -4.22
C ASP A 354 19.88 35.58 -3.00
N ALA A 355 20.47 36.68 -2.51
CA ALA A 355 19.89 37.40 -1.38
C ALA A 355 18.52 37.97 -1.73
N GLN A 356 18.36 38.48 -2.95
CA GLN A 356 17.06 39.00 -3.38
C GLN A 356 16.02 37.89 -3.45
N LYS A 357 16.39 36.73 -3.98
CA LYS A 357 15.45 35.63 -4.04
C LYS A 357 15.07 35.14 -2.65
N LEU A 358 16.03 35.11 -1.73
CA LEU A 358 15.72 34.75 -0.34
C LEU A 358 14.80 35.78 0.31
N LEU A 359 15.06 37.06 0.09
CA LEU A 359 14.22 38.11 0.66
C LEU A 359 12.80 38.04 0.11
N VAL A 360 12.67 37.76 -1.19
CA VAL A 360 11.35 37.59 -1.79
C VAL A 360 10.66 36.37 -1.18
N GLY A 361 11.42 35.30 -0.92
CA GLY A 361 10.84 34.15 -0.24
C GLY A 361 10.32 34.48 1.15
N LEU A 362 11.11 35.22 1.93
CA LEU A 362 10.68 35.56 3.29
C LEU A 362 9.51 36.54 3.29
N ASN A 363 9.30 37.27 2.20
CA ASN A 363 8.17 38.16 2.04
C ASN A 363 6.95 37.47 1.46
N GLN A 364 6.91 36.14 1.52
CA GLN A 364 5.85 35.32 0.92
C GLN A 364 5.75 35.58 -0.57
N THR A 376 0.40 38.81 0.34
CA THR A 376 0.77 39.77 1.37
C THR A 376 2.29 39.91 1.45
N ASN A 377 2.74 41.06 1.95
CA ASN A 377 4.17 41.36 2.01
C ASN A 377 4.51 41.97 3.36
N THR A 378 5.59 41.49 3.97
CA THR A 378 6.07 42.06 5.23
C THR A 378 6.71 43.42 5.00
N MET A 379 7.45 43.58 3.91
CA MET A 379 8.06 44.85 3.56
CA MET A 379 8.08 44.84 3.56
C MET A 379 7.78 45.18 2.10
N LYS A 380 7.88 46.47 1.78
CA LYS A 380 7.64 46.92 0.41
C LYS A 380 8.64 46.28 -0.53
N ASN A 381 8.15 45.87 -1.71
CA ASN A 381 9.00 45.16 -2.66
C ASN A 381 9.96 46.08 -3.40
N TYR A 382 9.59 47.35 -3.58
CA TYR A 382 10.45 48.27 -4.33
C TYR A 382 11.77 48.52 -3.62
N MET A 383 11.86 48.23 -2.33
CA MET A 383 13.10 48.35 -1.59
C MET A 383 13.85 47.04 -1.46
N ILE A 384 13.26 45.92 -1.90
CA ILE A 384 13.92 44.61 -1.75
C ILE A 384 15.23 44.54 -2.53
N PRO A 385 15.32 44.96 -3.81
CA PRO A 385 16.61 44.87 -4.52
C PRO A 385 17.75 45.57 -3.81
N VAL A 386 17.60 46.87 -3.54
CA VAL A 386 18.69 47.62 -2.91
C VAL A 386 19.07 46.98 -1.58
N VAL A 387 18.08 46.63 -0.76
CA VAL A 387 18.34 45.95 0.50
C VAL A 387 19.16 44.69 0.26
N ALA A 388 18.71 43.89 -0.72
CA ALA A 388 19.45 42.68 -1.05
C ALA A 388 20.90 43.00 -1.34
N GLN A 389 21.13 43.97 -2.24
CA GLN A 389 22.48 44.36 -2.56
C GLN A 389 23.24 44.72 -1.29
N ALA A 390 22.62 45.54 -0.44
CA ALA A 390 23.24 45.94 0.81
C ALA A 390 23.67 44.72 1.60
N PHE A 391 22.74 43.79 1.82
CA PHE A 391 23.08 42.61 2.62
C PHE A 391 24.28 41.90 2.02
N SER A 392 24.26 41.70 0.69
CA SER A 392 25.36 41.03 0.05
C SER A 392 26.68 41.71 0.38
N LYS A 393 26.74 43.02 0.16
CA LYS A 393 27.97 43.75 0.44
C LYS A 393 28.37 43.56 1.90
N TRP A 394 27.40 43.72 2.80
CA TRP A 394 27.70 43.59 4.22
C TRP A 394 28.32 42.23 4.50
N ALA A 395 27.70 41.17 3.97
CA ALA A 395 28.24 39.83 4.21
C ALA A 395 29.69 39.78 3.78
N LYS A 396 29.96 40.23 2.56
CA LYS A 396 31.33 40.21 2.04
C LYS A 396 32.26 40.93 3.00
N GLU A 397 31.88 42.14 3.42
CA GLU A 397 32.78 42.91 4.26
C GLU A 397 33.10 42.18 5.54
N CYS A 398 32.09 41.53 6.15
CA CYS A 398 32.33 40.82 7.39
C CYS A 398 33.41 39.76 7.20
N ARG A 399 33.32 39.01 6.10
CA ARG A 399 34.31 37.97 5.85
C ARG A 399 35.71 38.57 5.73
N LYS A 400 35.82 39.72 5.07
CA LYS A 400 37.11 40.38 4.95
C LYS A 400 37.67 40.68 6.33
N ASP A 401 36.82 41.18 7.23
CA ASP A 401 37.27 41.44 8.59
C ASP A 401 37.76 40.17 9.25
N MET A 402 37.06 39.06 9.01
CA MET A 402 37.50 37.78 9.57
C MET A 402 38.78 37.32 8.89
N GLU A 403 38.94 37.61 7.60
CA GLU A 403 40.11 37.13 6.88
C GLU A 403 41.35 37.89 7.30
N ASP A 404 41.27 39.21 7.39
CA ASP A 404 42.42 40.04 7.71
C ASP A 404 42.36 40.35 9.21
N GLU A 405 42.73 39.35 10.00
CA GLU A 405 42.68 39.48 11.45
C GLU A 405 43.95 40.17 11.98
N LYS A 406 43.75 41.15 12.87
CA LYS A 406 44.86 41.93 13.42
C LYS A 406 45.26 41.41 14.79
N LEU A 407 46.23 42.11 15.39
CA LEU A 407 46.75 41.77 16.71
C LEU A 407 46.15 42.72 17.74
N LEU A 408 45.93 42.21 18.95
CA LEU A 408 45.40 43.06 20.03
C LEU A 408 46.41 44.12 20.43
N GLY A 409 45.92 45.33 20.68
CA GLY A 409 46.74 46.41 21.16
C GLY A 409 47.70 46.98 20.15
N VAL A 410 47.50 46.73 18.86
CA VAL A 410 48.40 47.21 17.82
C VAL A 410 47.60 48.01 16.81
N ARG A 411 48.30 48.89 16.09
CA ARG A 411 47.69 49.72 15.05
C ARG A 411 48.80 50.09 14.07
N GLU A 412 48.85 49.40 12.94
CA GLU A 412 49.95 49.58 12.00
C GLU A 412 49.90 50.95 11.35
N ARG A 413 51.01 51.68 11.44
CA ARG A 413 51.10 53.03 10.87
C ARG A 413 52.38 53.14 10.07
N THR A 414 52.33 53.95 9.02
CA THR A 414 53.46 54.16 8.11
C THR A 414 53.79 55.63 8.02
N LEU A 415 55.06 55.96 8.17
CA LEU A 415 55.53 57.34 8.13
C LEU A 415 55.61 57.84 6.70
N THR A 416 55.49 59.16 6.54
CA THR A 416 55.49 59.81 5.23
C THR A 416 56.51 60.94 5.19
N CYS A 417 57.72 60.66 5.71
CA CYS A 417 58.82 61.64 5.73
C CYS A 417 58.41 62.94 6.42
N CYS A 418 57.65 62.81 7.51
CA CYS A 418 57.20 63.97 8.28
C CYS A 418 56.82 63.48 9.67
N CYS A 419 56.37 64.43 10.49
CA CYS A 419 55.84 64.06 11.80
C CYS A 419 54.37 63.70 11.65
N LEU A 420 54.05 62.84 10.69
CA LEU A 420 52.70 62.34 10.47
C LEU A 420 52.80 60.93 9.89
N TRP A 421 51.80 60.12 10.20
CA TRP A 421 51.80 58.69 9.89
C TRP A 421 50.42 58.29 9.40
N ALA A 422 50.37 57.62 8.25
CA ALA A 422 49.11 57.21 7.66
C ALA A 422 48.90 55.70 7.84
N PHE A 423 47.76 55.22 7.37
CA PHE A 423 47.41 53.80 7.40
C PHE A 423 46.33 53.58 6.35
N LYS A 424 45.90 52.33 6.22
CA LYS A 424 44.95 51.96 5.18
C LYS A 424 43.54 51.95 5.75
N LYS A 425 42.61 52.59 5.06
CA LYS A 425 41.21 52.60 5.45
C LYS A 425 40.48 51.53 4.65
N GLN A 426 39.86 50.60 5.36
CA GLN A 426 39.22 49.47 4.71
C GLN A 426 37.95 49.91 3.99
N LYS A 427 37.23 48.91 3.46
CA LYS A 427 36.07 49.13 2.61
C LYS A 427 34.81 49.17 3.46
N THR A 428 34.00 50.21 3.29
CA THR A 428 32.67 50.25 3.91
C THR A 428 31.64 50.71 2.89
N HIS A 429 30.97 49.75 2.27
CA HIS A 429 29.85 50.03 1.37
C HIS A 429 28.50 49.81 2.01
N THR A 430 28.44 49.43 3.29
CA THR A 430 27.18 49.17 3.95
C THR A 430 27.32 49.43 5.44
N VAL A 431 26.44 50.26 5.98
CA VAL A 431 26.21 50.39 7.41
C VAL A 431 24.91 49.66 7.71
N TYR A 432 24.97 48.65 8.56
CA TYR A 432 23.82 47.80 8.87
C TYR A 432 23.64 47.80 10.38
N LYS A 433 22.71 48.61 10.87
CA LYS A 433 22.37 48.61 12.29
C LYS A 433 21.27 47.58 12.51
N ARG A 434 21.64 46.43 13.05
CA ARG A 434 20.71 45.35 13.25
C ARG A 434 19.73 45.70 14.37
N PRO A 435 18.59 45.01 14.43
CA PRO A 435 17.66 45.24 15.54
C PRO A 435 18.35 45.00 16.88
N ASP A 436 18.01 45.87 17.84
CA ASP A 436 18.57 45.87 19.19
C ASP A 436 20.01 46.40 19.24
N THR A 437 20.40 47.22 18.28
CA THR A 437 21.66 47.95 18.33
C THR A 437 21.35 49.44 18.48
N GLN A 438 22.40 50.23 18.66
CA GLN A 438 22.26 51.67 18.85
C GLN A 438 23.28 52.41 18.01
N SER A 439 22.80 53.43 17.29
CA SER A 439 23.68 54.40 16.65
C SER A 439 24.03 55.48 17.66
N ILE A 440 25.31 55.87 17.67
CA ILE A 440 25.77 56.93 18.56
C ILE A 440 26.54 57.96 17.73
N GLN A 441 26.10 59.21 17.78
CA GLN A 441 26.66 60.28 16.97
C GLN A 441 27.09 61.42 17.87
N LYS A 442 28.24 62.01 17.59
CA LYS A 442 28.71 63.17 18.35
C LYS A 442 28.12 64.43 17.73
N VAL A 443 27.31 65.14 18.51
CA VAL A 443 26.64 66.36 18.06
C VAL A 443 26.94 67.46 19.07
N GLN A 444 26.58 68.68 18.71
CA GLN A 444 26.73 69.80 19.63
C GLN A 444 25.81 69.63 20.82
N ALA A 445 26.32 69.95 22.02
CA ALA A 445 25.53 69.89 23.23
C ALA A 445 25.56 71.17 24.04
N GLU A 446 26.37 72.15 23.66
CA GLU A 446 26.47 73.43 24.37
C GLU A 446 26.08 74.52 23.39
N PHE A 447 24.86 75.02 23.51
CA PHE A 447 24.35 76.07 22.64
C PHE A 447 24.34 77.39 23.39
N ASP A 448 24.95 78.41 22.80
CA ASP A 448 25.01 79.72 23.42
C ASP A 448 24.80 80.88 22.45
N SER A 449 24.51 80.62 21.18
CA SER A 449 24.33 81.67 20.18
C SER A 449 22.95 81.50 19.55
N PHE A 450 21.94 82.04 20.23
CA PHE A 450 20.59 82.08 19.70
C PHE A 450 20.23 83.45 19.13
N VAL A 451 21.18 84.39 19.10
CA VAL A 451 20.90 85.74 18.62
C VAL A 451 20.88 85.82 17.11
N VAL A 452 21.26 84.75 16.41
CA VAL A 452 21.25 84.73 14.96
C VAL A 452 19.82 84.85 14.43
N SER A 458 3.98 89.50 10.71
CA SER A 458 3.33 90.33 9.71
C SER A 458 3.37 89.69 8.32
N GLY A 459 2.67 88.56 8.18
CA GLY A 459 2.67 87.85 6.91
C GLY A 459 1.29 87.47 6.41
N LEU A 460 0.31 88.33 6.62
CA LEU A 460 -1.06 88.10 6.21
C LEU A 460 -1.58 89.29 5.42
N SER A 461 -2.20 89.03 4.28
CA SER A 461 -2.63 90.06 3.36
C SER A 461 -4.07 90.47 3.65
N ILE A 462 -4.46 91.65 3.14
CA ILE A 462 -5.82 92.16 3.40
C ILE A 462 -6.90 91.28 2.76
N PRO A 463 -6.78 90.83 1.50
CA PRO A 463 -7.76 89.92 0.96
C PRO A 463 -8.02 88.67 1.79
N LEU A 464 -6.97 88.04 2.33
CA LEU A 464 -7.18 86.90 3.19
C LEU A 464 -7.87 87.30 4.50
N ARG A 465 -7.56 88.50 5.00
CA ARG A 465 -8.26 89.01 6.18
C ARG A 465 -9.75 89.14 5.92
N THR A 466 -10.12 89.69 4.77
CA THR A 466 -11.53 89.82 4.45
C THR A 466 -12.18 88.46 4.26
N ARG A 467 -11.47 87.52 3.62
CA ARG A 467 -12.04 86.19 3.42
C ARG A 467 -12.28 85.48 4.75
N ILE A 468 -11.33 85.59 5.69
CA ILE A 468 -11.44 84.86 6.96
C ILE A 468 -12.67 85.33 7.73
N LYS A 469 -12.95 86.63 7.69
CA LYS A 469 -14.13 87.18 8.36
C LYS A 469 -15.43 86.65 7.78
N PRO B 3 -25.56 54.08 -0.29
CA PRO B 3 -25.56 53.14 -1.42
C PRO B 3 -25.52 53.85 -2.78
N VAL B 4 -24.42 53.69 -3.49
CA VAL B 4 -24.25 54.26 -4.82
C VAL B 4 -24.25 53.12 -5.82
N TYR B 5 -25.12 53.21 -6.82
CA TYR B 5 -25.27 52.18 -7.83
C TYR B 5 -24.49 52.56 -9.08
N VAL B 6 -23.72 51.60 -9.59
CA VAL B 6 -22.85 51.82 -10.73
C VAL B 6 -23.27 50.84 -11.83
N ASP B 7 -23.31 51.33 -13.07
CA ASP B 7 -23.73 50.52 -14.21
C ASP B 7 -22.54 49.71 -14.71
N ILE B 8 -22.17 48.70 -13.92
CA ILE B 8 -21.11 47.77 -14.30
C ILE B 8 -21.56 46.36 -13.93
N ASP B 9 -20.83 45.38 -14.45
CA ASP B 9 -21.16 43.98 -14.22
C ASP B 9 -20.93 43.60 -12.76
N ALA B 10 -21.79 42.70 -12.26
CA ALA B 10 -21.70 42.29 -10.86
C ALA B 10 -20.39 41.55 -10.58
N ASP B 11 -19.91 40.80 -11.56
CA ASP B 11 -18.69 40.02 -11.41
C ASP B 11 -17.44 40.77 -11.85
N SER B 12 -17.59 42.05 -12.24
CA SER B 12 -16.44 42.81 -12.73
C SER B 12 -15.41 42.99 -11.63
N ALA B 13 -14.14 42.83 -11.99
CA ALA B 13 -13.06 43.01 -11.03
C ALA B 13 -12.76 44.48 -10.75
N PHE B 14 -13.31 45.40 -11.55
CA PHE B 14 -13.19 46.81 -11.26
C PHE B 14 -13.99 47.22 -10.03
N LEU B 15 -14.91 46.36 -9.57
CA LEU B 15 -15.73 46.69 -8.41
C LEU B 15 -14.88 46.84 -7.16
N LYS B 16 -13.93 45.92 -6.95
CA LYS B 16 -13.06 46.01 -5.78
C LYS B 16 -12.17 47.25 -5.85
N ALA B 17 -11.66 47.57 -7.04
CA ALA B 17 -10.85 48.78 -7.19
C ALA B 17 -11.67 50.03 -6.88
N LEU B 18 -12.91 50.08 -7.35
CA LEU B 18 -13.77 51.22 -7.05
C LEU B 18 -14.11 51.30 -5.58
N GLN B 19 -14.30 50.14 -4.93
CA GLN B 19 -14.59 50.13 -3.50
C GLN B 19 -13.40 50.63 -2.69
N ARG B 20 -12.19 50.25 -3.09
CA ARG B 20 -11.01 50.75 -2.42
C ARG B 20 -10.81 52.24 -2.68
N ALA B 21 -11.14 52.70 -3.89
CA ALA B 21 -10.99 54.11 -4.19
C ALA B 21 -11.99 54.97 -3.44
N TYR B 22 -13.17 54.44 -3.15
CA TYR B 22 -14.23 55.18 -2.46
C TYR B 22 -14.69 54.36 -1.25
N PRO B 23 -13.90 54.36 -0.18
CA PRO B 23 -14.29 53.61 1.01
C PRO B 23 -15.45 54.22 1.78
N MET B 24 -15.78 55.48 1.52
CA MET B 24 -16.86 56.15 2.23
C MET B 24 -18.23 55.86 1.62
N PHE B 25 -18.30 55.05 0.58
CA PHE B 25 -19.55 54.74 -0.09
C PHE B 25 -19.75 53.22 -0.11
N GLU B 26 -20.99 52.81 -0.29
CA GLU B 26 -21.33 51.42 -0.52
C GLU B 26 -21.62 51.25 -2.01
N VAL B 27 -20.66 50.70 -2.74
CA VAL B 27 -20.73 50.61 -4.19
C VAL B 27 -21.44 49.32 -4.56
N GLU B 28 -22.53 49.44 -5.31
CA GLU B 28 -23.31 48.29 -5.73
C GLU B 28 -23.45 48.29 -7.24
N PRO B 29 -23.21 47.16 -7.91
CA PRO B 29 -23.35 47.12 -9.37
C PRO B 29 -24.80 46.94 -9.79
N ARG B 30 -25.26 47.83 -10.67
CA ARG B 30 -26.60 47.75 -11.28
C ARG B 30 -26.41 47.91 -12.78
N GLN B 31 -26.14 46.81 -13.48
CA GLN B 31 -25.88 46.87 -14.91
C GLN B 31 -27.19 47.04 -15.67
N VAL B 32 -27.26 48.10 -16.48
CA VAL B 32 -28.44 48.36 -17.29
C VAL B 32 -28.12 48.54 -18.77
N THR B 33 -26.88 48.78 -19.14
CA THR B 33 -26.48 48.97 -20.52
C THR B 33 -25.15 48.26 -20.76
N PRO B 34 -24.89 47.83 -22.01
CA PRO B 34 -23.61 47.17 -22.33
C PRO B 34 -22.52 48.16 -22.73
N ASN B 35 -22.30 49.16 -21.89
CA ASN B 35 -21.35 50.22 -22.19
C ASN B 35 -19.94 49.66 -22.28
N ASP B 36 -19.19 50.08 -23.31
CA ASP B 36 -17.81 49.63 -23.43
C ASP B 36 -16.83 50.51 -22.66
N HIS B 37 -17.28 51.65 -22.14
CA HIS B 37 -16.51 52.47 -21.23
C HIS B 37 -17.25 52.62 -19.91
N ALA B 38 -17.75 51.50 -19.38
CA ALA B 38 -18.59 51.54 -18.19
C ALA B 38 -17.77 51.92 -16.96
N ASN B 39 -16.50 51.51 -16.91
CA ASN B 39 -15.67 51.79 -15.75
C ASN B 39 -15.35 53.28 -15.62
N ALA B 40 -15.09 53.95 -16.74
CA ALA B 40 -14.81 55.38 -16.69
C ALA B 40 -16.03 56.17 -16.23
N ARG B 41 -17.21 55.81 -16.74
CA ARG B 41 -18.44 56.45 -16.31
C ARG B 41 -18.73 56.18 -14.83
N ALA B 42 -18.47 54.95 -14.38
CA ALA B 42 -18.67 54.64 -12.97
C ALA B 42 -17.75 55.46 -12.08
N PHE B 43 -16.49 55.61 -12.48
CA PHE B 43 -15.56 56.41 -11.70
C PHE B 43 -16.01 57.86 -11.66
N SER B 44 -16.44 58.41 -12.81
CA SER B 44 -16.89 59.80 -12.83
C SER B 44 -18.11 60.00 -11.94
N HIS B 45 -19.04 59.05 -11.96
CA HIS B 45 -20.22 59.12 -11.09
C HIS B 45 -19.82 59.15 -9.62
N LEU B 46 -18.94 58.23 -9.22
CA LEU B 46 -18.53 58.19 -7.82
C LEU B 46 -17.75 59.44 -7.45
N ALA B 47 -16.98 59.99 -8.38
CA ALA B 47 -16.21 61.20 -8.13
C ALA B 47 -17.11 62.39 -7.89
N ILE B 48 -18.16 62.54 -8.70
CA ILE B 48 -19.06 63.66 -8.49
C ILE B 48 -19.83 63.48 -7.18
N LYS B 49 -20.16 62.23 -6.82
CA LYS B 49 -20.79 62.01 -5.53
C LYS B 49 -19.87 62.42 -4.37
N LEU B 50 -18.60 62.06 -4.45
CA LEU B 50 -17.66 62.44 -3.40
C LEU B 50 -17.47 63.95 -3.32
N ILE B 51 -17.36 64.61 -4.47
CA ILE B 51 -17.22 66.06 -4.48
C ILE B 51 -18.43 66.72 -3.87
N GLU B 52 -19.63 66.23 -4.20
CA GLU B 52 -20.85 66.77 -3.63
C GLU B 52 -20.89 66.57 -2.12
N GLN B 53 -20.42 65.40 -1.65
CA GLN B 53 -20.36 65.15 -0.22
C GLN B 53 -19.42 66.12 0.48
N GLU B 54 -18.28 66.42 -0.13
CA GLU B 54 -17.27 67.25 0.51
C GLU B 54 -17.71 68.69 0.71
N ILE B 55 -18.42 69.28 -0.24
CA ILE B 55 -18.63 70.72 -0.28
C ILE B 55 -19.92 71.08 0.46
N ASP B 56 -20.03 72.36 0.83
CA ASP B 56 -21.18 72.85 1.57
C ASP B 56 -22.42 72.88 0.68
N PRO B 57 -23.57 72.41 1.16
CA PRO B 57 -24.79 72.42 0.32
C PRO B 57 -25.21 73.79 -0.16
N ASP B 58 -24.95 74.85 0.62
CA ASP B 58 -25.35 76.18 0.20
C ASP B 58 -24.40 76.81 -0.80
N SER B 59 -23.32 76.11 -1.18
CA SER B 59 -22.40 76.64 -2.16
C SER B 59 -23.00 76.60 -3.57
N THR B 60 -22.59 77.56 -4.38
CA THR B 60 -22.92 77.60 -5.80
C THR B 60 -21.73 77.07 -6.59
N ILE B 61 -21.99 76.10 -7.47
CA ILE B 61 -20.94 75.31 -8.09
C ILE B 61 -20.92 75.63 -9.59
N LEU B 62 -19.83 76.21 -10.07
CA LEU B 62 -19.62 76.31 -11.51
C LEU B 62 -19.27 74.94 -12.06
N ASP B 63 -19.91 74.56 -13.16
CA ASP B 63 -19.61 73.32 -13.85
C ASP B 63 -19.08 73.72 -15.21
N ILE B 64 -17.75 73.72 -15.33
CA ILE B 64 -17.08 74.20 -16.53
C ILE B 64 -17.15 73.13 -17.61
N GLY B 65 -17.57 73.52 -18.80
CA GLY B 65 -17.74 72.55 -19.87
C GLY B 65 -18.76 71.50 -19.48
N SER B 66 -19.90 71.95 -18.99
CA SER B 66 -20.86 71.06 -18.36
C SER B 66 -21.58 70.18 -19.39
N ALA B 67 -22.15 69.08 -18.89
CA ALA B 67 -23.15 68.29 -19.57
C ALA B 67 -24.41 68.38 -18.72
N PRO B 68 -25.30 69.35 -18.99
CA PRO B 68 -26.31 69.73 -18.00
C PRO B 68 -27.29 68.63 -17.64
N ALA B 69 -27.44 67.62 -18.51
CA ALA B 69 -28.35 66.52 -18.21
C ALA B 69 -27.93 65.73 -16.98
N ARG B 70 -26.66 65.81 -16.57
CA ARG B 70 -26.16 65.03 -15.45
C ARG B 70 -26.31 65.76 -14.13
N ARG B 71 -26.42 67.09 -14.15
CA ARG B 71 -26.69 67.86 -12.94
C ARG B 71 -28.16 68.07 -12.66
N MET B 72 -29.06 67.41 -13.43
CA MET B 72 -30.46 67.81 -13.44
C MET B 72 -31.28 67.07 -12.37
N MET B 73 -30.86 65.88 -11.97
CA MET B 73 -31.26 65.23 -10.72
C MET B 73 -30.28 65.46 -9.59
N SER B 74 -29.72 66.66 -9.50
CA SER B 74 -28.87 67.10 -8.41
C SER B 74 -29.57 68.15 -7.57
N ASP B 75 -29.53 67.98 -6.25
CA ASP B 75 -30.06 68.97 -5.32
C ASP B 75 -29.14 70.16 -5.12
N ARG B 76 -27.91 70.11 -5.62
CA ARG B 76 -26.96 71.21 -5.47
C ARG B 76 -27.27 72.32 -6.47
N LYS B 77 -26.65 73.48 -6.24
CA LYS B 77 -26.88 74.67 -7.06
C LYS B 77 -25.79 74.76 -8.12
N TYR B 78 -26.01 74.08 -9.25
CA TYR B 78 -25.06 74.05 -10.35
C TYR B 78 -25.34 75.17 -11.33
N HIS B 79 -24.30 75.90 -11.71
CA HIS B 79 -24.34 76.80 -12.86
C HIS B 79 -23.51 76.16 -13.96
N CYS B 80 -24.18 75.75 -15.04
CA CYS B 80 -23.53 74.99 -16.09
C CYS B 80 -23.03 75.94 -17.16
N VAL B 81 -21.73 75.86 -17.47
CA VAL B 81 -21.10 76.73 -18.46
C VAL B 81 -20.93 75.90 -19.73
N CYS B 82 -21.69 76.25 -20.78
CA CYS B 82 -21.76 75.45 -22.00
C CYS B 82 -21.49 76.34 -23.20
N PRO B 83 -20.21 76.50 -23.59
CA PRO B 83 -19.90 77.34 -24.74
C PRO B 83 -20.24 76.72 -26.09
N MET B 84 -20.57 75.43 -26.13
CA MET B 84 -20.94 74.73 -27.35
C MET B 84 -19.81 74.82 -28.39
N ARG B 85 -18.64 74.33 -28.01
CA ARG B 85 -17.47 74.33 -28.88
C ARG B 85 -17.11 72.94 -29.39
N SER B 86 -17.78 71.90 -28.91
CA SER B 86 -17.55 70.54 -29.37
C SER B 86 -18.72 70.10 -30.25
N ALA B 87 -18.45 69.12 -31.12
CA ALA B 87 -19.47 68.62 -32.01
C ALA B 87 -20.43 67.66 -31.32
N GLU B 88 -20.13 67.25 -30.09
CA GLU B 88 -21.01 66.42 -29.30
C GLU B 88 -21.87 67.22 -28.34
N ASP B 89 -21.72 68.54 -28.33
CA ASP B 89 -22.46 69.44 -27.45
C ASP B 89 -23.92 69.63 -27.84
N PRO B 90 -24.26 69.77 -29.13
CA PRO B 90 -25.69 69.89 -29.48
C PRO B 90 -26.50 68.69 -29.02
N GLU B 91 -25.93 67.49 -29.11
CA GLU B 91 -26.59 66.30 -28.61
C GLU B 91 -26.84 66.40 -27.11
N ARG B 92 -25.83 66.83 -26.35
CA ARG B 92 -25.99 66.95 -24.91
C ARG B 92 -27.03 68.00 -24.53
N LEU B 93 -27.05 69.13 -25.25
CA LEU B 93 -28.07 70.14 -24.96
C LEU B 93 -29.47 69.63 -25.29
N ALA B 94 -29.63 68.93 -26.41
CA ALA B 94 -30.92 68.36 -26.76
C ALA B 94 -31.37 67.33 -25.74
N ASN B 95 -30.43 66.49 -25.27
CA ASN B 95 -30.75 65.52 -24.23
C ASN B 95 -31.18 66.21 -22.95
N TYR B 96 -30.50 67.29 -22.58
CA TYR B 96 -30.88 68.06 -21.41
C TYR B 96 -32.30 68.61 -21.53
N ALA B 97 -32.62 69.20 -22.68
CA ALA B 97 -33.96 69.76 -22.87
C ALA B 97 -35.02 68.67 -22.85
N ARG B 98 -34.75 67.54 -23.50
CA ARG B 98 -35.71 66.43 -23.52
C ARG B 98 -35.96 65.89 -22.11
N LYS B 99 -34.90 65.71 -21.33
CA LYS B 99 -35.05 65.19 -19.98
C LYS B 99 -35.75 66.20 -19.07
N LEU B 100 -35.44 67.49 -19.20
CA LEU B 100 -36.19 68.51 -18.47
C LEU B 100 -37.67 68.44 -18.79
N ALA B 101 -38.02 68.34 -20.07
CA ALA B 101 -39.42 68.22 -20.46
C ALA B 101 -40.04 66.98 -19.86
N SER B 102 -39.32 65.86 -19.89
CA SER B 102 -39.81 64.61 -19.33
C SER B 102 -39.97 64.66 -17.80
N ALA B 103 -39.34 65.61 -17.12
CA ALA B 103 -39.52 65.76 -15.68
C ALA B 103 -40.05 67.13 -15.30
N ALA B 104 -40.92 67.72 -16.12
CA ALA B 104 -41.36 69.10 -15.88
C ALA B 104 -42.33 69.17 -14.72
N GLY B 105 -43.27 68.23 -14.64
CA GLY B 105 -44.25 68.23 -13.57
C GLY B 105 -44.30 66.89 -12.87
N LYS B 106 -43.15 66.22 -12.78
CA LYS B 106 -43.05 64.93 -12.11
C LYS B 106 -41.98 64.89 -11.03
N VAL B 107 -40.95 65.74 -11.09
CA VAL B 107 -39.98 65.90 -10.02
C VAL B 107 -40.19 67.27 -9.41
N LEU B 108 -40.44 67.30 -8.10
CA LEU B 108 -40.89 68.50 -7.41
C LEU B 108 -39.76 69.32 -6.81
N ASP B 109 -38.78 68.67 -6.18
CA ASP B 109 -37.77 69.35 -5.37
C ASP B 109 -36.40 69.37 -6.03
N ARG B 110 -36.35 69.39 -7.36
CA ARG B 110 -35.09 69.52 -8.09
C ARG B 110 -35.06 70.76 -8.97
N ASN B 111 -35.96 71.71 -8.75
CA ASN B 111 -35.98 72.99 -9.47
C ASN B 111 -36.04 72.80 -10.99
N ILE B 112 -36.89 71.87 -11.43
CA ILE B 112 -37.00 71.61 -12.86
C ILE B 112 -37.67 72.80 -13.55
N SER B 113 -38.66 73.41 -12.91
CA SER B 113 -39.30 74.59 -13.49
C SER B 113 -38.30 75.73 -13.62
N GLY B 114 -37.47 75.92 -12.60
CA GLY B 114 -36.42 76.92 -12.71
C GLY B 114 -35.45 76.63 -13.84
N LYS B 115 -35.08 75.35 -14.00
CA LYS B 115 -34.12 74.99 -15.04
C LYS B 115 -34.69 75.23 -16.43
N ILE B 116 -35.94 74.86 -16.67
CA ILE B 116 -36.53 75.12 -17.97
C ILE B 116 -36.70 76.61 -18.20
N GLY B 117 -37.00 77.36 -17.14
CA GLY B 117 -37.08 78.80 -17.29
C GLY B 117 -35.76 79.43 -17.70
N ASP B 118 -34.67 79.02 -17.04
CA ASP B 118 -33.35 79.52 -17.42
C ASP B 118 -32.97 79.11 -18.83
N LEU B 119 -33.28 77.86 -19.21
CA LEU B 119 -32.94 77.42 -20.56
C LEU B 119 -33.68 78.23 -21.61
N GLN B 120 -34.98 78.48 -21.39
CA GLN B 120 -35.74 79.32 -22.32
C GLN B 120 -35.21 80.75 -22.32
N ALA B 121 -34.76 81.24 -21.16
CA ALA B 121 -34.19 82.58 -21.10
C ALA B 121 -32.93 82.71 -21.95
N VAL B 122 -32.04 81.71 -21.86
CA VAL B 122 -30.82 81.76 -22.66
C VAL B 122 -31.14 81.59 -24.14
N MET B 123 -32.12 80.76 -24.46
CA MET B 123 -32.56 80.65 -25.85
C MET B 123 -33.08 81.98 -26.38
N ALA B 124 -33.81 82.73 -25.55
CA ALA B 124 -34.32 84.02 -25.97
C ALA B 124 -33.19 85.03 -26.16
N VAL B 125 -32.47 85.34 -25.09
CA VAL B 125 -31.30 86.20 -25.13
C VAL B 125 -30.07 85.33 -24.86
N PRO B 126 -29.20 85.14 -25.85
CA PRO B 126 -28.05 84.23 -25.64
C PRO B 126 -27.04 84.72 -24.60
N ASP B 127 -26.96 86.03 -24.37
CA ASP B 127 -25.95 86.58 -23.47
C ASP B 127 -26.41 86.65 -22.01
N THR B 128 -27.66 86.32 -21.71
CA THR B 128 -28.13 86.39 -20.33
C THR B 128 -27.42 85.35 -19.47
N GLU B 129 -27.15 85.72 -18.22
CA GLU B 129 -26.46 84.85 -17.27
C GLU B 129 -27.49 84.37 -16.25
N THR B 130 -28.06 83.20 -16.51
CA THR B 130 -29.06 82.61 -15.63
C THR B 130 -28.40 81.75 -14.56
N PRO B 131 -29.10 81.53 -13.44
CA PRO B 131 -28.47 80.83 -12.30
C PRO B 131 -27.97 79.42 -12.62
N THR B 132 -28.65 78.69 -13.50
CA THR B 132 -28.31 77.29 -13.74
C THR B 132 -27.75 77.01 -15.13
N PHE B 133 -27.72 77.98 -16.04
CA PHE B 133 -27.27 77.73 -17.39
C PHE B 133 -26.73 79.01 -18.02
N CYS B 134 -25.73 78.84 -18.87
CA CYS B 134 -25.21 79.94 -19.69
C CYS B 134 -24.46 79.35 -20.87
N LEU B 135 -24.28 80.16 -21.90
CA LEU B 135 -23.58 79.75 -23.12
C LEU B 135 -22.20 80.38 -23.25
N HIS B 136 -21.59 80.77 -22.14
CA HIS B 136 -20.29 81.42 -22.17
C HIS B 136 -19.19 80.38 -21.97
N THR B 137 -17.95 80.86 -21.89
CA THR B 137 -16.81 80.00 -21.62
C THR B 137 -16.37 80.17 -20.16
N ASP B 138 -15.29 79.47 -19.80
CA ASP B 138 -14.74 79.62 -18.46
C ASP B 138 -14.18 81.01 -18.23
N VAL B 139 -13.71 81.68 -19.29
CA VAL B 139 -13.09 83.00 -19.16
C VAL B 139 -14.05 84.12 -19.51
N SER B 140 -15.26 83.82 -19.96
CA SER B 140 -16.24 84.85 -20.29
C SER B 140 -17.51 84.75 -19.49
N CYS B 141 -17.70 83.69 -18.71
CA CYS B 141 -18.84 83.62 -17.80
C CYS B 141 -18.68 84.64 -16.69
N ARG B 142 -19.80 85.26 -16.31
CA ARG B 142 -19.81 86.28 -15.28
C ARG B 142 -20.38 85.80 -13.95
N GLN B 143 -20.92 84.58 -13.89
CA GLN B 143 -21.54 84.09 -12.67
C GLN B 143 -20.48 83.85 -11.61
N ARG B 144 -20.53 84.60 -10.52
CA ARG B 144 -19.66 84.37 -9.39
C ARG B 144 -20.10 83.12 -8.64
N ALA B 145 -19.13 82.38 -8.10
CA ALA B 145 -19.45 81.14 -7.40
C ALA B 145 -18.35 80.86 -6.38
N ASP B 146 -18.58 79.81 -5.58
CA ASP B 146 -17.62 79.38 -4.58
C ASP B 146 -16.85 78.12 -4.96
N VAL B 147 -17.42 77.27 -5.81
CA VAL B 147 -16.79 76.03 -6.23
C VAL B 147 -16.82 75.97 -7.75
N ALA B 148 -15.80 75.34 -8.32
CA ALA B 148 -15.76 75.03 -9.75
C ALA B 148 -15.43 73.55 -9.91
N ILE B 149 -16.02 72.93 -10.93
CA ILE B 149 -15.81 71.52 -11.20
C ILE B 149 -15.46 71.36 -12.67
N TYR B 150 -14.34 70.68 -12.94
CA TYR B 150 -13.94 70.29 -14.28
C TYR B 150 -14.05 68.77 -14.36
N GLN B 151 -15.07 68.28 -15.04
CA GLN B 151 -15.26 66.84 -15.18
C GLN B 151 -14.97 66.46 -16.63
N ASP B 152 -13.86 65.75 -16.83
CA ASP B 152 -13.39 65.33 -18.16
C ASP B 152 -13.25 66.52 -19.09
N VAL B 153 -12.62 67.58 -18.59
CA VAL B 153 -12.33 68.77 -19.36
C VAL B 153 -10.82 68.82 -19.59
N TYR B 154 -10.42 68.69 -20.85
CA TYR B 154 -9.02 68.75 -21.24
C TYR B 154 -8.71 69.87 -22.23
N ALA B 155 -9.71 70.65 -22.64
CA ALA B 155 -9.55 71.63 -23.69
C ALA B 155 -9.20 73.02 -23.19
N VAL B 156 -8.90 73.16 -21.91
CA VAL B 156 -8.59 74.47 -21.32
C VAL B 156 -7.21 74.43 -20.71
N HIS B 157 -6.48 75.54 -20.85
CA HIS B 157 -5.25 75.74 -20.09
C HIS B 157 -5.59 75.84 -18.61
N ALA B 158 -4.90 75.07 -17.78
CA ALA B 158 -5.25 75.01 -16.37
C ALA B 158 -5.00 76.32 -15.63
N PRO B 159 -3.80 76.92 -15.67
CA PRO B 159 -3.61 78.17 -14.90
C PRO B 159 -4.53 79.30 -15.32
N THR B 160 -4.79 79.48 -16.62
CA THR B 160 -5.65 80.59 -17.05
C THR B 160 -7.08 80.37 -16.59
N SER B 161 -7.61 79.16 -16.77
CA SER B 161 -8.97 78.85 -16.32
C SER B 161 -9.09 79.00 -14.81
N LEU B 162 -8.09 78.51 -14.07
CA LEU B 162 -8.15 78.60 -12.61
C LEU B 162 -8.07 80.05 -12.15
N TYR B 163 -7.24 80.87 -12.79
CA TYR B 163 -7.17 82.27 -12.42
C TYR B 163 -8.49 82.99 -12.71
N HIS B 164 -9.12 82.66 -13.84
CA HIS B 164 -10.38 83.30 -14.18
C HIS B 164 -11.49 82.86 -13.23
N GLN B 165 -11.43 81.62 -12.74
CA GLN B 165 -12.35 81.21 -11.68
C GLN B 165 -12.07 81.94 -10.38
N ALA B 166 -10.78 82.08 -10.03
CA ALA B 166 -10.40 82.64 -8.73
C ALA B 166 -10.77 84.12 -8.62
N ILE B 167 -10.59 84.88 -9.71
CA ILE B 167 -10.99 86.29 -9.68
C ILE B 167 -12.50 86.45 -9.66
N LYS B 168 -13.24 85.35 -9.73
CA LYS B 168 -14.69 85.35 -9.59
C LYS B 168 -15.14 84.87 -8.23
N GLY B 169 -14.21 84.76 -7.27
CA GLY B 169 -14.53 84.32 -5.94
C GLY B 169 -14.44 82.82 -5.71
N VAL B 170 -14.11 82.04 -6.74
CA VAL B 170 -14.01 80.60 -6.56
C VAL B 170 -12.79 80.27 -5.73
N ARG B 171 -12.99 79.50 -4.67
CA ARG B 171 -11.92 79.15 -3.74
C ARG B 171 -11.61 77.67 -3.73
N LEU B 172 -12.46 76.85 -4.33
CA LEU B 172 -12.24 75.42 -4.44
C LEU B 172 -12.56 74.99 -5.87
N ALA B 173 -11.67 74.20 -6.46
CA ALA B 173 -11.87 73.65 -7.79
C ALA B 173 -11.57 72.17 -7.75
N TYR B 174 -12.27 71.41 -8.59
CA TYR B 174 -12.08 69.97 -8.68
C TYR B 174 -11.86 69.59 -10.13
N TRP B 175 -10.90 68.70 -10.36
CA TRP B 175 -10.61 68.20 -11.70
C TRP B 175 -10.67 66.69 -11.69
N VAL B 176 -11.60 66.13 -12.47
CA VAL B 176 -11.73 64.68 -12.64
C VAL B 176 -11.26 64.33 -14.04
N GLY B 177 -10.33 63.40 -14.15
CA GLY B 177 -9.87 63.04 -15.48
C GLY B 177 -8.81 61.97 -15.43
N PHE B 178 -8.37 61.56 -16.62
CA PHE B 178 -7.31 60.57 -16.73
C PHE B 178 -6.00 61.14 -16.22
N ASP B 179 -5.19 60.27 -15.64
CA ASP B 179 -3.91 60.67 -15.05
C ASP B 179 -3.02 61.33 -16.10
N THR B 180 -2.43 62.46 -15.74
CA THR B 180 -1.60 63.24 -16.66
C THR B 180 -0.13 62.84 -16.61
N THR B 181 0.24 61.87 -15.77
CA THR B 181 1.62 61.42 -15.70
C THR B 181 2.15 60.84 -17.00
N PRO B 182 1.43 59.99 -17.74
CA PRO B 182 2.00 59.45 -18.98
C PRO B 182 2.37 60.50 -20.00
N PHE B 183 1.74 61.67 -19.98
CA PHE B 183 2.08 62.75 -20.88
C PHE B 183 3.20 63.64 -20.34
N MET B 184 3.51 63.53 -19.06
CA MET B 184 4.68 64.19 -18.52
C MET B 184 5.97 63.44 -18.89
N TYR B 185 5.87 62.13 -19.05
CA TYR B 185 6.97 61.32 -19.57
C TYR B 185 7.11 61.36 -21.08
N ASN B 186 6.20 62.04 -21.78
CA ASN B 186 6.28 62.23 -23.23
C ASN B 186 6.20 60.92 -24.00
N ALA B 187 5.33 60.02 -23.56
CA ALA B 187 5.14 58.76 -24.26
C ALA B 187 4.43 58.96 -25.59
N MET B 188 4.78 58.12 -26.57
CA MET B 188 4.16 58.22 -27.89
C MET B 188 2.77 57.61 -27.91
N ALA B 189 2.58 56.49 -27.21
CA ALA B 189 1.30 55.81 -27.13
C ALA B 189 1.18 55.24 -25.73
N GLY B 190 -0.04 54.87 -25.36
CA GLY B 190 -0.24 54.36 -24.01
C GLY B 190 -1.62 53.80 -23.82
N ALA B 191 -1.81 53.18 -22.67
CA ALA B 191 -3.06 52.53 -22.32
C ALA B 191 -3.43 52.82 -20.88
N TYR B 192 -4.71 53.04 -20.66
CA TYR B 192 -5.34 52.87 -19.36
C TYR B 192 -6.18 51.61 -19.48
N PRO B 193 -5.60 50.43 -19.22
CA PRO B 193 -6.31 49.18 -19.53
C PRO B 193 -7.49 48.88 -18.64
N SER B 194 -7.48 49.38 -17.40
CA SER B 194 -8.62 49.16 -16.52
C SER B 194 -9.88 49.83 -17.07
N TYR B 195 -9.72 50.92 -17.81
CA TYR B 195 -10.85 51.67 -18.35
C TYR B 195 -11.06 51.40 -19.83
N SER B 196 -10.40 50.37 -20.37
CA SER B 196 -10.48 50.03 -21.79
C SER B 196 -10.13 51.23 -22.67
N THR B 197 -9.16 52.01 -22.23
CA THR B 197 -8.80 53.24 -22.92
C THR B 197 -7.41 53.10 -23.54
N ASN B 198 -7.29 53.48 -24.80
CA ASN B 198 -6.00 53.48 -25.48
C ASN B 198 -5.81 54.82 -26.17
N TRP B 199 -4.66 55.43 -25.98
CA TRP B 199 -4.35 56.69 -26.62
C TRP B 199 -3.08 56.55 -27.43
N ALA B 200 -2.99 57.32 -28.50
CA ALA B 200 -1.83 57.24 -29.38
C ALA B 200 -1.55 58.60 -29.99
N ASP B 201 -0.27 58.85 -30.24
CA ASP B 201 0.11 59.99 -31.06
C ASP B 201 -0.43 59.81 -32.48
N GLU B 202 -0.76 60.94 -33.11
CA GLU B 202 -1.31 60.87 -34.46
C GLU B 202 -0.34 60.21 -35.43
N GLN B 203 0.96 60.31 -35.17
CA GLN B 203 1.95 59.75 -36.07
C GLN B 203 2.01 58.23 -36.05
N VAL B 204 1.50 57.58 -35.01
CA VAL B 204 1.62 56.14 -34.87
C VAL B 204 0.26 55.45 -34.95
N LEU B 205 -0.77 56.15 -35.43
CA LEU B 205 -2.07 55.52 -35.62
C LEU B 205 -2.03 54.39 -36.63
N LYS B 206 -1.02 54.36 -37.51
CA LYS B 206 -0.88 53.29 -38.49
C LYS B 206 0.08 52.21 -38.05
N ALA B 207 0.31 52.07 -36.75
CA ALA B 207 1.17 51.03 -36.23
C ALA B 207 0.44 49.69 -36.30
N LYS B 208 0.98 48.67 -35.65
CA LYS B 208 0.44 47.32 -35.76
C LYS B 208 0.08 46.68 -34.43
N ASN B 209 0.85 46.92 -33.36
CA ASN B 209 0.65 46.19 -32.12
C ASN B 209 0.42 47.09 -30.91
N ILE B 210 0.00 48.34 -31.08
CA ILE B 210 -0.37 49.15 -29.94
C ILE B 210 -1.89 49.11 -29.82
N GLY B 211 -2.42 49.64 -28.73
CA GLY B 211 -3.84 49.49 -28.46
C GLY B 211 -4.72 50.19 -29.47
N LEU B 212 -4.30 51.37 -29.92
CA LEU B 212 -5.11 52.21 -30.80
C LEU B 212 -4.35 52.39 -32.12
N CYS B 213 -4.58 51.49 -33.06
CA CYS B 213 -3.90 51.57 -34.35
C CYS B 213 -4.68 50.76 -35.37
N SER B 214 -4.38 51.02 -36.64
CA SER B 214 -4.89 50.19 -37.73
C SER B 214 -3.87 50.24 -38.86
N THR B 215 -3.38 49.07 -39.27
CA THR B 215 -2.47 48.97 -40.39
C THR B 215 -3.08 48.07 -41.46
N ASP B 216 -2.41 48.00 -42.60
CA ASP B 216 -2.84 47.17 -43.71
C ASP B 216 -1.89 45.99 -43.86
N LEU B 217 -2.29 45.05 -44.71
CA LEU B 217 -1.46 43.92 -45.06
C LEU B 217 -0.68 44.24 -46.31
N THR B 218 0.65 44.16 -46.22
CA THR B 218 1.52 44.47 -47.33
C THR B 218 2.53 43.35 -47.52
N GLU B 219 3.01 43.19 -48.75
CA GLU B 219 4.06 42.21 -49.01
C GLU B 219 5.45 42.74 -48.68
N GLY B 220 5.69 44.03 -48.87
CA GLY B 220 6.99 44.58 -48.55
C GLY B 220 7.74 45.11 -49.75
N ARG B 221 8.09 46.39 -49.74
CA ARG B 221 8.72 47.01 -50.90
C ARG B 221 9.77 48.02 -50.44
N ARG B 222 10.82 48.14 -51.25
CA ARG B 222 11.82 49.19 -51.07
C ARG B 222 11.32 50.52 -51.62
N GLY B 223 10.13 50.94 -51.21
CA GLY B 223 9.55 52.16 -51.73
C GLY B 223 9.07 53.12 -50.66
N LYS B 224 7.79 53.49 -50.72
CA LYS B 224 7.14 54.42 -49.81
C LYS B 224 7.85 55.77 -49.75
N LEU B 225 8.35 56.25 -50.89
CA LEU B 225 8.98 57.56 -50.95
C LEU B 225 8.00 58.66 -50.56
N SER B 226 8.50 59.68 -49.87
CA SER B 226 7.65 60.78 -49.43
C SER B 226 8.39 62.10 -49.59
N ILE B 227 7.66 63.20 -49.41
CA ILE B 227 8.24 64.53 -49.58
C ILE B 227 8.63 65.11 -48.23
N MET B 228 8.32 64.40 -47.14
CA MET B 228 8.66 64.89 -45.82
C MET B 228 9.87 64.15 -45.25
N ARG B 229 10.97 64.89 -45.04
CA ARG B 229 12.19 64.30 -44.46
C ARG B 229 11.92 64.03 -42.99
N GLY B 230 11.15 62.96 -42.74
CA GLY B 230 10.87 62.55 -41.38
C GLY B 230 11.96 61.66 -40.84
N LYS B 231 13.15 62.21 -40.65
CA LYS B 231 14.26 61.48 -40.06
C LYS B 231 14.09 61.29 -38.56
N LYS B 232 13.17 62.01 -37.94
CA LYS B 232 12.93 61.96 -36.50
C LYS B 232 11.46 61.63 -36.23
N LEU B 233 11.23 60.74 -35.27
CA LEU B 233 9.89 60.39 -34.81
C LEU B 233 9.76 60.84 -33.36
N GLU B 234 9.09 61.97 -33.16
CA GLU B 234 8.95 62.58 -31.84
C GLU B 234 7.48 62.85 -31.56
N PRO B 235 7.08 62.81 -30.29
CA PRO B 235 5.69 63.15 -29.95
C PRO B 235 5.33 64.58 -30.32
N CYS B 236 4.29 64.72 -31.14
CA CYS B 236 3.70 66.00 -31.49
C CYS B 236 2.48 66.24 -30.60
N ASP B 237 1.88 67.42 -30.77
CA ASP B 237 0.86 67.87 -29.82
C ASP B 237 -0.39 67.01 -29.87
N ARG B 238 -0.83 66.61 -31.05
CA ARG B 238 -2.14 65.98 -31.20
C ARG B 238 -2.06 64.51 -30.83
N VAL B 239 -2.91 64.09 -29.88
CA VAL B 239 -3.06 62.68 -29.54
C VAL B 239 -4.52 62.32 -29.70
N LEU B 240 -4.77 61.03 -29.90
CA LEU B 240 -6.12 60.49 -30.02
C LEU B 240 -6.39 59.57 -28.85
N PHE B 241 -7.45 59.85 -28.11
CA PHE B 241 -7.95 58.97 -27.06
C PHE B 241 -9.08 58.13 -27.60
N SER B 242 -9.11 56.85 -27.25
CA SER B 242 -10.24 55.99 -27.52
C SER B 242 -10.63 55.38 -26.17
N VAL B 243 -11.74 55.85 -25.62
CA VAL B 243 -12.26 55.36 -24.36
C VAL B 243 -13.38 54.39 -24.72
N GLY B 244 -13.19 53.10 -24.45
CA GLY B 244 -14.07 52.13 -25.03
C GLY B 244 -14.05 52.25 -26.54
N SER B 245 -15.11 52.81 -27.12
CA SER B 245 -15.15 53.06 -28.56
C SER B 245 -15.44 54.51 -28.91
N THR B 246 -15.34 55.44 -27.97
CA THR B 246 -15.55 56.85 -28.28
C THR B 246 -14.20 57.55 -28.39
N LEU B 247 -14.04 58.34 -29.44
CA LEU B 247 -12.76 58.96 -29.77
C LEU B 247 -12.77 60.43 -29.39
N TYR B 248 -11.64 60.91 -28.89
CA TYR B 248 -11.47 62.30 -28.49
C TYR B 248 -10.07 62.79 -28.83
N PRO B 249 -9.94 63.83 -29.66
CA PRO B 249 -8.62 64.43 -29.88
C PRO B 249 -8.21 65.31 -28.71
N GLU B 250 -6.93 65.22 -28.35
CA GLU B 250 -6.39 65.99 -27.23
C GLU B 250 -5.09 66.67 -27.65
N SER B 251 -4.78 67.76 -26.94
CA SER B 251 -3.55 68.51 -27.14
C SER B 251 -2.63 68.23 -25.97
N ARG B 252 -1.36 67.94 -26.27
CA ARG B 252 -0.40 67.60 -25.24
C ARG B 252 -0.19 68.76 -24.27
N LYS B 253 -0.13 69.98 -24.78
CA LYS B 253 0.08 71.13 -23.91
C LYS B 253 -1.06 71.30 -22.91
N LEU B 254 -2.30 71.16 -23.37
CA LEU B 254 -3.44 71.30 -22.46
C LEU B 254 -3.51 70.13 -21.49
N LEU B 255 -3.13 68.93 -21.92
CA LEU B 255 -3.09 67.79 -21.02
C LEU B 255 -2.05 68.00 -19.93
N LYS B 256 -0.86 68.46 -20.31
CA LYS B 256 0.22 68.66 -19.35
C LYS B 256 -0.01 69.87 -18.46
N SER B 257 -0.81 70.84 -18.89
CA SER B 257 -1.06 72.00 -18.06
C SER B 257 -1.75 71.62 -16.75
N TRP B 258 -2.49 70.51 -16.76
CA TRP B 258 -3.21 70.05 -15.58
C TRP B 258 -2.36 69.23 -14.64
N HIS B 259 -1.10 68.96 -15.00
CA HIS B 259 -0.14 68.37 -14.07
C HIS B 259 0.51 69.49 -13.25
N LEU B 260 -0.29 70.01 -12.33
CA LEU B 260 0.08 71.16 -11.52
C LEU B 260 0.97 70.76 -10.35
N PRO B 261 1.80 71.69 -9.86
CA PRO B 261 2.64 71.39 -8.70
C PRO B 261 1.81 71.30 -7.44
N SER B 262 2.48 70.92 -6.34
CA SER B 262 1.81 70.87 -5.05
C SER B 262 1.33 72.25 -4.64
N VAL B 263 2.14 73.28 -4.86
CA VAL B 263 1.75 74.66 -4.60
C VAL B 263 2.22 75.52 -5.76
N PHE B 264 1.42 76.52 -6.12
CA PHE B 264 1.79 77.43 -7.19
C PHE B 264 1.14 78.80 -6.94
N HIS B 265 1.54 79.77 -7.75
CA HIS B 265 1.12 81.16 -7.59
C HIS B 265 0.57 81.67 -8.90
N LEU B 266 -0.62 82.26 -8.84
CA LEU B 266 -1.21 82.96 -9.98
C LEU B 266 -1.08 84.45 -9.72
N LYS B 267 -0.27 85.12 -10.52
CA LYS B 267 0.06 86.54 -10.29
C LYS B 267 -0.52 87.38 -11.43
N GLY B 268 -1.72 87.92 -11.21
CA GLY B 268 -2.31 88.80 -12.20
C GLY B 268 -2.68 90.15 -11.62
N LYS B 269 -3.84 90.68 -12.00
CA LYS B 269 -4.36 91.88 -11.34
C LYS B 269 -4.61 91.58 -9.87
N LEU B 270 -5.17 90.41 -9.58
CA LEU B 270 -5.16 89.83 -8.25
C LEU B 270 -4.18 88.65 -8.23
N SER B 271 -3.73 88.31 -7.03
N SER B 271 -3.74 88.30 -7.02
CA SER B 271 -2.76 87.23 -6.83
CA SER B 271 -2.76 87.24 -6.82
C SER B 271 -3.38 86.15 -5.95
C SER B 271 -3.37 86.15 -5.94
N PHE B 272 -3.07 84.90 -6.27
CA PHE B 272 -3.64 83.77 -5.55
C PHE B 272 -2.56 82.72 -5.31
N THR B 273 -2.60 82.13 -4.11
CA THR B 273 -1.74 81.02 -3.74
C THR B 273 -2.57 79.75 -3.76
N CYS B 274 -2.20 78.81 -4.62
CA CYS B 274 -3.04 77.66 -4.90
C CYS B 274 -2.32 76.37 -4.53
N ARG B 275 -3.08 75.43 -3.96
CA ARG B 275 -2.59 74.11 -3.59
C ARG B 275 -3.34 73.06 -4.40
N CYS B 276 -2.59 72.24 -5.14
CA CYS B 276 -3.17 71.15 -5.90
C CYS B 276 -2.87 69.83 -5.19
N ASP B 277 -3.90 69.01 -5.02
CA ASP B 277 -3.78 67.76 -4.29
C ASP B 277 -4.63 66.70 -4.96
N THR B 278 -4.07 65.51 -5.15
CA THR B 278 -4.79 64.39 -5.75
C THR B 278 -5.48 63.62 -4.64
N VAL B 279 -6.80 63.63 -4.64
CA VAL B 279 -7.57 63.10 -3.53
C VAL B 279 -8.08 61.72 -3.88
N VAL B 280 -8.23 61.42 -5.18
CA VAL B 280 -8.63 60.09 -5.61
C VAL B 280 -7.73 59.64 -6.74
N SER B 281 -7.25 58.40 -6.68
CA SER B 281 -6.41 57.82 -7.71
C SER B 281 -6.77 56.36 -7.87
N CYS B 282 -7.35 56.00 -9.02
CA CYS B 282 -7.80 54.63 -9.27
C CYS B 282 -7.34 54.23 -10.67
N GLU B 283 -6.21 53.51 -10.74
CA GLU B 283 -5.75 52.81 -11.93
C GLU B 283 -5.76 53.69 -13.17
N GLY B 284 -5.35 54.93 -13.00
CA GLY B 284 -5.23 55.86 -14.12
C GLY B 284 -6.26 56.97 -14.14
N TYR B 285 -7.29 56.92 -13.31
CA TYR B 285 -8.29 57.97 -13.25
C TYR B 285 -8.15 58.70 -11.92
N VAL B 286 -8.06 60.02 -11.96
CA VAL B 286 -7.77 60.80 -10.76
C VAL B 286 -8.82 61.88 -10.55
N VAL B 287 -8.99 62.23 -9.27
CA VAL B 287 -9.70 63.43 -8.83
C VAL B 287 -8.70 64.27 -8.06
N LYS B 288 -8.51 65.51 -8.52
CA LYS B 288 -7.62 66.49 -7.92
C LYS B 288 -8.42 67.63 -7.31
N ARG B 289 -7.99 68.09 -6.14
CA ARG B 289 -8.60 69.21 -5.45
C ARG B 289 -7.64 70.38 -5.44
N ILE B 290 -8.11 71.55 -5.85
CA ILE B 290 -7.27 72.75 -5.94
C ILE B 290 -7.91 73.83 -5.07
N THR B 291 -7.23 74.20 -4.00
CA THR B 291 -7.67 75.33 -3.19
C THR B 291 -6.99 76.58 -3.71
N MET B 292 -7.71 77.70 -3.62
CA MET B 292 -7.21 78.98 -4.09
C MET B 292 -7.45 80.01 -2.98
N SER B 293 -6.43 80.77 -2.64
CA SER B 293 -6.52 81.74 -1.57
C SER B 293 -5.87 83.04 -2.05
N PRO B 294 -6.49 84.19 -1.80
CA PRO B 294 -5.90 85.44 -2.27
C PRO B 294 -4.64 85.80 -1.49
N GLY B 295 -3.72 86.48 -2.17
CA GLY B 295 -2.45 86.82 -1.59
C GLY B 295 -1.36 85.80 -1.92
N LEU B 296 -0.13 86.29 -1.97
CA LEU B 296 1.04 85.46 -2.20
C LEU B 296 1.64 85.03 -0.87
N TYR B 297 1.72 83.72 -0.65
CA TYR B 297 2.26 83.17 0.58
C TYR B 297 3.21 82.02 0.27
N GLY B 298 4.26 81.90 1.08
CA GLY B 298 5.17 80.79 0.96
C GLY B 298 6.06 80.88 -0.27
N LYS B 299 6.73 79.76 -0.53
CA LYS B 299 7.63 79.63 -1.67
C LYS B 299 7.28 78.36 -2.44
N THR B 300 7.50 78.39 -3.74
CA THR B 300 7.16 77.29 -4.62
C THR B 300 8.43 76.59 -5.10
N THR B 301 8.41 75.26 -5.11
CA THR B 301 9.51 74.47 -5.65
C THR B 301 9.33 74.13 -7.12
N GLY B 302 8.10 74.15 -7.63
CA GLY B 302 7.86 73.76 -9.00
C GLY B 302 7.89 72.27 -9.27
N TYR B 303 7.65 71.44 -8.25
CA TYR B 303 7.70 70.00 -8.39
C TYR B 303 6.32 69.40 -8.25
N ALA B 304 5.94 68.58 -9.23
CA ALA B 304 4.70 67.82 -9.21
C ALA B 304 5.03 66.36 -8.94
N VAL B 305 4.32 65.76 -7.99
CA VAL B 305 4.60 64.42 -7.49
C VAL B 305 3.41 63.53 -7.78
N THR B 306 3.66 62.36 -8.35
CA THR B 306 2.65 61.34 -8.58
C THR B 306 3.02 60.10 -7.76
N HIS B 307 2.12 59.66 -6.90
CA HIS B 307 2.32 58.45 -6.14
C HIS B 307 1.76 57.26 -6.90
N HIS B 308 2.52 56.19 -6.98
CA HIS B 308 2.16 55.02 -7.78
C HIS B 308 1.68 53.92 -6.84
N ALA B 309 0.36 53.75 -6.77
CA ALA B 309 -0.18 52.59 -6.05
C ALA B 309 -0.05 51.32 -6.88
N ASP B 310 -0.16 51.43 -8.20
CA ASP B 310 0.15 50.37 -9.12
C ASP B 310 1.41 50.73 -9.90
N GLY B 311 2.01 49.74 -10.53
CA GLY B 311 3.22 50.00 -11.30
C GLY B 311 2.92 50.83 -12.54
N PHE B 312 3.83 51.74 -12.86
CA PHE B 312 3.79 52.50 -14.10
C PHE B 312 5.00 52.16 -14.96
N LEU B 313 4.74 51.78 -16.21
CA LEU B 313 5.80 51.39 -17.13
C LEU B 313 5.80 52.31 -18.33
N MET B 314 6.98 52.79 -18.69
CA MET B 314 7.20 53.37 -20.01
C MET B 314 8.39 52.63 -20.62
N CYS B 315 8.24 52.17 -21.85
CA CYS B 315 9.29 51.35 -22.44
CA CYS B 315 9.29 51.34 -22.44
C CYS B 315 9.39 51.62 -23.93
N LYS B 316 10.53 51.24 -24.51
CA LYS B 316 10.71 51.30 -25.94
CA LYS B 316 10.71 51.31 -25.94
C LYS B 316 10.07 50.10 -26.59
N THR B 317 9.29 50.33 -27.64
CA THR B 317 8.70 49.26 -28.42
C THR B 317 9.12 49.47 -29.87
N THR B 318 9.37 48.36 -30.55
CA THR B 318 9.66 48.37 -31.98
C THR B 318 8.41 47.90 -32.70
N ASP B 319 7.84 48.76 -33.52
CA ASP B 319 6.61 48.47 -34.25
C ASP B 319 6.81 48.81 -35.71
N THR B 320 5.78 48.56 -36.51
CA THR B 320 5.77 48.82 -37.94
C THR B 320 4.67 49.83 -38.22
N VAL B 321 5.05 51.07 -38.52
CA VAL B 321 4.12 52.14 -38.82
C VAL B 321 4.09 52.33 -40.34
N ASP B 322 2.93 52.05 -40.94
CA ASP B 322 2.73 52.15 -42.37
C ASP B 322 3.79 51.38 -43.15
N GLY B 323 4.20 50.24 -42.61
CA GLY B 323 5.19 49.40 -43.23
C GLY B 323 6.61 49.64 -42.78
N GLU B 324 6.91 50.77 -42.17
CA GLU B 324 8.27 51.14 -41.82
C GLU B 324 8.53 50.79 -40.36
N ARG B 325 9.61 50.07 -40.10
CA ARG B 325 9.94 49.65 -38.74
C ARG B 325 10.55 50.81 -37.98
N VAL B 326 9.92 51.19 -36.87
CA VAL B 326 10.36 52.29 -36.03
C VAL B 326 10.31 51.86 -34.57
N SER B 327 10.89 52.69 -33.70
CA SER B 327 10.85 52.49 -32.27
C SER B 327 10.30 53.73 -31.60
N PHE B 328 9.45 53.54 -30.59
CA PHE B 328 8.90 54.66 -29.84
C PHE B 328 8.47 54.19 -28.46
N SER B 329 8.21 55.13 -27.57
CA SER B 329 7.91 54.81 -26.19
C SER B 329 6.41 54.60 -25.97
N VAL B 330 6.11 53.56 -25.20
CA VAL B 330 4.74 53.13 -24.90
C VAL B 330 4.62 53.00 -23.38
N CYS B 331 3.57 53.59 -22.81
CA CYS B 331 3.35 53.57 -21.38
C CYS B 331 2.11 52.73 -21.05
N THR B 332 2.03 52.32 -19.80
CA THR B 332 0.94 51.46 -19.33
C THR B 332 0.98 51.38 -17.81
N TYR B 333 -0.10 50.86 -17.24
CA TYR B 333 -0.21 50.58 -15.81
C TYR B 333 -0.28 49.07 -15.58
N VAL B 334 0.38 48.63 -14.53
CA VAL B 334 0.47 47.22 -14.18
C VAL B 334 -0.08 47.06 -12.77
N PRO B 335 -0.95 46.09 -12.51
CA PRO B 335 -1.46 45.91 -11.15
C PRO B 335 -0.34 45.62 -10.16
N ALA B 336 -0.51 46.09 -8.93
CA ALA B 336 0.55 46.00 -7.94
C ALA B 336 0.84 44.56 -7.54
N THR B 337 -0.17 43.69 -7.59
CA THR B 337 0.08 42.28 -7.27
C THR B 337 0.99 41.63 -8.30
N ILE B 338 0.81 41.96 -9.58
CA ILE B 338 1.70 41.45 -10.62
C ILE B 338 3.11 41.98 -10.41
N CYS B 339 3.23 43.27 -10.10
CA CYS B 339 4.55 43.86 -9.85
C CYS B 339 5.24 43.19 -8.67
N ASP B 340 4.49 42.87 -7.62
CA ASP B 340 5.08 42.22 -6.45
C ASP B 340 5.48 40.79 -6.77
N GLN B 341 4.72 40.10 -7.62
CA GLN B 341 5.03 38.71 -7.92
C GLN B 341 6.17 38.56 -8.91
N MET B 342 6.68 39.66 -9.47
CA MET B 342 7.80 39.61 -10.39
C MET B 342 9.09 40.13 -9.76
N THR B 343 9.08 40.43 -8.46
CA THR B 343 10.27 40.96 -7.80
C THR B 343 11.41 39.94 -7.81
N GLY B 344 11.11 38.69 -7.49
CA GLY B 344 12.14 37.67 -7.47
C GLY B 344 12.67 37.33 -8.85
N ILE B 345 11.78 37.34 -9.85
CA ILE B 345 12.19 37.00 -11.21
C ILE B 345 13.13 38.07 -11.77
N LEU B 346 12.87 39.33 -11.48
CA LEU B 346 13.67 40.41 -12.05
C LEU B 346 15.00 40.59 -11.34
N ALA B 347 15.32 39.72 -10.37
CA ALA B 347 16.65 39.72 -9.77
C ALA B 347 17.72 39.27 -10.76
N THR B 348 17.35 38.41 -11.70
CA THR B 348 18.22 37.91 -12.75
C THR B 348 17.80 38.51 -14.09
N GLU B 349 18.62 38.31 -15.10
CA GLU B 349 18.25 38.69 -16.46
C GLU B 349 17.29 37.65 -17.02
N VAL B 350 16.15 38.12 -17.53
CA VAL B 350 15.12 37.24 -18.05
C VAL B 350 14.83 37.68 -19.49
N THR B 351 14.69 36.71 -20.38
CA THR B 351 14.32 37.01 -21.74
C THR B 351 12.86 37.47 -21.80
N PRO B 352 12.50 38.26 -22.81
CA PRO B 352 11.10 38.69 -22.92
C PRO B 352 10.13 37.53 -23.04
N GLU B 353 10.53 36.42 -23.65
CA GLU B 353 9.63 35.27 -23.80
C GLU B 353 9.38 34.58 -22.45
N ASP B 354 10.44 34.38 -21.67
CA ASP B 354 10.26 33.79 -20.36
C ASP B 354 9.45 34.70 -19.45
N ALA B 355 9.71 36.01 -19.52
CA ALA B 355 8.93 36.97 -18.74
C ALA B 355 7.48 36.97 -19.16
N GLN B 356 7.21 36.85 -20.46
CA GLN B 356 5.83 36.79 -20.94
C GLN B 356 5.13 35.53 -20.44
N LYS B 357 5.82 34.40 -20.47
CA LYS B 357 5.22 33.17 -19.96
C LYS B 357 4.95 33.25 -18.47
N LEU B 358 5.86 33.87 -17.71
CA LEU B 358 5.60 34.07 -16.28
C LEU B 358 4.43 35.00 -16.04
N LEU B 359 4.33 36.08 -16.81
CA LEU B 359 3.22 37.01 -16.66
C LEU B 359 1.89 36.33 -16.99
N VAL B 360 1.87 35.51 -18.04
CA VAL B 360 0.67 34.76 -18.38
C VAL B 360 0.33 33.78 -17.26
N GLY B 361 1.34 33.18 -16.63
CA GLY B 361 1.09 32.32 -15.49
C GLY B 361 0.45 33.06 -14.33
N LEU B 362 1.00 34.22 -13.97
CA LEU B 362 0.43 34.99 -12.87
C LEU B 362 -0.96 35.51 -13.17
N ASN B 363 -1.30 35.68 -14.45
CA ASN B 363 -2.63 36.07 -14.88
C ASN B 363 -3.59 34.89 -14.98
N GLN B 364 -3.26 33.76 -14.35
CA GLN B 364 -4.02 32.52 -14.45
C GLN B 364 -4.16 32.07 -15.89
N THR B 376 -10.29 33.87 -15.86
CA THR B 376 -10.21 35.26 -15.41
C THR B 376 -8.80 35.80 -15.55
N ASN B 377 -8.67 37.12 -15.62
CA ASN B 377 -7.38 37.77 -15.83
C ASN B 377 -7.25 38.97 -14.90
N THR B 378 -6.10 39.11 -14.26
CA THR B 378 -5.85 40.26 -13.41
C THR B 378 -5.58 41.51 -14.24
N MET B 379 -4.86 41.38 -15.35
CA MET B 379 -4.61 42.49 -16.25
CA MET B 379 -4.59 42.49 -16.25
C MET B 379 -4.95 42.07 -17.67
N LYS B 380 -5.21 43.07 -18.52
CA LYS B 380 -5.52 42.82 -19.91
C LYS B 380 -4.36 42.12 -20.61
N ASN B 381 -4.68 41.15 -21.45
CA ASN B 381 -3.65 40.34 -22.09
C ASN B 381 -2.97 41.08 -23.24
N TYR B 382 -3.67 41.99 -23.91
CA TYR B 382 -3.09 42.68 -25.06
C TYR B 382 -1.91 43.54 -24.67
N MET B 383 -1.81 43.91 -23.39
CA MET B 383 -0.69 44.70 -22.91
C MET B 383 0.42 43.83 -22.34
N ILE B 384 0.18 42.52 -22.19
CA ILE B 384 1.18 41.65 -21.56
C ILE B 384 2.48 41.58 -22.34
N PRO B 385 2.50 41.42 -23.69
CA PRO B 385 3.78 41.32 -24.39
C PRO B 385 4.71 42.49 -24.13
N VAL B 386 4.27 43.71 -24.43
CA VAL B 386 5.14 44.87 -24.26
C VAL B 386 5.61 44.98 -22.81
N VAL B 387 4.69 44.77 -21.86
CA VAL B 387 5.06 44.78 -20.44
C VAL B 387 6.19 43.78 -20.20
N ALA B 388 6.02 42.55 -20.71
CA ALA B 388 7.07 41.56 -20.56
C ALA B 388 8.39 42.09 -21.10
N GLN B 389 8.37 42.59 -22.33
CA GLN B 389 9.58 43.14 -22.93
C GLN B 389 10.16 44.22 -22.01
N ALA B 390 9.29 45.12 -21.54
CA ALA B 390 9.73 46.18 -20.64
C ALA B 390 10.48 45.58 -19.45
N PHE B 391 9.84 44.64 -18.77
CA PHE B 391 10.47 44.05 -17.59
C PHE B 391 11.84 43.50 -17.94
N SER B 392 11.91 42.77 -19.05
CA SER B 392 13.18 42.18 -19.45
C SER B 392 14.25 43.26 -19.57
N LYS B 393 13.97 44.31 -20.32
CA LYS B 393 14.93 45.39 -20.47
C LYS B 393 15.31 45.95 -19.12
N TRP B 394 14.31 46.23 -18.28
CA TRP B 394 14.58 46.75 -16.96
C TRP B 394 15.54 45.85 -16.21
N ALA B 395 15.25 44.54 -16.19
CA ALA B 395 16.11 43.61 -15.49
C ALA B 395 17.54 43.76 -15.99
N LYS B 396 17.72 43.72 -17.32
CA LYS B 396 19.05 43.84 -17.89
C LYS B 396 19.72 45.11 -17.43
N GLU B 397 19.01 46.24 -17.51
CA GLU B 397 19.62 47.51 -17.14
C GLU B 397 20.12 47.48 -15.71
N CYS B 398 19.33 46.91 -14.79
CA CYS B 398 19.76 46.85 -13.40
C CYS B 398 21.09 46.12 -13.29
N ARG B 399 21.21 44.98 -13.96
CA ARG B 399 22.47 44.25 -13.94
C ARG B 399 23.62 45.13 -14.36
N LYS B 400 23.45 45.89 -15.44
CA LYS B 400 24.52 46.78 -15.89
C LYS B 400 24.91 47.76 -14.79
N ASP B 401 23.92 48.36 -14.13
CA ASP B 401 24.22 49.27 -13.04
C ASP B 401 25.01 48.56 -11.95
N MET B 402 24.64 47.31 -11.65
CA MET B 402 25.40 46.54 -10.68
C MET B 402 26.79 46.22 -11.19
N GLU B 403 26.91 45.92 -12.48
CA GLU B 403 28.19 45.48 -13.01
C GLU B 403 29.17 46.64 -13.10
N ASP B 404 28.71 47.81 -13.52
CA ASP B 404 29.58 48.96 -13.68
C ASP B 404 29.40 49.86 -12.46
N GLU B 405 30.01 49.42 -11.36
CA GLU B 405 29.90 50.12 -10.09
C GLU B 405 30.88 51.29 -10.04
N LYS B 406 30.40 52.46 -9.62
CA LYS B 406 31.19 53.67 -9.58
C LYS B 406 31.74 53.93 -8.17
N LEU B 407 32.43 55.05 -8.02
CA LEU B 407 33.00 55.47 -6.75
C LEU B 407 32.13 56.59 -6.16
N LEU B 408 31.96 56.59 -4.85
CA LEU B 408 31.21 57.65 -4.18
C LEU B 408 31.95 58.98 -4.29
N GLY B 409 31.19 60.05 -4.53
CA GLY B 409 31.75 61.38 -4.61
C GLY B 409 32.57 61.66 -5.84
N VAL B 410 32.46 60.85 -6.90
CA VAL B 410 33.21 61.04 -8.12
C VAL B 410 32.22 61.10 -9.28
N ARG B 411 32.67 61.73 -10.37
CA ARG B 411 31.88 61.82 -11.60
C ARG B 411 32.88 62.02 -12.75
N GLU B 412 33.11 60.95 -13.51
CA GLU B 412 34.13 60.98 -14.55
C GLU B 412 33.70 61.87 -15.71
N ARG B 413 34.51 62.89 -16.02
CA ARG B 413 34.21 63.82 -17.09
C ARG B 413 35.44 63.97 -17.98
N THR B 414 35.20 64.15 -19.28
CA THR B 414 36.26 64.23 -20.27
C THR B 414 36.18 65.54 -21.03
N LEU B 415 37.30 66.26 -21.07
CA LEU B 415 37.38 67.55 -21.75
C LEU B 415 37.36 67.35 -23.27
N THR B 416 36.93 68.40 -23.97
CA THR B 416 36.80 68.39 -25.42
C THR B 416 37.49 69.61 -26.03
N CYS B 417 38.71 69.90 -25.56
CA CYS B 417 39.51 71.03 -26.05
C CYS B 417 38.75 72.35 -25.94
N CYS B 418 38.02 72.52 -24.84
CA CYS B 418 37.26 73.73 -24.60
C CYS B 418 36.98 73.82 -23.10
N CYS B 419 36.27 74.87 -22.70
CA CYS B 419 35.82 74.97 -21.33
C CYS B 419 34.50 74.22 -21.17
N LEU B 420 34.47 72.98 -21.66
CA LEU B 420 33.33 72.09 -21.52
C LEU B 420 33.84 70.65 -21.47
N TRP B 421 33.10 69.82 -20.74
CA TRP B 421 33.53 68.46 -20.40
C TRP B 421 32.34 67.52 -20.53
N ALA B 422 32.44 66.56 -21.43
CA ALA B 422 31.38 65.59 -21.67
C ALA B 422 31.57 64.35 -20.80
N PHE B 423 30.63 63.42 -20.92
CA PHE B 423 30.69 62.11 -20.27
C PHE B 423 29.72 61.20 -20.99
N LYS B 424 29.60 59.96 -20.51
CA LYS B 424 28.85 58.94 -21.22
C LYS B 424 27.48 58.76 -20.59
N LYS B 425 26.43 58.92 -21.41
CA LYS B 425 25.06 58.72 -20.97
C LYS B 425 24.66 57.28 -21.25
N GLN B 426 24.30 56.55 -20.21
CA GLN B 426 23.95 55.15 -20.38
C GLN B 426 22.61 55.01 -21.09
N LYS B 427 22.36 53.81 -21.61
CA LYS B 427 21.09 53.49 -22.24
C LYS B 427 19.99 53.42 -21.19
N THR B 428 18.80 53.93 -21.53
CA THR B 428 17.62 53.79 -20.70
C THR B 428 16.45 53.44 -21.59
N HIS B 429 16.10 52.15 -21.63
CA HIS B 429 15.02 51.66 -22.47
C HIS B 429 13.76 51.35 -21.69
N THR B 430 13.73 51.62 -20.39
CA THR B 430 12.58 51.32 -19.56
C THR B 430 12.60 52.20 -18.32
N VAL B 431 11.50 52.92 -18.10
CA VAL B 431 11.22 53.57 -16.82
C VAL B 431 10.16 52.74 -16.12
N TYR B 432 10.48 52.26 -14.93
CA TYR B 432 9.60 51.37 -14.18
C TYR B 432 9.39 51.97 -12.79
N LYS B 433 8.24 52.59 -12.58
CA LYS B 433 7.86 53.13 -11.27
C LYS B 433 7.08 52.05 -10.55
N ARG B 434 7.75 51.39 -9.59
CA ARG B 434 7.15 50.30 -8.86
C ARG B 434 6.07 50.80 -7.91
N PRO B 435 5.18 49.92 -7.46
CA PRO B 435 4.19 50.32 -6.46
C PRO B 435 4.87 50.92 -5.23
N ASP B 436 4.27 51.99 -4.72
CA ASP B 436 4.75 52.75 -3.56
C ASP B 436 5.97 53.61 -3.89
N THR B 437 6.17 53.97 -5.14
CA THR B 437 7.17 54.94 -5.54
C THR B 437 6.48 56.24 -5.96
N GLN B 438 7.28 57.26 -6.24
CA GLN B 438 6.75 58.55 -6.63
C GLN B 438 7.55 59.14 -7.78
N SER B 439 6.84 59.55 -8.82
CA SER B 439 7.43 60.36 -9.88
C SER B 439 7.47 61.82 -9.44
N ILE B 440 8.56 62.50 -9.73
CA ILE B 440 8.69 63.91 -9.42
C ILE B 440 9.17 64.64 -10.68
N GLN B 441 8.41 65.65 -11.09
CA GLN B 441 8.67 66.38 -12.33
C GLN B 441 8.75 67.86 -12.01
N LYS B 442 9.72 68.55 -12.62
CA LYS B 442 9.82 69.99 -12.46
C LYS B 442 8.93 70.66 -13.50
N VAL B 443 7.92 71.39 -13.03
CA VAL B 443 6.96 72.09 -13.87
C VAL B 443 6.93 73.55 -13.45
N GLN B 444 6.23 74.36 -14.24
CA GLN B 444 6.05 75.75 -13.89
C GLN B 444 5.19 75.87 -12.64
N ALA B 445 5.57 76.78 -11.75
CA ALA B 445 4.79 77.04 -10.55
C ALA B 445 4.48 78.51 -10.33
N GLU B 446 4.96 79.40 -11.20
CA GLU B 446 4.73 80.84 -11.09
C GLU B 446 4.07 81.28 -12.40
N PHE B 447 2.76 81.48 -12.36
CA PHE B 447 1.99 81.90 -13.53
C PHE B 447 1.62 83.37 -13.40
N ASP B 448 1.95 84.15 -14.42
CA ASP B 448 1.62 85.57 -14.42
C ASP B 448 1.12 86.09 -15.76
N SER B 449 0.96 85.25 -16.76
CA SER B 449 0.53 85.67 -18.09
C SER B 449 -0.74 84.92 -18.46
N PHE B 450 -1.88 85.42 -17.99
CA PHE B 450 -3.18 84.90 -18.36
C PHE B 450 -3.86 85.75 -19.41
N VAL B 451 -3.19 86.78 -19.92
CA VAL B 451 -3.79 87.68 -20.91
C VAL B 451 -3.82 87.08 -22.31
N VAL B 452 -3.17 85.94 -22.51
CA VAL B 452 -3.14 85.28 -23.81
C VAL B 452 -4.54 84.84 -24.22
N SER B 458 -21.15 83.23 -27.88
CA SER B 458 -21.76 83.33 -29.20
C SER B 458 -21.42 82.13 -30.08
N GLY B 459 -21.99 80.97 -29.75
CA GLY B 459 -21.73 79.77 -30.52
C GLY B 459 -22.94 78.91 -30.79
N LEU B 460 -24.12 79.52 -30.74
CA LEU B 460 -25.39 78.82 -30.95
C LEU B 460 -26.11 79.45 -32.14
N SER B 461 -26.70 78.60 -32.95
CA SER B 461 -27.26 79.01 -34.22
C SER B 461 -28.78 79.20 -34.05
N ILE B 462 -29.43 79.85 -35.03
CA ILE B 462 -30.89 80.07 -34.97
C ILE B 462 -31.69 78.77 -34.91
N PRO B 463 -31.46 77.75 -35.78
CA PRO B 463 -32.39 76.51 -35.69
C PRO B 463 -32.19 75.48 -34.54
N LEU B 464 -30.97 75.33 -34.00
CA LEU B 464 -30.79 74.63 -32.74
C LEU B 464 -31.52 75.34 -31.60
N ARG B 465 -31.50 76.68 -31.64
CA ARG B 465 -32.32 77.47 -30.71
C ARG B 465 -33.80 77.12 -30.88
N THR B 466 -34.27 77.05 -32.13
CA THR B 466 -35.68 76.75 -32.36
C THR B 466 -36.03 75.34 -31.89
N ARG B 467 -35.14 74.39 -32.15
CA ARG B 467 -35.35 73.02 -31.68
C ARG B 467 -35.41 72.94 -30.17
N ILE B 468 -34.52 73.65 -29.47
CA ILE B 468 -34.46 73.54 -28.02
C ILE B 468 -35.78 73.98 -27.40
N LYS B 469 -36.40 75.01 -27.96
CA LYS B 469 -37.71 75.47 -27.47
C LYS B 469 -38.79 74.41 -27.66
N PRO C 3 -39.39 40.15 -20.38
CA PRO C 3 -39.02 38.89 -21.02
C PRO C 3 -39.15 38.95 -22.55
N VAL C 4 -38.05 38.70 -23.25
CA VAL C 4 -38.03 38.67 -24.70
C VAL C 4 -37.71 37.25 -25.14
N TYR C 5 -38.55 36.70 -26.01
CA TYR C 5 -38.41 35.33 -26.48
C TYR C 5 -37.73 35.32 -27.84
N VAL C 6 -36.69 34.50 -27.96
CA VAL C 6 -35.89 34.42 -29.18
C VAL C 6 -36.01 33.00 -29.73
N ASP C 7 -36.22 32.90 -31.04
CA ASP C 7 -36.35 31.61 -31.72
C ASP C 7 -34.96 31.02 -31.94
N ILE C 8 -34.35 30.57 -30.85
CA ILE C 8 -33.06 29.89 -30.89
C ILE C 8 -33.09 28.72 -29.93
N ASP C 9 -32.09 27.85 -30.06
CA ASP C 9 -32.05 26.63 -29.26
C ASP C 9 -31.76 26.96 -27.80
N ALA C 10 -32.27 26.12 -26.91
CA ALA C 10 -32.14 26.40 -25.48
C ALA C 10 -30.70 26.22 -25.01
N ASP C 11 -29.98 25.28 -25.61
CA ASP C 11 -28.62 24.97 -25.22
C ASP C 11 -27.58 25.72 -26.05
N SER C 12 -28.01 26.57 -26.97
CA SER C 12 -27.07 27.30 -27.82
C SER C 12 -26.21 28.24 -26.97
N ALA C 13 -24.94 28.34 -27.34
CA ALA C 13 -24.01 29.20 -26.63
C ALA C 13 -24.14 30.66 -27.04
N PHE C 14 -24.95 30.96 -28.06
CA PHE C 14 -25.20 32.35 -28.42
C PHE C 14 -26.14 33.03 -27.43
N LEU C 15 -26.83 32.25 -26.60
CA LEU C 15 -27.74 32.80 -25.60
C LEU C 15 -27.00 33.72 -24.63
N LYS C 16 -25.85 33.28 -24.13
CA LYS C 16 -25.12 34.10 -23.17
C LYS C 16 -24.51 35.32 -23.83
N ALA C 17 -24.09 35.19 -25.08
CA ALA C 17 -23.63 36.37 -25.82
C ALA C 17 -24.76 37.39 -25.99
N LEU C 18 -25.96 36.92 -26.30
CA LEU C 18 -27.10 37.82 -26.43
C LEU C 18 -27.46 38.46 -25.09
N GLN C 19 -27.38 37.67 -24.01
CA GLN C 19 -27.68 38.20 -22.68
C GLN C 19 -26.68 39.28 -22.29
N ARG C 20 -25.40 39.06 -22.61
CA ARG C 20 -24.40 40.09 -22.34
C ARG C 20 -24.61 41.32 -23.21
N ALA C 21 -25.04 41.13 -24.46
CA ALA C 21 -25.27 42.27 -25.34
C ALA C 21 -26.49 43.07 -24.92
N TYR C 22 -27.50 42.42 -24.35
CA TYR C 22 -28.72 43.06 -23.89
C TYR C 22 -28.93 42.70 -22.43
N PRO C 23 -28.27 43.39 -21.50
CA PRO C 23 -28.43 43.07 -20.09
C PRO C 23 -29.68 43.69 -19.47
N MET C 24 -30.37 44.55 -20.20
CA MET C 24 -31.60 45.17 -19.72
C MET C 24 -32.85 44.37 -20.10
N PHE C 25 -32.70 43.23 -20.75
CA PHE C 25 -33.81 42.35 -21.08
C PHE C 25 -33.60 41.00 -20.42
N GLU C 26 -34.67 40.21 -20.36
CA GLU C 26 -34.59 38.83 -19.91
C GLU C 26 -34.78 37.95 -21.14
N VAL C 27 -33.68 37.47 -21.69
CA VAL C 27 -33.68 36.73 -22.96
C VAL C 27 -34.00 35.27 -22.67
N GLU C 28 -35.04 34.76 -23.30
CA GLU C 28 -35.45 33.38 -23.13
C GLU C 28 -35.55 32.69 -24.49
N PRO C 29 -34.98 31.50 -24.65
CA PRO C 29 -35.08 30.80 -25.93
C PRO C 29 -36.42 30.09 -26.08
N ARG C 30 -37.10 30.36 -27.19
CA ARG C 30 -38.34 29.69 -27.56
C ARG C 30 -38.21 29.25 -29.02
N GLN C 31 -37.63 28.08 -29.23
CA GLN C 31 -37.34 27.59 -30.58
C GLN C 31 -38.63 27.09 -31.22
N VAL C 32 -38.95 27.61 -32.41
CA VAL C 32 -40.13 27.19 -33.14
C VAL C 32 -39.83 26.80 -34.59
N THR C 33 -38.67 27.15 -35.12
CA THR C 33 -38.30 26.85 -36.49
C THR C 33 -36.84 26.45 -36.54
N PRO C 34 -36.44 25.62 -37.51
CA PRO C 34 -35.03 25.22 -37.66
C PRO C 34 -34.22 26.19 -38.53
N ASN C 35 -34.29 27.47 -38.18
CA ASN C 35 -33.68 28.51 -39.00
C ASN C 35 -32.16 28.41 -38.96
N ASP C 36 -31.53 28.39 -40.14
CA ASP C 36 -30.08 28.33 -40.20
C ASP C 36 -29.41 29.68 -39.94
N HIS C 37 -30.16 30.77 -39.91
CA HIS C 37 -29.67 32.08 -39.53
C HIS C 37 -30.46 32.61 -38.34
N ALA C 38 -30.69 31.75 -37.36
CA ALA C 38 -31.51 32.10 -36.21
C ALA C 38 -30.86 33.18 -35.36
N ASN C 39 -29.54 33.16 -35.24
CA ASN C 39 -28.84 34.11 -34.39
C ASN C 39 -28.95 35.54 -34.92
N ALA C 40 -28.88 35.71 -36.23
CA ALA C 40 -28.99 37.05 -36.81
C ALA C 40 -30.39 37.62 -36.60
N ARG C 41 -31.42 36.79 -36.79
CA ARG C 41 -32.78 37.21 -36.53
C ARG C 41 -33.00 37.53 -35.05
N ALA C 42 -32.41 36.72 -34.16
CA ALA C 42 -32.53 36.99 -32.73
C ALA C 42 -31.91 38.33 -32.37
N PHE C 43 -30.72 38.62 -32.92
CA PHE C 43 -30.09 39.90 -32.66
C PHE C 43 -30.93 41.05 -33.19
N SER C 44 -31.49 40.92 -34.39
CA SER C 44 -32.31 42.00 -34.94
C SER C 44 -33.56 42.23 -34.10
N HIS C 45 -34.17 41.14 -33.61
CA HIS C 45 -35.34 41.25 -32.76
C HIS C 45 -35.01 42.01 -31.48
N LEU C 46 -33.92 41.62 -30.80
CA LEU C 46 -33.55 42.31 -29.57
C LEU C 46 -33.15 43.75 -29.84
N ALA C 47 -32.56 44.02 -31.01
CA ALA C 47 -32.14 45.38 -31.32
C ALA C 47 -33.34 46.30 -31.54
N ILE C 48 -34.36 45.82 -32.24
CA ILE C 48 -35.54 46.66 -32.42
C ILE C 48 -36.26 46.85 -31.10
N LYS C 49 -36.24 45.83 -30.23
CA LYS C 49 -36.82 46.01 -28.89
C LYS C 49 -36.08 47.10 -28.12
N LEU C 50 -34.74 47.10 -28.16
CA LEU C 50 -33.96 48.13 -27.49
C LEU C 50 -34.24 49.51 -28.06
N ILE C 51 -34.29 49.63 -29.39
CA ILE C 51 -34.56 50.92 -30.01
C ILE C 51 -35.92 51.44 -29.60
N GLU C 52 -36.93 50.57 -29.60
CA GLU C 52 -38.25 50.97 -29.14
C GLU C 52 -38.22 51.40 -27.67
N GLN C 53 -37.38 50.75 -26.87
CA GLN C 53 -37.27 51.14 -25.46
C GLN C 53 -36.73 52.55 -25.31
N GLU C 54 -35.67 52.89 -26.04
CA GLU C 54 -35.04 54.19 -25.82
C GLU C 54 -35.88 55.37 -26.28
N ILE C 55 -36.59 55.24 -27.41
CA ILE C 55 -37.24 56.38 -28.04
C ILE C 55 -38.61 56.63 -27.40
N ASP C 56 -39.09 57.87 -27.57
CA ASP C 56 -40.34 58.28 -26.96
C ASP C 56 -41.52 57.64 -27.70
N PRO C 57 -42.49 57.08 -26.97
CA PRO C 57 -43.65 56.47 -27.63
C PRO C 57 -44.40 57.42 -28.57
N ASP C 58 -44.44 58.71 -28.26
CA ASP C 58 -45.16 59.66 -29.10
C ASP C 58 -44.45 59.95 -30.42
N SER C 59 -43.23 59.45 -30.60
CA SER C 59 -42.48 59.70 -31.83
C SER C 59 -43.02 58.86 -32.99
N THR C 60 -43.01 59.46 -34.17
CA THR C 60 -43.24 58.76 -35.42
C THR C 60 -41.89 58.30 -35.98
N ILE C 61 -41.85 57.09 -36.52
CA ILE C 61 -40.60 56.40 -36.82
C ILE C 61 -40.60 56.04 -38.30
N LEU C 62 -39.66 56.60 -39.05
CA LEU C 62 -39.46 56.14 -40.42
C LEU C 62 -38.71 54.82 -40.41
N ASP C 63 -39.25 53.84 -41.13
CA ASP C 63 -38.60 52.54 -41.30
C ASP C 63 -38.15 52.46 -42.75
N ILE C 64 -36.87 52.77 -42.97
CA ILE C 64 -36.31 52.80 -44.32
C ILE C 64 -36.04 51.38 -44.77
N GLY C 65 -36.47 51.05 -45.99
CA GLY C 65 -36.34 49.70 -46.49
C GLY C 65 -37.07 48.73 -45.60
N SER C 66 -38.30 49.08 -45.24
CA SER C 66 -39.02 48.34 -44.22
C SER C 66 -39.49 46.99 -44.74
N ALA C 67 -39.66 46.05 -43.80
CA ALA C 67 -40.43 44.84 -44.01
C ALA C 67 -41.68 44.98 -43.17
N PRO C 68 -42.79 45.47 -43.74
CA PRO C 68 -43.90 45.95 -42.90
C PRO C 68 -44.56 44.88 -42.06
N ALA C 69 -44.38 43.60 -42.39
CA ALA C 69 -45.00 42.53 -41.60
C ALA C 69 -44.38 42.40 -40.23
N ARG C 70 -43.25 43.05 -39.98
CA ARG C 70 -42.58 42.97 -38.69
C ARG C 70 -42.93 44.13 -37.77
N ARG C 71 -43.41 45.24 -38.31
CA ARG C 71 -43.89 46.36 -37.53
C ARG C 71 -45.38 46.32 -37.27
N MET C 72 -46.06 45.24 -37.68
CA MET C 72 -47.51 45.21 -37.65
C MET C 72 -48.07 44.91 -36.26
N MET C 73 -47.31 44.18 -35.44
CA MET C 73 -47.68 43.94 -34.05
C MET C 73 -47.02 44.92 -33.08
N SER C 74 -46.72 46.13 -33.54
CA SER C 74 -46.00 47.12 -32.74
C SER C 74 -46.93 48.26 -32.38
N ASP C 75 -46.88 48.70 -31.12
CA ASP C 75 -47.69 49.82 -30.68
C ASP C 75 -47.13 51.16 -31.16
N ARG C 76 -45.89 51.18 -31.63
CA ARG C 76 -45.28 52.43 -32.11
C ARG C 76 -45.87 52.85 -33.44
N LYS C 77 -45.65 54.11 -33.79
CA LYS C 77 -46.17 54.68 -35.03
C LYS C 77 -45.10 54.62 -36.11
N TYR C 78 -45.09 53.51 -36.85
CA TYR C 78 -44.12 53.26 -37.90
C TYR C 78 -44.67 53.74 -39.25
N HIS C 79 -43.86 54.49 -39.98
CA HIS C 79 -44.12 54.79 -41.38
C HIS C 79 -43.11 53.98 -42.19
N CYS C 80 -43.60 52.97 -42.89
CA CYS C 80 -42.75 52.03 -43.60
C CYS C 80 -42.50 52.53 -45.02
N VAL C 81 -41.22 52.67 -45.40
CA VAL C 81 -40.84 53.15 -46.72
C VAL C 81 -40.42 51.93 -47.52
N CYS C 82 -41.19 51.60 -48.55
CA CYS C 82 -41.01 50.37 -49.32
C CYS C 82 -40.93 50.70 -50.81
N PRO C 83 -39.75 51.01 -51.32
CA PRO C 83 -39.61 51.34 -52.75
C PRO C 83 -39.79 50.16 -53.68
N MET C 84 -39.77 48.92 -53.17
CA MET C 84 -39.92 47.72 -53.99
C MET C 84 -38.81 47.61 -55.03
N ARG C 85 -37.57 47.68 -54.57
CA ARG C 85 -36.41 47.59 -55.45
C ARG C 85 -35.69 46.25 -55.36
N SER C 86 -36.10 45.38 -54.45
CA SER C 86 -35.49 44.06 -54.31
C SER C 86 -36.44 42.99 -54.80
N ALA C 87 -35.86 41.89 -55.30
CA ALA C 87 -36.65 40.77 -55.78
C ALA C 87 -37.36 40.03 -54.66
N GLU C 88 -36.96 40.23 -53.42
CA GLU C 88 -37.60 39.62 -52.27
C GLU C 88 -38.70 40.48 -51.67
N ASP C 89 -38.92 41.67 -52.21
CA ASP C 89 -39.90 42.62 -51.70
C ASP C 89 -41.35 42.26 -52.00
N PRO C 90 -41.69 41.77 -53.20
CA PRO C 90 -43.08 41.36 -53.43
C PRO C 90 -43.57 40.31 -52.45
N GLU C 91 -42.72 39.36 -52.10
CA GLU C 91 -43.11 38.35 -51.12
C GLU C 91 -43.35 38.99 -49.76
N ARG C 92 -42.50 39.94 -49.36
CA ARG C 92 -42.68 40.60 -48.08
C ARG C 92 -43.97 41.42 -48.04
N LEU C 93 -44.28 42.12 -49.14
CA LEU C 93 -45.54 42.86 -49.20
C LEU C 93 -46.74 41.92 -49.14
N ALA C 94 -46.67 40.79 -49.84
CA ALA C 94 -47.76 39.81 -49.79
C ALA C 94 -47.93 39.26 -48.39
N ASN C 95 -46.82 38.99 -47.70
CA ASN C 95 -46.88 38.52 -46.33
C ASN C 95 -47.51 39.56 -45.42
N TYR C 96 -47.17 40.83 -45.62
CA TYR C 96 -47.78 41.91 -44.85
C TYR C 96 -49.30 41.94 -45.06
N ALA C 97 -49.73 41.86 -46.32
CA ALA C 97 -51.17 41.91 -46.61
C ALA C 97 -51.88 40.71 -45.99
N ARG C 98 -51.26 39.53 -46.08
CA ARG C 98 -51.88 38.33 -45.54
C ARG C 98 -51.99 38.41 -44.01
N LYS C 99 -50.96 38.92 -43.34
CA LYS C 99 -51.02 39.09 -41.90
C LYS C 99 -52.06 40.12 -41.49
N LEU C 100 -52.16 41.23 -42.23
CA LEU C 100 -53.18 42.22 -41.94
C LEU C 100 -54.57 41.62 -42.06
N ALA C 101 -54.80 40.84 -43.12
CA ALA C 101 -56.08 40.16 -43.26
C ALA C 101 -56.33 39.21 -42.09
N SER C 102 -55.33 38.41 -41.72
CA SER C 102 -55.49 37.47 -40.62
C SER C 102 -55.74 38.14 -39.28
N ALA C 103 -55.32 39.39 -39.09
CA ALA C 103 -55.58 40.09 -37.84
C ALA C 103 -56.51 41.29 -38.02
N ALA C 104 -57.42 41.23 -39.00
CA ALA C 104 -58.24 42.40 -39.34
C ALA C 104 -59.23 42.72 -38.22
N GLY C 105 -59.85 41.71 -37.64
CA GLY C 105 -60.83 41.95 -36.59
C GLY C 105 -60.59 41.09 -35.37
N LYS C 106 -59.34 40.72 -35.14
CA LYS C 106 -58.96 39.95 -33.95
C LYS C 106 -57.88 40.61 -33.11
N VAL C 107 -57.20 41.63 -33.61
CA VAL C 107 -56.32 42.48 -32.82
C VAL C 107 -56.91 43.88 -32.80
N LEU C 108 -57.08 44.43 -31.60
CA LEU C 108 -57.86 45.65 -31.41
C LEU C 108 -57.00 46.92 -31.32
N ASP C 109 -55.92 46.87 -30.54
CA ASP C 109 -55.15 48.07 -30.20
C ASP C 109 -53.83 48.16 -30.94
N ARG C 110 -53.75 47.60 -32.15
CA ARG C 110 -52.56 47.70 -32.99
C ARG C 110 -52.84 48.44 -34.29
N ASN C 111 -53.99 49.10 -34.42
CA ASN C 111 -54.34 49.89 -35.60
C ASN C 111 -54.29 49.06 -36.88
N ILE C 112 -54.82 47.84 -36.80
CA ILE C 112 -54.80 46.97 -37.97
C ILE C 112 -55.74 47.51 -39.06
N SER C 113 -56.91 48.02 -38.65
CA SER C 113 -57.82 48.60 -39.62
C SER C 113 -57.20 49.81 -40.31
N GLY C 114 -56.50 50.65 -39.55
CA GLY C 114 -55.79 51.76 -40.15
C GLY C 114 -54.72 51.32 -41.13
N LYS C 115 -53.95 50.30 -40.76
CA LYS C 115 -52.90 49.81 -41.66
C LYS C 115 -53.48 49.26 -42.96
N ILE C 116 -54.60 48.52 -42.86
CA ILE C 116 -55.25 48.05 -44.08
C ILE C 116 -55.76 49.22 -44.91
N GLY C 117 -56.28 50.25 -44.25
CA GLY C 117 -56.74 51.42 -44.98
C GLY C 117 -55.63 52.10 -45.74
N ASP C 118 -54.47 52.29 -45.09
CA ASP C 118 -53.33 52.90 -45.77
C ASP C 118 -52.82 52.03 -46.90
N LEU C 119 -52.78 50.70 -46.70
CA LEU C 119 -52.32 49.82 -47.76
C LEU C 119 -53.22 49.90 -48.98
N GLN C 120 -54.55 49.87 -48.76
CA GLN C 120 -55.48 50.01 -49.87
C GLN C 120 -55.38 51.38 -50.52
N ALA C 121 -55.09 52.42 -49.73
CA ALA C 121 -54.93 53.75 -50.29
C ALA C 121 -53.72 53.83 -51.21
N VAL C 122 -52.60 53.26 -50.79
CA VAL C 122 -51.41 53.28 -51.64
C VAL C 122 -51.62 52.41 -52.87
N MET C 123 -52.35 51.31 -52.73
CA MET C 123 -52.69 50.50 -53.89
C MET C 123 -53.54 51.30 -54.87
N ALA C 124 -54.49 52.09 -54.37
CA ALA C 124 -55.35 52.87 -55.25
C ALA C 124 -54.59 53.99 -55.93
N VAL C 125 -53.80 54.75 -55.16
CA VAL C 125 -52.98 55.83 -55.68
C VAL C 125 -51.54 55.56 -55.23
N PRO C 126 -50.62 55.23 -56.14
CA PRO C 126 -49.27 54.87 -55.71
C PRO C 126 -48.51 55.99 -54.99
N ASP C 127 -48.77 57.25 -55.34
CA ASP C 127 -48.00 58.36 -54.80
C ASP C 127 -48.53 58.89 -53.48
N THR C 128 -49.66 58.38 -52.99
CA THR C 128 -50.20 58.89 -51.73
C THR C 128 -49.25 58.53 -50.57
N GLU C 129 -49.14 59.45 -49.62
CA GLU C 129 -48.21 59.31 -48.50
C GLU C 129 -49.04 59.07 -47.24
N THR C 130 -49.32 57.81 -46.97
CA THR C 130 -50.14 57.41 -45.85
C THR C 130 -49.31 57.30 -44.56
N PRO C 131 -49.96 57.40 -43.39
CA PRO C 131 -49.20 57.42 -42.13
C PRO C 131 -48.33 56.20 -41.89
N THR C 132 -48.75 55.02 -42.35
CA THR C 132 -48.02 53.79 -42.04
C THR C 132 -47.37 53.12 -43.24
N PHE C 133 -47.61 53.60 -44.46
CA PHE C 133 -47.08 52.93 -45.64
C PHE C 133 -46.87 53.92 -46.77
N CYS C 134 -45.85 53.66 -47.58
CA CYS C 134 -45.61 54.39 -48.81
C CYS C 134 -44.71 53.54 -49.70
N LEU C 135 -44.70 53.86 -50.99
CA LEU C 135 -43.89 53.15 -51.97
C LEU C 135 -42.74 54.00 -52.48
N HIS C 136 -42.31 54.99 -51.69
CA HIS C 136 -41.23 55.88 -52.09
C HIS C 136 -39.89 55.34 -51.60
N THR C 137 -38.83 56.11 -51.83
CA THR C 137 -37.51 55.77 -51.31
C THR C 137 -37.18 56.66 -50.12
N ASP C 138 -35.96 56.50 -49.61
CA ASP C 138 -35.50 57.35 -48.50
C ASP C 138 -35.36 58.80 -48.94
N VAL C 139 -35.03 59.05 -50.22
CA VAL C 139 -34.81 60.40 -50.71
C VAL C 139 -36.03 60.97 -51.41
N SER C 140 -37.10 60.18 -51.58
CA SER C 140 -38.30 60.66 -52.22
C SER C 140 -39.53 60.59 -51.32
N CYS C 141 -39.43 59.99 -50.15
CA CYS C 141 -40.53 60.03 -49.19
C CYS C 141 -40.72 61.45 -48.68
N ARG C 142 -41.98 61.83 -48.46
CA ARG C 142 -42.31 63.16 -47.98
C ARG C 142 -42.77 63.16 -46.53
N GLN C 143 -42.84 62.01 -45.87
CA GLN C 143 -43.37 61.93 -44.51
C GLN C 143 -42.32 62.43 -43.54
N ARG C 144 -42.61 63.54 -42.87
CA ARG C 144 -41.75 64.05 -41.82
C ARG C 144 -41.86 63.17 -40.58
N ALA C 145 -40.75 63.01 -39.87
CA ALA C 145 -40.73 62.15 -38.69
C ALA C 145 -39.61 62.59 -37.77
N ASP C 146 -39.57 62.00 -36.58
CA ASP C 146 -38.56 62.30 -35.58
C ASP C 146 -37.46 61.25 -35.48
N VAL C 147 -37.74 60.02 -35.88
CA VAL C 147 -36.79 58.92 -35.77
C VAL C 147 -36.79 58.14 -37.07
N ALA C 148 -35.60 57.71 -37.48
CA ALA C 148 -35.43 56.82 -38.63
C ALA C 148 -34.72 55.57 -38.17
N ILE C 149 -35.10 54.43 -38.75
CA ILE C 149 -34.50 53.14 -38.44
C ILE C 149 -34.06 52.48 -39.73
N TYR C 150 -32.82 52.02 -39.78
CA TYR C 150 -32.30 51.21 -40.88
C TYR C 150 -31.98 49.84 -40.30
N GLN C 151 -32.80 48.86 -40.64
CA GLN C 151 -32.58 47.49 -40.16
C GLN C 151 -32.15 46.63 -41.34
N ASP C 152 -30.89 46.20 -41.33
CA ASP C 152 -30.30 45.40 -42.39
C ASP C 152 -30.45 46.08 -43.75
N VAL C 153 -30.14 47.36 -43.79
CA VAL C 153 -30.17 48.14 -45.02
C VAL C 153 -28.73 48.48 -45.40
N TYR C 154 -28.26 47.93 -46.50
CA TYR C 154 -26.93 48.17 -47.01
C TYR C 154 -26.91 48.78 -48.39
N ALA C 155 -28.06 49.07 -48.98
CA ALA C 155 -28.15 49.50 -50.38
C ALA C 155 -28.29 51.00 -50.52
N VAL C 156 -27.98 51.77 -49.49
CA VAL C 156 -28.08 53.22 -49.53
C VAL C 156 -26.75 53.83 -49.09
N HIS C 157 -26.36 54.92 -49.74
CA HIS C 157 -25.24 55.71 -49.27
C HIS C 157 -25.63 56.38 -47.95
N ALA C 158 -24.80 56.16 -46.92
CA ALA C 158 -25.18 56.62 -45.59
C ALA C 158 -25.33 58.14 -45.49
N PRO C 159 -24.34 58.96 -45.88
CA PRO C 159 -24.53 60.41 -45.71
C PRO C 159 -25.69 60.99 -46.49
N THR C 160 -25.94 60.52 -47.72
CA THR C 160 -27.04 61.08 -48.50
C THR C 160 -28.40 60.74 -47.87
N SER C 161 -28.57 59.48 -47.47
CA SER C 161 -29.81 59.08 -46.81
C SER C 161 -29.99 59.81 -45.49
N LEU C 162 -28.92 59.95 -44.71
CA LEU C 162 -29.03 60.64 -43.43
C LEU C 162 -29.36 62.11 -43.61
N TYR C 163 -28.77 62.76 -44.62
CA TYR C 163 -29.14 64.14 -44.94
C TYR C 163 -30.61 64.25 -45.33
N HIS C 164 -31.09 63.32 -46.15
CA HIS C 164 -32.48 63.41 -46.58
C HIS C 164 -33.44 63.14 -45.43
N GLN C 165 -33.03 62.35 -44.45
CA GLN C 165 -33.82 62.21 -43.24
C GLN C 165 -33.77 63.48 -42.41
N ALA C 166 -32.58 64.05 -42.24
CA ALA C 166 -32.40 65.23 -41.38
C ALA C 166 -33.20 66.42 -41.89
N ILE C 167 -33.17 66.68 -43.20
CA ILE C 167 -33.96 67.79 -43.74
C ILE C 167 -35.45 67.59 -43.59
N LYS C 168 -35.88 66.39 -43.21
CA LYS C 168 -37.27 66.10 -42.90
C LYS C 168 -37.57 66.15 -41.41
N GLY C 169 -36.65 66.68 -40.61
CA GLY C 169 -36.85 66.78 -39.19
C GLY C 169 -36.40 65.60 -38.36
N VAL C 170 -35.83 64.57 -38.98
CA VAL C 170 -35.36 63.42 -38.23
C VAL C 170 -34.11 63.81 -37.45
N ARG C 171 -34.13 63.56 -36.15
CA ARG C 171 -33.05 63.93 -35.27
C ARG C 171 -32.34 62.73 -34.66
N LEU C 172 -32.90 61.54 -34.81
CA LEU C 172 -32.30 60.30 -34.33
C LEU C 172 -32.43 59.25 -35.42
N ALA C 173 -31.35 58.53 -35.69
CA ALA C 173 -31.34 57.45 -36.65
C ALA C 173 -30.64 56.25 -36.03
N TYR C 174 -31.12 55.06 -36.37
CA TYR C 174 -30.57 53.81 -35.88
C TYR C 174 -30.20 52.93 -37.05
N TRP C 175 -29.02 52.33 -36.99
CA TRP C 175 -28.57 51.40 -38.02
C TRP C 175 -28.22 50.07 -37.37
N VAL C 176 -28.92 49.01 -37.77
CA VAL C 176 -28.65 47.66 -37.30
C VAL C 176 -28.07 46.89 -38.47
N GLY C 177 -26.91 46.27 -38.27
CA GLY C 177 -26.35 45.49 -39.36
C GLY C 177 -25.03 44.86 -38.96
N PHE C 178 -24.47 44.10 -39.89
CA PHE C 178 -23.18 43.47 -39.67
C PHE C 178 -22.08 44.52 -39.58
N ASP C 179 -21.09 44.24 -38.75
CA ASP C 179 -19.99 45.18 -38.52
C ASP C 179 -19.28 45.50 -39.82
N THR C 180 -19.04 46.79 -40.05
CA THR C 180 -18.43 47.26 -41.29
C THR C 180 -16.90 47.34 -41.21
N THR C 181 -16.31 46.95 -40.09
CA THR C 181 -14.86 46.94 -39.97
C THR C 181 -14.15 46.02 -40.96
N PRO C 182 -14.59 44.78 -41.20
CA PRO C 182 -13.86 43.93 -42.15
C PRO C 182 -13.78 44.51 -43.55
N PHE C 183 -14.71 45.38 -43.93
CA PHE C 183 -14.67 46.01 -45.23
C PHE C 183 -13.86 47.30 -45.23
N MET C 184 -13.53 47.83 -44.05
CA MET C 184 -12.60 48.95 -43.97
C MET C 184 -11.16 48.48 -44.03
N TYR C 185 -10.93 47.18 -43.80
CA TYR C 185 -9.62 46.57 -43.95
C TYR C 185 -9.40 45.99 -45.34
N ASN C 186 -10.41 46.06 -46.22
CA ASN C 186 -10.32 45.62 -47.61
C ASN C 186 -10.04 44.13 -47.71
N ALA C 187 -10.64 43.33 -46.82
CA ALA C 187 -10.50 41.89 -46.89
C ALA C 187 -11.18 41.33 -48.14
N MET C 188 -10.59 40.27 -48.69
CA MET C 188 -11.17 39.64 -49.87
C MET C 188 -12.37 38.76 -49.51
N ALA C 189 -12.26 38.00 -48.43
CA ALA C 189 -13.33 37.15 -47.94
C ALA C 189 -13.33 37.24 -46.43
N GLY C 190 -14.35 36.65 -45.81
CA GLY C 190 -14.44 36.74 -44.36
C GLY C 190 -15.64 36.01 -43.83
N ALA C 191 -15.70 35.94 -42.51
CA ALA C 191 -16.76 35.22 -41.81
C ALA C 191 -17.23 36.00 -40.59
N TYR C 192 -18.52 35.95 -40.35
CA TYR C 192 -19.09 36.20 -39.04
C TYR C 192 -19.56 34.84 -38.54
N PRO C 193 -18.70 34.08 -37.86
CA PRO C 193 -19.02 32.68 -37.56
C PRO C 193 -20.14 32.50 -36.55
N SER C 194 -20.33 33.45 -35.63
CA SER C 194 -21.40 33.33 -34.65
C SER C 194 -22.77 33.34 -35.31
N TYR C 195 -22.90 34.05 -36.43
CA TYR C 195 -24.16 34.16 -37.14
C TYR C 195 -24.23 33.24 -38.34
N SER C 196 -23.35 32.25 -38.41
CA SER C 196 -23.23 31.35 -39.55
C SER C 196 -23.21 32.12 -40.86
N THR C 197 -22.41 33.17 -40.91
CA THR C 197 -22.40 34.06 -42.06
C THR C 197 -21.02 34.04 -42.71
N ASN C 198 -21.00 33.86 -44.02
CA ASN C 198 -19.75 33.92 -44.77
C ASN C 198 -19.92 34.85 -45.95
N TRP C 199 -18.97 35.76 -46.14
CA TRP C 199 -18.99 36.68 -47.26
C TRP C 199 -17.71 36.53 -48.06
N ALA C 200 -17.82 36.77 -49.36
CA ALA C 200 -16.66 36.63 -50.23
C ALA C 200 -16.76 37.61 -51.38
N ASP C 201 -15.60 38.08 -51.83
CA ASP C 201 -15.54 38.82 -53.08
C ASP C 201 -15.93 37.91 -54.23
N GLU C 202 -16.53 38.50 -55.27
CA GLU C 202 -17.03 37.69 -56.37
C GLU C 202 -15.89 36.98 -57.11
N GLN C 203 -14.68 37.54 -57.06
CA GLN C 203 -13.54 36.94 -57.74
C GLN C 203 -13.06 35.64 -57.09
N VAL C 204 -13.40 35.39 -55.84
CA VAL C 204 -12.89 34.22 -55.13
C VAL C 204 -14.01 33.24 -54.77
N LEU C 205 -15.15 33.33 -55.45
CA LEU C 205 -16.23 32.38 -55.20
C LEU C 205 -15.88 30.97 -55.65
N LYS C 206 -14.89 30.82 -56.53
CA LYS C 206 -14.43 29.53 -56.99
C LYS C 206 -13.22 29.03 -56.23
N ALA C 207 -13.00 29.52 -55.02
CA ALA C 207 -11.91 29.06 -54.17
C ALA C 207 -12.28 27.69 -53.60
N LYS C 208 -11.47 27.21 -52.66
CA LYS C 208 -11.63 25.86 -52.15
C LYS C 208 -11.84 25.80 -50.63
N ASN C 209 -11.22 26.68 -49.86
CA ASN C 209 -11.21 26.52 -48.41
C ASN C 209 -11.75 27.71 -47.63
N ILE C 210 -12.27 28.74 -48.28
CA ILE C 210 -12.95 29.81 -47.55
C ILE C 210 -14.37 29.37 -47.25
N GLY C 211 -15.07 30.14 -46.42
CA GLY C 211 -16.39 29.72 -45.98
C GLY C 211 -17.41 29.67 -47.10
N LEU C 212 -17.39 30.66 -47.99
CA LEU C 212 -18.37 30.78 -49.07
C LEU C 212 -17.65 30.59 -50.40
N CYS C 213 -17.68 29.37 -50.92
CA CYS C 213 -17.00 29.06 -52.17
C CYS C 213 -17.46 27.70 -52.68
N SER C 214 -17.21 27.46 -53.95
CA SER C 214 -17.43 26.16 -54.56
C SER C 214 -16.42 25.98 -55.69
N THR C 215 -15.64 24.91 -55.63
CA THR C 215 -14.71 24.57 -56.69
C THR C 215 -15.04 23.19 -57.24
N ASP C 216 -14.28 22.78 -58.25
CA ASP C 216 -14.44 21.49 -58.87
C ASP C 216 -13.20 20.63 -58.63
N LEU C 217 -13.32 19.36 -58.98
CA LEU C 217 -12.20 18.43 -58.91
C LEU C 217 -11.47 18.42 -60.24
N THR C 218 -10.17 18.70 -60.21
CA THR C 218 -9.37 18.80 -61.41
C THR C 218 -8.08 18.01 -61.25
N GLU C 219 -7.63 17.38 -62.33
CA GLU C 219 -6.36 16.68 -62.29
C GLU C 219 -5.17 17.61 -62.39
N GLY C 220 -5.32 18.77 -63.04
CA GLY C 220 -4.22 19.71 -63.12
C GLY C 220 -3.66 19.86 -64.52
N ARG C 221 -3.76 21.06 -65.08
CA ARG C 221 -3.30 21.30 -66.45
C ARG C 221 -2.51 22.60 -66.50
N ARG C 222 -1.50 22.62 -67.38
CA ARG C 222 -0.79 23.84 -67.74
C ARG C 222 -1.60 24.67 -68.74
N GLY C 223 -2.86 24.95 -68.42
CA GLY C 223 -3.72 25.65 -69.36
C GLY C 223 -4.51 26.80 -68.76
N LYS C 224 -5.82 26.75 -68.91
CA LYS C 224 -6.78 27.77 -68.49
C LYS C 224 -6.42 29.15 -69.06
N LEU C 225 -6.05 29.21 -70.35
CA LEU C 225 -5.77 30.47 -71.00
C LEU C 225 -7.02 31.35 -71.00
N SER C 226 -6.83 32.66 -70.86
CA SER C 226 -7.95 33.58 -70.80
C SER C 226 -7.63 34.83 -71.61
N ILE C 227 -8.64 35.69 -71.76
CA ILE C 227 -8.47 36.91 -72.54
C ILE C 227 -8.31 38.11 -71.61
N MET C 228 -8.43 37.89 -70.30
CA MET C 228 -8.28 38.98 -69.35
C MET C 228 -6.96 38.87 -68.61
N ARG C 229 -6.08 39.86 -68.81
CA ARG C 229 -4.77 39.87 -68.15
C ARG C 229 -4.98 40.24 -66.68
N GLY C 230 -5.40 39.24 -65.92
CA GLY C 230 -5.61 39.42 -64.50
C GLY C 230 -4.35 39.17 -63.70
N LYS C 231 -3.34 40.00 -63.91
CA LYS C 231 -2.09 39.88 -63.17
C LYS C 231 -2.24 40.30 -61.72
N LYS C 232 -3.30 41.04 -61.39
CA LYS C 232 -3.54 41.54 -60.04
C LYS C 232 -4.89 41.02 -59.54
N LEU C 233 -4.91 40.58 -58.29
CA LEU C 233 -6.12 40.11 -57.61
C LEU C 233 -6.39 41.05 -56.44
N GLU C 234 -7.28 42.01 -56.65
CA GLU C 234 -7.63 43.00 -55.63
C GLU C 234 -9.12 42.99 -55.39
N PRO C 235 -9.55 43.35 -54.18
CA PRO C 235 -10.99 43.43 -53.90
C PRO C 235 -11.70 44.35 -54.89
N CYS C 236 -12.81 43.86 -55.42
CA CYS C 236 -13.70 44.65 -56.26
C CYS C 236 -14.96 44.99 -55.47
N ASP C 237 -15.80 45.84 -56.06
CA ASP C 237 -16.93 46.40 -55.34
C ASP C 237 -17.93 45.32 -54.92
N ARG C 238 -18.14 44.32 -55.76
CA ARG C 238 -19.23 43.37 -55.54
C ARG C 238 -18.79 42.25 -54.59
N VAL C 239 -19.54 42.05 -53.51
CA VAL C 239 -19.32 40.94 -52.61
C VAL C 239 -20.63 40.17 -52.46
N LEU C 240 -20.52 38.92 -52.05
CA LEU C 240 -21.67 38.06 -51.80
C LEU C 240 -21.69 37.70 -50.33
N PHE C 241 -22.82 37.96 -49.67
CA PHE C 241 -23.07 37.55 -48.31
C PHE C 241 -23.93 36.29 -48.32
N SER C 242 -23.61 35.35 -47.47
CA SER C 242 -24.45 34.17 -47.24
C SER C 242 -24.70 34.12 -45.73
N VAL C 243 -25.91 34.47 -45.33
CA VAL C 243 -26.33 34.42 -43.95
C VAL C 243 -27.13 33.13 -43.78
N GLY C 244 -26.58 32.18 -43.02
CA GLY C 244 -27.16 30.86 -43.06
C GLY C 244 -27.11 30.33 -44.47
N SER C 245 -28.26 30.28 -45.14
CA SER C 245 -28.34 29.87 -46.54
C SER C 245 -29.01 30.89 -47.44
N THR C 246 -29.18 32.13 -46.99
CA THR C 246 -29.77 33.16 -47.84
C THR C 246 -28.67 34.08 -48.34
N LEU C 247 -28.71 34.38 -49.64
CA LEU C 247 -27.65 35.11 -50.32
C LEU C 247 -28.06 36.55 -50.58
N TYR C 248 -27.12 37.47 -50.40
CA TYR C 248 -27.34 38.89 -50.64
C TYR C 248 -26.12 39.53 -51.29
N PRO C 249 -26.25 40.04 -52.51
CA PRO C 249 -25.18 40.87 -53.09
C PRO C 249 -25.02 42.18 -52.32
N GLU C 250 -23.78 42.63 -52.20
CA GLU C 250 -23.47 43.90 -51.55
C GLU C 250 -22.43 44.65 -52.34
N SER C 251 -22.46 45.97 -52.17
CA SER C 251 -21.49 46.88 -52.77
C SER C 251 -20.53 47.35 -51.69
N ARG C 252 -19.24 47.25 -51.95
CA ARG C 252 -18.25 47.63 -50.95
C ARG C 252 -18.37 49.09 -50.56
N LYS C 253 -18.61 49.97 -51.53
CA LYS C 253 -18.66 51.40 -51.24
C LYS C 253 -19.85 51.74 -50.35
N LEU C 254 -21.00 51.12 -50.62
CA LEU C 254 -22.17 51.34 -49.77
C LEU C 254 -21.97 50.74 -48.39
N LEU C 255 -21.26 49.61 -48.30
CA LEU C 255 -20.96 49.03 -47.00
C LEU C 255 -20.06 49.94 -46.19
N LYS C 256 -19.01 50.47 -46.81
CA LYS C 256 -18.07 51.33 -46.10
C LYS C 256 -18.64 52.70 -45.80
N SER C 257 -19.65 53.14 -46.55
CA SER C 257 -20.26 54.43 -46.26
C SER C 257 -20.86 54.47 -44.86
N TRP C 258 -21.28 53.32 -44.35
CA TRP C 258 -21.90 53.25 -43.03
C TRP C 258 -20.88 53.14 -41.91
N HIS C 259 -19.59 53.08 -42.22
CA HIS C 259 -18.53 53.17 -41.22
C HIS C 259 -18.21 54.65 -40.98
N LEU C 260 -19.16 55.32 -40.33
CA LEU C 260 -19.12 56.75 -40.11
C LEU C 260 -18.17 57.11 -38.97
N PRO C 261 -17.63 58.33 -38.96
CA PRO C 261 -16.76 58.73 -37.85
C PRO C 261 -17.56 59.07 -36.61
N SER C 262 -16.84 59.40 -35.55
CA SER C 262 -17.51 59.75 -34.29
C SER C 262 -18.38 60.99 -34.46
N VAL C 263 -17.88 61.98 -35.18
CA VAL C 263 -18.63 63.20 -35.47
C VAL C 263 -18.39 63.57 -36.92
N PHE C 264 -19.45 64.00 -37.61
CA PHE C 264 -19.31 64.44 -38.98
C PHE C 264 -20.30 65.58 -39.26
N HIS C 265 -20.14 66.19 -40.43
CA HIS C 265 -20.89 67.38 -40.80
C HIS C 265 -21.55 67.14 -42.15
N LEU C 266 -22.86 67.37 -42.22
CA LEU C 266 -23.62 67.33 -43.47
C LEU C 266 -23.90 68.77 -43.87
N LYS C 267 -23.30 69.22 -44.97
CA LYS C 267 -23.37 70.62 -45.39
C LYS C 267 -24.12 70.71 -46.71
N GLY C 268 -25.42 71.00 -46.64
CA GLY C 268 -26.20 71.20 -47.84
C GLY C 268 -26.92 72.53 -47.85
N LYS C 269 -28.16 72.55 -48.35
CA LYS C 269 -29.00 73.72 -48.18
C LYS C 269 -29.23 74.00 -46.71
N LEU C 270 -29.46 72.95 -45.93
CA LEU C 270 -29.37 72.97 -44.48
C LEU C 270 -28.11 72.21 -44.05
N SER C 271 -27.61 72.55 -42.87
N SER C 271 -27.61 72.56 -42.87
CA SER C 271 -26.39 71.96 -42.34
CA SER C 271 -26.38 71.97 -42.33
C SER C 271 -26.69 71.29 -41.01
C SER C 271 -26.70 71.29 -41.00
N PHE C 272 -26.11 70.10 -40.80
CA PHE C 272 -26.33 69.32 -39.61
C PHE C 272 -25.01 68.80 -39.06
N THR C 273 -24.91 68.76 -37.73
CA THR C 273 -23.79 68.16 -37.03
C THR C 273 -24.27 66.82 -36.48
N CYS C 274 -23.62 65.74 -36.90
CA CYS C 274 -24.10 64.40 -36.59
C CYS C 274 -23.04 63.65 -35.79
N ARG C 275 -23.51 62.79 -34.89
CA ARG C 275 -22.62 62.03 -34.02
C ARG C 275 -23.03 60.57 -34.06
N CYS C 276 -22.13 59.72 -34.55
CA CYS C 276 -22.37 58.28 -34.68
C CYS C 276 -21.79 57.56 -33.49
N ASP C 277 -22.53 56.60 -32.95
CA ASP C 277 -22.10 55.86 -31.77
C ASP C 277 -22.60 54.42 -31.86
N THR C 278 -21.71 53.47 -31.67
CA THR C 278 -22.06 52.06 -31.65
C THR C 278 -22.57 51.71 -30.26
N VAL C 279 -23.85 51.38 -30.16
CA VAL C 279 -24.49 51.21 -28.86
C VAL C 279 -24.60 49.72 -28.53
N VAL C 280 -24.65 48.87 -29.55
CA VAL C 280 -24.63 47.42 -29.33
C VAL C 280 -23.59 46.81 -30.25
N SER C 281 -22.83 45.86 -29.73
CA SER C 281 -21.80 45.17 -30.49
C SER C 281 -21.71 43.74 -30.00
N CYS C 282 -22.18 42.78 -30.82
CA CYS C 282 -22.21 41.37 -30.44
C CYS C 282 -21.62 40.56 -31.58
N GLU C 283 -20.34 40.19 -31.44
CA GLU C 283 -19.68 39.17 -32.26
C GLU C 283 -19.88 39.40 -33.76
N GLY C 284 -19.83 40.67 -34.17
CA GLY C 284 -19.93 41.03 -35.56
C GLY C 284 -21.21 41.73 -35.96
N TYR C 285 -22.20 41.81 -35.07
CA TYR C 285 -23.47 42.46 -35.38
C TYR C 285 -23.60 43.68 -34.49
N VAL C 286 -23.87 44.84 -35.08
CA VAL C 286 -23.85 46.09 -34.34
C VAL C 286 -25.15 46.85 -34.50
N VAL C 287 -25.43 47.69 -33.50
CA VAL C 287 -26.46 48.72 -33.54
C VAL C 287 -25.77 50.04 -33.27
N LYS C 288 -25.96 50.99 -34.19
CA LYS C 288 -25.35 52.32 -34.15
C LYS C 288 -26.44 53.38 -34.00
N ARG C 289 -26.20 54.34 -33.11
CA ARG C 289 -27.04 55.51 -32.95
C ARG C 289 -26.38 56.70 -33.63
N ILE C 290 -27.15 57.44 -34.43
CA ILE C 290 -26.71 58.66 -35.06
C ILE C 290 -27.66 59.78 -34.66
N THR C 291 -27.17 60.75 -33.90
CA THR C 291 -27.92 61.95 -33.59
C THR C 291 -27.60 63.02 -34.61
N MET C 292 -28.59 63.85 -34.92
CA MET C 292 -28.43 64.89 -35.93
C MET C 292 -28.98 66.18 -35.36
N SER C 293 -28.20 67.26 -35.46
CA SER C 293 -28.57 68.54 -34.88
C SER C 293 -28.32 69.65 -35.89
N PRO C 294 -29.28 70.53 -36.12
CA PRO C 294 -29.08 71.62 -37.09
C PRO C 294 -27.92 72.52 -36.68
N GLY C 295 -27.22 73.02 -37.70
CA GLY C 295 -26.09 73.90 -37.49
C GLY C 295 -24.77 73.16 -37.45
N LEU C 296 -23.70 73.93 -37.63
CA LEU C 296 -22.34 73.40 -37.64
C LEU C 296 -21.65 73.77 -36.33
N TYR C 297 -21.15 72.75 -35.62
CA TYR C 297 -20.54 72.93 -34.31
C TYR C 297 -19.29 72.08 -34.19
N GLY C 298 -18.23 72.66 -33.65
CA GLY C 298 -17.00 71.94 -33.44
C GLY C 298 -16.25 71.67 -34.72
N LYS C 299 -15.32 70.73 -34.64
CA LYS C 299 -14.57 70.27 -35.80
C LYS C 299 -14.55 68.75 -35.81
N THR C 300 -14.19 68.19 -36.96
CA THR C 300 -14.19 66.75 -37.17
C THR C 300 -12.78 66.30 -37.49
N THR C 301 -12.34 65.23 -36.84
CA THR C 301 -11.05 64.62 -37.15
C THR C 301 -11.12 63.63 -38.30
N GLY C 302 -12.31 63.14 -38.64
CA GLY C 302 -12.44 62.14 -39.68
C GLY C 302 -12.02 60.75 -39.29
N TYR C 303 -12.05 60.41 -38.00
CA TYR C 303 -11.58 59.13 -37.51
C TYR C 303 -12.75 58.29 -37.00
N ALA C 304 -12.83 57.06 -37.48
CA ALA C 304 -13.81 56.08 -37.04
C ALA C 304 -13.10 55.01 -36.22
N VAL C 305 -13.68 54.66 -35.08
CA VAL C 305 -13.04 53.76 -34.11
C VAL C 305 -13.94 52.56 -33.90
N THR C 306 -13.34 51.37 -33.90
CA THR C 306 -14.00 50.12 -33.57
C THR C 306 -13.33 49.52 -32.35
N HIS C 307 -14.09 49.33 -31.28
CA HIS C 307 -13.60 48.62 -30.10
C HIS C 307 -13.78 47.13 -30.28
N HIS C 308 -12.79 46.35 -29.88
CA HIS C 308 -12.77 44.91 -30.12
C HIS C 308 -12.97 44.20 -28.80
N ALA C 309 -14.19 43.76 -28.54
CA ALA C 309 -14.44 42.92 -27.36
C ALA C 309 -13.93 41.51 -27.57
N ASP C 310 -14.02 41.01 -28.80
CA ASP C 310 -13.40 39.76 -29.21
C ASP C 310 -12.28 40.08 -30.19
N GLY C 311 -11.37 39.12 -30.37
CA GLY C 311 -10.28 39.33 -31.30
C GLY C 311 -10.78 39.42 -32.74
N PHE C 312 -10.14 40.29 -33.51
CA PHE C 312 -10.41 40.43 -34.93
C PHE C 312 -9.13 40.11 -35.70
N LEU C 313 -9.23 39.21 -36.68
CA LEU C 313 -8.07 38.77 -37.44
C LEU C 313 -8.27 39.05 -38.92
N MET C 314 -7.25 39.59 -39.56
CA MET C 314 -7.16 39.61 -41.01
C MET C 314 -5.81 39.02 -41.38
N CYS C 315 -5.82 37.94 -42.15
CA CYS C 315 -4.59 37.23 -42.44
CA CYS C 315 -4.58 37.24 -42.45
C CYS C 315 -4.48 36.97 -43.93
N LYS C 316 -3.32 36.50 -44.35
CA LYS C 316 -3.10 36.06 -45.72
CA LYS C 316 -3.16 36.08 -45.73
C LYS C 316 -3.38 34.58 -45.83
N THR C 317 -4.20 34.19 -46.80
CA THR C 317 -4.44 32.78 -47.06
C THR C 317 -4.02 32.49 -48.48
N THR C 318 -3.46 31.30 -48.67
CA THR C 318 -3.13 30.79 -50.00
C THR C 318 -4.17 29.73 -50.35
N ASP C 319 -4.98 30.02 -51.36
CA ASP C 319 -6.04 29.12 -51.77
C ASP C 319 -5.90 28.82 -53.26
N THR C 320 -6.86 28.08 -53.78
CA THR C 320 -6.87 27.66 -55.18
C THR C 320 -8.20 28.10 -55.79
N VAL C 321 -8.16 29.17 -56.58
CA VAL C 321 -9.34 29.70 -57.25
C VAL C 321 -9.35 29.19 -58.68
N ASP C 322 -10.34 28.36 -59.00
CA ASP C 322 -10.51 27.78 -60.34
C ASP C 322 -9.24 27.05 -60.79
N GLY C 323 -8.59 26.39 -59.84
CA GLY C 323 -7.37 25.66 -60.13
C GLY C 323 -6.10 26.45 -59.97
N GLU C 324 -6.17 27.77 -59.95
CA GLU C 324 -4.98 28.61 -59.92
C GLU C 324 -4.67 29.00 -58.47
N ARG C 325 -3.44 28.76 -58.04
CA ARG C 325 -3.06 29.06 -56.66
C ARG C 325 -2.82 30.56 -56.51
N VAL C 326 -3.52 31.18 -55.56
CA VAL C 326 -3.43 32.61 -55.31
C VAL C 326 -3.40 32.85 -53.81
N SER C 327 -3.14 34.10 -53.44
CA SER C 327 -3.16 34.53 -52.05
C SER C 327 -4.07 35.74 -51.91
N PHE C 328 -4.86 35.77 -50.85
CA PHE C 328 -5.71 36.93 -50.57
C PHE C 328 -5.97 37.02 -49.08
N SER C 329 -6.44 38.18 -48.64
CA SER C 329 -6.70 38.41 -47.23
C SER C 329 -8.06 37.86 -46.83
N VAL C 330 -8.11 37.26 -45.64
CA VAL C 330 -9.31 36.66 -45.07
C VAL C 330 -9.45 37.16 -43.64
N CYS C 331 -10.63 37.63 -43.28
CA CYS C 331 -10.87 38.18 -41.95
C CYS C 331 -11.87 37.29 -41.20
N THR C 332 -11.83 37.41 -39.88
CA THR C 332 -12.67 36.60 -39.00
C THR C 332 -12.65 37.19 -37.60
N TYR C 333 -13.55 36.66 -36.76
CA TYR C 333 -13.63 37.01 -35.35
C TYR C 333 -13.29 35.80 -34.51
N VAL C 334 -12.55 36.02 -33.42
CA VAL C 334 -12.08 34.97 -32.53
C VAL C 334 -12.60 35.30 -31.13
N PRO C 335 -13.19 34.34 -30.42
CA PRO C 335 -13.66 34.61 -29.06
C PRO C 335 -12.54 35.12 -28.15
N ALA C 336 -12.88 36.06 -27.28
CA ALA C 336 -11.88 36.68 -26.42
C ALA C 336 -11.21 35.68 -25.51
N THR C 337 -11.91 34.63 -25.09
CA THR C 337 -11.31 33.63 -24.22
C THR C 337 -10.24 32.82 -24.97
N ILE C 338 -10.49 32.52 -26.25
CA ILE C 338 -9.48 31.84 -27.06
C ILE C 338 -8.27 32.75 -27.24
N CYS C 339 -8.49 34.03 -27.50
CA CYS C 339 -7.39 34.97 -27.65
C CYS C 339 -6.56 35.08 -26.38
N ASP C 340 -7.23 35.12 -25.22
CA ASP C 340 -6.51 35.20 -23.96
C ASP C 340 -5.71 33.92 -23.68
N GLN C 341 -6.26 32.77 -24.07
CA GLN C 341 -5.58 31.51 -23.78
C GLN C 341 -4.38 31.27 -24.68
N MET C 342 -4.17 32.08 -25.72
CA MET C 342 -3.01 31.95 -26.58
C MET C 342 -1.95 33.03 -26.34
N THR C 343 -2.08 33.83 -25.27
CA THR C 343 -1.11 34.87 -25.02
C THR C 343 0.29 34.30 -24.74
N GLY C 344 0.35 33.23 -23.96
CA GLY C 344 1.64 32.64 -23.64
C GLY C 344 2.25 31.89 -24.81
N ILE C 345 1.41 31.24 -25.62
CA ILE C 345 1.92 30.48 -26.77
C ILE C 345 2.52 31.41 -27.81
N LEU C 346 1.92 32.57 -28.03
CA LEU C 346 2.41 33.47 -29.06
C LEU C 346 3.64 34.25 -28.62
N ALA C 347 4.16 33.99 -27.41
CA ALA C 347 5.43 34.56 -27.00
C ALA C 347 6.59 33.98 -27.81
N THR C 348 6.45 32.74 -28.26
CA THR C 348 7.43 32.05 -29.07
C THR C 348 6.92 31.94 -30.50
N GLU C 349 7.81 31.62 -31.42
CA GLU C 349 7.41 31.29 -32.77
C GLU C 349 6.80 29.89 -32.77
N VAL C 350 5.59 29.78 -33.31
CA VAL C 350 4.84 28.53 -33.31
C VAL C 350 4.48 28.20 -34.75
N THR C 351 4.59 26.94 -35.12
CA THR C 351 4.18 26.50 -36.44
C THR C 351 2.66 26.50 -36.54
N PRO C 352 2.11 26.63 -37.76
CA PRO C 352 0.65 26.57 -37.91
C PRO C 352 0.06 25.25 -37.43
N GLU C 353 0.79 24.15 -37.54
CA GLU C 353 0.28 22.85 -37.09
C GLU C 353 0.16 22.80 -35.58
N ASP C 354 1.20 23.23 -34.86
CA ASP C 354 1.12 23.26 -33.40
C ASP C 354 0.05 24.23 -32.93
N ALA C 355 -0.06 25.39 -33.59
CA ALA C 355 -1.10 26.35 -33.26
C ALA C 355 -2.48 25.77 -33.48
N GLN C 356 -2.67 25.03 -34.59
CA GLN C 356 -3.96 24.41 -34.85
C GLN C 356 -4.30 23.35 -33.82
N LYS C 357 -3.33 22.52 -33.45
CA LYS C 357 -3.59 21.51 -32.43
C LYS C 357 -3.91 22.15 -31.09
N LEU C 358 -3.23 23.24 -30.75
CA LEU C 358 -3.52 23.96 -29.51
C LEU C 358 -4.92 24.59 -29.55
N LEU C 359 -5.29 25.21 -30.67
CA LEU C 359 -6.62 25.78 -30.81
C LEU C 359 -7.70 24.71 -30.68
N VAL C 360 -7.47 23.55 -31.30
CA VAL C 360 -8.39 22.43 -31.17
C VAL C 360 -8.49 21.99 -29.71
N GLY C 361 -7.37 22.00 -29.00
CA GLY C 361 -7.40 21.68 -27.58
C GLY C 361 -8.23 22.66 -26.77
N LEU C 362 -8.03 23.95 -27.00
CA LEU C 362 -8.81 24.95 -26.27
C LEU C 362 -10.28 24.95 -26.67
N ASN C 363 -10.60 24.44 -27.84
CA ASN C 363 -11.98 24.31 -28.32
C ASN C 363 -12.61 23.00 -27.85
N GLN C 364 -12.05 22.37 -26.82
CA GLN C 364 -12.47 21.05 -26.36
C GLN C 364 -12.45 20.02 -27.49
N THR C 376 -18.71 19.91 -27.49
CA THR C 376 -19.05 21.32 -27.65
C THR C 376 -17.84 22.11 -28.15
N ASN C 377 -18.10 23.27 -28.77
CA ASN C 377 -17.07 24.08 -29.38
C ASN C 377 -17.27 25.55 -29.02
N THR C 378 -16.20 26.21 -28.61
CA THR C 378 -16.27 27.64 -28.33
C THR C 378 -16.35 28.45 -29.62
N MET C 379 -15.59 28.05 -30.65
CA MET C 379 -15.64 28.70 -31.95
CA MET C 379 -15.63 28.70 -31.95
C MET C 379 -15.79 27.65 -33.03
N LYS C 380 -16.30 28.09 -34.18
CA LYS C 380 -16.50 27.20 -35.32
C LYS C 380 -15.18 26.58 -35.75
N ASN C 381 -15.21 25.29 -36.07
CA ASN C 381 -13.99 24.58 -36.41
C ASN C 381 -13.49 24.92 -37.81
N TYR C 382 -14.39 25.27 -38.73
CA TYR C 382 -13.97 25.50 -40.11
C TYR C 382 -13.08 26.72 -40.25
N MET C 383 -13.08 27.61 -39.25
CA MET C 383 -12.21 28.77 -39.24
C MET C 383 -10.94 28.53 -38.44
N ILE C 384 -10.85 27.40 -37.73
CA ILE C 384 -9.67 27.14 -36.88
C ILE C 384 -8.37 27.10 -37.67
N PRO C 385 -8.27 26.42 -38.84
CA PRO C 385 -6.98 26.38 -39.55
C PRO C 385 -6.46 27.76 -39.94
N VAL C 386 -7.26 28.56 -40.65
CA VAL C 386 -6.79 29.87 -41.08
C VAL C 386 -6.38 30.70 -39.88
N VAL C 387 -7.19 30.69 -38.82
CA VAL C 387 -6.86 31.41 -37.59
C VAL C 387 -5.50 30.97 -37.09
N ALA C 388 -5.29 29.64 -37.01
CA ALA C 388 -4.00 29.11 -36.58
C ALA C 388 -2.89 29.70 -37.43
N GLN C 389 -3.04 29.60 -38.76
CA GLN C 389 -2.05 30.18 -39.66
C GLN C 389 -1.81 31.63 -39.30
N ALA C 390 -2.90 32.40 -39.19
CA ALA C 390 -2.80 33.80 -38.78
C ALA C 390 -1.92 33.95 -37.55
N PHE C 391 -2.29 33.26 -36.47
CA PHE C 391 -1.54 33.41 -35.23
C PHE C 391 -0.08 33.10 -35.46
N SER C 392 0.21 32.00 -36.16
CA SER C 392 1.59 31.63 -36.40
C SER C 392 2.34 32.79 -37.05
N LYS C 393 1.80 33.31 -38.15
CA LYS C 393 2.47 34.42 -38.82
C LYS C 393 2.64 35.59 -37.87
N TRP C 394 1.57 35.93 -37.16
CA TRP C 394 1.65 37.05 -36.22
C TRP C 394 2.78 36.83 -35.24
N ALA C 395 2.86 35.63 -34.65
CA ALA C 395 3.91 35.37 -33.69
C ALA C 395 5.26 35.65 -34.32
N LYS C 396 5.48 35.08 -35.50
CA LYS C 396 6.76 35.26 -36.20
C LYS C 396 7.04 36.75 -36.38
N GLU C 397 6.05 37.51 -36.84
CA GLU C 397 6.30 38.92 -37.12
C GLU C 397 6.73 39.65 -35.88
N CYS C 398 6.10 39.35 -34.73
CA CYS C 398 6.51 40.02 -33.50
C CYS C 398 7.97 39.76 -33.21
N ARG C 399 8.40 38.51 -33.38
CA ARG C 399 9.81 38.20 -33.18
C ARG C 399 10.69 39.07 -34.07
N LYS C 400 10.32 39.22 -35.35
CA LYS C 400 11.10 40.07 -36.22
C LYS C 400 11.23 41.46 -35.64
N ASP C 401 10.13 42.03 -35.14
CA ASP C 401 10.18 43.37 -34.58
C ASP C 401 11.13 43.41 -33.40
N MET C 402 11.12 42.38 -32.56
CA MET C 402 12.04 42.37 -31.42
C MET C 402 13.47 42.15 -31.88
N GLU C 403 13.66 41.41 -32.97
CA GLU C 403 15.01 41.17 -33.44
C GLU C 403 15.61 42.42 -34.08
N ASP C 404 14.83 43.12 -34.90
CA ASP C 404 15.34 44.27 -35.65
C ASP C 404 15.01 45.55 -34.88
N GLU C 405 15.59 45.65 -33.69
CA GLU C 405 15.32 46.79 -32.82
C GLU C 405 15.99 48.05 -33.36
N LYS C 406 15.21 49.12 -33.46
CA LYS C 406 15.67 50.41 -34.00
C LYS C 406 16.06 51.35 -32.86
N LEU C 407 16.32 52.60 -33.23
CA LEU C 407 16.73 53.63 -32.29
C LEU C 407 15.59 54.62 -32.09
N LEU C 408 15.42 55.11 -30.86
CA LEU C 408 14.36 56.06 -30.55
C LEU C 408 14.55 57.35 -31.34
N GLY C 409 13.49 57.83 -31.97
CA GLY C 409 13.51 59.11 -32.65
C GLY C 409 14.26 59.13 -33.96
N VAL C 410 14.52 57.97 -34.57
CA VAL C 410 15.24 57.90 -35.83
C VAL C 410 14.35 57.20 -36.85
N ARG C 411 14.68 57.42 -38.13
CA ARG C 411 13.92 56.83 -39.23
C ARG C 411 14.86 56.78 -40.44
N GLU C 412 15.38 55.59 -40.74
CA GLU C 412 16.42 55.45 -41.75
C GLU C 412 15.86 55.66 -43.15
N ARG C 413 16.48 56.55 -43.92
CA ARG C 413 16.03 56.87 -45.26
C ARG C 413 17.22 56.84 -46.22
N THR C 414 16.95 56.48 -47.47
CA THR C 414 17.95 56.40 -48.52
C THR C 414 17.50 57.21 -49.73
N LEU C 415 18.39 58.05 -50.23
CA LEU C 415 18.09 58.88 -51.39
C LEU C 415 18.14 58.07 -52.68
N THR C 416 17.48 58.59 -53.71
CA THR C 416 17.37 57.93 -55.01
C THR C 416 17.71 58.90 -56.14
N CYS C 417 18.78 59.68 -55.95
CA CYS C 417 19.24 60.66 -56.92
C CYS C 417 18.13 61.66 -57.28
N CYS C 418 17.36 62.07 -56.28
CA CYS C 418 16.27 63.01 -56.46
C CYS C 418 15.94 63.63 -55.11
N CYS C 419 14.96 64.53 -55.12
CA CYS C 419 14.46 65.08 -53.87
C CYS C 419 13.39 64.17 -53.31
N LEU C 420 13.69 62.87 -53.23
CA LEU C 420 12.82 61.88 -52.62
C LEU C 420 13.69 60.78 -52.02
N TRP C 421 13.19 60.17 -50.95
CA TRP C 421 13.96 59.25 -50.12
C TRP C 421 13.09 58.07 -49.73
N ALA C 422 13.41 56.90 -50.27
CA ALA C 422 12.71 55.67 -49.97
C ALA C 422 13.25 55.04 -48.69
N PHE C 423 12.56 54.01 -48.20
CA PHE C 423 13.02 53.19 -47.09
C PHE C 423 12.46 51.79 -47.32
N LYS C 424 12.64 50.92 -46.32
CA LYS C 424 12.22 49.53 -46.42
C LYS C 424 10.88 49.35 -45.73
N LYS C 425 9.88 48.89 -46.48
CA LYS C 425 8.58 48.53 -45.94
C LYS C 425 8.58 47.05 -45.62
N GLN C 426 8.41 46.72 -44.34
CA GLN C 426 8.49 45.34 -43.91
C GLN C 426 7.22 44.58 -44.29
N LYS C 427 7.33 43.26 -44.30
CA LYS C 427 6.22 42.39 -44.68
C LYS C 427 5.28 42.19 -43.51
N THR C 428 3.98 42.39 -43.76
CA THR C 428 2.93 42.27 -42.76
C THR C 428 1.87 41.34 -43.31
N HIS C 429 1.79 40.13 -42.75
CA HIS C 429 0.89 39.11 -43.25
C HIS C 429 -0.26 38.83 -42.30
N THR C 430 -0.40 39.61 -41.23
CA THR C 430 -1.45 39.40 -40.25
C THR C 430 -1.71 40.70 -39.51
N VAL C 431 -2.97 41.11 -39.48
CA VAL C 431 -3.46 42.15 -38.58
C VAL C 431 -4.27 41.46 -37.50
N TYR C 432 -3.87 41.64 -36.25
CA TYR C 432 -4.47 40.95 -35.11
C TYR C 432 -4.87 42.00 -34.07
N LYS C 433 -6.15 42.35 -34.05
CA LYS C 433 -6.68 43.26 -33.05
C LYS C 433 -7.16 42.44 -31.87
N ARG C 434 -6.37 42.44 -30.80
CA ARG C 434 -6.69 41.66 -29.62
C ARG C 434 -7.87 42.27 -28.87
N PRO C 435 -8.56 41.47 -28.05
CA PRO C 435 -9.63 42.02 -27.22
C PRO C 435 -9.14 43.21 -26.41
N ASP C 436 -10.02 44.22 -26.32
CA ASP C 436 -9.74 45.50 -25.67
C ASP C 436 -8.76 46.37 -26.44
N THR C 437 -8.75 46.27 -27.76
CA THR C 437 -8.01 47.18 -28.63
C THR C 437 -8.97 47.87 -29.58
N GLN C 438 -8.52 48.97 -30.18
CA GLN C 438 -9.37 49.76 -31.03
C GLN C 438 -8.74 49.97 -32.40
N SER C 439 -9.48 49.62 -33.43
CA SER C 439 -9.13 50.00 -34.79
C SER C 439 -9.51 51.44 -35.03
N ILE C 440 -8.63 52.20 -35.69
CA ILE C 440 -8.89 53.59 -36.02
C ILE C 440 -8.60 53.80 -37.50
N GLN C 441 -9.61 54.27 -38.23
CA GLN C 441 -9.50 54.48 -39.67
C GLN C 441 -9.90 55.91 -40.00
N LYS C 442 -9.15 56.56 -40.87
CA LYS C 442 -9.54 57.90 -41.28
C LYS C 442 -10.48 57.81 -42.48
N VAL C 443 -11.66 58.41 -42.34
CA VAL C 443 -12.70 58.39 -43.34
C VAL C 443 -13.17 59.83 -43.56
N GLN C 444 -14.04 60.01 -44.54
CA GLN C 444 -14.62 61.32 -44.78
C GLN C 444 -15.49 61.73 -43.60
N ALA C 445 -15.41 63.00 -43.23
CA ALA C 445 -16.25 63.54 -42.15
C ALA C 445 -16.96 64.81 -42.54
N GLU C 446 -16.69 65.37 -43.71
CA GLU C 446 -17.33 66.59 -44.20
C GLU C 446 -18.03 66.23 -45.50
N PHE C 447 -19.35 66.06 -45.45
CA PHE C 447 -20.15 65.73 -46.62
C PHE C 447 -20.92 66.96 -47.07
N ASP C 448 -20.78 67.30 -48.35
CA ASP C 448 -21.47 68.45 -48.91
C ASP C 448 -22.09 68.20 -50.29
N SER C 449 -21.97 66.99 -50.83
CA SER C 449 -22.50 66.69 -52.16
C SER C 449 -23.49 65.53 -52.03
N PHE C 450 -24.73 65.85 -51.70
CA PHE C 450 -25.82 64.88 -51.68
C PHE C 450 -26.70 64.98 -52.91
N VAL C 451 -26.35 65.85 -53.88
CA VAL C 451 -27.18 66.03 -55.07
C VAL C 451 -26.89 64.99 -56.14
N VAL C 452 -26.01 64.03 -55.86
CA VAL C 452 -25.73 62.97 -56.81
C VAL C 452 -26.92 62.04 -56.96
N SER C 458 -42.24 54.75 -58.06
CA SER C 458 -43.02 54.16 -59.14
C SER C 458 -42.44 52.81 -59.55
N GLY C 459 -42.39 51.87 -58.61
CA GLY C 459 -41.83 50.56 -58.88
C GLY C 459 -42.73 49.41 -58.51
N LEU C 460 -44.03 49.58 -58.71
CA LEU C 460 -45.01 48.54 -58.43
C LEU C 460 -45.91 48.34 -59.63
N SER C 461 -46.20 47.08 -59.94
CA SER C 461 -46.90 46.71 -61.16
C SER C 461 -48.38 46.46 -60.89
N ILE C 462 -49.18 46.57 -61.95
CA ILE C 462 -50.64 46.43 -61.80
C ILE C 462 -51.06 45.06 -61.28
N PRO C 463 -50.56 43.92 -61.81
CA PRO C 463 -50.98 42.63 -61.24
C PRO C 463 -50.66 42.47 -59.76
N LEU C 464 -49.52 42.99 -59.31
CA LEU C 464 -49.22 42.97 -57.89
C LEU C 464 -50.22 43.82 -57.12
N ARG C 465 -50.60 44.97 -57.68
CA ARG C 465 -51.64 45.80 -57.09
C ARG C 465 -52.94 45.01 -56.92
N THR C 466 -53.33 44.27 -57.95
CA THR C 466 -54.56 43.48 -57.89
C THR C 466 -54.45 42.39 -56.82
N ARG C 467 -53.29 41.73 -56.76
CA ARG C 467 -53.13 40.66 -55.78
C ARG C 467 -53.18 41.20 -54.35
N ILE C 468 -52.56 42.35 -54.10
CA ILE C 468 -52.51 42.91 -52.76
C ILE C 468 -53.92 43.21 -52.25
N LYS C 469 -54.78 43.71 -53.12
CA LYS C 469 -56.16 44.00 -52.75
C LYS C 469 -56.92 42.74 -52.34
N PRO D 3 -48.35 15.93 -31.51
CA PRO D 3 -47.69 14.62 -31.56
C PRO D 3 -47.78 13.98 -32.94
N VAL D 4 -46.63 13.82 -33.59
CA VAL D 4 -46.54 13.17 -34.90
C VAL D 4 -45.82 11.85 -34.71
N TYR D 5 -46.45 10.77 -35.18
CA TYR D 5 -45.90 9.43 -35.03
C TYR D 5 -45.22 9.01 -36.33
N VAL D 6 -43.99 8.55 -36.21
CA VAL D 6 -43.18 8.15 -37.35
C VAL D 6 -42.88 6.67 -37.24
N ASP D 7 -42.99 5.95 -38.35
CA ASP D 7 -42.74 4.51 -38.38
C ASP D 7 -41.24 4.29 -38.49
N ILE D 8 -40.55 4.42 -37.36
CA ILE D 8 -39.12 4.16 -37.26
C ILE D 8 -38.85 3.51 -35.90
N ASP D 9 -37.68 2.90 -35.79
CA ASP D 9 -37.31 2.21 -34.56
C ASP D 9 -37.14 3.21 -33.42
N ALA D 10 -37.54 2.79 -32.22
CA ALA D 10 -37.50 3.69 -31.06
C ALA D 10 -36.07 4.07 -30.71
N ASP D 11 -35.13 3.17 -30.93
CA ASP D 11 -33.74 3.40 -30.58
C ASP D 11 -32.91 3.95 -31.75
N SER D 12 -33.56 4.24 -32.89
CA SER D 12 -32.83 4.75 -34.04
C SER D 12 -32.24 6.13 -33.75
N ALA D 13 -31.02 6.36 -34.22
CA ALA D 13 -30.37 7.64 -34.03
C ALA D 13 -30.91 8.73 -34.96
N PHE D 14 -31.70 8.36 -35.96
CA PHE D 14 -32.33 9.35 -36.82
C PHE D 14 -33.40 10.13 -36.09
N LEU D 15 -33.86 9.65 -34.93
CA LEU D 15 -34.92 10.32 -34.19
C LEU D 15 -34.48 11.70 -33.73
N LYS D 16 -33.26 11.79 -33.19
CA LYS D 16 -32.75 13.09 -32.73
C LYS D 16 -32.60 14.07 -33.89
N ALA D 17 -32.11 13.59 -35.03
CA ALA D 17 -31.98 14.44 -36.20
C ALA D 17 -33.34 14.92 -36.69
N LEU D 18 -34.34 14.04 -36.69
CA LEU D 18 -35.67 14.45 -37.12
C LEU D 18 -36.28 15.45 -36.14
N GLN D 19 -36.03 15.26 -34.84
CA GLN D 19 -36.50 16.21 -33.85
C GLN D 19 -35.86 17.58 -34.05
N ARG D 20 -34.55 17.60 -34.32
CA ARG D 20 -33.87 18.86 -34.59
C ARG D 20 -34.39 19.51 -35.86
N ALA D 21 -34.73 18.70 -36.87
CA ALA D 21 -35.22 19.25 -38.13
C ALA D 21 -36.61 19.85 -37.98
N TYR D 22 -37.43 19.30 -37.10
CA TYR D 22 -38.79 19.79 -36.87
C TYR D 22 -38.97 20.06 -35.38
N PRO D 23 -38.42 21.17 -34.88
CA PRO D 23 -38.60 21.50 -33.46
C PRO D 23 -40.03 21.86 -33.08
N MET D 24 -40.88 22.19 -34.05
CA MET D 24 -42.26 22.58 -33.77
C MET D 24 -43.19 21.40 -33.56
N PHE D 25 -42.68 20.17 -33.69
CA PHE D 25 -43.49 18.97 -33.56
C PHE D 25 -42.94 18.11 -32.43
N GLU D 26 -43.79 17.25 -31.89
CA GLU D 26 -43.38 16.24 -30.92
C GLU D 26 -43.29 14.91 -31.67
N VAL D 27 -42.07 14.53 -32.01
CA VAL D 27 -41.83 13.36 -32.86
C VAL D 27 -41.76 12.13 -31.98
N GLU D 28 -42.64 11.17 -32.23
CA GLU D 28 -42.69 9.94 -31.47
C GLU D 28 -42.54 8.74 -32.40
N PRO D 29 -41.67 7.78 -32.08
CA PRO D 29 -41.51 6.61 -32.96
C PRO D 29 -42.57 5.55 -32.67
N ARG D 30 -43.27 5.14 -33.72
CA ARG D 30 -44.27 4.08 -33.66
C ARG D 30 -43.99 3.12 -34.81
N GLN D 31 -43.10 2.16 -34.58
CA GLN D 31 -42.66 1.24 -35.62
C GLN D 31 -43.73 0.18 -35.87
N VAL D 32 -44.18 0.07 -37.11
CA VAL D 32 -45.19 -0.92 -37.47
C VAL D 32 -44.75 -1.82 -38.63
N THR D 33 -43.76 -1.44 -39.41
CA THR D 33 -43.30 -2.23 -40.55
C THR D 33 -41.78 -2.21 -40.57
N PRO D 34 -41.14 -3.26 -41.13
CA PRO D 34 -39.67 -3.30 -41.24
C PRO D 34 -39.17 -2.60 -42.50
N ASN D 35 -39.67 -1.39 -42.75
CA ASN D 35 -39.33 -0.65 -43.94
C ASN D 35 -37.84 -0.33 -43.97
N ASP D 36 -37.20 -0.55 -45.11
CA ASP D 36 -35.77 -0.25 -45.22
C ASP D 36 -35.49 1.19 -45.59
N HIS D 37 -36.40 1.87 -46.30
CA HIS D 37 -36.35 3.31 -46.45
C HIS D 37 -37.28 3.99 -45.45
N ALA D 38 -37.12 3.68 -44.16
CA ALA D 38 -38.05 4.20 -43.16
C ALA D 38 -37.79 5.67 -42.88
N ASN D 39 -36.52 6.08 -42.90
CA ASN D 39 -36.15 7.45 -42.58
C ASN D 39 -36.64 8.44 -43.65
N ALA D 40 -36.56 8.05 -44.92
CA ALA D 40 -37.03 8.92 -45.99
C ALA D 40 -38.54 9.14 -45.90
N ARG D 41 -39.29 8.07 -45.65
CA ARG D 41 -40.73 8.18 -45.47
C ARG D 41 -41.08 9.02 -44.24
N ALA D 42 -40.32 8.85 -43.15
CA ALA D 42 -40.57 9.65 -41.96
C ALA D 42 -40.34 11.13 -42.23
N PHE D 43 -39.26 11.45 -42.95
CA PHE D 43 -38.99 12.86 -43.26
C PHE D 43 -40.08 13.43 -44.15
N SER D 44 -40.53 12.66 -45.16
CA SER D 44 -41.60 13.15 -46.03
C SER D 44 -42.88 13.39 -45.26
N HIS D 45 -43.20 12.50 -44.31
CA HIS D 45 -44.39 12.67 -43.49
C HIS D 45 -44.31 13.96 -42.68
N LEU D 46 -43.21 14.16 -41.97
CA LEU D 46 -43.07 15.38 -41.19
C LEU D 46 -43.07 16.62 -42.08
N ALA D 47 -42.53 16.50 -43.29
CA ALA D 47 -42.49 17.65 -44.20
C ALA D 47 -43.89 18.04 -44.65
N ILE D 48 -44.73 17.06 -44.99
CA ILE D 48 -46.08 17.42 -45.40
C ILE D 48 -46.87 17.96 -44.21
N LYS D 49 -46.60 17.45 -43.01
CA LYS D 49 -47.24 18.04 -41.83
C LYS D 49 -46.85 19.50 -41.64
N LEU D 50 -45.56 19.82 -41.80
CA LEU D 50 -45.11 21.20 -41.68
C LEU D 50 -45.72 22.09 -42.75
N ILE D 51 -45.78 21.60 -43.99
CA ILE D 51 -46.36 22.39 -45.07
C ILE D 51 -47.83 22.67 -44.80
N GLU D 52 -48.57 21.65 -44.34
CA GLU D 52 -49.97 21.84 -44.01
C GLU D 52 -50.13 22.82 -42.86
N GLN D 53 -49.23 22.78 -41.89
CA GLN D 53 -49.27 23.75 -40.79
C GLN D 53 -49.09 25.17 -41.30
N GLU D 54 -48.18 25.36 -42.27
CA GLU D 54 -47.81 26.71 -42.69
C GLU D 54 -48.89 27.39 -43.52
N ILE D 55 -49.73 26.64 -44.23
CA ILE D 55 -50.61 27.20 -45.24
C ILE D 55 -52.01 27.41 -44.68
N ASP D 56 -52.77 28.29 -45.34
CA ASP D 56 -54.13 28.61 -44.90
C ASP D 56 -55.04 27.41 -45.18
N PRO D 57 -55.83 26.99 -44.20
CA PRO D 57 -56.72 25.83 -44.43
C PRO D 57 -57.68 26.02 -45.60
N ASP D 58 -58.14 27.25 -45.85
CA ASP D 58 -59.07 27.50 -46.94
C ASP D 58 -58.40 27.43 -48.31
N SER D 59 -57.08 27.31 -48.36
CA SER D 59 -56.37 27.21 -49.63
C SER D 59 -56.63 25.87 -50.29
N THR D 60 -56.61 25.87 -51.62
CA THR D 60 -56.66 24.66 -52.43
C THR D 60 -55.26 24.35 -52.93
N ILE D 61 -54.84 23.09 -52.78
CA ILE D 61 -53.44 22.70 -52.96
C ILE D 61 -53.35 21.76 -54.13
N LEU D 62 -52.58 22.14 -55.15
CA LEU D 62 -52.25 21.21 -56.22
C LEU D 62 -51.16 20.26 -55.74
N ASP D 63 -51.41 18.97 -55.90
CA ASP D 63 -50.43 17.94 -55.57
C ASP D 63 -49.93 17.38 -56.89
N ILE D 64 -48.77 17.87 -57.32
CA ILE D 64 -48.22 17.50 -58.62
C ILE D 64 -47.57 16.13 -58.51
N GLY D 65 -47.92 15.22 -59.43
CA GLY D 65 -47.42 13.86 -59.36
C GLY D 65 -47.84 13.21 -58.07
N SER D 66 -49.12 13.33 -57.74
CA SER D 66 -49.62 12.92 -56.43
C SER D 66 -49.66 11.40 -56.30
N ALA D 67 -49.62 10.95 -55.04
CA ALA D 67 -49.98 9.60 -54.66
C ALA D 67 -51.27 9.73 -53.84
N PRO D 68 -52.44 9.65 -54.46
CA PRO D 68 -53.66 10.13 -53.82
C PRO D 68 -54.01 9.41 -52.53
N ALA D 69 -53.52 8.20 -52.32
CA ALA D 69 -53.83 7.47 -51.10
C ALA D 69 -53.27 8.14 -49.85
N ARG D 70 -52.31 9.04 -50.01
CA ARG D 70 -51.70 9.72 -48.87
C ARG D 70 -52.42 11.01 -48.50
N ARG D 71 -53.14 11.63 -49.43
CA ARG D 71 -53.93 12.81 -49.15
C ARG D 71 -55.36 12.50 -48.75
N MET D 72 -55.74 11.22 -48.68
CA MET D 72 -57.15 10.86 -48.53
C MET D 72 -57.62 11.00 -47.09
N MET D 73 -56.71 10.98 -46.12
CA MET D 73 -57.01 11.25 -44.72
C MET D 73 -56.61 12.66 -44.30
N SER D 74 -56.70 13.62 -45.20
CA SER D 74 -56.29 15.00 -44.93
C SER D 74 -57.50 15.92 -45.01
N ASP D 75 -57.65 16.78 -44.01
CA ASP D 75 -58.72 17.77 -44.01
C ASP D 75 -58.51 18.84 -45.07
N ARG D 76 -57.30 18.98 -45.60
CA ARG D 76 -57.02 20.02 -46.58
C ARG D 76 -57.67 19.69 -47.92
N LYS D 77 -57.73 20.69 -48.79
CA LYS D 77 -58.38 20.56 -50.08
C LYS D 77 -57.32 20.29 -51.15
N TYR D 78 -57.03 19.01 -51.37
CA TYR D 78 -56.02 18.59 -52.33
C TYR D 78 -56.65 18.29 -53.68
N HIS D 79 -56.06 18.84 -54.73
CA HIS D 79 -56.34 18.43 -56.10
C HIS D 79 -55.13 17.64 -56.58
N CYS D 80 -55.32 16.35 -56.81
CA CYS D 80 -54.23 15.44 -57.11
C CYS D 80 -54.07 15.32 -58.62
N VAL D 81 -52.87 15.63 -59.11
CA VAL D 81 -52.59 15.57 -60.55
C VAL D 81 -51.84 14.28 -60.81
N CYS D 82 -52.47 13.35 -61.53
CA CYS D 82 -51.95 12.00 -61.73
C CYS D 82 -51.93 11.68 -63.22
N PRO D 83 -50.84 12.02 -63.92
CA PRO D 83 -50.76 11.73 -65.36
C PRO D 83 -50.57 10.26 -65.69
N MET D 84 -50.23 9.43 -64.70
CA MET D 84 -50.01 7.99 -64.89
C MET D 84 -48.91 7.74 -65.91
N ARG D 85 -47.73 8.31 -65.66
CA ARG D 85 -46.58 8.15 -66.54
C ARG D 85 -45.52 7.21 -65.98
N SER D 86 -45.69 6.74 -64.74
CA SER D 86 -44.75 5.82 -64.13
C SER D 86 -45.36 4.42 -64.06
N ALA D 87 -44.49 3.41 -64.08
CA ALA D 87 -44.95 2.03 -63.98
C ALA D 87 -45.41 1.66 -62.58
N GLU D 88 -45.21 2.53 -61.61
CA GLU D 88 -45.66 2.31 -60.25
C GLU D 88 -46.97 3.02 -59.95
N ASP D 89 -47.46 3.83 -60.89
CA ASP D 89 -48.68 4.61 -60.77
C ASP D 89 -49.96 3.77 -60.69
N PRO D 90 -50.13 2.74 -61.53
CA PRO D 90 -51.38 1.95 -61.41
C PRO D 90 -51.55 1.29 -60.07
N GLU D 91 -50.45 0.85 -59.46
CA GLU D 91 -50.51 0.35 -58.09
C GLU D 91 -51.04 1.41 -57.14
N ARG D 92 -50.54 2.64 -57.26
CA ARG D 92 -50.95 3.70 -56.36
C ARG D 92 -52.42 4.07 -56.57
N LEU D 93 -52.87 4.10 -57.82
CA LEU D 93 -54.28 4.35 -58.08
C LEU D 93 -55.16 3.25 -57.50
N ALA D 94 -54.76 2.00 -57.67
CA ALA D 94 -55.54 0.89 -57.11
C ALA D 94 -55.58 0.97 -55.59
N ASN D 95 -54.45 1.31 -54.97
CA ASN D 95 -54.41 1.46 -53.52
C ASN D 95 -55.33 2.59 -53.05
N TYR D 96 -55.34 3.71 -53.79
CA TYR D 96 -56.23 4.81 -53.47
C TYR D 96 -57.69 4.38 -53.55
N ALA D 97 -58.05 3.68 -54.61
CA ALA D 97 -59.43 3.24 -54.77
C ALA D 97 -59.82 2.26 -53.67
N ARG D 98 -58.94 1.32 -53.35
CA ARG D 98 -59.25 0.34 -52.30
C ARG D 98 -59.41 1.01 -50.95
N LYS D 99 -58.55 1.98 -50.63
CA LYS D 99 -58.68 2.69 -49.36
C LYS D 99 -59.97 3.53 -49.32
N LEU D 100 -60.31 4.19 -50.42
CA LEU D 100 -61.57 4.94 -50.47
C LEU D 100 -62.75 4.01 -50.23
N ALA D 101 -62.73 2.83 -50.84
CA ALA D 101 -63.79 1.86 -50.59
C ALA D 101 -63.82 1.42 -49.13
N SER D 102 -62.64 1.20 -48.54
CA SER D 102 -62.58 0.75 -47.15
C SER D 102 -62.90 1.85 -46.15
N ALA D 103 -63.05 3.11 -46.60
CA ALA D 103 -63.45 4.19 -45.70
C ALA D 103 -64.65 4.95 -46.24
N ALA D 104 -65.49 4.30 -47.04
CA ALA D 104 -66.58 5.01 -47.72
C ALA D 104 -67.66 5.45 -46.74
N GLY D 105 -68.03 4.59 -45.81
CA GLY D 105 -69.07 4.91 -44.85
C GLY D 105 -68.62 4.73 -43.42
N LYS D 106 -67.34 5.01 -43.17
CA LYS D 106 -66.75 4.90 -41.84
C LYS D 106 -66.01 6.16 -41.41
N VAL D 107 -65.45 6.93 -42.33
CA VAL D 107 -64.87 8.24 -42.03
C VAL D 107 -65.84 9.29 -42.55
N LEU D 108 -66.20 10.24 -41.68
CA LEU D 108 -67.30 11.16 -41.94
C LEU D 108 -66.85 12.52 -42.46
N ASP D 109 -65.83 13.11 -41.85
CA ASP D 109 -65.44 14.49 -42.12
C ASP D 109 -64.16 14.59 -42.95
N ARG D 110 -63.95 13.68 -43.89
CA ARG D 110 -62.80 13.70 -44.77
C ARG D 110 -63.17 13.69 -46.25
N ASN D 111 -64.44 13.96 -46.56
CA ASN D 111 -64.92 14.04 -47.95
C ASN D 111 -64.65 12.74 -48.73
N ILE D 112 -64.82 11.61 -48.05
CA ILE D 112 -64.56 10.34 -48.73
C ILE D 112 -65.58 10.10 -49.84
N SER D 113 -66.86 10.36 -49.57
CA SER D 113 -67.87 10.25 -50.60
C SER D 113 -67.56 11.15 -51.79
N GLY D 114 -67.14 12.39 -51.52
CA GLY D 114 -66.76 13.28 -52.60
C GLY D 114 -65.60 12.77 -53.41
N LYS D 115 -64.57 12.22 -52.73
CA LYS D 115 -63.41 11.69 -53.43
C LYS D 115 -63.81 10.51 -54.33
N ILE D 116 -64.65 9.61 -53.83
CA ILE D 116 -65.13 8.51 -54.67
C ILE D 116 -65.91 9.05 -55.86
N GLY D 117 -66.72 10.08 -55.64
CA GLY D 117 -67.47 10.66 -56.74
C GLY D 117 -66.57 11.23 -57.82
N ASP D 118 -65.55 11.98 -57.42
CA ASP D 118 -64.61 12.54 -58.39
C ASP D 118 -63.82 11.45 -59.10
N LEU D 119 -63.44 10.40 -58.38
CA LEU D 119 -62.70 9.31 -59.03
C LEU D 119 -63.55 8.61 -60.07
N GLN D 120 -64.82 8.32 -59.73
CA GLN D 120 -65.72 7.72 -60.71
C GLN D 120 -65.98 8.67 -61.88
N ALA D 121 -66.03 9.97 -61.61
CA ALA D 121 -66.23 10.94 -62.68
C ALA D 121 -65.07 10.91 -63.67
N VAL D 122 -63.83 10.89 -63.16
CA VAL D 122 -62.67 10.86 -64.04
C VAL D 122 -62.60 9.53 -64.79
N MET D 123 -63.00 8.43 -64.13
CA MET D 123 -63.05 7.16 -64.83
C MET D 123 -64.09 7.20 -65.96
N ALA D 124 -65.21 7.90 -65.74
CA ALA D 124 -66.23 8.00 -66.78
C ALA D 124 -65.72 8.85 -67.95
N VAL D 125 -65.43 10.13 -67.68
CA VAL D 125 -64.87 11.04 -68.66
C VAL D 125 -63.42 11.31 -68.26
N PRO D 126 -62.43 10.83 -69.01
CA PRO D 126 -61.03 10.99 -68.58
C PRO D 126 -60.57 12.43 -68.45
N ASP D 127 -61.09 13.34 -69.25
CA ASP D 127 -60.60 14.72 -69.25
C ASP D 127 -61.36 15.63 -68.29
N THR D 128 -62.37 15.13 -67.59
CA THR D 128 -63.06 15.95 -66.61
C THR D 128 -62.09 16.37 -65.50
N GLU D 129 -62.26 17.60 -65.02
CA GLU D 129 -61.36 18.19 -64.03
C GLU D 129 -62.11 18.31 -62.70
N THR D 130 -62.04 17.26 -61.91
CA THR D 130 -62.75 17.20 -60.65
C THR D 130 -61.96 17.88 -59.54
N PRO D 131 -62.65 18.31 -58.46
CA PRO D 131 -61.96 19.07 -57.41
C PRO D 131 -60.78 18.36 -56.76
N THR D 132 -60.83 17.03 -56.64
CA THR D 132 -59.81 16.31 -55.89
C THR D 132 -58.97 15.35 -56.73
N PHE D 133 -59.24 15.23 -58.02
CA PHE D 133 -58.50 14.26 -58.83
C PHE D 133 -58.59 14.64 -60.31
N CYS D 134 -57.51 14.36 -61.03
CA CYS D 134 -57.48 14.52 -62.48
C CYS D 134 -56.33 13.68 -63.02
N LEU D 135 -56.41 13.37 -64.32
CA LEU D 135 -55.42 12.55 -64.99
C LEU D 135 -54.51 13.36 -65.91
N HIS D 136 -54.37 14.65 -65.66
CA HIS D 136 -53.57 15.52 -66.50
C HIS D 136 -52.14 15.62 -65.96
N THR D 137 -51.33 16.47 -66.58
CA THR D 137 -49.98 16.74 -66.12
C THR D 137 -49.93 18.10 -65.45
N ASP D 138 -48.74 18.49 -65.01
CA ASP D 138 -48.57 19.81 -64.41
C ASP D 138 -48.82 20.93 -65.41
N VAL D 139 -48.49 20.69 -66.69
CA VAL D 139 -48.66 21.71 -67.72
C VAL D 139 -49.99 21.62 -68.43
N SER D 140 -50.76 20.54 -68.22
CA SER D 140 -52.05 20.38 -68.87
C SER D 140 -53.22 20.37 -67.89
N CYS D 141 -52.97 20.38 -66.59
CA CYS D 141 -54.06 20.50 -65.63
C CYS D 141 -54.66 21.90 -65.70
N ARG D 142 -55.98 21.97 -65.56
CA ARG D 142 -56.70 23.23 -65.67
C ARG D 142 -57.17 23.78 -64.34
N GLN D 143 -57.04 23.02 -63.26
CA GLN D 143 -57.52 23.45 -61.95
C GLN D 143 -56.66 24.59 -61.44
N ARG D 144 -57.28 25.74 -61.20
CA ARG D 144 -56.59 26.86 -60.57
C ARG D 144 -56.46 26.60 -59.07
N ALA D 145 -55.37 27.07 -58.48
CA ALA D 145 -55.13 26.84 -57.06
C ALA D 145 -54.21 27.94 -56.54
N ASP D 146 -54.00 27.93 -55.23
CA ASP D 146 -53.14 28.89 -54.56
C ASP D 146 -51.82 28.29 -54.09
N VAL D 147 -51.78 26.98 -53.85
CA VAL D 147 -50.57 26.30 -53.40
C VAL D 147 -50.33 25.09 -54.28
N ALA D 148 -49.06 24.82 -54.58
CA ALA D 148 -48.64 23.61 -55.26
C ALA D 148 -47.61 22.89 -54.40
N ILE D 149 -47.63 21.56 -54.46
CA ILE D 149 -46.71 20.74 -53.68
C ILE D 149 -46.09 19.71 -54.61
N TYR D 150 -44.76 19.64 -54.60
CA TYR D 150 -44.00 18.61 -55.30
C TYR D 150 -43.35 17.74 -54.24
N GLN D 151 -43.85 16.53 -54.04
CA GLN D 151 -43.29 15.62 -53.05
C GLN D 151 -42.60 14.47 -53.79
N ASP D 152 -41.28 14.43 -53.71
CA ASP D 152 -40.45 13.42 -54.39
C ASP D 152 -40.75 13.38 -55.88
N VAL D 153 -40.81 14.55 -56.49
CA VAL D 153 -41.01 14.69 -57.93
C VAL D 153 -39.72 15.18 -58.55
N TYR D 154 -39.10 14.34 -59.38
CA TYR D 154 -37.87 14.68 -60.06
C TYR D 154 -37.98 14.61 -61.58
N ALA D 155 -39.17 14.35 -62.11
CA ALA D 155 -39.34 14.12 -63.54
C ALA D 155 -39.80 15.35 -64.30
N VAL D 156 -39.83 16.51 -63.67
CA VAL D 156 -40.31 17.74 -64.30
C VAL D 156 -39.19 18.77 -64.29
N HIS D 157 -39.09 19.53 -65.38
CA HIS D 157 -38.25 20.71 -65.42
C HIS D 157 -38.81 21.75 -64.47
N ALA D 158 -37.99 22.23 -63.54
CA ALA D 158 -38.51 23.08 -62.47
C ALA D 158 -39.07 24.40 -62.98
N PRO D 159 -38.35 25.22 -63.75
CA PRO D 159 -38.92 26.52 -64.15
C PRO D 159 -40.18 26.40 -65.01
N THR D 160 -40.25 25.44 -65.92
CA THR D 160 -41.44 25.30 -66.75
C THR D 160 -42.65 24.90 -65.92
N SER D 161 -42.48 23.94 -65.02
CA SER D 161 -43.57 23.53 -64.15
C SER D 161 -44.01 24.67 -63.24
N LEU D 162 -43.05 25.40 -62.67
CA LEU D 162 -43.39 26.50 -61.78
C LEU D 162 -44.11 27.61 -62.53
N TYR D 163 -43.69 27.90 -63.77
CA TYR D 163 -44.39 28.91 -64.56
C TYR D 163 -45.81 28.48 -64.88
N HIS D 164 -46.00 27.20 -65.21
CA HIS D 164 -47.35 26.73 -65.51
C HIS D 164 -48.23 26.75 -64.28
N GLN D 165 -47.65 26.56 -63.09
CA GLN D 165 -48.42 26.75 -61.87
C GLN D 165 -48.74 28.21 -61.64
N ALA D 166 -47.77 29.10 -61.87
CA ALA D 166 -47.94 30.52 -61.56
C ALA D 166 -48.97 31.17 -62.46
N ILE D 167 -49.04 30.77 -63.73
CA ILE D 167 -50.07 31.33 -64.61
C ILE D 167 -51.46 30.83 -64.26
N LYS D 168 -51.55 29.87 -63.34
CA LYS D 168 -52.83 29.40 -62.82
C LYS D 168 -53.16 29.98 -61.46
N GLY D 169 -52.43 31.00 -61.03
CA GLY D 169 -52.68 31.64 -59.76
C GLY D 169 -51.95 31.05 -58.58
N VAL D 170 -51.12 30.03 -58.77
CA VAL D 170 -50.37 29.47 -57.67
C VAL D 170 -49.30 30.46 -57.24
N ARG D 171 -49.26 30.78 -55.95
CA ARG D 171 -48.36 31.79 -55.42
C ARG D 171 -47.37 31.22 -54.43
N LEU D 172 -47.57 29.97 -53.99
CA LEU D 172 -46.65 29.27 -53.11
C LEU D 172 -46.48 27.85 -53.63
N ALA D 173 -45.23 27.40 -53.71
CA ALA D 173 -44.91 26.05 -54.12
C ALA D 173 -43.93 25.45 -53.13
N TYR D 174 -44.03 24.14 -52.94
CA TYR D 174 -43.16 23.42 -52.02
C TYR D 174 -42.54 22.24 -52.75
N TRP D 175 -41.25 22.03 -52.53
CA TRP D 175 -40.53 20.90 -53.11
C TRP D 175 -39.87 20.12 -51.99
N VAL D 176 -40.27 18.87 -51.83
CA VAL D 176 -39.66 17.96 -50.86
C VAL D 176 -38.85 16.95 -51.65
N GLY D 177 -37.57 16.79 -51.32
CA GLY D 177 -36.79 15.82 -52.05
C GLY D 177 -35.35 15.80 -51.57
N PHE D 178 -34.58 14.91 -52.18
CA PHE D 178 -33.17 14.78 -51.84
C PHE D 178 -32.39 16.01 -52.28
N ASP D 179 -31.37 16.35 -51.51
CA ASP D 179 -30.55 17.52 -51.79
C ASP D 179 -29.94 17.43 -53.18
N THR D 180 -30.05 18.51 -53.94
CA THR D 180 -29.55 18.58 -55.31
C THR D 180 -28.12 19.06 -55.41
N THR D 181 -27.48 19.33 -54.27
CA THR D 181 -26.08 19.78 -54.29
C THR D 181 -25.12 18.74 -54.87
N PRO D 182 -25.19 17.46 -54.51
CA PRO D 182 -24.23 16.51 -55.09
C PRO D 182 -24.27 16.45 -56.61
N PHE D 183 -25.40 16.79 -57.22
CA PHE D 183 -25.49 16.78 -58.67
C PHE D 183 -25.06 18.09 -59.30
N MET D 184 -25.00 19.17 -58.52
CA MET D 184 -24.39 20.41 -58.98
C MET D 184 -22.88 20.31 -59.01
N TYR D 185 -22.30 19.43 -58.20
CA TYR D 185 -20.87 19.14 -58.22
C TYR D 185 -20.49 18.09 -59.26
N ASN D 186 -21.46 17.54 -59.99
CA ASN D 186 -21.22 16.60 -61.08
C ASN D 186 -20.52 15.33 -60.60
N ALA D 187 -20.91 14.83 -59.43
CA ALA D 187 -20.36 13.59 -58.91
C ALA D 187 -20.85 12.40 -59.72
N MET D 188 -20.00 11.37 -59.81
CA MET D 188 -20.37 10.17 -60.55
C MET D 188 -21.25 9.24 -59.71
N ALA D 189 -20.96 9.13 -58.42
CA ALA D 189 -21.73 8.28 -57.52
C ALA D 189 -21.79 8.97 -56.18
N GLY D 190 -22.74 8.56 -55.34
CA GLY D 190 -22.89 9.23 -54.07
C GLY D 190 -23.80 8.47 -53.14
N ALA D 191 -23.84 8.94 -51.89
CA ALA D 191 -24.65 8.33 -50.86
C ALA D 191 -25.36 9.41 -50.06
N TYR D 192 -26.61 9.14 -49.71
CA TYR D 192 -27.26 9.76 -48.58
C TYR D 192 -27.36 8.67 -47.52
N PRO D 193 -26.33 8.53 -46.67
CA PRO D 193 -26.27 7.36 -45.79
C PRO D 193 -27.31 7.35 -44.69
N SER D 194 -27.75 8.52 -44.22
CA SER D 194 -28.77 8.56 -43.18
C SER D 194 -30.09 7.97 -43.68
N TYR D 195 -30.36 8.06 -44.97
CA TYR D 195 -31.58 7.55 -45.55
C TYR D 195 -31.39 6.22 -46.26
N SER D 196 -30.25 5.58 -46.06
CA SER D 196 -29.93 4.29 -46.69
C SER D 196 -30.03 4.38 -48.19
N THR D 197 -29.65 5.54 -48.75
CA THR D 197 -29.83 5.79 -50.16
C THR D 197 -28.48 5.85 -50.85
N ASN D 198 -28.34 5.13 -51.95
CA ASN D 198 -27.12 5.16 -52.75
C ASN D 198 -27.50 5.41 -54.21
N TRP D 199 -26.81 6.36 -54.84
CA TRP D 199 -27.07 6.68 -56.23
C TRP D 199 -25.78 6.56 -57.03
N ALA D 200 -25.93 6.23 -58.31
CA ALA D 200 -24.75 6.02 -59.14
C ALA D 200 -25.08 6.32 -60.60
N ASP D 201 -24.09 6.82 -61.32
CA ASP D 201 -24.20 6.93 -62.76
C ASP D 201 -24.32 5.55 -63.37
N GLU D 202 -25.07 5.45 -64.47
CA GLU D 202 -25.26 4.15 -65.12
C GLU D 202 -23.93 3.57 -65.58
N GLN D 203 -22.94 4.41 -65.83
CA GLN D 203 -21.63 3.96 -66.30
C GLN D 203 -20.86 3.19 -65.23
N VAL D 204 -21.15 3.39 -63.95
CA VAL D 204 -20.35 2.80 -62.87
C VAL D 204 -21.16 1.80 -62.05
N LEU D 205 -22.28 1.30 -62.59
CA LEU D 205 -23.06 0.31 -61.86
C LEU D 205 -22.32 -1.01 -61.71
N LYS D 206 -21.29 -1.24 -62.52
CA LYS D 206 -20.49 -2.45 -62.43
C LYS D 206 -19.20 -2.24 -61.65
N ALA D 207 -19.15 -1.23 -60.80
CA ALA D 207 -17.99 -0.98 -59.96
C ALA D 207 -17.97 -2.02 -58.84
N LYS D 208 -17.08 -1.83 -57.87
CA LYS D 208 -16.89 -2.82 -56.82
C LYS D 208 -17.13 -2.28 -55.41
N ASN D 209 -16.79 -1.02 -55.14
CA ASN D 209 -16.77 -0.53 -53.76
C ASN D 209 -17.66 0.67 -53.49
N ILE D 210 -18.39 1.17 -54.47
CA ILE D 210 -19.38 2.22 -54.19
C ILE D 210 -20.62 1.58 -53.59
N GLY D 211 -21.54 2.41 -53.10
CA GLY D 211 -22.71 1.87 -52.42
C GLY D 211 -23.64 1.09 -53.32
N LEU D 212 -23.85 1.58 -54.54
CA LEU D 212 -24.81 1.00 -55.47
C LEU D 212 -24.04 0.43 -56.65
N CYS D 213 -23.69 -0.85 -56.58
CA CYS D 213 -22.93 -1.48 -57.66
C CYS D 213 -23.00 -3.00 -57.49
N SER D 214 -22.66 -3.68 -58.57
CA SER D 214 -22.52 -5.14 -58.56
C SER D 214 -21.47 -5.51 -59.60
N THR D 215 -20.42 -6.19 -59.17
CA THR D 215 -19.40 -6.68 -60.10
C THR D 215 -19.34 -8.20 -60.01
N ASP D 216 -18.46 -8.78 -60.81
CA ASP D 216 -18.24 -10.21 -60.84
C ASP D 216 -16.82 -10.52 -60.40
N LEU D 217 -16.57 -11.80 -60.14
CA LEU D 217 -15.24 -12.27 -59.78
C LEU D 217 -14.51 -12.70 -61.05
N THR D 218 -13.33 -12.12 -61.27
CA THR D 218 -12.55 -12.37 -62.47
C THR D 218 -11.11 -12.64 -62.09
N GLU D 219 -10.45 -13.49 -62.88
CA GLU D 219 -9.04 -13.74 -62.67
C GLU D 219 -8.15 -12.66 -63.29
N GLY D 220 -8.67 -11.91 -64.25
CA GLY D 220 -7.88 -10.85 -64.86
C GLY D 220 -7.32 -11.18 -66.22
N ARG D 221 -7.71 -10.42 -67.24
CA ARG D 221 -7.30 -10.69 -68.61
C ARG D 221 -6.89 -9.39 -69.30
N ARG D 222 -5.92 -9.49 -70.20
CA ARG D 222 -5.59 -8.40 -71.11
C ARG D 222 -6.56 -8.36 -72.28
N GLY D 223 -7.86 -8.39 -71.99
CA GLY D 223 -8.86 -8.43 -73.05
C GLY D 223 -9.92 -7.34 -72.93
N LYS D 224 -11.18 -7.77 -72.86
CA LYS D 224 -12.35 -6.90 -72.81
C LYS D 224 -12.39 -5.90 -73.97
N LEU D 225 -11.99 -6.34 -75.16
CA LEU D 225 -12.03 -5.51 -76.35
C LEU D 225 -13.46 -5.04 -76.61
N SER D 226 -13.62 -3.77 -76.99
CA SER D 226 -14.94 -3.20 -77.19
C SER D 226 -14.94 -2.31 -78.43
N ILE D 227 -16.15 -1.97 -78.88
CA ILE D 227 -16.30 -1.19 -80.10
C ILE D 227 -16.47 0.29 -79.77
N MET D 228 -16.56 0.62 -78.49
CA MET D 228 -16.74 2.02 -78.09
C MET D 228 -15.43 2.59 -77.53
N ARG D 229 -14.91 3.61 -78.21
CA ARG D 229 -13.68 4.29 -77.76
C ARG D 229 -14.03 5.16 -76.56
N GLY D 230 -14.20 4.50 -75.42
CA GLY D 230 -14.48 5.20 -74.19
C GLY D 230 -13.22 5.65 -73.50
N LYS D 231 -12.46 6.53 -74.16
CA LYS D 231 -11.25 7.10 -73.57
C LYS D 231 -11.57 8.04 -72.41
N LYS D 232 -12.83 8.44 -72.28
CA LYS D 232 -13.26 9.44 -71.31
C LYS D 232 -14.41 8.89 -70.46
N LEU D 233 -14.32 9.11 -69.15
CA LEU D 233 -15.35 8.70 -68.19
C LEU D 233 -15.87 9.94 -67.48
N GLU D 234 -16.88 10.56 -68.06
CA GLU D 234 -17.57 11.70 -67.48
C GLU D 234 -19.00 11.29 -67.13
N PRO D 235 -19.65 12.03 -66.24
CA PRO D 235 -21.02 11.64 -65.85
C PRO D 235 -22.02 11.96 -66.94
N CYS D 236 -22.85 10.97 -67.25
CA CYS D 236 -23.91 11.09 -68.23
C CYS D 236 -25.23 11.42 -67.52
N ASP D 237 -26.27 11.63 -68.32
CA ASP D 237 -27.51 12.19 -67.80
C ASP D 237 -28.25 11.20 -66.89
N ARG D 238 -28.15 9.92 -67.17
CA ARG D 238 -28.94 8.92 -66.46
C ARG D 238 -28.23 8.47 -65.19
N VAL D 239 -28.92 8.56 -64.05
CA VAL D 239 -28.43 8.03 -62.79
C VAL D 239 -29.48 7.10 -62.21
N LEU D 240 -29.04 6.21 -61.34
CA LEU D 240 -29.91 5.27 -60.65
C LEU D 240 -29.88 5.59 -59.17
N PHE D 241 -31.04 5.80 -58.58
CA PHE D 241 -31.21 5.94 -57.14
C PHE D 241 -31.70 4.62 -56.57
N SER D 242 -31.12 4.22 -55.44
CA SER D 242 -31.64 3.09 -54.67
C SER D 242 -31.90 3.63 -53.27
N VAL D 243 -33.18 3.82 -52.96
CA VAL D 243 -33.60 4.29 -51.64
C VAL D 243 -34.03 3.06 -50.87
N GLY D 244 -33.26 2.71 -49.83
CA GLY D 244 -33.43 1.40 -49.24
C GLY D 244 -33.23 0.35 -50.30
N SER D 245 -34.31 -0.27 -50.77
CA SER D 245 -34.23 -1.25 -51.83
C SER D 245 -35.14 -0.94 -53.01
N THR D 246 -35.64 0.28 -53.14
CA THR D 246 -36.46 0.65 -54.28
C THR D 246 -35.65 1.51 -55.23
N LEU D 247 -35.73 1.20 -56.52
CA LEU D 247 -34.89 1.82 -57.54
C LEU D 247 -35.68 2.83 -58.34
N TYR D 248 -35.03 3.95 -58.67
CA TYR D 248 -35.61 5.03 -59.44
C TYR D 248 -34.60 5.62 -60.42
N PRO D 249 -34.89 5.61 -61.72
CA PRO D 249 -34.01 6.30 -62.67
C PRO D 249 -34.27 7.80 -62.66
N GLU D 250 -33.18 8.57 -62.69
CA GLU D 250 -33.26 10.02 -62.68
C GLU D 250 -32.43 10.59 -63.82
N SER D 251 -32.83 11.77 -64.27
CA SER D 251 -32.11 12.54 -65.27
C SER D 251 -31.35 13.67 -64.57
N ARG D 252 -30.08 13.85 -64.94
CA ARG D 252 -29.26 14.86 -64.26
C ARG D 252 -29.79 16.26 -64.49
N LYS D 253 -30.24 16.58 -65.70
CA LYS D 253 -30.69 17.94 -65.97
C LYS D 253 -31.96 18.26 -65.19
N LEU D 254 -32.87 17.30 -65.09
CA LEU D 254 -34.08 17.53 -64.31
C LEU D 254 -33.78 17.65 -62.82
N LEU D 255 -32.80 16.88 -62.33
CA LEU D 255 -32.38 17.02 -60.94
C LEU D 255 -31.78 18.39 -60.69
N LYS D 256 -30.91 18.85 -61.60
CA LYS D 256 -30.24 20.13 -61.42
C LYS D 256 -31.16 21.32 -61.63
N SER D 257 -32.24 21.16 -62.39
CA SER D 257 -33.17 22.26 -62.60
C SER D 257 -33.80 22.71 -61.29
N TRP D 258 -33.92 21.81 -60.33
CA TRP D 258 -34.52 22.12 -59.04
C TRP D 258 -33.54 22.77 -58.07
N HIS D 259 -32.28 22.90 -58.47
CA HIS D 259 -31.31 23.70 -57.71
C HIS D 259 -31.43 25.16 -58.15
N LEU D 260 -32.52 25.78 -57.71
CA LEU D 260 -32.89 27.12 -58.12
C LEU D 260 -32.12 28.18 -57.34
N PRO D 261 -31.95 29.37 -57.91
CA PRO D 261 -31.26 30.44 -57.19
C PRO D 261 -32.15 31.03 -56.11
N SER D 262 -31.57 31.94 -55.33
CA SER D 262 -32.33 32.62 -54.29
C SER D 262 -33.50 33.39 -54.87
N VAL D 263 -33.25 34.13 -55.95
CA VAL D 263 -34.30 34.87 -56.65
C VAL D 263 -34.13 34.64 -58.15
N PHE D 264 -35.26 34.47 -58.85
CA PHE D 264 -35.21 34.31 -60.30
C PHE D 264 -36.46 34.90 -60.92
N HIS D 265 -36.46 35.00 -62.24
CA HIS D 265 -37.54 35.59 -63.00
C HIS D 265 -38.04 34.60 -64.05
N LEU D 266 -39.36 34.46 -64.13
CA LEU D 266 -40.01 33.69 -65.20
C LEU D 266 -40.67 34.70 -66.13
N LYS D 267 -40.16 34.79 -67.35
CA LYS D 267 -40.60 35.81 -68.31
C LYS D 267 -41.33 35.13 -69.47
N GLY D 268 -42.65 35.06 -69.38
CA GLY D 268 -43.43 34.50 -70.47
C GLY D 268 -44.49 35.47 -70.96
N LYS D 269 -45.67 34.96 -71.30
CA LYS D 269 -46.81 35.83 -71.56
C LYS D 269 -47.14 36.63 -70.32
N LEU D 270 -47.11 35.99 -69.16
CA LEU D 270 -47.06 36.65 -67.87
C LEU D 270 -45.64 36.53 -67.30
N SER D 271 -45.28 37.47 -66.44
N SER D 271 -45.30 37.45 -66.41
CA SER D 271 -43.97 37.50 -65.83
CA SER D 271 -43.97 37.53 -65.82
C SER D 271 -44.11 37.39 -64.32
C SER D 271 -44.10 37.41 -64.30
N PHE D 272 -43.19 36.64 -63.70
CA PHE D 272 -43.23 36.38 -62.28
C PHE D 272 -41.85 36.51 -61.67
N THR D 273 -41.78 37.04 -60.46
CA THR D 273 -40.56 37.11 -59.67
C THR D 273 -40.67 36.08 -58.56
N CYS D 274 -39.74 35.14 -58.51
CA CYS D 274 -39.84 33.98 -57.64
C CYS D 274 -38.65 33.93 -56.69
N ARG D 275 -38.90 33.47 -55.49
CA ARG D 275 -37.89 33.39 -54.43
C ARG D 275 -37.86 31.97 -53.88
N CYS D 276 -36.73 31.29 -54.03
CA CYS D 276 -36.56 29.93 -53.55
C CYS D 276 -35.81 29.95 -52.23
N ASP D 277 -36.30 29.18 -51.26
CA ASP D 277 -35.72 29.15 -49.92
C ASP D 277 -35.80 27.74 -49.38
N THR D 278 -34.69 27.25 -48.84
CA THR D 278 -34.64 25.93 -48.22
C THR D 278 -35.06 26.07 -46.76
N VAL D 279 -36.23 25.53 -46.42
CA VAL D 279 -36.81 25.75 -45.10
C VAL D 279 -36.51 24.57 -44.20
N VAL D 280 -36.30 23.38 -44.77
CA VAL D 280 -35.91 22.22 -43.98
C VAL D 280 -34.72 21.56 -44.64
N SER D 281 -33.73 21.18 -43.84
CA SER D 281 -32.53 20.52 -44.33
C SER D 281 -32.09 19.49 -43.30
N CYS D 282 -32.26 18.20 -43.61
CA CYS D 282 -31.91 17.13 -42.68
C CYS D 282 -31.10 16.09 -43.45
N GLU D 283 -29.78 16.19 -43.34
CA GLU D 283 -28.84 15.13 -43.69
C GLU D 283 -29.03 14.63 -45.12
N GLY D 284 -29.32 15.55 -46.03
CA GLY D 284 -29.48 15.23 -47.43
C GLY D 284 -30.90 15.27 -47.93
N TYR D 285 -31.89 15.49 -47.07
CA TYR D 285 -33.28 15.60 -47.49
C TYR D 285 -33.76 17.01 -47.17
N VAL D 286 -34.31 17.69 -48.16
CA VAL D 286 -34.65 19.10 -48.01
C VAL D 286 -36.12 19.35 -48.34
N VAL D 287 -36.63 20.41 -47.74
CA VAL D 287 -37.90 21.05 -48.11
C VAL D 287 -37.59 22.47 -48.51
N LYS D 288 -37.97 22.83 -49.73
CA LYS D 288 -37.75 24.13 -50.34
C LYS D 288 -39.08 24.83 -50.54
N ARG D 289 -39.09 26.14 -50.28
CA ARG D 289 -40.28 26.97 -50.41
C ARG D 289 -40.06 28.03 -51.47
N ILE D 290 -40.94 28.07 -52.46
CA ILE D 290 -40.82 28.98 -53.60
C ILE D 290 -42.06 29.88 -53.60
N THR D 291 -41.85 31.17 -53.40
CA THR D 291 -42.92 32.14 -53.57
C THR D 291 -42.90 32.67 -54.99
N MET D 292 -44.08 32.94 -55.53
CA MET D 292 -44.21 33.48 -56.87
C MET D 292 -45.07 34.73 -56.80
N SER D 293 -44.63 35.81 -57.44
CA SER D 293 -45.35 37.07 -57.41
C SER D 293 -45.38 37.67 -58.81
N PRO D 294 -46.53 38.14 -59.28
CA PRO D 294 -46.61 38.72 -60.63
C PRO D 294 -45.74 39.95 -60.77
N GLY D 295 -45.24 40.16 -61.98
CA GLY D 295 -44.40 41.28 -62.29
C GLY D 295 -42.92 40.98 -62.08
N LEU D 296 -42.09 41.85 -62.65
CA LEU D 296 -40.64 41.72 -62.55
C LEU D 296 -40.12 42.77 -61.57
N TYR D 297 -39.40 42.31 -60.55
CA TYR D 297 -38.91 43.17 -59.49
C TYR D 297 -37.48 42.81 -59.15
N GLY D 298 -36.65 43.82 -58.91
CA GLY D 298 -35.31 43.61 -58.45
C GLY D 298 -34.39 43.06 -59.54
N LYS D 299 -33.23 42.59 -59.09
CA LYS D 299 -32.22 42.04 -59.98
C LYS D 299 -31.79 40.68 -59.43
N THR D 300 -31.42 39.78 -60.34
CA THR D 300 -30.99 38.43 -59.99
C THR D 300 -29.49 38.29 -60.20
N THR D 301 -28.82 37.58 -59.29
CA THR D 301 -27.40 37.28 -59.45
C THR D 301 -27.16 35.93 -60.10
N GLY D 302 -28.13 35.02 -60.07
CA GLY D 302 -27.93 33.69 -60.58
C GLY D 302 -27.12 32.77 -59.69
N TYR D 303 -27.07 33.02 -58.40
CA TYR D 303 -26.29 32.23 -57.47
C TYR D 303 -27.22 31.43 -56.56
N ALA D 304 -26.98 30.12 -56.48
CA ALA D 304 -27.68 29.23 -55.57
C ALA D 304 -26.72 28.82 -54.46
N VAL D 305 -27.21 28.86 -53.22
CA VAL D 305 -26.38 28.67 -52.04
C VAL D 305 -26.92 27.49 -51.25
N THR D 306 -26.02 26.60 -50.83
CA THR D 306 -26.33 25.49 -49.93
C THR D 306 -25.56 25.69 -48.64
N HIS D 307 -26.26 25.73 -47.52
CA HIS D 307 -25.61 25.78 -46.22
C HIS D 307 -25.39 24.37 -45.71
N HIS D 308 -24.19 24.10 -45.20
CA HIS D 308 -23.80 22.76 -44.80
C HIS D 308 -23.84 22.68 -43.27
N ALA D 309 -24.89 22.06 -42.74
CA ALA D 309 -24.94 21.78 -41.31
C ALA D 309 -24.06 20.59 -40.96
N ASP D 310 -23.92 19.64 -41.88
CA ASP D 310 -22.99 18.54 -41.77
C ASP D 310 -21.97 18.66 -42.90
N GLY D 311 -20.84 17.99 -42.74
CA GLY D 311 -19.81 18.06 -43.76
C GLY D 311 -20.28 17.40 -45.05
N PHE D 312 -19.92 18.02 -46.17
CA PHE D 312 -20.17 17.44 -47.49
C PHE D 312 -18.83 17.16 -48.16
N LEU D 313 -18.65 15.94 -48.64
CA LEU D 313 -17.39 15.53 -49.25
C LEU D 313 -17.63 15.08 -50.68
N MET D 314 -16.80 15.56 -51.60
CA MET D 314 -16.67 14.97 -52.92
C MET D 314 -15.20 14.65 -53.11
N CYS D 315 -14.89 13.44 -53.53
CA CYS D 315 -13.51 13.01 -53.57
CA CYS D 315 -13.51 13.01 -53.57
C CYS D 315 -13.28 12.08 -54.76
N LYS D 316 -12.01 11.92 -55.12
CA LYS D 316 -11.60 10.97 -56.13
CA LYS D 316 -11.64 10.97 -56.14
C LYS D 316 -11.53 9.58 -55.53
N THR D 317 -12.15 8.61 -56.19
CA THR D 317 -12.02 7.23 -55.78
C THR D 317 -11.50 6.44 -56.99
N THR D 318 -10.63 5.48 -56.71
CA THR D 318 -10.15 4.54 -57.71
C THR D 318 -10.88 3.23 -57.48
N ASP D 319 -11.59 2.76 -58.50
CA ASP D 319 -12.39 1.55 -58.39
C ASP D 319 -12.16 0.69 -59.63
N THR D 320 -12.81 -0.45 -59.66
CA THR D 320 -12.70 -1.40 -60.76
C THR D 320 -14.10 -1.58 -61.34
N VAL D 321 -14.32 -1.03 -62.53
CA VAL D 321 -15.59 -1.15 -63.24
C VAL D 321 -15.43 -2.20 -64.32
N ASP D 322 -16.16 -3.31 -64.19
CA ASP D 322 -16.12 -4.42 -65.12
C ASP D 322 -14.69 -4.91 -65.35
N GLY D 323 -13.90 -4.90 -64.28
CA GLY D 323 -12.52 -5.33 -64.34
C GLY D 323 -11.51 -4.25 -64.61
N GLU D 324 -11.92 -3.11 -65.15
CA GLU D 324 -11.00 -2.06 -65.57
C GLU D 324 -10.85 -1.04 -64.45
N ARG D 325 -9.62 -0.72 -64.08
CA ARG D 325 -9.37 0.26 -63.03
C ARG D 325 -9.59 1.67 -63.58
N VAL D 326 -10.47 2.42 -62.92
CA VAL D 326 -10.79 3.78 -63.31
C VAL D 326 -10.87 4.63 -62.04
N SER D 327 -10.99 5.95 -62.24
CA SER D 327 -11.16 6.90 -61.15
C SER D 327 -12.37 7.78 -61.45
N PHE D 328 -13.19 8.01 -60.43
CA PHE D 328 -14.33 8.91 -60.59
C PHE D 328 -14.61 9.58 -59.25
N SER D 329 -15.41 10.64 -59.30
CA SER D 329 -15.75 11.40 -58.09
C SER D 329 -16.94 10.76 -57.38
N VAL D 330 -16.84 10.69 -56.06
CA VAL D 330 -17.84 10.12 -55.17
C VAL D 330 -18.14 11.12 -54.08
N CYS D 331 -19.42 11.37 -53.82
CA CYS D 331 -19.85 12.35 -52.83
C CYS D 331 -20.57 11.66 -51.67
N THR D 332 -20.59 12.35 -50.53
CA THR D 332 -21.20 11.82 -49.31
C THR D 332 -21.38 12.94 -48.30
N TYR D 333 -22.13 12.64 -47.24
CA TYR D 333 -22.31 13.51 -46.09
C TYR D 333 -21.68 12.89 -44.86
N VAL D 334 -21.05 13.73 -44.05
CA VAL D 334 -20.34 13.31 -42.84
C VAL D 334 -20.96 14.05 -41.66
N PRO D 335 -21.30 13.36 -40.57
CA PRO D 335 -21.83 14.04 -39.39
C PRO D 335 -20.92 15.17 -38.93
N ALA D 336 -21.53 16.25 -38.43
CA ALA D 336 -20.76 17.41 -38.03
C ALA D 336 -19.88 17.13 -36.83
N THR D 337 -20.30 16.23 -35.94
CA THR D 337 -19.46 15.87 -34.81
C THR D 337 -18.19 15.16 -35.25
N ILE D 338 -18.30 14.27 -36.25
CA ILE D 338 -17.13 13.61 -36.80
C ILE D 338 -16.21 14.63 -37.46
N CYS D 339 -16.79 15.57 -38.21
CA CYS D 339 -15.99 16.59 -38.88
C CYS D 339 -15.24 17.47 -37.87
N ASP D 340 -15.92 17.83 -36.76
CA ASP D 340 -15.26 18.62 -35.73
C ASP D 340 -14.16 17.83 -35.03
N GLN D 341 -14.38 16.52 -34.83
CA GLN D 341 -13.40 15.71 -34.12
C GLN D 341 -12.16 15.41 -34.95
N MET D 342 -12.18 15.72 -36.25
CA MET D 342 -11.03 15.49 -37.11
C MET D 342 -10.26 16.76 -37.42
N THR D 343 -10.60 17.89 -36.78
CA THR D 343 -9.95 19.16 -37.07
C THR D 343 -8.47 19.12 -36.68
N GLY D 344 -8.17 18.57 -35.51
CA GLY D 344 -6.78 18.51 -35.07
C GLY D 344 -5.94 17.56 -35.90
N ILE D 345 -6.51 16.42 -36.30
CA ILE D 345 -5.77 15.44 -37.08
C ILE D 345 -5.42 15.97 -38.47
N LEU D 346 -6.33 16.71 -39.09
CA LEU D 346 -6.11 17.18 -40.45
C LEU D 346 -5.18 18.38 -40.50
N ALA D 347 -4.54 18.75 -39.38
CA ALA D 347 -3.53 19.80 -39.42
C ALA D 347 -2.22 19.30 -40.00
N THR D 348 -2.05 17.99 -40.09
CA THR D 348 -0.86 17.34 -40.61
C THR D 348 -1.26 16.41 -41.75
N GLU D 349 -0.26 15.93 -42.49
CA GLU D 349 -0.50 14.91 -43.49
C GLU D 349 -0.72 13.58 -42.81
N VAL D 350 -1.88 12.98 -43.05
CA VAL D 350 -2.24 11.71 -42.44
C VAL D 350 -2.47 10.70 -43.56
N THR D 351 -1.99 9.49 -43.37
CA THR D 351 -2.23 8.43 -44.32
C THR D 351 -3.70 8.02 -44.26
N PRO D 352 -4.25 7.51 -45.37
CA PRO D 352 -5.65 7.06 -45.34
C PRO D 352 -5.90 5.94 -44.35
N GLU D 353 -4.90 5.11 -44.06
CA GLU D 353 -5.07 4.05 -43.08
C GLU D 353 -5.17 4.59 -41.66
N ASP D 354 -4.28 5.52 -41.30
CA ASP D 354 -4.39 6.15 -39.99
C ASP D 354 -5.68 6.94 -39.86
N ALA D 355 -6.07 7.65 -40.92
CA ALA D 355 -7.32 8.39 -40.90
C ALA D 355 -8.51 7.46 -40.73
N GLN D 356 -8.50 6.31 -41.40
CA GLN D 356 -9.61 5.37 -41.26
C GLN D 356 -9.65 4.76 -39.88
N LYS D 357 -8.49 4.45 -39.30
CA LYS D 357 -8.47 3.93 -37.94
C LYS D 357 -8.99 4.97 -36.95
N LEU D 358 -8.62 6.24 -37.14
CA LEU D 358 -9.16 7.30 -36.29
C LEU D 358 -10.67 7.45 -36.46
N LEU D 359 -11.16 7.39 -37.70
CA LEU D 359 -12.59 7.50 -37.94
C LEU D 359 -13.35 6.36 -37.31
N VAL D 360 -12.81 5.14 -37.40
CA VAL D 360 -13.42 4.00 -36.74
C VAL D 360 -13.41 4.20 -35.23
N GLY D 361 -12.35 4.80 -34.70
CA GLY D 361 -12.32 5.10 -33.27
C GLY D 361 -13.40 6.08 -32.86
N LEU D 362 -13.57 7.17 -33.62
CA LEU D 362 -14.59 8.15 -33.29
C LEU D 362 -16.00 7.60 -33.48
N ASN D 363 -16.16 6.56 -34.29
CA ASN D 363 -17.43 5.90 -34.51
C ASN D 363 -17.69 4.79 -33.48
N GLN D 364 -17.00 4.83 -32.35
CA GLN D 364 -17.06 3.78 -31.34
C GLN D 364 -16.70 2.41 -31.91
N THR D 376 -22.72 0.72 -31.49
CA THR D 376 -23.42 1.81 -32.15
C THR D 376 -22.45 2.60 -33.03
N ASN D 377 -22.99 3.24 -34.08
CA ASN D 377 -22.19 3.95 -35.06
C ASN D 377 -22.81 5.29 -35.38
N THR D 378 -22.04 6.37 -35.24
CA THR D 378 -22.50 7.68 -35.64
C THR D 378 -22.76 7.76 -37.14
N MET D 379 -21.86 7.24 -37.96
CA MET D 379 -22.05 7.21 -39.39
CA MET D 379 -22.02 7.21 -39.40
C MET D 379 -21.91 5.78 -39.89
N LYS D 380 -22.44 5.54 -41.09
CA LYS D 380 -22.35 4.22 -41.71
C LYS D 380 -20.91 3.85 -41.97
N ASN D 381 -20.56 2.59 -41.71
CA ASN D 381 -19.19 2.16 -41.86
C ASN D 381 -18.80 1.95 -43.31
N TYR D 382 -19.75 1.59 -44.17
CA TYR D 382 -19.43 1.33 -45.58
C TYR D 382 -18.91 2.58 -46.28
N MET D 383 -19.17 3.76 -45.73
CA MET D 383 -18.67 5.00 -46.31
C MET D 383 -17.38 5.47 -45.65
N ILE D 384 -16.97 4.83 -44.56
CA ILE D 384 -15.79 5.30 -43.82
C ILE D 384 -14.51 5.24 -44.66
N PRO D 385 -14.21 4.15 -45.39
CA PRO D 385 -12.95 4.13 -46.16
C PRO D 385 -12.77 5.31 -47.10
N VAL D 386 -13.69 5.51 -48.04
CA VAL D 386 -13.53 6.58 -49.01
C VAL D 386 -13.43 7.93 -48.30
N VAL D 387 -14.26 8.13 -47.26
CA VAL D 387 -14.18 9.36 -46.48
C VAL D 387 -12.78 9.54 -45.92
N ALA D 388 -12.25 8.49 -45.30
CA ALA D 388 -10.87 8.52 -44.81
C ALA D 388 -9.93 8.95 -45.92
N GLN D 389 -10.02 8.27 -47.07
CA GLN D 389 -9.19 8.63 -48.20
C GLN D 389 -9.36 10.10 -48.52
N ALA D 390 -10.61 10.54 -48.66
CA ALA D 390 -10.90 11.95 -48.91
C ALA D 390 -10.16 12.82 -47.92
N PHE D 391 -10.35 12.57 -46.63
CA PHE D 391 -9.75 13.43 -45.62
C PHE D 391 -8.25 13.49 -45.83
N SER D 392 -7.64 12.32 -46.02
CA SER D 392 -6.19 12.27 -46.21
C SER D 392 -5.77 13.19 -47.35
N LYS D 393 -6.41 13.03 -48.51
CA LYS D 393 -6.06 13.85 -49.66
C LYS D 393 -6.22 15.31 -49.31
N TRP D 394 -7.36 15.67 -48.69
CA TRP D 394 -7.60 17.06 -48.34
C TRP D 394 -6.47 17.58 -47.48
N ALA D 395 -6.10 16.83 -46.45
CA ALA D 395 -5.02 17.29 -45.57
C ALA D 395 -3.78 17.60 -46.39
N LYS D 396 -3.39 16.66 -47.24
CA LYS D 396 -2.19 16.85 -48.06
C LYS D 396 -2.31 18.13 -48.87
N GLU D 397 -3.45 18.32 -49.54
CA GLU D 397 -3.59 19.49 -50.40
C GLU D 397 -3.42 20.77 -49.60
N CYS D 398 -3.96 20.81 -48.38
CA CYS D 398 -3.83 22.01 -47.57
C CYS D 398 -2.36 22.34 -47.33
N ARG D 399 -1.56 21.32 -47.00
CA ARG D 399 -0.14 21.55 -46.78
C ARG D 399 0.50 22.13 -48.04
N LYS D 400 0.16 21.60 -49.21
CA LYS D 400 0.71 22.14 -50.44
C LYS D 400 0.41 23.63 -50.54
N ASP D 401 -0.82 24.01 -50.23
CA ASP D 401 -1.18 25.42 -50.30
C ASP D 401 -0.31 26.26 -49.38
N MET D 402 0.02 25.72 -48.19
CA MET D 402 0.88 26.46 -47.28
C MET D 402 2.32 26.45 -47.75
N GLU D 403 2.74 25.39 -48.44
CA GLU D 403 4.12 25.35 -48.91
C GLU D 403 4.33 26.29 -50.09
N ASP D 404 3.39 26.31 -51.02
CA ASP D 404 3.48 27.21 -52.18
C ASP D 404 2.76 28.54 -51.89
N GLU D 405 3.28 29.24 -50.89
CA GLU D 405 2.73 30.54 -50.52
C GLU D 405 3.06 31.57 -51.60
N LYS D 406 2.02 32.22 -52.12
CA LYS D 406 2.16 33.18 -53.21
C LYS D 406 2.19 34.61 -52.66
N LEU D 407 2.29 35.57 -53.56
CA LEU D 407 2.33 36.98 -53.20
C LEU D 407 0.95 37.59 -53.35
N LEU D 408 0.64 38.59 -52.52
CA LEU D 408 -0.64 39.29 -52.60
C LEU D 408 -0.72 40.14 -53.86
N GLY D 409 -1.91 40.16 -54.47
CA GLY D 409 -2.16 41.00 -55.62
C GLY D 409 -1.45 40.60 -56.88
N VAL D 410 -0.94 39.37 -56.95
CA VAL D 410 -0.19 38.90 -58.11
C VAL D 410 -0.84 37.62 -58.63
N ARG D 411 -0.57 37.32 -59.90
CA ARG D 411 -1.08 36.12 -60.53
C ARG D 411 -0.13 35.78 -61.69
N GLU D 412 0.73 34.79 -61.49
CA GLU D 412 1.78 34.49 -62.46
C GLU D 412 1.16 33.91 -63.73
N ARG D 413 1.49 34.52 -64.87
CA ARG D 413 0.98 34.07 -66.16
C ARG D 413 2.12 33.99 -67.16
N THR D 414 2.00 33.04 -68.08
CA THR D 414 3.02 32.77 -69.08
C THR D 414 2.43 32.85 -70.48
N LEU D 415 3.10 33.59 -71.36
CA LEU D 415 2.62 33.78 -72.73
C LEU D 415 2.93 32.55 -73.58
N THR D 416 2.14 32.35 -74.62
CA THR D 416 2.24 31.21 -75.52
C THR D 416 2.31 31.65 -76.97
N CYS D 417 3.15 32.68 -77.23
CA CYS D 417 3.33 33.22 -78.58
C CYS D 417 2.01 33.63 -79.21
N CYS D 418 1.15 34.26 -78.43
CA CYS D 418 -0.15 34.72 -78.90
C CYS D 418 -0.66 35.78 -77.94
N CYS D 419 -1.85 36.30 -78.25
CA CYS D 419 -2.51 37.20 -77.31
C CYS D 419 -3.29 36.37 -76.29
N LEU D 420 -2.63 35.38 -75.70
CA LEU D 420 -3.20 34.53 -74.66
C LEU D 420 -2.09 34.07 -73.74
N TRP D 421 -2.43 33.88 -72.47
CA TRP D 421 -1.47 33.61 -71.41
C TRP D 421 -2.04 32.51 -70.51
N ALA D 422 -1.25 31.47 -70.29
CA ALA D 422 -1.67 30.34 -69.48
C ALA D 422 -1.02 30.41 -68.09
N PHE D 423 -1.34 29.43 -67.25
CA PHE D 423 -0.77 29.29 -65.92
C PHE D 423 -0.98 27.85 -65.48
N LYS D 424 -0.53 27.55 -64.27
CA LYS D 424 -0.58 26.19 -63.75
C LYS D 424 -1.83 26.00 -62.90
N LYS D 425 -2.65 25.02 -63.28
CA LYS D 425 -3.81 24.63 -62.49
C LYS D 425 -3.42 23.48 -61.57
N GLN D 426 -3.43 23.73 -60.27
CA GLN D 426 -3.06 22.70 -59.31
C GLN D 426 -4.12 21.61 -59.24
N LYS D 427 -3.71 20.44 -58.76
CA LYS D 427 -4.60 19.29 -58.72
C LYS D 427 -5.46 19.33 -57.47
N THR D 428 -6.74 19.01 -57.64
CA THR D 428 -7.73 19.03 -56.58
C THR D 428 -8.48 17.70 -56.57
N HIS D 429 -8.17 16.86 -55.61
CA HIS D 429 -8.79 15.55 -55.50
C HIS D 429 -9.85 15.48 -54.41
N THR D 430 -10.15 16.59 -53.74
CA THR D 430 -11.14 16.58 -52.67
C THR D 430 -11.75 17.97 -52.54
N VAL D 431 -13.08 18.03 -52.58
CA VAL D 431 -13.85 19.19 -52.15
C VAL D 431 -14.47 18.82 -50.81
N TYR D 432 -14.16 19.60 -49.78
CA TYR D 432 -14.61 19.34 -48.41
C TYR D 432 -15.29 20.59 -47.89
N LYS D 433 -16.63 20.59 -47.91
CA LYS D 433 -17.41 21.67 -47.33
C LYS D 433 -17.67 21.32 -45.87
N ARG D 434 -16.95 21.97 -44.96
CA ARG D 434 -17.07 21.68 -43.55
C ARG D 434 -18.40 22.21 -43.02
N PRO D 435 -18.84 21.72 -41.86
CA PRO D 435 -20.05 22.28 -41.26
C PRO D 435 -19.93 23.78 -41.05
N ASP D 436 -21.03 24.48 -41.31
CA ASP D 436 -21.15 25.94 -41.23
C ASP D 436 -20.46 26.67 -42.38
N THR D 437 -20.27 26.00 -43.51
CA THR D 437 -19.84 26.65 -44.74
C THR D 437 -21.00 26.64 -45.74
N GLN D 438 -20.77 27.29 -46.88
CA GLN D 438 -21.80 27.39 -47.90
C GLN D 438 -21.19 27.14 -49.27
N SER D 439 -21.85 26.28 -50.04
CA SER D 439 -21.57 26.13 -51.46
C SER D 439 -22.33 27.21 -52.23
N ILE D 440 -21.67 27.82 -53.20
CA ILE D 440 -22.29 28.82 -54.05
C ILE D 440 -22.04 28.46 -55.51
N GLN D 441 -23.11 28.31 -56.28
CA GLN D 441 -23.04 27.87 -57.66
C GLN D 441 -23.74 28.87 -58.55
N LYS D 442 -23.16 29.19 -59.70
CA LYS D 442 -23.80 30.08 -60.66
C LYS D 442 -24.72 29.25 -61.55
N VAL D 443 -26.02 29.52 -61.48
CA VAL D 443 -27.03 28.83 -62.26
C VAL D 443 -27.85 29.87 -63.01
N GLN D 444 -28.70 29.38 -63.91
CA GLN D 444 -29.59 30.28 -64.64
C GLN D 444 -30.62 30.88 -63.70
N ALA D 445 -30.91 32.16 -63.89
CA ALA D 445 -31.90 32.86 -63.08
C ALA D 445 -32.92 33.64 -63.89
N GLU D 446 -32.82 33.62 -65.21
CA GLU D 446 -33.74 34.32 -66.11
C GLU D 446 -34.30 33.32 -67.08
N PHE D 447 -35.50 32.81 -66.80
CA PHE D 447 -36.17 31.82 -67.64
C PHE D 447 -37.23 32.50 -68.49
N ASP D 448 -37.17 32.28 -69.79
CA ASP D 448 -38.14 32.87 -70.71
C ASP D 448 -38.59 31.93 -71.82
N SER D 449 -38.18 30.67 -71.82
CA SER D 449 -38.55 29.73 -72.87
C SER D 449 -39.19 28.50 -72.21
N PHE D 450 -40.49 28.62 -71.91
CA PHE D 450 -41.27 27.52 -71.38
C PHE D 450 -42.10 26.83 -72.46
N VAL D 451 -41.99 27.29 -73.71
CA VAL D 451 -42.78 26.71 -74.80
C VAL D 451 -42.26 25.37 -75.25
N VAL D 452 -41.07 24.97 -74.80
CA VAL D 452 -40.49 23.67 -75.13
C VAL D 452 -41.40 22.54 -74.64
N SER D 458 -54.03 11.74 -71.30
CA SER D 458 -54.61 10.55 -71.92
C SER D 458 -53.67 9.35 -71.81
N GLY D 459 -53.44 8.90 -70.59
CA GLY D 459 -52.53 7.78 -70.37
C GLY D 459 -53.10 6.68 -69.49
N LEU D 460 -54.39 6.41 -69.63
CA LEU D 460 -55.07 5.40 -68.84
C LEU D 460 -55.84 4.45 -69.76
N SER D 461 -55.68 3.15 -69.54
CA SER D 461 -56.25 2.13 -70.40
C SER D 461 -57.65 1.75 -69.92
N ILE D 462 -58.39 1.05 -70.79
CA ILE D 462 -59.76 0.66 -70.45
C ILE D 462 -59.82 -0.42 -69.37
N PRO D 463 -59.01 -1.50 -69.43
CA PRO D 463 -59.01 -2.45 -68.33
C PRO D 463 -58.73 -1.85 -66.96
N LEU D 464 -57.81 -0.89 -66.86
CA LEU D 464 -57.59 -0.23 -65.58
C LEU D 464 -58.81 0.60 -65.17
N ARG D 465 -59.48 1.21 -66.15
CA ARG D 465 -60.72 1.93 -65.86
C ARG D 465 -61.78 1.00 -65.27
N THR D 466 -61.93 -0.19 -65.85
CA THR D 466 -62.89 -1.14 -65.32
C THR D 466 -62.50 -1.61 -63.94
N ARG D 467 -61.20 -1.86 -63.72
CA ARG D 467 -60.75 -2.31 -62.40
C ARG D 467 -61.00 -1.25 -61.34
N ILE D 468 -60.72 0.01 -61.65
CA ILE D 468 -60.86 1.09 -60.65
C ILE D 468 -62.31 1.20 -60.18
N LYS D 469 -63.25 1.03 -61.10
CA LYS D 469 -64.67 1.07 -60.75
C LYS D 469 -65.04 -0.03 -59.75
N PRO E 3 -49.96 -12.12 -30.53
CA PRO E 3 -48.99 -13.13 -30.09
C PRO E 3 -48.88 -14.29 -31.07
N VAL E 4 -47.72 -14.41 -31.72
CA VAL E 4 -47.43 -15.49 -32.64
C VAL E 4 -46.38 -16.39 -31.99
N TYR E 5 -46.68 -17.68 -31.93
CA TYR E 5 -45.80 -18.66 -31.29
C TYR E 5 -44.99 -19.39 -32.35
N VAL E 6 -43.69 -19.48 -32.12
CA VAL E 6 -42.75 -20.08 -33.07
C VAL E 6 -42.05 -21.24 -32.39
N ASP E 7 -41.94 -22.36 -33.11
CA ASP E 7 -41.24 -23.54 -32.62
C ASP E 7 -39.74 -23.33 -32.76
N ILE E 8 -39.17 -22.56 -31.83
CA ILE E 8 -37.72 -22.37 -31.74
C ILE E 8 -37.35 -22.28 -30.27
N ASP E 9 -36.06 -22.48 -30.01
CA ASP E 9 -35.56 -22.46 -28.64
C ASP E 9 -35.71 -21.07 -28.04
N ALA E 10 -36.00 -21.03 -26.74
CA ALA E 10 -36.25 -19.75 -26.07
C ALA E 10 -34.99 -18.91 -26.00
N ASP E 11 -33.82 -19.56 -26.01
CA ASP E 11 -32.54 -18.87 -25.93
C ASP E 11 -31.90 -18.64 -27.29
N SER E 12 -32.57 -19.01 -28.37
CA SER E 12 -31.98 -18.86 -29.70
C SER E 12 -31.83 -17.40 -30.06
N ALA E 13 -30.70 -17.06 -30.70
CA ALA E 13 -30.44 -15.70 -31.12
C ALA E 13 -31.25 -15.29 -32.34
N PHE E 14 -31.84 -16.25 -33.05
CA PHE E 14 -32.72 -15.94 -34.17
C PHE E 14 -33.99 -15.24 -33.72
N LEU E 15 -34.32 -15.30 -32.43
CA LEU E 15 -35.52 -14.66 -31.92
C LEU E 15 -35.48 -13.15 -32.14
N LYS E 16 -34.34 -12.52 -31.83
CA LYS E 16 -34.21 -11.08 -32.02
C LYS E 16 -34.30 -10.71 -33.49
N ALA E 17 -33.69 -11.50 -34.37
CA ALA E 17 -33.77 -11.24 -35.79
C ALA E 17 -35.21 -11.35 -36.29
N LEU E 18 -35.95 -12.36 -35.82
CA LEU E 18 -37.34 -12.51 -36.21
C LEU E 18 -38.18 -11.35 -35.69
N GLN E 19 -37.91 -10.91 -34.47
CA GLN E 19 -38.65 -9.78 -33.90
C GLN E 19 -38.41 -8.52 -34.71
N ARG E 20 -37.15 -8.27 -35.10
CA ARG E 20 -36.85 -7.11 -35.92
C ARG E 20 -37.48 -7.22 -37.31
N ALA E 21 -37.53 -8.44 -37.86
CA ALA E 21 -38.12 -8.61 -39.18
C ALA E 21 -39.63 -8.45 -39.14
N TYR E 22 -40.25 -8.70 -37.99
CA TYR E 22 -41.70 -8.65 -37.85
C TYR E 22 -42.04 -7.80 -36.64
N PRO E 23 -41.85 -6.48 -36.73
CA PRO E 23 -42.13 -5.61 -35.58
C PRO E 23 -43.61 -5.52 -35.25
N MET E 24 -44.50 -5.90 -36.16
CA MET E 24 -45.94 -5.79 -35.97
C MET E 24 -46.53 -6.96 -35.19
N PHE E 25 -45.72 -7.95 -34.84
CA PHE E 25 -46.17 -9.12 -34.09
C PHE E 25 -45.40 -9.23 -32.79
N GLU E 26 -45.99 -9.92 -31.83
CA GLU E 26 -45.30 -10.30 -30.59
C GLU E 26 -44.86 -11.75 -30.76
N VAL E 27 -43.57 -11.95 -30.99
CA VAL E 27 -43.03 -13.27 -31.30
C VAL E 27 -42.63 -13.96 -30.00
N GLU E 28 -43.18 -15.15 -29.77
CA GLU E 28 -42.93 -15.90 -28.56
C GLU E 28 -42.45 -17.30 -28.91
N PRO E 29 -41.35 -17.76 -28.32
CA PRO E 29 -40.86 -19.12 -28.63
C PRO E 29 -41.63 -20.17 -27.86
N ARG E 30 -42.14 -21.17 -28.59
CA ARG E 30 -42.79 -22.35 -28.00
C ARG E 30 -42.17 -23.59 -28.64
N GLN E 31 -41.07 -24.06 -28.07
CA GLN E 31 -40.37 -25.22 -28.62
C GLN E 31 -41.16 -26.49 -28.34
N VAL E 32 -41.51 -27.23 -29.40
CA VAL E 32 -42.20 -28.49 -29.24
C VAL E 32 -41.50 -29.65 -29.96
N THR E 33 -40.62 -29.39 -30.91
CA THR E 33 -39.92 -30.42 -31.66
C THR E 33 -38.47 -30.00 -31.83
N PRO E 34 -37.54 -30.97 -31.98
CA PRO E 34 -36.13 -30.66 -32.19
C PRO E 34 -35.78 -30.47 -33.67
N ASN E 35 -36.55 -29.64 -34.36
CA ASN E 35 -36.40 -29.46 -35.80
C ASN E 35 -35.06 -28.83 -36.12
N ASP E 36 -34.35 -29.39 -37.11
CA ASP E 36 -33.06 -28.83 -37.49
C ASP E 36 -33.17 -27.71 -38.51
N HIS E 37 -34.37 -27.43 -39.02
CA HIS E 37 -34.62 -26.25 -39.84
C HIS E 37 -35.75 -25.43 -39.21
N ALA E 38 -35.68 -25.27 -37.89
CA ALA E 38 -36.73 -24.59 -37.15
C ALA E 38 -36.84 -23.12 -37.54
N ASN E 39 -35.70 -22.48 -37.83
CA ASN E 39 -35.69 -21.06 -38.16
C ASN E 39 -36.40 -20.79 -39.49
N ALA E 40 -36.17 -21.64 -40.49
CA ALA E 40 -36.84 -21.45 -41.78
C ALA E 40 -38.35 -21.61 -41.66
N ARG E 41 -38.79 -22.61 -40.89
CA ARG E 41 -40.22 -22.82 -40.69
C ARG E 41 -40.82 -21.67 -39.88
N ALA E 42 -40.10 -21.16 -38.90
CA ALA E 42 -40.58 -20.01 -38.14
C ALA E 42 -40.75 -18.79 -39.03
N PHE E 43 -39.78 -18.54 -39.90
CA PHE E 43 -39.90 -17.41 -40.81
C PHE E 43 -41.08 -17.58 -41.76
N SER E 44 -41.28 -18.79 -42.28
CA SER E 44 -42.43 -19.03 -43.18
C SER E 44 -43.75 -18.82 -42.45
N HIS E 45 -43.83 -19.28 -41.21
CA HIS E 45 -45.04 -19.07 -40.39
C HIS E 45 -45.33 -17.57 -40.25
N LEU E 46 -44.32 -16.80 -39.85
CA LEU E 46 -44.54 -15.38 -39.63
C LEU E 46 -44.86 -14.67 -40.94
N ALA E 47 -44.28 -15.15 -42.05
CA ALA E 47 -44.54 -14.55 -43.35
C ALA E 47 -45.99 -14.76 -43.78
N ILE E 48 -46.51 -15.98 -43.59
CA ILE E 48 -47.91 -16.20 -43.96
C ILE E 48 -48.84 -15.41 -43.04
N LYS E 49 -48.45 -15.23 -41.77
CA LYS E 49 -49.24 -14.37 -40.90
C LYS E 49 -49.26 -12.93 -41.40
N LEU E 50 -48.11 -12.42 -41.84
CA LEU E 50 -48.06 -11.08 -42.42
C LEU E 50 -48.94 -10.96 -43.65
N ILE E 51 -48.86 -11.94 -44.55
CA ILE E 51 -49.65 -11.89 -45.78
C ILE E 51 -51.14 -11.93 -45.46
N GLU E 52 -51.55 -12.76 -44.51
CA GLU E 52 -52.95 -12.78 -44.11
C GLU E 52 -53.37 -11.45 -43.50
N GLN E 53 -52.49 -10.82 -42.72
CA GLN E 53 -52.82 -9.53 -42.13
C GLN E 53 -53.00 -8.46 -43.20
N GLU E 54 -52.21 -8.51 -44.27
CA GLU E 54 -52.20 -7.42 -45.24
C GLU E 54 -53.40 -7.45 -46.18
N ILE E 55 -53.92 -8.63 -46.50
CA ILE E 55 -54.91 -8.79 -47.56
C ILE E 55 -56.32 -8.74 -46.98
N ASP E 56 -57.28 -8.45 -47.85
CA ASP E 56 -58.68 -8.33 -47.43
C ASP E 56 -59.24 -9.70 -47.07
N PRO E 57 -59.96 -9.83 -45.95
CA PRO E 57 -60.50 -11.13 -45.56
C PRO E 57 -61.43 -11.76 -46.58
N ASP E 58 -62.17 -10.95 -47.34
CA ASP E 58 -63.10 -11.50 -48.33
C ASP E 58 -62.41 -11.94 -49.61
N SER E 59 -61.10 -11.73 -49.72
CA SER E 59 -60.36 -12.17 -50.89
C SER E 59 -60.24 -13.69 -50.91
N THR E 60 -60.19 -14.25 -52.11
CA THR E 60 -59.88 -15.65 -52.34
C THR E 60 -58.43 -15.76 -52.79
N ILE E 61 -57.68 -16.66 -52.16
CA ILE E 61 -56.24 -16.71 -52.30
C ILE E 61 -55.85 -18.01 -52.97
N LEU E 62 -55.19 -17.93 -54.12
CA LEU E 62 -54.58 -19.10 -54.72
C LEU E 62 -53.31 -19.44 -53.97
N ASP E 63 -53.16 -20.71 -53.60
CA ASP E 63 -51.94 -21.21 -52.97
C ASP E 63 -51.28 -22.13 -53.99
N ILE E 64 -50.30 -21.59 -54.69
CA ILE E 64 -49.63 -22.33 -55.76
C ILE E 64 -48.63 -23.29 -55.15
N GLY E 65 -48.69 -24.55 -55.56
CA GLY E 65 -47.83 -25.57 -54.99
C GLY E 65 -48.10 -25.71 -53.50
N SER E 66 -49.38 -25.80 -53.15
CA SER E 66 -49.78 -25.71 -51.76
C SER E 66 -49.42 -26.97 -50.99
N ALA E 67 -49.26 -26.79 -49.67
CA ALA E 67 -49.26 -27.88 -48.69
C ALA E 67 -50.56 -27.72 -47.91
N PRO E 68 -51.64 -28.39 -48.31
CA PRO E 68 -52.97 -28.02 -47.82
C PRO E 68 -53.13 -28.18 -46.32
N ALA E 69 -52.32 -29.01 -45.66
CA ALA E 69 -52.44 -29.19 -44.24
C ALA E 69 -52.11 -27.93 -43.45
N ARG E 70 -51.41 -26.97 -44.05
CA ARG E 70 -51.06 -25.74 -43.36
C ARG E 70 -52.11 -24.65 -43.53
N ARG E 71 -52.96 -24.75 -44.54
CA ARG E 71 -54.08 -23.82 -44.72
C ARG E 71 -55.39 -24.36 -44.17
N MET E 72 -55.35 -25.30 -43.21
CA MET E 72 -56.59 -25.98 -42.81
C MET E 72 -57.07 -25.49 -41.45
N MET E 73 -56.23 -24.78 -40.69
CA MET E 73 -56.66 -23.97 -39.55
C MET E 73 -56.73 -22.48 -39.88
N SER E 74 -57.04 -22.13 -41.12
CA SER E 74 -57.04 -20.74 -41.54
C SER E 74 -58.47 -20.29 -41.85
N ASP E 75 -58.81 -19.08 -41.40
CA ASP E 75 -60.14 -18.54 -41.67
C ASP E 75 -60.24 -17.95 -43.07
N ARG E 76 -59.12 -17.81 -43.78
CA ARG E 76 -59.14 -17.24 -45.12
C ARG E 76 -59.65 -18.29 -46.12
N LYS E 77 -59.98 -17.81 -47.32
CA LYS E 77 -60.51 -18.67 -48.37
C LYS E 77 -59.38 -19.06 -49.31
N TYR E 78 -58.73 -20.18 -49.00
CA TYR E 78 -57.58 -20.67 -49.75
C TYR E 78 -58.05 -21.69 -50.79
N HIS E 79 -57.65 -21.50 -52.03
CA HIS E 79 -57.78 -22.51 -53.07
C HIS E 79 -56.39 -23.10 -53.29
N CYS E 80 -56.23 -24.37 -52.95
CA CYS E 80 -54.92 -25.00 -52.93
C CYS E 80 -54.69 -25.71 -54.26
N VAL E 81 -53.61 -25.33 -54.95
CA VAL E 81 -53.28 -25.90 -56.26
C VAL E 81 -52.19 -26.94 -56.03
N CYS E 82 -52.52 -28.21 -56.23
CA CYS E 82 -51.64 -29.33 -55.89
C CYS E 82 -51.50 -30.25 -57.09
N PRO E 83 -50.53 -29.98 -57.98
CA PRO E 83 -50.35 -30.84 -59.17
C PRO E 83 -49.72 -32.19 -58.87
N MET E 84 -49.19 -32.40 -57.66
CA MET E 84 -48.59 -33.66 -57.27
C MET E 84 -47.42 -34.04 -58.19
N ARG E 85 -46.46 -33.13 -58.33
CA ARG E 85 -45.30 -33.35 -59.17
C ARG E 85 -44.03 -33.64 -58.38
N SER E 86 -44.10 -33.62 -57.05
CA SER E 86 -42.95 -33.89 -56.21
C SER E 86 -43.16 -35.21 -55.48
N ALA E 87 -42.05 -35.85 -55.09
CA ALA E 87 -42.12 -37.12 -54.40
C ALA E 87 -42.51 -36.97 -52.94
N GLU E 88 -42.53 -35.75 -52.42
CA GLU E 88 -42.97 -35.48 -51.06
C GLU E 88 -44.44 -35.05 -51.00
N ASP E 89 -45.07 -34.84 -52.15
CA ASP E 89 -46.47 -34.44 -52.26
C ASP E 89 -47.46 -35.49 -51.75
N PRO E 90 -47.29 -36.79 -52.06
CA PRO E 90 -48.24 -37.77 -51.52
C PRO E 90 -48.32 -37.77 -50.01
N GLU E 91 -47.18 -37.60 -49.34
CA GLU E 91 -47.17 -37.50 -47.90
C GLU E 91 -47.94 -36.28 -47.42
N ARG E 92 -47.76 -35.14 -48.10
CA ARG E 92 -48.48 -33.93 -47.71
C ARG E 92 -49.99 -34.10 -47.89
N LEU E 93 -50.41 -34.71 -48.99
CA LEU E 93 -51.84 -34.94 -49.22
C LEU E 93 -52.41 -35.89 -48.16
N ALA E 94 -51.68 -36.96 -47.84
CA ALA E 94 -52.16 -37.88 -46.82
C ALA E 94 -52.26 -37.20 -45.46
N ASN E 95 -51.27 -36.37 -45.12
CA ASN E 95 -51.32 -35.65 -43.86
C ASN E 95 -52.51 -34.71 -43.83
N TYR E 96 -52.79 -34.03 -44.94
CA TYR E 96 -53.98 -33.21 -45.04
C TYR E 96 -55.25 -34.03 -44.78
N ALA E 97 -55.34 -35.21 -45.39
CA ALA E 97 -56.52 -36.04 -45.23
C ALA E 97 -56.71 -36.48 -43.77
N ARG E 98 -55.62 -36.94 -43.14
CA ARG E 98 -55.74 -37.36 -41.75
C ARG E 98 -56.08 -36.20 -40.83
N LYS E 99 -55.52 -35.01 -41.09
CA LYS E 99 -55.85 -33.87 -40.25
C LYS E 99 -57.31 -33.44 -40.42
N LEU E 100 -57.82 -33.47 -41.66
CA LEU E 100 -59.22 -33.17 -41.87
C LEU E 100 -60.11 -34.16 -41.15
N ALA E 101 -59.75 -35.45 -41.19
CA ALA E 101 -60.52 -36.45 -40.47
C ALA E 101 -60.49 -36.20 -38.97
N SER E 102 -59.31 -35.85 -38.44
CA SER E 102 -59.17 -35.58 -37.02
C SER E 102 -59.91 -34.33 -36.56
N ALA E 103 -60.19 -33.39 -37.46
CA ALA E 103 -60.95 -32.20 -37.11
C ALA E 103 -62.32 -32.15 -37.78
N ALA E 104 -62.87 -33.31 -38.17
CA ALA E 104 -64.10 -33.31 -38.96
C ALA E 104 -65.28 -32.77 -38.15
N GLY E 105 -65.39 -33.16 -36.88
CA GLY E 105 -66.49 -32.73 -36.06
C GLY E 105 -66.05 -32.13 -34.74
N LYS E 106 -64.88 -31.50 -34.74
CA LYS E 106 -64.34 -30.84 -33.56
C LYS E 106 -64.00 -29.37 -33.77
N VAL E 107 -63.63 -28.95 -34.98
CA VAL E 107 -63.53 -27.55 -35.33
C VAL E 107 -64.80 -27.16 -36.07
N LEU E 108 -65.30 -25.96 -35.81
CA LEU E 108 -66.63 -25.55 -36.26
C LEU E 108 -66.59 -24.47 -37.33
N ASP E 109 -65.77 -23.44 -37.14
CA ASP E 109 -65.77 -22.27 -38.01
C ASP E 109 -64.56 -22.21 -38.93
N ARG E 110 -64.06 -23.37 -39.36
CA ARG E 110 -62.94 -23.44 -40.30
C ARG E 110 -63.28 -24.22 -41.56
N ASN E 111 -64.56 -24.46 -41.84
CA ASN E 111 -65.01 -25.11 -43.07
C ASN E 111 -64.38 -26.48 -43.26
N ILE E 112 -64.23 -27.23 -42.16
CA ILE E 112 -63.63 -28.55 -42.27
C ILE E 112 -64.51 -29.49 -43.09
N SER E 113 -65.83 -29.44 -42.86
CA SER E 113 -66.75 -30.26 -43.64
C SER E 113 -66.68 -29.91 -45.12
N GLY E 114 -66.61 -28.61 -45.42
CA GLY E 114 -66.47 -28.20 -46.80
C GLY E 114 -65.17 -28.69 -47.43
N LYS E 115 -64.06 -28.59 -46.68
CA LYS E 115 -62.78 -29.06 -47.20
C LYS E 115 -62.80 -30.56 -47.49
N ILE E 116 -63.39 -31.34 -46.58
CA ILE E 116 -63.53 -32.77 -46.83
C ILE E 116 -64.39 -33.02 -48.06
N GLY E 117 -65.46 -32.25 -48.22
CA GLY E 117 -66.30 -32.41 -49.39
C GLY E 117 -65.55 -32.14 -50.69
N ASP E 118 -64.78 -31.06 -50.73
CA ASP E 118 -63.99 -30.76 -51.93
C ASP E 118 -62.94 -31.82 -52.18
N LEU E 119 -62.27 -32.30 -51.13
CA LEU E 119 -61.26 -33.34 -51.31
C LEU E 119 -61.88 -34.61 -51.89
N GLN E 120 -63.03 -35.02 -51.36
CA GLN E 120 -63.71 -36.19 -51.91
C GLN E 120 -64.18 -35.95 -53.32
N ALA E 121 -64.57 -34.71 -53.64
CA ALA E 121 -65.00 -34.38 -54.99
C ALA E 121 -63.86 -34.54 -55.98
N VAL E 122 -62.67 -34.03 -55.65
CA VAL E 122 -61.53 -34.17 -56.56
C VAL E 122 -61.08 -35.62 -56.63
N MET E 123 -61.21 -36.36 -55.53
CA MET E 123 -60.93 -37.79 -55.58
C MET E 123 -61.88 -38.50 -56.55
N ALA E 124 -63.15 -38.10 -56.55
CA ALA E 124 -64.12 -38.72 -57.46
C ALA E 124 -63.82 -38.34 -58.91
N VAL E 125 -63.89 -37.05 -59.23
CA VAL E 125 -63.58 -36.52 -60.55
C VAL E 125 -62.28 -35.72 -60.44
N PRO E 126 -61.18 -36.18 -61.03
CA PRO E 126 -59.91 -35.45 -60.86
C PRO E 126 -59.92 -34.04 -61.42
N ASP E 127 -60.69 -33.78 -62.47
CA ASP E 127 -60.66 -32.48 -63.15
C ASP E 127 -61.57 -31.44 -62.53
N THR E 128 -62.33 -31.78 -61.48
CA THR E 128 -63.24 -30.80 -60.91
C THR E 128 -62.46 -29.71 -60.19
N GLU E 129 -62.95 -28.48 -60.29
CA GLU E 129 -62.29 -27.32 -59.70
C GLU E 129 -63.10 -26.89 -58.48
N THR E 130 -62.77 -27.46 -57.34
CA THR E 130 -63.45 -27.17 -56.10
C THR E 130 -62.92 -25.90 -55.45
N PRO E 131 -63.71 -25.26 -54.57
CA PRO E 131 -63.29 -23.97 -54.01
C PRO E 131 -61.98 -24.02 -53.23
N THR E 132 -61.67 -25.13 -52.56
CA THR E 132 -60.51 -25.16 -51.68
C THR E 132 -59.42 -26.13 -52.11
N PHE E 133 -59.62 -26.90 -53.18
CA PHE E 133 -58.63 -27.89 -53.58
C PHE E 133 -58.76 -28.17 -55.07
N CYS E 134 -57.63 -28.46 -55.70
CA CYS E 134 -57.59 -28.91 -57.08
C CYS E 134 -56.26 -29.61 -57.33
N LEU E 135 -56.21 -30.41 -58.39
CA LEU E 135 -55.02 -31.17 -58.75
C LEU E 135 -54.35 -30.64 -60.01
N HIS E 136 -54.60 -29.38 -60.36
CA HIS E 136 -54.03 -28.77 -61.55
C HIS E 136 -52.71 -28.08 -61.22
N THR E 137 -52.10 -27.47 -62.23
CA THR E 137 -50.91 -26.67 -62.05
C THR E 137 -51.26 -25.20 -62.00
N ASP E 138 -50.24 -24.35 -61.89
CA ASP E 138 -50.46 -22.91 -61.90
C ASP E 138 -50.96 -22.42 -63.26
N VAL E 139 -50.62 -23.13 -64.34
CA VAL E 139 -51.00 -22.72 -65.68
C VAL E 139 -52.23 -23.46 -66.19
N SER E 140 -52.71 -24.48 -65.47
CA SER E 140 -53.89 -25.22 -65.88
C SER E 140 -55.05 -25.09 -64.91
N CYS E 141 -54.84 -24.50 -63.74
CA CYS E 141 -55.94 -24.23 -62.83
C CYS E 141 -56.87 -23.19 -63.42
N ARG E 142 -58.18 -23.38 -63.23
CA ARG E 142 -59.18 -22.48 -63.77
C ARG E 142 -59.80 -21.57 -62.71
N GLN E 143 -59.50 -21.78 -61.44
CA GLN E 143 -60.11 -21.00 -60.37
C GLN E 143 -59.60 -19.56 -60.44
N ARG E 144 -60.51 -18.62 -60.68
CA ARG E 144 -60.17 -17.21 -60.62
C ARG E 144 -60.03 -16.78 -59.18
N ALA E 145 -59.15 -15.80 -58.93
CA ALA E 145 -58.88 -15.35 -57.58
C ALA E 145 -58.29 -13.95 -57.63
N ASP E 146 -58.15 -13.34 -56.46
CA ASP E 146 -57.59 -12.00 -56.33
C ASP E 146 -56.17 -11.99 -55.80
N VAL E 147 -55.75 -13.03 -55.08
CA VAL E 147 -54.42 -13.10 -54.49
C VAL E 147 -53.83 -14.48 -54.79
N ALA E 148 -52.54 -14.48 -55.15
CA ALA E 148 -51.77 -15.70 -55.29
C ALA E 148 -50.64 -15.69 -54.27
N ILE E 149 -50.29 -16.87 -53.77
CA ILE E 149 -49.21 -17.01 -52.80
C ILE E 149 -48.29 -18.14 -53.25
N TYR E 150 -47.00 -17.85 -53.32
CA TYR E 150 -45.97 -18.85 -53.60
C TYR E 150 -45.13 -18.98 -52.33
N GLN E 151 -45.28 -20.07 -51.61
CA GLN E 151 -44.52 -20.31 -50.39
C GLN E 151 -43.54 -21.45 -50.65
N ASP E 152 -42.25 -21.11 -50.69
CA ASP E 152 -41.18 -22.06 -50.96
C ASP E 152 -41.42 -22.82 -52.27
N VAL E 153 -41.77 -22.06 -53.30
CA VAL E 153 -41.97 -22.59 -54.64
C VAL E 153 -40.83 -22.09 -55.51
N TYR E 154 -39.98 -23.02 -55.97
CA TYR E 154 -38.86 -22.69 -56.83
C TYR E 154 -38.91 -23.40 -58.17
N ALA E 155 -39.95 -24.17 -58.44
CA ALA E 155 -40.01 -25.03 -59.60
C ALA E 155 -40.79 -24.42 -60.76
N VAL E 156 -41.15 -23.15 -60.68
CA VAL E 156 -41.93 -22.50 -61.73
C VAL E 156 -41.14 -21.30 -62.26
N HIS E 157 -41.28 -21.06 -63.56
CA HIS E 157 -40.78 -19.82 -64.16
C HIS E 157 -41.63 -18.66 -63.69
N ALA E 158 -41.00 -17.64 -63.11
CA ALA E 158 -41.75 -16.57 -62.48
C ALA E 158 -42.63 -15.79 -63.46
N PRO E 159 -42.12 -15.27 -64.58
CA PRO E 159 -43.02 -14.48 -65.45
C PRO E 159 -44.18 -15.28 -66.02
N THR E 160 -43.97 -16.52 -66.44
CA THR E 160 -45.06 -17.31 -67.00
C THR E 160 -46.13 -17.60 -65.95
N SER E 161 -45.70 -17.99 -64.74
CA SER E 161 -46.66 -18.26 -63.67
C SER E 161 -47.42 -16.99 -63.28
N LEU E 162 -46.72 -15.86 -63.19
CA LEU E 162 -47.39 -14.62 -62.81
C LEU E 162 -48.34 -14.15 -63.89
N TYR E 163 -47.99 -14.33 -65.17
CA TYR E 163 -48.91 -13.97 -66.23
C TYR E 163 -50.16 -14.85 -66.21
N HIS E 164 -49.98 -16.14 -65.95
CA HIS E 164 -51.13 -17.03 -65.91
C HIS E 164 -52.02 -16.72 -64.71
N GLN E 165 -51.43 -16.28 -63.59
CA GLN E 165 -52.23 -15.78 -62.48
C GLN E 165 -52.97 -14.51 -62.87
N ALA E 166 -52.28 -13.58 -63.54
CA ALA E 166 -52.84 -12.26 -63.81
C ALA E 166 -54.00 -12.34 -64.79
N ILE E 167 -53.91 -13.21 -65.80
CA ILE E 167 -55.03 -13.37 -66.72
C ILE E 167 -56.23 -14.03 -66.08
N LYS E 168 -56.11 -14.48 -64.84
CA LYS E 168 -57.22 -14.99 -64.05
C LYS E 168 -57.72 -13.98 -63.03
N GLY E 169 -57.34 -12.72 -63.17
CA GLY E 169 -57.79 -11.68 -62.26
C GLY E 169 -56.94 -11.48 -61.02
N VAL E 170 -55.86 -12.23 -60.85
CA VAL E 170 -55.01 -12.05 -59.69
C VAL E 170 -54.27 -10.72 -59.81
N ARG E 171 -54.35 -9.90 -58.77
CA ARG E 171 -53.74 -8.58 -58.78
C ARG E 171 -52.64 -8.43 -57.76
N LEU E 172 -52.51 -9.35 -56.83
CA LEU E 172 -51.47 -9.35 -55.82
C LEU E 172 -50.92 -10.77 -55.70
N ALA E 173 -49.60 -10.90 -55.76
CA ALA E 173 -48.92 -12.17 -55.59
C ALA E 173 -47.84 -12.01 -54.54
N TYR E 174 -47.59 -13.08 -53.79
CA TYR E 174 -46.57 -13.09 -52.76
C TYR E 174 -45.63 -14.26 -52.99
N TRP E 175 -44.34 -14.02 -52.79
CA TRP E 175 -43.33 -15.06 -52.91
C TRP E 175 -42.49 -15.09 -51.64
N VAL E 176 -42.51 -16.21 -50.94
CA VAL E 176 -41.69 -16.41 -49.75
C VAL E 176 -40.61 -17.43 -50.10
N GLY E 177 -39.35 -17.08 -49.87
CA GLY E 177 -38.31 -18.03 -50.20
C GLY E 177 -36.94 -17.48 -49.86
N PHE E 178 -35.95 -18.32 -50.09
CA PHE E 178 -34.57 -17.92 -49.87
C PHE E 178 -34.15 -16.84 -50.87
N ASP E 179 -33.29 -15.93 -50.41
CA ASP E 179 -32.84 -14.82 -51.24
C ASP E 179 -32.18 -15.32 -52.51
N THR E 180 -32.57 -14.72 -53.64
CA THR E 180 -32.08 -15.13 -54.95
C THR E 180 -30.84 -14.36 -55.39
N THR E 181 -30.33 -13.47 -54.55
CA THR E 181 -29.09 -12.75 -54.88
C THR E 181 -27.89 -13.65 -55.06
N PRO E 182 -27.62 -14.65 -54.21
CA PRO E 182 -26.41 -15.47 -54.42
C PRO E 182 -26.38 -16.19 -55.75
N PHE E 183 -27.54 -16.45 -56.35
CA PHE E 183 -27.58 -17.10 -57.65
C PHE E 183 -27.52 -16.10 -58.80
N MET E 184 -27.73 -14.82 -58.52
CA MET E 184 -27.49 -13.78 -59.53
C MET E 184 -26.02 -13.47 -59.66
N TYR E 185 -25.23 -13.75 -58.62
CA TYR E 185 -23.78 -13.64 -58.66
C TYR E 185 -23.11 -14.91 -59.19
N ASN E 186 -23.88 -15.95 -59.51
CA ASN E 186 -23.38 -17.18 -60.11
C ASN E 186 -22.36 -17.89 -59.22
N ALA E 187 -22.63 -17.92 -57.91
CA ALA E 187 -21.76 -18.63 -56.99
C ALA E 187 -21.88 -20.14 -57.17
N MET E 188 -20.77 -20.84 -56.95
CA MET E 188 -20.77 -22.29 -57.08
C MET E 188 -21.38 -22.98 -55.86
N ALA E 189 -21.12 -22.46 -54.67
CA ALA E 189 -21.67 -23.00 -53.44
C ALA E 189 -21.95 -21.84 -52.51
N GLY E 190 -22.76 -22.10 -51.48
CA GLY E 190 -23.10 -21.01 -50.60
C GLY E 190 -23.82 -21.51 -49.36
N ALA E 191 -24.01 -20.57 -48.43
CA ALA E 191 -24.63 -20.86 -47.15
C ALA E 191 -25.64 -19.78 -46.80
N TYR E 192 -26.75 -20.20 -46.22
CA TYR E 192 -27.62 -19.35 -45.44
C TYR E 192 -27.43 -19.82 -44.01
N PRO E 193 -26.45 -19.27 -43.29
CA PRO E 193 -26.06 -19.88 -42.00
C PRO E 193 -27.08 -19.68 -40.90
N SER E 194 -27.85 -18.59 -40.92
CA SER E 194 -28.88 -18.38 -39.90
C SER E 194 -29.94 -19.45 -39.95
N TYR E 195 -30.19 -20.00 -41.13
CA TYR E 195 -31.21 -21.04 -41.31
C TYR E 195 -30.58 -22.43 -41.38
N SER E 196 -29.29 -22.54 -41.08
CA SER E 196 -28.55 -23.80 -41.17
C SER E 196 -28.76 -24.45 -42.53
N THR E 197 -28.71 -23.64 -43.58
CA THR E 197 -28.92 -24.11 -44.94
C THR E 197 -27.63 -24.00 -45.72
N ASN E 198 -27.29 -25.06 -46.46
CA ASN E 198 -26.12 -25.05 -47.31
C ASN E 198 -26.51 -25.56 -48.68
N TRP E 199 -26.09 -24.85 -49.73
CA TRP E 199 -26.39 -25.27 -51.07
C TRP E 199 -25.10 -25.37 -51.87
N ALA E 200 -25.09 -26.27 -52.84
CA ALA E 200 -23.89 -26.47 -53.64
C ALA E 200 -24.26 -26.88 -55.05
N ASP E 201 -23.44 -26.49 -56.00
CA ASP E 201 -23.56 -27.01 -57.35
C ASP E 201 -23.25 -28.51 -57.35
N GLU E 202 -23.89 -29.25 -58.28
CA GLU E 202 -23.69 -30.69 -58.30
C GLU E 202 -22.23 -31.07 -58.53
N GLN E 203 -21.45 -30.20 -59.16
CA GLN E 203 -20.08 -30.56 -59.49
C GLN E 203 -19.14 -30.50 -58.30
N VAL E 204 -19.53 -29.83 -57.21
CA VAL E 204 -18.66 -29.66 -56.06
C VAL E 204 -19.21 -30.36 -54.82
N LEU E 205 -20.12 -31.33 -55.01
CA LEU E 205 -20.63 -32.08 -53.88
C LEU E 205 -19.57 -32.98 -53.25
N LYS E 206 -18.49 -33.27 -53.97
CA LYS E 206 -17.39 -34.06 -53.45
C LYS E 206 -16.23 -33.21 -52.98
N ALA E 207 -16.48 -31.95 -52.63
CA ALA E 207 -15.44 -31.09 -52.08
C ALA E 207 -15.16 -31.53 -50.64
N LYS E 208 -14.42 -30.71 -49.92
CA LYS E 208 -13.98 -31.07 -48.58
C LYS E 208 -14.38 -30.07 -47.50
N ASN E 209 -14.42 -28.78 -47.81
CA ASN E 209 -14.57 -27.77 -46.78
C ASN E 209 -15.77 -26.84 -46.96
N ILE E 210 -16.60 -27.04 -47.97
CA ILE E 210 -17.83 -26.25 -48.08
C ILE E 210 -18.88 -26.85 -47.15
N GLY E 211 -19.99 -26.15 -46.98
CA GLY E 211 -21.00 -26.60 -46.03
C GLY E 211 -21.65 -27.92 -46.43
N LEU E 212 -21.95 -28.08 -47.71
CA LEU E 212 -22.65 -29.26 -48.22
C LEU E 212 -21.71 -30.04 -49.13
N CYS E 213 -21.02 -31.04 -48.57
CA CYS E 213 -20.11 -31.85 -49.36
C CYS E 213 -19.81 -33.13 -48.59
N SER E 214 -19.31 -34.13 -49.31
CA SER E 214 -18.74 -35.32 -48.70
C SER E 214 -17.60 -35.80 -49.57
N THR E 215 -16.42 -35.94 -49.00
CA THR E 215 -15.27 -36.48 -49.71
C THR E 215 -14.78 -37.73 -48.98
N ASP E 216 -13.75 -38.35 -49.55
CA ASP E 216 -13.14 -39.55 -49.01
C ASP E 216 -11.71 -39.26 -48.60
N LEU E 217 -11.13 -40.19 -47.86
CA LEU E 217 -9.73 -40.10 -47.46
C LEU E 217 -8.88 -40.81 -48.49
N THR E 218 -7.92 -40.08 -49.07
CA THR E 218 -7.09 -40.61 -50.14
C THR E 218 -5.62 -40.31 -49.83
N GLU E 219 -4.74 -41.23 -50.21
CA GLU E 219 -3.32 -40.99 -50.05
C GLU E 219 -2.76 -40.05 -51.13
N GLY E 220 -3.36 -40.04 -52.32
CA GLY E 220 -2.89 -39.16 -53.36
C GLY E 220 -2.19 -39.86 -54.51
N ARG E 221 -2.73 -39.74 -55.72
CA ARG E 221 -2.19 -40.44 -56.87
C ARG E 221 -2.19 -39.53 -58.09
N ARG E 222 -1.21 -39.73 -58.96
CA ARG E 222 -1.17 -39.09 -60.27
C ARG E 222 -2.10 -39.80 -61.24
N GLY E 223 -3.37 -39.96 -60.87
CA GLY E 223 -4.30 -40.70 -61.70
C GLY E 223 -5.62 -40.01 -61.95
N LYS E 224 -6.71 -40.71 -61.63
CA LYS E 224 -8.09 -40.27 -61.85
C LYS E 224 -8.33 -39.86 -63.30
N LEU E 225 -7.83 -40.62 -64.26
CA LEU E 225 -8.08 -40.37 -65.67
C LEU E 225 -9.58 -40.51 -65.96
N SER E 226 -10.10 -39.59 -66.78
CA SER E 226 -11.53 -39.60 -67.08
C SER E 226 -11.72 -39.37 -68.57
N ILE E 227 -12.98 -39.51 -69.01
CA ILE E 227 -13.29 -39.40 -70.44
C ILE E 227 -13.87 -38.04 -70.75
N MET E 228 -14.14 -37.23 -69.72
CA MET E 228 -14.70 -35.91 -69.93
C MET E 228 -13.62 -34.84 -69.79
N ARG E 229 -13.37 -34.10 -70.87
CA ARG E 229 -12.37 -33.03 -70.87
C ARG E 229 -12.93 -31.86 -70.08
N GLY E 230 -12.93 -32.02 -68.75
CA GLY E 230 -13.38 -30.97 -67.88
C GLY E 230 -12.28 -29.97 -67.59
N LYS E 231 -11.87 -29.23 -68.61
CA LYS E 231 -10.85 -28.20 -68.45
C LYS E 231 -11.39 -26.95 -67.78
N LYS E 232 -12.72 -26.83 -67.68
CA LYS E 232 -13.37 -25.67 -67.07
C LYS E 232 -14.36 -26.12 -66.00
N LEU E 233 -14.38 -25.41 -64.88
CA LEU E 233 -15.31 -25.66 -63.78
C LEU E 233 -16.20 -24.43 -63.63
N GLU E 234 -17.39 -24.50 -64.19
CA GLU E 234 -18.33 -23.39 -64.17
C GLU E 234 -19.66 -23.86 -63.58
N PRO E 235 -20.42 -22.96 -62.96
CA PRO E 235 -21.72 -23.35 -62.42
C PRO E 235 -22.65 -23.89 -63.49
N CYS E 236 -23.33 -24.98 -63.18
CA CYS E 236 -24.33 -25.58 -64.04
C CYS E 236 -25.71 -25.39 -63.40
N ASP E 237 -26.73 -25.80 -64.14
CA ASP E 237 -28.11 -25.48 -63.74
C ASP E 237 -28.48 -26.12 -62.41
N ARG E 238 -28.09 -27.38 -62.19
CA ARG E 238 -28.59 -28.13 -61.05
C ARG E 238 -27.79 -27.79 -59.79
N VAL E 239 -28.49 -27.41 -58.73
CA VAL E 239 -27.90 -27.20 -57.42
C VAL E 239 -28.68 -28.02 -56.41
N LEU E 240 -28.03 -28.30 -55.28
CA LEU E 240 -28.63 -29.05 -54.18
C LEU E 240 -28.73 -28.15 -52.98
N PHE E 241 -29.93 -28.00 -52.43
CA PHE E 241 -30.16 -27.31 -51.17
C PHE E 241 -30.26 -28.35 -50.05
N SER E 242 -29.66 -28.05 -48.91
CA SER E 242 -29.86 -28.84 -47.70
C SER E 242 -30.28 -27.84 -46.62
N VAL E 243 -31.56 -27.85 -46.29
CA VAL E 243 -32.11 -27.01 -45.23
C VAL E 243 -32.20 -27.87 -43.99
N GLY E 244 -31.39 -27.56 -42.99
CA GLY E 244 -31.23 -28.51 -41.90
C GLY E 244 -30.71 -29.81 -42.46
N SER E 245 -31.57 -30.83 -42.53
CA SER E 245 -31.21 -32.11 -43.11
C SER E 245 -32.15 -32.54 -44.23
N THR E 246 -32.98 -31.66 -44.76
CA THR E 246 -33.84 -32.01 -45.88
C THR E 246 -33.25 -31.46 -47.18
N LEU E 247 -33.21 -32.30 -48.21
CA LEU E 247 -32.55 -31.98 -49.45
C LEU E 247 -33.56 -31.65 -50.54
N TYR E 248 -33.24 -30.65 -51.35
CA TYR E 248 -34.08 -30.22 -52.47
C TYR E 248 -33.25 -29.85 -53.69
N PRO E 249 -33.41 -30.57 -54.80
CA PRO E 249 -32.81 -30.13 -56.06
C PRO E 249 -33.44 -28.83 -56.53
N GLU E 250 -32.61 -27.96 -57.11
CA GLU E 250 -33.08 -26.70 -57.67
C GLU E 250 -32.41 -26.46 -59.02
N SER E 251 -33.09 -25.69 -59.85
CA SER E 251 -32.58 -25.28 -61.14
C SER E 251 -32.21 -23.80 -61.09
N ARG E 252 -31.02 -23.46 -61.58
CA ARG E 252 -30.52 -22.10 -61.47
C ARG E 252 -31.40 -21.12 -62.23
N LYS E 253 -31.87 -21.50 -63.41
CA LYS E 253 -32.68 -20.61 -64.22
C LYS E 253 -34.00 -20.29 -63.53
N LEU E 254 -34.64 -21.30 -62.95
CA LEU E 254 -35.89 -21.07 -62.21
C LEU E 254 -35.65 -20.22 -60.97
N LEU E 255 -34.53 -20.45 -60.27
CA LEU E 255 -34.19 -19.64 -59.11
C LEU E 255 -33.99 -18.19 -59.50
N LYS E 256 -33.27 -17.96 -60.60
CA LYS E 256 -32.98 -16.59 -61.04
C LYS E 256 -34.19 -15.90 -61.64
N SER E 257 -35.16 -16.67 -62.15
CA SER E 257 -36.36 -16.05 -62.72
C SER E 257 -37.13 -15.26 -61.67
N TRP E 258 -36.99 -15.62 -60.40
CA TRP E 258 -37.68 -14.94 -59.32
C TRP E 258 -36.93 -13.72 -58.81
N HIS E 259 -35.76 -13.42 -59.36
CA HIS E 259 -35.06 -12.16 -59.08
C HIS E 259 -35.56 -11.10 -60.06
N LEU E 260 -36.80 -10.69 -59.85
CA LEU E 260 -37.54 -9.81 -60.74
C LEU E 260 -37.11 -8.35 -60.57
N PRO E 261 -37.27 -7.54 -61.62
CA PRO E 261 -36.95 -6.11 -61.50
C PRO E 261 -37.97 -5.39 -60.64
N SER E 262 -37.64 -4.14 -60.32
CA SER E 262 -38.58 -3.29 -59.58
C SER E 262 -39.90 -3.15 -60.33
N VAL E 263 -39.83 -2.93 -61.65
CA VAL E 263 -41.02 -2.86 -62.49
C VAL E 263 -40.76 -3.65 -63.76
N PHE E 264 -41.80 -4.34 -64.26
CA PHE E 264 -41.66 -5.09 -65.50
C PHE E 264 -43.02 -5.18 -66.18
N HIS E 265 -43.01 -5.66 -67.42
CA HIS E 265 -44.19 -5.74 -68.26
C HIS E 265 -44.37 -7.16 -68.75
N LEU E 266 -45.58 -7.69 -68.63
CA LEU E 266 -45.97 -8.97 -69.21
C LEU E 266 -46.86 -8.67 -70.40
N LYS E 267 -46.39 -9.00 -71.60
CA LYS E 267 -47.06 -8.63 -72.85
C LYS E 267 -47.53 -9.90 -73.55
N GLY E 268 -48.80 -10.26 -73.32
CA GLY E 268 -49.37 -11.41 -74.01
C GLY E 268 -50.64 -11.04 -74.74
N LYS E 269 -51.63 -11.95 -74.71
CA LYS E 269 -52.96 -11.59 -75.19
C LYS E 269 -53.53 -10.44 -74.36
N LEU E 270 -53.32 -10.49 -73.06
CA LEU E 270 -53.49 -9.36 -72.16
C LEU E 270 -52.12 -8.86 -71.71
N SER E 271 -52.05 -7.58 -71.37
N SER E 271 -52.06 -7.58 -71.37
CA SER E 271 -50.82 -6.94 -70.97
CA SER E 271 -50.83 -6.92 -70.96
C SER E 271 -50.95 -6.43 -69.54
C SER E 271 -50.95 -6.44 -69.53
N PHE E 272 -49.87 -6.58 -68.77
CA PHE E 272 -49.88 -6.21 -67.37
C PHE E 272 -48.60 -5.49 -67.00
N THR E 273 -48.72 -4.47 -66.17
CA THR E 273 -47.60 -3.74 -65.59
C THR E 273 -47.46 -4.19 -64.14
N CYS E 274 -46.31 -4.76 -63.81
CA CYS E 274 -46.12 -5.41 -62.52
C CYS E 274 -44.98 -4.76 -61.76
N ARG E 275 -45.12 -4.71 -60.44
CA ARG E 275 -44.15 -4.08 -59.56
C ARG E 275 -43.76 -5.06 -58.47
N CYS E 276 -42.47 -5.41 -58.43
CA CYS E 276 -41.95 -6.35 -57.45
C CYS E 276 -41.26 -5.59 -56.32
N ASP E 277 -41.63 -5.91 -55.08
CA ASP E 277 -41.09 -5.23 -53.92
C ASP E 277 -40.78 -6.26 -52.84
N THR E 278 -39.60 -6.15 -52.23
CA THR E 278 -39.19 -7.04 -51.16
C THR E 278 -39.65 -6.43 -49.84
N VAL E 279 -40.68 -7.01 -49.24
CA VAL E 279 -41.32 -6.43 -48.07
C VAL E 279 -40.71 -6.99 -46.78
N VAL E 280 -40.17 -8.21 -46.83
CA VAL E 280 -39.49 -8.78 -45.68
C VAL E 280 -38.14 -9.33 -46.12
N SER E 281 -37.11 -9.09 -45.31
CA SER E 281 -35.76 -9.58 -45.58
C SER E 281 -35.08 -9.89 -44.26
N CYS E 282 -34.82 -11.16 -44.00
CA CYS E 282 -34.24 -11.60 -42.74
C CYS E 282 -33.14 -12.62 -43.03
N GLU E 283 -31.90 -12.14 -43.06
CA GLU E 283 -30.70 -12.99 -43.04
C GLU E 283 -30.74 -14.08 -44.11
N GLY E 284 -31.26 -13.73 -45.29
CA GLY E 284 -31.30 -14.65 -46.41
C GLY E 284 -32.68 -15.16 -46.78
N TYR E 285 -33.69 -14.93 -45.95
CA TYR E 285 -35.05 -15.36 -46.27
C TYR E 285 -35.89 -14.12 -46.54
N VAL E 286 -36.58 -14.09 -47.68
CA VAL E 286 -37.29 -12.89 -48.10
C VAL E 286 -38.76 -13.20 -48.37
N VAL E 287 -39.58 -12.16 -48.22
CA VAL E 287 -40.94 -12.10 -48.71
C VAL E 287 -41.01 -10.96 -49.71
N LYS E 288 -41.38 -11.29 -50.94
CA LYS E 288 -41.53 -10.35 -52.04
C LYS E 288 -43.01 -10.22 -52.37
N ARG E 289 -43.43 -9.00 -52.70
CA ARG E 289 -44.83 -8.69 -52.92
C ARG E 289 -44.98 -8.02 -54.28
N ILE E 290 -45.69 -8.70 -55.19
CA ILE E 290 -45.81 -8.28 -56.59
C ILE E 290 -47.23 -7.80 -56.81
N THR E 291 -47.38 -6.60 -57.32
CA THR E 291 -48.67 -6.12 -57.78
C THR E 291 -48.74 -6.21 -59.29
N MET E 292 -49.92 -6.53 -59.81
CA MET E 292 -50.14 -6.66 -61.24
C MET E 292 -51.34 -5.79 -61.62
N SER E 293 -51.18 -4.99 -62.67
CA SER E 293 -52.22 -4.06 -63.08
C SER E 293 -52.38 -4.13 -64.60
N PRO E 294 -53.61 -4.28 -65.10
CA PRO E 294 -53.81 -4.35 -66.55
C PRO E 294 -53.33 -3.11 -67.26
N GLY E 295 -52.83 -3.31 -68.47
CA GLY E 295 -52.33 -2.21 -69.28
C GLY E 295 -50.84 -2.00 -69.13
N LEU E 296 -50.25 -1.38 -70.16
CA LEU E 296 -48.84 -1.05 -70.18
C LEU E 296 -48.65 0.41 -69.76
N TYR E 297 -47.89 0.63 -68.69
CA TYR E 297 -47.67 1.95 -68.14
C TYR E 297 -46.19 2.13 -67.81
N GLY E 298 -45.69 3.33 -68.04
CA GLY E 298 -44.34 3.67 -67.67
C GLY E 298 -43.29 3.01 -68.54
N LYS E 299 -42.06 3.06 -68.05
CA LYS E 299 -40.91 2.48 -68.72
C LYS E 299 -40.10 1.68 -67.71
N THR E 300 -39.47 0.60 -68.19
CA THR E 300 -38.72 -0.31 -67.34
C THR E 300 -37.23 -0.15 -67.61
N THR E 301 -36.43 -0.15 -66.54
CA THR E 301 -34.98 -0.11 -66.66
C THR E 301 -34.36 -1.50 -66.70
N GLY E 302 -35.06 -2.53 -66.23
CA GLY E 302 -34.48 -3.86 -66.18
C GLY E 302 -33.50 -4.07 -65.06
N TYR E 303 -33.55 -3.30 -63.99
CA TYR E 303 -32.61 -3.40 -62.89
C TYR E 303 -33.29 -3.95 -61.65
N ALA E 304 -32.71 -5.00 -61.07
CA ALA E 304 -33.15 -5.57 -59.82
C ALA E 304 -32.16 -5.18 -58.73
N VAL E 305 -32.68 -4.70 -57.60
CA VAL E 305 -31.88 -4.14 -56.52
C VAL E 305 -32.10 -4.96 -55.26
N THR E 306 -30.99 -5.31 -54.60
CA THR E 306 -31.01 -5.99 -53.31
C THR E 306 -30.33 -5.11 -52.28
N HIS E 307 -31.06 -4.75 -51.22
CA HIS E 307 -30.49 -4.00 -50.13
C HIS E 307 -29.90 -4.95 -49.11
N HIS E 308 -28.69 -4.64 -48.63
CA HIS E 308 -27.95 -5.52 -47.75
C HIS E 308 -28.00 -4.96 -46.33
N ALA E 309 -28.87 -5.53 -45.49
CA ALA E 309 -28.86 -5.18 -44.08
C ALA E 309 -27.70 -5.83 -43.37
N ASP E 310 -27.33 -7.04 -43.76
CA ASP E 310 -26.12 -7.71 -43.32
C ASP E 310 -25.16 -7.79 -44.49
N GLY E 311 -23.89 -8.04 -44.17
CA GLY E 311 -22.89 -8.16 -45.22
C GLY E 311 -23.12 -9.40 -46.06
N PHE E 312 -22.87 -9.26 -47.36
CA PHE E 312 -22.93 -10.39 -48.30
C PHE E 312 -21.55 -10.57 -48.91
N LEU E 313 -21.03 -11.79 -48.85
CA LEU E 313 -19.70 -12.07 -49.35
C LEU E 313 -19.75 -13.13 -50.43
N MET E 314 -19.05 -12.88 -51.53
CA MET E 314 -18.72 -13.93 -52.48
C MET E 314 -17.22 -13.89 -52.66
N CYS E 315 -16.57 -15.05 -52.56
CA CYS E 315 -15.11 -15.08 -52.57
CA CYS E 315 -15.11 -15.07 -52.59
C CYS E 315 -14.64 -16.31 -53.32
N LYS E 316 -13.35 -16.33 -53.64
CA LYS E 316 -12.71 -17.48 -54.24
CA LYS E 316 -12.77 -17.50 -54.25
C LYS E 316 -12.22 -18.42 -53.16
N THR E 317 -12.58 -19.68 -53.23
CA THR E 317 -12.07 -20.67 -52.31
C THR E 317 -11.33 -21.73 -53.11
N THR E 318 -10.23 -22.21 -52.56
CA THR E 318 -9.49 -23.33 -53.12
C THR E 318 -9.82 -24.56 -52.29
N ASP E 319 -10.42 -25.55 -52.93
CA ASP E 319 -10.84 -26.77 -52.27
C ASP E 319 -10.34 -27.97 -53.05
N THR E 320 -10.70 -29.16 -52.57
CA THR E 320 -10.28 -30.42 -53.16
C THR E 320 -11.52 -31.23 -53.49
N VAL E 321 -11.89 -31.26 -54.77
CA VAL E 321 -13.06 -32.00 -55.23
C VAL E 321 -12.58 -33.33 -55.78
N ASP E 322 -13.01 -34.42 -55.14
CA ASP E 322 -12.63 -35.78 -55.53
C ASP E 322 -11.12 -35.93 -55.65
N GLY E 323 -10.39 -35.26 -54.75
CA GLY E 323 -8.95 -35.32 -54.75
C GLY E 323 -8.25 -34.24 -55.54
N GLU E 324 -8.94 -33.59 -56.47
CA GLU E 324 -8.32 -32.64 -57.38
C GLU E 324 -8.51 -31.23 -56.82
N ARG E 325 -7.41 -30.47 -56.75
CA ARG E 325 -7.48 -29.11 -56.21
C ARG E 325 -8.03 -28.16 -57.26
N VAL E 326 -9.10 -27.45 -56.90
CA VAL E 326 -9.76 -26.50 -57.79
C VAL E 326 -10.08 -25.25 -56.99
N SER E 327 -10.51 -24.21 -57.71
CA SER E 327 -10.99 -22.97 -57.11
C SER E 327 -12.38 -22.66 -57.64
N PHE E 328 -13.27 -22.23 -56.75
CA PHE E 328 -14.60 -21.80 -57.17
C PHE E 328 -15.11 -20.75 -56.20
N SER E 329 -16.17 -20.06 -56.60
CA SER E 329 -16.73 -18.99 -55.80
C SER E 329 -17.72 -19.53 -54.77
N VAL E 330 -17.64 -19.00 -53.56
CA VAL E 330 -18.47 -19.39 -52.43
C VAL E 330 -19.06 -18.12 -51.83
N CYS E 331 -20.37 -18.13 -51.57
CA CYS E 331 -21.06 -16.98 -51.03
C CYS E 331 -21.61 -17.28 -49.65
N THR E 332 -21.84 -16.22 -48.88
CA THR E 332 -22.31 -16.34 -47.51
C THR E 332 -22.83 -14.98 -47.04
N TYR E 333 -23.49 -15.00 -45.88
CA TYR E 333 -23.95 -13.80 -45.20
C TYR E 333 -23.21 -13.63 -43.89
N VAL E 334 -22.86 -12.38 -43.59
CA VAL E 334 -22.10 -12.04 -42.39
C VAL E 334 -22.93 -11.04 -41.58
N PRO E 335 -23.12 -11.25 -40.29
CA PRO E 335 -23.90 -10.29 -39.50
C PRO E 335 -23.30 -8.90 -39.54
N ALA E 336 -24.18 -7.89 -39.51
CA ALA E 336 -23.74 -6.52 -39.69
C ALA E 336 -22.83 -6.05 -38.58
N THR E 337 -23.02 -6.55 -37.35
CA THR E 337 -22.14 -6.16 -36.26
C THR E 337 -20.71 -6.64 -36.49
N ILE E 338 -20.56 -7.86 -37.03
CA ILE E 338 -19.23 -8.36 -37.36
C ILE E 338 -18.60 -7.52 -38.46
N CYS E 339 -19.39 -7.19 -39.49
CA CYS E 339 -18.89 -6.34 -40.57
C CYS E 339 -18.43 -4.98 -40.06
N ASP E 340 -19.21 -4.39 -39.15
CA ASP E 340 -18.84 -3.09 -38.60
C ASP E 340 -17.58 -3.17 -37.74
N GLN E 341 -17.44 -4.27 -37.00
CA GLN E 341 -16.29 -4.40 -36.11
C GLN E 341 -14.99 -4.70 -36.86
N MET E 342 -15.06 -5.01 -38.16
CA MET E 342 -13.86 -5.26 -38.94
C MET E 342 -13.49 -4.09 -39.86
N THR E 343 -14.16 -2.95 -39.71
CA THR E 343 -13.89 -1.80 -40.57
C THR E 343 -12.47 -1.28 -40.36
N GLY E 344 -12.02 -1.18 -39.11
CA GLY E 344 -10.70 -0.66 -38.84
C GLY E 344 -9.59 -1.63 -39.23
N ILE E 345 -9.84 -2.93 -39.07
CA ILE E 345 -8.84 -3.93 -39.41
C ILE E 345 -8.58 -3.96 -40.90
N LEU E 346 -9.63 -3.87 -41.72
CA LEU E 346 -9.48 -3.94 -43.16
C LEU E 346 -8.94 -2.66 -43.77
N ALA E 347 -8.49 -1.71 -42.94
CA ALA E 347 -7.82 -0.53 -43.46
C ALA E 347 -6.41 -0.84 -43.93
N THR E 348 -5.85 -1.94 -43.46
CA THR E 348 -4.52 -2.41 -43.82
C THR E 348 -4.63 -3.82 -44.39
N GLU E 349 -3.55 -4.30 -45.00
CA GLU E 349 -3.52 -5.67 -45.48
C GLU E 349 -3.37 -6.61 -44.30
N VAL E 350 -4.26 -7.58 -44.20
CA VAL E 350 -4.30 -8.51 -43.09
C VAL E 350 -4.21 -9.92 -43.64
N THR E 351 -3.41 -10.77 -42.99
CA THR E 351 -3.33 -12.15 -43.39
C THR E 351 -4.59 -12.90 -42.99
N PRO E 352 -4.93 -13.98 -43.70
CA PRO E 352 -6.12 -14.75 -43.34
C PRO E 352 -6.07 -15.31 -41.93
N GLU E 353 -4.87 -15.62 -41.42
CA GLU E 353 -4.75 -16.12 -40.05
C GLU E 353 -5.11 -15.05 -39.02
N ASP E 354 -4.56 -13.84 -39.17
CA ASP E 354 -4.92 -12.76 -38.25
C ASP E 354 -6.40 -12.41 -38.37
N ALA E 355 -6.93 -12.39 -39.60
CA ALA E 355 -8.34 -12.11 -39.79
C ALA E 355 -9.21 -13.17 -39.14
N GLN E 356 -8.82 -14.44 -39.25
CA GLN E 356 -9.58 -15.51 -38.62
C GLN E 356 -9.54 -15.39 -37.10
N LYS E 357 -8.38 -15.06 -36.54
CA LYS E 357 -8.27 -14.90 -35.10
C LYS E 357 -9.11 -13.73 -34.60
N LEU E 358 -9.11 -12.62 -35.34
CA LEU E 358 -9.96 -11.49 -34.96
C LEU E 358 -11.45 -11.83 -35.08
N LEU E 359 -11.82 -12.59 -36.12
CA LEU E 359 -13.22 -12.99 -36.27
C LEU E 359 -13.65 -13.91 -35.14
N VAL E 360 -12.75 -14.79 -34.71
CA VAL E 360 -13.04 -15.68 -33.60
C VAL E 360 -13.16 -14.88 -32.30
N GLY E 361 -12.33 -13.84 -32.16
CA GLY E 361 -12.45 -12.97 -31.00
C GLY E 361 -13.78 -12.24 -30.95
N LEU E 362 -14.21 -11.67 -32.09
CA LEU E 362 -15.47 -10.95 -32.12
C LEU E 362 -16.67 -11.87 -31.94
N ASN E 363 -16.49 -13.16 -32.20
CA ASN E 363 -17.51 -14.18 -31.97
C ASN E 363 -17.47 -14.74 -30.55
N GLN E 364 -16.80 -14.04 -29.62
CA GLN E 364 -16.58 -14.50 -28.26
C GLN E 364 -15.86 -15.84 -28.23
N THR E 376 -21.28 -18.60 -26.50
CA THR E 376 -22.23 -18.19 -27.53
C THR E 376 -21.50 -17.66 -28.75
N ASN E 377 -22.18 -17.65 -29.89
CA ASN E 377 -21.58 -17.28 -31.17
C ASN E 377 -22.53 -16.39 -31.95
N THR E 378 -22.02 -15.25 -32.42
CA THR E 378 -22.82 -14.36 -33.25
C THR E 378 -23.06 -14.95 -34.63
N MET E 379 -22.06 -15.62 -35.20
CA MET E 379 -22.18 -16.26 -36.49
CA MET E 379 -22.16 -16.25 -36.50
C MET E 379 -21.63 -17.68 -36.41
N LYS E 380 -22.00 -18.49 -37.40
CA LYS E 380 -21.57 -19.88 -37.41
C LYS E 380 -20.07 -19.97 -37.63
N ASN E 381 -19.43 -20.88 -36.90
CA ASN E 381 -17.97 -20.98 -36.94
C ASN E 381 -17.49 -21.65 -38.21
N TYR E 382 -18.28 -22.56 -38.79
CA TYR E 382 -17.84 -23.30 -39.96
C TYR E 382 -17.65 -22.41 -41.17
N MET E 383 -18.25 -21.22 -41.17
CA MET E 383 -18.06 -20.26 -42.25
C MET E 383 -16.99 -19.23 -41.93
N ILE E 384 -16.46 -19.22 -40.70
CA ILE E 384 -15.47 -18.21 -40.33
C ILE E 384 -14.20 -18.29 -41.17
N PRO E 385 -13.59 -19.47 -41.43
CA PRO E 385 -12.36 -19.49 -42.21
C PRO E 385 -12.50 -18.82 -43.57
N VAL E 386 -13.43 -19.28 -44.39
CA VAL E 386 -13.57 -18.73 -45.74
C VAL E 386 -13.86 -17.23 -45.67
N VAL E 387 -14.74 -16.81 -44.75
CA VAL E 387 -15.01 -15.39 -44.57
C VAL E 387 -13.72 -14.65 -44.29
N ALA E 388 -12.91 -15.17 -43.36
CA ALA E 388 -11.62 -14.56 -43.07
C ALA E 388 -10.82 -14.41 -44.34
N GLN E 389 -10.68 -15.51 -45.10
CA GLN E 389 -9.98 -15.45 -46.37
C GLN E 389 -10.53 -14.33 -47.23
N ALA E 390 -11.86 -14.32 -47.40
CA ALA E 390 -12.51 -13.28 -48.18
C ALA E 390 -12.04 -11.90 -47.74
N PHE E 391 -12.19 -11.60 -46.45
CA PHE E 391 -11.84 -10.27 -45.96
C PHE E 391 -10.40 -9.95 -46.32
N SER E 392 -9.50 -10.90 -46.08
CA SER E 392 -8.09 -10.66 -46.38
C SER E 392 -7.91 -10.25 -47.83
N LYS E 393 -8.45 -11.05 -48.75
CA LYS E 393 -8.32 -10.71 -50.16
C LYS E 393 -8.90 -9.33 -50.42
N TRP E 394 -10.09 -9.07 -49.90
CA TRP E 394 -10.73 -7.79 -50.12
C TRP E 394 -9.81 -6.66 -49.66
N ALA E 395 -9.25 -6.79 -48.45
CA ALA E 395 -8.36 -5.76 -47.95
C ALA E 395 -7.23 -5.52 -48.95
N LYS E 396 -6.56 -6.60 -49.35
CA LYS E 396 -5.47 -6.50 -50.30
C LYS E 396 -5.91 -5.77 -51.55
N GLU E 397 -7.06 -6.16 -52.10
CA GLU E 397 -7.49 -5.56 -53.36
C GLU E 397 -7.71 -4.08 -53.20
N CYS E 398 -8.29 -3.65 -52.08
CA CYS E 398 -8.51 -2.23 -51.87
C CYS E 398 -7.19 -1.48 -51.93
N ARG E 399 -6.17 -2.02 -51.25
CA ARG E 399 -4.86 -1.39 -51.27
C ARG E 399 -4.33 -1.27 -52.70
N LYS E 400 -4.54 -2.31 -53.51
CA LYS E 400 -4.10 -2.24 -54.90
C LYS E 400 -4.76 -1.06 -55.60
N ASP E 401 -6.07 -0.91 -55.42
CA ASP E 401 -6.77 0.21 -56.05
C ASP E 401 -6.19 1.52 -55.57
N MET E 402 -5.76 1.57 -54.31
CA MET E 402 -5.17 2.79 -53.79
C MET E 402 -3.82 3.07 -54.43
N GLU E 403 -3.01 2.03 -54.65
CA GLU E 403 -1.68 2.26 -55.22
C GLU E 403 -1.76 2.64 -56.69
N ASP E 404 -2.63 1.97 -57.45
CA ASP E 404 -2.75 2.22 -58.88
C ASP E 404 -3.80 3.30 -59.15
N GLU E 405 -3.59 4.46 -58.53
CA GLU E 405 -4.52 5.58 -58.67
C GLU E 405 -4.44 6.13 -60.10
N LYS E 406 -5.60 6.16 -60.76
CA LYS E 406 -5.70 6.59 -62.15
C LYS E 406 -5.98 8.09 -62.24
N LEU E 407 -6.22 8.55 -63.47
CA LEU E 407 -6.53 9.95 -63.74
C LEU E 407 -8.01 10.08 -64.03
N LEU E 408 -8.60 11.20 -63.60
CA LEU E 408 -10.02 11.46 -63.86
C LEU E 408 -10.28 11.72 -65.34
N GLY E 409 -11.38 11.15 -65.83
CA GLY E 409 -11.80 11.37 -67.20
C GLY E 409 -11.02 10.61 -68.24
N VAL E 410 -10.21 9.63 -67.85
CA VAL E 410 -9.34 8.91 -68.76
C VAL E 410 -9.61 7.42 -68.62
N ARG E 411 -9.24 6.68 -69.67
CA ARG E 411 -9.37 5.22 -69.68
C ARG E 411 -8.33 4.70 -70.69
N GLU E 412 -7.25 4.11 -70.16
CA GLU E 412 -6.14 3.72 -71.01
C GLU E 412 -6.52 2.51 -71.88
N ARG E 413 -6.33 2.64 -73.18
CA ARG E 413 -6.68 1.58 -74.12
C ARG E 413 -5.53 1.37 -75.09
N THR E 414 -5.35 0.12 -75.52
CA THR E 414 -4.27 -0.27 -76.41
C THR E 414 -4.84 -0.97 -77.63
N LEU E 415 -4.40 -0.54 -78.81
CA LEU E 415 -4.88 -1.11 -80.06
C LEU E 415 -4.22 -2.46 -80.34
N THR E 416 -4.88 -3.27 -81.17
CA THR E 416 -4.41 -4.61 -81.52
C THR E 416 -4.43 -4.81 -83.03
N CYS E 417 -3.93 -3.81 -83.76
CA CYS E 417 -3.85 -3.86 -85.23
C CYS E 417 -5.21 -4.11 -85.86
N CYS E 418 -6.24 -3.47 -85.30
CA CYS E 418 -7.61 -3.61 -85.79
C CYS E 418 -8.42 -2.43 -85.27
N CYS E 419 -9.69 -2.40 -85.65
CA CYS E 419 -10.60 -1.41 -85.09
C CYS E 419 -11.15 -1.89 -83.76
N LEU E 420 -10.25 -2.35 -82.88
CA LEU E 420 -10.61 -2.81 -81.54
C LEU E 420 -9.43 -2.56 -80.62
N TRP E 421 -9.75 -2.24 -79.37
CA TRP E 421 -8.77 -1.79 -78.38
C TRP E 421 -9.05 -2.49 -77.06
N ALA E 422 -8.01 -3.09 -76.48
CA ALA E 422 -8.13 -3.81 -75.22
C ALA E 422 -7.56 -2.98 -74.08
N PHE E 423 -7.68 -3.51 -72.86
CA PHE E 423 -7.12 -2.90 -71.66
C PHE E 423 -6.96 -3.99 -70.61
N LYS E 424 -6.20 -3.69 -69.58
CA LYS E 424 -5.95 -4.64 -68.50
C LYS E 424 -7.17 -4.74 -67.59
N LYS E 425 -7.60 -5.97 -67.32
CA LYS E 425 -8.67 -6.25 -66.37
C LYS E 425 -8.05 -6.71 -65.07
N GLN E 426 -8.35 -6.02 -63.98
CA GLN E 426 -7.77 -6.36 -62.69
C GLN E 426 -8.38 -7.66 -62.16
N LYS E 427 -7.62 -8.33 -61.30
CA LYS E 427 -8.09 -9.56 -60.67
C LYS E 427 -8.99 -9.22 -59.50
N THR E 428 -10.15 -9.89 -59.43
CA THR E 428 -11.14 -9.65 -58.38
C THR E 428 -11.50 -10.99 -57.76
N HIS E 429 -11.03 -11.22 -56.54
CA HIS E 429 -11.27 -12.47 -55.83
C HIS E 429 -12.30 -12.35 -54.72
N THR E 430 -12.89 -11.16 -54.53
CA THR E 430 -13.87 -10.98 -53.46
C THR E 430 -14.85 -9.88 -53.85
N VAL E 431 -16.13 -10.20 -53.83
CA VAL E 431 -17.21 -9.22 -53.85
C VAL E 431 -17.74 -9.13 -52.42
N TYR E 432 -17.68 -7.93 -51.85
CA TYR E 432 -18.07 -7.70 -50.46
C TYR E 432 -19.09 -6.57 -50.44
N LYS E 433 -20.37 -6.93 -50.30
CA LYS E 433 -21.44 -5.94 -50.15
C LYS E 433 -21.62 -5.68 -48.66
N ARG E 434 -21.11 -4.53 -48.20
CA ARG E 434 -21.19 -4.17 -46.81
C ARG E 434 -22.62 -3.84 -46.41
N PRO E 435 -22.92 -3.88 -45.12
CA PRO E 435 -24.25 -3.46 -44.65
C PRO E 435 -24.57 -2.05 -45.13
N ASP E 436 -25.82 -1.87 -45.56
CA ASP E 436 -26.36 -0.61 -46.08
C ASP E 436 -25.89 -0.30 -47.50
N THR E 437 -25.44 -1.31 -48.25
CA THR E 437 -25.18 -1.16 -49.67
C THR E 437 -26.27 -1.88 -50.46
N GLN E 438 -26.22 -1.73 -51.77
CA GLN E 438 -27.22 -2.33 -52.66
C GLN E 438 -26.53 -2.98 -53.85
N SER E 439 -26.87 -4.24 -54.10
CA SER E 439 -26.52 -4.90 -55.34
C SER E 439 -27.53 -4.49 -56.41
N ILE E 440 -27.04 -4.19 -57.60
CA ILE E 440 -27.91 -3.84 -58.72
C ILE E 440 -27.52 -4.71 -59.92
N GLN E 441 -28.45 -5.54 -60.36
CA GLN E 441 -28.23 -6.44 -61.48
C GLN E 441 -29.14 -6.02 -62.62
N LYS E 442 -28.77 -6.35 -63.84
CA LYS E 442 -29.62 -6.05 -64.99
C LYS E 442 -30.22 -7.36 -65.49
N VAL E 443 -31.55 -7.42 -65.48
CA VAL E 443 -32.30 -8.62 -65.81
C VAL E 443 -33.35 -8.25 -66.83
N GLN E 444 -33.99 -9.27 -67.40
CA GLN E 444 -35.08 -9.03 -68.33
C GLN E 444 -36.25 -8.36 -67.62
N ALA E 445 -36.85 -7.37 -68.26
CA ALA E 445 -38.00 -6.68 -67.71
C ALA E 445 -39.17 -6.60 -68.66
N GLU E 446 -39.05 -7.12 -69.88
CA GLU E 446 -40.13 -7.14 -70.86
C GLU E 446 -40.34 -8.60 -71.26
N PHE E 447 -41.39 -9.22 -70.72
CA PHE E 447 -41.71 -10.61 -70.99
C PHE E 447 -42.89 -10.68 -71.94
N ASP E 448 -42.71 -11.41 -73.04
CA ASP E 448 -43.75 -11.52 -74.05
C ASP E 448 -43.93 -12.92 -74.60
N SER E 449 -43.21 -13.91 -74.10
CA SER E 449 -43.29 -15.28 -74.62
C SER E 449 -43.58 -16.22 -73.46
N PHE E 450 -44.87 -16.31 -73.10
CA PHE E 450 -45.34 -17.26 -72.11
C PHE E 450 -45.92 -18.52 -72.75
N VAL E 451 -45.88 -18.61 -74.09
CA VAL E 451 -46.45 -19.76 -74.79
C VAL E 451 -45.58 -21.00 -74.66
N VAL E 452 -44.37 -20.88 -74.12
CA VAL E 452 -43.48 -22.01 -73.94
C VAL E 452 -44.05 -23.01 -72.94
N SER E 458 -53.33 -34.19 -64.26
CA SER E 458 -53.55 -35.63 -64.26
C SER E 458 -52.32 -36.36 -63.73
N GLY E 459 -52.02 -36.16 -62.45
CA GLY E 459 -50.87 -36.79 -61.85
C GLY E 459 -51.15 -37.53 -60.55
N LEU E 460 -52.33 -38.13 -60.45
CA LEU E 460 -52.73 -38.88 -59.27
C LEU E 460 -53.15 -40.29 -59.68
N SER E 461 -52.66 -41.28 -58.95
CA SER E 461 -52.88 -42.69 -59.25
C SER E 461 -54.09 -43.21 -58.50
N ILE E 462 -54.65 -44.32 -59.00
CA ILE E 462 -55.85 -44.89 -58.39
C ILE E 462 -55.62 -45.37 -56.96
N PRO E 463 -54.55 -46.12 -56.65
CA PRO E 463 -54.36 -46.54 -55.24
C PRO E 463 -54.24 -45.36 -54.27
N LEU E 464 -53.58 -44.28 -54.68
CA LEU E 464 -53.54 -43.10 -53.82
C LEU E 464 -54.92 -42.49 -53.66
N ARG E 465 -55.71 -42.48 -54.73
CA ARG E 465 -57.10 -42.04 -54.64
C ARG E 465 -57.87 -42.84 -53.60
N THR E 466 -57.72 -44.17 -53.65
CA THR E 466 -58.44 -45.02 -52.70
C THR E 466 -57.96 -44.78 -51.27
N ARG E 467 -56.65 -44.60 -51.09
CA ARG E 467 -56.12 -44.33 -49.76
C ARG E 467 -56.64 -43.02 -49.20
N ILE E 468 -56.77 -41.99 -50.05
CA ILE E 468 -57.21 -40.68 -49.57
C ILE E 468 -58.62 -40.76 -49.01
N LYS E 469 -59.51 -41.50 -49.68
CA LYS E 469 -60.88 -41.68 -49.19
C LYS E 469 -60.91 -42.31 -47.81
N PRO F 3 -43.91 -36.50 -17.81
CA PRO F 3 -42.73 -36.93 -17.07
C PRO F 3 -42.24 -38.32 -17.47
N VAL F 4 -41.12 -38.37 -18.18
CA VAL F 4 -40.51 -39.63 -18.59
C VAL F 4 -39.28 -39.86 -17.72
N TYR F 5 -39.23 -41.02 -17.08
CA TYR F 5 -38.14 -41.37 -16.17
C TYR F 5 -37.13 -42.25 -16.90
N VAL F 6 -35.86 -41.86 -16.80
CA VAL F 6 -34.77 -42.53 -17.50
C VAL F 6 -33.81 -43.08 -16.46
N ASP F 7 -33.35 -44.31 -16.66
CA ASP F 7 -32.44 -44.97 -15.74
C ASP F 7 -31.01 -44.51 -16.06
N ILE F 8 -30.72 -43.26 -15.68
CA ILE F 8 -29.38 -42.70 -15.81
C ILE F 8 -29.06 -41.92 -14.55
N ASP F 9 -27.78 -41.60 -14.38
CA ASP F 9 -27.32 -40.89 -13.21
C ASP F 9 -27.85 -39.46 -13.21
N ALA F 10 -28.18 -38.96 -12.01
CA ALA F 10 -28.74 -37.62 -11.89
C ALA F 10 -27.76 -36.55 -12.36
N ASP F 11 -26.48 -36.75 -12.10
CA ASP F 11 -25.46 -35.78 -12.44
C ASP F 11 -24.86 -36.01 -13.84
N SER F 12 -25.36 -36.99 -14.58
CA SER F 12 -24.80 -37.28 -15.90
C SER F 12 -25.02 -36.12 -16.85
N ALA F 13 -24.04 -35.87 -17.71
CA ALA F 13 -24.13 -34.77 -18.67
C ALA F 13 -24.94 -35.15 -19.90
N PHE F 14 -25.26 -36.43 -20.08
CA PHE F 14 -26.15 -36.85 -21.15
C PHE F 14 -27.58 -36.38 -20.93
N LEU F 15 -27.91 -35.94 -19.71
CA LEU F 15 -29.27 -35.51 -19.41
C LEU F 15 -29.66 -34.29 -20.22
N LYS F 16 -28.76 -33.32 -20.33
CA LYS F 16 -29.03 -32.13 -21.12
C LYS F 16 -29.19 -32.46 -22.60
N ALA F 17 -28.35 -33.38 -23.10
CA ALA F 17 -28.47 -33.79 -24.49
C ALA F 17 -29.81 -34.48 -24.75
N LEU F 18 -30.25 -35.33 -23.83
CA LEU F 18 -31.56 -35.96 -23.98
C LEU F 18 -32.68 -34.94 -23.91
N GLN F 19 -32.56 -33.96 -23.02
CA GLN F 19 -33.59 -32.93 -22.92
C GLN F 19 -33.68 -32.11 -24.21
N ARG F 20 -32.54 -31.77 -24.81
CA ARG F 20 -32.57 -31.06 -26.07
C ARG F 20 -33.10 -31.93 -27.21
N ALA F 21 -32.80 -33.22 -27.18
CA ALA F 21 -33.29 -34.11 -28.23
C ALA F 21 -34.79 -34.32 -28.14
N TYR F 22 -35.35 -34.25 -26.94
CA TYR F 22 -36.77 -34.46 -26.71
C TYR F 22 -37.33 -33.28 -25.92
N PRO F 23 -37.52 -32.13 -26.58
CA PRO F 23 -38.04 -30.96 -25.86
C PRO F 23 -39.51 -31.08 -25.49
N MET F 24 -40.25 -32.02 -26.05
CA MET F 24 -41.67 -32.20 -25.75
C MET F 24 -41.92 -33.07 -24.54
N PHE F 25 -40.87 -33.53 -23.86
CA PHE F 25 -41.00 -34.37 -22.68
C PHE F 25 -40.28 -33.72 -21.51
N GLU F 26 -40.70 -34.08 -20.30
CA GLU F 26 -39.99 -33.71 -19.08
C GLU F 26 -39.16 -34.92 -18.67
N VAL F 27 -37.85 -34.84 -18.90
CA VAL F 27 -36.96 -35.98 -18.73
C VAL F 27 -36.39 -35.92 -17.32
N GLU F 28 -36.62 -36.98 -16.54
CA GLU F 28 -36.16 -37.03 -15.17
C GLU F 28 -35.30 -38.26 -14.94
N PRO F 29 -34.13 -38.12 -14.34
CA PRO F 29 -33.28 -39.29 -14.08
C PRO F 29 -33.75 -40.06 -12.86
N ARG F 30 -33.93 -41.37 -13.03
CA ARG F 30 -34.29 -42.28 -11.94
C ARG F 30 -33.40 -43.51 -12.08
N GLN F 31 -32.22 -43.46 -11.47
CA GLN F 31 -31.23 -44.52 -11.62
C GLN F 31 -31.59 -45.69 -10.72
N VAL F 32 -31.72 -46.88 -11.31
CA VAL F 32 -32.00 -48.09 -10.56
C VAL F 32 -31.00 -49.20 -10.79
N THR F 33 -30.22 -49.16 -11.87
CA THR F 33 -29.24 -50.19 -12.18
C THR F 33 -27.96 -49.53 -12.65
N PRO F 34 -26.80 -50.20 -12.46
CA PRO F 34 -25.51 -49.66 -12.90
C PRO F 34 -25.18 -50.04 -14.35
N ASN F 35 -26.12 -49.79 -15.25
CA ASN F 35 -25.99 -50.22 -16.63
C ASN F 35 -24.87 -49.46 -17.33
N ASP F 36 -24.01 -50.20 -18.04
CA ASP F 36 -22.91 -49.55 -18.74
C ASP F 36 -23.31 -49.02 -20.11
N HIS F 37 -24.49 -49.33 -20.60
CA HIS F 37 -25.05 -48.72 -21.80
C HIS F 37 -26.37 -48.03 -21.45
N ALA F 38 -26.37 -47.28 -20.35
CA ALA F 38 -27.59 -46.65 -19.86
C ALA F 38 -28.08 -45.59 -20.84
N ASN F 39 -27.17 -44.86 -21.47
CA ASN F 39 -27.56 -43.77 -22.37
C ASN F 39 -28.28 -44.29 -23.61
N ALA F 40 -27.81 -45.40 -24.18
CA ALA F 40 -28.46 -45.97 -25.36
C ALA F 40 -29.88 -46.43 -25.02
N ARG F 41 -30.04 -47.10 -23.88
CA ARG F 41 -31.35 -47.54 -23.44
C ARG F 41 -32.27 -46.36 -23.17
N ALA F 42 -31.73 -45.30 -22.56
CA ALA F 42 -32.53 -44.11 -22.30
C ALA F 42 -33.01 -43.47 -23.60
N PHE F 43 -32.12 -43.38 -24.59
CA PHE F 43 -32.53 -42.81 -25.88
C PHE F 43 -33.60 -43.66 -26.54
N SER F 44 -33.45 -44.99 -26.50
CA SER F 44 -34.45 -45.86 -27.09
C SER F 44 -35.80 -45.72 -26.39
N HIS F 45 -35.78 -45.60 -25.06
CA HIS F 45 -37.01 -45.42 -24.31
C HIS F 45 -37.72 -44.12 -24.71
N LEU F 46 -36.97 -43.03 -24.77
CA LEU F 46 -37.58 -41.76 -25.16
C LEU F 46 -38.06 -41.80 -26.61
N ALA F 47 -37.33 -42.50 -27.48
CA ALA F 47 -37.72 -42.60 -28.88
C ALA F 47 -39.05 -43.33 -29.03
N ILE F 48 -39.22 -44.44 -28.31
CA ILE F 48 -40.49 -45.16 -28.42
C ILE F 48 -41.62 -44.34 -27.83
N LYS F 49 -41.36 -43.58 -26.75
CA LYS F 49 -42.37 -42.67 -26.25
C LYS F 49 -42.79 -41.66 -27.31
N LEU F 50 -41.83 -41.06 -27.99
CA LEU F 50 -42.16 -40.05 -29.00
C LEU F 50 -42.93 -40.66 -30.17
N ILE F 51 -42.51 -41.84 -30.63
CA ILE F 51 -43.21 -42.51 -31.73
C ILE F 51 -44.65 -42.81 -31.33
N GLU F 52 -44.85 -43.33 -30.11
CA GLU F 52 -46.20 -43.56 -29.63
C GLU F 52 -47.00 -42.26 -29.56
N GLN F 53 -46.34 -41.16 -29.22
CA GLN F 53 -47.03 -39.87 -29.17
C GLN F 53 -47.53 -39.45 -30.55
N GLU F 54 -46.72 -39.65 -31.59
CA GLU F 54 -47.10 -39.15 -32.91
C GLU F 54 -48.22 -39.94 -33.57
N ILE F 55 -48.24 -41.25 -33.40
CA ILE F 55 -49.13 -42.12 -34.17
C ILE F 55 -50.50 -42.20 -33.52
N ASP F 56 -51.49 -42.58 -34.33
CA ASP F 56 -52.86 -42.65 -33.87
C ASP F 56 -53.05 -43.84 -32.92
N PRO F 57 -53.71 -43.64 -31.77
CA PRO F 57 -53.92 -44.77 -30.84
C PRO F 57 -54.60 -45.97 -31.46
N ASP F 58 -55.56 -45.75 -32.35
CA ASP F 58 -56.29 -46.86 -32.97
C ASP F 58 -55.44 -47.63 -33.99
N SER F 59 -54.24 -47.15 -34.31
CA SER F 59 -53.39 -47.84 -35.25
C SER F 59 -52.84 -49.14 -34.65
N THR F 60 -52.59 -50.12 -35.50
CA THR F 60 -51.91 -51.34 -35.14
C THR F 60 -50.46 -51.28 -35.64
N ILE F 61 -49.52 -51.61 -34.77
CA ILE F 61 -48.10 -51.35 -35.00
C ILE F 61 -47.37 -52.68 -35.11
N LEU F 62 -46.73 -52.93 -36.24
CA LEU F 62 -45.82 -54.05 -36.34
C LEU F 62 -44.51 -53.70 -35.66
N ASP F 63 -44.05 -54.57 -34.77
CA ASP F 63 -42.76 -54.41 -34.10
C ASP F 63 -41.85 -55.46 -34.71
N ILE F 64 -41.01 -55.03 -35.65
CA ILE F 64 -40.16 -55.94 -36.39
C ILE F 64 -38.94 -56.27 -35.55
N GLY F 65 -38.65 -57.57 -35.40
CA GLY F 65 -37.56 -57.97 -34.54
C GLY F 65 -37.82 -57.54 -33.12
N SER F 66 -39.02 -57.81 -32.63
CA SER F 66 -39.47 -57.24 -31.37
C SER F 66 -38.81 -57.92 -30.17
N ALA F 67 -38.70 -57.17 -29.08
CA ALA F 67 -38.45 -57.70 -27.75
C ALA F 67 -39.75 -57.56 -26.98
N PRO F 68 -40.62 -58.57 -26.98
CA PRO F 68 -42.02 -58.37 -26.56
C PRO F 68 -42.18 -57.93 -25.12
N ALA F 69 -41.18 -58.17 -24.26
CA ALA F 69 -41.28 -57.77 -22.87
C ALA F 69 -41.33 -56.26 -22.70
N ARG F 70 -40.89 -55.50 -23.71
CA ARG F 70 -40.88 -54.06 -23.64
C ARG F 70 -42.19 -53.43 -24.09
N ARG F 71 -42.98 -54.13 -24.89
CA ARG F 71 -44.29 -53.66 -25.32
C ARG F 71 -45.43 -54.15 -24.43
N MET F 72 -45.12 -54.87 -23.34
CA MET F 72 -46.17 -55.53 -22.57
C MET F 72 -46.90 -54.55 -21.65
N MET F 73 -46.20 -53.53 -21.14
CA MET F 73 -46.85 -52.40 -20.46
C MET F 73 -47.15 -51.24 -21.41
N SER F 74 -47.88 -51.50 -22.49
CA SER F 74 -48.19 -50.49 -23.48
C SER F 74 -49.67 -50.57 -23.86
N ASP F 75 -50.34 -49.42 -23.82
CA ASP F 75 -51.73 -49.35 -24.26
C ASP F 75 -51.89 -49.55 -25.75
N ARG F 76 -50.82 -49.40 -26.53
CA ARG F 76 -50.92 -49.49 -27.97
C ARG F 76 -51.11 -50.95 -28.42
N LYS F 77 -51.49 -51.12 -29.68
CA LYS F 77 -51.76 -52.43 -30.25
C LYS F 77 -50.55 -52.90 -31.04
N TYR F 78 -49.62 -53.54 -30.33
CA TYR F 78 -48.38 -54.03 -30.92
C TYR F 78 -48.56 -55.47 -31.38
N HIS F 79 -48.14 -55.74 -32.62
CA HIS F 79 -47.99 -57.10 -33.11
C HIS F 79 -46.50 -57.35 -33.23
N CYS F 80 -45.97 -58.22 -32.38
CA CYS F 80 -44.54 -58.43 -32.26
C CYS F 80 -44.11 -59.55 -33.19
N VAL F 81 -43.15 -59.28 -34.06
CA VAL F 81 -42.66 -60.25 -35.04
C VAL F 81 -41.32 -60.77 -34.51
N CYS F 82 -41.29 -62.05 -34.14
CA CYS F 82 -40.15 -62.64 -33.45
C CYS F 82 -39.70 -63.90 -34.18
N PRO F 83 -38.85 -63.76 -35.20
CA PRO F 83 -38.38 -64.94 -35.95
C PRO F 83 -37.48 -65.87 -35.18
N MET F 84 -36.92 -65.44 -34.05
CA MET F 84 -36.02 -66.26 -33.22
C MET F 84 -34.76 -66.65 -33.99
N ARG F 85 -34.10 -65.66 -34.58
CA ARG F 85 -32.87 -65.89 -35.33
C ARG F 85 -31.62 -65.42 -34.61
N SER F 86 -31.74 -64.99 -33.35
CA SER F 86 -30.60 -64.52 -32.58
C SER F 86 -30.44 -65.38 -31.34
N ALA F 87 -29.18 -65.54 -30.90
CA ALA F 87 -28.89 -66.32 -29.71
C ALA F 87 -29.39 -65.66 -28.44
N GLU F 88 -29.72 -64.38 -28.48
CA GLU F 88 -30.25 -63.66 -27.33
C GLU F 88 -31.78 -63.66 -27.29
N ASP F 89 -32.43 -64.23 -28.30
CA ASP F 89 -33.89 -64.23 -28.42
C ASP F 89 -34.58 -65.20 -27.46
N PRO F 90 -34.07 -66.42 -27.24
CA PRO F 90 -34.72 -67.28 -26.24
C PRO F 90 -34.82 -66.65 -24.87
N GLU F 91 -33.79 -65.92 -24.45
CA GLU F 91 -33.84 -65.24 -23.17
C GLU F 91 -34.93 -64.17 -23.16
N ARG F 92 -35.05 -63.41 -24.25
CA ARG F 92 -36.06 -62.37 -24.31
C ARG F 92 -37.47 -62.95 -24.31
N LEU F 93 -37.67 -64.07 -25.01
CA LEU F 93 -38.98 -64.72 -24.97
C LEU F 93 -39.31 -65.25 -23.58
N ALA F 94 -38.32 -65.85 -22.91
CA ALA F 94 -38.55 -66.34 -21.56
C ALA F 94 -38.86 -65.18 -20.61
N ASN F 95 -38.18 -64.06 -20.78
CA ASN F 95 -38.45 -62.88 -19.95
C ASN F 95 -39.86 -62.36 -20.21
N TYR F 96 -40.29 -62.36 -21.47
CA TYR F 96 -41.65 -61.96 -21.80
C TYR F 96 -42.67 -62.85 -21.10
N ALA F 97 -42.47 -64.18 -21.18
CA ALA F 97 -43.41 -65.10 -20.55
C ALA F 97 -43.43 -64.91 -19.03
N ARG F 98 -42.25 -64.73 -18.44
CA ARG F 98 -42.16 -64.54 -16.99
C ARG F 98 -42.89 -63.28 -16.56
N LYS F 99 -42.70 -62.19 -17.29
CA LYS F 99 -43.35 -60.93 -16.92
C LYS F 99 -44.86 -60.99 -17.14
N LEU F 100 -45.30 -61.68 -18.21
CA LEU F 100 -46.73 -61.88 -18.41
C LEU F 100 -47.34 -62.65 -17.26
N ALA F 101 -46.67 -63.71 -16.81
CA ALA F 101 -47.16 -64.47 -15.67
C ALA F 101 -47.19 -63.61 -14.41
N SER F 102 -46.16 -62.79 -14.21
CA SER F 102 -46.13 -61.91 -13.04
C SER F 102 -47.17 -60.80 -13.11
N ALA F 103 -47.75 -60.53 -14.28
CA ALA F 103 -48.81 -59.52 -14.39
C ALA F 103 -50.12 -60.12 -14.89
N ALA F 104 -50.33 -61.43 -14.71
CA ALA F 104 -51.47 -62.10 -15.32
C ALA F 104 -52.79 -61.58 -14.76
N GLY F 105 -52.88 -61.44 -13.44
CA GLY F 105 -54.12 -61.02 -12.81
C GLY F 105 -53.93 -59.85 -11.87
N LYS F 106 -52.98 -58.99 -12.21
CA LYS F 106 -52.65 -57.82 -11.41
C LYS F 106 -52.63 -56.53 -12.21
N VAL F 107 -52.43 -56.58 -13.52
CA VAL F 107 -52.60 -55.44 -14.40
C VAL F 107 -53.86 -55.68 -15.22
N LEU F 108 -54.77 -54.71 -15.23
CA LEU F 108 -56.11 -54.91 -15.76
C LEU F 108 -56.28 -54.44 -17.20
N ASP F 109 -55.87 -53.21 -17.50
CA ASP F 109 -56.16 -52.56 -18.77
C ASP F 109 -54.99 -52.58 -19.74
N ARG F 110 -54.17 -53.64 -19.71
CA ARG F 110 -53.05 -53.78 -20.64
C ARG F 110 -53.16 -55.04 -21.49
N ASN F 111 -54.30 -55.73 -21.44
CA ASN F 111 -54.56 -56.92 -22.26
C ASN F 111 -53.56 -58.04 -21.96
N ILE F 112 -53.21 -58.20 -20.69
CA ILE F 112 -52.26 -59.23 -20.31
C ILE F 112 -52.84 -60.62 -20.58
N SER F 113 -54.12 -60.82 -20.26
CA SER F 113 -54.75 -62.10 -20.53
C SER F 113 -54.76 -62.41 -22.03
N GLY F 114 -55.03 -61.41 -22.85
CA GLY F 114 -54.99 -61.61 -24.29
C GLY F 114 -53.59 -61.95 -24.78
N LYS F 115 -52.58 -61.26 -24.26
CA LYS F 115 -51.20 -61.54 -24.67
C LYS F 115 -50.80 -62.97 -24.29
N ILE F 116 -51.17 -63.41 -23.09
CA ILE F 116 -50.91 -64.79 -22.70
C ILE F 116 -51.64 -65.76 -23.62
N GLY F 117 -52.88 -65.43 -23.99
CA GLY F 117 -53.61 -66.29 -24.91
C GLY F 117 -52.92 -66.44 -26.24
N ASP F 118 -52.46 -65.31 -26.81
CA ASP F 118 -51.75 -65.39 -28.09
C ASP F 118 -50.43 -66.12 -27.95
N LEU F 119 -49.72 -65.94 -26.83
CA LEU F 119 -48.46 -66.65 -26.65
C LEU F 119 -48.69 -68.15 -26.60
N GLN F 120 -49.67 -68.62 -25.82
CA GLN F 120 -49.99 -70.04 -25.81
C GLN F 120 -50.48 -70.52 -27.17
N ALA F 121 -51.17 -69.64 -27.92
CA ALA F 121 -51.65 -70.02 -29.24
C ALA F 121 -50.50 -70.28 -30.19
N VAL F 122 -49.52 -69.38 -30.24
CA VAL F 122 -48.37 -69.59 -31.11
C VAL F 122 -47.52 -70.76 -30.61
N MET F 123 -47.53 -71.01 -29.30
CA MET F 123 -46.83 -72.17 -28.79
C MET F 123 -47.49 -73.46 -29.25
N ALA F 124 -48.82 -73.49 -29.30
CA ALA F 124 -49.53 -74.68 -29.77
C ALA F 124 -49.32 -74.89 -31.26
N VAL F 125 -49.77 -73.95 -32.08
CA VAL F 125 -49.55 -73.97 -33.52
C VAL F 125 -48.53 -72.89 -33.84
N PRO F 126 -47.31 -73.24 -34.25
CA PRO F 126 -46.28 -72.22 -34.47
C PRO F 126 -46.63 -71.22 -35.57
N ASP F 127 -47.37 -71.63 -36.58
CA ASP F 127 -47.64 -70.80 -37.75
C ASP F 127 -48.85 -69.89 -37.57
N THR F 128 -49.55 -69.96 -36.45
CA THR F 128 -50.72 -69.11 -36.26
C THR F 128 -50.30 -67.66 -36.13
N GLU F 129 -51.13 -66.76 -36.65
CA GLU F 129 -50.83 -65.33 -36.68
C GLU F 129 -51.77 -64.62 -35.70
N THR F 130 -51.28 -64.39 -34.50
CA THR F 130 -52.08 -63.80 -33.44
C THR F 130 -51.89 -62.28 -33.38
N PRO F 131 -52.87 -61.57 -32.82
CA PRO F 131 -52.82 -60.09 -32.89
C PRO F 131 -51.62 -59.46 -32.20
N THR F 132 -51.02 -60.13 -31.22
CA THR F 132 -49.93 -59.54 -30.47
C THR F 132 -48.60 -60.27 -30.59
N PHE F 133 -48.56 -61.43 -31.24
CA PHE F 133 -47.33 -62.21 -31.30
C PHE F 133 -47.35 -63.13 -32.50
N CYS F 134 -46.16 -63.36 -33.07
CA CYS F 134 -45.96 -64.36 -34.11
C CYS F 134 -44.49 -64.70 -34.17
N LEU F 135 -44.19 -65.86 -34.76
CA LEU F 135 -42.81 -66.33 -34.92
C LEU F 135 -42.36 -66.28 -36.37
N HIS F 136 -42.80 -65.26 -37.12
CA HIS F 136 -42.42 -65.12 -38.52
C HIS F 136 -41.35 -64.04 -38.66
N THR F 137 -40.98 -63.75 -39.90
CA THR F 137 -40.04 -62.67 -40.18
C THR F 137 -40.78 -61.47 -40.74
N ASP F 138 -40.02 -60.43 -41.07
CA ASP F 138 -40.61 -59.24 -41.68
C ASP F 138 -41.20 -59.54 -43.05
N VAL F 139 -40.65 -60.53 -43.76
CA VAL F 139 -41.10 -60.85 -45.11
C VAL F 139 -42.02 -62.06 -45.15
N SER F 140 -42.30 -62.69 -44.01
CA SER F 140 -43.18 -63.84 -43.96
C SER F 140 -44.36 -63.67 -43.04
N CYS F 141 -44.39 -62.62 -42.21
CA CYS F 141 -45.56 -62.33 -41.40
C CYS F 141 -46.70 -61.87 -42.29
N ARG F 142 -47.92 -62.27 -41.94
CA ARG F 142 -49.09 -61.93 -42.72
C ARG F 142 -49.99 -60.89 -42.05
N GLN F 143 -49.65 -60.45 -40.84
CA GLN F 143 -50.47 -59.48 -40.13
C GLN F 143 -50.39 -58.13 -40.83
N ARG F 144 -51.53 -57.67 -41.33
CA ARG F 144 -51.61 -56.35 -41.94
C ARG F 144 -51.65 -55.29 -40.84
N ALA F 145 -51.02 -54.15 -41.10
CA ALA F 145 -50.94 -53.10 -40.08
C ALA F 145 -50.72 -51.76 -40.76
N ASP F 146 -50.83 -50.69 -39.98
CA ASP F 146 -50.66 -49.33 -40.46
C ASP F 146 -49.29 -48.74 -40.15
N VAL F 147 -48.63 -49.20 -39.09
CA VAL F 147 -47.34 -48.67 -38.67
C VAL F 147 -46.38 -49.82 -38.44
N ALA F 148 -45.11 -49.61 -38.80
CA ALA F 148 -44.04 -50.55 -38.49
C ALA F 148 -42.95 -49.82 -37.73
N ILE F 149 -42.35 -50.51 -36.77
CA ILE F 149 -41.28 -49.95 -35.95
C ILE F 149 -40.08 -50.89 -35.99
N TYR F 150 -38.91 -50.35 -36.30
CA TYR F 150 -37.64 -51.07 -36.23
C TYR F 150 -36.84 -50.43 -35.11
N GLN F 151 -36.67 -51.12 -34.00
CA GLN F 151 -35.90 -50.61 -32.87
C GLN F 151 -34.64 -51.44 -32.74
N ASP F 152 -33.49 -50.83 -33.03
CA ASP F 152 -32.19 -51.50 -33.03
C ASP F 152 -32.21 -52.77 -33.87
N VAL F 153 -32.73 -52.65 -35.08
CA VAL F 153 -32.74 -53.73 -36.05
C VAL F 153 -31.77 -53.37 -37.16
N TYR F 154 -30.69 -54.15 -37.27
CA TYR F 154 -29.68 -53.95 -38.31
C TYR F 154 -29.50 -55.16 -39.20
N ALA F 155 -30.28 -56.23 -39.00
CA ALA F 155 -30.06 -57.49 -39.68
C ALA F 155 -30.95 -57.66 -40.90
N VAL F 156 -31.64 -56.61 -41.33
CA VAL F 156 -32.54 -56.69 -42.48
C VAL F 156 -32.10 -55.67 -43.52
N HIS F 157 -32.22 -56.05 -44.79
CA HIS F 157 -32.08 -55.11 -45.88
C HIS F 157 -33.24 -54.12 -45.83
N ALA F 158 -32.92 -52.82 -45.80
CA ALA F 158 -33.96 -51.82 -45.61
C ALA F 158 -34.99 -51.79 -46.74
N PRO F 159 -34.62 -51.69 -48.02
CA PRO F 159 -35.67 -51.61 -49.06
C PRO F 159 -36.55 -52.83 -49.12
N THR F 160 -36.00 -54.04 -49.01
CA THR F 160 -36.83 -55.24 -49.08
C THR F 160 -37.81 -55.32 -47.92
N SER F 161 -37.33 -55.04 -46.70
CA SER F 161 -38.20 -55.06 -45.54
C SER F 161 -39.28 -53.99 -45.64
N LEU F 162 -38.91 -52.79 -46.09
CA LEU F 162 -39.89 -51.71 -46.21
C LEU F 162 -40.93 -52.02 -47.29
N TYR F 163 -40.50 -52.63 -48.40
CA TYR F 163 -41.46 -53.00 -49.44
C TYR F 163 -42.42 -54.07 -48.94
N HIS F 164 -41.90 -55.04 -48.19
CA HIS F 164 -42.77 -56.09 -47.66
C HIS F 164 -43.74 -55.54 -46.62
N GLN F 165 -43.33 -54.52 -45.88
CA GLN F 165 -44.27 -53.83 -44.99
C GLN F 165 -45.32 -53.07 -45.80
N ALA F 166 -44.89 -52.37 -46.86
CA ALA F 166 -45.77 -51.50 -47.61
C ALA F 166 -46.86 -52.29 -48.34
N ILE F 167 -46.50 -53.44 -48.91
CA ILE F 167 -47.50 -54.27 -49.58
C ILE F 167 -48.50 -54.87 -48.60
N LYS F 168 -48.26 -54.72 -47.30
CA LYS F 168 -49.21 -55.14 -46.27
C LYS F 168 -50.00 -53.96 -45.72
N GLY F 169 -49.95 -52.81 -46.37
CA GLY F 169 -50.70 -51.65 -45.96
C GLY F 169 -50.00 -50.73 -44.99
N VAL F 170 -48.76 -51.02 -44.61
CA VAL F 170 -48.03 -50.15 -43.70
C VAL F 170 -47.68 -48.86 -44.43
N ARG F 171 -48.02 -47.73 -43.83
CA ARG F 171 -47.83 -46.44 -44.46
C ARG F 171 -46.84 -45.57 -43.71
N LEU F 172 -46.47 -45.95 -42.50
CA LEU F 172 -45.48 -45.26 -41.70
C LEU F 172 -44.56 -46.29 -41.08
N ALA F 173 -43.26 -46.04 -41.16
CA ALA F 173 -42.25 -46.89 -40.55
C ALA F 173 -41.28 -46.02 -39.77
N TYR F 174 -40.74 -46.56 -38.69
CA TYR F 174 -39.82 -45.86 -37.83
C TYR F 174 -38.59 -46.73 -37.61
N TRP F 175 -37.41 -46.12 -37.73
CA TRP F 175 -36.15 -46.82 -37.50
C TRP F 175 -35.37 -46.09 -36.41
N VAL F 176 -35.13 -46.76 -35.30
CA VAL F 176 -34.33 -46.23 -34.21
C VAL F 176 -33.00 -46.97 -34.21
N GLY F 177 -31.90 -46.24 -34.32
CA GLY F 177 -30.62 -46.93 -34.29
C GLY F 177 -29.46 -45.95 -34.31
N PHE F 178 -28.26 -46.51 -34.27
CA PHE F 178 -27.06 -45.71 -34.36
C PHE F 178 -26.94 -45.09 -35.75
N ASP F 179 -26.30 -43.93 -35.81
CA ASP F 179 -26.12 -43.21 -37.07
C ASP F 179 -25.35 -44.06 -38.07
N THR F 180 -25.87 -44.12 -39.29
CA THR F 180 -25.27 -44.90 -40.37
C THR F 180 -24.26 -44.10 -41.18
N THR F 181 -24.06 -42.83 -40.85
CA THR F 181 -23.06 -42.02 -41.55
C THR F 181 -21.63 -42.55 -41.44
N PRO F 182 -21.13 -42.98 -40.27
CA PRO F 182 -19.75 -43.48 -40.22
C PRO F 182 -19.49 -44.65 -41.13
N PHE F 183 -20.50 -45.43 -41.46
CA PHE F 183 -20.33 -46.56 -42.37
C PHE F 183 -20.53 -46.16 -43.83
N MET F 184 -21.09 -44.98 -44.09
CA MET F 184 -21.12 -44.45 -45.44
C MET F 184 -19.76 -43.87 -45.83
N TYR F 185 -18.96 -43.48 -44.86
CA TYR F 185 -17.59 -43.02 -45.09
C TYR F 185 -16.58 -44.16 -45.12
N ASN F 186 -17.01 -45.40 -44.91
CA ASN F 186 -16.16 -46.58 -44.98
C ASN F 186 -15.03 -46.56 -43.96
N ALA F 187 -15.33 -46.09 -42.75
CA ALA F 187 -14.34 -46.09 -41.68
C ALA F 187 -14.04 -47.51 -41.21
N MET F 188 -12.79 -47.74 -40.83
CA MET F 188 -12.39 -49.05 -40.33
C MET F 188 -12.85 -49.29 -38.89
N ALA F 189 -12.74 -48.25 -38.05
CA ALA F 189 -13.14 -48.33 -36.66
C ALA F 189 -13.77 -47.00 -36.29
N GLY F 190 -14.51 -46.98 -35.19
CA GLY F 190 -15.20 -45.77 -34.81
C GLY F 190 -15.74 -45.84 -33.41
N ALA F 191 -16.19 -44.68 -32.93
CA ALA F 191 -16.75 -44.55 -31.60
C ALA F 191 -18.03 -43.73 -31.65
N TYR F 192 -19.01 -44.14 -30.86
CA TYR F 192 -20.08 -43.28 -30.39
C TYR F 192 -19.80 -43.06 -28.91
N PRO F 193 -18.99 -42.06 -28.56
CA PRO F 193 -18.52 -41.94 -27.17
C PRO F 193 -19.60 -41.58 -26.17
N SER F 194 -20.65 -40.87 -26.58
CA SER F 194 -21.71 -40.51 -25.65
C SER F 194 -22.44 -41.74 -25.14
N TYR F 195 -22.53 -42.79 -25.96
CA TYR F 195 -23.21 -44.01 -25.59
C TYR F 195 -22.25 -45.11 -25.19
N SER F 196 -21.03 -44.76 -24.82
CA SER F 196 -19.96 -45.71 -24.50
C SER F 196 -19.91 -46.85 -25.51
N THR F 197 -20.00 -46.51 -26.79
CA THR F 197 -20.07 -47.53 -27.83
C THR F 197 -18.83 -47.43 -28.70
N ASN F 198 -18.22 -48.59 -28.97
CA ASN F 198 -17.04 -48.64 -29.83
C ASN F 198 -17.24 -49.75 -30.84
N TRP F 199 -17.00 -49.45 -32.11
CA TRP F 199 -17.15 -50.46 -33.16
C TRP F 199 -15.85 -50.56 -33.94
N ALA F 200 -15.56 -51.75 -34.43
CA ALA F 200 -14.33 -51.96 -35.18
C ALA F 200 -14.55 -53.00 -36.27
N ASP F 201 -13.83 -52.82 -37.38
CA ASP F 201 -13.75 -53.88 -38.36
C ASP F 201 -13.05 -55.08 -37.75
N GLU F 202 -13.45 -56.28 -38.19
CA GLU F 202 -12.92 -57.48 -37.56
C GLU F 202 -11.42 -57.64 -37.82
N GLN F 203 -10.90 -56.99 -38.85
CA GLN F 203 -9.48 -57.07 -39.16
C GLN F 203 -8.61 -56.28 -38.19
N VAL F 204 -9.17 -55.34 -37.45
CA VAL F 204 -8.38 -54.48 -36.57
C VAL F 204 -8.73 -54.71 -35.10
N LEU F 205 -9.36 -55.84 -34.78
CA LEU F 205 -9.65 -56.17 -33.40
C LEU F 205 -8.39 -56.36 -32.56
N LYS F 206 -7.27 -56.71 -33.19
CA LYS F 206 -6.01 -56.87 -32.48
C LYS F 206 -5.15 -55.62 -32.52
N ALA F 207 -5.75 -54.45 -32.70
CA ALA F 207 -5.01 -53.20 -32.66
C ALA F 207 -4.65 -52.88 -31.21
N LYS F 208 -4.15 -51.67 -30.98
CA LYS F 208 -3.66 -51.28 -29.67
C LYS F 208 -4.37 -50.08 -29.07
N ASN F 209 -4.75 -49.09 -29.88
CA ASN F 209 -5.20 -47.81 -29.34
C ASN F 209 -6.58 -47.37 -29.79
N ILE F 210 -7.31 -48.19 -30.55
CA ILE F 210 -8.70 -47.85 -30.86
C ILE F 210 -9.57 -48.26 -29.67
N GLY F 211 -10.85 -47.88 -29.70
CA GLY F 211 -11.69 -48.10 -28.56
C GLY F 211 -11.98 -49.57 -28.28
N LEU F 212 -12.17 -50.36 -29.34
CA LEU F 212 -12.55 -51.76 -29.23
C LEU F 212 -11.43 -52.61 -29.82
N CYS F 213 -10.52 -53.07 -28.97
CA CYS F 213 -9.38 -53.84 -29.43
C CYS F 213 -8.71 -54.51 -28.24
N SER F 214 -7.95 -55.56 -28.52
CA SER F 214 -7.07 -56.16 -27.54
C SER F 214 -5.82 -56.65 -28.24
N THR F 215 -4.66 -56.30 -27.72
CA THR F 215 -3.40 -56.78 -28.25
C THR F 215 -2.59 -57.42 -27.13
N ASP F 216 -1.44 -57.99 -27.49
CA ASP F 216 -0.54 -58.62 -26.55
C ASP F 216 0.73 -57.80 -26.43
N LEU F 217 1.56 -58.16 -25.45
CA LEU F 217 2.86 -57.55 -25.27
C LEU F 217 3.91 -58.38 -26.01
N THR F 218 4.66 -57.74 -26.89
CA THR F 218 5.63 -58.42 -27.72
C THR F 218 6.95 -57.66 -27.71
N GLU F 219 8.05 -58.40 -27.74
CA GLU F 219 9.36 -57.75 -27.83
C GLU F 219 9.67 -57.27 -29.24
N GLY F 220 9.12 -57.90 -30.27
CA GLY F 220 9.36 -57.46 -31.63
C GLY F 220 10.25 -58.40 -32.43
N ARG F 221 9.73 -58.93 -33.53
CA ARG F 221 10.46 -59.89 -34.33
C ARG F 221 10.22 -59.61 -35.81
N ARG F 222 11.24 -59.92 -36.61
CA ARG F 222 11.13 -59.92 -38.07
C ARG F 222 10.44 -61.19 -38.57
N GLY F 223 9.29 -61.51 -38.01
CA GLY F 223 8.61 -62.74 -38.34
C GLY F 223 7.16 -62.58 -38.74
N LYS F 224 6.28 -63.34 -38.08
CA LYS F 224 4.84 -63.37 -38.31
C LYS F 224 4.51 -63.69 -39.77
N LEU F 225 5.24 -64.64 -40.38
CA LEU F 225 4.94 -65.07 -41.73
C LEU F 225 3.55 -65.69 -41.79
N SER F 226 2.85 -65.49 -42.90
CA SER F 226 1.49 -65.99 -43.03
C SER F 226 1.27 -66.50 -44.46
N ILE F 227 0.14 -67.18 -44.66
CA ILE F 227 -0.16 -67.77 -45.96
C ILE F 227 -1.10 -66.88 -46.76
N MET F 228 -1.57 -65.80 -46.15
CA MET F 228 -2.47 -64.89 -46.85
C MET F 228 -1.74 -63.60 -47.23
N ARG F 229 -1.62 -63.35 -48.53
CA ARG F 229 -0.95 -62.15 -49.02
C ARG F 229 -1.84 -60.95 -48.75
N GLY F 230 -1.71 -60.41 -47.54
CA GLY F 230 -2.39 -59.18 -47.24
C GLY F 230 -1.50 -58.00 -47.54
N LYS F 231 -1.64 -57.47 -48.74
CA LYS F 231 -1.00 -56.22 -49.11
C LYS F 231 -1.94 -55.04 -48.98
N LYS F 232 -3.24 -55.32 -48.86
CA LYS F 232 -4.28 -54.30 -48.74
C LYS F 232 -5.01 -54.48 -47.41
N LEU F 233 -5.28 -53.36 -46.74
CA LEU F 233 -6.07 -53.34 -45.52
C LEU F 233 -7.29 -52.46 -45.80
N GLU F 234 -8.38 -53.09 -46.21
CA GLU F 234 -9.60 -52.39 -46.56
C GLU F 234 -10.73 -52.88 -45.68
N PRO F 235 -11.73 -52.04 -45.43
CA PRO F 235 -12.88 -52.48 -44.63
C PRO F 235 -13.59 -53.65 -45.29
N CYS F 236 -13.92 -54.65 -44.48
CA CYS F 236 -14.70 -55.79 -44.92
C CYS F 236 -16.10 -55.70 -44.31
N ASP F 237 -16.95 -56.66 -44.67
CA ASP F 237 -18.37 -56.57 -44.35
C ASP F 237 -18.62 -56.69 -42.85
N ARG F 238 -17.85 -57.53 -42.16
CA ARG F 238 -18.14 -57.83 -40.77
C ARG F 238 -17.53 -56.79 -39.85
N VAL F 239 -18.35 -56.21 -38.98
CA VAL F 239 -17.88 -55.29 -37.95
C VAL F 239 -18.41 -55.78 -36.61
N LEU F 240 -17.74 -55.38 -35.55
CA LEU F 240 -18.14 -55.70 -34.18
C LEU F 240 -18.51 -54.41 -33.47
N PHE F 241 -19.73 -54.37 -32.92
CA PHE F 241 -20.18 -53.29 -32.06
C PHE F 241 -20.05 -53.73 -30.62
N SER F 242 -19.58 -52.84 -29.76
CA SER F 242 -19.59 -53.06 -28.32
C SER F 242 -20.29 -51.85 -27.71
N VAL F 243 -21.53 -52.06 -27.29
CA VAL F 243 -22.33 -51.02 -26.63
C VAL F 243 -22.19 -51.26 -25.14
N GLY F 244 -21.50 -50.35 -24.45
CA GLY F 244 -21.15 -50.64 -23.08
C GLY F 244 -20.25 -51.86 -23.06
N SER F 245 -20.80 -52.99 -22.61
CA SER F 245 -20.06 -54.25 -22.64
C SER F 245 -20.80 -55.37 -23.37
N THR F 246 -21.85 -55.05 -24.14
CA THR F 246 -22.54 -56.09 -24.90
C THR F 246 -22.11 -56.02 -26.36
N LEU F 247 -21.80 -57.17 -26.94
CA LEU F 247 -21.24 -57.27 -28.28
C LEU F 247 -22.30 -57.67 -29.28
N TYR F 248 -22.23 -57.08 -30.47
CA TYR F 248 -23.13 -57.38 -31.57
C TYR F 248 -22.37 -57.37 -32.90
N PRO F 249 -22.38 -58.49 -33.64
CA PRO F 249 -21.81 -58.46 -34.99
C PRO F 249 -22.77 -57.79 -35.96
N GLU F 250 -22.20 -57.04 -36.92
CA GLU F 250 -22.99 -56.32 -37.90
C GLU F 250 -22.40 -56.49 -39.28
N SER F 251 -23.26 -56.33 -40.28
CA SER F 251 -22.88 -56.37 -41.68
C SER F 251 -22.87 -54.96 -42.23
N ARG F 252 -21.79 -54.59 -42.91
CA ARG F 252 -21.68 -53.24 -43.46
C ARG F 252 -22.78 -52.97 -44.48
N LYS F 253 -23.12 -53.97 -45.29
CA LYS F 253 -24.12 -53.76 -46.34
C LYS F 253 -25.50 -53.53 -45.75
N LEU F 254 -25.88 -54.32 -44.75
CA LEU F 254 -27.15 -54.09 -44.07
C LEU F 254 -27.16 -52.76 -43.32
N LEU F 255 -26.04 -52.39 -42.70
CA LEU F 255 -25.96 -51.10 -42.02
C LEU F 255 -26.15 -49.96 -43.01
N LYS F 256 -25.49 -50.03 -44.17
CA LYS F 256 -25.57 -48.97 -45.16
C LYS F 256 -26.91 -48.94 -45.89
N SER F 257 -27.62 -50.08 -45.94
CA SER F 257 -28.92 -50.09 -46.59
C SER F 257 -29.89 -49.13 -45.92
N TRP F 258 -29.72 -48.87 -44.62
CA TRP F 258 -30.61 -48.02 -43.86
C TRP F 258 -30.25 -46.55 -43.98
N HIS F 259 -29.19 -46.21 -44.71
CA HIS F 259 -28.88 -44.82 -45.05
C HIS F 259 -29.63 -44.44 -46.33
N LEU F 260 -30.94 -44.32 -46.19
CA LEU F 260 -31.85 -44.12 -47.29
C LEU F 260 -31.84 -42.66 -47.77
N PRO F 261 -32.17 -42.43 -49.04
CA PRO F 261 -32.22 -41.05 -49.55
C PRO F 261 -33.40 -40.30 -48.97
N SER F 262 -33.50 -39.02 -49.32
CA SER F 262 -34.64 -38.23 -48.89
C SER F 262 -35.94 -38.77 -49.48
N VAL F 263 -35.92 -39.12 -50.77
CA VAL F 263 -37.06 -39.76 -51.43
C VAL F 263 -36.55 -40.92 -52.26
N PHE F 264 -37.33 -41.99 -52.32
CA PHE F 264 -36.97 -43.14 -53.15
C PHE F 264 -38.24 -43.85 -53.62
N HIS F 265 -38.06 -44.77 -54.56
CA HIS F 265 -39.17 -45.51 -55.15
C HIS F 265 -38.92 -47.01 -54.98
N LEU F 266 -39.94 -47.73 -54.54
CA LEU F 266 -39.94 -49.19 -54.48
C LEU F 266 -40.86 -49.68 -55.60
N LYS F 267 -40.27 -50.30 -56.62
CA LYS F 267 -41.00 -50.71 -57.81
C LYS F 267 -41.09 -52.23 -57.85
N GLY F 268 -42.21 -52.76 -57.38
CA GLY F 268 -42.44 -54.20 -57.45
C GLY F 268 -43.72 -54.55 -58.17
N LYS F 269 -44.42 -55.58 -57.68
CA LYS F 269 -45.78 -55.82 -58.16
C LYS F 269 -46.68 -54.63 -57.86
N LEU F 270 -46.53 -54.07 -56.67
CA LEU F 270 -47.02 -52.75 -56.33
C LEU F 270 -45.83 -51.79 -56.25
N SER F 271 -46.12 -50.51 -56.47
N SER F 271 -46.12 -50.51 -56.48
CA SER F 271 -45.10 -49.46 -56.48
CA SER F 271 -45.12 -49.46 -56.48
C SER F 271 -45.41 -48.44 -55.39
C SER F 271 -45.42 -48.45 -55.38
N PHE F 272 -44.37 -48.00 -54.70
CA PHE F 272 -44.53 -47.07 -53.59
C PHE F 272 -43.50 -45.95 -53.69
N THR F 273 -43.91 -44.75 -53.32
CA THR F 273 -43.04 -43.59 -53.21
C THR F 273 -42.81 -43.32 -51.73
N CYS F 274 -41.55 -43.37 -51.31
CA CYS F 274 -41.22 -43.33 -49.90
C CYS F 274 -40.33 -42.13 -49.60
N ARG F 275 -40.53 -41.56 -48.41
CA ARG F 275 -39.78 -40.38 -47.98
C ARG F 275 -39.17 -40.67 -46.61
N CYS F 276 -37.84 -40.63 -46.54
CA CYS F 276 -37.11 -40.89 -45.31
C CYS F 276 -36.68 -39.58 -44.69
N ASP F 277 -36.91 -39.44 -43.38
CA ASP F 277 -36.60 -38.20 -42.68
C ASP F 277 -36.08 -38.53 -41.29
N THR F 278 -34.96 -37.92 -40.91
CA THR F 278 -34.37 -38.09 -39.59
C THR F 278 -35.05 -37.10 -38.65
N VAL F 279 -35.85 -37.63 -37.72
CA VAL F 279 -36.68 -36.79 -36.87
C VAL F 279 -35.99 -36.56 -35.53
N VAL F 280 -35.13 -37.48 -35.11
CA VAL F 280 -34.33 -37.29 -33.90
C VAL F 280 -32.88 -37.61 -34.21
N SER F 281 -31.97 -36.79 -33.68
CA SER F 281 -30.53 -36.97 -33.86
C SER F 281 -29.83 -36.51 -32.60
N CYS F 282 -29.27 -37.44 -31.83
CA CYS F 282 -28.63 -37.13 -30.55
C CYS F 282 -27.29 -37.86 -30.50
N GLU F 283 -26.22 -37.14 -30.82
CA GLU F 283 -24.84 -37.56 -30.56
C GLU F 283 -24.55 -38.96 -31.09
N GLY F 284 -25.10 -39.28 -32.26
CA GLY F 284 -24.86 -40.56 -32.90
C GLY F 284 -26.03 -41.51 -32.90
N TYR F 285 -27.12 -41.21 -32.19
CA TYR F 285 -28.28 -42.08 -32.15
C TYR F 285 -29.44 -41.35 -32.82
N VAL F 286 -30.08 -41.99 -33.79
CA VAL F 286 -31.09 -41.32 -34.61
C VAL F 286 -32.40 -42.08 -34.60
N VAL F 287 -33.48 -41.32 -34.79
CA VAL F 287 -34.80 -41.84 -35.11
C VAL F 287 -35.17 -41.30 -36.49
N LYS F 288 -35.42 -42.22 -37.41
CA LYS F 288 -35.77 -41.94 -38.80
C LYS F 288 -37.23 -42.29 -39.04
N ARG F 289 -37.92 -41.43 -39.79
CA ARG F 289 -39.32 -41.62 -40.14
C ARG F 289 -39.44 -41.82 -41.65
N ILE F 290 -40.10 -42.91 -42.04
CA ILE F 290 -40.27 -43.26 -43.45
C ILE F 290 -41.76 -43.33 -43.74
N THR F 291 -42.24 -42.43 -44.59
CA THR F 291 -43.61 -42.51 -45.08
C THR F 291 -43.60 -43.24 -46.41
N MET F 292 -44.64 -44.03 -46.64
CA MET F 292 -44.76 -44.81 -47.87
C MET F 292 -46.14 -44.59 -48.46
N SER F 293 -46.21 -44.28 -49.75
CA SER F 293 -47.46 -43.97 -50.41
C SER F 293 -47.54 -44.75 -51.72
N PRO F 294 -48.69 -45.35 -52.04
CA PRO F 294 -48.78 -46.13 -53.28
C PRO F 294 -48.67 -45.24 -54.51
N GLY F 295 -48.11 -45.81 -55.57
CA GLY F 295 -47.90 -45.10 -56.81
C GLY F 295 -46.54 -44.44 -56.88
N LEU F 296 -46.13 -44.12 -58.11
CA LEU F 296 -44.86 -43.47 -58.39
C LEU F 296 -45.10 -41.98 -58.63
N TYR F 297 -44.31 -41.14 -57.97
CA TYR F 297 -44.55 -39.70 -57.94
C TYR F 297 -43.23 -38.97 -57.86
N GLY F 298 -43.06 -37.96 -58.70
CA GLY F 298 -41.88 -37.12 -58.69
C GLY F 298 -40.64 -37.83 -59.23
N LYS F 299 -39.50 -37.22 -58.94
CA LYS F 299 -38.20 -37.73 -59.35
C LYS F 299 -37.30 -37.88 -58.13
N THR F 300 -36.34 -38.79 -58.22
CA THR F 300 -35.39 -39.05 -57.15
C THR F 300 -34.00 -38.65 -57.61
N THR F 301 -33.25 -38.01 -56.72
CA THR F 301 -31.86 -37.68 -57.00
C THR F 301 -30.87 -38.71 -56.48
N GLY F 302 -31.28 -39.56 -55.52
CA GLY F 302 -30.37 -40.53 -54.95
C GLY F 302 -29.39 -39.97 -53.96
N TYR F 303 -29.70 -38.86 -53.31
CA TYR F 303 -28.79 -38.23 -52.36
C TYR F 303 -29.34 -38.36 -50.95
N ALA F 304 -28.50 -38.82 -50.04
CA ALA F 304 -28.79 -38.90 -48.62
C ALA F 304 -27.97 -37.85 -47.88
N VAL F 305 -28.62 -37.11 -47.00
CA VAL F 305 -28.02 -35.96 -46.33
C VAL F 305 -28.04 -36.19 -44.82
N THR F 306 -26.89 -35.96 -44.18
CA THR F 306 -26.77 -35.98 -42.74
C THR F 306 -26.40 -34.59 -42.25
N HIS F 307 -27.21 -34.04 -41.35
CA HIS F 307 -26.90 -32.75 -40.74
C HIS F 307 -26.10 -32.98 -39.47
N HIS F 308 -25.01 -32.23 -39.32
CA HIS F 308 -24.09 -32.43 -38.21
C HIS F 308 -24.33 -31.34 -37.18
N ALA F 309 -25.06 -31.68 -36.11
CA ALA F 309 -25.19 -30.76 -34.99
C ALA F 309 -23.92 -30.69 -34.17
N ASP F 310 -23.22 -31.82 -34.06
CA ASP F 310 -21.89 -31.87 -33.48
C ASP F 310 -20.89 -32.19 -34.59
N GLY F 311 -19.61 -31.96 -34.31
CA GLY F 311 -18.60 -32.26 -35.30
C GLY F 311 -18.45 -33.75 -35.54
N PHE F 312 -18.26 -34.12 -36.80
CA PHE F 312 -17.97 -35.50 -37.17
C PHE F 312 -16.57 -35.56 -37.77
N LEU F 313 -15.75 -36.49 -37.29
CA LEU F 313 -14.37 -36.59 -37.74
C LEU F 313 -14.11 -38.00 -38.26
N MET F 314 -13.49 -38.08 -39.43
CA MET F 314 -12.85 -39.30 -39.89
C MET F 314 -11.42 -38.97 -40.21
N CYS F 315 -10.49 -39.76 -39.68
CA CYS F 315 -9.08 -39.41 -39.81
CA CYS F 315 -9.09 -39.40 -39.84
C CYS F 315 -8.26 -40.66 -40.02
N LYS F 316 -7.01 -40.47 -40.41
CA LYS F 316 -6.03 -41.54 -40.53
CA LYS F 316 -6.10 -41.58 -40.51
C LYS F 316 -5.36 -41.76 -39.19
N THR F 317 -5.28 -43.01 -38.74
CA THR F 317 -4.55 -43.34 -37.54
C THR F 317 -3.54 -44.41 -37.90
N THR F 318 -2.38 -44.34 -37.25
CA THR F 318 -1.36 -45.37 -37.36
C THR F 318 -1.36 -46.17 -36.07
N ASP F 319 -1.65 -47.45 -36.18
CA ASP F 319 -1.74 -48.33 -35.03
C ASP F 319 -0.90 -49.58 -35.29
N THR F 320 -0.84 -50.44 -34.27
CA THR F 320 -0.10 -51.69 -34.35
C THR F 320 -1.10 -52.84 -34.21
N VAL F 321 -1.39 -53.51 -35.31
CA VAL F 321 -2.32 -54.63 -35.33
C VAL F 321 -1.51 -55.91 -35.33
N ASP F 322 -1.64 -56.69 -34.26
CA ASP F 322 -0.92 -57.95 -34.07
C ASP F 322 0.58 -57.75 -34.27
N GLY F 323 1.09 -56.62 -33.78
CA GLY F 323 2.50 -56.32 -33.89
C GLY F 323 2.91 -55.56 -35.13
N GLU F 324 2.10 -55.58 -36.19
CA GLU F 324 2.47 -54.98 -37.46
C GLU F 324 1.88 -53.58 -37.54
N ARG F 325 2.71 -52.60 -37.90
CA ARG F 325 2.27 -51.21 -37.94
C ARG F 325 1.49 -50.96 -39.23
N VAL F 326 0.26 -50.45 -39.10
CA VAL F 326 -0.61 -50.18 -40.23
C VAL F 326 -1.29 -48.83 -40.00
N SER F 327 -1.97 -48.35 -41.05
CA SER F 327 -2.77 -47.15 -40.98
C SER F 327 -4.18 -47.46 -41.46
N PHE F 328 -5.18 -46.92 -40.76
CA PHE F 328 -6.56 -47.06 -41.20
C PHE F 328 -7.36 -45.87 -40.73
N SER F 329 -8.58 -45.74 -41.24
CA SER F 329 -9.43 -44.60 -40.91
C SER F 329 -10.28 -44.87 -39.69
N VAL F 330 -10.37 -43.87 -38.82
CA VAL F 330 -11.10 -43.94 -37.56
C VAL F 330 -12.02 -42.73 -37.49
N CYS F 331 -13.29 -42.97 -37.14
CA CYS F 331 -14.28 -41.92 -37.08
C CYS F 331 -14.77 -41.73 -35.65
N THR F 332 -15.30 -40.54 -35.38
CA THR F 332 -15.77 -40.19 -34.04
C THR F 332 -16.63 -38.94 -34.13
N TYR F 333 -17.29 -38.63 -33.01
CA TYR F 333 -18.08 -37.41 -32.86
C TYR F 333 -17.44 -36.52 -31.81
N VAL F 334 -17.45 -35.22 -32.06
CA VAL F 334 -16.85 -34.22 -31.20
C VAL F 334 -17.93 -33.23 -30.81
N PRO F 335 -18.07 -32.88 -29.54
CA PRO F 335 -19.10 -31.91 -29.14
C PRO F 335 -18.92 -30.58 -29.85
N ALA F 336 -20.06 -29.95 -30.17
CA ALA F 336 -20.03 -28.71 -30.95
C ALA F 336 -19.31 -27.59 -30.22
N THR F 337 -19.37 -27.57 -28.89
CA THR F 337 -18.66 -26.54 -28.14
C THR F 337 -17.14 -26.69 -28.28
N ILE F 338 -16.65 -27.93 -28.25
CA ILE F 338 -15.23 -28.16 -28.48
C ILE F 338 -14.82 -27.74 -29.88
N CYS F 339 -15.66 -28.07 -30.87
CA CYS F 339 -15.36 -27.68 -32.24
C CYS F 339 -15.32 -26.17 -32.39
N ASP F 340 -16.26 -25.47 -31.75
CA ASP F 340 -16.28 -24.00 -31.83
C ASP F 340 -15.07 -23.40 -31.15
N GLN F 341 -14.63 -23.99 -30.04
CA GLN F 341 -13.51 -23.43 -29.29
C GLN F 341 -12.17 -23.66 -29.97
N MET F 342 -12.13 -24.46 -31.04
CA MET F 342 -10.89 -24.70 -31.78
C MET F 342 -10.84 -23.96 -33.11
N THR F 343 -11.80 -23.08 -33.40
CA THR F 343 -11.81 -22.37 -34.67
C THR F 343 -10.59 -21.48 -34.82
N GLY F 344 -10.23 -20.75 -33.77
CA GLY F 344 -9.06 -19.88 -33.83
C GLY F 344 -7.75 -20.64 -33.91
N ILE F 345 -7.64 -21.75 -33.18
CA ILE F 345 -6.41 -22.53 -33.16
C ILE F 345 -6.13 -23.15 -34.52
N LEU F 346 -7.16 -23.64 -35.21
CA LEU F 346 -6.95 -24.30 -36.48
C LEU F 346 -6.72 -23.33 -37.63
N ALA F 347 -6.63 -22.03 -37.34
CA ALA F 347 -6.25 -21.07 -38.37
C ALA F 347 -4.79 -21.23 -38.78
N THR F 348 -3.96 -21.74 -37.89
CA THR F 348 -2.54 -21.98 -38.13
C THR F 348 -2.28 -23.48 -38.10
N GLU F 349 -1.07 -23.86 -38.50
CA GLU F 349 -0.65 -25.24 -38.39
C GLU F 349 -0.27 -25.54 -36.96
N VAL F 350 -0.91 -26.55 -36.36
CA VAL F 350 -0.68 -26.91 -34.98
C VAL F 350 -0.22 -28.36 -34.94
N THR F 351 0.77 -28.63 -34.09
CA THR F 351 1.23 -29.99 -33.89
C THR F 351 0.19 -30.80 -33.13
N PRO F 352 0.17 -32.12 -33.31
CA PRO F 352 -0.78 -32.94 -32.53
C PRO F 352 -0.61 -32.83 -31.03
N GLU F 353 0.63 -32.62 -30.55
CA GLU F 353 0.85 -32.48 -29.12
C GLU F 353 0.23 -31.19 -28.58
N ASP F 354 0.45 -30.07 -29.26
CA ASP F 354 -0.14 -28.82 -28.82
C ASP F 354 -1.66 -28.86 -28.93
N ALA F 355 -2.17 -29.46 -30.00
CA ALA F 355 -3.62 -29.62 -30.15
C ALA F 355 -4.19 -30.47 -29.04
N GLN F 356 -3.50 -31.55 -28.66
CA GLN F 356 -3.96 -32.40 -27.56
C GLN F 356 -3.96 -31.65 -26.23
N LYS F 357 -2.92 -30.85 -25.99
CA LYS F 357 -2.87 -30.08 -24.75
C LYS F 357 -4.00 -29.05 -24.71
N LEU F 358 -4.28 -28.39 -25.84
CA LEU F 358 -5.42 -27.47 -25.88
C LEU F 358 -6.75 -28.20 -25.68
N LEU F 359 -6.91 -29.37 -26.30
CA LEU F 359 -8.13 -30.13 -26.16
C LEU F 359 -8.34 -30.55 -24.71
N VAL F 360 -7.27 -30.95 -24.04
CA VAL F 360 -7.34 -31.30 -22.63
C VAL F 360 -7.69 -30.07 -21.80
N GLY F 361 -7.18 -28.91 -22.19
CA GLY F 361 -7.55 -27.68 -21.49
C GLY F 361 -9.03 -27.36 -21.63
N LEU F 362 -9.58 -27.46 -22.83
CA LEU F 362 -11.00 -27.19 -23.04
C LEU F 362 -11.88 -28.23 -22.37
N ASN F 363 -11.38 -29.43 -22.14
CA ASN F 363 -12.08 -30.48 -21.44
C ASN F 363 -11.95 -30.37 -19.93
N GLN F 364 -11.53 -29.21 -19.43
CA GLN F 364 -11.22 -29.00 -18.01
C GLN F 364 -10.21 -30.02 -17.51
N THR F 376 -14.61 -33.08 -14.17
CA THR F 376 -15.64 -33.33 -15.17
C THR F 376 -15.04 -33.18 -16.58
N ASN F 377 -15.69 -33.81 -17.56
CA ASN F 377 -15.19 -33.85 -18.93
C ASN F 377 -16.33 -33.64 -19.91
N THR F 378 -16.16 -32.71 -20.85
CA THR F 378 -17.15 -32.52 -21.90
C THR F 378 -17.17 -33.69 -22.86
N MET F 379 -16.01 -34.25 -23.17
CA MET F 379 -15.90 -35.38 -24.08
CA MET F 379 -15.89 -35.38 -24.08
C MET F 379 -14.94 -36.41 -23.50
N LYS F 380 -15.11 -37.66 -23.93
CA LYS F 380 -14.30 -38.75 -23.45
C LYS F 380 -12.83 -38.50 -23.77
N ASN F 381 -11.96 -38.81 -22.81
CA ASN F 381 -10.53 -38.55 -22.98
C ASN F 381 -9.86 -39.56 -23.90
N TYR F 382 -10.38 -40.79 -23.96
CA TYR F 382 -9.73 -41.82 -24.75
C TYR F 382 -9.78 -41.52 -26.23
N MET F 383 -10.64 -40.60 -26.67
CA MET F 383 -10.69 -40.18 -28.06
C MET F 383 -9.97 -38.87 -28.29
N ILE F 384 -9.47 -38.23 -27.22
CA ILE F 384 -8.81 -36.93 -27.38
C ILE F 384 -7.55 -37.02 -28.22
N PRO F 385 -6.64 -38.01 -28.02
CA PRO F 385 -5.44 -38.06 -28.87
C PRO F 385 -5.74 -38.09 -30.36
N VAL F 386 -6.49 -39.09 -30.82
CA VAL F 386 -6.75 -39.22 -32.25
C VAL F 386 -7.44 -37.97 -32.79
N VAL F 387 -8.42 -37.45 -32.06
CA VAL F 387 -9.08 -36.21 -32.46
C VAL F 387 -8.06 -35.11 -32.65
N ALA F 388 -7.17 -34.95 -31.67
CA ALA F 388 -6.09 -33.97 -31.79
C ALA F 388 -5.32 -34.19 -33.08
N GLN F 389 -4.86 -35.42 -33.29
CA GLN F 389 -4.15 -35.74 -34.53
C GLN F 389 -4.97 -35.31 -35.73
N ALA F 390 -6.25 -35.69 -35.74
CA ALA F 390 -7.14 -35.32 -36.84
C ALA F 390 -7.08 -33.81 -37.06
N PHE F 391 -7.35 -33.05 -36.00
CA PHE F 391 -7.38 -31.60 -36.15
C PHE F 391 -6.08 -31.10 -36.74
N SER F 392 -4.96 -31.60 -36.21
CA SER F 392 -3.66 -31.15 -36.70
C SER F 392 -3.56 -31.35 -38.20
N LYS F 393 -3.85 -32.57 -38.66
CA LYS F 393 -3.76 -32.84 -40.09
C LYS F 393 -4.69 -31.91 -40.85
N TRP F 394 -5.92 -31.77 -40.36
CA TRP F 394 -6.89 -30.91 -41.05
C TRP F 394 -6.31 -29.51 -41.19
N ALA F 395 -5.78 -28.96 -40.10
CA ALA F 395 -5.22 -27.62 -40.18
C ALA F 395 -4.16 -27.56 -41.27
N LYS F 396 -3.22 -28.51 -41.24
CA LYS F 396 -2.18 -28.55 -42.25
C LYS F 396 -2.76 -28.55 -43.64
N GLU F 397 -3.75 -29.43 -43.88
CA GLU F 397 -4.30 -29.54 -45.22
C GLU F 397 -4.90 -28.22 -45.67
N CYS F 398 -5.62 -27.53 -44.78
CA CYS F 398 -6.20 -26.25 -45.16
C CYS F 398 -5.11 -25.29 -45.63
N ARG F 399 -4.01 -25.24 -44.88
CA ARG F 399 -2.91 -24.38 -45.27
C ARG F 399 -2.43 -24.70 -46.67
N LYS F 400 -2.31 -26.00 -47.00
CA LYS F 400 -1.88 -26.39 -48.33
C LYS F 400 -2.84 -25.84 -49.37
N ASP F 401 -4.14 -25.97 -49.13
CA ASP F 401 -5.12 -25.45 -50.07
C ASP F 401 -4.95 -23.95 -50.24
N MET F 402 -4.60 -23.25 -49.15
CA MET F 402 -4.34 -21.82 -49.26
C MET F 402 -3.09 -21.55 -50.08
N GLU F 403 -2.04 -22.37 -49.91
CA GLU F 403 -0.80 -22.12 -50.62
C GLU F 403 -0.92 -22.42 -52.11
N ASP F 404 -1.55 -23.53 -52.46
CA ASP F 404 -1.73 -23.92 -53.86
C ASP F 404 -3.03 -23.36 -54.42
N GLU F 405 -3.14 -22.03 -54.38
CA GLU F 405 -4.32 -21.36 -54.89
C GLU F 405 -4.36 -21.47 -56.41
N LYS F 406 -5.50 -21.93 -56.93
CA LYS F 406 -5.65 -22.21 -58.36
C LYS F 406 -6.40 -21.08 -59.05
N LEU F 407 -6.69 -21.29 -60.34
CA LEU F 407 -7.37 -20.30 -61.16
C LEU F 407 -8.83 -20.69 -61.34
N LEU F 408 -9.72 -19.70 -61.39
CA LEU F 408 -11.14 -19.96 -61.60
C LEU F 408 -11.42 -20.55 -62.98
N GLY F 409 -12.37 -21.48 -63.03
CA GLY F 409 -12.81 -22.07 -64.27
C GLY F 409 -11.76 -22.83 -65.04
N VAL F 410 -10.75 -23.36 -64.35
CA VAL F 410 -9.69 -24.13 -64.99
C VAL F 410 -9.48 -25.41 -64.21
N ARG F 411 -8.88 -26.40 -64.88
CA ARG F 411 -8.59 -27.70 -64.27
C ARG F 411 -7.42 -28.28 -65.05
N GLU F 412 -6.24 -28.31 -64.43
CA GLU F 412 -5.04 -28.71 -65.13
C GLU F 412 -5.04 -30.22 -65.38
N ARG F 413 -4.90 -30.61 -66.64
CA ARG F 413 -4.90 -32.03 -67.01
C ARG F 413 -3.70 -32.32 -67.90
N THR F 414 -3.16 -33.52 -67.76
CA THR F 414 -1.99 -33.96 -68.50
C THR F 414 -2.34 -35.21 -69.30
N LEU F 415 -1.97 -35.21 -70.58
CA LEU F 415 -2.27 -36.33 -71.47
C LEU F 415 -1.25 -37.45 -71.27
N THR F 416 -1.69 -38.68 -71.54
CA THR F 416 -0.88 -39.88 -71.34
C THR F 416 -0.83 -40.71 -72.61
N CYS F 417 -0.59 -40.05 -73.75
CA CYS F 417 -0.45 -40.72 -75.05
C CYS F 417 -1.69 -41.54 -75.41
N CYS F 418 -2.85 -41.07 -74.96
CA CYS F 418 -4.11 -41.74 -75.26
C CYS F 418 -5.22 -40.70 -75.22
N CYS F 419 -6.44 -41.16 -75.48
CA CYS F 419 -7.60 -40.29 -75.32
C CYS F 419 -8.04 -40.28 -73.86
N LEU F 420 -7.08 -40.08 -72.97
CA LEU F 420 -7.33 -39.98 -71.54
C LEU F 420 -6.30 -39.04 -70.92
N TRP F 421 -6.72 -38.33 -69.88
CA TRP F 421 -5.94 -37.27 -69.27
C TRP F 421 -6.07 -37.36 -67.76
N ALA F 422 -4.92 -37.40 -67.08
CA ALA F 422 -4.88 -37.51 -65.63
C ALA F 422 -4.55 -36.16 -65.00
N PHE F 423 -4.47 -36.15 -63.67
CA PHE F 423 -4.10 -34.96 -62.90
C PHE F 423 -3.63 -35.44 -61.53
N LYS F 424 -3.31 -34.50 -60.66
CA LYS F 424 -2.77 -34.80 -59.35
C LYS F 424 -3.87 -34.77 -58.30
N LYS F 425 -4.08 -35.90 -57.64
CA LYS F 425 -5.01 -36.00 -56.53
C LYS F 425 -4.27 -35.69 -55.23
N GLN F 426 -4.71 -34.66 -54.52
CA GLN F 426 -4.05 -34.26 -53.28
C GLN F 426 -4.31 -35.31 -52.19
N LYS F 427 -3.39 -35.35 -51.23
CA LYS F 427 -3.53 -36.26 -50.10
C LYS F 427 -4.55 -35.69 -49.12
N THR F 428 -5.47 -36.53 -48.66
CA THR F 428 -6.55 -36.15 -47.75
C THR F 428 -6.54 -37.12 -46.58
N HIS F 429 -6.09 -36.65 -45.42
CA HIS F 429 -5.96 -37.49 -44.24
C HIS F 429 -7.02 -37.20 -43.18
N THR F 430 -7.93 -36.26 -43.44
CA THR F 430 -8.96 -35.91 -42.47
C THR F 430 -10.18 -35.38 -43.20
N VAL F 431 -11.34 -35.96 -42.88
CA VAL F 431 -12.65 -35.39 -43.21
C VAL F 431 -13.22 -34.84 -41.91
N TYR F 432 -13.48 -33.54 -41.89
CA TYR F 432 -13.95 -32.84 -40.69
C TYR F 432 -15.25 -32.12 -41.05
N LYS F 433 -16.38 -32.72 -40.68
CA LYS F 433 -17.68 -32.09 -40.86
C LYS F 433 -17.97 -31.27 -39.60
N ARG F 434 -17.80 -29.96 -39.71
CA ARG F 434 -18.00 -29.08 -38.57
C ARG F 434 -19.49 -28.99 -38.22
N PRO F 435 -19.81 -28.55 -37.00
CA PRO F 435 -21.22 -28.36 -36.65
C PRO F 435 -21.89 -27.39 -37.61
N ASP F 436 -23.13 -27.71 -37.97
CA ASP F 436 -23.97 -26.97 -38.92
C ASP F 436 -23.56 -27.19 -40.37
N THR F 437 -22.87 -28.29 -40.66
CA THR F 437 -22.61 -28.70 -42.03
C THR F 437 -23.43 -29.95 -42.34
N GLN F 438 -23.37 -30.38 -43.60
CA GLN F 438 -24.13 -31.54 -44.05
C GLN F 438 -23.26 -32.44 -44.91
N SER F 439 -23.35 -33.73 -44.66
CA SER F 439 -22.76 -34.74 -45.53
C SER F 439 -23.78 -35.16 -46.57
N ILE F 440 -23.35 -35.26 -47.82
CA ILE F 440 -24.23 -35.67 -48.91
C ILE F 440 -23.60 -36.86 -49.63
N GLN F 441 -24.34 -37.96 -49.72
CA GLN F 441 -23.85 -39.19 -50.32
C GLN F 441 -24.80 -39.63 -51.42
N LYS F 442 -24.25 -40.06 -52.55
CA LYS F 442 -25.08 -40.59 -53.62
C LYS F 442 -25.32 -42.07 -53.37
N VAL F 443 -26.58 -42.43 -53.14
CA VAL F 443 -26.98 -43.80 -52.86
C VAL F 443 -28.06 -44.20 -53.83
N GLN F 444 -28.40 -45.49 -53.82
CA GLN F 444 -29.47 -45.97 -54.68
C GLN F 444 -30.81 -45.41 -54.21
N ALA F 445 -31.65 -45.01 -55.16
CA ALA F 445 -32.96 -44.48 -54.86
C ALA F 445 -34.09 -45.16 -55.62
N GLU F 446 -33.78 -46.08 -56.53
CA GLU F 446 -34.77 -46.81 -57.31
C GLU F 446 -34.57 -48.30 -57.03
N PHE F 447 -35.43 -48.86 -56.18
CA PHE F 447 -35.36 -50.27 -55.83
C PHE F 447 -36.46 -51.04 -56.55
N ASP F 448 -36.07 -52.10 -57.25
CA ASP F 448 -37.03 -52.90 -58.00
C ASP F 448 -36.81 -54.40 -57.89
N SER F 449 -35.82 -54.85 -57.13
CA SER F 449 -35.51 -56.28 -57.01
C SER F 449 -35.57 -56.65 -55.53
N PHE F 450 -36.76 -56.94 -55.04
CA PHE F 450 -36.97 -57.46 -53.70
C PHE F 450 -37.20 -58.96 -53.68
N VAL F 451 -37.10 -59.62 -54.84
CA VAL F 451 -37.34 -61.06 -54.92
C VAL F 451 -36.16 -61.86 -54.41
N VAL F 452 -35.03 -61.22 -54.15
CA VAL F 452 -33.86 -61.90 -53.60
C VAL F 452 -34.16 -62.46 -52.21
N SER F 458 -40.26 -70.88 -38.82
CA SER F 458 -40.06 -72.20 -38.23
C SER F 458 -38.69 -72.28 -37.55
N GLY F 459 -38.49 -71.46 -36.53
CA GLY F 459 -37.22 -71.42 -35.84
C GLY F 459 -37.32 -71.55 -34.34
N LEU F 460 -38.27 -72.35 -33.85
CA LEU F 460 -38.46 -72.57 -32.43
C LEU F 460 -38.51 -74.07 -32.15
N SER F 461 -37.82 -74.49 -31.09
CA SER F 461 -37.64 -75.89 -30.78
C SER F 461 -38.67 -76.36 -29.74
N ILE F 462 -38.87 -77.67 -29.69
CA ILE F 462 -39.87 -78.24 -28.79
C ILE F 462 -39.56 -77.98 -27.31
N PRO F 463 -38.33 -78.20 -26.82
CA PRO F 463 -38.08 -77.93 -25.40
C PRO F 463 -38.34 -76.49 -25.00
N LEU F 464 -38.01 -75.52 -25.87
CA LEU F 464 -38.34 -74.14 -25.59
C LEU F 464 -39.84 -73.93 -25.57
N ARG F 465 -40.55 -74.62 -26.46
CA ARG F 465 -42.01 -74.59 -26.45
C ARG F 465 -42.56 -75.06 -25.11
N THR F 466 -42.04 -76.17 -24.59
CA THR F 466 -42.49 -76.69 -23.31
C THR F 466 -42.15 -75.73 -22.18
N ARG F 467 -40.96 -75.13 -22.22
CA ARG F 467 -40.58 -74.17 -21.20
C ARG F 467 -41.51 -72.96 -21.18
N ILE F 468 -41.87 -72.46 -22.36
CA ILE F 468 -42.66 -71.23 -22.43
C ILE F 468 -44.01 -71.40 -21.76
N LYS F 469 -44.63 -72.58 -21.91
CA LYS F 469 -45.86 -72.89 -21.20
C LYS F 469 -45.68 -72.74 -19.68
N PRO G 3 -31.85 -50.60 3.31
CA PRO G 3 -30.54 -50.34 3.91
C PRO G 3 -29.70 -51.60 4.09
N VAL G 4 -28.54 -51.63 3.45
CA VAL G 4 -27.60 -52.74 3.56
C VAL G 4 -26.39 -52.24 4.31
N TYR G 5 -26.01 -52.96 5.38
CA TYR G 5 -24.89 -52.57 6.22
C TYR G 5 -23.66 -53.39 5.83
N VAL G 6 -22.55 -52.70 5.63
CA VAL G 6 -21.30 -53.31 5.19
C VAL G 6 -20.25 -53.08 6.26
N ASP G 7 -19.48 -54.12 6.57
CA ASP G 7 -18.44 -54.06 7.60
C ASP G 7 -17.19 -53.43 7.00
N ILE G 8 -17.24 -52.11 6.81
CA ILE G 8 -16.09 -51.34 6.36
C ILE G 8 -16.06 -50.02 7.10
N ASP G 9 -14.95 -49.31 6.97
CA ASP G 9 -14.77 -48.05 7.67
C ASP G 9 -15.67 -46.96 7.09
N ALA G 10 -16.16 -46.10 7.97
CA ALA G 10 -17.05 -45.01 7.54
C ALA G 10 -16.33 -44.05 6.59
N ASP G 11 -15.07 -43.76 6.86
CA ASP G 11 -14.29 -42.84 6.04
C ASP G 11 -13.66 -43.51 4.83
N SER G 12 -13.86 -44.81 4.64
CA SER G 12 -13.25 -45.52 3.52
C SER G 12 -13.75 -44.98 2.20
N ALA G 13 -12.84 -44.83 1.24
CA ALA G 13 -13.21 -44.35 -0.09
C ALA G 13 -13.88 -45.42 -0.93
N PHE G 14 -13.87 -46.67 -0.49
CA PHE G 14 -14.56 -47.72 -1.21
C PHE G 14 -16.08 -47.60 -1.08
N LEU G 15 -16.56 -46.79 -0.14
CA LEU G 15 -18.00 -46.60 0.04
C LEU G 15 -18.63 -46.00 -1.20
N LYS G 16 -18.01 -44.96 -1.77
CA LYS G 16 -18.57 -44.32 -2.96
C LYS G 16 -18.56 -45.28 -4.15
N ALA G 17 -17.49 -46.06 -4.30
CA ALA G 17 -17.46 -47.06 -5.36
C ALA G 17 -18.57 -48.10 -5.20
N LEU G 18 -18.77 -48.58 -3.97
CA LEU G 18 -19.82 -49.55 -3.72
C LEU G 18 -21.20 -48.95 -3.97
N GLN G 19 -21.40 -47.68 -3.60
CA GLN G 19 -22.68 -47.03 -3.83
C GLN G 19 -22.96 -46.87 -5.31
N ARG G 20 -21.94 -46.52 -6.09
CA ARG G 20 -22.10 -46.43 -7.53
C ARG G 20 -22.36 -47.80 -8.15
N ALA G 21 -21.72 -48.84 -7.61
CA ALA G 21 -21.92 -50.18 -8.14
C ALA G 21 -23.32 -50.71 -7.83
N TYR G 22 -23.91 -50.29 -6.72
CA TYR G 22 -25.22 -50.76 -6.29
C TYR G 22 -26.10 -49.55 -6.01
N PRO G 23 -26.60 -48.89 -7.07
CA PRO G 23 -27.44 -47.70 -6.85
C PRO G 23 -28.84 -48.04 -6.33
N MET G 24 -29.26 -49.30 -6.39
CA MET G 24 -30.58 -49.69 -5.91
C MET G 24 -30.61 -50.00 -4.42
N PHE G 25 -29.49 -49.84 -3.72
CA PHE G 25 -29.42 -50.09 -2.29
C PHE G 25 -28.92 -48.83 -1.59
N GLU G 26 -29.22 -48.74 -0.30
CA GLU G 26 -28.67 -47.72 0.57
C GLU G 26 -27.55 -48.36 1.37
N VAL G 27 -26.31 -48.08 0.99
CA VAL G 27 -25.15 -48.72 1.57
C VAL G 27 -24.69 -47.91 2.76
N GLU G 28 -24.66 -48.55 3.94
CA GLU G 28 -24.22 -47.88 5.14
C GLU G 28 -23.07 -48.66 5.77
N PRO G 29 -21.98 -47.99 6.18
CA PRO G 29 -20.87 -48.71 6.81
C PRO G 29 -21.13 -48.96 8.28
N ARG G 30 -20.96 -50.21 8.69
CA ARG G 30 -21.09 -50.63 10.08
C ARG G 30 -19.88 -51.50 10.40
N GLN G 31 -18.78 -50.87 10.80
CA GLN G 31 -17.53 -51.59 11.00
C GLN G 31 -17.56 -52.31 12.34
N VAL G 32 -17.36 -53.62 12.32
CA VAL G 32 -17.34 -54.43 13.53
C VAL G 32 -16.05 -55.22 13.72
N THR G 33 -15.31 -55.52 12.65
CA THR G 33 -14.08 -56.29 12.74
C THR G 33 -13.02 -55.59 11.91
N PRO G 34 -11.72 -55.77 12.25
CA PRO G 34 -10.63 -55.15 11.49
C PRO G 34 -10.20 -56.01 10.30
N ASN G 35 -11.17 -56.41 9.48
CA ASN G 35 -10.90 -57.32 8.38
C ASN G 35 -10.01 -56.66 7.35
N ASP G 36 -8.95 -57.36 6.93
CA ASP G 36 -8.04 -56.82 5.94
C ASP G 36 -8.50 -57.07 4.50
N HIS G 37 -9.48 -57.93 4.29
CA HIS G 37 -10.16 -58.07 3.00
C HIS G 37 -11.62 -57.65 3.13
N ALA G 38 -11.85 -56.55 3.84
CA ALA G 38 -13.22 -56.10 4.12
C ALA G 38 -13.96 -55.71 2.86
N ASN G 39 -13.25 -55.12 1.89
CA ASN G 39 -13.90 -54.63 0.67
C ASN G 39 -14.44 -55.78 -0.17
N ALA G 40 -13.67 -56.87 -0.28
CA ALA G 40 -14.14 -58.01 -1.06
C ALA G 40 -15.37 -58.66 -0.43
N ARG G 41 -15.37 -58.79 0.90
CA ARG G 41 -16.53 -59.32 1.60
C ARG G 41 -17.74 -58.42 1.44
N ALA G 42 -17.52 -57.10 1.48
CA ALA G 42 -18.63 -56.17 1.29
C ALA G 42 -19.23 -56.29 -0.10
N PHE G 43 -18.36 -56.42 -1.12
CA PHE G 43 -18.88 -56.61 -2.48
C PHE G 43 -19.65 -57.91 -2.60
N SER G 44 -19.15 -59.00 -2.00
CA SER G 44 -19.87 -60.27 -2.08
C SER G 44 -21.23 -60.17 -1.39
N HIS G 45 -21.28 -59.48 -0.25
CA HIS G 45 -22.55 -59.26 0.44
C HIS G 45 -23.55 -58.53 -0.45
N LEU G 46 -23.13 -57.40 -1.01
CA LEU G 46 -24.04 -56.62 -1.84
C LEU G 46 -24.45 -57.40 -3.08
N ALA G 47 -23.55 -58.22 -3.61
CA ALA G 47 -23.85 -59.00 -4.80
C ALA G 47 -24.90 -60.06 -4.52
N ILE G 48 -24.78 -60.76 -3.38
CA ILE G 48 -25.79 -61.76 -3.07
C ILE G 48 -27.13 -61.08 -2.78
N LYS G 49 -27.11 -59.89 -2.16
CA LYS G 49 -28.36 -59.15 -1.97
C LYS G 49 -29.01 -58.80 -3.30
N LEU G 50 -28.23 -58.33 -4.27
CA LEU G 50 -28.78 -57.99 -5.58
C LEU G 50 -29.33 -59.23 -6.28
N ILE G 51 -28.61 -60.34 -6.21
CA ILE G 51 -29.07 -61.57 -6.86
C ILE G 51 -30.38 -62.03 -6.25
N GLU G 52 -30.47 -61.98 -4.91
CA GLU G 52 -31.71 -62.35 -4.24
C GLU G 52 -32.85 -61.41 -4.63
N GLN G 53 -32.55 -60.13 -4.80
CA GLN G 53 -33.56 -59.18 -5.25
C GLN G 53 -34.07 -59.53 -6.64
N GLU G 54 -33.19 -59.97 -7.53
CA GLU G 54 -33.56 -60.16 -8.94
C GLU G 54 -34.41 -61.40 -9.17
N ILE G 55 -34.24 -62.44 -8.37
CA ILE G 55 -34.83 -63.74 -8.66
C ILE G 55 -36.17 -63.90 -7.93
N ASP G 56 -36.97 -64.83 -8.41
CA ASP G 56 -38.29 -65.09 -7.83
C ASP G 56 -38.15 -65.74 -6.46
N PRO G 57 -38.89 -65.27 -5.46
CA PRO G 57 -38.78 -65.88 -4.12
C PRO G 57 -39.09 -67.36 -4.08
N ASP G 58 -40.03 -67.84 -4.89
CA ASP G 58 -40.38 -69.25 -4.88
C ASP G 58 -39.36 -70.13 -5.58
N SER G 59 -38.35 -69.54 -6.21
CA SER G 59 -37.29 -70.31 -6.85
C SER G 59 -36.44 -71.03 -5.82
N THR G 60 -35.91 -72.19 -6.21
CA THR G 60 -34.93 -72.93 -5.43
C THR G 60 -33.55 -72.72 -6.03
N ILE G 61 -32.58 -72.37 -5.20
CA ILE G 61 -31.29 -71.85 -5.65
C ILE G 61 -30.21 -72.85 -5.29
N LEU G 62 -29.53 -73.38 -6.29
CA LEU G 62 -28.34 -74.18 -6.04
C LEU G 62 -27.18 -73.26 -5.69
N ASP G 63 -26.53 -73.52 -4.56
CA ASP G 63 -25.35 -72.77 -4.15
C ASP G 63 -24.15 -73.69 -4.32
N ILE G 64 -23.45 -73.52 -5.43
CA ILE G 64 -22.34 -74.40 -5.78
C ILE G 64 -21.10 -73.98 -5.00
N GLY G 65 -20.45 -74.95 -4.36
CA GLY G 65 -19.31 -74.65 -3.52
C GLY G 65 -19.71 -73.74 -2.39
N SER G 66 -20.81 -74.07 -1.73
CA SER G 66 -21.43 -73.16 -0.77
C SER G 66 -20.63 -73.08 0.52
N ALA G 67 -20.82 -71.97 1.23
CA ALA G 67 -20.45 -71.83 2.63
C ALA G 67 -21.77 -71.70 3.39
N PRO G 68 -22.32 -72.80 3.91
CA PRO G 68 -23.74 -72.79 4.31
C PRO G 68 -24.04 -71.88 5.48
N ALA G 69 -23.03 -71.39 6.19
CA ALA G 69 -23.28 -70.49 7.31
C ALA G 69 -23.70 -69.10 6.85
N ARG G 70 -23.62 -68.83 5.56
CA ARG G 70 -23.99 -67.53 5.02
C ARG G 70 -25.39 -67.51 4.44
N ARG G 71 -25.93 -68.66 4.05
CA ARG G 71 -27.30 -68.79 3.59
C ARG G 71 -28.26 -69.21 4.71
N MET G 72 -27.86 -69.07 5.96
CA MET G 72 -28.66 -69.63 7.06
C MET G 72 -29.63 -68.61 7.62
N MET G 73 -29.34 -67.31 7.45
CA MET G 73 -30.27 -66.24 7.76
C MET G 73 -30.98 -65.71 6.52
N SER G 74 -31.20 -66.55 5.52
CA SER G 74 -31.82 -66.15 4.27
C SER G 74 -33.21 -66.76 4.15
N ASP G 75 -34.17 -65.95 3.69
CA ASP G 75 -35.53 -66.45 3.52
C ASP G 75 -35.68 -67.23 2.22
N ARG G 76 -34.64 -67.29 1.41
CA ARG G 76 -34.71 -68.04 0.16
C ARG G 76 -34.45 -69.52 0.41
N LYS G 77 -34.79 -70.34 -0.58
CA LYS G 77 -34.62 -71.78 -0.48
C LYS G 77 -33.32 -72.18 -1.17
N TYR G 78 -32.24 -72.18 -0.40
CA TYR G 78 -30.92 -72.55 -0.89
C TYR G 78 -30.68 -74.05 -0.70
N HIS G 79 -30.15 -74.69 -1.72
CA HIS G 79 -29.61 -76.04 -1.63
C HIS G 79 -28.09 -75.90 -1.76
N CYS G 80 -27.38 -76.13 -0.67
CA CYS G 80 -25.94 -75.90 -0.62
C CYS G 80 -25.21 -77.18 -1.03
N VAL G 81 -24.36 -77.07 -2.04
CA VAL G 81 -23.58 -78.19 -2.54
C VAL G 81 -22.18 -78.08 -1.96
N CYS G 82 -21.82 -79.00 -1.06
CA CYS G 82 -20.58 -78.94 -0.30
C CYS G 82 -19.80 -80.23 -0.46
N PRO G 83 -18.95 -80.33 -1.49
CA PRO G 83 -18.18 -81.56 -1.69
C PRO G 83 -17.04 -81.75 -0.72
N MET G 84 -16.68 -80.72 0.05
CA MET G 84 -15.60 -80.80 1.03
C MET G 84 -14.28 -81.18 0.38
N ARG G 85 -13.89 -80.42 -0.65
CA ARG G 85 -12.64 -80.65 -1.36
C ARG G 85 -11.55 -79.66 -0.99
N SER G 86 -11.87 -78.67 -0.14
CA SER G 86 -10.89 -77.69 0.28
C SER G 86 -10.54 -77.91 1.75
N ALA G 87 -9.34 -77.48 2.13
CA ALA G 87 -8.90 -77.64 3.51
C ALA G 87 -9.53 -76.62 4.44
N GLU G 88 -10.24 -75.64 3.91
CA GLU G 88 -10.96 -74.66 4.70
C GLU G 88 -12.43 -75.03 4.88
N ASP G 89 -12.90 -76.07 4.20
CA ASP G 89 -14.27 -76.55 4.25
C ASP G 89 -14.69 -77.11 5.61
N PRO G 90 -13.86 -77.93 6.28
CA PRO G 90 -14.28 -78.42 7.60
C PRO G 90 -14.58 -77.31 8.59
N GLU G 91 -13.79 -76.23 8.56
CA GLU G 91 -14.07 -75.09 9.42
C GLU G 91 -15.41 -74.47 9.09
N ARG G 92 -15.72 -74.33 7.79
CA ARG G 92 -16.99 -73.72 7.41
C ARG G 92 -18.17 -74.60 7.80
N LEU G 93 -18.03 -75.92 7.68
CA LEU G 93 -19.10 -76.81 8.10
C LEU G 93 -19.31 -76.77 9.61
N ALA G 94 -18.22 -76.73 10.38
CA ALA G 94 -18.34 -76.62 11.82
C ALA G 94 -18.98 -75.30 12.22
N ASN G 95 -18.62 -74.21 11.53
CA ASN G 95 -19.23 -72.92 11.79
C ASN G 95 -20.72 -72.95 11.49
N TYR G 96 -21.10 -73.60 10.38
CA TYR G 96 -22.51 -73.74 10.04
C TYR G 96 -23.26 -74.49 11.14
N ALA G 97 -22.70 -75.61 11.61
CA ALA G 97 -23.38 -76.38 12.66
C ALA G 97 -23.49 -75.59 13.95
N ARG G 98 -22.43 -74.89 14.32
CA ARG G 98 -22.46 -74.10 15.56
C ARG G 98 -23.49 -72.98 15.47
N LYS G 99 -23.56 -72.29 14.32
CA LYS G 99 -24.56 -71.24 14.15
C LYS G 99 -25.98 -71.81 14.18
N LEU G 100 -26.21 -72.95 13.52
CA LEU G 100 -27.53 -73.56 13.57
C LEU G 100 -27.92 -73.89 15.01
N ALA G 101 -26.99 -74.46 15.77
CA ALA G 101 -27.28 -74.74 17.18
C ALA G 101 -27.61 -73.46 17.94
N SER G 102 -26.83 -72.40 17.72
CA SER G 102 -27.07 -71.14 18.39
C SER G 102 -28.39 -70.48 17.98
N ALA G 103 -28.97 -70.86 16.84
CA ALA G 103 -30.25 -70.30 16.41
C ALA G 103 -31.34 -71.36 16.31
N ALA G 104 -31.19 -72.49 17.02
CA ALA G 104 -32.12 -73.60 16.88
C ALA G 104 -33.51 -73.22 17.35
N GLY G 105 -33.62 -72.53 18.49
CA GLY G 105 -34.91 -72.18 19.04
C GLY G 105 -35.03 -70.71 19.34
N LYS G 106 -34.43 -69.87 18.50
CA LYS G 106 -34.50 -68.42 18.66
C LYS G 106 -34.88 -67.70 17.38
N VAL G 107 -34.59 -68.24 16.20
CA VAL G 107 -35.09 -67.71 14.93
C VAL G 107 -36.19 -68.64 14.45
N LEU G 108 -37.37 -68.07 14.17
CA LEU G 108 -38.57 -68.84 13.89
C LEU G 108 -38.83 -69.07 12.41
N ASP G 109 -38.68 -68.03 11.59
CA ASP G 109 -39.11 -68.06 10.18
C ASP G 109 -37.93 -68.18 9.22
N ARG G 110 -36.85 -68.84 9.62
CA ARG G 110 -35.72 -69.11 8.75
C ARG G 110 -35.47 -70.59 8.54
N ASN G 111 -36.42 -71.45 8.94
CA ASN G 111 -36.34 -72.89 8.74
C ASN G 111 -35.07 -73.47 9.36
N ILE G 112 -34.76 -73.04 10.58
CA ILE G 112 -33.57 -73.54 11.25
C ILE G 112 -33.75 -75.02 11.63
N SER G 113 -34.96 -75.39 12.07
CA SER G 113 -35.23 -76.79 12.38
C SER G 113 -35.08 -77.67 11.14
N GLY G 114 -35.56 -77.20 10.00
CA GLY G 114 -35.35 -77.94 8.77
C GLY G 114 -33.89 -78.09 8.42
N LYS G 115 -33.11 -77.01 8.58
CA LYS G 115 -31.69 -77.08 8.25
C LYS G 115 -30.94 -78.05 9.16
N ILE G 116 -31.23 -78.05 10.46
CA ILE G 116 -30.55 -79.00 11.34
C ILE G 116 -30.99 -80.42 11.03
N GLY G 117 -32.26 -80.60 10.66
CA GLY G 117 -32.70 -81.94 10.27
C GLY G 117 -32.00 -82.45 9.04
N ASP G 118 -31.86 -81.59 8.01
CA ASP G 118 -31.15 -82.00 6.80
C ASP G 118 -29.68 -82.27 7.09
N LEU G 119 -29.05 -81.45 7.93
CA LEU G 119 -27.65 -81.68 8.25
C LEU G 119 -27.46 -83.01 8.98
N GLN G 120 -28.35 -83.33 9.93
CA GLN G 120 -28.26 -84.62 10.61
C GLN G 120 -28.55 -85.76 9.64
N ALA G 121 -29.45 -85.55 8.69
CA ALA G 121 -29.74 -86.59 7.71
C ALA G 121 -28.53 -86.88 6.83
N VAL G 122 -27.83 -85.84 6.39
CA VAL G 122 -26.66 -86.04 5.56
C VAL G 122 -25.53 -86.68 6.37
N MET G 123 -25.41 -86.30 7.64
CA MET G 123 -24.43 -86.96 8.50
C MET G 123 -24.76 -88.44 8.69
N ALA G 124 -26.04 -88.78 8.76
CA ALA G 124 -26.43 -90.18 8.90
C ALA G 124 -26.14 -90.97 7.63
N VAL G 125 -26.78 -90.59 6.53
CA VAL G 125 -26.54 -91.19 5.22
C VAL G 125 -25.83 -90.14 4.36
N PRO G 126 -24.54 -90.32 4.04
CA PRO G 126 -23.82 -89.27 3.29
C PRO G 126 -24.39 -88.99 1.92
N ASP G 127 -25.02 -89.96 1.27
CA ASP G 127 -25.48 -89.79 -0.11
C ASP G 127 -26.90 -89.23 -0.21
N THR G 128 -27.57 -88.96 0.92
CA THR G 128 -28.92 -88.45 0.84
C THR G 128 -28.91 -87.01 0.30
N GLU G 129 -29.95 -86.68 -0.48
CA GLU G 129 -30.06 -85.39 -1.13
C GLU G 129 -31.17 -84.60 -0.43
N THR G 130 -30.79 -83.87 0.60
CA THR G 130 -31.74 -83.09 1.38
C THR G 130 -31.99 -81.73 0.75
N PRO G 131 -33.14 -81.09 1.07
CA PRO G 131 -33.49 -79.83 0.39
C PRO G 131 -32.48 -78.71 0.55
N THR G 132 -31.78 -78.65 1.69
CA THR G 132 -30.89 -77.52 1.95
C THR G 132 -29.42 -77.89 2.05
N PHE G 133 -29.07 -79.17 2.00
CA PHE G 133 -27.67 -79.55 2.14
C PHE G 133 -27.39 -80.86 1.41
N CYS G 134 -26.18 -80.98 0.89
CA CYS G 134 -25.69 -82.22 0.31
C CYS G 134 -24.17 -82.15 0.27
N LEU G 135 -23.55 -83.33 0.17
CA LEU G 135 -22.10 -83.46 0.12
C LEU G 135 -21.60 -83.84 -1.27
N HIS G 136 -22.34 -83.51 -2.31
CA HIS G 136 -21.97 -83.87 -3.68
C HIS G 136 -21.22 -82.72 -4.34
N THR G 137 -20.91 -82.88 -5.61
CA THR G 137 -20.29 -81.83 -6.40
C THR G 137 -21.33 -81.20 -7.34
N ASP G 138 -20.87 -80.26 -8.16
CA ASP G 138 -21.76 -79.64 -9.14
C ASP G 138 -22.22 -80.65 -10.18
N VAL G 139 -21.41 -81.67 -10.47
CA VAL G 139 -21.74 -82.66 -11.49
C VAL G 139 -22.30 -83.94 -10.91
N SER G 140 -22.28 -84.10 -9.59
CA SER G 140 -22.85 -85.28 -8.95
C SER G 140 -24.09 -84.98 -8.11
N CYS G 141 -24.40 -83.71 -7.87
CA CYS G 141 -25.65 -83.37 -7.20
C CYS G 141 -26.84 -83.75 -8.07
N ARG G 142 -27.91 -84.21 -7.41
CA ARG G 142 -29.12 -84.60 -8.10
C ARG G 142 -30.27 -83.63 -7.90
N GLN G 143 -30.12 -82.63 -7.04
CA GLN G 143 -31.19 -81.70 -6.74
C GLN G 143 -31.47 -80.82 -7.95
N ARG G 144 -32.67 -80.96 -8.52
CA ARG G 144 -33.10 -80.06 -9.57
C ARG G 144 -33.43 -78.70 -9.00
N ALA G 145 -33.08 -77.64 -9.73
CA ALA G 145 -33.34 -76.29 -9.26
C ALA G 145 -33.57 -75.38 -10.46
N ASP G 146 -33.93 -74.13 -10.18
CA ASP G 146 -34.16 -73.12 -11.19
C ASP G 146 -33.03 -72.11 -11.30
N VAL G 147 -32.26 -71.91 -10.24
CA VAL G 147 -31.18 -70.93 -10.21
C VAL G 147 -29.95 -71.58 -9.59
N ALA G 148 -28.79 -71.27 -10.15
CA ALA G 148 -27.51 -71.67 -9.59
C ALA G 148 -26.69 -70.43 -9.29
N ILE G 149 -25.90 -70.49 -8.22
CA ILE G 149 -25.08 -69.37 -7.80
C ILE G 149 -23.65 -69.87 -7.56
N TYR G 150 -22.68 -69.21 -8.17
CA TYR G 150 -21.27 -69.47 -7.94
C TYR G 150 -20.69 -68.21 -7.29
N GLN G 151 -20.38 -68.27 -6.01
CA GLN G 151 -19.81 -67.13 -5.30
C GLN G 151 -18.38 -67.48 -4.90
N ASP G 152 -17.43 -66.77 -5.51
CA ASP G 152 -15.99 -67.01 -5.31
C ASP G 152 -15.63 -68.48 -5.52
N VAL G 153 -16.11 -69.02 -6.64
CA VAL G 153 -15.80 -70.38 -7.05
C VAL G 153 -14.94 -70.31 -8.30
N TYR G 154 -13.69 -70.76 -8.18
CA TYR G 154 -12.75 -70.77 -9.29
C TYR G 154 -12.22 -72.16 -9.60
N ALA G 155 -12.70 -73.19 -8.93
CA ALA G 155 -12.14 -74.54 -9.06
C ALA G 155 -12.91 -75.42 -10.02
N VAL G 156 -13.85 -74.87 -10.77
CA VAL G 156 -14.67 -75.64 -11.69
C VAL G 156 -14.49 -75.10 -13.10
N HIS G 157 -14.45 -76.01 -14.08
CA HIS G 157 -14.56 -75.63 -15.48
C HIS G 157 -15.94 -75.05 -15.74
N ALA G 158 -16.00 -73.83 -16.26
CA ALA G 158 -17.28 -73.14 -16.41
C ALA G 158 -18.25 -73.87 -17.34
N PRO G 159 -17.89 -74.22 -18.58
CA PRO G 159 -18.90 -74.86 -19.45
C PRO G 159 -19.41 -76.18 -18.93
N THR G 160 -18.56 -77.02 -18.35
CA THR G 160 -19.02 -78.32 -17.86
C THR G 160 -19.97 -78.15 -16.68
N SER G 161 -19.62 -77.27 -15.74
CA SER G 161 -20.49 -77.01 -14.60
C SER G 161 -21.82 -76.41 -15.05
N LEU G 162 -21.78 -75.46 -15.98
CA LEU G 162 -23.01 -74.85 -16.46
C LEU G 162 -23.88 -75.85 -17.20
N TYR G 163 -23.27 -76.75 -17.98
CA TYR G 163 -24.05 -77.77 -18.66
C TYR G 163 -24.71 -78.72 -17.66
N HIS G 164 -23.97 -79.10 -16.61
CA HIS G 164 -24.53 -80.01 -15.62
C HIS G 164 -25.64 -79.33 -14.82
N GLN G 165 -25.57 -78.01 -14.65
CA GLN G 165 -26.68 -77.29 -14.06
C GLN G 165 -27.87 -77.24 -15.01
N ALA G 166 -27.62 -76.97 -16.30
CA ALA G 166 -28.68 -76.78 -17.26
C ALA G 166 -29.48 -78.06 -17.49
N ILE G 167 -28.81 -79.21 -17.54
CA ILE G 167 -29.52 -80.47 -17.70
C ILE G 167 -30.35 -80.83 -16.47
N LYS G 168 -30.20 -80.08 -15.39
CA LYS G 168 -31.02 -80.23 -14.19
C LYS G 168 -32.13 -79.19 -14.11
N GLY G 169 -32.37 -78.44 -15.18
CA GLY G 169 -33.42 -77.45 -15.21
C GLY G 169 -33.00 -76.06 -14.78
N VAL G 170 -31.75 -75.86 -14.38
CA VAL G 170 -31.29 -74.52 -14.01
C VAL G 170 -31.28 -73.65 -15.25
N ARG G 171 -31.92 -72.48 -15.15
CA ARG G 171 -32.08 -71.61 -16.30
C ARG G 171 -31.39 -70.26 -16.11
N LEU G 172 -30.97 -69.96 -14.88
CA LEU G 172 -30.24 -68.73 -14.56
C LEU G 172 -29.09 -69.09 -13.64
N ALA G 173 -27.90 -68.59 -13.96
CA ALA G 173 -26.73 -68.80 -13.13
C ALA G 173 -26.05 -67.47 -12.89
N TYR G 174 -25.46 -67.33 -11.71
CA TYR G 174 -24.76 -66.12 -11.33
C TYR G 174 -23.35 -66.47 -10.91
N TRP G 175 -22.38 -65.67 -11.34
CA TRP G 175 -20.99 -65.89 -10.97
C TRP G 175 -20.44 -64.60 -10.38
N VAL G 176 -20.06 -64.64 -9.10
CA VAL G 176 -19.47 -63.51 -8.41
C VAL G 176 -17.99 -63.82 -8.21
N GLY G 177 -17.12 -62.95 -8.73
CA GLY G 177 -15.70 -63.22 -8.54
C GLY G 177 -14.86 -62.09 -9.08
N PHE G 178 -13.55 -62.24 -8.90
CA PHE G 178 -12.60 -61.28 -9.44
C PHE G 178 -12.61 -61.31 -10.96
N ASP G 179 -12.37 -60.15 -11.56
CA ASP G 179 -12.41 -60.00 -13.01
C ASP G 179 -11.38 -60.93 -13.65
N THR G 180 -11.81 -61.65 -14.68
CA THR G 180 -10.99 -62.63 -15.37
C THR G 180 -10.20 -62.04 -16.53
N THR G 181 -10.32 -60.73 -16.77
CA THR G 181 -9.57 -60.10 -17.85
C THR G 181 -8.05 -60.14 -17.67
N PRO G 182 -7.48 -59.90 -16.49
CA PRO G 182 -6.02 -59.96 -16.38
C PRO G 182 -5.43 -61.30 -16.76
N PHE G 183 -6.19 -62.38 -16.64
CA PHE G 183 -5.71 -63.70 -17.01
C PHE G 183 -5.97 -64.03 -18.47
N MET G 184 -6.82 -63.27 -19.14
CA MET G 184 -6.95 -63.38 -20.58
C MET G 184 -5.80 -62.69 -21.30
N TYR G 185 -5.18 -61.70 -20.65
CA TYR G 185 -3.98 -61.06 -21.16
C TYR G 185 -2.70 -61.81 -20.80
N ASN G 186 -2.80 -62.90 -20.05
CA ASN G 186 -1.66 -63.76 -19.72
C ASN G 186 -0.59 -63.02 -18.92
N ALA G 187 -1.01 -62.17 -17.99
CA ALA G 187 -0.07 -61.46 -17.14
C ALA G 187 0.58 -62.41 -16.14
N MET G 188 1.83 -62.09 -15.77
CA MET G 188 2.55 -62.92 -14.82
C MET G 188 2.16 -62.61 -13.38
N ALA G 189 1.94 -61.34 -13.06
CA ALA G 189 1.55 -60.92 -11.73
C ALA G 189 0.58 -59.76 -11.88
N GLY G 190 -0.14 -59.46 -10.82
CA GLY G 190 -1.13 -58.40 -10.92
C GLY G 190 -1.72 -58.03 -9.58
N ALA G 191 -2.48 -56.94 -9.59
CA ALA G 191 -3.10 -56.41 -8.39
C ALA G 191 -4.54 -56.03 -8.67
N TYR G 192 -5.40 -56.34 -7.71
CA TYR G 192 -6.68 -55.66 -7.53
C TYR G 192 -6.51 -54.78 -6.31
N PRO G 193 -6.03 -53.56 -6.47
CA PRO G 193 -5.61 -52.76 -5.30
C PRO G 193 -6.77 -52.23 -4.47
N SER G 194 -7.97 -52.15 -5.04
CA SER G 194 -9.11 -51.70 -4.25
C SER G 194 -9.53 -52.73 -3.22
N TYR G 195 -9.24 -54.00 -3.48
CA TYR G 195 -9.59 -55.08 -2.60
C TYR G 195 -8.38 -55.64 -1.85
N SER G 196 -7.29 -54.88 -1.80
CA SER G 196 -6.04 -55.30 -1.17
C SER G 196 -5.63 -56.69 -1.64
N THR G 197 -5.80 -56.95 -2.93
CA THR G 197 -5.55 -58.29 -3.47
C THR G 197 -4.36 -58.23 -4.41
N ASN G 198 -3.43 -59.16 -4.22
CA ASN G 198 -2.28 -59.30 -5.11
C ASN G 198 -2.13 -60.74 -5.52
N TRP G 199 -1.97 -60.99 -6.81
CA TRP G 199 -1.81 -62.34 -7.32
C TRP G 199 -0.51 -62.42 -8.11
N ALA G 200 0.09 -63.60 -8.08
CA ALA G 200 1.36 -63.79 -8.77
C ALA G 200 1.49 -65.22 -9.27
N ASP G 201 2.17 -65.37 -10.40
CA ASP G 201 2.56 -66.70 -10.86
C ASP G 201 3.53 -67.32 -9.86
N GLU G 202 3.48 -68.65 -9.73
CA GLU G 202 4.38 -69.32 -8.79
C GLU G 202 5.84 -69.04 -9.08
N GLN G 203 6.19 -68.81 -10.35
CA GLN G 203 7.57 -68.59 -10.73
C GLN G 203 8.15 -67.27 -10.23
N VAL G 204 7.32 -66.28 -9.90
CA VAL G 204 7.82 -64.97 -9.53
C VAL G 204 7.52 -64.64 -8.07
N LEU G 205 7.20 -65.64 -7.26
CA LEU G 205 6.97 -65.40 -5.84
C LEU G 205 8.21 -64.91 -5.11
N LYS G 206 9.41 -65.15 -5.65
CA LYS G 206 10.64 -64.66 -5.06
C LYS G 206 11.14 -63.40 -5.73
N ALA G 207 10.24 -62.60 -6.31
CA ALA G 207 10.60 -61.32 -6.88
C ALA G 207 10.82 -60.33 -5.74
N LYS G 208 10.92 -59.05 -6.08
CA LYS G 208 11.26 -58.04 -5.10
C LYS G 208 10.25 -56.90 -5.01
N ASN G 209 9.63 -56.49 -6.12
CA ASN G 209 8.83 -55.28 -6.12
C ASN G 209 7.39 -55.45 -6.58
N ILE G 210 6.94 -56.67 -6.84
CA ILE G 210 5.52 -56.89 -7.11
C ILE G 210 4.79 -56.96 -5.78
N GLY G 211 3.46 -56.96 -5.82
CA GLY G 211 2.68 -56.90 -4.59
C GLY G 211 2.81 -58.15 -3.74
N LEU G 212 2.83 -59.31 -4.37
CA LEU G 212 2.87 -60.59 -3.66
C LEU G 212 4.20 -61.26 -3.95
N CYS G 213 5.18 -61.07 -3.08
CA CYS G 213 6.51 -61.65 -3.28
C CYS G 213 7.29 -61.55 -1.98
N SER G 214 8.37 -62.32 -1.91
CA SER G 214 9.32 -62.25 -0.81
C SER G 214 10.68 -62.68 -1.32
N THR G 215 11.67 -61.81 -1.20
CA THR G 215 13.03 -62.14 -1.58
C THR G 215 13.93 -62.05 -0.36
N ASP G 216 15.20 -62.38 -0.55
CA ASP G 216 16.21 -62.28 0.49
C ASP G 216 17.21 -61.19 0.12
N LEU G 217 18.08 -60.88 1.08
CA LEU G 217 19.15 -59.92 0.86
C LEU G 217 20.40 -60.68 0.46
N THR G 218 20.98 -60.31 -0.68
CA THR G 218 22.13 -61.00 -1.23
C THR G 218 23.17 -59.99 -1.66
N GLU G 219 24.44 -60.37 -1.51
CA GLU G 219 25.52 -59.52 -2.00
C GLU G 219 25.71 -59.62 -3.51
N GLY G 220 25.38 -60.76 -4.11
CA GLY G 220 25.52 -60.90 -5.55
C GLY G 220 26.65 -61.81 -5.97
N ARG G 221 26.33 -62.86 -6.71
CA ARG G 221 27.32 -63.86 -7.10
C ARG G 221 27.05 -64.33 -8.52
N ARG G 222 28.12 -64.65 -9.24
CA ARG G 222 28.04 -65.32 -10.53
C ARG G 222 27.77 -66.81 -10.33
N GLY G 223 26.72 -67.15 -9.59
CA GLY G 223 26.43 -68.55 -9.30
C GLY G 223 25.00 -68.95 -9.57
N LYS G 224 24.34 -69.50 -8.55
CA LYS G 224 22.98 -70.03 -8.61
C LYS G 224 22.82 -71.04 -9.74
N LEU G 225 23.79 -71.93 -9.91
CA LEU G 225 23.73 -72.97 -10.93
C LEU G 225 22.53 -73.88 -10.66
N SER G 226 21.81 -74.24 -11.73
CA SER G 226 20.60 -75.04 -11.58
C SER G 226 20.61 -76.17 -12.61
N ILE G 227 19.71 -77.13 -12.39
CA ILE G 227 19.64 -78.30 -13.27
C ILE G 227 18.52 -78.14 -14.28
N MET G 228 17.69 -77.12 -14.10
CA MET G 228 16.58 -76.88 -15.03
C MET G 228 16.94 -75.76 -16.00
N ARG G 229 17.00 -76.08 -17.29
CA ARG G 229 17.33 -75.10 -18.32
C ARG G 229 16.13 -74.17 -18.49
N GLY G 230 16.07 -73.15 -17.63
CA GLY G 230 15.07 -72.13 -17.78
C GLY G 230 15.60 -70.99 -18.62
N LYS G 231 15.35 -71.07 -19.92
CA LYS G 231 15.70 -69.99 -20.83
C LYS G 231 14.53 -69.07 -21.12
N LYS G 232 13.31 -69.50 -20.78
CA LYS G 232 12.11 -68.71 -21.00
C LYS G 232 11.31 -68.63 -19.70
N LEU G 233 10.88 -67.42 -19.36
CA LEU G 233 10.02 -67.16 -18.21
C LEU G 233 8.62 -66.87 -18.75
N GLU G 234 7.75 -67.88 -18.73
CA GLU G 234 6.42 -67.77 -19.28
C GLU G 234 5.39 -68.13 -18.23
N PRO G 235 4.20 -67.52 -18.27
CA PRO G 235 3.17 -67.85 -17.30
C PRO G 235 2.82 -69.34 -17.30
N CYS G 236 2.74 -69.90 -16.11
CA CYS G 236 2.34 -71.29 -15.92
C CYS G 236 0.97 -71.32 -15.26
N ASP G 237 0.41 -72.52 -15.13
CA ASP G 237 -0.99 -72.66 -14.72
C ASP G 237 -1.22 -72.18 -13.30
N ARG G 238 -0.31 -72.48 -12.38
CA ARG G 238 -0.56 -72.22 -10.97
C ARG G 238 -0.27 -70.76 -10.65
N VAL G 239 -1.25 -70.08 -10.06
CA VAL G 239 -1.06 -68.73 -9.54
C VAL G 239 -1.49 -68.73 -8.08
N LEU G 240 -0.99 -67.74 -7.34
CA LEU G 240 -1.33 -67.55 -5.94
C LEU G 240 -2.06 -66.22 -5.81
N PHE G 241 -3.25 -66.26 -5.21
CA PHE G 241 -3.98 -65.07 -4.83
C PHE G 241 -3.74 -64.79 -3.36
N SER G 242 -3.57 -63.53 -3.01
CA SER G 242 -3.57 -63.10 -1.61
C SER G 242 -4.59 -61.98 -1.51
N VAL G 243 -5.73 -62.29 -0.89
CA VAL G 243 -6.79 -61.33 -0.67
C VAL G 243 -6.65 -60.85 0.77
N GLY G 244 -6.27 -59.59 0.95
CA GLY G 244 -5.83 -59.17 2.26
C GLY G 244 -4.66 -60.03 2.70
N SER G 245 -4.91 -60.95 3.64
CA SER G 245 -3.87 -61.87 4.08
C SER G 245 -4.27 -63.33 3.94
N THR G 246 -5.31 -63.66 3.18
CA THR G 246 -5.68 -65.05 2.97
C THR G 246 -5.24 -65.50 1.59
N LEU G 247 -4.62 -66.66 1.53
CA LEU G 247 -3.99 -67.16 0.31
C LEU G 247 -4.86 -68.24 -0.33
N TYR G 248 -4.94 -68.20 -1.66
CA TYR G 248 -5.69 -69.17 -2.45
C TYR G 248 -4.94 -69.56 -3.71
N PRO G 249 -4.63 -70.83 -3.92
CA PRO G 249 -4.06 -71.25 -5.20
C PRO G 249 -5.13 -71.36 -6.27
N GLU G 250 -4.78 -70.92 -7.48
CA GLU G 250 -5.71 -70.92 -8.60
C GLU G 250 -5.03 -71.50 -9.83
N SER G 251 -5.86 -72.02 -10.72
CA SER G 251 -5.41 -72.58 -11.98
C SER G 251 -5.83 -71.63 -13.10
N ARG G 252 -4.89 -71.34 -14.00
CA ARG G 252 -5.15 -70.35 -15.05
C ARG G 252 -6.26 -70.82 -15.99
N LYS G 253 -6.27 -72.10 -16.34
CA LYS G 253 -7.28 -72.60 -17.27
C LYS G 253 -8.69 -72.50 -16.67
N LEU G 254 -8.82 -72.85 -15.39
CA LEU G 254 -10.11 -72.73 -14.73
C LEU G 254 -10.53 -71.27 -14.59
N LEU G 255 -9.58 -70.38 -14.32
CA LEU G 255 -9.89 -68.96 -14.25
C LEU G 255 -10.36 -68.42 -15.59
N LYS G 256 -9.69 -68.82 -16.67
CA LYS G 256 -10.02 -68.33 -18.00
C LYS G 256 -11.30 -68.95 -18.55
N SER G 257 -11.68 -70.14 -18.06
CA SER G 257 -12.91 -70.76 -18.54
C SER G 257 -14.13 -69.91 -18.19
N TRP G 258 -14.03 -69.10 -17.15
CA TRP G 258 -15.14 -68.25 -16.72
C TRP G 258 -15.19 -66.93 -17.47
N HIS G 259 -14.21 -66.66 -18.35
CA HIS G 259 -14.28 -65.53 -19.28
C HIS G 259 -15.07 -65.98 -20.51
N LEU G 260 -16.37 -66.06 -20.33
CA LEU G 260 -17.28 -66.62 -21.32
C LEU G 260 -17.68 -65.57 -22.37
N PRO G 261 -17.99 -66.01 -23.58
CA PRO G 261 -18.42 -65.06 -24.61
C PRO G 261 -19.82 -64.52 -24.31
N SER G 262 -20.23 -63.55 -25.12
CA SER G 262 -21.57 -62.98 -24.96
C SER G 262 -22.65 -64.03 -25.17
N VAL G 263 -22.49 -64.87 -26.19
CA VAL G 263 -23.41 -65.98 -26.45
C VAL G 263 -22.59 -67.21 -26.78
N PHE G 264 -23.03 -68.36 -26.27
CA PHE G 264 -22.35 -69.62 -26.55
C PHE G 264 -23.36 -70.76 -26.55
N HIS G 265 -22.90 -71.91 -27.01
CA HIS G 265 -23.74 -73.10 -27.16
C HIS G 265 -23.12 -74.26 -26.40
N LEU G 266 -23.93 -74.97 -25.63
CA LEU G 266 -23.54 -76.21 -24.98
C LEU G 266 -24.24 -77.34 -25.71
N LYS G 267 -23.47 -78.18 -26.40
CA LYS G 267 -24.02 -79.22 -27.27
C LYS G 267 -23.69 -80.59 -26.67
N GLY G 268 -24.63 -81.12 -25.89
CA GLY G 268 -24.46 -82.46 -25.33
C GLY G 268 -25.59 -83.39 -25.72
N LYS G 269 -25.99 -84.26 -24.79
CA LYS G 269 -27.23 -85.02 -24.98
C LYS G 269 -28.41 -84.07 -25.10
N LEU G 270 -28.43 -83.03 -24.29
CA LEU G 270 -29.29 -81.87 -24.47
C LEU G 270 -28.44 -80.68 -24.89
N SER G 271 -29.04 -79.80 -25.69
N SER G 271 -29.04 -79.80 -25.69
CA SER G 271 -28.36 -78.63 -26.21
CA SER G 271 -28.37 -78.62 -26.22
C SER G 271 -28.96 -77.37 -25.60
C SER G 271 -28.97 -77.37 -25.60
N PHE G 272 -28.12 -76.39 -25.32
CA PHE G 272 -28.53 -75.16 -24.66
C PHE G 272 -27.85 -73.97 -25.30
N THR G 273 -28.60 -72.87 -25.43
CA THR G 273 -28.08 -71.59 -25.88
C THR G 273 -27.97 -70.67 -24.67
N CYS G 274 -26.75 -70.19 -24.39
CA CYS G 274 -26.47 -69.48 -23.16
C CYS G 274 -25.96 -68.08 -23.47
N ARG G 275 -26.33 -67.13 -22.62
CA ARG G 275 -25.95 -65.73 -22.79
C ARG G 275 -25.33 -65.22 -21.50
N CYS G 276 -24.04 -64.90 -21.55
CA CYS G 276 -23.29 -64.43 -20.39
C CYS G 276 -23.23 -62.91 -20.43
N ASP G 277 -23.56 -62.27 -19.31
CA ASP G 277 -23.62 -60.82 -19.24
C ASP G 277 -23.06 -60.37 -17.89
N THR G 278 -22.22 -59.33 -17.92
CA THR G 278 -21.63 -58.79 -16.70
C THR G 278 -22.57 -57.70 -16.18
N VAL G 279 -23.20 -57.96 -15.03
CA VAL G 279 -24.23 -57.08 -14.52
C VAL G 279 -23.65 -56.13 -13.48
N VAL G 280 -22.61 -56.56 -12.77
CA VAL G 280 -21.93 -55.67 -11.82
C VAL G 280 -20.44 -55.69 -12.11
N SER G 281 -19.82 -54.52 -12.08
CA SER G 281 -18.39 -54.38 -12.30
C SER G 281 -17.88 -53.25 -11.41
N CYS G 282 -17.10 -53.61 -10.39
CA CYS G 282 -16.57 -52.62 -9.44
C CYS G 282 -15.08 -52.87 -9.28
N GLU G 283 -14.28 -52.10 -10.03
CA GLU G 283 -12.82 -52.04 -9.91
C GLU G 283 -12.18 -53.40 -9.64
N GLY G 284 -12.51 -54.37 -10.47
CA GLY G 284 -11.90 -55.68 -10.41
C GLY G 284 -12.77 -56.80 -9.88
N TYR G 285 -13.93 -56.49 -9.33
CA TYR G 285 -14.84 -57.52 -8.83
C TYR G 285 -16.12 -57.46 -9.63
N VAL G 286 -16.55 -58.59 -10.18
CA VAL G 286 -17.68 -58.61 -11.11
C VAL G 286 -18.74 -59.60 -10.65
N VAL G 287 -19.97 -59.32 -11.08
CA VAL G 287 -21.09 -60.25 -11.03
C VAL G 287 -21.55 -60.46 -12.46
N LYS G 288 -21.50 -61.71 -12.92
CA LYS G 288 -21.92 -62.13 -14.25
C LYS G 288 -23.24 -62.89 -14.17
N ARG G 289 -24.09 -62.65 -15.16
CA ARG G 289 -25.38 -63.31 -15.32
C ARG G 289 -25.31 -64.22 -16.53
N ILE G 290 -25.73 -65.47 -16.37
CA ILE G 290 -25.73 -66.45 -17.46
C ILE G 290 -27.14 -67.02 -17.57
N THR G 291 -27.81 -66.74 -18.67
CA THR G 291 -29.08 -67.39 -18.94
C THR G 291 -28.83 -68.66 -19.75
N MET G 292 -29.70 -69.64 -19.56
CA MET G 292 -29.59 -70.91 -20.27
C MET G 292 -30.96 -71.26 -20.81
N SER G 293 -31.04 -71.58 -22.10
CA SER G 293 -32.31 -71.89 -22.74
C SER G 293 -32.13 -73.14 -23.59
N PRO G 294 -33.06 -74.10 -23.53
CA PRO G 294 -32.90 -75.32 -24.32
C PRO G 294 -33.01 -75.05 -25.82
N GLY G 295 -32.31 -75.87 -26.59
CA GLY G 295 -32.27 -75.70 -28.03
C GLY G 295 -31.12 -74.82 -28.48
N LEU G 296 -30.80 -74.93 -29.76
CA LEU G 296 -29.73 -74.16 -30.38
C LEU G 296 -30.33 -73.04 -31.22
N TYR G 297 -29.96 -71.81 -30.93
CA TYR G 297 -30.51 -70.65 -31.60
C TYR G 297 -29.41 -69.66 -31.96
N GLY G 298 -29.53 -69.06 -33.13
CA GLY G 298 -28.63 -68.01 -33.55
C GLY G 298 -27.23 -68.51 -33.88
N LYS G 299 -26.32 -67.56 -33.91
CA LYS G 299 -24.93 -67.81 -34.25
C LYS G 299 -24.03 -67.19 -33.19
N THR G 300 -22.85 -67.79 -33.00
CA THR G 300 -21.88 -67.33 -32.03
C THR G 300 -20.64 -66.82 -32.77
N THR G 301 -20.09 -65.71 -32.30
CA THR G 301 -18.83 -65.21 -32.83
C THR G 301 -17.62 -65.64 -32.01
N GLY G 302 -17.82 -66.05 -30.76
CA GLY G 302 -16.71 -66.41 -29.91
C GLY G 302 -15.92 -65.25 -29.35
N TYR G 303 -16.55 -64.11 -29.12
CA TYR G 303 -15.86 -62.92 -28.64
C TYR G 303 -16.38 -62.51 -27.27
N ALA G 304 -15.47 -62.46 -26.31
CA ALA G 304 -15.74 -61.94 -24.97
C ALA G 304 -15.28 -60.50 -24.89
N VAL G 305 -16.13 -59.64 -24.32
CA VAL G 305 -15.88 -58.21 -24.26
C VAL G 305 -15.87 -57.76 -22.80
N THR G 306 -14.90 -56.93 -22.45
CA THR G 306 -14.79 -56.31 -21.14
C THR G 306 -14.84 -54.80 -21.29
N HIS G 307 -15.84 -54.17 -20.71
CA HIS G 307 -15.88 -52.71 -20.65
C HIS G 307 -15.03 -52.21 -19.51
N HIS G 308 -14.26 -51.16 -19.75
CA HIS G 308 -13.33 -50.63 -18.76
C HIS G 308 -13.88 -49.31 -18.22
N ALA G 309 -14.52 -49.38 -17.05
CA ALA G 309 -14.92 -48.15 -16.38
C ALA G 309 -13.71 -47.41 -15.82
N ASP G 310 -12.74 -48.14 -15.31
CA ASP G 310 -11.46 -47.59 -14.88
C ASP G 310 -10.38 -48.11 -15.81
N GLY G 311 -9.23 -47.44 -15.81
CA GLY G 311 -8.14 -47.84 -16.68
C GLY G 311 -7.59 -49.21 -16.30
N PHE G 312 -7.23 -50.00 -17.30
CA PHE G 312 -6.56 -51.27 -17.09
C PHE G 312 -5.19 -51.23 -17.75
N LEU G 313 -4.16 -51.59 -17.00
CA LEU G 313 -2.79 -51.53 -17.49
C LEU G 313 -2.15 -52.91 -17.42
N MET G 314 -1.51 -53.33 -18.50
CA MET G 314 -0.56 -54.43 -18.44
C MET G 314 0.75 -53.91 -19.00
N CYS G 315 1.83 -54.10 -18.27
CA CYS G 315 3.09 -53.48 -18.65
CA CYS G 315 3.10 -53.48 -18.66
C CYS G 315 4.24 -54.44 -18.40
N LYS G 316 5.39 -54.09 -18.96
CA LYS G 316 6.62 -54.83 -18.72
CA LYS G 316 6.61 -54.85 -18.70
C LYS G 316 7.31 -54.29 -17.48
N THR G 317 7.66 -55.17 -16.56
CA THR G 317 8.44 -54.78 -15.39
C THR G 317 9.72 -55.59 -15.39
N THR G 318 10.80 -54.95 -14.96
CA THR G 318 12.07 -55.60 -14.75
C THR G 318 12.26 -55.76 -13.25
N ASP G 319 12.33 -57.01 -12.79
CA ASP G 319 12.46 -57.30 -11.38
C ASP G 319 13.60 -58.28 -11.17
N THR G 320 13.80 -58.68 -9.92
CA THR G 320 14.86 -59.58 -9.53
C THR G 320 14.21 -60.77 -8.81
N VAL G 321 14.20 -61.92 -9.47
CA VAL G 321 13.66 -63.14 -8.87
C VAL G 321 14.83 -64.01 -8.44
N ASP G 322 14.91 -64.27 -7.14
CA ASP G 322 15.97 -65.07 -6.53
C ASP G 322 17.35 -64.56 -6.93
N GLY G 323 17.47 -63.23 -7.01
CA GLY G 323 18.71 -62.59 -7.37
C GLY G 323 18.91 -62.34 -8.85
N GLU G 324 18.17 -63.02 -9.72
CA GLU G 324 18.39 -62.94 -11.15
C GLU G 324 17.45 -61.92 -11.77
N ARG G 325 17.99 -61.01 -12.56
CA ARG G 325 17.18 -59.95 -13.16
C ARG G 325 16.42 -60.50 -14.36
N VAL G 326 15.10 -60.35 -14.35
CA VAL G 326 14.24 -60.80 -15.43
C VAL G 326 13.19 -59.74 -15.70
N SER G 327 12.42 -59.96 -16.76
CA SER G 327 11.31 -59.09 -17.13
C SER G 327 10.05 -59.92 -17.29
N PHE G 328 8.93 -59.40 -16.81
CA PHE G 328 7.65 -60.07 -16.97
C PHE G 328 6.54 -59.03 -16.94
N SER G 329 5.36 -59.45 -17.39
CA SER G 329 4.22 -58.55 -17.48
C SER G 329 3.45 -58.49 -16.17
N VAL G 330 3.06 -57.27 -15.80
CA VAL G 330 2.35 -56.99 -14.56
C VAL G 330 1.13 -56.15 -14.90
N CYS G 331 -0.03 -56.54 -14.38
CA CYS G 331 -1.29 -55.85 -14.67
C CYS G 331 -1.83 -55.19 -13.41
N THR G 332 -2.66 -54.17 -13.62
CA THR G 332 -3.23 -53.40 -12.52
C THR G 332 -4.42 -52.61 -13.05
N TYR G 333 -5.18 -52.04 -12.11
CA TYR G 333 -6.28 -51.13 -12.41
C TYR G 333 -5.95 -49.74 -11.89
N VAL G 334 -6.30 -48.72 -12.67
CA VAL G 334 -6.02 -47.33 -12.35
C VAL G 334 -7.35 -46.60 -12.30
N PRO G 335 -7.59 -45.78 -11.26
CA PRO G 335 -8.85 -45.02 -11.21
C PRO G 335 -9.03 -44.13 -12.42
N ALA G 336 -10.29 -44.00 -12.87
CA ALA G 336 -10.57 -43.28 -14.10
C ALA G 336 -10.22 -41.79 -13.98
N THR G 337 -10.35 -41.22 -12.79
CA THR G 337 -9.98 -39.82 -12.62
C THR G 337 -8.49 -39.61 -12.82
N ILE G 338 -7.67 -40.56 -12.32
CA ILE G 338 -6.22 -40.47 -12.52
C ILE G 338 -5.89 -40.60 -14.00
N CYS G 339 -6.55 -41.54 -14.70
CA CYS G 339 -6.31 -41.72 -16.12
C CYS G 339 -6.70 -40.48 -16.91
N ASP G 340 -7.80 -39.84 -16.53
CA ASP G 340 -8.23 -38.62 -17.21
C ASP G 340 -7.26 -37.48 -16.95
N GLN G 341 -6.72 -37.40 -15.75
CA GLN G 341 -5.81 -36.31 -15.41
C GLN G 341 -4.43 -36.45 -16.06
N MET G 342 -4.13 -37.60 -16.65
CA MET G 342 -2.85 -37.81 -17.32
C MET G 342 -2.95 -37.72 -18.84
N THR G 343 -4.10 -37.32 -19.37
CA THR G 343 -4.28 -37.27 -20.82
C THR G 343 -3.36 -36.22 -21.45
N GLY G 344 -3.25 -35.05 -20.83
CA GLY G 344 -2.40 -34.00 -21.38
C GLY G 344 -0.92 -34.34 -21.29
N ILE G 345 -0.52 -34.97 -20.18
CA ILE G 345 0.89 -35.32 -19.99
C ILE G 345 1.35 -36.36 -20.99
N LEU G 346 0.51 -37.33 -21.30
CA LEU G 346 0.92 -38.42 -22.19
C LEU G 346 0.91 -38.02 -23.65
N ALA G 347 0.62 -36.76 -23.96
CA ALA G 347 0.76 -36.27 -25.33
C ALA G 347 2.21 -36.22 -25.77
N THR G 348 3.13 -36.05 -24.82
CA THR G 348 4.57 -35.99 -25.07
C THR G 348 5.23 -37.22 -24.46
N GLU G 349 6.52 -37.39 -24.76
CA GLU G 349 7.30 -38.43 -24.11
C GLU G 349 7.70 -37.94 -22.73
N VAL G 350 7.33 -38.71 -21.71
CA VAL G 350 7.62 -38.38 -20.32
C VAL G 350 8.48 -39.49 -19.74
N THR G 351 9.47 -39.10 -18.94
CA THR G 351 10.28 -40.08 -18.24
C THR G 351 9.43 -40.73 -17.15
N PRO G 352 9.76 -41.97 -16.77
CA PRO G 352 9.02 -42.62 -15.67
C PRO G 352 9.17 -41.89 -14.35
N GLU G 353 10.27 -41.15 -14.21
CA GLU G 353 10.52 -40.37 -13.00
C GLU G 353 9.58 -39.19 -12.88
N ASP G 354 9.43 -38.41 -13.97
CA ASP G 354 8.48 -37.30 -14.00
C ASP G 354 7.05 -37.78 -13.96
N ALA G 355 6.75 -38.89 -14.64
CA ALA G 355 5.41 -39.46 -14.57
C ALA G 355 5.08 -39.89 -13.15
N GLN G 356 6.04 -40.50 -12.46
CA GLN G 356 5.82 -40.88 -11.06
C GLN G 356 5.57 -39.66 -10.19
N LYS G 357 6.36 -38.58 -10.40
CA LYS G 357 6.15 -37.38 -9.60
C LYS G 357 4.78 -36.76 -9.87
N LEU G 358 4.34 -36.75 -11.12
CA LEU G 358 3.00 -36.25 -11.43
C LEU G 358 1.91 -37.12 -10.82
N LEU G 359 2.08 -38.45 -10.87
CA LEU G 359 1.07 -39.34 -10.30
C LEU G 359 0.97 -39.17 -8.80
N VAL G 360 2.12 -38.99 -8.12
CA VAL G 360 2.11 -38.71 -6.70
C VAL G 360 1.41 -37.37 -6.43
N GLY G 361 1.62 -36.39 -7.31
CA GLY G 361 0.93 -35.12 -7.15
C GLY G 361 -0.58 -35.26 -7.28
N LEU G 362 -1.04 -36.09 -8.22
CA LEU G 362 -2.47 -36.25 -8.41
C LEU G 362 -3.12 -37.09 -7.32
N ASN G 363 -2.31 -37.78 -6.53
CA ASN G 363 -2.76 -38.56 -5.39
C ASN G 363 -2.68 -37.78 -4.09
N GLN G 364 -2.64 -36.44 -4.17
CA GLN G 364 -2.44 -35.57 -3.02
C GLN G 364 -1.17 -35.90 -2.26
N THR G 376 -4.61 -38.56 2.37
CA THR G 376 -5.51 -39.42 1.61
C THR G 376 -4.93 -39.71 0.22
N ASN G 377 -5.32 -40.85 -0.34
CA ASN G 377 -4.80 -41.30 -1.63
C ASN G 377 -5.94 -41.85 -2.48
N THR G 378 -5.96 -41.46 -3.75
CA THR G 378 -6.96 -42.00 -4.66
C THR G 378 -6.66 -43.44 -5.05
N MET G 379 -5.38 -43.76 -5.23
CA MET G 379 -4.95 -45.12 -5.53
CA MET G 379 -4.94 -45.11 -5.54
C MET G 379 -3.80 -45.50 -4.61
N LYS G 380 -3.62 -46.81 -4.46
CA LYS G 380 -2.54 -47.34 -3.62
C LYS G 380 -1.19 -46.87 -4.15
N ASN G 381 -0.31 -46.49 -3.23
CA ASN G 381 0.99 -45.95 -3.64
C ASN G 381 1.94 -47.03 -4.10
N TYR G 382 1.82 -48.26 -3.58
CA TYR G 382 2.75 -49.31 -3.94
C TYR G 382 2.66 -49.68 -5.41
N MET G 383 1.55 -49.36 -6.07
CA MET G 383 1.40 -49.61 -7.49
C MET G 383 1.80 -48.42 -8.34
N ILE G 384 2.03 -47.25 -7.73
CA ILE G 384 2.31 -46.04 -8.52
C ILE G 384 3.56 -46.15 -9.38
N PRO G 385 4.71 -46.66 -8.87
CA PRO G 385 5.90 -46.74 -9.73
C PRO G 385 5.67 -47.47 -11.04
N VAL G 386 5.21 -48.73 -10.98
CA VAL G 386 5.05 -49.50 -12.20
C VAL G 386 4.08 -48.82 -13.15
N VAL G 387 2.96 -48.30 -12.62
CA VAL G 387 2.02 -47.52 -13.44
C VAL G 387 2.75 -46.37 -14.12
N ALA G 388 3.54 -45.62 -13.36
CA ALA G 388 4.33 -44.54 -13.94
C ALA G 388 5.16 -45.07 -15.09
N GLN G 389 5.93 -46.13 -14.82
CA GLN G 389 6.74 -46.73 -15.87
C GLN G 389 5.87 -47.07 -17.06
N ALA G 390 4.74 -47.76 -16.80
CA ALA G 390 3.83 -48.12 -17.88
C ALA G 390 3.45 -46.91 -18.70
N PHE G 391 2.97 -45.86 -18.04
CA PHE G 391 2.52 -44.68 -18.76
C PHE G 391 3.65 -44.16 -19.64
N SER G 392 4.86 -44.06 -19.07
CA SER G 392 5.98 -43.56 -19.83
C SER G 392 6.16 -44.37 -21.10
N LYS G 393 6.23 -45.70 -20.97
CA LYS G 393 6.41 -46.54 -22.15
C LYS G 393 5.30 -46.29 -23.14
N TRP G 394 4.05 -46.28 -22.65
CA TRP G 394 2.92 -46.07 -23.54
C TRP G 394 3.10 -44.78 -24.32
N ALA G 395 3.43 -43.68 -23.61
CA ALA G 395 3.61 -42.41 -24.30
C ALA G 395 4.61 -42.57 -25.42
N LYS G 396 5.78 -43.13 -25.10
CA LYS G 396 6.82 -43.31 -26.11
C LYS G 396 6.27 -44.07 -27.30
N GLU G 397 5.59 -45.20 -27.04
CA GLU G 397 5.11 -46.01 -28.15
C GLU G 397 4.17 -45.22 -29.03
N CYS G 398 3.27 -44.44 -28.43
CA CYS G 398 2.34 -43.66 -29.24
C CYS G 398 3.09 -42.76 -30.20
N ARG G 399 4.12 -42.08 -29.70
CA ARG G 399 4.90 -41.18 -30.55
C ARG G 399 5.56 -41.96 -31.68
N LYS G 400 6.07 -43.16 -31.38
CA LYS G 400 6.64 -43.99 -32.43
C LYS G 400 5.63 -44.19 -33.55
N ASP G 401 4.38 -44.50 -33.18
CA ASP G 401 3.35 -44.72 -34.19
C ASP G 401 3.13 -43.45 -35.01
N MET G 402 3.17 -42.29 -34.36
CA MET G 402 3.02 -41.04 -35.08
C MET G 402 4.21 -40.81 -36.02
N GLU G 403 5.41 -41.20 -35.60
CA GLU G 403 6.57 -40.97 -36.43
C GLU G 403 6.59 -41.88 -37.65
N ASP G 404 6.34 -43.17 -37.45
CA ASP G 404 6.29 -44.14 -38.54
C ASP G 404 4.89 -44.21 -39.15
N GLU G 405 4.46 -43.08 -39.71
CA GLU G 405 3.16 -43.01 -40.36
C GLU G 405 3.19 -43.80 -41.67
N LYS G 406 2.27 -44.75 -41.82
CA LYS G 406 2.22 -45.63 -42.96
C LYS G 406 1.22 -45.13 -44.00
N LEU G 407 1.05 -45.89 -45.07
CA LEU G 407 0.13 -45.55 -46.14
C LEU G 407 -1.17 -46.33 -45.98
N LEU G 408 -2.28 -45.72 -46.37
CA LEU G 408 -3.58 -46.39 -46.31
C LEU G 408 -3.66 -47.54 -47.31
N GLY G 409 -4.27 -48.64 -46.89
CA GLY G 409 -4.51 -49.76 -47.77
C GLY G 409 -3.29 -50.56 -48.13
N VAL G 410 -2.17 -50.37 -47.42
CA VAL G 410 -0.93 -51.05 -47.75
C VAL G 410 -0.48 -51.85 -46.52
N ARG G 411 0.35 -52.86 -46.78
CA ARG G 411 0.91 -53.69 -45.72
C ARG G 411 2.23 -54.26 -46.25
N GLU G 412 3.35 -53.66 -45.83
CA GLU G 412 4.64 -54.02 -46.39
C GLU G 412 5.03 -55.46 -46.01
N ARG G 413 5.36 -56.26 -47.01
CA ARG G 413 5.78 -57.64 -46.79
C ARG G 413 7.06 -57.91 -47.56
N THR G 414 7.88 -58.80 -47.01
CA THR G 414 9.15 -59.19 -47.60
C THR G 414 9.21 -60.70 -47.74
N LEU G 415 9.58 -61.16 -48.93
CA LEU G 415 9.64 -62.59 -49.21
C LEU G 415 10.92 -63.20 -48.65
N THR G 416 10.86 -64.51 -48.36
CA THR G 416 11.96 -65.25 -47.76
C THR G 416 12.27 -66.50 -48.57
N CYS G 417 12.36 -66.34 -49.90
CA CYS G 417 12.68 -67.43 -50.82
C CYS G 417 11.74 -68.62 -50.64
N CYS G 418 10.45 -68.33 -50.49
CA CYS G 418 9.44 -69.35 -50.31
C CYS G 418 8.08 -68.73 -50.60
N CYS G 419 7.03 -69.53 -50.45
CA CYS G 419 5.68 -69.01 -50.54
C CYS G 419 5.24 -68.50 -49.18
N LEU G 420 6.09 -67.68 -48.56
CA LEU G 420 5.80 -67.05 -47.28
C LEU G 420 6.51 -65.70 -47.24
N TRP G 421 5.86 -64.75 -46.57
CA TRP G 421 6.29 -63.34 -46.57
C TRP G 421 6.21 -62.80 -45.15
N ALA G 422 7.34 -62.36 -44.63
CA ALA G 422 7.42 -61.83 -43.27
C ALA G 422 7.28 -60.30 -43.29
N PHE G 423 7.30 -59.71 -42.10
CA PHE G 423 7.28 -58.26 -41.92
C PHE G 423 7.77 -57.98 -40.51
N LYS G 424 7.82 -56.70 -40.16
CA LYS G 424 8.41 -56.27 -38.89
C LYS G 424 7.31 -56.07 -37.86
N LYS G 425 7.46 -56.72 -36.71
CA LYS G 425 6.55 -56.56 -35.58
C LYS G 425 7.14 -55.56 -34.60
N GLN G 426 6.43 -54.47 -34.36
CA GLN G 426 6.90 -53.45 -33.45
C GLN G 426 6.88 -53.95 -32.01
N LYS G 427 7.78 -53.42 -31.18
CA LYS G 427 7.81 -53.77 -29.78
C LYS G 427 6.66 -53.12 -29.03
N THR G 428 5.97 -53.90 -28.19
CA THR G 428 4.84 -53.43 -27.40
C THR G 428 5.12 -53.77 -25.94
N HIS G 429 5.42 -52.74 -25.14
CA HIS G 429 5.71 -52.92 -23.74
C HIS G 429 4.58 -52.48 -22.82
N THR G 430 3.46 -52.04 -23.38
CA THR G 430 2.34 -51.57 -22.56
C THR G 430 1.04 -51.74 -23.33
N VAL G 431 0.07 -52.41 -22.69
CA VAL G 431 -1.32 -52.39 -23.09
C VAL G 431 -2.06 -51.51 -22.11
N TYR G 432 -2.69 -50.46 -22.61
CA TYR G 432 -3.37 -49.48 -21.77
C TYR G 432 -4.81 -49.34 -22.27
N LYS G 433 -5.74 -50.02 -21.60
CA LYS G 433 -7.17 -49.87 -21.90
C LYS G 433 -7.69 -48.71 -21.07
N ARG G 434 -7.89 -47.57 -21.73
CA ARG G 434 -8.34 -46.37 -21.06
C ARG G 434 -9.80 -46.51 -20.63
N PRO G 435 -10.26 -45.69 -19.70
CA PRO G 435 -11.67 -45.73 -19.32
C PRO G 435 -12.57 -45.47 -20.53
N ASP G 436 -13.68 -46.21 -20.58
CA ASP G 436 -14.66 -46.18 -21.67
C ASP G 436 -14.15 -46.86 -22.94
N THR G 437 -13.21 -47.78 -22.83
CA THR G 437 -12.83 -48.66 -23.93
C THR G 437 -13.23 -50.09 -23.60
N GLN G 438 -13.02 -50.97 -24.57
CA GLN G 438 -13.45 -52.36 -24.45
C GLN G 438 -12.32 -53.29 -24.89
N SER G 439 -12.07 -54.32 -24.10
CA SER G 439 -11.22 -55.42 -24.52
C SER G 439 -12.07 -56.46 -25.22
N ILE G 440 -11.57 -56.98 -26.34
CA ILE G 440 -12.26 -58.03 -27.08
C ILE G 440 -11.30 -59.19 -27.30
N GLN G 441 -11.73 -60.39 -26.89
CA GLN G 441 -10.90 -61.57 -26.93
C GLN G 441 -11.64 -62.68 -27.64
N LYS G 442 -10.94 -63.43 -28.48
CA LYS G 442 -11.55 -64.58 -29.14
C LYS G 442 -11.40 -65.81 -28.26
N VAL G 443 -12.52 -66.33 -27.77
CA VAL G 443 -12.55 -67.49 -26.90
C VAL G 443 -13.47 -68.53 -27.53
N GLN G 444 -13.44 -69.73 -26.97
CA GLN G 444 -14.32 -70.79 -27.44
C GLN G 444 -15.77 -70.45 -27.14
N ALA G 445 -16.65 -70.75 -28.09
CA ALA G 445 -18.08 -70.49 -27.92
C ALA G 445 -18.95 -71.71 -28.20
N GLU G 446 -18.38 -72.80 -28.69
CA GLU G 446 -19.11 -74.02 -29.01
C GLU G 446 -18.53 -75.14 -28.14
N PHE G 447 -19.21 -75.48 -27.06
CA PHE G 447 -18.77 -76.52 -26.15
C PHE G 447 -19.60 -77.78 -26.37
N ASP G 448 -18.92 -78.90 -26.60
CA ASP G 448 -19.61 -80.16 -26.84
C ASP G 448 -19.00 -81.36 -26.12
N SER G 449 -17.90 -81.18 -25.38
CA SER G 449 -17.23 -82.28 -24.70
C SER G 449 -17.22 -81.99 -23.20
N PHE G 450 -18.33 -82.34 -22.54
CA PHE G 450 -18.43 -82.28 -21.09
C PHE G 450 -18.20 -83.63 -20.45
N VAL G 451 -17.90 -84.66 -21.25
CA VAL G 451 -17.69 -86.01 -20.70
C VAL G 451 -16.37 -86.15 -20.00
N VAL G 452 -15.48 -85.16 -20.09
CA VAL G 452 -14.19 -85.20 -19.42
C VAL G 452 -14.37 -85.16 -17.90
N SER G 458 -18.26 -88.36 -1.73
CA SER G 458 -17.74 -89.18 -0.64
C SER G 458 -16.40 -88.66 -0.14
N GLY G 459 -16.41 -87.47 0.45
CA GLY G 459 -15.18 -86.86 0.95
C GLY G 459 -15.27 -86.37 2.38
N LEU G 460 -16.00 -87.08 3.23
CA LEU G 460 -16.18 -86.72 4.63
C LEU G 460 -15.82 -87.90 5.51
N SER G 461 -15.01 -87.64 6.53
CA SER G 461 -14.49 -88.67 7.42
C SER G 461 -15.48 -88.91 8.57
N ILE G 462 -15.22 -89.97 9.35
CA ILE G 462 -16.13 -90.32 10.45
C ILE G 462 -15.93 -89.42 11.67
N PRO G 463 -14.69 -89.14 12.13
CA PRO G 463 -14.51 -88.14 13.15
C PRO G 463 -15.24 -86.82 12.90
N LEU G 464 -15.22 -86.31 11.67
CA LEU G 464 -15.93 -85.08 11.39
C LEU G 464 -17.43 -85.28 11.48
N ARG G 465 -17.91 -86.46 11.06
CA ARG G 465 -19.33 -86.79 11.22
C ARG G 465 -19.74 -86.74 12.69
N THR G 466 -18.93 -87.34 13.57
CA THR G 466 -19.24 -87.31 14.99
C THR G 466 -19.19 -85.90 15.54
N ARG G 467 -18.21 -85.11 15.11
CA ARG G 467 -18.09 -83.73 15.58
C ARG G 467 -19.30 -82.90 15.18
N ILE G 468 -19.77 -83.06 13.94
CA ILE G 468 -20.87 -82.24 13.43
C ILE G 468 -22.14 -82.51 14.23
N LYS G 469 -22.38 -83.76 14.59
CA LYS G 469 -23.56 -84.11 15.38
C LYS G 469 -23.52 -83.47 16.77
N PRO H 3 -16.80 -50.63 27.01
CA PRO H 3 -15.68 -49.80 27.44
C PRO H 3 -14.53 -50.60 28.05
N VAL H 4 -13.40 -50.62 27.34
CA VAL H 4 -12.20 -51.30 27.81
C VAL H 4 -11.17 -50.25 28.16
N TYR H 5 -10.66 -50.31 29.39
CA TYR H 5 -9.70 -49.34 29.89
C TYR H 5 -8.29 -49.89 29.76
N VAL H 6 -7.40 -49.08 29.20
CA VAL H 6 -6.02 -49.47 28.94
C VAL H 6 -5.11 -48.55 29.72
N ASP H 7 -4.08 -49.13 30.34
CA ASP H 7 -3.13 -48.37 31.15
C ASP H 7 -2.08 -47.76 30.22
N ILE H 8 -2.50 -46.73 29.47
CA ILE H 8 -1.61 -45.97 28.62
C ILE H 8 -1.95 -44.50 28.75
N ASP H 9 -1.02 -43.65 28.29
CA ASP H 9 -1.19 -42.22 28.38
C ASP H 9 -2.35 -41.74 27.51
N ALA H 10 -3.08 -40.74 28.02
CA ALA H 10 -4.23 -40.22 27.29
C ALA H 10 -3.81 -39.59 25.98
N ASP H 11 -2.66 -38.92 25.94
CA ASP H 11 -2.18 -38.27 24.75
C ASP H 11 -1.35 -39.18 23.85
N SER H 12 -1.16 -40.44 24.23
CA SER H 12 -0.34 -41.34 23.43
C SER H 12 -0.97 -41.60 22.06
N ALA H 13 -0.11 -41.66 21.04
CA ALA H 13 -0.58 -41.88 19.67
C ALA H 13 -0.86 -43.35 19.39
N PHE H 14 -0.52 -44.26 20.30
CA PHE H 14 -0.86 -45.66 20.14
C PHE H 14 -2.35 -45.90 20.36
N LEU H 15 -3.05 -44.94 20.95
CA LEU H 15 -4.49 -45.06 21.19
C LEU H 15 -5.25 -45.21 19.88
N LYS H 16 -4.90 -44.39 18.88
CA LYS H 16 -5.59 -44.47 17.60
C LYS H 16 -5.34 -45.81 16.91
N ALA H 17 -4.10 -46.32 17.00
CA ALA H 17 -3.80 -47.61 16.40
C ALA H 17 -4.53 -48.74 17.11
N LEU H 18 -4.64 -48.67 18.44
CA LEU H 18 -5.41 -49.67 19.17
C LEU H 18 -6.89 -49.59 18.82
N GLN H 19 -7.41 -48.38 18.65
CA GLN H 19 -8.81 -48.21 18.28
C GLN H 19 -9.08 -48.79 16.90
N ARG H 20 -8.18 -48.56 15.95
CA ARG H 20 -8.34 -49.15 14.62
C ARG H 20 -8.21 -50.66 14.65
N ALA H 21 -7.34 -51.19 15.51
CA ALA H 21 -7.16 -52.64 15.57
C ALA H 21 -8.32 -53.33 16.26
N TYR H 22 -9.06 -52.62 17.10
CA TYR H 22 -10.19 -53.17 17.84
C TYR H 22 -11.39 -52.24 17.66
N PRO H 23 -11.98 -52.22 16.46
CA PRO H 23 -13.13 -51.34 16.23
C PRO H 23 -14.39 -51.76 16.99
N MET H 24 -14.44 -52.98 17.49
CA MET H 24 -15.60 -53.49 18.21
C MET H 24 -15.60 -53.08 19.68
N PHE H 25 -14.61 -52.35 20.13
CA PHE H 25 -14.46 -51.99 21.54
C PHE H 25 -14.37 -50.48 21.65
N GLU H 26 -14.73 -49.96 22.82
CA GLU H 26 -14.53 -48.55 23.16
C GLU H 26 -13.28 -48.47 24.03
N VAL H 27 -12.17 -48.08 23.43
CA VAL H 27 -10.87 -48.08 24.11
C VAL H 27 -10.70 -46.74 24.80
N GLU H 28 -10.49 -46.78 26.12
CA GLU H 28 -10.31 -45.57 26.90
C GLU H 28 -9.01 -45.66 27.69
N PRO H 29 -8.18 -44.60 27.67
CA PRO H 29 -6.92 -44.64 28.42
C PRO H 29 -7.15 -44.32 29.90
N ARG H 30 -6.63 -45.20 30.77
CA ARG H 30 -6.66 -44.99 32.22
C ARG H 30 -5.27 -45.34 32.73
N GLN H 31 -4.39 -44.34 32.76
CA GLN H 31 -2.99 -44.57 33.10
C GLN H 31 -2.81 -44.62 34.61
N VAL H 32 -2.41 -45.77 35.12
CA VAL H 32 -2.16 -45.95 36.55
C VAL H 32 -0.69 -46.15 36.88
N THR H 33 0.13 -46.68 35.97
CA THR H 33 1.53 -46.97 36.25
C THR H 33 2.37 -46.44 35.10
N PRO H 34 3.66 -46.12 35.36
CA PRO H 34 4.56 -45.63 34.31
C PRO H 34 5.29 -46.76 33.58
N ASN H 35 4.51 -47.74 33.12
CA ASN H 35 5.08 -48.94 32.49
C ASN H 35 5.78 -48.58 31.19
N ASP H 36 6.99 -49.12 31.00
CA ASP H 36 7.73 -48.83 29.79
C ASP H 36 7.35 -49.75 28.63
N HIS H 37 6.59 -50.81 28.89
CA HIS H 37 6.00 -51.64 27.84
C HIS H 37 4.48 -51.59 27.94
N ALA H 38 3.94 -50.39 28.12
CA ALA H 38 2.50 -50.23 28.33
C ALA H 38 1.71 -50.63 27.09
N ASN H 39 2.25 -50.35 25.90
CA ASN H 39 1.52 -50.63 24.66
C ASN H 39 1.37 -52.13 24.43
N ALA H 40 2.41 -52.91 24.72
CA ALA H 40 2.33 -54.36 24.54
C ALA H 40 1.30 -54.97 25.48
N ARG H 41 1.28 -54.51 26.74
CA ARG H 41 0.30 -55.01 27.70
C ARG H 41 -1.11 -54.57 27.33
N ALA H 42 -1.26 -53.36 26.81
CA ALA H 42 -2.57 -52.91 26.34
C ALA H 42 -3.07 -53.78 25.19
N PHE H 43 -2.19 -54.10 24.25
CA PHE H 43 -2.59 -54.96 23.14
C PHE H 43 -2.98 -56.34 23.64
N SER H 44 -2.21 -56.90 24.57
CA SER H 44 -2.54 -58.22 25.10
C SER H 44 -3.88 -58.21 25.82
N HIS H 45 -4.16 -57.15 26.58
CA HIS H 45 -5.44 -57.01 27.25
C HIS H 45 -6.59 -57.00 26.24
N LEU H 46 -6.48 -56.16 25.21
CA LEU H 46 -7.56 -56.08 24.23
C LEU H 46 -7.70 -57.38 23.46
N ALA H 47 -6.60 -58.09 23.24
CA ALA H 47 -6.64 -59.35 22.52
C ALA H 47 -7.37 -60.42 23.32
N ILE H 48 -7.10 -60.50 24.63
CA ILE H 48 -7.81 -61.48 25.43
C ILE H 48 -9.29 -61.12 25.54
N LYS H 49 -9.61 -59.82 25.56
CA LYS H 49 -11.01 -59.43 25.53
C LYS H 49 -11.70 -59.88 24.25
N LEU H 50 -11.03 -59.69 23.10
CA LEU H 50 -11.60 -60.11 21.83
C LEU H 50 -11.78 -61.63 21.78
N ILE H 51 -10.78 -62.38 22.26
CA ILE H 51 -10.89 -63.84 22.26
C ILE H 51 -12.04 -64.29 23.14
N GLU H 52 -12.19 -63.67 24.31
CA GLU H 52 -13.30 -64.00 25.20
C GLU H 52 -14.64 -63.68 24.53
N GLN H 53 -14.72 -62.56 23.81
CA GLN H 53 -15.94 -62.21 23.10
C GLN H 53 -16.30 -63.25 22.05
N GLU H 54 -15.29 -63.76 21.32
CA GLU H 54 -15.55 -64.61 20.17
C GLU H 54 -16.04 -66.01 20.54
N ILE H 55 -15.67 -66.52 21.71
CA ILE H 55 -15.87 -67.92 22.03
C ILE H 55 -17.10 -68.11 22.89
N ASP H 56 -17.59 -69.36 22.94
CA ASP H 56 -18.78 -69.68 23.70
C ASP H 56 -18.50 -69.60 25.20
N PRO H 57 -19.36 -68.92 25.97
CA PRO H 57 -19.14 -68.86 27.42
C PRO H 57 -19.05 -70.22 28.10
N ASP H 58 -19.81 -71.20 27.63
CA ASP H 58 -19.77 -72.52 28.25
C ASP H 58 -18.52 -73.32 27.89
N SER H 59 -17.67 -72.79 27.01
CA SER H 59 -16.44 -73.48 26.66
C SER H 59 -15.44 -73.44 27.81
N THR H 60 -14.62 -74.49 27.89
CA THR H 60 -13.49 -74.55 28.80
C THR H 60 -12.21 -74.28 28.02
N ILE H 61 -11.38 -73.37 28.52
CA ILE H 61 -10.27 -72.82 27.78
C ILE H 61 -8.97 -73.23 28.44
N LEU H 62 -8.14 -73.98 27.73
CA LEU H 62 -6.78 -74.20 28.17
C LEU H 62 -5.97 -72.92 27.99
N ASP H 63 -5.22 -72.55 29.02
CA ASP H 63 -4.34 -71.39 28.96
C ASP H 63 -2.92 -71.94 29.10
N ILE H 64 -2.26 -72.12 27.95
CA ILE H 64 -0.94 -72.74 27.93
C ILE H 64 0.11 -71.72 28.36
N GLY H 65 0.98 -72.12 29.28
CA GLY H 65 1.96 -71.20 29.82
C GLY H 65 1.29 -70.03 30.49
N SER H 66 0.33 -70.33 31.35
CA SER H 66 -0.56 -69.30 31.88
C SER H 66 0.16 -68.43 32.91
N ALA H 67 -0.36 -67.21 33.07
CA ALA H 67 -0.09 -66.37 34.22
C ALA H 67 -1.40 -66.28 34.99
N PRO H 68 -1.63 -67.15 35.97
CA PRO H 68 -3.00 -67.34 36.50
C PRO H 68 -3.59 -66.11 37.15
N ALA H 69 -2.76 -65.15 37.58
CA ALA H 69 -3.29 -63.95 38.22
C ALA H 69 -4.08 -63.10 37.26
N ARG H 70 -3.93 -63.30 35.95
CA ARG H 70 -4.65 -62.51 34.95
C ARG H 70 -5.98 -63.14 34.57
N ARG H 71 -6.15 -64.43 34.79
CA ARG H 71 -7.40 -65.14 34.52
C ARG H 71 -8.31 -65.21 35.74
N MET H 72 -7.92 -64.59 36.85
CA MET H 72 -8.61 -64.83 38.11
C MET H 72 -9.83 -63.93 38.28
N MET H 73 -9.89 -62.81 37.55
CA MET H 73 -11.08 -61.97 37.50
C MET H 73 -11.92 -62.21 36.25
N SER H 74 -11.89 -63.43 35.71
CA SER H 74 -12.58 -63.75 34.47
C SER H 74 -13.75 -64.70 34.77
N ASP H 75 -14.89 -64.44 34.13
CA ASP H 75 -16.03 -65.32 34.27
C ASP H 75 -15.90 -66.59 33.46
N ARG H 76 -14.96 -66.64 32.51
CA ARG H 76 -14.77 -67.84 31.71
C ARG H 76 -14.12 -68.94 32.54
N LYS H 77 -14.18 -70.17 32.02
CA LYS H 77 -13.62 -71.33 32.72
C LYS H 77 -12.24 -71.62 32.14
N TYR H 78 -11.22 -71.07 32.79
CA TYR H 78 -9.84 -71.24 32.37
C TYR H 78 -9.19 -72.37 33.13
N HIS H 79 -8.51 -73.25 32.41
CA HIS H 79 -7.62 -74.24 33.01
C HIS H 79 -6.19 -73.79 32.70
N CYS H 80 -5.48 -73.34 33.73
CA CYS H 80 -4.16 -72.75 33.56
C CYS H 80 -3.10 -73.83 33.62
N VAL H 81 -2.25 -73.91 32.59
CA VAL H 81 -1.19 -74.90 32.52
C VAL H 81 0.11 -74.19 32.89
N CYS H 82 0.68 -74.56 34.04
CA CYS H 82 1.84 -73.85 34.61
C CYS H 82 2.95 -74.85 34.92
N PRO H 83 3.80 -75.16 33.94
CA PRO H 83 4.89 -76.10 34.18
C PRO H 83 6.01 -75.55 35.04
N MET H 84 6.05 -74.23 35.27
CA MET H 84 7.08 -73.59 36.09
C MET H 84 8.48 -73.86 35.54
N ARG H 85 8.66 -73.58 34.26
CA ARG H 85 9.95 -73.76 33.59
C ARG H 85 10.70 -72.45 33.38
N SER H 86 10.16 -71.34 33.85
CA SER H 86 10.81 -70.04 33.71
C SER H 86 11.13 -69.47 35.08
N ALA H 87 12.21 -68.70 35.15
CA ALA H 87 12.64 -68.08 36.39
C ALA H 87 11.68 -67.00 36.87
N GLU H 88 10.76 -66.53 36.03
CA GLU H 88 9.77 -65.54 36.39
C GLU H 88 8.45 -66.17 36.81
N ASP H 89 8.33 -67.48 36.76
CA ASP H 89 7.11 -68.20 37.12
C ASP H 89 6.84 -68.27 38.62
N PRO H 90 7.85 -68.47 39.48
CA PRO H 90 7.55 -68.44 40.93
C PRO H 90 6.92 -67.14 41.38
N GLU H 91 7.39 -66.01 40.85
CA GLU H 91 6.79 -64.72 41.17
C GLU H 91 5.34 -64.66 40.71
N ARG H 92 5.05 -65.17 39.52
CA ARG H 92 3.68 -65.13 39.01
C ARG H 92 2.76 -66.02 39.85
N LEU H 93 3.23 -67.20 40.24
CA LEU H 93 2.42 -68.06 41.11
C LEU H 93 2.18 -67.42 42.47
N ALA H 94 3.22 -66.80 43.04
CA ALA H 94 3.04 -66.12 44.32
C ALA H 94 2.05 -64.97 44.20
N ASN H 95 2.13 -64.21 43.11
CA ASN H 95 1.19 -63.12 42.89
C ASN H 95 -0.24 -63.66 42.77
N TYR H 96 -0.40 -64.78 42.07
CA TYR H 96 -1.70 -65.42 41.99
C TYR H 96 -2.23 -65.80 43.36
N ALA H 97 -1.37 -66.38 44.20
CA ALA H 97 -1.80 -66.79 45.54
C ALA H 97 -2.21 -65.59 46.39
N ARG H 98 -1.42 -64.52 46.36
CA ARG H 98 -1.76 -63.34 47.16
C ARG H 98 -3.05 -62.69 46.67
N LYS H 99 -3.25 -62.64 45.35
CA LYS H 99 -4.48 -62.05 44.84
C LYS H 99 -5.69 -62.90 45.20
N LEU H 100 -5.56 -64.22 45.13
CA LEU H 100 -6.66 -65.09 45.55
C LEU H 100 -6.98 -64.87 47.02
N ALA H 101 -5.95 -64.76 47.87
CA ALA H 101 -6.19 -64.49 49.28
C ALA H 101 -6.89 -63.16 49.48
N SER H 102 -6.47 -62.13 48.73
CA SER H 102 -7.09 -60.82 48.85
C SER H 102 -8.52 -60.78 48.33
N ALA H 103 -8.91 -61.74 47.49
CA ALA H 103 -10.29 -61.79 46.99
C ALA H 103 -11.04 -63.02 47.50
N ALA H 104 -10.58 -63.63 48.59
CA ALA H 104 -11.17 -64.89 49.05
C ALA H 104 -12.63 -64.72 49.44
N GLY H 105 -12.95 -63.65 50.15
CA GLY H 105 -14.31 -63.43 50.60
C GLY H 105 -14.84 -62.05 50.25
N LYS H 106 -14.37 -61.51 49.13
CA LYS H 106 -14.80 -60.20 48.66
C LYS H 106 -15.34 -60.22 47.23
N VAL H 107 -14.95 -61.19 46.40
CA VAL H 107 -15.54 -61.39 45.09
C VAL H 107 -16.36 -62.67 45.13
N LEU H 108 -17.62 -62.58 44.71
CA LEU H 108 -18.58 -63.66 44.90
C LEU H 108 -18.72 -64.57 43.68
N ASP H 109 -18.88 -63.99 42.50
CA ASP H 109 -19.24 -64.74 41.29
C ASP H 109 -18.05 -64.97 40.36
N ARG H 110 -16.84 -65.13 40.91
CA ARG H 110 -15.67 -65.44 40.10
C ARG H 110 -14.99 -66.74 40.53
N ASN H 111 -15.67 -67.55 41.35
CA ASN H 111 -15.17 -68.87 41.74
C ASN H 111 -13.83 -68.78 42.46
N ILE H 112 -13.66 -67.75 43.28
CA ILE H 112 -12.40 -67.59 44.01
C ILE H 112 -12.19 -68.73 44.99
N SER H 113 -13.25 -69.15 45.67
CA SER H 113 -13.15 -70.30 46.57
C SER H 113 -12.74 -71.55 45.79
N GLY H 114 -13.32 -71.74 44.61
CA GLY H 114 -12.90 -72.84 43.76
C GLY H 114 -11.43 -72.77 43.40
N LYS H 115 -10.96 -71.57 43.01
CA LYS H 115 -9.57 -71.42 42.61
C LYS H 115 -8.62 -71.71 43.76
N ILE H 116 -8.92 -71.22 44.97
CA ILE H 116 -8.04 -71.52 46.09
C ILE H 116 -8.08 -73.00 46.42
N GLY H 117 -9.25 -73.62 46.28
CA GLY H 117 -9.32 -75.06 46.49
C GLY H 117 -8.45 -75.84 45.53
N ASP H 118 -8.51 -75.50 44.24
CA ASP H 118 -7.65 -76.20 43.27
C ASP H 118 -6.19 -75.92 43.52
N LEU H 119 -5.83 -74.69 43.88
CA LEU H 119 -4.44 -74.38 44.16
C LEU H 119 -3.91 -75.19 45.34
N GLN H 120 -4.69 -75.27 46.41
CA GLN H 120 -4.31 -76.11 47.54
C GLN H 120 -4.23 -77.58 47.14
N ALA H 121 -5.12 -78.03 46.25
CA ALA H 121 -5.09 -79.42 45.81
C ALA H 121 -3.81 -79.74 45.07
N VAL H 122 -3.39 -78.88 44.15
CA VAL H 122 -2.15 -79.13 43.42
C VAL H 122 -0.95 -79.00 44.34
N MET H 123 -1.02 -78.10 45.33
CA MET H 123 0.06 -78.02 46.31
C MET H 123 0.16 -79.32 47.11
N ALA H 124 -0.97 -79.93 47.43
CA ALA H 124 -0.94 -81.19 48.17
C ALA H 124 -0.40 -82.33 47.31
N VAL H 125 -1.09 -82.63 46.22
CA VAL H 125 -0.67 -83.63 45.25
C VAL H 125 -0.26 -82.90 43.97
N PRO H 126 1.03 -82.86 43.62
CA PRO H 126 1.45 -82.10 42.44
C PRO H 126 0.85 -82.58 41.13
N ASP H 127 0.54 -83.87 41.00
CA ASP H 127 0.09 -84.44 39.74
C ASP H 127 -1.42 -84.37 39.54
N THR H 128 -2.17 -83.87 40.52
CA THR H 128 -3.61 -83.79 40.36
C THR H 128 -3.98 -82.78 39.27
N GLU H 129 -5.03 -83.11 38.51
CA GLU H 129 -5.48 -82.26 37.41
C GLU H 129 -6.78 -81.58 37.84
N THR H 130 -6.64 -80.38 38.39
CA THR H 130 -7.78 -79.63 38.87
C THR H 130 -8.41 -78.78 37.77
N PRO H 131 -9.68 -78.41 37.92
CA PRO H 131 -10.36 -77.68 36.83
C PRO H 131 -9.69 -76.38 36.40
N THR H 132 -9.10 -75.63 37.33
CA THR H 132 -8.58 -74.31 37.02
C THR H 132 -7.07 -74.19 37.09
N PHE H 133 -6.35 -75.23 37.52
CA PHE H 133 -4.91 -75.12 37.68
C PHE H 133 -4.26 -76.49 37.56
N CYS H 134 -3.05 -76.52 37.03
CA CYS H 134 -2.22 -77.71 36.99
C CYS H 134 -0.78 -77.30 36.78
N LEU H 135 0.13 -78.21 37.13
CA LEU H 135 1.56 -77.97 37.02
C LEU H 135 2.20 -78.76 35.87
N HIS H 136 1.42 -79.13 34.86
CA HIS H 136 1.91 -79.92 33.75
C HIS H 136 2.34 -79.02 32.61
N THR H 137 2.69 -79.62 31.48
CA THR H 137 3.04 -78.89 30.29
C THR H 137 1.92 -79.02 29.26
N ASP H 138 2.13 -78.42 28.09
CA ASP H 138 1.14 -78.53 27.02
C ASP H 138 1.03 -79.97 26.52
N VAL H 139 2.10 -80.75 26.61
CA VAL H 139 2.10 -82.12 26.10
C VAL H 139 1.89 -83.16 27.19
N SER H 140 1.75 -82.73 28.45
CA SER H 140 1.51 -83.66 29.54
C SER H 140 0.27 -83.35 30.35
N CYS H 141 -0.41 -82.24 30.08
CA CYS H 141 -1.69 -81.96 30.72
C CYS H 141 -2.76 -82.89 30.17
N ARG H 142 -3.57 -83.46 31.06
CA ARG H 142 -4.63 -84.37 30.67
C ARG H 142 -5.99 -83.71 30.56
N GLN H 143 -6.12 -82.44 30.95
CA GLN H 143 -7.41 -81.77 30.93
C GLN H 143 -7.88 -81.58 29.49
N ARG H 144 -9.00 -82.22 29.16
CA ARG H 144 -9.63 -82.02 27.86
C ARG H 144 -10.35 -80.68 27.85
N ALA H 145 -10.33 -80.01 26.69
CA ALA H 145 -10.96 -78.70 26.58
C ALA H 145 -11.36 -78.46 25.13
N ASP H 146 -12.03 -77.35 24.90
CA ASP H 146 -12.50 -76.95 23.57
C ASP H 146 -11.67 -75.83 22.95
N VAL H 147 -11.06 -74.97 23.78
CA VAL H 147 -10.29 -73.83 23.29
C VAL H 147 -8.94 -73.83 24.00
N ALA H 148 -7.89 -73.45 23.26
CA ALA H 148 -6.58 -73.24 23.82
C ALA H 148 -6.12 -71.82 23.49
N ILE H 149 -5.40 -71.20 24.43
CA ILE H 149 -4.90 -69.85 24.25
C ILE H 149 -3.41 -69.85 24.55
N TYR H 150 -2.63 -69.31 23.62
CA TYR H 150 -1.20 -69.07 23.83
C TYR H 150 -1.01 -67.57 23.84
N GLN H 151 -0.75 -67.00 25.02
CA GLN H 151 -0.54 -65.57 25.16
C GLN H 151 0.93 -65.33 25.48
N ASP H 152 1.67 -64.76 24.53
CA ASP H 152 3.10 -64.49 24.66
C ASP H 152 3.87 -65.76 25.03
N VAL H 153 3.56 -66.85 24.33
CA VAL H 153 4.25 -68.12 24.49
C VAL H 153 5.10 -68.34 23.25
N TYR H 154 6.42 -68.36 23.43
CA TYR H 154 7.35 -68.57 22.35
C TYR H 154 8.24 -69.77 22.56
N ALA H 155 8.06 -70.52 23.64
CA ALA H 155 8.98 -71.58 24.03
C ALA H 155 8.49 -72.97 23.62
N VAL H 156 7.45 -73.06 22.81
CA VAL H 156 6.89 -74.34 22.38
C VAL H 156 6.95 -74.42 20.85
N HIS H 157 7.24 -75.60 20.35
CA HIS H 157 7.10 -75.88 18.93
C HIS H 157 5.62 -75.86 18.57
N ALA H 158 5.26 -75.04 17.59
CA ALA H 158 3.85 -74.84 17.27
C ALA H 158 3.13 -76.10 16.86
N PRO H 159 3.59 -76.89 15.87
CA PRO H 159 2.77 -78.04 15.45
C PRO H 159 2.67 -79.13 16.50
N THR H 160 3.74 -79.40 17.25
CA THR H 160 3.65 -80.43 18.30
C THR H 160 2.65 -80.01 19.39
N SER H 161 2.73 -78.77 19.83
CA SER H 161 1.79 -78.28 20.84
C SER H 161 0.37 -78.30 20.31
N LEU H 162 0.16 -77.86 19.07
CA LEU H 162 -1.18 -77.83 18.51
C LEU H 162 -1.75 -79.24 18.35
N TYR H 163 -0.91 -80.19 17.94
CA TYR H 163 -1.37 -81.57 17.83
C TYR H 163 -1.74 -82.14 19.19
N HIS H 164 -0.94 -81.84 20.21
CA HIS H 164 -1.25 -82.35 21.54
C HIS H 164 -2.52 -81.72 22.10
N GLN H 165 -2.81 -80.47 21.73
CA GLN H 165 -4.10 -79.88 22.07
C GLN H 165 -5.23 -80.56 21.30
N ALA H 166 -5.02 -80.81 20.00
CA ALA H 166 -6.09 -81.31 19.15
C ALA H 166 -6.51 -82.73 19.53
N ILE H 167 -5.54 -83.57 19.91
CA ILE H 167 -5.90 -84.92 20.34
C ILE H 167 -6.64 -84.93 21.67
N LYS H 168 -6.71 -83.79 22.35
CA LYS H 168 -7.48 -83.62 23.57
C LYS H 168 -8.83 -82.96 23.32
N GLY H 169 -9.23 -82.84 22.06
CA GLY H 169 -10.52 -82.27 21.72
C GLY H 169 -10.53 -80.78 21.47
N VAL H 170 -9.38 -80.12 21.52
CA VAL H 170 -9.35 -78.68 21.25
C VAL H 170 -9.55 -78.45 19.76
N ARG H 171 -10.47 -77.56 19.42
CA ARG H 171 -10.81 -77.27 18.05
C ARG H 171 -10.53 -75.82 17.66
N LEU H 172 -10.27 -74.96 18.64
CA LEU H 172 -9.90 -73.57 18.42
C LEU H 172 -8.69 -73.25 19.28
N ALA H 173 -7.69 -72.63 18.67
CA ALA H 173 -6.52 -72.17 19.38
C ALA H 173 -6.25 -70.73 18.98
N TYR H 174 -5.74 -69.95 19.93
CA TYR H 174 -5.42 -68.55 19.70
C TYR H 174 -3.98 -68.30 20.11
N TRP H 175 -3.24 -67.57 19.28
CA TRP H 175 -1.87 -67.22 19.58
C TRP H 175 -1.72 -65.70 19.52
N VAL H 176 -1.34 -65.10 20.64
CA VAL H 176 -1.10 -63.67 20.72
C VAL H 176 0.40 -63.47 20.89
N GLY H 177 1.02 -62.72 19.99
CA GLY H 177 2.44 -62.50 20.13
C GLY H 177 2.97 -61.51 19.11
N PHE H 178 4.27 -61.25 19.22
CA PHE H 178 4.94 -60.39 18.25
C PHE H 178 4.96 -61.06 16.88
N ASP H 179 4.90 -60.25 15.84
CA ASP H 179 4.81 -60.76 14.48
C ASP H 179 6.08 -61.54 14.14
N THR H 180 5.89 -62.73 13.55
CA THR H 180 6.99 -63.64 13.27
C THR H 180 7.60 -63.44 11.88
N THR H 181 7.14 -62.44 11.14
CA THR H 181 7.72 -62.16 9.82
C THR H 181 9.19 -61.75 9.86
N PRO H 182 9.66 -60.89 10.77
CA PRO H 182 11.08 -60.52 10.76
C PRO H 182 12.02 -61.69 10.94
N PHE H 183 11.59 -62.75 11.60
CA PHE H 183 12.42 -63.94 11.76
C PHE H 183 12.28 -64.91 10.60
N MET H 184 11.26 -64.75 9.76
CA MET H 184 11.20 -65.52 8.52
C MET H 184 12.10 -64.92 7.44
N TYR H 185 12.44 -63.64 7.58
CA TYR H 185 13.42 -62.99 6.72
C TYR H 185 14.85 -63.15 7.22
N ASN H 186 15.05 -63.81 8.36
CA ASN H 186 16.37 -64.11 8.92
C ASN H 186 17.16 -62.84 9.24
N ALA H 187 16.48 -61.82 9.74
CA ALA H 187 17.16 -60.60 10.15
C ALA H 187 18.04 -60.84 11.37
N MET H 188 19.08 -60.03 11.51
CA MET H 188 20.01 -60.20 12.62
C MET H 188 19.56 -59.39 13.85
N ALA H 189 19.11 -58.16 13.63
CA ALA H 189 18.54 -57.34 14.69
C ALA H 189 17.26 -56.71 14.14
N GLY H 190 16.45 -56.18 15.04
CA GLY H 190 15.17 -55.64 14.62
C GLY H 190 14.50 -54.86 15.72
N ALA H 191 13.47 -54.12 15.32
CA ALA H 191 12.71 -53.29 16.23
C ALA H 191 11.21 -53.47 15.97
N TYR H 192 10.44 -53.50 17.05
CA TYR H 192 9.03 -53.18 17.04
C TYR H 192 8.91 -51.83 17.75
N PRO H 193 9.04 -50.73 17.02
CA PRO H 193 9.18 -49.42 17.69
C PRO H 193 7.91 -48.93 18.35
N SER H 194 6.73 -49.32 17.86
CA SER H 194 5.49 -48.91 18.51
C SER H 194 5.37 -49.47 19.92
N TYR H 195 6.00 -50.62 20.17
CA TYR H 195 5.93 -51.28 21.45
C TYR H 195 7.20 -51.10 22.27
N SER H 196 8.08 -50.19 21.84
CA SER H 196 9.37 -49.94 22.49
C SER H 196 10.16 -51.23 22.64
N THR H 197 10.09 -52.09 21.63
CA THR H 197 10.71 -53.40 21.70
C THR H 197 11.87 -53.46 20.72
N ASN H 198 13.02 -53.93 21.20
CA ASN H 198 14.18 -54.13 20.34
C ASN H 198 14.72 -55.53 20.57
N TRP H 199 15.00 -56.24 19.50
CA TRP H 199 15.54 -57.59 19.59
C TRP H 199 16.82 -57.66 18.77
N ALA H 200 17.74 -58.52 19.22
CA ALA H 200 19.02 -58.64 18.54
C ALA H 200 19.53 -60.06 18.66
N ASP H 201 20.23 -60.52 17.63
CA ASP H 201 21.00 -61.75 17.74
C ASP H 201 22.08 -61.60 18.80
N GLU H 202 22.39 -62.70 19.48
CA GLU H 202 23.37 -62.63 20.56
C GLU H 202 24.73 -62.19 20.05
N GLN H 203 25.06 -62.49 18.80
CA GLN H 203 26.34 -62.12 18.22
C GLN H 203 26.52 -60.62 18.07
N VAL H 204 25.45 -59.84 17.98
CA VAL H 204 25.57 -58.41 17.72
C VAL H 204 25.12 -57.58 18.91
N LEU H 205 25.12 -58.15 20.11
CA LEU H 205 24.76 -57.40 21.30
C LEU H 205 25.79 -56.34 21.66
N LYS H 206 27.01 -56.45 21.13
CA LYS H 206 28.06 -55.48 21.36
C LYS H 206 28.21 -54.50 20.22
N ALA H 207 27.16 -54.30 19.43
CA ALA H 207 27.16 -53.32 18.36
C ALA H 207 27.07 -51.92 18.98
N LYS H 208 26.88 -50.92 18.13
CA LYS H 208 26.90 -49.54 18.58
C LYS H 208 25.61 -48.79 18.29
N ASN H 209 24.93 -49.08 17.18
CA ASN H 209 23.84 -48.22 16.72
C ASN H 209 22.51 -48.94 16.53
N ILE H 210 22.40 -50.21 16.88
CA ILE H 210 21.10 -50.88 16.83
C ILE H 210 20.35 -50.58 18.12
N GLY H 211 19.07 -50.95 18.17
CA GLY H 211 18.25 -50.61 19.33
C GLY H 211 18.71 -51.28 20.61
N LEU H 212 19.08 -52.55 20.53
CA LEU H 212 19.46 -53.33 21.71
C LEU H 212 20.94 -53.70 21.60
N CYS H 213 21.80 -52.91 22.23
CA CYS H 213 23.24 -53.15 22.16
C CYS H 213 23.93 -52.32 23.23
N SER H 214 25.16 -52.69 23.52
CA SER H 214 26.04 -51.91 24.39
C SER H 214 27.47 -52.14 23.97
N THR H 215 28.18 -51.08 23.63
CA THR H 215 29.59 -51.16 23.29
C THR H 215 30.40 -50.27 24.24
N ASP H 216 31.71 -50.33 24.10
CA ASP H 216 32.63 -49.55 24.90
C ASP H 216 33.30 -48.50 24.03
N LEU H 217 34.03 -47.59 24.69
CA LEU H 217 34.81 -46.59 24.00
C LEU H 217 36.23 -47.10 23.82
N THR H 218 36.69 -47.14 22.58
CA THR H 218 38.00 -47.69 22.25
C THR H 218 38.74 -46.73 21.34
N GLU H 219 40.05 -46.63 21.55
CA GLU H 219 40.87 -45.82 20.65
C GLU H 219 41.12 -46.51 19.31
N GLY H 220 41.18 -47.83 19.30
CA GLY H 220 41.36 -48.54 18.05
C GLY H 220 42.72 -49.21 17.92
N ARG H 221 42.73 -50.52 17.73
CA ARG H 221 43.98 -51.27 17.67
C ARG H 221 43.88 -52.36 16.62
N ARG H 222 45.02 -52.68 16.01
CA ARG H 222 45.14 -53.82 15.11
C ARG H 222 45.25 -55.12 15.90
N GLY H 223 44.31 -55.36 16.81
CA GLY H 223 44.39 -56.52 17.67
C GLY H 223 43.14 -57.37 17.73
N LYS H 224 42.65 -57.62 18.94
CA LYS H 224 41.50 -58.47 19.22
C LYS H 224 41.67 -59.88 18.64
N LEU H 225 42.87 -60.43 18.72
CA LEU H 225 43.12 -61.80 18.27
C LEU H 225 42.23 -62.77 19.03
N SER H 226 41.65 -63.74 18.31
CA SER H 226 40.72 -64.67 18.93
C SER H 226 41.03 -66.09 18.45
N ILE H 227 40.38 -67.06 19.11
CA ILE H 227 40.62 -68.47 18.80
C ILE H 227 39.52 -69.02 17.89
N MET H 228 38.46 -68.25 17.70
CA MET H 228 37.36 -68.71 16.86
C MET H 228 37.43 -68.07 15.47
N ARG H 229 37.62 -68.90 14.44
CA ARG H 229 37.69 -68.42 13.07
C ARG H 229 36.29 -68.00 12.64
N GLY H 230 35.91 -66.80 13.08
CA GLY H 230 34.68 -66.23 12.61
C GLY H 230 34.93 -65.43 11.35
N LYS H 231 34.76 -66.10 10.20
CA LYS H 231 34.78 -65.44 8.92
C LYS H 231 33.38 -65.14 8.42
N LYS H 232 32.37 -65.74 9.05
CA LYS H 232 30.97 -65.56 8.68
C LYS H 232 30.19 -65.03 9.86
N LEU H 233 29.37 -64.02 9.61
CA LEU H 233 28.45 -63.45 10.60
C LEU H 233 27.03 -63.74 10.13
N GLU H 234 26.50 -64.87 10.59
CA GLU H 234 25.16 -65.29 10.20
C GLU H 234 24.28 -65.40 11.44
N PRO H 235 22.97 -65.23 11.28
CA PRO H 235 22.07 -65.36 12.43
C PRO H 235 22.13 -66.76 13.03
N CYS H 236 22.11 -66.81 14.35
CA CYS H 236 22.08 -68.05 15.11
C CYS H 236 20.78 -68.12 15.90
N ASP H 237 20.58 -69.24 16.59
CA ASP H 237 19.27 -69.53 17.16
C ASP H 237 18.89 -68.54 18.26
N ARG H 238 19.85 -68.16 19.09
CA ARG H 238 19.53 -67.35 20.26
C ARG H 238 19.37 -65.88 19.88
N VAL H 239 18.23 -65.30 20.23
CA VAL H 239 18.01 -63.87 20.11
C VAL H 239 17.56 -63.35 21.48
N LEU H 240 17.77 -62.06 21.69
CA LEU H 240 17.38 -61.39 22.91
C LEU H 240 16.32 -60.35 22.58
N PHE H 241 15.17 -60.45 23.23
CA PHE H 241 14.11 -59.46 23.16
C PHE H 241 14.22 -58.55 24.36
N SER H 242 14.05 -57.25 24.14
CA SER H 242 13.91 -56.28 25.23
C SER H 242 12.61 -55.53 24.94
N VAL H 243 11.58 -55.84 25.70
CA VAL H 243 10.29 -55.18 25.61
C VAL H 243 10.26 -54.12 26.70
N GLY H 244 10.27 -52.85 26.31
CA GLY H 244 10.53 -51.82 27.29
C GLY H 244 11.88 -52.07 27.93
N SER H 245 11.88 -52.55 29.18
CA SER H 245 13.12 -52.89 29.87
C SER H 245 13.14 -54.32 30.39
N THR H 246 12.23 -55.19 29.94
CA THR H 246 12.26 -56.58 30.37
C THR H 246 12.84 -57.44 29.26
N LEU H 247 13.77 -58.31 29.62
CA LEU H 247 14.52 -59.10 28.67
C LEU H 247 14.01 -60.54 28.62
N TYR H 248 13.97 -61.10 27.41
CA TYR H 248 13.54 -62.46 27.18
C TYR H 248 14.39 -63.14 26.12
N PRO H 249 15.05 -64.24 26.44
CA PRO H 249 15.76 -65.01 25.41
C PRO H 249 14.78 -65.84 24.58
N GLU H 250 15.00 -65.85 23.27
CA GLU H 250 14.15 -66.58 22.34
C GLU H 250 14.99 -67.42 21.42
N SER H 251 14.37 -68.48 20.90
CA SER H 251 14.99 -69.39 19.96
C SER H 251 14.36 -69.15 18.58
N ARG H 252 15.21 -69.04 17.56
CA ARG H 252 14.72 -68.71 16.22
C ARG H 252 13.80 -69.79 15.68
N LYS H 253 14.11 -71.06 15.93
CA LYS H 253 13.31 -72.14 15.38
C LYS H 253 11.92 -72.16 16.00
N LEU H 254 11.83 -71.95 17.31
CA LEU H 254 10.52 -71.88 17.95
C LEU H 254 9.74 -70.65 17.51
N LEU H 255 10.43 -69.52 17.31
CA LEU H 255 9.76 -68.34 16.81
C LEU H 255 9.20 -68.57 15.41
N LYS H 256 9.98 -69.21 14.54
CA LYS H 256 9.55 -69.44 13.17
C LYS H 256 8.51 -70.55 13.08
N SER H 257 8.47 -71.46 14.04
CA SER H 257 7.47 -72.53 14.00
C SER H 257 6.06 -71.97 14.04
N TRP H 258 5.88 -70.80 14.63
CA TRP H 258 4.56 -70.18 14.77
C TRP H 258 4.16 -69.39 13.52
N HIS H 259 5.05 -69.29 12.53
CA HIS H 259 4.70 -68.73 11.22
C HIS H 259 4.09 -69.84 10.37
N LEU H 260 2.87 -70.21 10.72
CA LEU H 260 2.17 -71.33 10.13
C LEU H 260 1.55 -70.97 8.78
N PRO H 261 1.37 -71.94 7.89
CA PRO H 261 0.72 -71.67 6.61
C PRO H 261 -0.76 -71.38 6.79
N SER H 262 -1.40 -71.00 5.69
CA SER H 262 -2.85 -70.79 5.72
C SER H 262 -3.59 -72.07 6.07
N VAL H 263 -3.14 -73.20 5.53
CA VAL H 263 -3.72 -74.50 5.83
C VAL H 263 -2.59 -75.50 5.99
N PHE H 264 -2.72 -76.40 6.95
CA PHE H 264 -1.71 -77.44 7.14
C PHE H 264 -2.37 -78.69 7.70
N HIS H 265 -1.61 -79.78 7.73
CA HIS H 265 -2.09 -81.09 8.16
C HIS H 265 -1.19 -81.62 9.27
N LEU H 266 -1.81 -82.07 10.35
CA LEU H 266 -1.10 -82.76 11.42
C LEU H 266 -1.46 -84.24 11.31
N LYS H 267 -0.48 -85.06 10.94
CA LYS H 267 -0.70 -86.48 10.65
C LYS H 267 -0.06 -87.33 11.73
N GLY H 268 -0.83 -87.70 12.74
CA GLY H 268 -0.34 -88.57 13.79
C GLY H 268 -1.17 -89.83 13.93
N LYS H 269 -1.32 -90.31 15.16
CA LYS H 269 -2.29 -91.37 15.43
C LYS H 269 -3.69 -90.90 15.05
N LEU H 270 -3.99 -89.64 15.33
CA LEU H 270 -5.14 -88.93 14.77
C LEU H 270 -4.63 -87.84 13.84
N SER H 271 -5.41 -87.59 12.78
N SER H 271 -5.41 -87.59 12.78
CA SER H 271 -5.06 -86.62 11.76
CA SER H 271 -5.07 -86.62 11.75
C SER H 271 -5.99 -85.43 11.84
C SER H 271 -6.00 -85.43 11.85
N PHE H 272 -5.44 -84.24 11.64
CA PHE H 272 -6.21 -83.00 11.75
C PHE H 272 -5.86 -82.07 10.60
N THR H 273 -6.87 -81.38 10.08
CA THR H 273 -6.71 -80.34 9.08
C THR H 273 -6.89 -79.00 9.77
N CYS H 274 -5.85 -78.17 9.74
CA CYS H 274 -5.82 -76.96 10.53
C CYS H 274 -5.69 -75.75 9.64
N ARG H 275 -6.33 -74.65 10.04
CA ARG H 275 -6.35 -73.41 9.28
C ARG H 275 -5.90 -72.27 10.17
N CYS H 276 -4.77 -71.64 9.83
CA CYS H 276 -4.23 -70.53 10.59
C CYS H 276 -4.61 -69.22 9.91
N ASP H 277 -5.14 -68.29 10.69
CA ASP H 277 -5.59 -67.01 10.17
C ASP H 277 -5.22 -65.91 11.15
N THR H 278 -4.65 -64.82 10.63
CA THR H 278 -4.27 -63.68 11.47
C THR H 278 -5.46 -62.76 11.58
N VAL H 279 -6.04 -62.66 12.77
CA VAL H 279 -7.30 -61.95 12.94
C VAL H 279 -7.04 -60.53 13.44
N VAL H 280 -5.92 -60.31 14.13
CA VAL H 280 -5.56 -58.97 14.58
C VAL H 280 -4.11 -58.71 14.22
N SER H 281 -3.83 -57.51 13.70
CA SER H 281 -2.47 -57.11 13.32
C SER H 281 -2.32 -55.63 13.60
N CYS H 282 -1.46 -55.28 14.56
CA CYS H 282 -1.26 -53.89 14.97
C CYS H 282 0.24 -53.66 15.14
N GLU H 283 0.86 -53.11 14.10
CA GLU H 283 2.21 -52.55 14.16
C GLU H 283 3.22 -53.51 14.78
N GLY H 284 3.10 -54.79 14.45
CA GLY H 284 4.03 -55.80 14.91
C GLY H 284 3.48 -56.76 15.93
N TYR H 285 2.30 -56.51 16.48
CA TYR H 285 1.66 -57.44 17.42
C TYR H 285 0.47 -58.09 16.72
N VAL H 286 0.36 -59.41 16.80
CA VAL H 286 -0.66 -60.14 16.06
C VAL H 286 -1.41 -61.08 16.98
N VAL H 287 -2.67 -61.31 16.63
CA VAL H 287 -3.50 -62.38 17.16
C VAL H 287 -3.85 -63.28 15.98
N LYS H 288 -3.48 -64.56 16.10
CA LYS H 288 -3.73 -65.59 15.09
C LYS H 288 -4.76 -66.57 15.64
N ARG H 289 -5.65 -67.03 14.76
CA ARG H 289 -6.70 -67.98 15.10
C ARG H 289 -6.50 -69.26 14.31
N ILE H 290 -6.32 -70.38 15.00
CA ILE H 290 -6.09 -71.67 14.38
C ILE H 290 -7.30 -72.55 14.65
N THR H 291 -7.98 -72.98 13.60
CA THR H 291 -9.04 -73.97 13.74
C THR H 291 -8.46 -75.35 13.41
N MET H 292 -8.92 -76.36 14.16
CA MET H 292 -8.46 -77.73 13.95
C MET H 292 -9.67 -78.61 13.79
N SER H 293 -9.67 -79.45 12.76
CA SER H 293 -10.79 -80.33 12.47
C SER H 293 -10.25 -81.72 12.19
N PRO H 294 -10.89 -82.77 12.70
CA PRO H 294 -10.36 -84.12 12.48
C PRO H 294 -10.50 -84.56 11.03
N GLY H 295 -9.63 -85.48 10.64
CA GLY H 295 -9.57 -85.95 9.27
C GLY H 295 -8.70 -85.07 8.39
N LEU H 296 -8.35 -85.63 7.23
CA LEU H 296 -7.53 -84.95 6.24
C LEU H 296 -8.39 -84.49 5.08
N TYR H 297 -8.35 -83.20 4.78
CA TYR H 297 -9.20 -82.60 3.75
C TYR H 297 -8.39 -81.60 2.93
N GLY H 298 -8.67 -81.58 1.63
CA GLY H 298 -8.02 -80.64 0.75
C GLY H 298 -6.55 -80.93 0.53
N LYS H 299 -5.84 -79.91 0.08
CA LYS H 299 -4.42 -80.00 -0.19
C LYS H 299 -3.76 -78.69 0.24
N THR H 300 -2.49 -78.79 0.63
CA THR H 300 -1.74 -77.66 1.18
C THR H 300 -0.66 -77.23 0.19
N THR H 301 -0.49 -75.91 0.05
CA THR H 301 0.60 -75.37 -0.75
C THR H 301 1.86 -75.07 0.06
N GLY H 302 1.74 -74.97 1.38
CA GLY H 302 2.89 -74.65 2.20
C GLY H 302 3.32 -73.20 2.15
N TYR H 303 2.40 -72.27 1.98
CA TYR H 303 2.71 -70.86 1.83
C TYR H 303 2.08 -70.07 2.96
N ALA H 304 2.90 -69.29 3.66
CA ALA H 304 2.46 -68.39 4.71
C ALA H 304 2.52 -66.97 4.19
N VAL H 305 1.44 -66.22 4.39
CA VAL H 305 1.28 -64.89 3.82
C VAL H 305 1.12 -63.88 4.95
N THR H 306 1.87 -62.79 4.87
CA THR H 306 1.75 -61.66 5.78
C THR H 306 1.30 -60.44 5.00
N HIS H 307 0.20 -59.83 5.41
CA HIS H 307 -0.26 -58.59 4.81
C HIS H 307 0.36 -57.41 5.56
N HIS H 308 0.84 -56.43 4.83
CA HIS H 308 1.54 -55.29 5.41
C HIS H 308 0.62 -54.08 5.38
N ALA H 309 0.00 -53.76 6.51
CA ALA H 309 -0.74 -52.51 6.62
C ALA H 309 0.21 -51.33 6.74
N ASP H 310 1.33 -51.52 7.43
CA ASP H 310 2.42 -50.56 7.47
C ASP H 310 3.60 -51.13 6.70
N GLY H 311 4.54 -50.26 6.34
CA GLY H 311 5.72 -50.71 5.62
C GLY H 311 6.61 -51.57 6.51
N PHE H 312 7.20 -52.59 5.91
CA PHE H 312 8.18 -53.43 6.57
C PHE H 312 9.50 -53.34 5.84
N LEU H 313 10.58 -53.04 6.56
CA LEU H 313 11.88 -52.86 5.96
C LEU H 313 12.88 -53.86 6.54
N MET H 314 13.64 -54.49 5.67
CA MET H 314 14.85 -55.18 6.07
C MET H 314 15.97 -54.62 5.21
N CYS H 315 17.08 -54.25 5.83
CA CYS H 315 18.14 -53.57 5.11
CA CYS H 315 18.13 -53.58 5.09
C CYS H 315 19.48 -53.98 5.66
N LYS H 316 20.52 -53.70 4.89
CA LYS H 316 21.90 -53.90 5.31
CA LYS H 316 21.87 -53.94 5.36
C LYS H 316 22.36 -52.72 6.12
N THR H 317 22.93 -52.95 7.29
CA THR H 317 23.52 -51.89 8.09
C THR H 317 24.97 -52.25 8.35
N THR H 318 25.81 -51.23 8.34
CA THR H 318 27.21 -51.36 8.70
C THR H 318 27.40 -50.81 10.10
N ASP H 319 27.77 -51.68 11.03
CA ASP H 319 27.95 -51.30 12.43
C ASP H 319 29.31 -51.77 12.90
N THR H 320 29.56 -51.59 14.19
CA THR H 320 30.82 -51.91 14.83
C THR H 320 30.54 -52.78 16.05
N VAL H 321 30.82 -54.07 15.93
CA VAL H 321 30.64 -55.03 17.02
C VAL H 321 31.99 -55.28 17.66
N ASP H 322 32.11 -54.89 18.94
CA ASP H 322 33.34 -55.06 19.71
C ASP H 322 34.54 -54.45 18.99
N GLY H 323 34.32 -53.32 18.35
CA GLY H 323 35.35 -52.63 17.62
C GLY H 323 35.50 -53.02 16.17
N GLU H 324 34.96 -54.16 15.75
CA GLU H 324 35.16 -54.67 14.40
C GLU H 324 33.98 -54.25 13.53
N ARG H 325 34.29 -53.65 12.38
CA ARG H 325 33.25 -53.17 11.48
C ARG H 325 32.70 -54.32 10.67
N VAL H 326 31.38 -54.52 10.75
CA VAL H 326 30.70 -55.60 10.05
C VAL H 326 29.41 -55.06 9.45
N SER H 327 28.75 -55.90 8.65
CA SER H 327 27.44 -55.60 8.08
C SER H 327 26.48 -56.72 8.41
N PHE H 328 25.25 -56.36 8.76
CA PHE H 328 24.21 -57.35 9.01
C PHE H 328 22.86 -56.75 8.68
N SER H 329 21.84 -57.60 8.59
CA SER H 329 20.51 -57.15 8.24
C SER H 329 19.73 -56.72 9.47
N VAL H 330 19.04 -55.59 9.33
CA VAL H 330 18.24 -54.98 10.39
C VAL H 330 16.84 -54.74 9.83
N CYS H 331 15.82 -55.14 10.59
CA CYS H 331 14.43 -55.02 10.17
C CYS H 331 13.68 -54.07 11.08
N THR H 332 12.65 -53.43 10.54
CA THR H 332 11.85 -52.46 11.27
C THR H 332 10.50 -52.29 10.58
N TYR H 333 9.60 -51.59 11.27
CA TYR H 333 8.30 -51.22 10.72
C TYR H 333 8.23 -49.71 10.57
N VAL H 334 7.59 -49.26 9.49
CA VAL H 334 7.48 -47.86 9.15
C VAL H 334 6.01 -47.52 9.00
N PRO H 335 5.51 -46.45 9.61
CA PRO H 335 4.09 -46.10 9.46
C PRO H 335 3.70 -45.90 8.01
N ALA H 336 2.48 -46.31 7.67
CA ALA H 336 2.02 -46.26 6.29
C ALA H 336 1.98 -44.83 5.75
N THR H 337 1.67 -43.86 6.60
CA THR H 337 1.64 -42.47 6.13
C THR H 337 3.03 -42.00 5.73
N ILE H 338 4.06 -42.40 6.48
CA ILE H 338 5.43 -42.05 6.13
C ILE H 338 5.82 -42.71 4.82
N CYS H 339 5.47 -43.98 4.65
CA CYS H 339 5.77 -44.69 3.40
C CYS H 339 5.08 -44.02 2.22
N ASP H 340 3.83 -43.60 2.39
CA ASP H 340 3.10 -42.93 1.33
C ASP H 340 3.73 -41.59 0.99
N GLN H 341 4.19 -40.86 2.00
CA GLN H 341 4.76 -39.53 1.75
C GLN H 341 6.14 -39.59 1.11
N MET H 342 6.77 -40.77 1.04
CA MET H 342 8.07 -40.90 0.39
C MET H 342 7.98 -41.51 -1.00
N THR H 343 6.77 -41.70 -1.54
CA THR H 343 6.61 -42.33 -2.84
C THR H 343 7.23 -41.50 -3.96
N GLY H 344 7.04 -40.19 -3.92
CA GLY H 344 7.57 -39.35 -4.98
C GLY H 344 9.06 -39.08 -4.86
N ILE H 345 9.57 -39.12 -3.63
CA ILE H 345 11.00 -38.93 -3.42
C ILE H 345 11.79 -40.12 -3.94
N LEU H 346 11.28 -41.33 -3.72
CA LEU H 346 12.02 -42.53 -4.11
C LEU H 346 11.92 -42.80 -5.60
N ALA H 347 11.29 -41.91 -6.35
CA ALA H 347 11.34 -41.95 -7.80
C ALA H 347 12.74 -41.61 -8.29
N THR H 348 13.52 -40.92 -7.46
CA THR H 348 14.87 -40.45 -7.74
C THR H 348 15.85 -41.35 -7.01
N GLU H 349 17.12 -41.25 -7.36
CA GLU H 349 18.17 -41.72 -6.49
C GLU H 349 18.42 -40.64 -5.44
N VAL H 350 18.26 -41.00 -4.18
CA VAL H 350 18.38 -40.06 -3.08
C VAL H 350 19.49 -40.53 -2.15
N THR H 351 20.32 -39.59 -1.70
CA THR H 351 21.35 -39.91 -0.74
C THR H 351 20.73 -40.20 0.63
N PRO H 352 21.41 -40.98 1.48
CA PRO H 352 20.86 -41.22 2.83
C PRO H 352 20.70 -39.95 3.64
N GLU H 353 21.52 -38.92 3.39
CA GLU H 353 21.41 -37.67 4.12
C GLU H 353 20.13 -36.92 3.75
N ASP H 354 19.86 -36.78 2.45
CA ASP H 354 18.63 -36.11 2.04
C ASP H 354 17.40 -36.91 2.46
N ALA H 355 17.47 -38.23 2.37
CA ALA H 355 16.36 -39.06 2.82
C ALA H 355 16.13 -38.91 4.32
N GLN H 356 17.21 -38.85 5.11
CA GLN H 356 17.06 -38.65 6.55
C GLN H 356 16.45 -37.29 6.85
N LYS H 357 16.89 -36.25 6.15
CA LYS H 357 16.33 -34.91 6.38
C LYS H 357 14.86 -34.86 6.00
N LEU H 358 14.48 -35.53 4.90
CA LEU H 358 13.07 -35.59 4.52
C LEU H 358 12.25 -36.37 5.53
N LEU H 359 12.77 -37.48 6.03
CA LEU H 359 12.06 -38.26 7.04
C LEU H 359 11.88 -37.46 8.32
N VAL H 360 12.90 -36.71 8.72
CA VAL H 360 12.78 -35.86 9.89
C VAL H 360 11.75 -34.76 9.65
N GLY H 361 11.68 -34.25 8.42
CA GLY H 361 10.66 -33.27 8.10
C GLY H 361 9.25 -33.84 8.20
N LEU H 362 9.04 -35.04 7.65
CA LEU H 362 7.71 -35.65 7.72
C LEU H 362 7.34 -36.06 9.13
N ASN H 363 8.31 -36.16 10.02
CA ASN H 363 8.08 -36.47 11.43
C ASN H 363 7.91 -35.22 12.28
N GLN H 364 7.58 -34.08 11.65
CA GLN H 364 7.49 -32.79 12.32
C GLN H 364 8.80 -32.43 13.02
N THR H 376 6.00 -33.54 18.60
CA THR H 376 5.46 -34.88 18.43
C THR H 376 6.11 -35.59 17.24
N ASN H 377 6.08 -36.91 17.25
CA ASN H 377 6.72 -37.72 16.22
C ASN H 377 5.81 -38.86 15.80
N THR H 378 5.70 -39.07 14.49
CA THR H 378 4.91 -40.19 13.97
C THR H 378 5.63 -41.52 14.20
N MET H 379 6.94 -41.55 14.01
CA MET H 379 7.73 -42.75 14.25
CA MET H 379 7.75 -42.74 14.23
C MET H 379 8.92 -42.40 15.14
N LYS H 380 9.45 -43.42 15.80
CA LYS H 380 10.59 -43.25 16.68
C LYS H 380 11.80 -42.73 15.90
N ASN H 381 12.51 -41.78 16.50
CA ASN H 381 13.63 -41.14 15.79
C ASN H 381 14.85 -42.03 15.73
N TYR H 382 15.05 -42.91 16.72
CA TYR H 382 16.25 -43.73 16.75
C TYR H 382 16.32 -44.70 15.58
N MET H 383 15.20 -44.96 14.92
CA MET H 383 15.18 -45.81 13.74
C MET H 383 15.22 -45.02 12.45
N ILE H 384 15.12 -43.69 12.51
CA ILE H 384 15.09 -42.88 11.29
C ILE H 384 16.35 -43.03 10.45
N PRO H 385 17.58 -42.98 11.02
CA PRO H 385 18.77 -43.11 10.16
C PRO H 385 18.78 -44.38 9.33
N VAL H 386 18.65 -45.54 9.97
CA VAL H 386 18.73 -46.79 9.23
C VAL H 386 17.64 -46.86 8.17
N VAL H 387 16.41 -46.48 8.53
CA VAL H 387 15.34 -46.41 7.55
C VAL H 387 15.75 -45.53 6.37
N ALA H 388 16.29 -44.34 6.67
CA ALA H 388 16.77 -43.48 5.61
C ALA H 388 17.72 -44.22 4.69
N GLN H 389 18.73 -44.86 5.29
CA GLN H 389 19.67 -45.64 4.50
C GLN H 389 18.92 -46.64 3.64
N ALA H 390 18.02 -47.41 4.26
CA ALA H 390 17.26 -48.40 3.53
C ALA H 390 16.60 -47.78 2.32
N PHE H 391 15.86 -46.68 2.53
CA PHE H 391 15.13 -46.08 1.43
C PHE H 391 16.09 -45.72 0.31
N SER H 392 17.19 -45.05 0.66
CA SER H 392 18.17 -44.66 -0.35
C SER H 392 18.60 -45.87 -1.16
N LYS H 393 19.02 -46.93 -0.47
CA LYS H 393 19.47 -48.13 -1.16
C LYS H 393 18.38 -48.63 -2.08
N TRP H 394 17.15 -48.76 -1.54
CA TRP H 394 16.04 -49.25 -2.33
C TRP H 394 15.88 -48.41 -3.59
N ALA H 395 15.87 -47.08 -3.43
CA ALA H 395 15.71 -46.22 -4.59
C ALA H 395 16.74 -46.56 -5.65
N LYS H 396 18.02 -46.58 -5.24
CA LYS H 396 19.08 -46.90 -6.18
C LYS H 396 18.82 -48.22 -6.88
N GLU H 397 18.47 -49.25 -6.10
CA GLU H 397 18.28 -50.56 -6.70
C GLU H 397 17.19 -50.52 -7.76
N CYS H 398 16.08 -49.83 -7.48
CA CYS H 398 15.01 -49.75 -8.46
C CYS H 398 15.54 -49.16 -9.77
N ARG H 399 16.32 -48.10 -9.67
CA ARG H 399 16.86 -47.47 -10.86
C ARG H 399 17.70 -48.45 -11.66
N LYS H 400 18.49 -49.28 -10.97
CA LYS H 400 19.28 -50.29 -11.68
C LYS H 400 18.38 -51.23 -12.46
N ASP H 401 17.29 -51.69 -11.83
CA ASP H 401 16.35 -52.55 -12.53
C ASP H 401 15.81 -51.85 -13.76
N MET H 402 15.61 -50.53 -13.67
CA MET H 402 15.12 -49.77 -14.81
C MET H 402 16.19 -49.68 -15.89
N GLU H 403 17.46 -49.55 -15.50
CA GLU H 403 18.51 -49.38 -16.50
C GLU H 403 18.81 -50.69 -17.21
N ASP H 404 18.82 -51.80 -16.48
CA ASP H 404 19.12 -53.11 -17.05
C ASP H 404 17.83 -53.82 -17.47
N GLU H 405 17.05 -53.13 -18.30
CA GLU H 405 15.82 -53.70 -18.82
C GLU H 405 16.12 -54.93 -19.68
N LYS H 406 15.50 -56.06 -19.33
CA LYS H 406 15.72 -57.32 -20.01
C LYS H 406 14.66 -57.55 -21.08
N LEU H 407 14.72 -58.73 -21.69
CA LEU H 407 13.78 -59.13 -22.73
C LEU H 407 12.75 -60.07 -22.14
N LEU H 408 11.53 -60.02 -22.66
CA LEU H 408 10.47 -60.92 -22.21
C LEU H 408 10.70 -62.35 -22.69
N GLY H 409 10.42 -63.30 -21.82
CA GLY H 409 10.55 -64.71 -22.15
C GLY H 409 11.97 -65.19 -22.30
N VAL H 410 12.94 -64.48 -21.73
CA VAL H 410 14.34 -64.85 -21.86
C VAL H 410 14.95 -64.92 -20.47
N ARG H 411 16.05 -65.67 -20.37
CA ARG H 411 16.81 -65.78 -19.12
C ARG H 411 18.24 -66.15 -19.52
N GLU H 412 19.15 -65.18 -19.46
CA GLU H 412 20.51 -65.39 -19.92
C GLU H 412 21.27 -66.30 -18.98
N ARG H 413 21.78 -67.42 -19.51
CA ARG H 413 22.51 -68.39 -18.70
C ARG H 413 23.80 -68.74 -19.42
N THR H 414 24.85 -69.00 -18.63
CA THR H 414 26.19 -69.26 -19.14
C THR H 414 26.68 -70.61 -18.64
N LEU H 415 27.17 -71.43 -19.56
CA LEU H 415 27.64 -72.77 -19.24
C LEU H 415 29.02 -72.72 -18.59
N THR H 416 29.32 -73.76 -17.81
CA THR H 416 30.58 -73.85 -17.06
C THR H 416 31.26 -75.20 -17.33
N CYS H 417 31.32 -75.59 -18.60
CA CYS H 417 31.97 -76.84 -19.03
C CYS H 417 31.39 -78.05 -18.31
N CYS H 418 30.07 -78.05 -18.13
CA CYS H 418 29.39 -79.15 -17.46
C CYS H 418 27.91 -79.08 -17.84
N CYS H 419 27.13 -80.02 -17.30
CA CYS H 419 25.69 -79.97 -17.48
C CYS H 419 25.08 -79.05 -16.42
N LEU H 420 25.65 -77.86 -16.27
CA LEU H 420 25.17 -76.84 -15.35
C LEU H 420 25.50 -75.47 -15.92
N TRP H 421 24.64 -74.51 -15.63
CA TRP H 421 24.68 -73.18 -16.23
C TRP H 421 24.38 -72.13 -15.17
N ALA H 422 25.27 -71.15 -15.05
CA ALA H 422 25.14 -70.10 -14.06
C ALA H 422 24.63 -68.81 -14.70
N PHE H 423 24.46 -67.79 -13.88
CA PHE H 423 24.05 -66.46 -14.32
C PHE H 423 24.41 -65.47 -13.22
N LYS H 424 24.13 -64.20 -13.46
CA LYS H 424 24.46 -63.15 -12.51
C LYS H 424 23.32 -62.91 -11.54
N LYS H 425 23.63 -62.94 -10.25
CA LYS H 425 22.70 -62.56 -9.20
C LYS H 425 22.97 -61.11 -8.81
N GLN H 426 21.95 -60.28 -8.93
CA GLN H 426 22.11 -58.87 -8.60
C GLN H 426 22.23 -58.69 -7.10
N LYS H 427 22.86 -57.58 -6.70
CA LYS H 427 22.99 -57.27 -5.28
C LYS H 427 21.69 -56.67 -4.77
N THR H 428 21.25 -57.14 -3.61
CA THR H 428 19.99 -56.72 -3.00
C THR H 428 20.27 -56.35 -1.55
N HIS H 429 20.30 -55.05 -1.27
CA HIS H 429 20.60 -54.55 0.07
C HIS H 429 19.36 -54.07 0.82
N THR H 430 18.18 -54.17 0.23
CA THR H 430 16.97 -53.71 0.90
C THR H 430 15.77 -54.50 0.39
N VAL H 431 15.04 -55.10 1.33
CA VAL H 431 13.68 -55.60 1.09
C VAL H 431 12.72 -54.59 1.69
N TYR H 432 11.83 -54.08 0.86
CA TYR H 432 10.89 -53.03 1.27
C TYR H 432 9.48 -53.49 0.90
N LYS H 433 8.74 -53.97 1.88
CA LYS H 433 7.34 -54.36 1.69
C LYS H 433 6.49 -53.13 1.99
N ARG H 434 6.00 -52.49 0.94
CA ARG H 434 5.20 -51.28 1.09
C ARG H 434 3.84 -51.61 1.67
N PRO H 435 3.15 -50.63 2.23
CA PRO H 435 1.79 -50.86 2.72
C PRO H 435 0.90 -51.40 1.60
N ASP H 436 0.05 -52.37 1.96
CA ASP H 436 -0.86 -53.07 1.06
C ASP H 436 -0.16 -54.08 0.16
N THR H 437 1.01 -54.56 0.57
CA THR H 437 1.66 -55.68 -0.09
C THR H 437 1.62 -56.90 0.82
N GLN H 438 2.06 -58.03 0.30
CA GLN H 438 2.06 -59.28 1.05
C GLN H 438 3.37 -60.02 0.88
N SER H 439 3.96 -60.43 2.00
CA SER H 439 5.06 -61.37 1.99
C SER H 439 4.53 -62.79 1.89
N ILE H 440 5.16 -63.60 1.06
CA ILE H 440 4.78 -65.01 0.91
C ILE H 440 6.02 -65.87 1.08
N GLN H 441 5.97 -66.80 2.04
CA GLN H 441 7.11 -67.64 2.37
C GLN H 441 6.69 -69.10 2.28
N LYS H 442 7.55 -69.94 1.72
CA LYS H 442 7.30 -71.37 1.66
C LYS H 442 7.77 -72.00 2.96
N VAL H 443 6.83 -72.59 3.70
CA VAL H 443 7.11 -73.23 4.98
C VAL H 443 6.55 -74.64 4.95
N GLN H 444 6.89 -75.42 5.96
CA GLN H 444 6.36 -76.77 6.07
C GLN H 444 4.86 -76.71 6.36
N ALA H 445 4.10 -77.58 5.69
CA ALA H 445 2.67 -77.66 5.88
C ALA H 445 2.15 -79.06 6.18
N GLU H 446 3.01 -80.07 6.15
CA GLU H 446 2.64 -81.45 6.45
C GLU H 446 3.48 -81.91 7.62
N PHE H 447 2.89 -81.95 8.81
CA PHE H 447 3.57 -82.36 10.03
C PHE H 447 3.13 -83.76 10.42
N ASP H 448 4.10 -84.66 10.62
CA ASP H 448 3.78 -86.02 11.00
C ASP H 448 4.70 -86.59 12.07
N SER H 449 5.64 -85.82 12.60
CA SER H 449 6.59 -86.32 13.59
C SER H 449 6.49 -85.43 14.84
N PHE H 450 5.50 -85.72 15.68
CA PHE H 450 5.35 -85.07 16.97
C PHE H 450 5.92 -85.92 18.11
N VAL H 451 6.53 -87.07 17.79
CA VAL H 451 7.07 -87.94 18.82
C VAL H 451 8.36 -87.43 19.42
N VAL H 452 8.95 -86.38 18.84
CA VAL H 452 10.19 -85.81 19.34
C VAL H 452 9.98 -85.19 20.71
N SER H 458 6.68 -82.01 37.00
CA SER H 458 7.36 -82.14 38.27
C SER H 458 8.49 -81.11 38.39
N GLY H 459 8.13 -79.83 38.42
CA GLY H 459 9.12 -78.78 38.50
C GLY H 459 8.84 -77.75 39.58
N LEU H 460 8.31 -78.21 40.71
CA LEU H 460 7.99 -77.34 41.84
C LEU H 460 8.62 -77.88 43.11
N SER H 461 9.29 -77.01 43.86
CA SER H 461 10.06 -77.40 45.02
C SER H 461 9.22 -77.31 46.29
N ILE H 462 9.67 -78.03 47.32
CA ILE H 462 8.92 -78.08 48.58
C ILE H 462 8.83 -76.71 49.26
N PRO H 463 9.92 -75.93 49.40
CA PRO H 463 9.75 -74.61 50.04
C PRO H 463 8.78 -73.69 49.32
N LEU H 464 8.75 -73.73 47.99
CA LEU H 464 7.75 -72.97 47.25
C LEU H 464 6.35 -73.48 47.56
N ARG H 465 6.20 -74.80 47.67
CA ARG H 465 4.93 -75.38 48.07
C ARG H 465 4.47 -74.85 49.42
N THR H 466 5.39 -74.79 50.38
CA THR H 466 5.05 -74.30 51.71
C THR H 466 4.68 -72.82 51.66
N ARG H 467 5.41 -72.04 50.87
CA ARG H 467 5.07 -70.63 50.73
C ARG H 467 3.68 -70.42 50.16
N ILE H 468 3.34 -71.19 49.12
CA ILE H 468 2.06 -70.99 48.43
C ILE H 468 0.90 -71.19 49.39
N LYS H 469 0.99 -72.19 50.26
CA LYS H 469 -0.07 -72.43 51.25
C LYS H 469 -0.24 -71.24 52.19
N PRO I 3 -2.98 -36.72 47.16
CA PRO I 3 -2.16 -35.51 47.07
C PRO I 3 -0.83 -35.65 47.83
N VAL I 4 0.27 -35.68 47.11
CA VAL I 4 1.60 -35.76 47.69
C VAL I 4 2.28 -34.41 47.49
N TYR I 5 2.76 -33.82 48.57
CA TYR I 5 3.40 -32.51 48.54
C TYR I 5 4.90 -32.67 48.53
N VAL I 6 5.56 -31.99 47.60
CA VAL I 6 7.00 -32.09 47.39
C VAL I 6 7.61 -30.72 47.62
N ASP I 7 8.74 -30.69 48.32
CA ASP I 7 9.44 -29.44 48.64
C ASP I 7 10.29 -29.03 47.45
N ILE I 8 9.62 -28.57 46.39
CA ILE I 8 10.30 -28.03 45.21
C ILE I 8 9.57 -26.78 44.76
N ASP I 9 10.25 -25.99 43.94
CA ASP I 9 9.69 -24.74 43.44
C ASP I 9 8.47 -25.02 42.55
N ALA I 10 7.50 -24.12 42.61
CA ALA I 10 6.26 -24.31 41.85
C ALA I 10 6.50 -24.22 40.35
N ASP I 11 7.47 -23.39 39.94
CA ASP I 11 7.77 -23.20 38.54
C ASP I 11 8.84 -24.16 38.02
N SER I 12 9.33 -25.07 38.86
CA SER I 12 10.38 -25.99 38.45
C SER I 12 9.89 -26.92 37.35
N ALA I 13 10.75 -27.16 36.36
CA ALA I 13 10.42 -28.06 35.26
C ALA I 13 10.50 -29.53 35.67
N PHE I 14 11.12 -29.83 36.79
CA PHE I 14 11.14 -31.20 37.31
C PHE I 14 9.76 -31.67 37.73
N LEU I 15 8.82 -30.74 37.93
CA LEU I 15 7.48 -31.12 38.35
C LEU I 15 6.81 -32.01 37.32
N LYS I 16 6.93 -31.67 36.05
CA LYS I 16 6.31 -32.48 34.99
C LYS I 16 6.97 -33.85 34.90
N ALA I 17 8.29 -33.91 35.04
CA ALA I 17 8.98 -35.19 35.04
C ALA I 17 8.53 -36.07 36.21
N LEU I 18 8.35 -35.47 37.39
CA LEU I 18 7.89 -36.23 38.54
C LEU I 18 6.46 -36.71 38.35
N GLN I 19 5.61 -35.85 37.76
CA GLN I 19 4.23 -36.25 37.50
C GLN I 19 4.17 -37.40 36.52
N ARG I 20 4.99 -37.35 35.47
CA ARG I 20 5.03 -38.43 34.50
C ARG I 20 5.55 -39.71 35.14
N ALA I 21 6.56 -39.60 36.01
CA ALA I 21 7.12 -40.77 36.67
C ALA I 21 6.15 -41.40 37.65
N TYR I 22 5.27 -40.60 38.24
CA TYR I 22 4.31 -41.07 39.24
C TYR I 22 2.91 -40.65 38.82
N PRO I 23 2.33 -41.34 37.83
CA PRO I 23 1.00 -40.94 37.35
C PRO I 23 -0.13 -41.28 38.30
N MET I 24 0.12 -42.14 39.29
CA MET I 24 -0.89 -42.54 40.26
C MET I 24 -0.97 -41.62 41.47
N PHE I 25 -0.25 -40.51 41.46
CA PHE I 25 -0.27 -39.54 42.54
C PHE I 25 -0.58 -38.16 41.98
N GLU I 26 -1.12 -37.29 42.83
CA GLU I 26 -1.30 -35.89 42.51
C GLU I 26 -0.14 -35.13 43.16
N VAL I 27 0.87 -34.80 42.36
CA VAL I 27 2.09 -34.18 42.87
C VAL I 27 1.88 -32.68 42.94
N GLU I 28 2.06 -32.10 44.11
CA GLU I 28 1.87 -30.68 44.33
C GLU I 28 3.12 -30.07 44.94
N PRO I 29 3.66 -28.99 44.37
CA PRO I 29 4.84 -28.34 44.95
C PRO I 29 4.47 -27.52 46.18
N ARG I 30 5.22 -27.72 47.26
CA ARG I 30 5.06 -26.96 48.50
C ARG I 30 6.48 -26.67 48.99
N GLN I 31 7.05 -25.56 48.52
CA GLN I 31 8.45 -25.25 48.82
C GLN I 31 8.55 -24.63 50.20
N VAL I 32 9.38 -25.23 51.05
CA VAL I 32 9.59 -24.72 52.40
C VAL I 32 11.06 -24.47 52.73
N THR I 33 12.00 -25.01 51.96
CA THR I 33 13.43 -24.85 52.20
C THR I 33 14.12 -24.62 50.88
N PRO I 34 15.27 -23.91 50.87
CA PRO I 34 16.04 -23.68 49.64
C PRO I 34 17.05 -24.80 49.37
N ASN I 35 16.58 -26.04 49.38
CA ASN I 35 17.45 -27.20 49.27
C ASN I 35 18.07 -27.26 47.88
N ASP I 36 19.39 -27.47 47.82
CA ASP I 36 20.06 -27.56 46.53
C ASP I 36 19.98 -28.95 45.91
N HIS I 37 19.52 -29.94 46.65
CA HIS I 37 19.22 -31.27 46.14
C HIS I 37 17.76 -31.61 46.37
N ALA I 38 16.88 -30.65 46.06
CA ALA I 38 15.46 -30.82 46.35
C ALA I 38 14.82 -31.87 45.45
N ASN I 39 15.33 -32.04 44.24
CA ASN I 39 14.75 -32.97 43.29
C ASN I 39 14.98 -34.42 43.73
N ALA I 40 16.18 -34.72 44.23
CA ALA I 40 16.47 -36.07 44.70
C ALA I 40 15.62 -36.44 45.90
N ARG I 41 15.47 -35.51 46.85
CA ARG I 41 14.60 -35.72 48.00
C ARG I 41 13.14 -35.91 47.56
N ALA I 42 12.68 -35.12 46.59
CA ALA I 42 11.31 -35.28 46.11
C ALA I 42 11.10 -36.63 45.48
N PHE I 43 12.07 -37.09 44.67
CA PHE I 43 11.92 -38.40 44.04
C PHE I 43 11.90 -39.50 45.09
N SER I 44 12.78 -39.41 46.10
CA SER I 44 12.79 -40.43 47.16
C SER I 44 11.49 -40.44 47.94
N HIS I 45 10.93 -39.25 48.20
CA HIS I 45 9.64 -39.16 48.89
C HIS I 45 8.55 -39.87 48.11
N LEU I 46 8.44 -39.57 46.82
CA LEU I 46 7.41 -40.23 46.01
C LEU I 46 7.68 -41.72 45.88
N ALA I 47 8.96 -42.12 45.87
CA ALA I 47 9.29 -43.53 45.74
C ALA I 47 8.85 -44.31 46.97
N ILE I 48 9.10 -43.78 48.16
CA ILE I 48 8.67 -44.48 49.36
C ILE I 48 7.15 -44.49 49.45
N LYS I 49 6.49 -43.42 48.98
CA LYS I 49 5.03 -43.44 48.94
C LYS I 49 4.52 -44.56 48.03
N LEU I 50 5.11 -44.70 46.85
CA LEU I 50 4.70 -45.76 45.93
C LEU I 50 4.95 -47.15 46.51
N ILE I 51 6.10 -47.34 47.14
CA ILE I 51 6.42 -48.63 47.74
C ILE I 51 5.43 -48.98 48.83
N GLU I 52 5.09 -47.99 49.67
CA GLU I 52 4.09 -48.21 50.72
C GLU I 52 2.73 -48.53 50.11
N GLN I 53 2.40 -47.89 48.98
CA GLN I 53 1.12 -48.17 48.34
C GLN I 53 1.05 -49.60 47.82
N GLU I 54 2.17 -50.11 47.30
CA GLU I 54 2.15 -51.42 46.65
C GLU I 54 2.08 -52.57 47.63
N ILE I 55 2.67 -52.44 48.81
CA ILE I 55 2.84 -53.57 49.71
C ILE I 55 1.67 -53.65 50.69
N ASP I 56 1.48 -54.84 51.26
CA ASP I 56 0.38 -55.08 52.17
C ASP I 56 0.61 -54.36 53.50
N PRO I 57 -0.41 -53.67 54.03
CA PRO I 57 -0.22 -52.96 55.31
C PRO I 57 0.22 -53.85 56.46
N ASP I 58 -0.24 -55.09 56.51
CA ASP I 58 0.12 -55.99 57.60
C ASP I 58 1.56 -56.47 57.52
N SER I 59 2.26 -56.18 56.43
CA SER I 59 3.65 -56.59 56.28
C SER I 59 4.57 -55.79 57.20
N THR I 60 5.61 -56.46 57.68
CA THR I 60 6.70 -55.80 58.40
C THR I 60 7.85 -55.57 57.44
N ILE I 61 8.41 -54.36 57.46
CA ILE I 61 9.33 -53.89 56.45
C ILE I 61 10.68 -53.63 57.10
N LEU I 62 11.71 -54.32 56.63
CA LEU I 62 13.07 -53.98 57.05
C LEU I 62 13.53 -52.75 56.27
N ASP I 63 14.05 -51.77 56.99
CA ASP I 63 14.62 -50.57 56.38
C ASP I 63 16.13 -50.67 56.59
N ILE I 64 16.83 -51.13 55.56
CA ILE I 64 18.26 -51.37 55.64
C ILE I 64 18.99 -50.04 55.50
N GLY I 65 19.92 -49.79 56.42
CA GLY I 65 20.62 -48.51 56.42
C GLY I 65 19.64 -47.37 56.62
N SER I 66 18.77 -47.53 57.61
CA SER I 66 17.63 -46.64 57.75
C SER I 66 18.05 -45.27 58.28
N ALA I 67 17.20 -44.29 57.99
CA ALA I 67 17.21 -42.99 58.67
C ALA I 67 15.89 -42.91 59.43
N PRO I 68 15.86 -43.32 60.70
CA PRO I 68 14.57 -43.61 61.35
C PRO I 68 13.67 -42.40 61.51
N ALA I 69 14.22 -41.18 61.42
CA ALA I 69 13.39 -39.99 61.54
C ALA I 69 12.42 -39.83 60.38
N ARG I 70 12.60 -40.59 59.31
CA ARG I 70 11.75 -40.48 58.13
C ARG I 70 10.61 -41.49 58.14
N ARG I 71 10.75 -42.59 58.86
CA ARG I 71 9.67 -43.55 59.03
C ARG I 71 8.86 -43.31 60.30
N MET I 72 9.15 -42.23 61.03
CA MET I 72 8.49 -42.01 62.31
C MET I 72 7.03 -41.59 62.14
N MET I 73 6.74 -40.77 61.12
CA MET I 73 5.36 -40.43 60.77
C MET I 73 4.75 -41.39 59.77
N SER I 74 4.88 -42.70 60.01
CA SER I 74 4.40 -43.72 59.08
C SER I 74 3.54 -44.73 59.82
N ASP I 75 2.41 -45.09 59.22
CA ASP I 75 1.54 -46.10 59.80
C ASP I 75 2.05 -47.52 59.55
N ARG I 76 3.06 -47.67 58.71
CA ARG I 76 3.59 -48.99 58.40
C ARG I 76 4.49 -49.49 59.52
N LYS I 77 4.78 -50.79 59.49
CA LYS I 77 5.57 -51.44 60.54
C LYS I 77 7.02 -51.56 60.08
N TYR I 78 7.80 -50.51 60.35
CA TYR I 78 9.19 -50.44 59.93
C TYR I 78 10.11 -50.93 61.04
N HIS I 79 11.01 -51.84 60.69
CA HIS I 79 12.14 -52.21 61.53
C HIS I 79 13.37 -51.58 60.93
N CYS I 80 13.92 -50.57 61.60
CA CYS I 80 15.02 -49.78 61.07
C CYS I 80 16.34 -50.41 61.50
N VAL I 81 17.19 -50.74 60.53
CA VAL I 81 18.48 -51.37 60.78
C VAL I 81 19.54 -50.27 60.69
N CYS I 82 20.15 -49.93 61.82
CA CYS I 82 21.05 -48.77 61.91
C CYS I 82 22.37 -49.21 62.51
N PRO I 83 23.33 -49.64 61.68
CA PRO I 83 24.61 -50.10 62.21
C PRO I 83 25.55 -48.98 62.65
N MET I 84 25.22 -47.73 62.36
CA MET I 84 26.02 -46.57 62.77
C MET I 84 27.44 -46.65 62.19
N ARG I 85 27.53 -46.90 60.89
CA ARG I 85 28.80 -47.05 60.20
C ARG I 85 29.21 -45.80 59.44
N SER I 86 28.35 -44.79 59.37
CA SER I 86 28.65 -43.56 58.65
C SER I 86 28.80 -42.40 59.63
N ALA I 87 29.60 -41.41 59.23
CA ALA I 87 29.83 -40.24 60.08
C ALA I 87 28.61 -39.34 60.18
N GLU I 88 27.65 -39.49 59.29
CA GLU I 88 26.42 -38.71 59.33
C GLU I 88 25.31 -39.40 60.12
N ASP I 89 25.54 -40.63 60.56
CA ASP I 89 24.56 -41.41 61.31
C ASP I 89 24.27 -40.88 62.71
N PRO I 90 25.27 -40.43 63.49
CA PRO I 90 24.94 -39.89 64.82
C PRO I 90 23.97 -38.73 64.77
N GLU I 91 24.12 -37.84 63.78
CA GLU I 91 23.19 -36.74 63.64
C GLU I 91 21.79 -37.23 63.33
N ARG I 92 21.69 -38.24 62.45
CA ARG I 92 20.38 -38.79 62.11
C ARG I 92 19.71 -39.45 63.31
N LEU I 93 20.48 -40.18 64.12
CA LEU I 93 19.92 -40.78 65.33
C LEU I 93 19.47 -39.72 66.32
N ALA I 94 20.26 -38.66 66.49
CA ALA I 94 19.87 -37.59 67.40
C ALA I 94 18.61 -36.89 66.90
N ASN I 95 18.50 -36.69 65.58
CA ASN I 95 17.30 -36.10 65.01
C ASN I 95 16.09 -36.99 65.24
N TYR I 96 16.26 -38.30 65.10
CA TYR I 96 15.18 -39.24 65.38
C TYR I 96 14.73 -39.12 66.83
N ALA I 97 15.67 -39.11 67.76
CA ALA I 97 15.32 -39.01 69.18
C ALA I 97 14.61 -37.70 69.48
N ARG I 98 15.10 -36.59 68.92
CA ARG I 98 14.47 -35.30 69.16
C ARG I 98 13.05 -35.26 68.60
N LYS I 99 12.86 -35.81 67.40
CA LYS I 99 11.53 -35.83 66.80
C LYS I 99 10.57 -36.70 67.61
N LEU I 100 11.04 -37.85 68.09
CA LEU I 100 10.22 -38.70 68.94
C LEU I 100 9.81 -37.95 70.21
N ALA I 101 10.75 -37.24 70.82
CA ALA I 101 10.43 -36.46 72.02
C ALA I 101 9.41 -35.37 71.70
N SER I 102 9.53 -34.74 70.54
CA SER I 102 8.60 -33.69 70.17
C SER I 102 7.23 -34.22 69.74
N ALA I 103 7.11 -35.53 69.51
CA ALA I 103 5.82 -36.13 69.20
C ALA I 103 5.40 -37.18 70.23
N ALA I 104 5.97 -37.14 71.44
CA ALA I 104 5.74 -38.19 72.43
C ALA I 104 4.27 -38.26 72.83
N GLY I 105 3.66 -37.11 73.11
CA GLY I 105 2.28 -37.09 73.56
C GLY I 105 1.39 -36.18 72.74
N LYS I 106 1.70 -36.05 71.44
CA LYS I 106 0.90 -35.24 70.53
C LYS I 106 0.50 -35.98 69.27
N VAL I 107 1.13 -37.10 68.93
CA VAL I 107 0.70 -37.98 67.87
C VAL I 107 0.28 -39.30 68.50
N LEU I 108 -0.94 -39.75 68.18
CA LEU I 108 -1.58 -40.85 68.90
C LEU I 108 -1.46 -42.19 68.20
N ASP I 109 -1.69 -42.23 66.88
CA ASP I 109 -1.81 -43.48 66.14
C ASP I 109 -0.59 -43.78 65.28
N ARG I 110 0.60 -43.36 65.72
CA ARG I 110 1.83 -43.66 65.00
C ARG I 110 2.85 -44.41 65.86
N ASN I 111 2.42 -44.99 66.98
CA ASN I 111 3.27 -45.82 67.83
C ASN I 111 4.51 -45.06 68.33
N ILE I 112 4.33 -43.78 68.66
CA ILE I 112 5.45 -42.99 69.13
C ILE I 112 5.95 -43.52 70.47
N SER I 113 5.02 -43.90 71.36
CA SER I 113 5.42 -44.48 72.64
C SER I 113 6.17 -45.79 72.44
N GLY I 114 5.70 -46.64 71.53
CA GLY I 114 6.43 -47.85 71.21
C GLY I 114 7.82 -47.57 70.67
N LYS I 115 7.93 -46.56 69.79
CA LYS I 115 9.22 -46.22 69.22
C LYS I 115 10.20 -45.73 70.27
N ILE I 116 9.75 -44.87 71.20
CA ILE I 116 10.66 -44.41 72.23
C ILE I 116 11.03 -45.55 73.18
N GLY I 117 10.08 -46.46 73.44
CA GLY I 117 10.40 -47.61 74.25
C GLY I 117 11.47 -48.48 73.64
N ASP I 118 11.34 -48.78 72.34
CA ASP I 118 12.37 -49.56 71.64
C ASP I 118 13.71 -48.84 71.62
N LEU I 119 13.70 -47.52 71.34
CA LEU I 119 14.95 -46.78 71.32
C LEU I 119 15.66 -46.84 72.68
N GLN I 120 14.90 -46.64 73.77
CA GLN I 120 15.50 -46.75 75.10
C GLN I 120 15.99 -48.16 75.36
N ALA I 121 15.24 -49.17 74.89
CA ALA I 121 15.65 -50.56 75.09
C ALA I 121 16.99 -50.84 74.41
N VAL I 122 17.16 -50.36 73.18
CA VAL I 122 18.42 -50.58 72.48
C VAL I 122 19.54 -49.79 73.14
N MET I 123 19.23 -48.59 73.63
CA MET I 123 20.23 -47.83 74.36
C MET I 123 20.64 -48.53 75.66
N ALA I 124 19.75 -49.36 76.20
CA ALA I 124 20.07 -50.08 77.42
C ALA I 124 20.91 -51.32 77.12
N VAL I 125 20.37 -52.23 76.34
CA VAL I 125 21.08 -53.40 75.84
C VAL I 125 21.32 -53.20 74.35
N PRO I 126 22.56 -52.98 73.91
CA PRO I 126 22.79 -52.69 72.48
C PRO I 126 22.37 -53.81 71.54
N ASP I 127 22.44 -55.06 71.97
CA ASP I 127 22.19 -56.20 71.11
C ASP I 127 20.72 -56.61 71.06
N THR I 128 19.84 -55.92 71.79
CA THR I 128 18.44 -56.30 71.75
C THR I 128 17.83 -55.99 70.39
N GLU I 129 16.88 -56.82 69.97
CA GLU I 129 16.26 -56.72 68.65
C GLU I 129 14.82 -56.27 68.83
N THR I 130 14.60 -54.96 68.87
CA THR I 130 13.28 -54.39 69.09
C THR I 130 12.51 -54.29 67.79
N PRO I 131 11.16 -54.24 67.87
CA PRO I 131 10.36 -54.28 66.64
C PRO I 131 10.64 -53.15 65.66
N THR I 132 11.02 -51.97 66.13
CA THR I 132 11.16 -50.82 65.25
C THR I 132 12.58 -50.28 65.14
N PHE I 133 13.55 -50.83 65.89
CA PHE I 133 14.90 -50.30 65.86
C PHE I 133 15.89 -51.37 66.26
N CYS I 134 17.10 -51.28 65.70
CA CYS I 134 18.21 -52.15 66.07
C CYS I 134 19.49 -51.52 65.55
N LEU I 135 20.61 -51.89 66.18
CA LEU I 135 21.92 -51.37 65.83
C LEU I 135 22.77 -52.39 65.06
N HIS I 136 22.13 -53.35 64.40
CA HIS I 136 22.85 -54.38 63.68
C HIS I 136 23.03 -53.97 62.22
N THR I 137 23.60 -54.87 61.42
CA THR I 137 23.75 -54.65 59.99
C THR I 137 22.72 -55.48 59.24
N ASP I 138 22.79 -55.41 57.91
CA ASP I 138 21.89 -56.21 57.08
C ASP I 138 22.16 -57.70 57.23
N VAL I 139 23.42 -58.08 57.53
CA VAL I 139 23.79 -59.48 57.64
C VAL I 139 23.84 -59.97 59.07
N SER I 140 23.62 -59.10 60.05
CA SER I 140 23.64 -59.49 61.45
C SER I 140 22.33 -59.23 62.17
N CYS I 141 21.39 -58.52 61.56
CA CYS I 141 20.07 -58.36 62.16
C CYS I 141 19.33 -59.69 62.15
N ARG I 142 18.59 -59.95 63.22
CA ARG I 142 17.83 -61.19 63.35
C ARG I 142 16.34 -61.03 63.11
N GLN I 143 15.86 -59.80 62.90
CA GLN I 143 14.44 -59.56 62.76
C GLN I 143 13.95 -60.12 61.43
N ARG I 144 13.09 -61.13 61.50
CA ARG I 144 12.46 -61.66 60.30
C ARG I 144 11.40 -60.70 59.79
N ALA I 145 11.25 -60.62 58.48
CA ALA I 145 10.32 -59.67 57.88
C ALA I 145 9.93 -60.16 56.49
N ASP I 146 8.88 -59.56 55.94
CA ASP I 146 8.37 -59.88 54.62
C ASP I 146 8.92 -58.98 53.52
N VAL I 147 9.23 -57.72 53.83
CA VAL I 147 9.69 -56.75 52.85
C VAL I 147 10.97 -56.10 53.36
N ALA I 148 11.89 -55.82 52.43
CA ALA I 148 13.09 -55.05 52.71
C ALA I 148 13.14 -53.84 51.78
N ILE I 149 13.65 -52.74 52.29
CA ILE I 149 13.77 -51.50 51.52
C ILE I 149 15.19 -50.98 51.65
N TYR I 150 15.82 -50.68 50.51
CA TYR I 150 17.11 -50.01 50.46
C TYR I 150 16.87 -48.65 49.84
N GLN I 151 16.98 -47.59 50.63
CA GLN I 151 16.78 -46.23 50.12
C GLN I 151 18.12 -45.50 50.18
N ASP I 152 18.69 -45.22 49.01
CA ASP I 152 19.99 -44.56 48.87
C ASP I 152 21.06 -45.31 49.65
N VAL I 153 21.08 -46.62 49.49
CA VAL I 153 22.10 -47.48 50.10
C VAL I 153 22.99 -48.00 49.00
N TYR I 154 24.27 -47.61 49.04
CA TYR I 154 25.26 -48.05 48.07
C TYR I 154 26.45 -48.75 48.71
N ALA I 155 26.44 -48.94 50.03
CA ALA I 155 27.60 -49.46 50.74
C ALA I 155 27.54 -50.96 50.98
N VAL I 156 26.58 -51.66 50.38
CA VAL I 156 26.41 -53.09 50.58
C VAL I 156 26.52 -53.80 49.25
N HIS I 157 27.15 -54.97 49.25
CA HIS I 157 27.11 -55.86 48.10
C HIS I 157 25.69 -56.36 47.91
N ALA I 158 25.14 -56.18 46.71
CA ALA I 158 23.73 -56.50 46.49
C ALA I 158 23.41 -57.98 46.70
N PRO I 159 24.08 -58.94 46.04
CA PRO I 159 23.67 -60.35 46.23
C PRO I 159 23.81 -60.84 47.66
N THR I 160 24.88 -60.47 48.37
CA THR I 160 25.04 -60.93 49.75
C THR I 160 23.95 -60.37 50.65
N SER I 161 23.64 -59.08 50.50
CA SER I 161 22.59 -58.47 51.30
C SER I 161 21.23 -59.08 50.99
N LEU I 162 20.95 -59.29 49.70
CA LEU I 162 19.66 -59.88 49.32
C LEU I 162 19.54 -61.31 49.80
N TYR I 163 20.62 -62.09 49.76
CA TYR I 163 20.56 -63.45 50.27
C TYR I 163 20.33 -63.47 51.77
N HIS I 164 20.99 -62.57 52.49
CA HIS I 164 20.78 -62.51 53.94
C HIS I 164 19.37 -62.05 54.28
N GLN I 165 18.76 -61.21 53.44
CA GLN I 165 17.35 -60.87 53.62
C GLN I 165 16.46 -62.08 53.32
N ALA I 166 16.76 -62.81 52.25
CA ALA I 166 15.90 -63.89 51.81
C ALA I 166 15.88 -65.05 52.80
N ILE I 167 17.04 -65.37 53.40
CA ILE I 167 17.06 -66.43 54.39
C ILE I 167 16.33 -66.05 55.68
N LYS I 168 15.91 -64.79 55.79
CA LYS I 168 15.07 -64.31 56.87
C LYS I 168 13.61 -64.21 56.48
N GLY I 169 13.23 -64.81 55.36
CA GLY I 169 11.86 -64.80 54.91
C GLY I 169 11.44 -63.58 54.10
N VAL I 170 12.37 -62.69 53.77
CA VAL I 170 12.01 -61.54 52.94
C VAL I 170 11.80 -62.01 51.51
N ARG I 171 10.67 -61.64 50.93
CA ARG I 171 10.29 -62.08 49.60
C ARG I 171 10.21 -60.94 48.61
N LEU I 172 10.16 -59.70 49.09
CA LEU I 172 10.18 -58.51 48.26
C LEU I 172 11.23 -57.55 48.80
N ALA I 173 12.02 -56.98 47.90
CA ALA I 173 13.00 -55.96 48.25
C ALA I 173 12.87 -54.81 47.27
N TYR I 174 13.17 -53.61 47.74
CA TYR I 174 13.10 -52.42 46.92
C TYR I 174 14.40 -51.66 47.06
N TRP I 175 14.93 -51.17 45.93
CA TRP I 175 16.15 -50.38 45.93
C TRP I 175 15.88 -49.06 45.21
N VAL I 176 16.02 -47.96 45.93
CA VAL I 176 15.87 -46.62 45.37
C VAL I 176 17.26 -46.00 45.29
N GLY I 177 17.62 -45.50 44.13
CA GLY I 177 18.94 -44.88 44.02
C GLY I 177 19.20 -44.39 42.62
N PHE I 178 20.37 -43.77 42.47
CA PHE I 178 20.79 -43.28 41.16
C PHE I 178 21.04 -44.45 40.21
N ASP I 179 20.74 -44.21 38.93
CA ASP I 179 20.87 -45.25 37.92
C ASP I 179 22.31 -45.75 37.85
N THR I 180 22.47 -47.07 37.85
CA THR I 180 23.78 -47.70 37.88
C THR I 180 24.38 -47.92 36.50
N THR I 181 23.67 -47.53 35.45
CA THR I 181 24.19 -47.69 34.09
C THR I 181 25.48 -46.93 33.82
N PRO I 182 25.65 -45.67 34.23
CA PRO I 182 26.91 -44.97 33.93
C PRO I 182 28.15 -45.67 34.49
N PHE I 183 28.00 -46.43 35.56
CA PHE I 183 29.13 -47.16 36.12
C PHE I 183 29.31 -48.53 35.48
N MET I 184 28.30 -49.02 34.76
CA MET I 184 28.48 -50.23 33.97
C MET I 184 29.24 -49.93 32.68
N TYR I 185 29.18 -48.70 32.19
CA TYR I 185 29.97 -48.25 31.06
C TYR I 185 31.38 -47.81 31.45
N ASN I 186 31.70 -47.82 32.75
CA ASN I 186 33.03 -47.51 33.25
C ASN I 186 33.45 -46.08 32.93
N ALA I 187 32.53 -45.14 33.05
CA ALA I 187 32.84 -43.73 32.82
C ALA I 187 33.73 -43.19 33.93
N MET I 188 34.55 -42.20 33.59
CA MET I 188 35.46 -41.61 34.57
C MET I 188 34.75 -40.55 35.40
N ALA I 189 33.88 -39.76 34.78
CA ALA I 189 33.10 -38.75 35.46
C ALA I 189 31.73 -38.70 34.80
N GLY I 190 30.79 -38.06 35.47
CA GLY I 190 29.44 -38.03 34.93
C GLY I 190 28.56 -37.07 35.68
N ALA I 191 27.36 -36.90 35.14
CA ALA I 191 26.37 -35.99 35.70
C ALA I 191 24.99 -36.61 35.67
N TYR I 192 24.24 -36.41 36.73
CA TYR I 192 22.79 -36.49 36.72
C TYR I 192 22.31 -35.05 36.83
N PRO I 193 22.16 -34.35 35.71
CA PRO I 193 21.92 -32.90 35.77
C PRO I 193 20.54 -32.53 36.31
N SER I 194 19.54 -33.38 36.13
CA SER I 194 18.21 -33.07 36.66
C SER I 194 18.22 -32.99 38.18
N TYR I 195 19.11 -33.72 38.83
CA TYR I 195 19.20 -33.77 40.28
C TYR I 195 20.35 -32.94 40.82
N SER I 196 20.93 -32.08 39.98
CA SER I 196 22.08 -31.24 40.36
C SER I 196 23.21 -32.09 40.91
N THR I 197 23.39 -33.28 40.34
CA THR I 197 24.35 -34.23 40.87
C THR I 197 25.50 -34.40 39.89
N ASN I 198 26.72 -34.32 40.41
CA ASN I 198 27.91 -34.57 39.61
C ASN I 198 28.78 -35.58 40.34
N TRP I 199 29.33 -36.53 39.61
CA TRP I 199 30.18 -37.54 40.21
C TRP I 199 31.47 -37.65 39.40
N ALA I 200 32.56 -37.97 40.09
CA ALA I 200 33.85 -38.04 39.41
C ALA I 200 34.74 -39.07 40.08
N ASP I 201 35.58 -39.71 39.27
CA ASP I 201 36.65 -40.53 39.80
C ASP I 201 37.60 -39.65 40.62
N GLU I 202 38.21 -40.25 41.65
CA GLU I 202 39.11 -39.48 42.51
C GLU I 202 40.32 -38.97 41.74
N GLN I 203 40.66 -39.61 40.63
CA GLN I 203 41.84 -39.22 39.85
C GLN I 203 41.62 -37.95 39.05
N VAL I 204 40.38 -37.54 38.81
CA VAL I 204 40.09 -36.40 37.96
C VAL I 204 39.41 -35.27 38.74
N LEU I 205 39.52 -35.29 40.07
CA LEU I 205 38.95 -34.21 40.87
C LEU I 205 39.65 -32.88 40.63
N LYS I 206 40.88 -32.90 40.12
CA LYS I 206 41.61 -31.68 39.81
C LYS I 206 41.51 -31.30 38.34
N ALA I 207 40.48 -31.74 37.65
CA ALA I 207 40.24 -31.35 36.27
C ALA I 207 39.74 -29.91 36.25
N LYS I 208 39.30 -29.46 35.08
CA LYS I 208 38.92 -28.07 34.91
C LYS I 208 37.48 -27.88 34.45
N ASN I 209 36.93 -28.76 33.63
CA ASN I 209 35.65 -28.52 32.98
C ASN I 209 34.59 -29.58 33.21
N ILE I 210 34.84 -30.58 34.06
CA ILE I 210 33.78 -31.52 34.40
C ILE I 210 32.94 -30.89 35.51
N GLY I 211 31.82 -31.53 35.85
CA GLY I 211 30.90 -30.94 36.81
C GLY I 211 31.49 -30.83 38.20
N LEU I 212 32.18 -31.87 38.66
CA LEU I 212 32.69 -31.94 40.02
C LEU I 212 34.21 -31.92 39.95
N CYS I 213 34.82 -30.75 40.09
CA CYS I 213 36.26 -30.63 40.00
C CYS I 213 36.68 -29.26 40.54
N SER I 214 37.97 -29.15 40.85
CA SER I 214 38.58 -27.87 41.22
C SER I 214 40.04 -27.90 40.79
N THR I 215 40.44 -26.93 39.98
CA THR I 215 41.82 -26.78 39.56
C THR I 215 42.33 -25.41 40.00
N ASP I 216 43.62 -25.20 39.81
CA ASP I 216 44.27 -23.93 40.13
C ASP I 216 44.65 -23.21 38.84
N LEU I 217 45.12 -21.99 38.99
CA LEU I 217 45.61 -21.20 37.86
C LEU I 217 47.11 -21.33 37.79
N THR I 218 47.61 -21.75 36.61
CA THR I 218 49.02 -22.01 36.43
C THR I 218 49.49 -21.35 35.14
N GLU I 219 50.76 -20.95 35.12
CA GLU I 219 51.32 -20.38 33.90
C GLU I 219 51.82 -21.45 32.94
N GLY I 220 52.17 -22.62 33.43
CA GLY I 220 52.61 -23.70 32.57
C GLY I 220 54.11 -23.97 32.66
N ARG I 221 54.47 -25.19 33.03
CA ARG I 221 55.86 -25.55 33.23
C ARG I 221 56.11 -26.96 32.73
N ARG I 222 57.30 -27.18 32.18
CA ARG I 222 57.78 -28.51 31.83
C ARG I 222 58.24 -29.27 33.07
N GLY I 223 57.37 -29.39 34.08
CA GLY I 223 57.75 -30.03 35.31
C GLY I 223 56.75 -31.04 35.84
N LYS I 224 56.33 -30.86 37.09
CA LYS I 224 55.42 -31.74 37.81
C LYS I 224 55.92 -33.19 37.83
N LEU I 225 57.23 -33.38 38.00
CA LEU I 225 57.80 -34.71 38.11
C LEU I 225 57.22 -35.44 39.33
N SER I 226 56.95 -36.73 39.18
CA SER I 226 56.33 -37.49 40.25
C SER I 226 57.05 -38.84 40.39
N ILE I 227 56.70 -39.55 41.46
CA ILE I 227 57.33 -40.84 41.74
C ILE I 227 56.45 -41.97 41.22
N MET I 228 55.24 -41.64 40.78
CA MET I 228 54.33 -42.66 40.27
C MET I 228 54.29 -42.64 38.75
N ARG I 229 54.70 -43.76 38.13
CA ARG I 229 54.63 -43.92 36.67
C ARG I 229 53.17 -44.09 36.29
N GLY I 230 52.44 -42.98 36.29
CA GLY I 230 51.06 -43.00 35.88
C GLY I 230 50.90 -42.87 34.39
N LYS I 231 51.41 -43.86 33.64
CA LYS I 231 51.28 -43.86 32.20
C LYS I 231 49.85 -44.14 31.74
N LYS I 232 49.02 -44.69 32.61
CA LYS I 232 47.65 -45.06 32.28
C LYS I 232 46.68 -44.34 33.21
N LEU I 233 45.61 -43.81 32.64
CA LEU I 233 44.55 -43.15 33.40
C LEU I 233 43.27 -43.96 33.19
N GLU I 234 42.94 -44.79 34.16
CA GLU I 234 41.79 -45.68 34.09
C GLU I 234 40.93 -45.53 35.32
N PRO I 235 39.63 -45.79 35.21
CA PRO I 235 38.76 -45.70 36.39
C PRO I 235 39.23 -46.59 37.51
N CYS I 236 39.26 -46.04 38.71
CA CYS I 236 39.56 -46.78 39.93
C CYS I 236 38.28 -46.90 40.75
N ASP I 237 38.37 -47.66 41.84
CA ASP I 237 37.18 -48.03 42.59
C ASP I 237 36.50 -46.81 43.22
N ARG I 238 37.27 -45.86 43.70
CA ARG I 238 36.71 -44.78 44.51
C ARG I 238 36.19 -43.65 43.63
N VAL I 239 34.93 -43.29 43.81
CA VAL I 239 34.32 -42.15 43.14
C VAL I 239 33.73 -41.22 44.20
N LEU I 240 33.56 -39.97 43.83
CA LEU I 240 32.95 -38.97 44.68
C LEU I 240 31.65 -38.50 44.04
N PHE I 241 30.55 -38.61 44.76
CA PHE I 241 29.27 -38.06 44.38
C PHE I 241 29.08 -36.72 45.09
N SER I 242 28.53 -35.76 44.37
CA SER I 242 28.12 -34.49 44.96
C SER I 242 26.68 -34.27 44.51
N VAL I 243 25.76 -34.41 45.46
CA VAL I 243 24.34 -34.22 45.21
C VAL I 243 23.99 -32.84 45.76
N GLY I 244 23.65 -31.91 44.87
CA GLY I 244 23.60 -30.53 45.28
C GLY I 244 24.96 -30.15 45.82
N SER I 245 25.06 -29.99 47.15
CA SER I 245 26.33 -29.67 47.80
C SER I 245 26.74 -30.67 48.86
N THR I 246 26.15 -31.87 48.89
CA THR I 246 26.55 -32.87 49.87
C THR I 246 27.36 -33.96 49.19
N LEU I 247 28.47 -34.33 49.81
CA LEU I 247 29.45 -35.23 49.22
C LEU I 247 29.33 -36.63 49.81
N TYR I 248 29.48 -37.63 48.95
CA TYR I 248 29.40 -39.03 49.32
C TYR I 248 30.43 -39.86 48.57
N PRO I 249 31.35 -40.52 49.26
CA PRO I 249 32.26 -41.44 48.57
C PRO I 249 31.60 -42.78 48.28
N GLU I 250 31.89 -43.32 47.10
CA GLU I 250 31.29 -44.56 46.66
C GLU I 250 32.37 -45.48 46.10
N SER I 251 32.10 -46.77 46.17
CA SER I 251 32.95 -47.80 45.60
C SER I 251 32.30 -48.33 44.33
N ARG I 252 33.08 -48.40 43.25
CA ARG I 252 32.53 -48.84 41.97
C ARG I 252 32.01 -50.26 42.05
N LYS I 253 32.63 -51.10 42.89
CA LYS I 253 32.24 -52.49 43.00
C LYS I 253 30.83 -52.61 43.58
N LEU I 254 30.59 -51.92 44.70
CA LEU I 254 29.28 -51.96 45.33
C LEU I 254 28.23 -51.26 44.47
N LEU I 255 28.64 -50.22 43.74
CA LEU I 255 27.71 -49.55 42.84
C LEU I 255 27.27 -50.49 41.72
N LYS I 256 28.22 -51.17 41.08
CA LYS I 256 27.89 -52.08 39.99
C LYS I 256 27.17 -53.34 40.47
N SER I 257 27.37 -53.74 41.73
CA SER I 257 26.70 -54.94 42.21
C SER I 257 25.18 -54.80 42.11
N TRP I 258 24.66 -53.59 42.20
CA TRP I 258 23.23 -53.35 42.18
C TRP I 258 22.64 -53.30 40.78
N HIS I 259 23.49 -53.39 39.75
CA HIS I 259 23.03 -53.58 38.37
C HIS I 259 22.78 -55.07 38.11
N LEU I 260 21.71 -55.56 38.71
CA LEU I 260 21.39 -56.98 38.69
C LEU I 260 20.72 -57.38 37.37
N PRO I 261 20.82 -58.66 36.99
CA PRO I 261 20.15 -59.11 35.77
C PRO I 261 18.64 -59.18 35.97
N SER I 262 17.94 -59.48 34.87
CA SER I 262 16.50 -59.64 34.95
C SER I 262 16.12 -60.78 35.89
N VAL I 263 16.84 -61.90 35.81
CA VAL I 263 16.63 -63.04 36.69
C VAL I 263 18.00 -63.53 37.14
N PHE I 264 18.12 -63.91 38.41
CA PHE I 264 19.37 -64.46 38.91
C PHE I 264 19.08 -65.48 40.00
N HIS I 265 20.14 -66.16 40.43
CA HIS I 265 20.03 -67.29 41.35
C HIS I 265 20.99 -67.08 42.51
N LEU I 266 20.46 -67.17 43.73
CA LEU I 266 21.28 -67.14 44.94
C LEU I 266 21.36 -68.57 45.47
N LYS I 267 22.55 -69.15 45.45
CA LYS I 267 22.74 -70.56 45.80
C LYS I 267 23.59 -70.65 47.06
N GLY I 268 22.94 -70.80 48.21
CA GLY I 268 23.65 -70.98 49.46
C GLY I 268 23.20 -72.22 50.20
N LYS I 269 23.12 -72.13 51.54
CA LYS I 269 22.48 -73.20 52.30
C LYS I 269 21.03 -73.34 51.88
N LEU I 270 20.34 -72.22 51.68
CA LEU I 270 19.08 -72.16 50.96
C LEU I 270 19.34 -71.53 49.58
N SER I 271 18.43 -71.81 48.65
N SER I 271 18.43 -71.82 48.65
CA SER I 271 18.54 -71.33 47.28
CA SER I 271 18.53 -71.34 47.29
C SER I 271 17.30 -70.51 46.92
C SER I 271 17.31 -70.51 46.94
N PHE I 272 17.52 -69.43 46.20
CA PHE I 272 16.44 -68.50 45.85
C PHE I 272 16.56 -68.10 44.39
N THR I 273 15.42 -67.99 43.72
CA THR I 273 15.33 -67.48 42.37
C THR I 273 14.76 -66.07 42.45
N CYS I 274 15.52 -65.09 41.96
CA CYS I 274 15.18 -63.70 42.16
C CYS I 274 15.00 -63.00 40.82
N ARG I 275 14.08 -62.03 40.80
CA ARG I 275 13.75 -61.28 39.60
C ARG I 275 13.84 -59.80 39.89
N CYS I 276 14.78 -59.12 39.22
CA CYS I 276 14.97 -57.68 39.38
C CYS I 276 14.25 -56.94 38.27
N ASP I 277 13.54 -55.88 38.63
CA ASP I 277 12.75 -55.14 37.66
C ASP I 277 12.74 -53.66 38.05
N THR I 278 13.10 -52.80 37.11
CA THR I 278 13.09 -51.36 37.33
C THR I 278 11.65 -50.88 37.14
N VAL I 279 11.05 -50.35 38.22
CA VAL I 279 9.64 -50.01 38.19
C VAL I 279 9.46 -48.50 38.09
N VAL I 280 10.49 -47.74 38.45
CA VAL I 280 10.46 -46.29 38.27
C VAL I 280 11.80 -45.84 37.70
N SER I 281 11.75 -44.93 36.74
CA SER I 281 12.94 -44.39 36.09
C SER I 281 12.69 -42.94 35.72
N CYS I 282 13.35 -42.02 36.42
CA CYS I 282 13.18 -40.58 36.19
C CYS I 282 14.56 -39.95 36.08
N GLU I 283 15.00 -39.74 34.83
CA GLU I 283 16.17 -38.94 34.50
C GLU I 283 17.37 -39.25 35.39
N GLY I 284 17.65 -40.54 35.57
CA GLY I 284 18.81 -40.98 36.33
C GLY I 284 18.50 -41.51 37.72
N TYR I 285 17.29 -41.38 38.22
CA TYR I 285 16.92 -41.92 39.53
C TYR I 285 15.93 -43.05 39.33
N VAL I 286 16.22 -44.22 39.90
CA VAL I 286 15.41 -45.39 39.64
C VAL I 286 14.92 -46.02 40.95
N VAL I 287 13.80 -46.71 40.84
CA VAL I 287 13.29 -47.63 41.85
C VAL I 287 13.22 -49.00 41.20
N LYS I 288 13.92 -49.96 41.80
CA LYS I 288 14.00 -51.34 41.37
C LYS I 288 13.27 -52.24 42.37
N ARG I 289 12.49 -53.18 41.84
CA ARG I 289 11.74 -54.14 42.63
C ARG I 289 12.31 -55.53 42.42
N ILE I 290 12.70 -56.19 43.50
CA ILE I 290 13.31 -57.51 43.46
C ILE I 290 12.39 -58.48 44.18
N THR I 291 11.93 -59.50 43.47
CA THR I 291 11.19 -60.58 44.11
C THR I 291 12.13 -61.75 44.35
N MET I 292 11.88 -62.47 45.43
CA MET I 292 12.72 -63.59 45.82
C MET I 292 11.83 -64.77 46.17
N SER I 293 12.11 -65.92 45.59
CA SER I 293 11.30 -67.11 45.78
C SER I 293 12.22 -68.29 46.07
N PRO I 294 11.89 -69.12 47.07
CA PRO I 294 12.77 -70.26 47.39
C PRO I 294 12.78 -71.29 46.28
N GLY I 295 13.92 -71.96 46.14
CA GLY I 295 14.12 -72.94 45.10
C GLY I 295 14.73 -72.35 43.84
N LEU I 296 15.29 -73.25 43.03
CA LEU I 296 15.94 -72.88 41.78
C LEU I 296 15.01 -73.19 40.62
N TYR I 297 14.79 -72.20 39.75
CA TYR I 297 13.77 -72.29 38.72
C TYR I 297 14.27 -71.62 37.45
N GLY I 298 14.09 -72.29 36.32
CA GLY I 298 14.43 -71.74 35.03
C GLY I 298 15.93 -71.61 34.79
N LYS I 299 16.26 -70.76 33.83
CA LYS I 299 17.64 -70.49 33.44
C LYS I 299 17.91 -69.00 33.46
N THR I 300 19.17 -68.64 33.63
CA THR I 300 19.60 -67.25 33.66
C THR I 300 20.54 -67.00 32.48
N THR I 301 20.36 -65.87 31.80
CA THR I 301 21.28 -65.47 30.74
C THR I 301 22.36 -64.52 31.22
N GLY I 302 22.23 -63.96 32.41
CA GLY I 302 23.18 -62.98 32.90
C GLY I 302 23.20 -61.67 32.14
N TYR I 303 22.06 -61.19 31.67
CA TYR I 303 21.99 -59.92 30.95
C TYR I 303 21.13 -58.94 31.74
N ALA I 304 21.66 -57.74 31.94
CA ALA I 304 20.95 -56.63 32.55
C ALA I 304 20.65 -55.59 31.48
N VAL I 305 19.41 -55.11 31.47
CA VAL I 305 18.90 -54.24 30.42
C VAL I 305 18.46 -52.93 31.04
N THR I 306 18.87 -51.82 30.41
CA THR I 306 18.42 -50.48 30.78
C THR I 306 17.68 -49.87 29.61
N HIS I 307 16.43 -49.49 29.82
CA HIS I 307 15.66 -48.78 28.81
C HIS I 307 15.91 -47.28 28.95
N HIS I 308 16.13 -46.62 27.82
CA HIS I 308 16.49 -45.21 27.81
C HIS I 308 15.29 -44.40 27.35
N ALA I 309 14.57 -43.82 28.30
CA ALA I 309 13.51 -42.89 27.96
C ALA I 309 14.08 -41.55 27.48
N ASP I 310 15.19 -41.13 28.06
CA ASP I 310 15.97 -40.00 27.58
C ASP I 310 17.27 -40.50 27.02
N GLY I 311 17.94 -39.66 26.23
CA GLY I 311 19.22 -40.05 25.67
C GLY I 311 20.28 -40.19 26.73
N PHE I 312 21.15 -41.18 26.55
CA PHE I 312 22.31 -41.38 27.43
C PHE I 312 23.57 -41.28 26.60
N LEU I 313 24.51 -40.45 27.03
CA LEU I 313 25.73 -40.20 26.29
C LEU I 313 26.94 -40.55 27.13
N MET I 314 27.87 -41.28 26.54
CA MET I 314 29.22 -41.40 27.08
C MET I 314 30.19 -40.99 25.98
N CYS I 315 31.04 -40.01 26.27
CA CYS I 315 31.90 -39.47 25.24
CA CYS I 315 31.90 -39.49 25.24
C CYS I 315 33.32 -39.34 25.78
N LYS I 316 34.23 -39.04 24.87
CA LYS I 316 35.61 -38.74 25.22
CA LYS I 316 35.59 -38.75 25.27
C LYS I 316 35.76 -37.24 25.41
N THR I 317 36.35 -36.83 26.51
CA THR I 317 36.62 -35.42 26.74
C THR I 317 38.11 -35.26 26.97
N THR I 318 38.66 -34.16 26.46
CA THR I 318 40.03 -33.77 26.72
C THR I 318 40.00 -32.64 27.72
N ASP I 319 40.59 -32.86 28.89
CA ASP I 319 40.60 -31.88 29.96
C ASP I 319 42.03 -31.72 30.47
N THR I 320 42.19 -30.85 31.46
CA THR I 320 43.48 -30.57 32.06
C THR I 320 43.38 -30.91 33.54
N VAL I 321 44.03 -31.99 33.94
CA VAL I 321 44.02 -32.46 35.32
C VAL I 321 45.36 -32.08 35.95
N ASP I 322 45.32 -31.19 36.93
CA ASP I 322 46.51 -30.69 37.62
C ASP I 322 47.54 -30.15 36.62
N GLY I 323 47.04 -29.51 35.57
CA GLY I 323 47.89 -28.94 34.55
C GLY I 323 48.19 -29.86 33.37
N GLU I 324 48.03 -31.16 33.53
CA GLU I 324 48.41 -32.12 32.50
C GLU I 324 47.20 -32.43 31.62
N ARG I 325 47.36 -32.31 30.31
CA ARG I 325 46.26 -32.56 29.40
C ARG I 325 46.04 -34.07 29.24
N VAL I 326 44.84 -34.53 29.55
CA VAL I 326 44.48 -35.94 29.46
C VAL I 326 43.12 -36.06 28.78
N SER I 327 42.75 -37.30 28.46
CA SER I 327 41.44 -37.62 27.91
C SER I 327 40.80 -38.71 28.75
N PHE I 328 39.51 -38.58 29.01
CA PHE I 328 38.77 -39.60 29.74
C PHE I 328 37.31 -39.55 29.33
N SER I 329 36.57 -40.60 29.67
CA SER I 329 35.18 -40.71 29.29
C SER I 329 34.27 -40.01 30.30
N VAL I 330 33.28 -39.29 29.79
CA VAL I 330 32.32 -38.53 30.57
C VAL I 330 30.92 -38.90 30.11
N CYS I 331 30.03 -39.21 31.05
CA CYS I 331 28.67 -39.62 30.73
C CYS I 331 27.68 -38.58 31.24
N THR I 332 26.49 -38.60 30.64
CA THR I 332 25.45 -37.63 30.95
C THR I 332 24.12 -38.12 30.37
N TYR I 333 23.05 -37.45 30.78
CA TYR I 333 21.71 -37.68 30.27
C TYR I 333 21.23 -36.45 29.50
N VAL I 334 20.55 -36.68 28.38
CA VAL I 334 20.07 -35.62 27.51
C VAL I 334 18.56 -35.79 27.38
N PRO I 335 17.77 -34.73 27.54
CA PRO I 335 16.31 -34.86 27.40
C PRO I 335 15.93 -35.39 26.03
N ALA I 336 14.88 -36.21 26.01
CA ALA I 336 14.46 -36.87 24.78
C ALA I 336 14.04 -35.88 23.71
N THR I 337 13.47 -34.74 24.10
CA THR I 337 13.08 -33.74 23.11
C THR I 337 14.29 -33.14 22.40
N ILE I 338 15.36 -32.88 23.14
CA ILE I 338 16.60 -32.40 22.52
C ILE I 338 17.17 -33.46 21.59
N CYS I 339 17.16 -34.71 22.03
CA CYS I 339 17.67 -35.80 21.20
C CYS I 339 16.87 -35.92 19.91
N ASP I 340 15.54 -35.80 19.99
CA ASP I 340 14.72 -35.90 18.79
C ASP I 340 14.95 -34.71 17.87
N GLN I 341 15.17 -33.53 18.44
CA GLN I 341 15.36 -32.33 17.62
C GLN I 341 16.71 -32.31 16.92
N MET I 342 17.62 -33.22 17.26
CA MET I 342 18.94 -33.29 16.62
C MET I 342 19.04 -34.39 15.57
N THR I 343 17.94 -35.09 15.28
CA THR I 343 18.01 -36.21 14.34
C THR I 343 18.39 -35.75 12.94
N GLY I 344 17.81 -34.63 12.48
CA GLY I 344 18.15 -34.13 11.15
C GLY I 344 19.58 -33.63 11.06
N ILE I 345 20.01 -32.83 12.05
CA ILE I 345 21.36 -32.29 12.08
C ILE I 345 22.41 -33.39 12.06
N LEU I 346 22.21 -34.45 12.83
CA LEU I 346 23.23 -35.48 12.95
C LEU I 346 23.32 -36.37 11.72
N ALA I 347 22.51 -36.12 10.69
CA ALA I 347 22.63 -36.84 9.43
C ALA I 347 23.92 -36.48 8.70
N THR I 348 24.48 -35.31 8.98
CA THR I 348 25.68 -34.80 8.35
C THR I 348 26.78 -34.63 9.39
N GLU I 349 28.02 -34.57 8.92
CA GLU I 349 29.14 -34.23 9.79
C GLU I 349 28.99 -32.79 10.26
N VAL I 350 28.87 -32.60 11.57
CA VAL I 350 28.70 -31.29 12.16
C VAL I 350 29.88 -31.02 13.09
N THR I 351 30.39 -29.80 13.05
CA THR I 351 31.44 -29.39 13.96
C THR I 351 30.87 -29.21 15.37
N PRO I 352 31.70 -29.40 16.40
CA PRO I 352 31.20 -29.17 17.77
C PRO I 352 30.73 -27.76 18.03
N GLU I 353 31.29 -26.76 17.35
CA GLU I 353 30.84 -25.39 17.51
C GLU I 353 29.43 -25.20 16.97
N ASP I 354 29.17 -25.69 15.76
CA ASP I 354 27.84 -25.58 15.19
C ASP I 354 26.83 -26.40 15.98
N ALA I 355 27.23 -27.58 16.44
CA ALA I 355 26.37 -28.40 17.28
C ALA I 355 26.05 -27.68 18.59
N GLN I 356 27.04 -27.03 19.19
CA GLN I 356 26.80 -26.27 20.42
C GLN I 356 25.84 -25.12 20.18
N LYS I 357 26.01 -24.39 19.07
CA LYS I 357 25.11 -23.29 18.78
C LYS I 357 23.69 -23.78 18.55
N LEU I 358 23.53 -24.93 17.88
CA LEU I 358 22.20 -25.49 17.70
C LEU I 358 21.59 -25.96 19.02
N LEU I 359 22.41 -26.54 19.90
CA LEU I 359 21.91 -26.99 21.19
C LEU I 359 21.46 -25.81 22.04
N VAL I 360 22.23 -24.71 22.01
CA VAL I 360 21.82 -23.50 22.70
C VAL I 360 20.54 -22.93 22.09
N GLY I 361 20.39 -23.07 20.77
CA GLY I 361 19.14 -22.66 20.14
C GLY I 361 17.95 -23.46 20.63
N LEU I 362 18.08 -24.79 20.67
CA LEU I 362 16.98 -25.64 21.13
C LEU I 362 16.71 -25.47 22.61
N ASN I 363 17.69 -25.03 23.38
CA ASN I 363 17.55 -24.77 24.81
C ASN I 363 17.01 -23.37 25.09
N GLN I 364 16.40 -22.73 24.10
CA GLN I 364 15.94 -21.34 24.18
C GLN I 364 17.08 -20.40 24.56
N THR I 376 14.49 -19.57 30.17
CA THR I 376 14.31 -20.94 30.65
C THR I 376 15.17 -21.90 29.83
N ASN I 377 15.50 -23.05 30.42
CA ASN I 377 16.38 -24.03 29.79
C ASN I 377 15.79 -25.43 29.94
N THR I 378 15.82 -26.20 28.85
CA THR I 378 15.38 -27.58 28.91
C THR I 378 16.41 -28.47 29.60
N MET I 379 17.69 -28.25 29.33
CA MET I 379 18.76 -28.97 29.99
CA MET I 379 18.77 -28.97 29.98
C MET I 379 19.77 -27.98 30.54
N LYS I 380 20.56 -28.45 31.50
CA LYS I 380 21.59 -27.61 32.10
C LYS I 380 22.62 -27.20 31.07
N ASN I 381 23.03 -25.93 31.12
CA ASN I 381 23.93 -25.40 30.11
C ASN I 381 25.37 -25.88 30.31
N TYR I 382 25.76 -26.18 31.55
CA TYR I 382 27.14 -26.59 31.80
C TYR I 382 27.49 -27.92 31.15
N MET I 383 26.49 -28.71 30.80
CA MET I 383 26.73 -29.95 30.09
C MET I 383 26.59 -29.81 28.57
N ILE I 384 26.14 -28.65 28.09
CA ILE I 384 25.92 -28.48 26.66
C ILE I 384 27.20 -28.63 25.84
N PRO I 385 28.35 -28.02 26.22
CA PRO I 385 29.56 -28.20 25.41
C PRO I 385 29.94 -29.66 25.17
N VAL I 386 30.15 -30.42 26.24
CA VAL I 386 30.58 -31.81 26.06
C VAL I 386 29.57 -32.59 25.24
N VAL I 387 28.27 -32.38 25.51
CA VAL I 387 27.23 -33.04 24.73
C VAL I 387 27.40 -32.71 23.25
N ALA I 388 27.56 -31.42 22.94
CA ALA I 388 27.80 -31.02 21.56
C ALA I 388 28.98 -31.80 20.99
N GLN I 389 30.10 -31.79 21.70
CA GLN I 389 31.27 -32.53 21.24
C GLN I 389 30.90 -33.98 20.98
N ALA I 390 30.24 -34.61 21.95
CA ALA I 390 29.77 -35.98 21.79
C ALA I 390 29.02 -36.13 20.49
N PHE I 391 27.96 -35.33 20.31
CA PHE I 391 27.14 -35.47 19.12
C PHE I 391 28.01 -35.37 17.87
N SER I 392 28.90 -34.37 17.83
CA SER I 392 29.74 -34.18 16.66
C SER I 392 30.51 -35.46 16.35
N LYS I 393 31.21 -36.00 17.35
CA LYS I 393 31.96 -37.23 17.13
C LYS I 393 31.04 -38.33 16.63
N TRP I 394 29.89 -38.49 17.30
CA TRP I 394 28.96 -39.54 16.91
C TRP I 394 28.60 -39.39 15.43
N ALA I 395 28.23 -38.17 15.03
CA ALA I 395 27.87 -37.96 13.63
C ALA I 395 28.99 -38.43 12.72
N LYS I 396 30.22 -37.99 13.00
CA LYS I 396 31.34 -38.36 12.17
C LYS I 396 31.47 -39.87 12.09
N GLU I 397 31.40 -40.54 13.25
CA GLU I 397 31.58 -41.98 13.25
C GLU I 397 30.54 -42.66 12.38
N CYS I 398 29.29 -42.21 12.44
CA CYS I 398 28.25 -42.80 11.62
C CYS I 398 28.62 -42.71 10.15
N ARG I 399 29.10 -41.53 9.73
CA ARG I 399 29.51 -41.36 8.34
C ARG I 399 30.59 -42.37 7.97
N LYS I 400 31.56 -42.58 8.86
CA LYS I 400 32.60 -43.56 8.57
C LYS I 400 31.99 -44.93 8.32
N ASP I 401 31.02 -45.31 9.16
CA ASP I 401 30.39 -46.61 8.98
C ASP I 401 29.69 -46.69 7.63
N MET I 402 29.12 -45.58 7.17
CA MET I 402 28.50 -45.58 5.85
C MET I 402 29.55 -45.64 4.74
N GLU I 403 30.71 -45.03 4.97
CA GLU I 403 31.74 -45.04 3.94
C GLU I 403 32.40 -46.40 3.82
N ASP I 404 32.71 -47.04 4.95
CA ASP I 404 33.35 -48.35 4.94
C ASP I 404 32.29 -49.46 4.96
N GLU I 405 31.47 -49.46 3.92
CA GLU I 405 30.43 -50.48 3.77
C GLU I 405 31.07 -51.84 3.53
N LYS I 406 30.79 -52.80 4.41
CA LYS I 406 31.37 -54.13 4.33
C LYS I 406 30.43 -55.08 3.60
N LEU I 407 30.85 -56.34 3.47
CA LEU I 407 30.07 -57.36 2.81
C LEU I 407 29.31 -58.18 3.85
N LEU I 408 28.13 -58.68 3.48
CA LEU I 408 27.34 -59.50 4.38
C LEU I 408 27.96 -60.88 4.56
N GLY I 409 27.91 -61.39 5.79
CA GLY I 409 28.38 -62.72 6.08
C GLY I 409 29.89 -62.88 6.07
N VAL I 410 30.63 -61.77 6.08
CA VAL I 410 32.09 -61.81 5.98
C VAL I 410 32.67 -61.12 7.21
N ARG I 411 33.93 -61.45 7.49
CA ARG I 411 34.68 -60.82 8.59
C ARG I 411 36.16 -60.95 8.24
N GLU I 412 36.76 -59.86 7.79
CA GLU I 412 38.14 -59.90 7.32
C GLU I 412 39.10 -60.12 8.48
N ARG I 413 39.94 -61.15 8.36
CA ARG I 413 40.91 -61.47 9.40
C ARG I 413 42.28 -61.69 8.77
N THR I 414 43.32 -61.34 9.52
CA THR I 414 44.69 -61.44 9.07
C THR I 414 45.50 -62.29 10.04
N LEU I 415 46.25 -63.24 9.49
CA LEU I 415 47.05 -64.15 10.30
C LEU I 415 48.34 -63.46 10.74
N THR I 416 48.90 -63.93 11.86
CA THR I 416 50.10 -63.35 12.47
C THR I 416 51.14 -64.43 12.73
N CYS I 417 51.34 -65.31 11.75
CA CYS I 417 52.31 -66.42 11.85
C CYS I 417 52.06 -67.28 13.08
N CYS I 418 50.78 -67.54 13.36
CA CYS I 418 50.38 -68.37 14.48
C CYS I 418 48.97 -68.88 14.21
N CYS I 419 48.47 -69.72 15.12
CA CYS I 419 47.07 -70.13 15.01
C CYS I 419 46.19 -69.10 15.70
N LEU I 420 46.45 -67.82 15.41
CA LEU I 420 45.63 -66.70 15.86
C LEU I 420 45.55 -65.72 14.70
N TRP I 421 44.49 -64.92 14.67
CA TRP I 421 44.19 -64.00 13.57
C TRP I 421 43.63 -62.72 14.16
N ALA I 422 44.17 -61.59 13.74
CA ALA I 422 43.71 -60.29 14.22
C ALA I 422 42.87 -59.60 13.15
N PHE I 423 42.36 -58.42 13.48
CA PHE I 423 41.67 -57.55 12.54
C PHE I 423 41.80 -56.12 13.05
N LYS I 424 41.10 -55.20 12.39
CA LYS I 424 41.18 -53.79 12.72
C LYS I 424 39.98 -53.39 13.57
N LYS I 425 40.25 -52.78 14.72
CA LYS I 425 39.21 -52.26 15.61
C LYS I 425 39.07 -50.76 15.36
N GLN I 426 37.88 -50.34 14.95
CA GLN I 426 37.64 -48.93 14.67
C GLN I 426 37.64 -48.13 15.97
N LYS I 427 37.92 -46.83 15.83
CA LYS I 427 37.89 -45.94 16.98
C LYS I 427 36.45 -45.56 17.32
N THR I 428 36.10 -45.66 18.60
CA THR I 428 34.77 -45.36 19.09
C THR I 428 34.90 -44.30 20.18
N HIS I 429 34.62 -43.05 19.84
CA HIS I 429 34.78 -41.94 20.77
C HIS I 429 33.47 -41.54 21.43
N THR I 430 32.35 -42.20 21.10
CA THR I 430 31.04 -41.81 21.61
C THR I 430 30.11 -43.01 21.61
N VAL I 431 29.47 -43.25 22.75
CA VAL I 431 28.33 -44.16 22.87
C VAL I 431 27.09 -43.31 23.09
N TYR I 432 26.14 -43.43 22.19
CA TYR I 432 24.93 -42.61 22.19
C TYR I 432 23.72 -43.54 22.20
N LYS I 433 23.12 -43.73 23.36
CA LYS I 433 21.89 -44.51 23.49
C LYS I 433 20.73 -43.55 23.34
N ARG I 434 20.10 -43.56 22.16
CA ARG I 434 19.01 -42.65 21.88
C ARG I 434 17.77 -43.03 22.67
N PRO I 435 16.82 -42.11 22.83
CA PRO I 435 15.57 -42.47 23.49
C PRO I 435 14.89 -43.62 22.79
N ASP I 436 14.31 -44.53 23.59
CA ASP I 436 13.65 -45.76 23.15
C ASP I 436 14.64 -46.83 22.71
N THR I 437 15.87 -46.78 23.17
CA THR I 437 16.83 -47.87 22.99
C THR I 437 17.10 -48.54 24.33
N GLN I 438 17.88 -49.61 24.29
CA GLN I 438 18.18 -50.39 25.48
C GLN I 438 19.66 -50.74 25.51
N SER I 439 20.30 -50.48 26.64
CA SER I 439 21.62 -51.01 26.94
C SER I 439 21.49 -52.42 27.48
N ILE I 440 22.37 -53.31 27.02
CA ILE I 440 22.38 -54.69 27.50
C ILE I 440 23.81 -55.06 27.90
N GLN I 441 23.98 -55.50 29.14
CA GLN I 441 25.29 -55.79 29.69
C GLN I 441 25.29 -57.20 30.26
N LYS I 442 26.36 -57.95 30.00
CA LYS I 442 26.51 -59.28 30.57
C LYS I 442 27.10 -59.17 31.96
N VAL I 443 26.34 -59.58 32.97
CA VAL I 443 26.76 -59.52 34.36
C VAL I 443 26.58 -60.91 34.97
N GLN I 444 27.10 -61.07 36.18
CA GLN I 444 26.94 -62.33 36.89
C GLN I 444 25.48 -62.55 37.26
N ALA I 445 25.01 -63.78 37.11
CA ALA I 445 23.65 -64.14 37.45
C ALA I 445 23.54 -65.33 38.37
N GLU I 446 24.64 -66.00 38.68
CA GLU I 446 24.67 -67.16 39.57
C GLU I 446 25.58 -66.84 40.74
N PHE I 447 25.01 -66.51 41.88
CA PHE I 447 25.77 -66.18 43.08
C PHE I 447 25.71 -67.35 44.05
N ASP I 448 26.88 -67.80 44.49
CA ASP I 448 26.95 -68.90 45.44
C ASP I 448 27.99 -68.71 46.54
N SER I 449 28.59 -67.53 46.67
CA SER I 449 29.61 -67.27 47.69
C SER I 449 29.24 -66.00 48.44
N PHE I 450 28.36 -66.15 49.43
CA PHE I 450 28.01 -65.05 50.33
C PHE I 450 28.73 -65.15 51.67
N VAL I 451 29.59 -66.15 51.85
CA VAL I 451 30.31 -66.33 53.11
C VAL I 451 31.45 -65.34 53.26
N VAL I 452 31.77 -64.58 52.22
CA VAL I 452 32.82 -63.57 52.28
C VAL I 452 32.46 -62.48 53.27
N SER I 458 27.91 -53.58 67.07
CA SER I 458 28.53 -52.96 68.24
C SER I 458 29.27 -51.69 67.85
N GLY I 459 28.57 -50.76 67.20
CA GLY I 459 29.18 -49.54 66.75
C GLY I 459 28.60 -48.28 67.36
N LEU I 460 28.30 -48.32 68.65
CA LEU I 460 27.78 -47.16 69.38
C LEU I 460 28.62 -46.93 70.62
N SER I 461 28.83 -45.67 70.97
CA SER I 461 29.68 -45.28 72.09
C SER I 461 28.83 -44.85 73.28
N ILE I 462 29.43 -44.93 74.47
CA ILE I 462 28.70 -44.61 75.69
C ILE I 462 28.22 -43.17 75.73
N PRO I 463 29.02 -42.15 75.42
CA PRO I 463 28.48 -40.78 75.45
C PRO I 463 27.32 -40.55 74.50
N LEU I 464 27.35 -41.15 73.31
CA LEU I 464 26.20 -41.07 72.41
C LEU I 464 24.98 -41.75 73.02
N ARG I 465 25.21 -42.89 73.69
CA ARG I 465 24.13 -43.57 74.40
C ARG I 465 23.50 -42.67 75.44
N THR I 466 24.33 -41.93 76.19
CA THR I 466 23.80 -41.04 77.22
C THR I 466 23.06 -39.87 76.58
N ARG I 467 23.58 -39.33 75.47
CA ARG I 467 22.90 -38.24 74.79
C ARG I 467 21.54 -38.65 74.27
N ILE I 468 21.44 -39.85 73.71
CA ILE I 468 20.17 -40.30 73.12
C ILE I 468 19.09 -40.38 74.19
N LYS I 469 19.45 -40.83 75.38
CA LYS I 469 18.49 -40.91 76.48
C LYS I 469 17.98 -39.53 76.89
N PRO J 3 5.97 -12.47 58.24
CA PRO J 3 6.43 -11.25 57.58
C PRO J 3 7.71 -10.69 58.19
N VAL J 4 8.80 -10.78 57.46
CA VAL J 4 10.09 -10.23 57.90
C VAL J 4 10.38 -8.99 57.08
N TYR J 5 10.68 -7.89 57.76
CA TYR J 5 10.92 -6.61 57.11
C TYR J 5 12.41 -6.35 57.01
N VAL J 6 12.87 -5.99 55.82
CA VAL J 6 14.29 -5.79 55.54
C VAL J 6 14.49 -4.35 55.12
N ASP J 7 15.54 -3.72 55.65
CA ASP J 7 15.86 -2.33 55.35
C ASP J 7 16.61 -2.26 54.03
N ILE J 8 15.86 -2.50 52.94
CA ILE J 8 16.40 -2.36 51.59
C ILE J 8 15.36 -1.64 50.73
N ASP J 9 15.80 -1.17 49.57
CA ASP J 9 14.93 -0.44 48.68
C ASP J 9 13.86 -1.36 48.09
N ALA J 10 12.67 -0.79 47.87
CA ALA J 10 11.55 -1.59 47.38
C ALA J 10 11.80 -2.09 45.95
N ASP J 11 12.52 -1.31 45.16
CA ASP J 11 12.80 -1.69 43.77
C ASP J 11 14.11 -2.44 43.61
N SER J 12 14.81 -2.74 44.70
CA SER J 12 16.09 -3.43 44.61
C SER J 12 15.91 -4.83 44.05
N ALA J 13 16.85 -5.24 43.18
CA ALA J 13 16.81 -6.58 42.60
C ALA J 13 17.28 -7.64 43.57
N PHE J 14 17.91 -7.26 44.68
CA PHE J 14 18.30 -8.23 45.69
C PHE J 14 17.09 -8.81 46.41
N LEU J 15 15.93 -8.18 46.29
CA LEU J 15 14.72 -8.67 46.96
C LEU J 15 14.35 -10.07 46.47
N LYS J 16 14.39 -10.28 45.16
CA LYS J 16 14.05 -11.59 44.61
C LYS J 16 15.05 -12.65 45.02
N ALA J 17 16.34 -12.29 45.05
CA ALA J 17 17.36 -13.22 45.52
C ALA J 17 17.12 -13.60 46.98
N LEU J 18 16.78 -12.62 47.82
CA LEU J 18 16.50 -12.90 49.23
C LEU J 18 15.26 -13.78 49.37
N GLN J 19 14.23 -13.51 48.58
CA GLN J 19 13.01 -14.32 48.64
C GLN J 19 13.30 -15.75 48.24
N ARG J 20 14.12 -15.95 47.21
CA ARG J 20 14.47 -17.30 46.79
C ARG J 20 15.36 -17.99 47.82
N ALA J 21 16.22 -17.22 48.51
CA ALA J 21 17.07 -17.80 49.53
C ALA J 21 16.29 -18.20 50.77
N TYR J 22 15.20 -17.49 51.06
CA TYR J 22 14.37 -17.74 52.24
C TYR J 22 12.92 -17.90 51.81
N PRO J 23 12.57 -19.06 51.23
CA PRO J 23 11.18 -19.25 50.78
C PRO J 23 10.19 -19.47 51.91
N MET J 24 10.67 -19.71 53.13
CA MET J 24 9.80 -19.94 54.28
C MET J 24 9.34 -18.65 54.95
N PHE J 25 9.79 -17.49 54.47
CA PHE J 25 9.41 -16.20 55.02
C PHE J 25 8.77 -15.34 53.94
N GLU J 26 8.01 -14.35 54.37
CA GLU J 26 7.50 -13.31 53.49
C GLU J 26 8.38 -12.08 53.67
N VAL J 27 9.26 -11.85 52.70
CA VAL J 27 10.25 -10.78 52.78
C VAL J 27 9.62 -9.51 52.25
N GLU J 28 9.60 -8.46 53.07
CA GLU J 28 9.03 -7.20 52.69
C GLU J 28 10.05 -6.08 52.87
N PRO J 29 10.26 -5.23 51.88
CA PRO J 29 11.23 -4.14 52.02
C PRO J 29 10.65 -2.96 52.79
N ARG J 30 11.34 -2.56 53.85
CA ARG J 30 10.98 -1.39 54.65
C ARG J 30 12.24 -0.55 54.83
N GLN J 31 12.52 0.32 53.86
CA GLN J 31 13.75 1.09 53.86
C GLN J 31 13.63 2.24 54.84
N VAL J 32 14.59 2.34 55.77
CA VAL J 32 14.62 3.41 56.74
C VAL J 32 15.94 4.17 56.78
N THR J 33 17.02 3.62 56.26
CA THR J 33 18.32 4.26 56.27
C THR J 33 19.00 4.04 54.93
N PRO J 34 19.89 4.96 54.51
CA PRO J 34 20.62 4.81 53.24
C PRO J 34 21.89 3.99 53.38
N ASN J 35 21.77 2.82 54.00
CA ASN J 35 22.93 1.99 54.30
C ASN J 35 23.56 1.48 53.02
N ASP J 36 24.90 1.57 52.93
CA ASP J 36 25.58 1.12 51.72
C ASP J 36 25.96 -0.36 51.78
N HIS J 37 25.71 -1.04 52.88
CA HIS J 37 25.80 -2.49 52.95
C HIS J 37 24.47 -3.06 53.42
N ALA J 38 23.39 -2.54 52.84
CA ALA J 38 22.05 -2.93 53.27
C ALA J 38 21.77 -4.41 52.99
N ASN J 39 22.29 -4.92 51.86
CA ASN J 39 22.03 -6.29 51.47
C ASN J 39 22.66 -7.28 52.44
N ALA J 40 23.89 -7.00 52.90
CA ALA J 40 24.55 -7.89 53.84
C ALA J 40 23.82 -7.93 55.18
N ARG J 41 23.37 -6.77 55.66
CA ARG J 41 22.61 -6.73 56.90
C ARG J 41 21.27 -7.43 56.75
N ALA J 42 20.62 -7.28 55.59
CA ALA J 42 19.36 -7.98 55.35
C ALA J 42 19.55 -9.48 55.36
N PHE J 43 20.62 -9.97 54.73
CA PHE J 43 20.88 -11.41 54.74
C PHE J 43 21.13 -11.89 56.16
N SER J 44 21.92 -11.14 56.95
CA SER J 44 22.19 -11.55 58.32
C SER J 44 20.91 -11.60 59.15
N HIS J 45 20.03 -10.61 58.97
CA HIS J 45 18.75 -10.58 59.66
C HIS J 45 17.93 -11.82 59.33
N LEU J 46 17.78 -12.12 58.04
CA LEU J 46 16.98 -13.27 57.65
C LEU J 46 17.62 -14.57 58.13
N ALA J 47 18.95 -14.61 58.18
CA ALA J 47 19.64 -15.82 58.63
C ALA J 47 19.41 -16.07 60.12
N ILE J 48 19.47 -15.02 60.94
CA ILE J 48 19.21 -15.22 62.35
C ILE J 48 17.75 -15.61 62.57
N LYS J 49 16.84 -15.06 61.76
CA LYS J 49 15.45 -15.49 61.85
C LYS J 49 15.29 -16.98 61.53
N LEU J 50 15.96 -17.44 60.48
CA LEU J 50 15.93 -18.85 60.12
C LEU J 50 16.49 -19.73 61.24
N ILE J 51 17.63 -19.33 61.81
CA ILE J 51 18.25 -20.12 62.86
C ILE J 51 17.35 -20.19 64.08
N GLU J 52 16.74 -19.06 64.44
CA GLU J 52 15.80 -19.04 65.56
C GLU J 52 14.61 -19.94 65.29
N GLN J 53 14.10 -19.94 64.05
CA GLN J 53 12.99 -20.80 63.69
C GLN J 53 13.36 -22.27 63.83
N GLU J 54 14.57 -22.64 63.43
CA GLU J 54 14.96 -24.05 63.38
C GLU J 54 15.16 -24.67 64.76
N ILE J 55 15.67 -23.91 65.72
CA ILE J 55 16.12 -24.47 66.99
C ILE J 55 14.98 -24.45 67.99
N ASP J 56 15.11 -25.28 69.02
CA ASP J 56 14.10 -25.39 70.06
C ASP J 56 14.09 -24.14 70.93
N PRO J 57 12.92 -23.60 71.27
CA PRO J 57 12.89 -22.33 72.04
C PRO J 57 13.41 -22.47 73.46
N ASP J 58 13.43 -23.68 74.02
CA ASP J 58 13.96 -23.86 75.37
C ASP J 58 15.47 -23.97 75.39
N SER J 59 16.11 -23.98 74.22
CA SER J 59 17.57 -24.05 74.15
C SER J 59 18.20 -22.74 74.59
N THR J 60 19.41 -22.85 75.14
CA THR J 60 20.25 -21.69 75.45
C THR J 60 21.34 -21.57 74.40
N ILE J 61 21.50 -20.38 73.84
CA ILE J 61 22.29 -20.17 72.63
C ILE J 61 23.51 -19.33 72.98
N LEU J 62 24.69 -19.88 72.77
CA LEU J 62 25.90 -19.09 72.87
C LEU J 62 26.06 -18.23 71.62
N ASP J 63 26.18 -16.93 71.79
CA ASP J 63 26.44 -16.00 70.69
C ASP J 63 27.91 -15.62 70.79
N ILE J 64 28.73 -16.22 69.93
CA ILE J 64 30.17 -16.03 69.99
C ILE J 64 30.52 -14.75 69.24
N GLY J 65 31.30 -13.88 69.89
CA GLY J 65 31.60 -12.59 69.32
C GLY J 65 30.34 -11.79 69.09
N SER J 66 29.49 -11.75 70.11
CA SER J 66 28.15 -11.21 69.95
C SER J 66 28.17 -9.69 69.83
N ALA J 67 27.12 -9.17 69.21
CA ALA J 67 26.74 -7.75 69.28
C ALA J 67 25.45 -7.70 70.09
N PRO J 68 25.54 -7.53 71.41
CA PRO J 68 24.38 -7.82 72.27
C PRO J 68 23.17 -6.95 71.99
N ALA J 69 23.35 -5.79 71.35
CA ALA J 69 22.22 -4.93 71.05
C ALA J 69 21.26 -5.57 70.05
N ARG J 70 21.68 -6.59 69.32
CA ARG J 70 20.84 -7.24 68.33
C ARG J 70 20.06 -8.42 68.89
N ARG J 71 20.49 -9.00 70.00
CA ARG J 71 19.77 -10.07 70.67
C ARG J 71 18.84 -9.56 71.76
N MET J 72 18.74 -8.24 71.93
CA MET J 72 18.05 -7.69 73.09
C MET J 72 16.54 -7.69 72.91
N MET J 73 16.05 -7.66 71.67
CA MET J 73 14.63 -7.81 71.36
C MET J 73 14.26 -9.24 70.97
N SER J 74 14.99 -10.23 71.48
CA SER J 74 14.76 -11.63 71.13
C SER J 74 14.18 -12.37 72.31
N ASP J 75 13.24 -13.27 72.05
CA ASP J 75 12.65 -14.06 73.12
C ASP J 75 13.49 -15.27 73.48
N ARG J 76 14.47 -15.61 72.65
CA ARG J 76 15.36 -16.72 72.93
C ARG J 76 16.32 -16.37 74.05
N LYS J 77 16.94 -17.40 74.63
CA LYS J 77 17.88 -17.22 75.74
C LYS J 77 19.30 -17.20 75.19
N TYR J 78 19.77 -15.99 74.90
CA TYR J 78 21.10 -15.77 74.36
C TYR J 78 22.10 -15.49 75.48
N HIS J 79 23.23 -16.18 75.45
CA HIS J 79 24.39 -15.84 76.26
C HIS J 79 25.42 -15.22 75.33
N CYS J 80 25.64 -13.92 75.47
CA CYS J 80 26.51 -13.19 74.55
C CYS J 80 27.93 -13.21 75.09
N VAL J 81 28.87 -13.68 74.26
CA VAL J 81 30.27 -13.77 74.62
C VAL J 81 30.98 -12.59 73.96
N CYS J 82 31.45 -11.64 74.77
CA CYS J 82 32.03 -10.39 74.28
C CYS J 82 33.40 -10.18 74.90
N PRO J 83 34.46 -10.65 74.23
CA PRO J 83 35.82 -10.47 74.77
C PRO J 83 36.38 -9.07 74.60
N MET J 84 35.70 -8.21 73.84
CA MET J 84 36.13 -6.82 73.62
C MET J 84 37.54 -6.75 73.02
N ARG J 85 37.77 -7.57 71.99
CA ARG J 85 39.05 -7.61 71.31
C ARG J 85 39.09 -6.75 70.05
N SER J 86 37.99 -6.10 69.69
CA SER J 86 37.93 -5.27 68.50
C SER J 86 37.75 -3.81 68.88
N ALA J 87 38.29 -2.92 68.04
CA ALA J 87 38.14 -1.49 68.25
C ALA J 87 36.71 -1.01 68.10
N GLU J 88 35.85 -1.76 67.42
CA GLU J 88 34.45 -1.42 67.25
C GLU J 88 33.57 -1.93 68.39
N ASP J 89 34.12 -2.76 69.27
CA ASP J 89 33.40 -3.37 70.39
C ASP J 89 32.91 -2.39 71.44
N PRO J 90 33.72 -1.41 71.88
CA PRO J 90 33.19 -0.45 72.88
C PRO J 90 31.95 0.29 72.41
N GLU J 91 31.90 0.66 71.14
CA GLU J 91 30.69 1.27 70.59
C GLU J 91 29.51 0.33 70.69
N ARG J 92 29.71 -0.95 70.35
CA ARG J 92 28.63 -1.92 70.41
C ARG J 92 28.12 -2.12 71.84
N LEU J 93 29.04 -2.18 72.81
CA LEU J 93 28.61 -2.32 74.20
C LEU J 93 27.86 -1.10 74.70
N ALA J 94 28.33 0.11 74.31
CA ALA J 94 27.62 1.32 74.70
C ALA J 94 26.23 1.37 74.07
N ASN J 95 26.12 0.93 72.82
CA ASN J 95 24.82 0.86 72.17
C ASN J 95 23.89 -0.11 72.90
N TYR J 96 24.43 -1.25 73.32
CA TYR J 96 23.64 -2.22 74.08
C TYR J 96 23.13 -1.59 75.38
N ALA J 97 24.02 -0.93 76.12
CA ALA J 97 23.62 -0.32 77.39
C ALA J 97 22.55 0.76 77.16
N ARG J 98 22.75 1.60 76.14
CA ARG J 98 21.80 2.68 75.88
C ARG J 98 20.44 2.13 75.48
N LYS J 99 20.41 1.09 74.64
CA LYS J 99 19.13 0.50 74.26
C LYS J 99 18.44 -0.17 75.42
N LEU J 100 19.21 -0.85 76.30
CA LEU J 100 18.62 -1.44 77.48
C LEU J 100 17.98 -0.39 78.37
N ALA J 101 18.68 0.74 78.56
CA ALA J 101 18.10 1.83 79.33
C ALA J 101 16.83 2.35 78.67
N SER J 102 16.84 2.51 77.35
CA SER J 102 15.67 3.00 76.64
C SER J 102 14.50 2.03 76.65
N ALA J 103 14.74 0.75 76.94
CA ALA J 103 13.66 -0.23 77.01
C ALA J 103 13.53 -0.84 78.41
N ALA J 104 13.98 -0.12 79.44
CA ALA J 104 14.04 -0.71 80.77
C ALA J 104 12.64 -0.98 81.34
N GLY J 105 11.70 -0.08 81.10
CA GLY J 105 10.40 -0.20 81.73
C GLY J 105 9.21 -0.19 80.77
N LYS J 106 9.48 -0.19 79.47
CA LYS J 106 8.43 -0.25 78.46
C LYS J 106 8.44 -1.51 77.62
N VAL J 107 9.41 -2.41 77.78
CA VAL J 107 9.39 -3.72 77.16
C VAL J 107 9.33 -4.74 78.30
N LEU J 108 8.29 -5.58 78.29
CA LEU J 108 7.95 -6.41 79.43
C LEU J 108 8.46 -7.85 79.30
N ASP J 109 8.24 -8.50 78.16
CA ASP J 109 8.46 -9.92 78.01
C ASP J 109 9.74 -10.24 77.24
N ARG J 110 10.76 -9.39 77.34
CA ARG J 110 12.07 -9.66 76.75
C ARG J 110 13.19 -9.66 77.78
N ASN J 111 12.85 -9.77 79.07
CA ASN J 111 13.84 -9.89 80.15
C ASN J 111 14.84 -8.73 80.14
N ILE J 112 14.33 -7.52 79.95
CA ILE J 112 15.20 -6.35 79.94
C ILE J 112 15.78 -6.10 81.33
N SER J 113 14.98 -6.27 82.38
CA SER J 113 15.48 -6.12 83.74
C SER J 113 16.56 -7.14 84.03
N GLY J 114 16.37 -8.38 83.59
CA GLY J 114 17.41 -9.38 83.74
C GLY J 114 18.68 -8.99 83.02
N LYS J 115 18.56 -8.49 81.78
CA LYS J 115 19.73 -8.12 81.00
C LYS J 115 20.50 -6.99 81.65
N ILE J 116 19.81 -5.96 82.15
CA ILE J 116 20.52 -4.87 82.80
C ILE J 116 21.17 -5.36 84.09
N GLY J 117 20.50 -6.28 84.79
CA GLY J 117 21.11 -6.85 85.98
C GLY J 117 22.39 -7.60 85.68
N ASP J 118 22.39 -8.41 84.62
CA ASP J 118 23.60 -9.14 84.25
C ASP J 118 24.69 -8.19 83.78
N LEU J 119 24.33 -7.14 83.04
CA LEU J 119 25.33 -6.16 82.62
C LEU J 119 25.98 -5.49 83.82
N GLN J 120 25.17 -5.07 84.80
CA GLN J 120 25.72 -4.46 86.01
C GLN J 120 26.57 -5.44 86.78
N ALA J 121 26.16 -6.72 86.83
CA ALA J 121 26.94 -7.72 87.54
C ALA J 121 28.31 -7.93 86.90
N VAL J 122 28.36 -7.98 85.57
CA VAL J 122 29.63 -8.16 84.89
C VAL J 122 30.50 -6.92 85.04
N MET J 123 29.89 -5.74 85.02
CA MET J 123 30.65 -4.53 85.27
C MET J 123 31.22 -4.51 86.69
N ALA J 124 30.49 -5.09 87.64
CA ALA J 124 30.99 -5.14 89.02
C ALA J 124 32.14 -6.13 89.14
N VAL J 125 31.89 -7.39 88.88
CA VAL J 125 32.91 -8.44 88.85
C VAL J 125 33.10 -8.84 87.38
N PRO J 126 34.24 -8.51 86.76
CA PRO J 126 34.41 -8.83 85.34
C PRO J 126 34.38 -10.32 85.01
N ASP J 127 34.78 -11.17 85.95
CA ASP J 127 34.92 -12.59 85.70
C ASP J 127 33.62 -13.37 85.92
N THR J 128 32.55 -12.70 86.36
CA THR J 128 31.31 -13.42 86.61
C THR J 128 30.68 -13.87 85.29
N GLU J 129 30.00 -15.02 85.34
CA GLU J 129 29.40 -15.64 84.15
C GLU J 129 27.88 -15.55 84.29
N THR J 130 27.33 -14.45 83.81
CA THR J 130 25.90 -14.21 83.88
C THR J 130 25.16 -14.92 82.75
N PRO J 131 23.87 -15.20 82.93
CA PRO J 131 23.13 -15.95 81.89
C PRO J 131 23.09 -15.29 80.53
N THR J 132 23.09 -13.96 80.45
CA THR J 132 22.93 -13.30 79.17
C THR J 132 24.15 -12.51 78.71
N PHE J 133 25.22 -12.45 79.48
CA PHE J 133 26.37 -11.65 79.10
C PHE J 133 27.62 -12.14 79.82
N CYS J 134 28.75 -12.03 79.14
CA CYS J 134 30.06 -12.30 79.74
C CYS J 134 31.12 -11.62 78.91
N LEU J 135 32.28 -11.41 79.52
CA LEU J 135 33.42 -10.75 78.86
C LEU J 135 34.53 -11.74 78.52
N HIS J 136 34.20 -13.01 78.35
CA HIS J 136 35.20 -14.03 78.07
C HIS J 136 35.31 -14.25 76.56
N THR J 137 36.12 -15.23 76.17
CA THR J 137 36.24 -15.61 74.77
C THR J 137 35.50 -16.93 74.54
N ASP J 138 35.57 -17.43 73.31
CA ASP J 138 34.96 -18.71 72.99
C ASP J 138 35.63 -19.86 73.72
N VAL J 139 36.93 -19.75 74.00
CA VAL J 139 37.68 -20.82 74.67
C VAL J 139 37.81 -20.60 76.16
N SER J 140 37.34 -19.46 76.68
CA SER J 140 37.42 -19.19 78.11
C SER J 140 36.06 -18.98 78.76
N CYS J 141 34.99 -18.89 77.98
CA CYS J 141 33.66 -18.86 78.57
C CYS J 141 33.32 -20.19 79.21
N ARG J 142 32.62 -20.14 80.34
CA ARG J 142 32.25 -21.35 81.07
C ARG J 142 30.79 -21.72 80.92
N GLN J 143 29.98 -20.89 80.27
CA GLN J 143 28.54 -21.14 80.18
C GLN J 143 28.28 -22.34 79.29
N ARG J 144 27.75 -23.40 79.88
CA ARG J 144 27.30 -24.55 79.11
C ARG J 144 26.06 -24.18 78.31
N ALA J 145 25.95 -24.69 77.09
CA ALA J 145 24.82 -24.37 76.23
C ALA J 145 24.58 -25.52 75.27
N ASP J 146 23.49 -25.41 74.51
CA ASP J 146 23.11 -26.41 73.52
C ASP J 146 23.31 -25.97 72.08
N VAL J 147 23.35 -24.66 71.82
CA VAL J 147 23.51 -24.12 70.48
C VAL J 147 24.51 -22.98 70.54
N ALA J 148 25.39 -22.93 69.53
CA ALA J 148 26.30 -21.82 69.35
C ALA J 148 26.04 -21.16 68.01
N ILE J 149 26.17 -19.84 67.95
CA ILE J 149 25.98 -19.07 66.73
C ILE J 149 27.21 -18.20 66.50
N TYR J 150 27.78 -18.27 65.31
CA TYR J 150 28.85 -17.39 64.86
C TYR J 150 28.26 -16.52 63.75
N GLN J 151 28.04 -15.25 64.02
CA GLN J 151 27.50 -14.33 63.02
C GLN J 151 28.58 -13.34 62.64
N ASP J 152 29.07 -13.44 61.39
CA ASP J 152 30.14 -12.59 60.88
C ASP J 152 31.35 -12.62 61.79
N VAL J 153 31.75 -13.82 62.19
CA VAL J 153 32.93 -14.03 63.01
C VAL J 153 33.98 -14.72 62.15
N TYR J 154 35.09 -14.03 61.91
CA TYR J 154 36.19 -14.55 61.12
C TYR J 154 37.50 -14.59 61.88
N ALA J 155 37.52 -14.23 63.15
CA ALA J 155 38.75 -14.09 63.91
C ALA J 155 39.09 -15.30 64.75
N VAL J 156 38.38 -16.41 64.57
CA VAL J 156 38.62 -17.62 65.36
C VAL J 156 38.96 -18.76 64.43
N HIS J 157 39.89 -19.60 64.86
CA HIS J 157 40.13 -20.88 64.20
C HIS J 157 38.91 -21.76 64.38
N ALA J 158 38.35 -22.24 63.27
CA ALA J 158 37.09 -22.97 63.33
C ALA J 158 37.17 -24.25 64.15
N PRO J 159 38.12 -25.18 63.92
CA PRO J 159 38.09 -26.43 64.71
C PRO J 159 38.32 -26.23 66.19
N THR J 160 39.23 -25.33 66.59
CA THR J 160 39.47 -25.12 68.01
C THR J 160 38.24 -24.53 68.70
N SER J 161 37.62 -23.53 68.08
CA SER J 161 36.41 -22.93 68.64
C SER J 161 35.28 -23.94 68.72
N LEU J 162 35.08 -24.71 67.65
CA LEU J 162 34.00 -25.70 67.65
C LEU J 162 34.25 -26.78 68.71
N TYR J 163 35.50 -27.19 68.88
CA TYR J 163 35.79 -28.20 69.90
C TYR J 163 35.54 -27.64 71.30
N HIS J 164 35.91 -26.39 71.53
CA HIS J 164 35.68 -25.78 72.84
C HIS J 164 34.19 -25.60 73.11
N GLN J 165 33.40 -25.38 72.06
CA GLN J 165 31.95 -25.39 72.24
C GLN J 165 31.44 -26.80 72.55
N ALA J 166 31.95 -27.79 71.82
CA ALA J 166 31.44 -29.16 71.94
C ALA J 166 31.72 -29.75 73.32
N ILE J 167 32.89 -29.46 73.89
CA ILE J 167 33.18 -29.96 75.23
C ILE J 167 32.34 -29.26 76.30
N LYS J 168 31.56 -28.26 75.93
CA LYS J 168 30.62 -27.60 76.81
C LYS J 168 29.18 -28.05 76.57
N GLY J 169 28.98 -29.12 75.80
CA GLY J 169 27.67 -29.64 75.53
C GLY J 169 26.97 -29.07 74.32
N VAL J 170 27.63 -28.18 73.57
CA VAL J 170 27.01 -27.65 72.36
C VAL J 170 26.98 -28.73 71.30
N ARG J 171 25.80 -28.96 70.72
CA ARG J 171 25.61 -29.99 69.73
C ARG J 171 25.23 -29.43 68.37
N LEU J 172 24.83 -28.17 68.31
CA LEU J 172 24.51 -27.48 67.07
C LEU J 172 25.25 -26.15 67.05
N ALA J 173 25.92 -25.87 65.94
CA ALA J 173 26.60 -24.60 65.73
C ALA J 173 26.19 -24.04 64.38
N TYR J 174 26.15 -22.71 64.31
CA TYR J 174 25.72 -22.04 63.10
C TYR J 174 26.76 -20.99 62.74
N TRP J 175 27.01 -20.84 61.45
CA TRP J 175 28.00 -19.88 60.97
C TRP J 175 27.42 -19.12 59.79
N VAL J 176 27.26 -17.81 59.97
CA VAL J 176 26.78 -16.91 58.92
C VAL J 176 27.96 -16.07 58.48
N GLY J 177 28.22 -16.03 57.18
CA GLY J 177 29.30 -15.19 56.71
C GLY J 177 29.50 -15.29 55.22
N PHE J 178 30.49 -14.56 54.73
CA PHE J 178 30.80 -14.58 53.32
C PHE J 178 31.40 -15.92 52.91
N ASP J 179 31.09 -16.34 51.69
CA ASP J 179 31.53 -17.63 51.19
C ASP J 179 33.04 -17.73 51.20
N THR J 180 33.56 -18.82 51.75
CA THR J 180 34.99 -19.03 51.90
C THR J 180 35.64 -19.67 50.68
N THR J 181 34.86 -19.95 49.63
CA THR J 181 35.42 -20.53 48.42
C THR J 181 36.46 -19.65 47.73
N PRO J 182 36.26 -18.33 47.57
CA PRO J 182 37.29 -17.53 46.90
C PRO J 182 38.65 -17.59 47.56
N PHE J 183 38.71 -17.87 48.85
CA PHE J 183 39.97 -17.95 49.57
C PHE J 183 40.55 -19.35 49.55
N MET J 184 39.75 -20.36 49.20
CA MET J 184 40.29 -21.69 48.96
C MET J 184 40.96 -21.78 47.59
N TYR J 185 40.58 -20.90 46.67
CA TYR J 185 41.24 -20.79 45.38
C TYR J 185 42.45 -19.86 45.41
N ASN J 186 42.75 -19.25 46.56
CA ASN J 186 43.95 -18.42 46.74
C ASN J 186 43.96 -17.20 45.83
N ALA J 187 42.80 -16.58 45.63
CA ALA J 187 42.72 -15.39 44.82
C ALA J 187 43.37 -14.19 45.52
N MET J 188 43.95 -13.30 44.72
CA MET J 188 44.58 -12.10 45.28
C MET J 188 43.54 -11.04 45.65
N ALA J 189 42.51 -10.88 44.82
CA ALA J 189 41.48 -9.88 45.06
C ALA J 189 40.16 -10.46 44.57
N GLY J 190 39.06 -9.88 45.03
CA GLY J 190 37.78 -10.44 44.68
C GLY J 190 36.64 -9.52 45.04
N ALA J 191 35.46 -9.87 44.53
CA ALA J 191 34.25 -9.11 44.76
C ALA J 191 33.11 -10.04 45.14
N TYR J 192 32.30 -9.60 46.09
CA TYR J 192 30.93 -10.03 46.24
C TYR J 192 30.06 -8.86 45.79
N PRO J 193 29.78 -8.77 44.48
CA PRO J 193 29.13 -7.57 43.95
C PRO J 193 27.70 -7.35 44.44
N SER J 194 26.95 -8.43 44.71
CA SER J 194 25.58 -8.28 45.19
C SER J 194 25.54 -7.58 46.54
N TYR J 195 26.60 -7.73 47.34
CA TYR J 195 26.67 -7.16 48.66
C TYR J 195 27.53 -5.90 48.72
N SER J 196 27.89 -5.37 47.56
CA SER J 196 28.76 -4.18 47.46
C SER J 196 30.06 -4.39 48.20
N THR J 197 30.58 -5.61 48.16
CA THR J 197 31.74 -5.97 48.95
C THR J 197 32.93 -6.23 48.02
N ASN J 198 34.06 -5.62 48.33
CA ASN J 198 35.29 -5.86 47.61
C ASN J 198 36.41 -6.15 48.59
N TRP J 199 37.16 -7.20 48.34
CA TRP J 199 38.27 -7.57 49.19
C TRP J 199 39.54 -7.65 48.37
N ALA J 200 40.67 -7.36 49.00
CA ALA J 200 41.94 -7.36 48.30
C ALA J 200 43.06 -7.77 49.25
N ASP J 201 44.06 -8.44 48.70
CA ASP J 201 45.30 -8.67 49.43
C ASP J 201 45.97 -7.33 49.70
N GLU J 202 46.67 -7.25 50.83
CA GLU J 202 47.31 -5.98 51.20
C GLU J 202 48.34 -5.55 50.17
N GLN J 203 48.91 -6.49 49.42
CA GLN J 203 49.94 -6.16 48.44
C GLN J 203 49.40 -5.46 47.21
N VAL J 204 48.10 -5.53 46.94
CA VAL J 204 47.54 -4.97 45.72
C VAL J 204 46.54 -3.85 46.02
N LEU J 205 46.62 -3.26 47.21
CA LEU J 205 45.75 -2.13 47.54
C LEU J 205 46.06 -0.90 46.71
N LYS J 206 47.26 -0.81 46.14
CA LYS J 206 47.65 0.30 45.28
C LYS J 206 47.49 -0.03 43.81
N ALA J 207 46.62 -0.97 43.47
CA ALA J 207 46.35 -1.30 42.08
C ALA J 207 45.48 -0.19 41.48
N LYS J 208 44.93 -0.45 40.30
CA LYS J 208 44.19 0.56 39.56
C LYS J 208 42.76 0.18 39.23
N ASN J 209 42.49 -1.09 38.90
CA ASN J 209 41.20 -1.46 38.34
C ASN J 209 40.46 -2.55 39.10
N ILE J 210 40.97 -3.01 40.24
CA ILE J 210 40.20 -3.93 41.07
C ILE J 210 39.21 -3.11 41.89
N GLY J 211 38.28 -3.78 42.57
CA GLY J 211 37.23 -3.06 43.26
C GLY J 211 37.73 -2.27 44.45
N LEU J 212 38.66 -2.82 45.21
CA LEU J 212 39.16 -2.19 46.43
C LEU J 212 40.62 -1.83 46.19
N CYS J 213 40.87 -0.61 45.73
CA CYS J 213 42.22 -0.16 45.45
C CYS J 213 42.22 1.35 45.34
N SER J 214 43.41 1.93 45.37
CA SER J 214 43.57 3.38 45.20
C SER J 214 45.01 3.63 44.75
N THR J 215 45.17 4.20 43.57
CA THR J 215 46.48 4.52 43.03
C THR J 215 46.60 6.02 42.81
N ASP J 216 47.78 6.44 42.35
CA ASP J 216 48.07 7.83 42.04
C ASP J 216 48.30 7.99 40.54
N LEU J 217 48.31 9.25 40.11
CA LEU J 217 48.62 9.58 38.73
C LEU J 217 50.12 9.80 38.58
N THR J 218 50.74 9.08 37.66
CA THR J 218 52.18 9.12 37.48
C THR J 218 52.51 9.26 36.01
N GLU J 219 53.58 10.00 35.72
CA GLU J 219 54.05 10.12 34.34
C GLU J 219 54.82 8.89 33.88
N GLY J 220 55.48 8.19 34.78
CA GLY J 220 56.20 6.99 34.40
C GLY J 220 57.71 7.15 34.44
N ARG J 221 58.38 6.35 35.26
CA ARG J 221 59.82 6.48 35.44
C ARG J 221 60.45 5.09 35.52
N ARG J 222 61.69 5.01 35.03
CA ARG J 222 62.52 3.82 35.21
C ARG J 222 63.15 3.79 36.60
N GLY J 223 62.33 3.94 37.63
CA GLY J 223 62.85 4.00 38.99
C GLY J 223 62.15 3.09 39.97
N LYS J 224 61.66 3.68 41.06
CA LYS J 224 61.01 2.98 42.17
C LYS J 224 61.88 1.86 42.75
N LEU J 225 63.19 2.12 42.89
CA LEU J 225 64.09 1.15 43.50
C LEU J 225 63.68 0.89 44.95
N SER J 226 63.78 -0.36 45.37
CA SER J 226 63.37 -0.74 46.72
C SER J 226 64.41 -1.67 47.33
N ILE J 227 64.27 -1.89 48.65
CA ILE J 227 65.22 -2.73 49.36
C ILE J 227 64.69 -4.16 49.47
N MET J 228 63.43 -4.37 49.10
CA MET J 228 62.85 -5.70 49.18
C MET J 228 62.84 -6.37 47.80
N ARG J 229 63.57 -7.48 47.67
CA ARG J 229 63.61 -8.24 46.42
C ARG J 229 62.27 -8.93 46.25
N GLY J 230 61.30 -8.18 45.75
CA GLY J 230 60.04 -8.78 45.39
C GLY J 230 60.08 -9.27 43.97
N LYS J 231 60.43 -10.54 43.81
CA LYS J 231 60.37 -11.20 42.51
C LYS J 231 59.10 -12.01 42.35
N LYS J 232 58.36 -12.22 43.44
CA LYS J 232 57.14 -13.01 43.44
C LYS J 232 56.00 -12.18 44.01
N LEU J 233 54.83 -12.27 43.37
CA LEU J 233 53.60 -11.66 43.86
C LEU J 233 52.63 -12.77 44.20
N GLU J 234 52.66 -13.23 45.45
CA GLU J 234 51.82 -14.32 45.90
C GLU J 234 50.92 -13.82 47.03
N PRO J 235 49.74 -14.40 47.18
CA PRO J 235 48.84 -13.98 48.27
C PRO J 235 49.46 -14.19 49.63
N CYS J 236 49.31 -13.20 50.49
CA CYS J 236 49.77 -13.24 51.87
C CYS J 236 48.55 -13.32 52.80
N ASP J 237 48.82 -13.47 54.09
CA ASP J 237 47.76 -13.78 55.04
C ASP J 237 46.76 -12.63 55.18
N ARG J 238 47.24 -11.39 55.20
CA ARG J 238 46.38 -10.26 55.50
C ARG J 238 45.60 -9.85 54.26
N VAL J 239 44.27 -9.76 54.38
CA VAL J 239 43.41 -9.22 53.34
C VAL J 239 42.54 -8.15 53.96
N LEU J 240 42.06 -7.24 53.13
CA LEU J 240 41.17 -6.17 53.53
C LEU J 240 39.82 -6.39 52.88
N PHE J 241 38.77 -6.43 53.69
CA PHE J 241 37.40 -6.45 53.24
C PHE J 241 36.83 -5.05 53.30
N SER J 242 36.07 -4.66 52.29
CA SER J 242 35.29 -3.43 52.33
C SER J 242 33.86 -3.83 51.99
N VAL J 243 33.01 -3.83 53.01
CA VAL J 243 31.58 -4.12 52.85
C VAL J 243 30.88 -2.78 52.82
N GLY J 244 30.33 -2.42 51.66
CA GLY J 244 29.90 -1.05 51.48
C GLY J 244 31.08 -0.13 51.68
N SER J 245 31.10 0.59 52.80
CA SER J 245 32.22 1.46 53.13
C SER J 245 32.84 1.15 54.48
N THR J 246 32.55 -0.01 55.09
CA THR J 246 33.19 -0.38 56.33
C THR J 246 34.29 -1.40 56.06
N LEU J 247 35.46 -1.18 56.66
CA LEU J 247 36.65 -1.95 56.39
C LEU J 247 36.93 -2.92 57.52
N TYR J 248 37.31 -4.15 57.16
CA TYR J 248 37.67 -5.18 58.11
C TYR J 248 38.93 -5.91 57.66
N PRO J 249 39.97 -5.96 58.49
CA PRO J 249 41.11 -6.81 58.17
C PRO J 249 40.82 -8.27 58.50
N GLU J 250 41.29 -9.17 57.64
CA GLU J 250 41.04 -10.59 57.79
C GLU J 250 42.33 -11.36 57.56
N SER J 251 42.39 -12.54 58.16
CA SER J 251 43.52 -13.46 58.02
C SER J 251 43.09 -14.63 57.15
N ARG J 252 43.91 -14.97 56.17
CA ARG J 252 43.54 -16.01 55.21
C ARG J 252 43.39 -17.36 55.89
N LYS J 253 44.27 -17.68 56.84
CA LYS J 253 44.20 -18.99 57.49
C LYS J 253 42.92 -19.14 58.31
N LEU J 254 42.52 -18.08 59.02
CA LEU J 254 41.27 -18.12 59.77
C LEU J 254 40.07 -18.19 58.85
N LEU J 255 40.12 -17.48 57.72
CA LEU J 255 39.04 -17.56 56.74
C LEU J 255 38.90 -18.96 56.18
N LYS J 256 40.04 -19.59 55.84
CA LYS J 256 40.01 -20.92 55.24
C LYS J 256 39.67 -22.01 56.25
N SER J 257 39.93 -21.76 57.54
CA SER J 257 39.60 -22.77 58.54
C SER J 257 38.10 -23.04 58.58
N TRP J 258 37.29 -22.07 58.19
CA TRP J 258 35.84 -22.23 58.21
C TRP J 258 35.31 -22.92 56.96
N HIS J 259 36.18 -23.23 55.99
CA HIS J 259 35.82 -24.10 54.86
C HIS J 259 35.99 -25.56 55.28
N LEU J 260 35.06 -26.02 56.11
CA LEU J 260 35.13 -27.32 56.75
C LEU J 260 34.63 -28.43 55.83
N PRO J 261 35.16 -29.65 56.01
CA PRO J 261 34.68 -30.80 55.23
C PRO J 261 33.20 -31.07 55.48
N SER J 262 32.66 -31.98 54.68
CA SER J 262 31.31 -32.47 54.94
C SER J 262 31.23 -33.17 56.29
N VAL J 263 32.22 -34.00 56.62
CA VAL J 263 32.32 -34.67 57.90
C VAL J 263 33.75 -34.58 58.38
N PHE J 264 33.93 -34.35 59.68
CA PHE J 264 35.27 -34.29 60.25
C PHE J 264 35.21 -34.78 61.70
N HIS J 265 36.40 -34.96 62.27
CA HIS J 265 36.56 -35.50 63.62
C HIS J 265 37.40 -34.55 64.46
N LEU J 266 36.93 -34.27 65.67
CA LEU J 266 37.70 -33.51 66.66
C LEU J 266 38.15 -34.49 67.73
N LYS J 267 39.47 -34.66 67.86
CA LYS J 267 40.03 -35.71 68.73
C LYS J 267 40.85 -35.05 69.84
N GLY J 268 40.21 -34.83 70.99
CA GLY J 268 40.92 -34.26 72.12
C GLY J 268 40.78 -35.10 73.38
N LYS J 269 40.61 -34.45 74.54
CA LYS J 269 40.25 -35.19 75.74
C LYS J 269 38.92 -35.89 75.55
N LEU J 270 38.00 -35.23 74.86
CA LEU J 270 36.80 -35.82 74.32
C LEU J 270 36.88 -35.82 72.80
N SER J 271 36.13 -36.73 72.18
N SER J 271 36.14 -36.74 72.18
CA SER J 271 36.13 -36.90 70.74
CA SER J 271 36.13 -36.90 70.74
C SER J 271 34.74 -36.65 70.19
C SER J 271 34.74 -36.64 70.20
N PHE J 272 34.66 -35.94 69.08
CA PHE J 272 33.39 -35.58 68.48
C PHE J 272 33.43 -35.83 66.97
N THR J 273 32.30 -36.27 66.44
CA THR J 273 32.10 -36.44 65.00
C THR J 273 31.17 -35.32 64.53
N CYS J 274 31.65 -34.48 63.62
CA CYS J 274 30.95 -33.26 63.25
C CYS J 274 30.62 -33.28 61.77
N ARG J 275 29.47 -32.69 61.43
CA ARG J 275 28.99 -32.66 60.05
C ARG J 275 28.65 -31.23 59.68
N CYS J 276 29.35 -30.69 58.69
CA CYS J 276 29.15 -29.32 58.24
C CYS J 276 28.28 -29.33 56.99
N ASP J 277 27.29 -28.44 56.95
CA ASP J 277 26.35 -28.39 55.84
C ASP J 277 25.95 -26.94 55.57
N THR J 278 26.02 -26.53 54.31
CA THR J 278 25.60 -25.19 53.91
C THR J 278 24.10 -25.23 53.68
N VAL J 279 23.35 -24.45 54.45
CA VAL J 279 21.90 -24.53 54.42
C VAL J 279 21.34 -23.32 53.71
N VAL J 280 22.12 -22.24 53.65
CA VAL J 280 21.72 -21.06 52.89
C VAL J 280 22.90 -20.58 52.06
N SER J 281 22.64 -20.27 50.79
CA SER J 281 23.65 -19.78 49.86
C SER J 281 23.04 -18.74 48.96
N CYS J 282 23.31 -17.47 49.23
CA CYS J 282 22.79 -16.36 48.42
C CYS J 282 23.95 -15.51 47.92
N GLU J 283 24.33 -15.74 46.66
CA GLU J 283 25.24 -14.87 45.91
C GLU J 283 26.47 -14.44 46.72
N GLY J 284 27.10 -15.40 47.40
CA GLY J 284 28.31 -15.14 48.15
C GLY J 284 28.15 -15.04 49.64
N TYR J 285 26.93 -15.12 50.17
CA TYR J 285 26.71 -15.11 51.61
C TYR J 285 26.08 -16.44 52.00
N VAL J 286 26.66 -17.12 52.99
CA VAL J 286 26.24 -18.47 53.34
C VAL J 286 25.88 -18.57 54.81
N VAL J 287 24.96 -19.48 55.09
CA VAL J 287 24.68 -19.99 56.43
C VAL J 287 25.01 -21.47 56.42
N LYS J 288 25.89 -21.88 57.35
CA LYS J 288 26.35 -23.25 57.52
C LYS J 288 25.87 -23.80 58.86
N ARG J 289 25.44 -25.06 58.85
CA ARG J 289 25.05 -25.81 60.04
C ARG J 289 26.09 -26.86 60.35
N ILE J 290 26.56 -26.90 61.60
CA ILE J 290 27.53 -27.87 62.06
C ILE J 290 26.90 -28.65 63.21
N THR J 291 26.66 -29.93 63.01
CA THR J 291 26.23 -30.79 64.10
C THR J 291 27.46 -31.39 64.77
N MET J 292 27.35 -31.63 66.06
CA MET J 292 28.45 -32.23 66.83
C MET J 292 27.89 -33.35 67.68
N SER J 293 28.53 -34.51 67.62
CA SER J 293 28.05 -35.68 68.33
C SER J 293 29.25 -36.36 68.99
N PRO J 294 29.15 -36.74 70.27
CA PRO J 294 30.28 -37.37 70.95
C PRO J 294 30.59 -38.74 70.36
N GLY J 295 31.87 -39.10 70.41
CA GLY J 295 32.34 -40.35 69.84
C GLY J 295 32.83 -40.20 68.42
N LEU J 296 33.65 -41.16 68.00
CA LEU J 296 34.20 -41.21 66.66
C LEU J 296 33.43 -42.22 65.83
N TYR J 297 32.85 -41.76 64.73
CA TYR J 297 31.98 -42.58 63.90
C TYR J 297 32.32 -42.38 62.43
N GLY J 298 32.33 -43.47 61.68
CA GLY J 298 32.52 -43.40 60.25
C GLY J 298 33.94 -43.04 59.86
N LYS J 299 34.10 -42.71 58.58
CA LYS J 299 35.38 -42.33 58.00
C LYS J 299 35.22 -40.99 57.31
N THR J 300 36.29 -40.20 57.31
CA THR J 300 36.32 -38.89 56.67
C THR J 300 37.12 -38.97 55.38
N THR J 301 36.71 -38.19 54.38
CA THR J 301 37.47 -38.08 53.14
C THR J 301 38.32 -36.81 53.07
N GLY J 302 37.99 -35.79 53.87
CA GLY J 302 38.70 -34.54 53.80
C GLY J 302 38.35 -33.68 52.61
N TYR J 303 37.16 -33.82 52.04
CA TYR J 303 36.75 -33.06 50.87
C TYR J 303 35.64 -32.10 51.24
N ALA J 304 35.82 -30.83 50.89
CA ALA J 304 34.81 -29.79 51.07
C ALA J 304 34.26 -29.40 49.70
N VAL J 305 32.93 -29.35 49.60
CA VAL J 305 32.24 -29.16 48.33
C VAL J 305 31.43 -27.87 48.39
N THR J 306 31.55 -27.06 47.34
CA THR J 306 30.74 -25.86 47.15
C THR J 306 29.88 -26.05 45.91
N HIS J 307 28.57 -25.92 46.06
CA HIS J 307 27.66 -25.94 44.93
C HIS J 307 27.48 -24.52 44.40
N HIS J 308 27.59 -24.36 43.09
CA HIS J 308 27.53 -23.04 42.45
C HIS J 308 26.16 -22.87 41.83
N ALA J 309 25.29 -22.11 42.50
CA ALA J 309 24.02 -21.73 41.89
C ALA J 309 24.21 -20.62 40.88
N ASP J 310 25.22 -19.77 41.09
CA ASP J 310 25.63 -18.76 40.13
C ASP J 310 27.07 -19.05 39.72
N GLY J 311 27.47 -18.51 38.58
CA GLY J 311 28.82 -18.75 38.10
C GLY J 311 29.86 -18.17 39.04
N PHE J 312 30.93 -18.92 39.24
CA PHE J 312 32.10 -18.43 39.97
C PHE J 312 33.28 -18.34 39.01
N LEU J 313 33.94 -17.19 39.00
CA LEU J 313 35.06 -16.95 38.10
C LEU J 313 36.30 -16.59 38.88
N MET J 314 37.42 -17.21 38.54
CA MET J 314 38.73 -16.73 38.96
C MET J 314 39.58 -16.60 37.71
N CYS J 315 40.17 -15.44 37.51
CA CYS J 315 40.89 -15.17 36.27
CA CYS J 315 40.89 -15.19 36.27
C CYS J 315 42.18 -14.44 36.56
N LYS J 316 43.05 -14.40 35.56
CA LYS J 316 44.27 -13.60 35.59
CA LYS J 316 44.24 -13.59 35.66
C LYS J 316 43.95 -12.19 35.13
N THR J 317 44.39 -11.20 35.89
CA THR J 317 44.23 -9.81 35.47
C THR J 317 45.61 -9.16 35.49
N THR J 318 45.83 -8.26 34.54
CA THR J 318 47.05 -7.48 34.45
C THR J 318 46.72 -6.06 34.91
N ASP J 319 47.20 -5.70 36.09
CA ASP J 319 46.96 -4.38 36.66
C ASP J 319 48.28 -3.65 36.85
N THR J 320 48.19 -2.42 37.33
CA THR J 320 49.34 -1.58 37.63
C THR J 320 49.31 -1.27 39.13
N VAL J 321 50.21 -1.89 39.88
CA VAL J 321 50.32 -1.68 41.33
C VAL J 321 51.48 -0.73 41.58
N ASP J 322 51.16 0.45 42.12
CA ASP J 322 52.16 1.49 42.42
C ASP J 322 53.02 1.81 41.21
N GLY J 323 52.40 1.78 40.03
CA GLY J 323 53.10 2.07 38.80
C GLY J 323 53.64 0.86 38.07
N GLU J 324 53.86 -0.25 38.75
CA GLU J 324 54.51 -1.42 38.16
C GLU J 324 53.45 -2.38 37.65
N ARG J 325 53.59 -2.82 36.40
CA ARG J 325 52.61 -3.70 35.80
C ARG J 325 52.83 -5.13 36.29
N VAL J 326 51.80 -5.74 36.86
CA VAL J 326 51.85 -7.08 37.40
C VAL J 326 50.58 -7.82 37.00
N SER J 327 50.59 -9.13 37.22
CA SER J 327 49.43 -9.98 36.99
C SER J 327 49.09 -10.72 38.28
N PHE J 328 47.79 -10.82 38.58
CA PHE J 328 47.35 -11.58 39.75
C PHE J 328 45.94 -12.09 39.49
N SER J 329 45.52 -13.04 40.31
CA SER J 329 44.21 -13.66 40.15
C SER J 329 43.12 -12.87 40.87
N VAL J 330 41.98 -12.72 40.19
CA VAL J 330 40.83 -11.97 40.68
C VAL J 330 39.60 -12.85 40.54
N CYS J 331 38.81 -12.96 41.60
CA CYS J 331 37.61 -13.80 41.60
C CYS J 331 36.36 -12.94 41.69
N THR J 332 35.24 -13.52 41.28
CA THR J 332 33.96 -12.83 41.26
C THR J 332 32.84 -13.85 41.08
N TYR J 333 31.61 -13.38 41.29
CA TYR J 333 30.41 -14.16 41.04
C TYR J 333 29.63 -13.53 39.89
N VAL J 334 29.04 -14.36 39.05
CA VAL J 334 28.32 -13.93 37.86
C VAL J 334 26.92 -14.52 37.94
N PRO J 335 25.87 -13.73 37.70
CA PRO J 335 24.50 -14.27 37.74
C PRO J 335 24.31 -15.43 36.77
N ALA J 336 23.53 -16.42 37.19
CA ALA J 336 23.35 -17.62 36.40
C ALA J 336 22.69 -17.35 35.06
N THR J 337 21.81 -16.34 35.00
CA THR J 337 21.19 -16.00 33.72
C THR J 337 22.21 -15.48 32.73
N ILE J 338 23.17 -14.66 33.20
CA ILE J 338 24.24 -14.18 32.33
C ILE J 338 25.10 -15.34 31.85
N CYS J 339 25.44 -16.26 32.77
CA CYS J 339 26.25 -17.41 32.41
C CYS J 339 25.55 -18.28 31.37
N ASP J 340 24.25 -18.49 31.53
CA ASP J 340 23.49 -19.28 30.56
C ASP J 340 23.42 -18.57 29.21
N GLN J 341 23.28 -17.24 29.22
CA GLN J 341 23.14 -16.50 27.98
C GLN J 341 24.44 -16.42 27.19
N MET J 342 25.57 -16.80 27.78
CA MET J 342 26.85 -16.77 27.08
C MET J 342 27.32 -18.15 26.64
N THR J 343 26.48 -19.18 26.77
CA THR J 343 26.87 -20.53 26.38
C THR J 343 27.15 -20.63 24.88
N GLY J 344 26.29 -20.02 24.06
CA GLY J 344 26.48 -20.10 22.62
C GLY J 344 27.69 -19.32 22.14
N ILE J 345 27.92 -18.13 22.73
CA ILE J 345 29.06 -17.32 22.33
C ILE J 345 30.37 -17.99 22.71
N LEU J 346 30.41 -18.68 23.83
CA LEU J 346 31.67 -19.25 24.32
C LEU J 346 32.06 -20.52 23.58
N ALA J 347 31.25 -20.94 22.59
CA ALA J 347 31.62 -22.08 21.76
C ALA J 347 32.77 -21.75 20.83
N THR J 348 32.95 -20.47 20.50
CA THR J 348 34.01 -19.99 19.62
C THR J 348 34.96 -19.10 20.42
N GLU J 349 36.17 -18.92 19.90
CA GLU J 349 37.10 -17.96 20.48
C GLU J 349 36.55 -16.55 20.26
N VAL J 350 36.40 -15.81 21.34
CA VAL J 350 35.84 -14.47 21.30
C VAL J 350 36.86 -13.51 21.90
N THR J 351 37.03 -12.36 21.28
CA THR J 351 37.89 -11.33 21.83
C THR J 351 37.27 -10.75 23.09
N PRO J 352 38.08 -10.25 24.02
CA PRO J 352 37.52 -9.62 25.22
C PRO J 352 36.65 -8.42 24.95
N GLU J 353 36.91 -7.68 23.86
CA GLU J 353 36.07 -6.54 23.51
C GLU J 353 34.69 -6.99 23.04
N ASP J 354 34.65 -8.01 22.19
CA ASP J 354 33.35 -8.53 21.75
C ASP J 354 32.59 -9.14 22.92
N ALA J 355 33.28 -9.86 23.79
CA ALA J 355 32.64 -10.43 24.97
C ALA J 355 32.11 -9.33 25.90
N GLN J 356 32.88 -8.25 26.05
CA GLN J 356 32.42 -7.13 26.87
C GLN J 356 31.19 -6.48 26.28
N LYS J 357 31.17 -6.28 24.96
CA LYS J 357 30.01 -5.67 24.32
C LYS J 357 28.79 -6.57 24.44
N LEU J 358 28.98 -7.90 24.32
CA LEU J 358 27.87 -8.82 24.51
C LEU J 358 27.37 -8.81 25.95
N LEU J 359 28.28 -8.78 26.92
CA LEU J 359 27.87 -8.74 28.33
C LEU J 359 27.13 -7.46 28.65
N VAL J 360 27.55 -6.35 28.05
CA VAL J 360 26.86 -5.09 28.25
C VAL J 360 25.47 -5.15 27.62
N GLY J 361 25.36 -5.80 26.46
CA GLY J 361 24.05 -6.02 25.86
C GLY J 361 23.12 -6.83 26.75
N LEU J 362 23.64 -7.91 27.34
CA LEU J 362 22.79 -8.76 28.17
C LEU J 362 22.42 -8.08 29.47
N ASN J 363 23.17 -7.06 29.89
CA ASN J 363 22.87 -6.26 31.06
C ASN J 363 21.96 -5.08 30.74
N GLN J 364 21.25 -5.13 29.62
CA GLN J 364 20.42 -4.04 29.13
C GLN J 364 21.23 -2.76 28.95
N THR J 376 18.48 -0.34 34.08
CA THR J 376 18.69 -1.38 35.08
C THR J 376 19.80 -2.33 34.66
N ASN J 377 20.42 -2.99 35.63
CA ASN J 377 21.55 -3.87 35.39
C ASN J 377 21.37 -5.17 36.16
N THR J 378 21.63 -6.30 35.50
CA THR J 378 21.58 -7.59 36.18
C THR J 378 22.79 -7.78 37.09
N MET J 379 23.97 -7.38 36.62
CA MET J 379 25.18 -7.45 37.42
CA MET J 379 25.19 -7.45 37.42
C MET J 379 25.87 -6.10 37.42
N LYS J 380 26.72 -5.89 38.42
CA LYS J 380 27.46 -4.64 38.52
C LYS J 380 28.34 -4.44 37.30
N ASN J 381 28.48 -3.19 36.87
CA ASN J 381 29.21 -2.94 35.63
C ASN J 381 30.71 -2.89 35.85
N TYR J 382 31.17 -2.49 37.04
CA TYR J 382 32.60 -2.39 37.28
C TYR J 382 33.29 -3.74 37.19
N MET J 383 32.54 -4.83 37.33
CA MET J 383 33.10 -6.16 37.23
C MET J 383 33.02 -6.72 35.81
N ILE J 384 32.26 -6.06 34.92
CA ILE J 384 32.04 -6.62 33.58
C ILE J 384 33.32 -6.78 32.78
N PRO J 385 34.25 -5.79 32.73
CA PRO J 385 35.47 -5.99 31.93
C PRO J 385 36.25 -7.24 32.27
N VAL J 386 36.65 -7.39 33.54
CA VAL J 386 37.46 -8.54 33.91
C VAL J 386 36.71 -9.84 33.59
N VAL J 387 35.42 -9.90 33.90
CA VAL J 387 34.60 -11.06 33.54
C VAL J 387 34.70 -11.33 32.05
N ALA J 388 34.52 -10.29 31.24
CA ALA J 388 34.65 -10.44 29.80
C ALA J 388 36.00 -11.05 29.46
N GLN J 389 37.07 -10.46 29.99
CA GLN J 389 38.40 -11.00 29.77
C GLN J 389 38.43 -12.46 30.17
N ALA J 390 37.94 -12.76 31.37
CA ALA J 390 37.88 -14.15 31.84
C ALA J 390 37.23 -15.04 30.80
N PHE J 391 36.01 -14.69 30.39
CA PHE J 391 35.30 -15.55 29.45
C PHE J 391 36.13 -15.77 28.21
N SER J 392 36.70 -14.68 27.67
CA SER J 392 37.51 -14.81 26.47
C SER J 392 38.59 -15.84 26.66
N LYS J 393 39.38 -15.71 27.72
CA LYS J 393 40.45 -16.66 27.98
C LYS J 393 39.89 -18.06 28.09
N TRP J 394 38.82 -18.22 28.86
CA TRP J 394 38.23 -19.54 29.02
C TRP J 394 37.86 -20.13 27.68
N ALA J 395 37.20 -19.34 26.83
CA ALA J 395 36.81 -19.85 25.52
C ALA J 395 38.04 -20.38 24.79
N LYS J 396 39.08 -19.54 24.72
CA LYS J 396 40.29 -19.94 24.03
C LYS J 396 40.82 -21.26 24.58
N GLU J 397 40.92 -21.34 25.92
CA GLU J 397 41.50 -22.54 26.51
C GLU J 397 40.71 -23.78 26.13
N CYS J 398 39.38 -23.68 26.13
CA CYS J 398 38.58 -24.85 25.78
C CYS J 398 38.94 -25.34 24.39
N ARG J 399 39.09 -24.41 23.44
CA ARG J 399 39.41 -24.81 22.08
C ARG J 399 40.78 -25.50 22.02
N LYS J 400 41.73 -25.02 22.81
CA LYS J 400 43.03 -25.69 22.83
C LYS J 400 42.87 -27.13 23.27
N ASP J 401 42.03 -27.36 24.28
CA ASP J 401 41.76 -28.73 24.72
C ASP J 401 41.17 -29.56 23.59
N MET J 402 40.31 -28.94 22.77
CA MET J 402 39.75 -29.66 21.65
C MET J 402 40.80 -29.89 20.57
N GLU J 403 41.75 -28.95 20.42
CA GLU J 403 42.77 -29.10 19.40
C GLU J 403 43.77 -30.18 19.77
N ASP J 404 44.23 -30.19 21.01
CA ASP J 404 45.19 -31.18 21.48
C ASP J 404 44.47 -32.40 22.08
N GLU J 405 43.70 -33.07 21.23
CA GLU J 405 42.98 -34.27 21.66
C GLU J 405 43.97 -35.40 21.92
N LYS J 406 43.96 -35.94 23.13
CA LYS J 406 44.88 -36.98 23.55
C LYS J 406 44.25 -38.36 23.40
N LEU J 407 45.03 -39.39 23.69
CA LEU J 407 44.58 -40.76 23.60
C LEU J 407 44.06 -41.22 24.95
N LEU J 408 43.08 -42.12 24.94
CA LEU J 408 42.52 -42.67 26.17
C LEU J 408 43.47 -43.63 26.85
N GLY J 409 43.50 -43.58 28.19
CA GLY J 409 44.31 -44.48 28.98
C GLY J 409 45.80 -44.24 28.90
N VAL J 410 46.22 -43.07 28.42
CA VAL J 410 47.64 -42.78 28.21
C VAL J 410 47.96 -41.46 28.92
N ARG J 411 49.25 -41.29 29.20
CA ARG J 411 49.74 -40.07 29.85
C ARG J 411 51.22 -39.93 29.47
N GLU J 412 51.51 -39.02 28.55
CA GLU J 412 52.87 -38.91 28.01
C GLU J 412 53.83 -38.37 29.06
N ARG J 413 54.92 -39.10 29.31
CA ARG J 413 55.91 -38.70 30.30
C ARG J 413 57.30 -38.82 29.69
N THR J 414 58.19 -37.94 30.13
CA THR J 414 59.56 -37.88 29.64
C THR J 414 60.54 -37.97 30.80
N LEU J 415 61.52 -38.85 30.66
CA LEU J 415 62.53 -39.06 31.69
C LEU J 415 63.56 -37.94 31.67
N THR J 416 64.22 -37.74 32.81
CA THR J 416 65.22 -36.68 32.99
C THR J 416 66.50 -37.23 33.57
N CYS J 417 66.96 -38.38 33.05
CA CYS J 417 68.17 -39.05 33.52
C CYS J 417 68.11 -39.33 35.02
N CYS J 418 66.94 -39.77 35.48
CA CYS J 418 66.74 -40.08 36.89
C CYS J 418 65.55 -41.01 37.00
N CYS J 419 65.25 -41.42 38.24
CA CYS J 419 64.03 -42.18 38.48
C CYS J 419 62.89 -41.20 38.74
N LEU J 420 62.74 -40.22 37.84
CA LEU J 420 61.65 -39.27 37.85
C LEU J 420 61.40 -38.83 36.41
N TRP J 421 60.16 -38.42 36.15
CA TRP J 421 59.67 -38.21 34.80
C TRP J 421 58.72 -37.02 34.78
N ALA J 422 58.96 -36.09 33.86
CA ALA J 422 58.19 -34.85 33.78
C ALA J 422 57.22 -34.90 32.60
N PHE J 423 56.41 -33.86 32.47
CA PHE J 423 55.45 -33.71 31.40
C PHE J 423 55.06 -32.23 31.34
N LYS J 424 54.37 -31.85 30.26
CA LYS J 424 54.03 -30.47 30.03
C LYS J 424 52.74 -30.12 30.75
N LYS J 425 52.78 -29.06 31.57
CA LYS J 425 51.61 -28.52 32.24
C LYS J 425 51.06 -27.37 31.41
N GLN J 426 49.80 -27.46 31.02
CA GLN J 426 49.20 -26.43 30.19
C GLN J 426 48.99 -25.16 31.00
N LYS J 427 48.91 -24.03 30.29
CA LYS J 427 48.62 -22.76 30.92
C LYS J 427 47.12 -22.67 31.20
N THR J 428 46.78 -22.21 32.42
CA THR J 428 45.40 -22.08 32.86
C THR J 428 45.23 -20.68 33.43
N HIS J 429 44.53 -19.82 32.69
CA HIS J 429 44.33 -18.45 33.09
C HIS J 429 42.91 -18.16 33.57
N THR J 430 42.04 -19.17 33.60
CA THR J 430 40.66 -18.98 34.04
C THR J 430 40.12 -20.26 34.62
N VAL J 431 39.61 -20.18 35.85
CA VAL J 431 38.76 -21.20 36.44
C VAL J 431 37.34 -20.68 36.40
N TYR J 432 36.46 -21.41 35.73
CA TYR J 432 35.07 -21.00 35.52
C TYR J 432 34.16 -22.12 36.00
N LYS J 433 33.61 -21.96 37.21
CA LYS J 433 32.64 -22.91 37.74
C LYS J 433 31.26 -22.43 37.32
N ARG J 434 30.70 -23.09 36.32
CA ARG J 434 29.42 -22.71 35.78
C ARG J 434 28.30 -23.03 36.78
N PRO J 435 27.13 -22.42 36.63
CA PRO J 435 26.00 -22.76 37.49
C PRO J 435 25.69 -24.24 37.41
N ASP J 436 25.36 -24.82 38.57
CA ASP J 436 25.06 -26.24 38.74
C ASP J 436 26.29 -27.12 38.68
N THR J 437 27.47 -26.58 38.96
CA THR J 437 28.68 -27.36 39.15
C THR J 437 29.10 -27.29 40.61
N GLN J 438 30.13 -28.06 40.95
CA GLN J 438 30.60 -28.12 42.33
C GLN J 438 32.12 -28.03 42.37
N SER J 439 32.63 -27.13 43.20
CA SER J 439 34.04 -27.13 43.55
C SER J 439 34.28 -28.15 44.64
N ILE J 440 35.35 -28.93 44.50
CA ILE J 440 35.73 -29.91 45.50
C ILE J 440 37.19 -29.68 45.88
N GLN J 441 37.44 -29.41 47.15
CA GLN J 441 38.76 -29.11 47.66
C GLN J 441 39.13 -30.13 48.71
N LYS J 442 40.41 -30.38 48.88
CA LYS J 442 40.87 -31.39 49.82
C LYS J 442 41.48 -30.65 51.01
N VAL J 443 40.79 -30.74 52.16
CA VAL J 443 41.16 -30.01 53.36
C VAL J 443 41.34 -31.00 54.49
N GLN J 444 41.87 -30.50 55.61
CA GLN J 444 42.05 -31.33 56.78
C GLN J 444 40.69 -31.73 57.35
N ALA J 445 40.58 -32.99 57.78
CA ALA J 445 39.35 -33.49 58.38
C ALA J 445 39.55 -34.16 59.73
N GLU J 446 40.80 -34.36 60.16
CA GLU J 446 41.10 -34.95 61.46
C GLU J 446 41.83 -33.91 62.28
N PHE J 447 41.13 -33.35 63.27
CA PHE J 447 41.69 -32.32 64.14
C PHE J 447 41.93 -32.90 65.52
N ASP J 448 43.17 -32.79 65.98
CA ASP J 448 43.54 -33.32 67.29
C ASP J 448 44.36 -32.38 68.14
N SER J 449 44.81 -31.25 67.62
CA SER J 449 45.66 -30.31 68.36
C SER J 449 44.91 -29.01 68.55
N PHE J 450 44.12 -28.93 69.62
CA PHE J 450 43.43 -27.71 69.99
C PHE J 450 44.12 -26.99 71.15
N VAL J 451 45.23 -27.53 71.65
CA VAL J 451 45.93 -26.93 72.78
C VAL J 451 46.83 -25.78 72.36
N VAL J 452 46.83 -25.41 71.09
CA VAL J 452 47.59 -24.27 70.62
C VAL J 452 46.98 -22.98 71.14
N SER J 458 39.73 -10.57 80.29
CA SER J 458 40.20 -9.39 80.98
C SER J 458 40.64 -8.28 80.01
N GLY J 459 39.68 -7.76 79.25
CA GLY J 459 40.01 -6.74 78.27
C GLY J 459 39.10 -5.52 78.32
N LEU J 460 38.70 -5.12 79.52
CA LEU J 460 37.81 -3.98 79.71
C LEU J 460 38.41 -3.04 80.76
N SER J 461 38.44 -1.76 80.44
CA SER J 461 39.11 -0.76 81.27
C SER J 461 38.13 -0.12 82.24
N ILE J 462 38.66 0.51 83.29
CA ILE J 462 37.81 1.12 84.33
C ILE J 462 36.96 2.26 83.77
N PRO J 463 37.51 3.20 82.97
CA PRO J 463 36.65 4.22 82.38
C PRO J 463 35.45 3.71 81.62
N LEU J 464 35.62 2.63 80.84
CA LEU J 464 34.47 2.06 80.14
C LEU J 464 33.51 1.41 81.13
N ARG J 465 34.03 0.85 82.22
CA ARG J 465 33.17 0.30 83.26
C ARG J 465 32.28 1.39 83.87
N THR J 466 32.87 2.56 84.15
CA THR J 466 32.05 3.66 84.68
C THR J 466 31.07 4.17 83.64
N ARG J 467 31.51 4.27 82.38
CA ARG J 467 30.61 4.71 81.32
C ARG J 467 29.40 3.80 81.17
N ILE J 468 29.62 2.48 81.21
CA ILE J 468 28.53 1.53 81.00
C ILE J 468 27.48 1.65 82.10
N LYS J 469 27.93 1.85 83.34
CA LYS J 469 27.00 1.99 84.47
C LYS J 469 26.13 3.24 84.36
N PRO K 3 7.54 15.65 57.28
CA PRO K 3 7.79 16.45 56.09
C PRO K 3 8.84 17.52 56.31
N VAL K 4 9.94 17.45 55.57
CA VAL K 4 11.01 18.43 55.63
C VAL K 4 10.98 19.25 54.35
N TYR K 5 10.91 20.57 54.49
CA TYR K 5 10.82 21.48 53.36
C TYR K 5 12.20 22.03 53.03
N VAL K 6 12.57 21.94 51.75
CA VAL K 6 13.88 22.35 51.28
C VAL K 6 13.68 23.48 50.28
N ASP K 7 14.53 24.50 50.37
CA ASP K 7 14.45 25.67 49.51
C ASP K 7 15.19 25.37 48.19
N ILE K 8 14.55 24.52 47.37
CA ILE K 8 15.05 24.20 46.05
C ILE K 8 13.88 24.19 45.07
N ASP K 9 14.21 24.25 43.78
CA ASP K 9 13.18 24.28 42.76
C ASP K 9 12.42 22.96 42.72
N ALA K 10 11.14 23.04 42.34
CA ALA K 10 10.29 21.85 42.35
C ALA K 10 10.70 20.88 41.26
N ASP K 11 11.22 21.38 40.15
CA ASP K 11 11.63 20.54 39.03
C ASP K 11 13.11 20.15 39.09
N SER K 12 13.82 20.52 40.16
CA SER K 12 15.23 20.22 40.26
C SER K 12 15.46 18.72 40.35
N ALA K 13 16.49 18.24 39.66
CA ALA K 13 16.84 16.83 39.69
C ALA K 13 17.58 16.43 40.96
N PHE K 14 18.04 17.39 41.74
CA PHE K 14 18.65 17.09 43.04
C PHE K 14 17.64 16.58 44.04
N LEU K 15 16.34 16.76 43.78
CA LEU K 15 15.31 16.30 44.71
C LEU K 15 15.34 14.78 44.86
N LYS K 16 15.48 14.07 43.74
CA LYS K 16 15.53 12.61 43.81
C LYS K 16 16.76 12.14 44.56
N ALA K 17 17.91 12.78 44.32
CA ALA K 17 19.13 12.42 45.05
C ALA K 17 18.98 12.67 46.55
N LEU K 18 18.36 13.79 46.92
CA LEU K 18 18.14 14.09 48.33
C LEU K 18 17.19 13.08 48.96
N GLN K 19 16.15 12.68 48.21
CA GLN K 19 15.20 11.70 48.72
C GLN K 19 15.88 10.34 48.90
N ARG K 20 16.76 9.97 47.99
CA ARG K 20 17.50 8.72 48.14
C ARG K 20 18.47 8.79 49.30
N ALA K 21 19.08 9.94 49.53
CA ALA K 21 20.03 10.08 50.64
C ALA K 21 19.33 10.08 51.98
N TYR K 22 18.08 10.55 52.04
CA TYR K 22 17.31 10.62 53.27
C TYR K 22 15.98 9.91 53.06
N PRO K 23 15.98 8.58 53.05
CA PRO K 23 14.72 7.85 52.86
C PRO K 23 13.79 7.90 54.06
N MET K 24 14.28 8.32 55.22
CA MET K 24 13.48 8.40 56.44
C MET K 24 12.69 9.70 56.55
N PHE K 25 12.82 10.60 55.58
CA PHE K 25 12.11 11.87 55.59
C PHE K 25 11.26 11.98 54.34
N GLU K 26 10.27 12.86 54.41
CA GLU K 26 9.47 13.22 53.24
C GLU K 26 9.95 14.59 52.78
N VAL K 27 10.78 14.60 51.73
CA VAL K 27 11.43 15.82 51.26
C VAL K 27 10.49 16.52 50.30
N GLU K 28 10.16 17.78 50.61
CA GLU K 28 9.27 18.58 49.80
C GLU K 28 9.95 19.88 49.41
N PRO K 29 9.93 20.25 48.13
CA PRO K 29 10.57 21.50 47.72
C PRO K 29 9.67 22.70 47.97
N ARG K 30 10.21 23.71 48.63
CA ARG K 30 9.52 24.97 48.90
C ARG K 30 10.51 26.09 48.61
N GLN K 31 10.53 26.56 47.37
CA GLN K 31 11.54 27.53 46.95
C GLN K 31 11.10 28.94 47.32
N VAL K 32 11.93 29.63 48.09
CA VAL K 32 11.63 30.99 48.51
C VAL K 32 12.70 31.99 48.10
N THR K 33 13.92 31.57 47.77
CA THR K 33 15.00 32.45 47.38
C THR K 33 15.74 31.84 46.20
N PRO K 34 16.37 32.67 45.36
CA PRO K 34 17.14 32.17 44.22
C PRO K 34 18.59 31.86 44.57
N ASN K 35 18.79 31.00 45.56
CA ASN K 35 20.13 30.70 46.05
C ASN K 35 20.92 29.94 44.99
N ASP K 36 22.16 30.36 44.76
CA ASP K 36 23.01 29.64 43.81
C ASP K 36 23.73 28.45 44.45
N HIS K 37 23.67 28.30 45.77
CA HIS K 37 24.13 27.11 46.45
C HIS K 37 22.99 26.48 47.24
N ALA K 38 21.82 26.39 46.60
CA ALA K 38 20.64 25.88 47.28
C ALA K 38 20.78 24.42 47.67
N ASN K 39 21.45 23.63 46.83
CA ASN K 39 21.57 22.20 47.09
C ASN K 39 22.42 21.91 48.31
N ALA K 40 23.52 22.66 48.48
CA ALA K 40 24.37 22.46 49.66
C ALA K 40 23.63 22.81 50.94
N ARG K 41 22.89 23.92 50.94
CA ARG K 41 22.10 24.30 52.09
C ARG K 41 21.00 23.27 52.38
N ALA K 42 20.36 22.75 51.33
CA ALA K 42 19.34 21.73 51.53
C ALA K 42 19.93 20.47 52.15
N PHE K 43 21.10 20.05 51.68
CA PHE K 43 21.75 18.88 52.27
C PHE K 43 22.11 19.12 53.73
N SER K 44 22.62 20.31 54.05
CA SER K 44 22.96 20.61 55.44
C SER K 44 21.72 20.60 56.33
N HIS K 45 20.62 21.17 55.83
CA HIS K 45 19.36 21.13 56.56
C HIS K 45 18.93 19.70 56.87
N LEU K 46 18.91 18.84 55.84
CA LEU K 46 18.47 17.47 56.05
C LEU K 46 19.43 16.73 56.97
N ALA K 47 20.73 17.03 56.88
CA ALA K 47 21.72 16.39 57.74
C ALA K 47 21.49 16.74 59.21
N ILE K 48 21.24 18.02 59.50
CA ILE K 48 21.00 18.39 60.89
C ILE K 48 19.70 17.78 61.40
N LYS K 49 18.69 17.66 60.52
CA LYS K 49 17.47 16.97 60.93
C LYS K 49 17.74 15.51 61.28
N LEU K 50 18.53 14.83 60.46
CA LEU K 50 18.88 13.43 60.74
C LEU K 50 19.65 13.31 62.05
N ILE K 51 20.60 14.21 62.28
CA ILE K 51 21.39 14.15 63.51
C ILE K 51 20.50 14.37 64.73
N GLU K 52 19.59 15.33 64.65
CA GLU K 52 18.65 15.55 65.75
C GLU K 52 17.77 14.32 65.96
N GLN K 53 17.33 13.68 64.88
CA GLN K 53 16.51 12.47 65.01
C GLN K 53 17.27 11.36 65.74
N GLU K 54 18.55 11.19 65.41
CA GLU K 54 19.31 10.06 65.95
C GLU K 54 19.61 10.19 67.44
N ILE K 55 19.96 11.38 67.91
CA ILE K 55 20.48 11.57 69.26
C ILE K 55 19.35 11.71 70.26
N ASP K 56 19.68 11.49 71.54
CA ASP K 56 18.70 11.57 72.61
C ASP K 56 18.30 13.02 72.87
N PRO K 57 17.00 13.30 73.03
CA PRO K 57 16.57 14.69 73.26
C PRO K 57 17.20 15.35 74.49
N ASP K 58 17.44 14.58 75.55
CA ASP K 58 18.00 15.16 76.76
C ASP K 58 19.49 15.42 76.67
N SER K 59 20.13 15.07 75.55
CA SER K 59 21.55 15.32 75.38
C SER K 59 21.83 16.81 75.17
N THR K 60 22.99 17.25 75.62
CA THR K 60 23.49 18.59 75.37
C THR K 60 24.49 18.52 74.22
N ILE K 61 24.31 19.35 73.20
CA ILE K 61 25.04 19.24 71.95
C ILE K 61 25.96 20.44 71.81
N LEU K 62 27.26 20.19 71.75
CA LEU K 62 28.21 21.23 71.39
C LEU K 62 28.12 21.48 69.89
N ASP K 63 27.98 22.75 69.51
CA ASP K 63 27.98 23.15 68.11
C ASP K 63 29.28 23.90 67.87
N ILE K 64 30.27 23.20 67.33
CA ILE K 64 31.59 23.78 67.14
C ILE K 64 31.58 24.66 65.90
N GLY K 65 32.08 25.88 66.05
CA GLY K 65 32.04 26.83 64.94
C GLY K 65 30.62 27.11 64.53
N SER K 66 29.77 27.37 65.51
CA SER K 66 28.34 27.43 65.27
C SER K 66 27.95 28.69 64.50
N ALA K 67 26.79 28.61 63.86
CA ALA K 67 26.05 29.77 63.36
C ALA K 67 24.77 29.81 64.19
N PRO K 68 24.73 30.58 65.28
CA PRO K 68 23.68 30.37 66.29
C PRO K 68 22.28 30.69 65.80
N ALA K 69 22.14 31.44 64.71
CA ALA K 69 20.82 31.75 64.20
C ALA K 69 20.09 30.53 63.64
N ARG K 70 20.82 29.45 63.41
CA ARG K 70 20.23 28.24 62.85
C ARG K 70 19.74 27.26 63.91
N ARG K 71 20.36 27.27 65.10
CA ARG K 71 19.89 26.47 66.22
C ARG K 71 18.85 27.20 67.07
N MET K 72 18.38 28.37 66.65
CA MET K 72 17.56 29.20 67.52
C MET K 72 16.08 28.83 67.43
N MET K 73 15.69 28.05 66.40
CA MET K 73 14.38 27.41 66.34
C MET K 73 14.43 25.91 66.63
N SER K 74 15.34 25.47 67.49
CA SER K 74 15.53 24.06 67.78
C SER K 74 15.17 23.77 69.23
N ASP K 75 14.41 22.69 69.44
CA ASP K 75 14.07 22.28 70.79
C ASP K 75 15.23 21.62 71.52
N ARG K 76 16.26 21.20 70.80
CA ARG K 76 17.43 20.59 71.42
C ARG K 76 18.23 21.62 72.21
N LYS K 77 19.10 21.12 73.09
CA LYS K 77 19.92 21.96 73.94
C LYS K 77 21.29 22.12 73.31
N TYR K 78 21.42 23.15 72.47
CA TYR K 78 22.66 23.46 71.78
C TYR K 78 23.49 24.43 72.61
N HIS K 79 24.79 24.18 72.67
CA HIS K 79 25.74 25.14 73.21
C HIS K 79 26.64 25.54 72.05
N CYS K 80 26.52 26.78 71.62
CA CYS K 80 27.18 27.25 70.41
C CYS K 80 28.56 27.81 70.76
N VAL K 81 29.60 27.30 70.10
CA VAL K 81 30.96 27.72 70.33
C VAL K 81 31.34 28.65 69.19
N CYS K 82 31.49 29.94 69.49
CA CYS K 82 31.69 30.98 68.48
C CYS K 82 32.93 31.78 68.80
N PRO K 83 34.11 31.33 68.35
CA PRO K 83 35.34 32.07 68.62
C PRO K 83 35.49 33.36 67.85
N MET K 84 34.66 33.58 66.82
CA MET K 84 34.72 34.79 66.00
C MET K 84 36.10 34.95 65.35
N ARG K 85 36.47 33.97 64.53
CA ARG K 85 37.77 33.95 63.89
C ARG K 85 37.69 34.17 62.38
N SER K 86 36.50 34.25 61.82
CA SER K 86 36.32 34.49 60.39
C SER K 86 35.58 35.80 60.18
N ALA K 87 35.88 36.44 59.04
CA ALA K 87 35.30 37.74 58.72
C ALA K 87 33.79 37.71 58.53
N GLU K 88 33.21 36.53 58.35
CA GLU K 88 31.77 36.40 58.17
C GLU K 88 31.03 36.12 59.48
N ASP K 89 31.74 36.05 60.59
CA ASP K 89 31.16 35.76 61.90
C ASP K 89 30.42 36.94 62.52
N PRO K 90 30.92 38.19 62.41
CA PRO K 90 30.14 39.31 62.97
C PRO K 90 28.75 39.42 62.36
N GLU K 91 28.63 39.18 61.06
CA GLU K 91 27.33 39.17 60.42
C GLU K 91 26.43 38.08 61.00
N ARG K 92 26.99 36.89 61.22
CA ARG K 92 26.20 35.79 61.75
C ARG K 92 25.74 36.08 63.18
N LEU K 93 26.60 36.68 63.99
CA LEU K 93 26.20 37.04 65.35
C LEU K 93 25.13 38.12 65.35
N ALA K 94 25.27 39.12 64.47
CA ALA K 94 24.25 40.16 64.38
C ALA K 94 22.93 39.59 63.91
N ASN K 95 22.96 38.66 62.96
CA ASN K 95 21.74 37.99 62.51
C ASN K 95 21.09 37.22 63.65
N TYR K 96 21.92 36.54 64.46
CA TYR K 96 21.40 35.83 65.63
C TYR K 96 20.70 36.78 66.58
N ALA K 97 21.34 37.92 66.87
CA ALA K 97 20.74 38.88 67.80
C ALA K 97 19.44 39.44 67.24
N ARG K 98 19.41 39.77 65.95
CA ARG K 98 18.20 40.32 65.35
C ARG K 98 17.07 39.31 65.37
N LYS K 99 17.36 38.05 65.08
CA LYS K 99 16.33 37.02 65.13
C LYS K 99 15.82 36.80 66.54
N LEU K 100 16.72 36.80 67.53
CA LEU K 100 16.27 36.66 68.91
C LEU K 100 15.35 37.81 69.32
N ALA K 101 15.72 39.03 68.94
CA ALA K 101 14.85 40.16 69.24
C ALA K 101 13.50 40.02 68.55
N SER K 102 13.50 39.57 67.29
CA SER K 102 12.25 39.38 66.58
C SER K 102 11.39 38.25 67.14
N ALA K 103 11.97 37.32 67.91
CA ALA K 103 11.20 36.25 68.53
C ALA K 103 11.23 36.31 70.05
N ALA K 104 11.46 37.49 70.63
CA ALA K 104 11.62 37.59 72.07
C ALA K 104 10.34 37.23 72.81
N GLY K 105 9.19 37.69 72.32
CA GLY K 105 7.93 37.42 72.97
C GLY K 105 6.88 36.88 72.02
N LYS K 106 7.34 36.15 71.01
CA LYS K 106 6.45 35.53 70.03
C LYS K 106 6.63 34.02 69.91
N VAL K 107 7.76 33.47 70.33
CA VAL K 107 7.98 32.04 70.40
C VAL K 107 8.15 31.67 71.86
N LEU K 108 7.36 30.71 72.34
CA LEU K 108 7.24 30.43 73.76
C LEU K 108 8.11 29.26 74.22
N ASP K 109 8.15 28.17 73.46
CA ASP K 109 8.77 26.92 73.89
C ASP K 109 10.09 26.64 73.19
N ARG K 110 10.81 27.68 72.77
CA ARG K 110 12.15 27.53 72.21
C ARG K 110 13.21 28.21 73.07
N ASN K 111 12.87 28.59 74.30
CA ASN K 111 13.82 29.14 75.27
C ASN K 111 14.49 30.39 74.71
N ILE K 112 13.70 31.28 74.12
CA ILE K 112 14.25 32.50 73.54
C ILE K 112 14.74 33.44 74.63
N SER K 113 13.98 33.56 75.72
CA SER K 113 14.40 34.41 76.83
C SER K 113 15.72 33.93 77.42
N GLY K 114 15.87 32.62 77.59
CA GLY K 114 17.15 32.10 78.05
C GLY K 114 18.28 32.45 77.11
N LYS K 115 18.06 32.32 75.80
CA LYS K 115 19.11 32.61 74.83
C LYS K 115 19.52 34.08 74.86
N ILE K 116 18.54 34.99 74.93
CA ILE K 116 18.92 36.41 74.98
C ILE K 116 19.64 36.71 76.29
N GLY K 117 19.25 36.03 77.38
CA GLY K 117 19.96 36.19 78.63
C GLY K 117 21.41 35.76 78.54
N ASP K 118 21.66 34.59 77.94
CA ASP K 118 23.03 34.13 77.77
C ASP K 118 23.83 35.04 76.85
N LEU K 119 23.21 35.52 75.77
CA LEU K 119 23.92 36.42 74.87
C LEU K 119 24.32 37.70 75.59
N GLN K 120 23.40 38.29 76.36
CA GLN K 120 23.75 39.47 77.15
C GLN K 120 24.82 39.16 78.18
N ALA K 121 24.78 37.95 78.75
CA ALA K 121 25.79 37.57 79.73
C ALA K 121 27.18 37.52 79.12
N VAL K 122 27.31 36.92 77.94
CA VAL K 122 28.63 36.86 77.30
C VAL K 122 29.06 38.24 76.82
N MET K 123 28.11 39.08 76.41
CA MET K 123 28.45 40.45 76.08
C MET K 123 28.99 41.19 77.31
N ALA K 124 28.41 40.95 78.48
CA ALA K 124 28.89 41.60 79.69
C ALA K 124 30.27 41.09 80.09
N VAL K 125 30.37 39.81 80.41
CA VAL K 125 31.63 39.15 80.72
C VAL K 125 31.95 38.21 79.55
N PRO K 126 33.03 38.44 78.81
CA PRO K 126 33.27 37.63 77.60
C PRO K 126 33.71 36.21 77.89
N ASP K 127 34.24 35.94 79.07
CA ASP K 127 34.74 34.62 79.41
C ASP K 127 33.70 33.73 80.10
N THR K 128 32.49 34.22 80.32
CA THR K 128 31.47 33.41 80.96
C THR K 128 31.03 32.28 80.02
N GLU K 129 30.73 31.12 80.60
CA GLU K 129 30.36 29.94 79.83
C GLU K 129 28.87 29.67 80.05
N THR K 130 28.05 30.28 79.20
CA THR K 130 26.61 30.16 79.31
C THR K 130 26.12 28.90 78.64
N PRO K 131 24.92 28.41 79.02
CA PRO K 131 24.47 27.10 78.52
C PRO K 131 24.27 27.04 77.01
N THR K 132 23.98 28.17 76.35
CA THR K 132 23.68 28.15 74.93
C THR K 132 24.64 28.96 74.08
N PHE K 133 25.60 29.67 74.67
CA PHE K 133 26.49 30.51 73.89
C PHE K 133 27.81 30.69 74.63
N CYS K 134 28.88 30.82 73.85
CA CYS K 134 30.19 31.15 74.38
C CYS K 134 31.06 31.66 73.24
N LEU K 135 32.08 32.43 73.59
CA LEU K 135 33.02 32.98 72.61
C LEU K 135 34.38 32.28 72.67
N HIS K 136 34.40 30.99 72.98
CA HIS K 136 35.64 30.25 73.08
C HIS K 136 35.87 29.45 71.80
N THR K 137 36.94 28.64 71.80
CA THR K 137 37.22 27.75 70.68
C THR K 137 36.85 26.32 71.08
N ASP K 138 37.09 25.39 70.16
CA ASP K 138 36.85 23.98 70.45
C ASP K 138 37.79 23.47 71.53
N VAL K 139 38.99 24.04 71.64
CA VAL K 139 39.98 23.58 72.60
C VAL K 139 40.00 24.43 73.87
N SER K 140 39.24 25.52 73.92
CA SER K 140 39.20 26.36 75.09
C SER K 140 37.82 26.46 75.74
N CYS K 141 36.79 25.94 75.10
CA CYS K 141 35.48 25.88 75.72
C CYS K 141 35.50 24.91 76.89
N ARG K 142 34.76 25.24 77.95
CA ARG K 142 34.72 24.43 79.15
C ARG K 142 33.41 23.68 79.32
N GLN K 143 32.41 23.93 78.47
CA GLN K 143 31.11 23.32 78.62
C GLN K 143 31.19 21.83 78.29
N ARG K 144 31.02 20.99 79.31
CA ARG K 144 30.93 19.56 79.10
C ARG K 144 29.62 19.22 78.37
N ALA K 145 29.67 18.22 77.51
CA ALA K 145 28.51 17.83 76.73
C ALA K 145 28.62 16.36 76.35
N ASP K 146 27.56 15.84 75.75
CA ASP K 146 27.53 14.45 75.29
C ASP K 146 27.66 14.30 73.79
N VAL K 147 27.29 15.32 73.02
CA VAL K 147 27.35 15.28 71.56
C VAL K 147 28.06 16.53 71.07
N ALA K 148 28.85 16.37 70.02
CA ALA K 148 29.48 17.49 69.33
C ALA K 148 29.08 17.43 67.86
N ILE K 149 28.95 18.60 67.24
CA ILE K 149 28.51 18.71 65.86
C ILE K 149 29.45 19.67 65.13
N TYR K 150 30.00 19.22 64.01
CA TYR K 150 30.82 20.06 63.13
C TYR K 150 30.06 20.19 61.82
N GLN K 151 29.45 21.34 61.58
CA GLN K 151 28.70 21.57 60.34
C GLN K 151 29.49 22.56 59.49
N ASP K 152 30.04 22.07 58.38
CA ASP K 152 30.85 22.87 57.46
C ASP K 152 32.01 23.55 58.18
N VAL K 153 32.69 22.78 59.02
CA VAL K 153 33.88 23.24 59.73
C VAL K 153 35.09 22.53 59.13
N TYR K 154 35.98 23.31 58.53
CA TYR K 154 37.21 22.80 57.94
C TYR K 154 38.45 23.45 58.50
N ALA K 155 38.33 24.34 59.48
CA ALA K 155 39.45 25.12 59.98
C ALA K 155 40.13 24.48 61.18
N VAL K 156 39.66 23.32 61.63
CA VAL K 156 40.21 22.66 62.81
C VAL K 156 40.90 21.38 62.39
N HIS K 157 41.95 21.02 63.13
CA HIS K 157 42.60 19.73 62.97
C HIS K 157 41.74 18.67 63.65
N ALA K 158 41.36 17.63 62.89
CA ALA K 158 40.34 16.71 63.37
C ALA K 158 40.74 15.96 64.63
N PRO K 159 41.90 15.29 64.71
CA PRO K 159 42.21 14.54 65.94
C PRO K 159 42.32 15.42 67.18
N THR K 160 42.92 16.61 67.07
CA THR K 160 43.06 17.48 68.24
C THR K 160 41.69 17.95 68.74
N SER K 161 40.83 18.39 67.81
CA SER K 161 39.50 18.83 68.18
C SER K 161 38.69 17.69 68.79
N LEU K 162 38.77 16.49 68.19
CA LEU K 162 38.02 15.36 68.70
C LEU K 162 38.52 14.94 70.08
N TYR K 163 39.84 14.95 70.30
CA TYR K 163 40.35 14.63 71.63
C TYR K 163 39.91 15.65 72.66
N HIS K 164 39.90 16.93 72.28
CA HIS K 164 39.49 17.96 73.23
C HIS K 164 38.01 17.86 73.55
N GLN K 165 37.20 17.43 72.58
CA GLN K 165 35.79 17.11 72.87
C GLN K 165 35.68 15.91 73.78
N ALA K 166 36.46 14.86 73.51
CA ALA K 166 36.33 13.60 74.23
C ALA K 166 36.72 13.74 75.70
N ILE K 167 37.77 14.52 75.99
CA ILE K 167 38.15 14.73 77.38
C ILE K 167 37.13 15.56 78.14
N LYS K 168 36.14 16.11 77.45
CA LYS K 168 35.03 16.82 78.06
C LYS K 168 33.78 15.94 78.15
N GLY K 169 33.90 14.64 77.92
CA GLY K 169 32.78 13.74 78.02
C GLY K 169 32.00 13.53 76.74
N VAL K 170 32.36 14.19 75.64
CA VAL K 170 31.65 14.00 74.40
C VAL K 170 31.92 12.59 73.89
N ARG K 171 30.86 11.87 73.55
CA ARG K 171 30.97 10.47 73.15
C ARG K 171 30.49 10.24 71.73
N LEU K 172 29.81 11.22 71.13
CA LEU K 172 29.38 11.17 69.75
C LEU K 172 29.70 12.50 69.10
N ALA K 173 30.28 12.45 67.91
CA ALA K 173 30.57 13.64 67.13
C ALA K 173 30.05 13.42 65.71
N TYR K 174 29.62 14.51 65.09
CA TYR K 174 29.11 14.47 63.73
C TYR K 174 29.82 15.51 62.90
N TRP K 175 30.20 15.12 61.68
CA TRP K 175 30.86 16.03 60.75
C TRP K 175 30.08 16.05 59.45
N VAL K 176 29.58 17.22 59.08
CA VAL K 176 28.88 17.43 57.81
C VAL K 176 29.77 18.29 56.93
N GLY K 177 30.08 17.81 55.74
CA GLY K 177 30.93 18.60 54.87
C GLY K 177 31.13 17.93 53.53
N PHE K 178 31.84 18.65 52.65
CA PHE K 178 32.19 18.10 51.36
C PHE K 178 33.13 16.92 51.51
N ASP K 179 33.00 15.96 50.58
CA ASP K 179 33.80 14.75 50.63
C ASP K 179 35.29 15.08 50.56
N THR K 180 36.07 14.43 51.43
CA THR K 180 37.50 14.68 51.53
C THR K 180 38.33 13.77 50.63
N THR K 181 37.70 12.88 49.89
CA THR K 181 38.43 12.01 48.97
C THR K 181 39.21 12.76 47.89
N PRO K 182 38.66 13.78 47.23
CA PRO K 182 39.45 14.46 46.18
C PRO K 182 40.76 15.04 46.68
N PHE K 183 40.83 15.43 47.95
CA PHE K 183 42.07 15.95 48.51
C PHE K 183 42.98 14.85 49.03
N MET K 184 42.48 13.62 49.15
CA MET K 184 43.35 12.50 49.46
C MET K 184 44.09 11.99 48.22
N TYR K 185 43.55 12.27 47.04
CA TYR K 185 44.21 11.99 45.78
C TYR K 185 45.11 13.13 45.31
N ASN K 186 45.19 14.22 46.08
CA ASN K 186 46.09 15.34 45.79
C ASN K 186 45.78 16.00 44.44
N ALA K 187 44.49 16.17 44.15
CA ALA K 187 44.09 16.83 42.92
C ALA K 187 44.36 18.33 42.98
N MET K 188 44.77 18.89 41.83
CA MET K 188 45.04 20.33 41.77
C MET K 188 43.76 21.15 41.76
N ALA K 189 42.75 20.72 41.01
CA ALA K 189 41.47 21.40 40.95
C ALA K 189 40.39 20.34 40.89
N GLY K 190 39.15 20.77 41.07
CA GLY K 190 38.07 19.80 41.08
C GLY K 190 36.72 20.45 41.21
N ALA K 191 35.69 19.62 41.08
CA ALA K 191 34.31 20.07 41.09
C ALA K 191 33.44 19.13 41.89
N TYR K 192 32.50 19.69 42.62
CA TYR K 192 31.29 19.01 43.07
C TYR K 192 30.16 19.62 42.25
N PRO K 193 29.88 19.05 41.07
CA PRO K 193 28.94 19.70 40.14
C PRO K 193 27.50 19.70 40.61
N SER K 194 27.09 18.70 41.41
CA SER K 194 25.71 18.68 41.90
C SER K 194 25.43 19.86 42.82
N TYR K 195 26.44 20.37 43.50
CA TYR K 195 26.29 21.48 44.42
C TYR K 195 26.78 22.79 43.84
N SER K 196 27.04 22.84 42.53
CA SER K 196 27.57 24.01 41.85
C SER K 196 28.82 24.52 42.53
N THR K 197 29.67 23.59 42.96
CA THR K 197 30.87 23.95 43.72
C THR K 197 32.11 23.62 42.89
N ASN K 198 33.02 24.57 42.81
CA ASN K 198 34.29 24.36 42.13
C ASN K 198 35.41 24.82 43.04
N TRP K 199 36.45 24.01 43.17
CA TRP K 199 37.58 24.35 44.00
C TRP K 199 38.86 24.23 43.18
N ALA K 200 39.84 25.05 43.53
CA ALA K 200 41.08 25.07 42.77
C ALA K 200 42.24 25.42 43.68
N ASP K 201 43.40 24.85 43.39
CA ASP K 201 44.62 25.29 44.03
C ASP K 201 44.91 26.74 43.66
N GLU K 202 45.54 27.47 44.59
CA GLU K 202 45.80 28.88 44.34
C GLU K 202 46.68 29.10 43.13
N GLN K 203 47.51 28.11 42.78
CA GLN K 203 48.43 28.26 41.66
C GLN K 203 47.73 28.20 40.30
N VAL K 204 46.52 27.66 40.22
CA VAL K 204 45.86 27.47 38.94
C VAL K 204 44.59 28.33 38.82
N LEU K 205 44.45 29.34 39.69
CA LEU K 205 43.32 30.24 39.58
C LEU K 205 43.32 31.04 38.28
N LYS K 206 44.46 31.15 37.62
CA LYS K 206 44.55 31.86 36.35
C LYS K 206 44.53 30.92 35.15
N ALA K 207 43.95 29.73 35.31
CA ALA K 207 43.81 28.80 34.21
C ALA K 207 42.69 29.30 33.30
N LYS K 208 42.26 28.45 32.37
CA LYS K 208 41.29 28.86 31.36
C LYS K 208 40.04 27.99 31.33
N ASN K 209 40.16 26.69 31.59
CA ASN K 209 39.04 25.77 31.35
C ASN K 209 38.60 24.97 32.56
N ILE K 210 39.13 25.24 33.76
CA ILE K 210 38.62 24.58 34.95
C ILE K 210 37.42 25.36 35.46
N GLY K 211 36.71 24.80 36.43
CA GLY K 211 35.49 25.43 36.90
C GLY K 211 35.72 26.77 37.56
N LEU K 212 36.76 26.88 38.38
CA LEU K 212 37.04 28.08 39.15
C LEU K 212 38.35 28.69 38.65
N CYS K 213 38.26 29.66 37.75
CA CYS K 213 39.45 30.28 37.18
C CYS K 213 39.04 31.55 36.45
N SER K 214 40.04 32.40 36.20
CA SER K 214 39.86 33.58 35.36
C SER K 214 41.18 33.88 34.69
N THR K 215 41.18 33.91 33.36
CA THR K 215 42.37 34.27 32.60
C THR K 215 42.07 35.50 31.76
N ASP K 216 43.11 36.03 31.13
CA ASP K 216 43.00 37.18 30.25
C ASP K 216 43.16 36.73 28.81
N LEU K 217 42.96 37.67 27.90
CA LEU K 217 43.15 37.42 26.48
C LEU K 217 44.52 37.93 26.07
N THR K 218 45.35 37.04 25.53
CA THR K 218 46.72 37.39 25.19
C THR K 218 47.01 36.95 23.76
N GLU K 219 47.82 37.73 23.06
CA GLU K 219 48.23 37.37 21.71
C GLU K 219 49.31 36.30 21.70
N GLY K 220 50.13 36.21 22.74
CA GLY K 220 51.17 35.22 22.79
C GLY K 220 52.56 35.79 22.63
N ARG K 221 53.39 35.64 23.67
CA ARG K 221 54.73 36.18 23.66
C ARG K 221 55.70 35.13 24.18
N ARG K 222 56.93 35.17 23.69
CA ARG K 222 58.03 34.43 24.30
C ARG K 222 58.48 35.15 25.56
N GLY K 223 57.55 35.41 26.48
CA GLY K 223 57.83 36.21 27.64
C GLY K 223 57.30 35.65 28.95
N LYS K 224 56.62 36.51 29.71
CA LYS K 224 56.24 36.26 31.09
C LYS K 224 57.44 35.85 31.95
N LEU K 225 58.58 36.51 31.74
CA LEU K 225 59.80 36.18 32.48
C LEU K 225 59.60 36.46 33.97
N SER K 226 60.07 35.55 34.81
CA SER K 226 59.79 35.66 36.24
C SER K 226 61.05 35.39 37.05
N ILE K 227 60.93 35.62 38.36
CA ILE K 227 62.07 35.47 39.27
C ILE K 227 61.96 34.17 40.06
N MET K 228 60.83 33.49 39.96
CA MET K 228 60.65 32.24 40.70
C MET K 228 60.91 31.03 39.81
N ARG K 229 61.88 30.19 40.21
CA ARG K 229 62.20 28.97 39.46
C ARG K 229 61.08 27.96 39.72
N GLY K 230 59.92 28.23 39.11
CA GLY K 230 58.81 27.32 39.21
C GLY K 230 58.89 26.22 38.19
N LYS K 231 59.90 25.36 38.30
CA LYS K 231 60.06 24.23 37.41
C LYS K 231 59.07 23.12 37.72
N LYS K 232 58.45 23.13 38.89
CA LYS K 232 57.52 22.10 39.32
C LYS K 232 56.19 22.74 39.73
N LEU K 233 55.11 22.17 39.22
CA LEU K 233 53.74 22.60 39.54
C LEU K 233 53.08 21.49 40.35
N GLU K 234 53.09 21.63 41.66
CA GLU K 234 52.53 20.65 42.57
C GLU K 234 51.50 21.31 43.48
N PRO K 235 50.53 20.54 43.98
CA PRO K 235 49.52 21.13 44.86
C PRO K 235 50.12 21.67 46.15
N CYS K 236 49.78 22.90 46.47
CA CYS K 236 50.18 23.56 47.70
C CYS K 236 48.99 23.55 48.68
N ASP K 237 49.23 24.08 49.88
CA ASP K 237 48.27 23.94 50.96
C ASP K 237 46.98 24.70 50.69
N ARG K 238 47.08 25.93 50.20
CA ARG K 238 45.91 26.80 50.07
C ARG K 238 45.10 26.42 48.85
N VAL K 239 43.81 26.16 49.05
CA VAL K 239 42.86 25.96 47.97
C VAL K 239 41.72 26.95 48.16
N LEU K 240 41.02 27.24 47.07
CA LEU K 240 39.87 28.13 47.07
C LEU K 240 38.65 27.34 46.69
N PHE K 241 37.62 27.36 47.55
CA PHE K 241 36.31 26.81 47.27
C PHE K 241 35.40 27.93 46.83
N SER K 242 34.62 27.68 45.77
CA SER K 242 33.54 28.56 45.39
C SER K 242 32.28 27.70 45.37
N VAL K 243 31.42 27.91 46.36
CA VAL K 243 30.17 27.18 46.48
C VAL K 243 29.08 28.11 45.97
N GLY K 244 28.45 27.76 44.85
CA GLY K 244 27.67 28.75 44.15
C GLY K 244 28.53 29.95 43.83
N SER K 245 28.34 31.04 44.57
CA SER K 245 29.17 32.23 44.39
C SER K 245 29.83 32.71 45.68
N THR K 246 29.87 31.90 46.74
CA THR K 246 30.55 32.28 47.97
C THR K 246 31.89 31.58 48.04
N LEU K 247 32.93 32.34 48.39
CA LEU K 247 34.30 31.85 48.36
C LEU K 247 34.81 31.57 49.77
N TYR K 248 35.53 30.47 49.90
CA TYR K 248 36.14 30.06 51.16
C TYR K 248 37.55 29.52 50.95
N PRO K 249 38.55 30.10 51.58
CA PRO K 249 39.90 29.50 51.54
C PRO K 249 40.00 28.31 52.47
N GLU K 250 40.72 27.29 52.04
CA GLU K 250 40.88 26.06 52.80
C GLU K 250 42.33 25.63 52.80
N SER K 251 42.72 24.92 53.86
CA SER K 251 44.04 24.34 53.99
C SER K 251 43.96 22.85 53.70
N ARG K 252 44.88 22.35 52.88
CA ARG K 252 44.85 20.94 52.50
C ARG K 252 45.04 20.02 53.70
N LYS K 253 45.94 20.40 54.62
CA LYS K 253 46.19 19.58 55.80
C LYS K 253 44.94 19.45 56.66
N LEU K 254 44.26 20.57 56.89
CA LEU K 254 43.04 20.52 57.69
C LEU K 254 41.94 19.75 56.98
N LEU K 255 41.84 19.89 55.66
CA LEU K 255 40.84 19.12 54.91
C LEU K 255 41.12 17.62 55.01
N LYS K 256 42.39 17.23 54.85
CA LYS K 256 42.75 15.82 54.87
C LYS K 256 42.70 15.23 56.27
N SER K 257 42.83 16.06 57.31
CA SER K 257 42.77 15.54 58.67
C SER K 257 41.42 14.91 58.96
N TRP K 258 40.38 15.34 58.27
CA TRP K 258 39.03 14.82 58.47
C TRP K 258 38.74 13.56 57.69
N HIS K 259 39.69 13.11 56.86
CA HIS K 259 39.62 11.79 56.24
C HIS K 259 40.16 10.75 57.22
N LEU K 260 39.32 10.41 58.19
CA LEU K 260 39.75 9.58 59.30
C LEU K 260 39.61 8.10 58.96
N PRO K 261 40.39 7.24 59.61
CA PRO K 261 40.26 5.80 59.36
C PRO K 261 38.97 5.26 59.96
N SER K 262 38.71 3.98 59.68
CA SER K 262 37.54 3.34 60.26
C SER K 262 37.63 3.31 61.78
N VAL K 263 38.81 3.01 62.31
CA VAL K 263 39.06 3.03 63.75
C VAL K 263 40.40 3.69 64.00
N PHE K 264 40.48 4.49 65.07
CA PHE K 264 41.74 5.13 65.44
C PHE K 264 41.79 5.29 66.95
N HIS K 265 42.97 5.69 67.43
CA HIS K 265 43.23 5.82 68.87
C HIS K 265 43.76 7.22 69.15
N LEU K 266 43.17 7.88 70.14
CA LEU K 266 43.67 9.15 70.66
C LEU K 266 44.34 8.86 71.99
N LYS K 267 45.65 9.10 72.07
CA LYS K 267 46.47 8.71 73.21
C LYS K 267 47.05 9.95 73.87
N GLY K 268 46.34 10.50 74.85
CA GLY K 268 46.85 11.66 75.58
C GLY K 268 46.94 11.40 77.07
N LYS K 269 46.59 12.41 77.87
CA LYS K 269 46.45 12.18 79.30
C LYS K 269 45.37 11.14 79.57
N LEU K 270 44.27 11.24 78.85
CA LEU K 270 43.31 10.16 78.71
C LEU K 270 43.51 9.50 77.34
N SER K 271 42.80 8.38 77.14
N SER K 271 42.80 8.38 77.14
CA SER K 271 42.93 7.60 75.91
CA SER K 271 42.91 7.59 75.93
C SER K 271 41.54 7.20 75.43
C SER K 271 41.53 7.22 75.44
N PHE K 272 41.33 7.28 74.12
CA PHE K 272 40.03 7.00 73.53
C PHE K 272 40.18 6.16 72.29
N THR K 273 39.25 5.22 72.10
CA THR K 273 39.14 4.42 70.89
C THR K 273 37.96 4.95 70.10
N CYS K 274 38.21 5.45 68.90
CA CYS K 274 37.20 6.16 68.13
C CYS K 274 36.94 5.43 66.82
N ARG K 275 35.67 5.45 66.41
CA ARG K 275 35.23 4.79 65.20
C ARG K 275 34.56 5.82 64.30
N CYS K 276 35.09 5.99 63.09
CA CYS K 276 34.54 6.94 62.12
C CYS K 276 33.75 6.19 61.07
N ASP K 277 32.53 6.65 60.82
CA ASP K 277 31.63 6.01 59.88
C ASP K 277 30.91 7.06 59.05
N THR K 278 30.84 6.86 57.75
CA THR K 278 30.14 7.77 56.85
C THR K 278 28.69 7.31 56.74
N VAL K 279 27.77 8.08 57.33
CA VAL K 279 26.39 7.64 57.44
C VAL K 279 25.55 8.22 56.31
N VAL K 280 25.95 9.36 55.76
CA VAL K 280 25.26 9.93 54.61
C VAL K 280 26.29 10.30 53.55
N SER K 281 25.99 9.98 52.30
CA SER K 281 26.87 10.29 51.18
C SER K 281 26.00 10.62 49.96
N CYS K 282 26.01 11.88 49.54
CA CYS K 282 25.18 12.34 48.43
C CYS K 282 26.05 13.19 47.51
N GLU K 283 26.54 12.58 46.43
CA GLU K 283 27.15 13.27 45.30
C GLU K 283 28.22 14.27 45.73
N GLY K 284 29.02 13.89 46.71
CA GLY K 284 30.12 14.72 47.17
C GLY K 284 29.92 15.37 48.52
N TYR K 285 28.72 15.29 49.10
CA TYR K 285 28.48 15.87 50.42
C TYR K 285 28.22 14.73 51.39
N VAL K 286 28.93 14.70 52.51
CA VAL K 286 28.87 13.56 53.42
C VAL K 286 28.53 14.02 54.84
N VAL K 287 27.92 13.10 55.57
CA VAL K 287 27.78 13.16 57.02
C VAL K 287 28.49 11.95 57.60
N LYS K 288 29.47 12.22 58.46
CA LYS K 288 30.27 11.21 59.14
C LYS K 288 29.92 11.20 60.62
N ARG K 289 29.86 10.01 61.20
CA ARG K 289 29.55 9.81 62.60
C ARG K 289 30.76 9.20 63.29
N ILE K 290 31.23 9.84 64.36
CA ILE K 290 32.42 9.41 65.09
C ILE K 290 32.01 9.09 66.51
N THR K 291 32.11 7.82 66.89
CA THR K 291 31.93 7.43 68.28
C THR K 291 33.28 7.50 68.99
N MET K 292 33.23 7.79 70.29
CA MET K 292 34.44 7.88 71.10
C MET K 292 34.18 7.12 72.38
N SER K 293 35.14 6.31 72.82
CA SER K 293 35.00 5.47 73.98
C SER K 293 36.30 5.47 74.77
N PRO K 294 36.26 5.67 76.08
CA PRO K 294 37.51 5.70 76.85
C PRO K 294 38.18 4.34 76.87
N GLY K 295 39.51 4.37 76.98
CA GLY K 295 40.31 3.16 76.93
C GLY K 295 40.77 2.81 75.53
N LEU K 296 41.77 1.94 75.48
CA LEU K 296 42.32 1.46 74.22
C LEU K 296 41.92 0.01 74.00
N TYR K 297 41.22 -0.24 72.90
CA TYR K 297 40.78 -1.59 72.54
C TYR K 297 41.05 -1.84 71.07
N GLY K 298 41.32 -3.10 70.74
CA GLY K 298 41.57 -3.48 69.37
C GLY K 298 42.87 -2.93 68.84
N LYS K 299 43.06 -3.11 67.54
CA LYS K 299 44.21 -2.56 66.83
C LYS K 299 43.72 -1.87 65.55
N THR K 300 44.53 -0.95 65.05
CA THR K 300 44.17 -0.10 63.92
C THR K 300 45.02 -0.49 62.72
N THR K 301 44.39 -0.53 61.55
CA THR K 301 45.10 -0.73 60.29
C THR K 301 45.53 0.58 59.64
N GLY K 302 44.93 1.69 60.00
CA GLY K 302 45.25 2.96 59.37
C GLY K 302 44.68 3.15 57.98
N TYR K 303 43.60 2.47 57.64
CA TYR K 303 43.03 2.54 56.30
C TYR K 303 41.69 3.26 56.34
N ALA K 304 41.54 4.26 55.48
CA ALA K 304 40.29 4.98 55.29
C ALA K 304 39.69 4.57 53.96
N VAL K 305 38.40 4.23 53.97
CA VAL K 305 37.71 3.65 52.82
C VAL K 305 36.58 4.58 52.41
N THR K 306 36.50 4.88 51.12
CA THR K 306 35.41 5.64 50.53
C THR K 306 34.66 4.74 49.55
N HIS K 307 33.37 4.56 49.79
CA HIS K 307 32.53 3.81 48.85
C HIS K 307 32.01 4.77 47.80
N HIS K 308 31.99 4.32 46.55
CA HIS K 308 31.65 5.17 45.42
C HIS K 308 30.30 4.74 44.88
N ALA K 309 29.25 5.50 45.24
CA ALA K 309 27.94 5.25 44.65
C ALA K 309 27.85 5.83 43.25
N ASP K 310 28.54 6.94 43.01
CA ASP K 310 28.72 7.51 41.69
C ASP K 310 30.19 7.40 41.31
N GLY K 311 30.47 7.50 40.01
CA GLY K 311 31.85 7.43 39.56
C GLY K 311 32.65 8.62 40.05
N PHE K 312 33.90 8.36 40.41
CA PHE K 312 34.84 9.41 40.78
C PHE K 312 36.00 9.40 39.81
N LEU K 313 36.31 10.55 39.22
CA LEU K 313 37.36 10.64 38.23
C LEU K 313 38.43 11.62 38.69
N MET K 314 39.68 11.21 38.58
CA MET K 314 40.80 12.14 38.63
C MET K 314 41.59 11.91 37.35
N CYS K 315 41.91 12.98 36.64
CA CYS K 315 42.52 12.84 35.34
CA CYS K 315 42.54 12.82 35.35
C CYS K 315 43.53 13.95 35.12
N LYS K 316 44.34 13.77 34.09
CA LYS K 316 45.28 14.80 33.65
CA LYS K 316 45.28 14.81 33.67
C LYS K 316 44.59 15.77 32.71
N THR K 317 44.77 17.05 32.94
CA THR K 317 44.25 18.06 32.02
C THR K 317 45.41 18.97 31.62
N THR K 318 45.41 19.36 30.37
CA THR K 318 46.35 20.35 29.85
C THR K 318 45.60 21.66 29.71
N ASP K 319 46.05 22.67 30.45
CA ASP K 319 45.42 23.98 30.45
C ASP K 319 46.47 25.04 30.24
N THR K 320 46.03 26.29 30.25
CA THR K 320 46.89 27.46 30.04
C THR K 320 46.73 28.37 31.26
N VAL K 321 47.74 28.38 32.12
CA VAL K 321 47.73 29.18 33.34
C VAL K 321 48.60 30.41 33.08
N ASP K 322 47.95 31.59 33.10
CA ASP K 322 48.62 32.87 32.85
C ASP K 322 49.40 32.84 31.53
N GLY K 323 48.83 32.17 30.53
CA GLY K 323 49.45 32.06 29.23
C GLY K 323 50.37 30.87 29.05
N GLU K 324 50.84 30.26 30.13
CA GLU K 324 51.81 29.18 30.04
C GLU K 324 51.07 27.84 30.07
N ARG K 325 51.39 26.96 29.12
CA ARG K 325 50.66 25.70 29.02
C ARG K 325 51.25 24.69 29.98
N VAL K 326 50.39 24.15 30.85
CA VAL K 326 50.80 23.21 31.90
C VAL K 326 49.80 22.06 31.93
N SER K 327 50.17 21.03 32.68
CA SER K 327 49.29 19.89 32.94
C SER K 327 49.14 19.69 34.44
N PHE K 328 47.91 19.42 34.88
CA PHE K 328 47.68 19.13 36.29
C PHE K 328 46.46 18.23 36.41
N SER K 329 46.27 17.66 37.59
CA SER K 329 45.19 16.72 37.82
C SER K 329 43.90 17.42 38.25
N VAL K 330 42.80 16.98 37.67
CA VAL K 330 41.47 17.53 37.91
C VAL K 330 40.53 16.39 38.28
N CYS K 331 39.76 16.56 39.35
CA CYS K 331 38.85 15.54 39.81
C CYS K 331 37.41 16.00 39.68
N THR K 332 36.50 15.04 39.65
CA THR K 332 35.08 15.30 39.46
C THR K 332 34.28 14.06 39.81
N TYR K 333 32.97 14.22 39.90
CA TYR K 333 32.02 13.14 40.12
C TYR K 333 31.15 12.97 38.88
N VAL K 334 30.87 11.72 38.53
CA VAL K 334 30.08 11.38 37.36
C VAL K 334 28.90 10.56 37.83
N PRO K 335 27.67 10.86 37.38
CA PRO K 335 26.52 10.05 37.81
C PRO K 335 26.65 8.60 37.40
N ALA K 336 26.17 7.71 38.28
CA ALA K 336 26.33 6.28 38.07
C ALA K 336 25.66 5.80 36.79
N THR K 337 24.53 6.40 36.41
CA THR K 337 23.86 5.99 35.18
C THR K 337 24.74 6.29 33.97
N ILE K 338 25.42 7.44 33.97
CA ILE K 338 26.33 7.76 32.87
C ILE K 338 27.49 6.79 32.85
N CYS K 339 28.04 6.46 34.01
CA CYS K 339 29.15 5.51 34.08
C CYS K 339 28.73 4.13 33.56
N ASP K 340 27.53 3.69 33.91
CA ASP K 340 27.05 2.40 33.43
C ASP K 340 26.80 2.42 31.93
N GLN K 341 26.33 3.54 31.40
CA GLN K 341 26.03 3.62 29.98
C GLN K 341 27.29 3.72 29.12
N MET K 342 28.45 3.92 29.72
CA MET K 342 29.70 4.01 28.98
C MET K 342 30.54 2.75 29.08
N THR K 343 30.01 1.69 29.71
CA THR K 343 30.76 0.46 29.91
C THR K 343 31.10 -0.21 28.59
N GLY K 344 30.13 -0.31 27.68
CA GLY K 344 30.39 -0.95 26.40
C GLY K 344 31.33 -0.14 25.52
N ILE K 345 31.21 1.19 25.58
CA ILE K 345 32.05 2.06 24.75
C ILE K 345 33.51 1.94 25.16
N LEU K 346 33.79 1.89 26.46
CA LEU K 346 35.17 1.86 26.93
C LEU K 346 35.81 0.49 26.80
N ALA K 347 35.16 -0.45 26.12
CA ALA K 347 35.78 -1.74 25.85
C ALA K 347 36.87 -1.64 24.79
N THR K 348 36.84 -0.58 23.99
CA THR K 348 37.81 -0.29 22.95
C THR K 348 38.38 1.10 23.16
N GLU K 349 39.45 1.41 22.44
CA GLU K 349 40.02 2.75 22.50
C GLU K 349 39.11 3.72 21.77
N VAL K 350 38.75 4.80 22.45
CA VAL K 350 37.86 5.81 21.92
C VAL K 350 38.57 7.15 22.01
N THR K 351 38.45 7.95 20.95
CA THR K 351 39.00 9.28 20.97
C THR K 351 38.20 10.17 21.93
N PRO K 352 38.84 11.20 22.50
CA PRO K 352 38.09 12.09 23.39
C PRO K 352 36.94 12.81 22.71
N GLU K 353 37.03 13.04 21.39
CA GLU K 353 35.94 13.68 20.68
C GLU K 353 34.73 12.75 20.53
N ASP K 354 34.98 11.49 20.16
CA ASP K 354 33.89 10.53 20.08
C ASP K 354 33.27 10.29 21.44
N ALA K 355 34.11 10.20 22.48
CA ALA K 355 33.61 10.03 23.83
C ALA K 355 32.79 11.24 24.27
N GLN K 356 33.22 12.45 23.90
CA GLN K 356 32.45 13.65 24.24
C GLN K 356 31.11 13.65 23.53
N LYS K 357 31.07 13.24 22.27
CA LYS K 357 29.81 13.20 21.55
C LYS K 357 28.88 12.16 22.14
N LEU K 358 29.42 11.02 22.57
CA LEU K 358 28.60 10.00 23.24
C LEU K 358 28.07 10.50 24.57
N LEU K 359 28.91 11.19 25.35
CA LEU K 359 28.48 11.74 26.63
C LEU K 359 27.39 12.78 26.44
N VAL K 360 27.53 13.63 25.43
CA VAL K 360 26.50 14.62 25.14
C VAL K 360 25.22 13.93 24.71
N GLY K 361 25.33 12.82 23.97
CA GLY K 361 24.15 12.06 23.62
C GLY K 361 23.44 11.47 24.83
N LEU K 362 24.20 10.90 25.77
CA LEU K 362 23.60 10.31 26.96
C LEU K 362 23.01 11.37 27.88
N ASN K 363 23.47 12.60 27.79
CA ASN K 363 22.93 13.73 28.54
C ASN K 363 21.74 14.38 27.84
N GLN K 364 21.11 13.68 26.90
CA GLN K 364 20.02 14.20 26.08
C GLN K 364 20.46 15.44 25.31
N THR K 376 16.96 19.01 29.25
CA THR K 376 17.43 18.61 30.57
C THR K 376 18.78 17.90 30.46
N ASN K 377 19.52 17.88 31.56
CA ASN K 377 20.86 17.31 31.60
C ASN K 377 21.06 16.49 32.86
N THR K 378 21.57 15.27 32.71
CA THR K 378 21.88 14.44 33.86
C THR K 378 23.08 14.96 34.63
N MET K 379 24.11 15.44 33.92
CA MET K 379 25.29 16.02 34.55
CA MET K 379 25.30 16.01 34.54
C MET K 379 25.59 17.36 33.91
N LYS K 380 26.32 18.19 34.66
CA LYS K 380 26.71 19.50 34.16
C LYS K 380 27.56 19.38 32.91
N ASN K 381 27.31 20.25 31.94
CA ASN K 381 27.99 20.16 30.66
C ASN K 381 29.41 20.69 30.71
N TYR K 382 29.70 21.63 31.61
CA TYR K 382 31.03 22.22 31.65
C TYR K 382 32.10 21.22 32.06
N MET K 383 31.70 20.12 32.70
CA MET K 383 32.64 19.06 33.06
C MET K 383 32.66 17.93 32.02
N ILE K 384 31.79 17.98 31.02
CA ILE K 384 31.75 16.90 30.03
C ILE K 384 33.04 16.76 29.25
N PRO K 385 33.66 17.84 28.72
CA PRO K 385 34.90 17.66 27.94
C PRO K 385 35.99 16.93 28.71
N VAL K 386 36.37 17.46 29.88
CA VAL K 386 37.44 16.85 30.66
C VAL K 386 37.10 15.41 30.99
N VAL K 387 35.86 15.15 31.43
CA VAL K 387 35.43 13.78 31.70
C VAL K 387 35.64 12.92 30.47
N ALA K 388 35.19 13.41 29.32
CA ALA K 388 35.39 12.66 28.07
C ALA K 388 36.85 12.31 27.90
N GLN K 389 37.72 13.32 28.00
CA GLN K 389 39.14 13.07 27.87
C GLN K 389 39.57 11.98 28.83
N ALA K 390 39.16 12.10 30.09
CA ALA K 390 39.52 11.10 31.09
C ALA K 390 39.15 9.71 30.61
N PHE K 391 37.89 9.53 30.20
CA PHE K 391 37.45 8.21 29.79
C PHE K 391 38.34 7.68 28.68
N SER K 392 38.62 8.53 27.68
CA SER K 392 39.46 8.10 26.58
C SER K 392 40.78 7.57 27.10
N LYS K 393 41.46 8.36 27.93
CA LYS K 393 42.74 7.91 28.46
C LYS K 393 42.58 6.60 29.19
N TRP K 394 41.58 6.53 30.07
CA TRP K 394 41.35 5.30 30.83
C TRP K 394 41.19 4.13 29.88
N ALA K 395 40.34 4.29 28.86
CA ALA K 395 40.13 3.21 27.92
C ALA K 395 41.45 2.75 27.34
N LYS K 396 42.24 3.71 26.82
CA LYS K 396 43.51 3.37 26.22
C LYS K 396 44.39 2.62 27.21
N GLU K 397 44.48 3.13 28.45
CA GLU K 397 45.37 2.50 29.42
C GLU K 397 44.96 1.06 29.66
N CYS K 398 43.65 0.79 29.73
CA CYS K 398 43.21 -0.58 29.95
C CYS K 398 43.75 -1.49 28.85
N ARG K 399 43.63 -1.06 27.59
CA ARG K 399 44.14 -1.86 26.50
C ARG K 399 45.64 -2.10 26.64
N LYS K 400 46.37 -1.08 27.08
CA LYS K 400 47.80 -1.27 27.31
C LYS K 400 48.05 -2.40 28.28
N ASP K 401 47.30 -2.40 29.39
CA ASP K 401 47.45 -3.46 30.38
C ASP K 401 47.10 -4.81 29.77
N MET K 402 46.12 -4.84 28.87
CA MET K 402 45.77 -6.08 28.20
C MET K 402 46.88 -6.50 27.24
N GLU K 403 47.54 -5.53 26.61
CA GLU K 403 48.58 -5.86 25.64
C GLU K 403 49.82 -6.41 26.32
N ASP K 404 50.24 -5.77 27.41
CA ASP K 404 51.45 -6.15 28.12
C ASP K 404 51.14 -7.13 29.27
N GLU K 405 50.53 -8.25 28.89
CA GLU K 405 50.16 -9.25 29.88
C GLU K 405 51.40 -9.88 30.49
N LYS K 406 51.48 -9.87 31.82
CA LYS K 406 52.63 -10.38 32.56
C LYS K 406 52.43 -11.84 32.95
N LEU K 407 53.37 -12.36 33.73
CA LEU K 407 53.33 -13.73 34.23
C LEU K 407 52.94 -13.70 35.70
N LEU K 408 52.24 -14.73 36.14
CA LEU K 408 51.81 -14.83 37.54
C LEU K 408 52.98 -15.11 38.47
N GLY K 409 52.94 -14.48 39.63
CA GLY K 409 53.98 -14.65 40.64
C GLY K 409 55.35 -14.19 40.23
N VAL K 410 55.45 -13.21 39.33
CA VAL K 410 56.74 -12.69 38.88
C VAL K 410 56.69 -11.17 38.93
N ARG K 411 57.89 -10.58 39.01
CA ARG K 411 58.02 -9.13 39.04
C ARG K 411 59.41 -8.79 38.51
N GLU K 412 59.48 -8.35 37.25
CA GLU K 412 60.76 -8.12 36.59
C GLU K 412 61.50 -6.95 37.21
N ARG K 413 62.74 -7.18 37.62
CA ARG K 413 63.56 -6.14 38.24
C ARG K 413 64.94 -6.13 37.60
N THR K 414 65.54 -4.95 37.52
CA THR K 414 66.84 -4.75 36.92
C THR K 414 67.79 -4.10 37.92
N LEU K 415 68.98 -4.66 38.04
CA LEU K 415 69.98 -4.16 38.98
C LEU K 415 70.67 -2.92 38.41
N THR K 416 71.19 -2.09 39.31
CA THR K 416 71.83 -0.83 38.96
C THR K 416 73.21 -0.73 39.60
N CYS K 417 73.98 -1.82 39.53
CA CYS K 417 75.33 -1.88 40.09
C CYS K 417 75.34 -1.52 41.58
N CYS K 418 74.35 -2.02 42.31
CA CYS K 418 74.23 -1.74 43.73
C CYS K 418 73.32 -2.81 44.35
N CYS K 419 73.10 -2.70 45.66
CA CYS K 419 72.13 -3.55 46.31
C CYS K 419 70.74 -2.91 46.19
N LEU K 420 70.38 -2.50 44.98
CA LEU K 420 69.08 -1.94 44.68
C LEU K 420 68.71 -2.28 43.24
N TRP K 421 67.41 -2.42 42.99
CA TRP K 421 66.89 -2.93 41.73
C TRP K 421 65.67 -2.10 41.33
N ALA K 422 65.72 -1.52 40.13
CA ALA K 422 64.64 -0.70 39.63
C ALA K 422 63.74 -1.50 38.70
N PHE K 423 62.66 -0.88 38.23
CA PHE K 423 61.73 -1.46 37.27
C PHE K 423 60.96 -0.33 36.63
N LYS K 424 60.18 -0.66 35.60
CA LYS K 424 59.47 0.34 34.81
C LYS K 424 58.11 0.63 35.44
N LYS K 425 57.82 1.90 35.66
CA LYS K 425 56.51 2.34 36.13
C LYS K 425 55.71 2.87 34.95
N GLN K 426 54.58 2.24 34.66
CA GLN K 426 53.74 2.65 33.55
C GLN K 426 53.13 4.02 33.82
N LYS K 427 52.83 4.72 32.73
CA LYS K 427 52.18 6.03 32.85
C LYS K 427 50.70 5.84 33.18
N THR K 428 50.22 6.63 34.15
CA THR K 428 48.84 6.57 34.61
C THR K 428 48.27 7.97 34.59
N HIS K 429 47.40 8.26 33.62
CA HIS K 429 46.82 9.58 33.45
C HIS K 429 45.37 9.66 33.89
N THR K 430 44.80 8.58 34.41
CA THR K 430 43.41 8.59 34.84
C THR K 430 43.22 7.59 35.96
N VAL K 431 42.67 8.05 37.08
CA VAL K 431 42.11 7.20 38.13
C VAL K 431 40.60 7.27 37.99
N TYR K 432 39.97 6.12 37.79
CA TYR K 432 38.54 6.02 37.54
C TYR K 432 37.96 5.04 38.54
N LYS K 433 37.33 5.55 39.59
CA LYS K 433 36.64 4.72 40.57
C LYS K 433 35.20 4.59 40.12
N ARG K 434 34.88 3.43 39.56
CA ARG K 434 33.54 3.19 39.04
C ARG K 434 32.54 3.05 40.16
N PRO K 435 31.24 3.22 39.88
CA PRO K 435 30.23 3.00 40.91
C PRO K 435 30.34 1.60 41.49
N ASP K 436 30.17 1.51 42.81
CA ASP K 436 30.28 0.29 43.59
C ASP K 436 31.72 -0.17 43.80
N THR K 437 32.69 0.73 43.70
CA THR K 437 34.06 0.45 44.09
C THR K 437 34.40 1.22 45.35
N GLN K 438 35.60 0.99 45.87
CA GLN K 438 36.05 1.64 47.10
C GLN K 438 37.48 2.12 46.95
N SER K 439 37.71 3.35 47.39
CA SER K 439 39.06 3.89 47.52
C SER K 439 39.59 3.61 48.92
N ILE K 440 40.79 3.04 49.00
CA ILE K 440 41.41 2.74 50.28
C ILE K 440 42.72 3.48 50.38
N GLN K 441 42.87 4.28 51.43
CA GLN K 441 44.05 5.13 51.63
C GLN K 441 44.65 4.84 53.00
N LYS K 442 45.97 4.74 53.07
CA LYS K 442 46.64 4.61 54.34
C LYS K 442 46.85 5.98 54.96
N VAL K 443 46.27 6.19 56.14
CA VAL K 443 46.38 7.45 56.86
C VAL K 443 46.83 7.15 58.28
N GLN K 444 47.10 8.20 59.04
CA GLN K 444 47.48 8.02 60.44
C GLN K 444 46.28 7.55 61.24
N ALA K 445 46.53 6.60 62.15
CA ALA K 445 45.47 6.07 63.00
C ALA K 445 45.81 6.09 64.48
N GLU K 446 47.03 6.47 64.85
CA GLU K 446 47.46 6.55 66.24
C GLU K 446 47.89 7.98 66.51
N PHE K 447 47.04 8.74 67.18
CA PHE K 447 47.29 10.14 67.50
C PHE K 447 47.66 10.27 68.97
N ASP K 448 48.80 10.91 69.24
CA ASP K 448 49.23 11.09 70.62
C ASP K 448 49.84 12.45 70.91
N SER K 449 49.82 13.39 69.95
CA SER K 449 50.41 14.71 70.13
C SER K 449 49.36 15.75 69.83
N PHE K 450 48.51 16.03 70.81
CA PHE K 450 47.52 17.10 70.73
C PHE K 450 47.98 18.35 71.45
N VAL K 451 49.22 18.36 71.97
CA VAL K 451 49.73 19.53 72.70
C VAL K 451 50.13 20.66 71.78
N VAL K 452 50.15 20.42 70.47
CA VAL K 452 50.52 21.46 69.51
C VAL K 452 49.53 22.61 69.54
N SER K 458 39.06 35.34 73.21
CA SER K 458 39.09 36.79 73.37
C SER K 458 39.20 37.50 72.02
N GLY K 459 38.21 37.27 71.16
CA GLY K 459 38.23 37.85 69.84
C GLY K 459 37.01 38.69 69.51
N LEU K 460 36.50 39.43 70.48
CA LEU K 460 35.35 40.32 70.28
C LEU K 460 35.72 41.73 70.70
N SER K 461 35.39 42.70 69.85
CA SER K 461 35.72 44.10 70.08
C SER K 461 34.58 44.81 70.79
N ILE K 462 34.91 45.92 71.44
CA ILE K 462 33.92 46.67 72.21
C ILE K 462 32.78 47.21 71.35
N PRO K 463 33.03 47.84 70.20
CA PRO K 463 31.89 48.34 69.39
C PRO K 463 30.94 47.24 68.95
N LEU K 464 31.45 46.05 68.61
CA LEU K 464 30.57 44.93 68.29
C LEU K 464 29.76 44.51 69.51
N ARG K 465 30.39 44.53 70.68
CA ARG K 465 29.67 44.25 71.93
C ARG K 465 28.52 45.24 72.12
N THR K 466 28.77 46.52 71.89
CA THR K 466 27.72 47.52 72.05
C THR K 466 26.61 47.31 71.03
N ARG K 467 26.98 47.00 69.77
CA ARG K 467 25.97 46.78 68.74
C ARG K 467 25.09 45.58 69.08
N ILE K 468 25.69 44.51 69.61
CA ILE K 468 24.93 43.30 69.89
C ILE K 468 23.85 43.57 70.92
N LYS K 469 24.16 44.35 71.95
CA LYS K 469 23.19 44.72 72.98
C LYS K 469 21.99 45.47 72.38
N PRO L 3 1.60 39.88 44.53
CA PRO L 3 1.48 40.22 43.11
C PRO L 3 2.21 41.51 42.75
N VAL L 4 3.29 41.39 41.99
CA VAL L 4 4.06 42.55 41.54
C VAL L 4 3.83 42.70 40.04
N TYR L 5 3.44 43.90 39.62
CA TYR L 5 3.11 44.19 38.24
C TYR L 5 4.28 44.90 37.58
N VAL L 6 4.72 44.35 36.45
CA VAL L 6 5.87 44.86 35.71
C VAL L 6 5.40 45.36 34.36
N ASP L 7 5.92 46.51 33.95
CA ASP L 7 5.56 47.13 32.67
C ASP L 7 6.38 46.48 31.56
N ILE L 8 6.02 45.25 31.21
CA ILE L 8 6.63 44.52 30.11
C ILE L 8 5.55 43.80 29.34
N ASP L 9 5.91 43.32 28.15
CA ASP L 9 4.95 42.65 27.30
C ASP L 9 4.55 41.30 27.88
N ALA L 10 3.29 40.92 27.69
CA ALA L 10 2.78 39.67 28.23
C ALA L 10 3.52 38.47 27.66
N ASP L 11 3.81 38.49 26.37
CA ASP L 11 4.47 37.38 25.70
C ASP L 11 5.99 37.45 25.79
N SER L 12 6.54 38.47 26.46
CA SER L 12 7.99 38.63 26.55
C SER L 12 8.63 37.41 27.22
N ALA L 13 9.79 37.02 26.71
CA ALA L 13 10.52 35.88 27.27
C ALA L 13 11.37 36.27 28.47
N PHE L 14 11.51 37.56 28.75
CA PHE L 14 12.17 38.00 29.97
C PHE L 14 11.32 37.72 31.20
N LEU L 15 10.04 37.45 31.02
CA LEU L 15 9.14 37.20 32.14
C LEU L 15 9.55 35.96 32.91
N LYS L 16 9.92 34.89 32.19
CA LYS L 16 10.36 33.66 32.85
C LYS L 16 11.66 33.89 33.62
N ALA L 17 12.58 34.65 33.03
CA ALA L 17 13.84 34.94 33.72
C ALA L 17 13.59 35.75 34.99
N LEU L 18 12.66 36.72 34.92
CA LEU L 18 12.34 37.51 36.10
C LEU L 18 11.66 36.66 37.16
N GLN L 19 10.83 35.70 36.74
CA GLN L 19 10.15 34.83 37.70
C GLN L 19 11.16 33.93 38.41
N ARG L 20 12.13 33.40 37.66
CA ARG L 20 13.18 32.60 38.28
C ARG L 20 14.07 33.45 39.19
N ALA L 21 14.31 34.70 38.82
CA ALA L 21 15.16 35.56 39.64
C ALA L 21 14.46 35.95 40.94
N TYR L 22 13.13 36.00 40.93
CA TYR L 22 12.35 36.40 42.10
C TYR L 22 11.28 35.36 42.36
N PRO L 23 11.65 34.18 42.88
CA PRO L 23 10.65 33.14 43.13
C PRO L 23 9.67 33.48 44.26
N MET L 24 9.99 34.45 45.11
CA MET L 24 9.16 34.82 46.23
C MET L 24 8.06 35.81 45.86
N PHE L 25 7.96 36.22 44.61
CA PHE L 25 6.95 37.14 44.15
C PHE L 25 6.14 36.51 43.03
N GLU L 26 4.92 37.01 42.85
CA GLU L 26 4.09 36.64 41.70
C GLU L 26 4.21 37.76 40.68
N VAL L 27 5.02 37.54 39.66
CA VAL L 27 5.32 38.56 38.65
C VAL L 27 4.25 38.50 37.57
N GLU L 28 3.58 39.63 37.32
CA GLU L 28 2.57 39.69 36.30
C GLU L 28 2.86 40.87 35.36
N PRO L 29 2.78 40.69 34.05
CA PRO L 29 3.06 41.79 33.13
C PRO L 29 1.84 42.69 32.96
N ARG L 30 2.06 43.99 33.14
CA ARG L 30 1.04 45.01 32.92
C ARG L 30 1.67 46.10 32.07
N GLN L 31 1.64 45.92 30.75
CA GLN L 31 2.31 46.84 29.84
C GLN L 31 1.49 48.12 29.70
N VAL L 32 2.12 49.26 29.98
CA VAL L 32 1.46 50.55 29.84
C VAL L 32 2.23 51.54 28.98
N THR L 33 3.50 51.32 28.73
CA THR L 33 4.32 52.21 27.92
C THR L 33 5.21 51.37 27.01
N PRO L 34 5.61 51.91 25.84
CA PRO L 34 6.48 51.18 24.92
C PRO L 34 7.97 51.42 25.21
N ASN L 35 8.37 51.20 26.46
CA ASN L 35 9.73 51.49 26.89
C ASN L 35 10.72 50.56 26.19
N ASP L 36 11.82 51.14 25.68
CA ASP L 36 12.85 50.33 25.05
C ASP L 36 13.85 49.75 26.04
N HIS L 37 13.81 50.18 27.31
CA HIS L 37 14.57 49.57 28.38
C HIS L 37 13.63 49.06 29.46
N ALA L 38 12.55 48.40 29.05
CA ALA L 38 11.53 47.96 29.99
C ALA L 38 12.06 46.89 30.94
N ASN L 39 12.94 46.02 30.44
CA ASN L 39 13.45 44.93 31.27
C ASN L 39 14.32 45.44 32.41
N ALA L 40 15.16 46.44 32.16
CA ALA L 40 15.99 46.99 33.22
C ALA L 40 15.16 47.64 34.31
N ARG L 41 14.14 48.41 33.92
CA ARG L 41 13.23 49.02 34.88
C ARG L 41 12.46 47.96 35.66
N ALA L 42 12.02 46.90 34.99
CA ALA L 42 11.32 45.82 35.68
C ALA L 42 12.20 45.15 36.72
N PHE L 43 13.48 44.90 36.36
CA PHE L 43 14.38 44.29 37.32
C PHE L 43 14.62 45.20 38.50
N SER L 44 14.80 46.50 38.26
CA SER L 44 15.01 47.45 39.36
C SER L 44 13.80 47.50 40.28
N HIS L 45 12.60 47.50 39.69
CA HIS L 45 11.38 47.49 40.48
C HIS L 45 11.31 46.27 41.39
N LEU L 46 11.55 45.09 40.82
CA LEU L 46 11.49 43.87 41.63
C LEU L 46 12.59 43.85 42.68
N ALA L 47 13.75 44.42 42.36
CA ALA L 47 14.86 44.44 43.30
C ALA L 47 14.55 45.31 44.51
N ILE L 48 13.97 46.49 44.27
CA ILE L 48 13.63 47.35 45.40
C ILE L 48 12.51 46.72 46.23
N LYS L 49 11.58 46.01 45.56
CA LYS L 49 10.57 45.29 46.33
C LYS L 49 11.20 44.22 47.23
N LEU L 50 12.16 43.47 46.71
CA LEU L 50 12.83 42.45 47.51
C LEU L 50 13.60 43.07 48.67
N ILE L 51 14.31 44.17 48.41
CA ILE L 51 15.07 44.83 49.48
C ILE L 51 14.13 45.33 50.57
N GLU L 52 12.99 45.91 50.17
CA GLU L 52 12.01 46.35 51.15
C GLU L 52 11.46 45.17 51.96
N GLN L 53 11.26 44.03 51.29
CA GLN L 53 10.79 42.84 52.00
C GLN L 53 11.80 42.37 53.04
N GLU L 54 13.09 42.46 52.73
CA GLU L 54 14.11 41.87 53.59
C GLU L 54 14.37 42.67 54.86
N ILE L 55 14.19 43.99 54.82
CA ILE L 55 14.65 44.86 55.89
C ILE L 55 13.50 45.17 56.85
N ASP L 56 13.87 45.65 58.04
CA ASP L 56 12.89 45.93 59.09
C ASP L 56 12.11 47.19 58.75
N PRO L 57 10.77 47.14 58.82
CA PRO L 57 9.97 48.35 58.55
C PRO L 57 10.40 49.57 59.34
N ASP L 58 10.73 49.41 60.62
CA ASP L 58 11.11 50.54 61.45
C ASP L 58 12.48 51.12 61.07
N SER L 59 13.23 50.47 60.19
CA SER L 59 14.52 50.99 59.77
C SER L 59 14.35 52.25 58.93
N THR L 60 15.35 53.13 59.00
CA THR L 60 15.44 54.30 58.13
C THR L 60 16.50 54.03 57.06
N ILE L 61 16.15 54.30 55.81
CA ILE L 61 16.93 53.86 54.66
C ILE L 61 17.49 55.08 53.95
N LEU L 62 18.81 55.18 53.87
CA LEU L 62 19.41 56.18 53.01
C LEU L 62 19.32 55.73 51.56
N ASP L 63 18.84 56.61 50.70
CA ASP L 63 18.75 56.34 49.27
C ASP L 63 19.79 57.23 48.61
N ILE L 64 20.96 56.64 48.32
CA ILE L 64 22.08 57.39 47.79
C ILE L 64 21.88 57.60 46.30
N GLY L 65 22.04 58.83 45.84
CA GLY L 65 21.80 59.14 44.45
C GLY L 65 20.36 58.87 44.09
N SER L 66 19.46 59.34 44.94
CA SER L 66 18.07 58.97 44.84
C SER L 66 17.39 59.62 43.64
N ALA L 67 16.28 59.00 43.21
CA ALA L 67 15.28 59.62 42.38
C ALA L 67 14.01 59.66 43.22
N PRO L 68 13.73 60.77 43.92
CA PRO L 68 12.74 60.73 45.01
C PRO L 68 11.33 60.44 44.56
N ALA L 69 11.01 60.61 43.27
CA ALA L 69 9.67 60.32 42.80
C ALA L 69 9.33 58.84 42.87
N ARG L 70 10.35 57.97 42.97
CA ARG L 70 10.12 56.54 43.04
C ARG L 70 9.89 56.05 44.46
N ARG L 71 10.37 56.78 45.47
CA ARG L 71 10.16 56.43 46.87
C ARG L 71 8.92 57.08 47.48
N MET L 72 8.16 57.85 46.70
CA MET L 72 7.11 58.68 47.29
C MET L 72 5.86 57.86 47.62
N MET L 73 5.64 56.74 46.92
CA MET L 73 4.55 55.82 47.21
C MET L 73 5.00 54.63 48.06
N SER L 74 5.98 54.83 48.94
CA SER L 74 6.55 53.76 49.75
C SER L 74 6.29 54.05 51.22
N ASP L 75 5.77 53.04 51.93
CA ASP L 75 5.53 53.19 53.37
C ASP L 75 6.83 53.28 54.16
N ARG L 76 7.96 52.85 53.59
CA ARG L 76 9.22 52.88 54.31
C ARG L 76 9.73 54.31 54.50
N LYS L 77 10.65 54.47 55.44
CA LYS L 77 11.20 55.78 55.78
C LYS L 77 12.50 55.99 55.02
N TYR L 78 12.37 56.59 53.84
CA TYR L 78 13.50 56.87 52.96
C TYR L 78 14.02 58.28 53.21
N HIS L 79 15.32 58.40 53.38
CA HIS L 79 16.01 59.69 53.34
C HIS L 79 16.75 59.75 52.01
N CYS L 80 16.27 60.59 51.11
CA CYS L 80 16.77 60.65 49.75
C CYS L 80 17.92 61.65 49.67
N VAL L 81 19.09 61.20 49.22
CA VAL L 81 20.27 62.03 49.13
C VAL L 81 20.43 62.44 47.67
N CYS L 82 20.24 63.73 47.38
CA CYS L 82 20.20 64.23 46.02
C CYS L 82 21.17 65.40 45.87
N PRO L 83 22.40 65.13 45.44
CA PRO L 83 23.38 66.21 45.31
C PRO L 83 23.26 67.04 44.05
N MET L 84 22.36 66.68 43.14
CA MET L 84 22.10 67.43 41.90
C MET L 84 23.38 67.56 41.08
N ARG L 85 24.04 66.43 40.83
CA ARG L 85 25.33 66.43 40.14
C ARG L 85 25.22 65.97 38.69
N SER L 86 24.05 65.51 38.25
CA SER L 86 23.87 65.05 36.88
C SER L 86 22.83 65.90 36.17
N ALA L 87 23.00 66.01 34.85
CA ALA L 87 22.12 66.84 34.03
C ALA L 87 20.68 66.36 34.02
N GLU L 88 20.43 65.10 34.36
CA GLU L 88 19.07 64.55 34.39
C GLU L 88 18.40 64.73 35.74
N ASP L 89 19.11 65.22 36.75
CA ASP L 89 18.60 65.43 38.10
C ASP L 89 17.53 66.50 38.22
N PRO L 90 17.68 67.69 37.59
CA PRO L 90 16.62 68.70 37.72
C PRO L 90 15.26 68.22 37.25
N GLU L 91 15.22 67.45 36.16
CA GLU L 91 13.96 66.88 35.70
C GLU L 91 13.38 65.94 36.74
N ARG L 92 14.23 65.13 37.36
CA ARG L 92 13.78 64.19 38.38
C ARG L 92 13.22 64.92 39.61
N LEU L 93 13.87 66.00 40.03
CA LEU L 93 13.36 66.78 41.15
C LEU L 93 12.04 67.44 40.81
N ALA L 94 11.91 67.96 39.59
CA ALA L 94 10.66 68.58 39.18
C ALA L 94 9.54 67.55 39.11
N ASN L 95 9.86 66.34 38.64
CA ASN L 95 8.87 65.26 38.62
C ASN L 95 8.44 64.90 40.03
N TYR L 96 9.39 64.84 40.96
CA TYR L 96 9.05 64.57 42.35
C TYR L 96 8.11 65.64 42.91
N ALA L 97 8.42 66.91 42.66
CA ALA L 97 7.57 67.99 43.16
C ALA L 97 6.17 67.92 42.55
N ARG L 98 6.10 67.68 41.24
CA ARG L 98 4.80 67.60 40.58
C ARG L 98 3.98 66.43 41.12
N LYS L 99 4.60 65.28 41.33
CA LYS L 99 3.88 64.12 41.84
C LYS L 99 3.41 64.34 43.27
N LEU L 100 4.23 64.99 44.10
CA LEU L 100 3.81 65.31 45.45
C LEU L 100 2.60 66.24 45.42
N ALA L 101 2.63 67.25 44.55
CA ALA L 101 1.49 68.16 44.44
C ALA L 101 0.24 67.41 44.00
N SER L 102 0.40 66.49 43.05
CA SER L 102 -0.74 65.69 42.59
C SER L 102 -1.27 64.74 43.66
N ALA L 103 -0.47 64.40 44.67
CA ALA L 103 -0.94 63.53 45.74
C ALA L 103 -0.96 64.24 47.09
N ALA L 104 -1.08 65.58 47.10
CA ALA L 104 -0.92 66.34 48.34
C ALA L 104 -2.03 66.03 49.33
N GLY L 105 -3.29 66.02 48.88
CA GLY L 105 -4.40 65.79 49.77
C GLY L 105 -5.32 64.68 49.27
N LYS L 106 -4.73 63.68 48.63
CA LYS L 106 -5.46 62.55 48.09
C LYS L 106 -4.87 61.20 48.48
N VAL L 107 -3.59 61.13 48.83
CA VAL L 107 -2.99 59.95 49.44
C VAL L 107 -2.73 60.27 50.91
N LEU L 108 -3.20 59.41 51.79
CA LEU L 108 -3.29 59.71 53.22
C LEU L 108 -2.12 59.15 54.02
N ASP L 109 -1.81 57.86 53.86
CA ASP L 109 -0.88 57.16 54.73
C ASP L 109 0.50 56.97 54.11
N ARG L 110 0.94 57.91 53.27
CA ARG L 110 2.28 57.87 52.69
C ARG L 110 3.11 59.09 53.05
N ASN L 111 2.68 59.87 54.06
CA ASN L 111 3.45 61.02 54.56
C ASN L 111 3.72 62.04 53.46
N ILE L 112 2.73 62.28 52.61
CA ILE L 112 2.92 63.24 51.52
C ILE L 112 3.07 64.65 52.07
N SER L 113 2.29 65.00 53.10
CA SER L 113 2.43 66.31 53.72
C SER L 113 3.82 66.49 54.34
N GLY L 114 4.32 65.45 55.01
CA GLY L 114 5.67 65.52 55.52
C GLY L 114 6.71 65.71 54.43
N LYS L 115 6.54 65.00 53.31
CA LYS L 115 7.50 65.08 52.21
C LYS L 115 7.49 66.48 51.59
N ILE L 116 6.31 67.07 51.37
CA ILE L 116 6.29 68.41 50.80
C ILE L 116 6.87 69.42 51.78
N GLY L 117 6.62 69.22 53.08
CA GLY L 117 7.22 70.10 54.08
C GLY L 117 8.73 70.03 54.06
N ASP L 118 9.29 68.82 54.01
CA ASP L 118 10.75 68.68 53.93
C ASP L 118 11.31 69.28 52.66
N LEU L 119 10.62 69.08 51.52
CA LEU L 119 11.11 69.65 50.27
C LEU L 119 11.13 71.18 50.33
N GLN L 120 10.05 71.77 50.86
CA GLN L 120 10.02 73.23 51.01
C GLN L 120 11.09 73.70 51.99
N ALA L 121 11.38 72.91 53.02
CA ALA L 121 12.41 73.30 53.98
C ALA L 121 13.79 73.29 53.33
N VAL L 122 14.08 72.27 52.53
CA VAL L 122 15.37 72.24 51.85
C VAL L 122 15.47 73.36 50.82
N MET L 123 14.36 73.68 50.17
CA MET L 123 14.35 74.83 49.26
C MET L 123 14.63 76.13 50.01
N ALA L 124 14.08 76.28 51.22
CA ALA L 124 14.31 77.48 52.00
C ALA L 124 15.77 77.58 52.45
N VAL L 125 16.21 76.61 53.24
CA VAL L 125 17.61 76.52 53.68
C VAL L 125 18.24 75.34 52.95
N PRO L 126 19.14 75.56 52.01
CA PRO L 126 19.72 74.44 51.25
C PRO L 126 20.39 73.38 52.11
N ASP L 127 21.08 73.79 53.18
CA ASP L 127 21.89 72.87 53.97
C ASP L 127 21.12 72.28 55.15
N THR L 128 19.79 72.24 55.09
CA THR L 128 19.04 71.60 56.16
C THR L 128 18.90 70.11 55.88
N GLU L 129 18.88 69.31 56.94
CA GLU L 129 18.85 67.85 56.82
C GLU L 129 17.49 67.35 57.29
N THR L 130 16.56 67.27 56.36
CA THR L 130 15.20 66.84 56.65
C THR L 130 15.09 65.31 56.59
N PRO L 131 14.07 64.75 57.25
CA PRO L 131 13.98 63.27 57.33
C PRO L 131 13.90 62.57 55.99
N THR L 132 13.30 63.19 54.98
CA THR L 132 13.07 62.52 53.71
C THR L 132 13.85 63.11 52.54
N PHE L 133 14.52 64.24 52.71
CA PHE L 133 15.21 64.87 51.59
C PHE L 133 16.42 65.63 52.07
N CYS L 134 17.42 65.73 51.19
CA CYS L 134 18.59 66.57 51.41
C CYS L 134 19.31 66.74 50.08
N LEU L 135 20.10 67.81 49.99
CA LEU L 135 20.86 68.12 48.79
C LEU L 135 22.35 67.85 48.95
N HIS L 136 22.72 66.96 49.88
CA HIS L 136 24.11 66.65 50.14
C HIS L 136 24.55 65.45 49.29
N THR L 137 25.79 65.03 49.48
CA THR L 137 26.31 63.84 48.83
C THR L 137 26.34 62.68 49.81
N ASP L 138 26.86 61.54 49.35
CA ASP L 138 27.01 60.39 50.23
C ASP L 138 28.01 60.64 51.34
N VAL L 139 29.02 61.48 51.08
CA VAL L 139 30.07 61.75 52.05
C VAL L 139 29.85 63.04 52.82
N SER L 140 28.81 63.80 52.50
CA SER L 140 28.52 65.04 53.19
C SER L 140 27.17 65.06 53.88
N CYS L 141 26.30 64.08 53.62
CA CYS L 141 25.05 63.96 54.36
C CYS L 141 25.33 63.60 55.81
N ARG L 142 24.51 64.16 56.71
CA ARG L 142 24.67 63.91 58.13
C ARG L 142 23.60 62.99 58.70
N GLN L 143 22.59 62.63 57.91
CA GLN L 143 21.50 61.80 58.41
C GLN L 143 22.00 60.41 58.73
N ARG L 144 21.98 60.05 60.02
CA ARG L 144 22.31 58.70 60.43
C ARG L 144 21.17 57.76 60.08
N ALA L 145 21.52 56.55 59.66
CA ALA L 145 20.51 55.58 59.26
C ALA L 145 21.04 54.17 59.48
N ASP L 146 20.18 53.18 59.26
CA ASP L 146 20.52 51.78 59.41
C ASP L 146 20.76 51.05 58.11
N VAL L 147 20.15 51.51 57.01
CA VAL L 147 20.26 50.86 55.71
C VAL L 147 20.60 51.92 54.67
N ALA L 148 21.40 51.53 53.68
CA ALA L 148 21.72 52.36 52.54
C ALA L 148 21.46 51.59 51.25
N ILE L 149 20.85 52.26 50.29
CA ILE L 149 20.52 51.65 49.00
C ILE L 149 21.17 52.46 47.89
N TYR L 150 21.91 51.78 47.02
CA TYR L 150 22.44 52.35 45.78
C TYR L 150 21.70 51.69 44.62
N GLN L 151 20.79 52.42 43.99
CA GLN L 151 20.07 51.90 42.83
C GLN L 151 20.62 52.58 41.58
N ASP L 152 21.30 51.79 40.74
CA ASP L 152 21.92 52.28 39.50
C ASP L 152 22.82 53.48 39.76
N VAL L 153 23.68 53.35 40.77
CA VAL L 153 24.68 54.36 41.10
C VAL L 153 26.04 53.81 40.73
N TYR L 154 26.69 54.46 39.76
CA TYR L 154 28.02 54.08 39.32
C TYR L 154 29.03 55.21 39.43
N ALA L 155 28.66 56.34 40.03
CA ALA L 155 29.51 57.52 40.04
C ALA L 155 30.24 57.71 41.36
N VAL L 156 30.22 56.71 42.24
CA VAL L 156 30.88 56.80 43.54
C VAL L 156 31.88 55.67 43.67
N HIS L 157 33.02 55.97 44.29
CA HIS L 157 33.96 54.94 44.70
C HIS L 157 33.34 54.10 45.80
N ALA L 158 33.29 52.78 45.60
CA ALA L 158 32.54 51.94 46.53
C ALA L 158 33.12 51.94 47.94
N PRO L 159 34.41 51.66 48.16
CA PRO L 159 34.90 51.65 49.55
C PRO L 159 34.72 52.97 50.29
N THR L 160 34.95 54.11 49.63
CA THR L 160 34.82 55.39 50.33
C THR L 160 33.37 55.66 50.71
N SER L 161 32.45 55.46 49.77
CA SER L 161 31.03 55.65 50.06
C SER L 161 30.57 54.71 51.17
N LEU L 162 30.96 53.44 51.10
CA LEU L 162 30.54 52.47 52.09
C LEU L 162 31.10 52.80 53.47
N TYR L 163 32.35 53.25 53.53
CA TYR L 163 32.92 53.65 54.82
C TYR L 163 32.19 54.86 55.38
N HIS L 164 31.83 55.81 54.51
CA HIS L 164 31.13 56.99 54.99
C HIS L 164 29.73 56.67 55.48
N GLN L 165 29.09 55.66 54.89
CA GLN L 165 27.83 55.19 55.45
C GLN L 165 28.04 54.45 56.76
N ALA L 166 29.10 53.65 56.85
CA ALA L 166 29.33 52.83 58.04
C ALA L 166 29.61 53.68 59.26
N ILE L 167 30.40 54.75 59.10
CA ILE L 167 30.65 55.65 60.23
C ILE L 167 29.42 56.42 60.65
N LYS L 168 28.35 56.33 59.86
CA LYS L 168 27.06 56.93 60.19
C LYS L 168 26.09 55.91 60.77
N GLY L 169 26.57 54.73 61.14
CA GLY L 169 25.73 53.70 61.71
C GLY L 169 25.06 52.77 60.73
N VAL L 170 25.31 52.92 59.43
CA VAL L 170 24.70 52.03 58.46
C VAL L 170 25.38 50.67 58.56
N ARG L 171 24.57 49.61 58.66
CA ARG L 171 25.07 48.26 58.84
C ARG L 171 24.67 47.34 57.69
N LEU L 172 23.77 47.77 56.84
CA LEU L 172 23.37 47.04 55.64
C LEU L 172 23.36 48.01 54.47
N ALA L 173 23.94 47.59 53.35
CA ALA L 173 23.93 48.36 52.12
C ALA L 173 23.53 47.45 50.98
N TYR L 174 22.88 48.04 49.98
CA TYR L 174 22.35 47.30 48.85
C TYR L 174 22.76 48.00 47.57
N TRP L 175 23.30 47.25 46.62
CA TRP L 175 23.72 47.78 45.33
C TRP L 175 22.97 47.06 44.23
N VAL L 176 22.16 47.79 43.47
CA VAL L 176 21.47 47.25 42.30
C VAL L 176 22.14 47.85 41.07
N GLY L 177 22.61 47.00 40.17
CA GLY L 177 23.26 47.54 38.99
C GLY L 177 23.57 46.47 37.97
N PHE L 178 24.21 46.89 36.90
CA PHE L 178 24.70 45.94 35.90
C PHE L 178 25.91 45.18 36.42
N ASP L 179 26.04 43.94 35.99
CA ASP L 179 27.14 43.09 36.46
C ASP L 179 28.48 43.73 36.10
N THR L 180 29.37 43.78 37.09
CA THR L 180 30.66 44.43 36.93
C THR L 180 31.75 43.49 36.43
N THR L 181 31.41 42.21 36.21
CA THR L 181 32.39 41.26 35.69
C THR L 181 32.96 41.64 34.32
N PRO L 182 32.18 42.08 33.33
CA PRO L 182 32.79 42.40 32.03
C PRO L 182 33.85 43.49 32.11
N PHE L 183 33.80 44.35 33.11
CA PHE L 183 34.82 45.38 33.27
C PHE L 183 36.00 44.91 34.10
N MET L 184 35.85 43.82 34.84
CA MET L 184 36.99 43.17 35.49
C MET L 184 37.83 42.41 34.47
N TYR L 185 37.22 41.95 33.39
CA TYR L 185 37.92 41.32 32.29
C TYR L 185 38.52 42.32 31.31
N ASN L 186 38.25 43.62 31.50
CA ASN L 186 38.85 44.71 30.72
C ASN L 186 38.46 44.66 29.24
N ALA L 187 37.19 44.34 28.97
CA ALA L 187 36.71 44.29 27.60
C ALA L 187 36.58 45.69 27.01
N MET L 188 36.80 45.79 25.70
CA MET L 188 36.67 47.06 25.01
C MET L 188 35.21 47.45 24.80
N ALA L 189 34.37 46.50 24.44
CA ALA L 189 32.95 46.74 24.22
C ALA L 189 32.20 45.51 24.72
N GLY L 190 30.88 45.64 24.82
CA GLY L 190 30.11 44.53 25.34
C GLY L 190 28.62 44.79 25.25
N ALA L 191 27.87 43.74 25.59
CA ALA L 191 26.42 43.79 25.54
C ALA L 191 25.82 43.09 26.74
N TYR L 192 24.77 43.67 27.29
CA TYR L 192 23.79 42.96 28.08
C TYR L 192 22.56 42.84 27.20
N PRO L 193 22.46 41.78 26.39
CA PRO L 193 21.41 41.74 25.37
C PRO L 193 20.01 41.54 25.92
N SER L 194 19.86 40.91 27.08
CA SER L 194 18.53 40.74 27.66
C SER L 194 17.90 42.07 28.03
N TYR L 195 18.72 43.08 28.32
CA TYR L 195 18.23 44.38 28.73
C TYR L 195 18.37 45.41 27.63
N SER L 196 18.61 44.98 26.40
CA SER L 196 18.78 45.85 25.24
C SER L 196 19.89 46.87 25.51
N THR L 197 20.94 46.45 26.21
CA THR L 197 21.98 47.36 26.64
C THR L 197 23.26 47.06 25.90
N ASN L 198 23.88 48.09 25.33
CA ASN L 198 25.18 47.95 24.69
C ASN L 198 26.12 49.01 25.24
N TRP L 199 27.35 48.62 25.56
CA TRP L 199 28.32 49.54 26.09
C TRP L 199 29.61 49.44 25.28
N ALA L 200 30.31 50.56 25.16
CA ALA L 200 31.52 50.59 24.36
C ALA L 200 32.51 51.59 24.93
N ASP L 201 33.78 51.26 24.81
CA ASP L 201 34.84 52.24 25.06
C ASP L 201 34.71 53.39 24.07
N GLU L 202 35.05 54.60 24.53
CA GLU L 202 34.93 55.76 23.66
C GLU L 202 35.77 55.63 22.40
N GLN L 203 36.88 54.89 22.47
CA GLN L 203 37.76 54.76 21.33
C GLN L 203 37.14 53.97 20.19
N VAL L 204 36.19 53.09 20.45
CA VAL L 204 35.61 52.23 19.43
C VAL L 204 34.17 52.62 19.10
N LEU L 205 33.78 53.86 19.39
CA LEU L 205 32.43 54.31 19.08
C LEU L 205 32.21 54.44 17.58
N LYS L 206 33.27 54.49 16.78
CA LYS L 206 33.18 54.59 15.33
C LYS L 206 33.38 53.24 14.65
N ALA L 207 33.32 52.15 15.39
CA ALA L 207 33.37 50.81 14.83
C ALA L 207 32.15 50.58 13.93
N LYS L 208 32.08 49.41 13.33
CA LYS L 208 31.04 49.09 12.37
C LYS L 208 30.06 48.02 12.84
N ASN L 209 30.51 47.03 13.62
CA ASN L 209 29.68 45.85 13.88
C ASN L 209 29.45 45.55 15.36
N ILE L 210 29.90 46.39 16.28
CA ILE L 210 29.54 46.19 17.68
C ILE L 210 28.16 46.77 17.93
N GLY L 211 27.60 46.52 19.11
CA GLY L 211 26.23 46.94 19.38
C GLY L 211 26.06 48.45 19.40
N LEU L 212 27.01 49.16 20.01
CA LEU L 212 26.93 50.61 20.18
C LEU L 212 28.03 51.26 19.37
N CYS L 213 27.71 51.66 18.14
CA CYS L 213 28.70 52.28 17.26
C CYS L 213 27.98 52.98 16.12
N SER L 214 28.72 53.84 15.44
CA SER L 214 28.26 54.47 14.20
C SER L 214 29.47 54.77 13.34
N THR L 215 29.45 54.31 12.11
CA THR L 215 30.52 54.57 11.16
C THR L 215 29.94 55.22 9.90
N ASP L 216 30.82 55.58 8.98
CA ASP L 216 30.46 56.21 7.74
C ASP L 216 30.83 55.30 6.57
N LEU L 217 30.22 55.56 5.43
CA LEU L 217 30.58 54.89 4.19
C LEU L 217 31.75 55.63 3.56
N THR L 218 32.78 54.89 3.18
CA THR L 218 34.00 55.50 2.66
C THR L 218 34.39 54.86 1.34
N GLU L 219 35.29 55.52 0.62
CA GLU L 219 35.78 54.99 -0.65
C GLU L 219 37.28 54.76 -0.65
N GLY L 220 37.90 54.58 0.52
CA GLY L 220 39.25 54.08 0.56
C GLY L 220 40.32 55.12 0.34
N ARG L 221 41.31 55.17 1.23
CA ARG L 221 42.49 56.01 1.04
C ARG L 221 43.62 55.52 1.92
N ARG L 222 44.84 55.61 1.40
CA ARG L 222 46.04 55.40 2.19
C ARG L 222 46.38 56.65 2.99
N GLY L 223 45.40 57.19 3.72
CA GLY L 223 45.58 58.43 4.42
C GLY L 223 45.19 58.38 5.88
N LYS L 224 44.26 59.25 6.27
CA LYS L 224 43.83 59.46 7.65
C LYS L 224 45.03 59.70 8.58
N LEU L 225 45.97 60.54 8.16
CA LEU L 225 47.11 60.89 8.98
C LEU L 225 46.64 61.65 10.22
N SER L 226 47.33 61.44 11.33
CA SER L 226 46.94 62.09 12.58
C SER L 226 48.18 62.50 13.35
N ILE L 227 47.96 63.25 14.44
CA ILE L 227 49.06 63.74 15.24
C ILE L 227 49.27 62.85 16.47
N MET L 228 48.34 61.91 16.69
CA MET L 228 48.45 61.03 17.84
C MET L 228 49.00 59.66 17.43
N ARG L 229 50.19 59.32 17.93
CA ARG L 229 50.82 58.02 17.66
C ARG L 229 50.07 56.96 18.46
N GLY L 230 48.88 56.62 17.97
CA GLY L 230 48.09 55.59 18.60
C GLY L 230 48.47 54.21 18.12
N LYS L 231 49.70 53.80 18.40
CA LYS L 231 50.17 52.46 18.05
C LYS L 231 49.48 51.37 18.84
N LYS L 232 48.85 51.71 19.96
CA LYS L 232 48.21 50.76 20.85
C LYS L 232 46.74 51.14 21.04
N LEU L 233 45.87 50.13 20.98
CA LEU L 233 44.44 50.28 21.24
C LEU L 233 44.11 49.51 22.51
N GLU L 234 44.05 50.21 23.63
CA GLU L 234 43.76 49.61 24.92
C GLU L 234 42.57 50.31 25.55
N PRO L 235 41.83 49.61 26.42
CA PRO L 235 40.67 50.24 27.06
C PRO L 235 41.08 51.42 27.92
N CYS L 236 40.38 52.52 27.75
CA CYS L 236 40.56 53.72 28.55
C CYS L 236 39.41 53.82 29.54
N ASP L 237 39.47 54.85 30.40
CA ASP L 237 38.58 54.92 31.55
C ASP L 237 37.13 55.15 31.12
N ARG L 238 36.91 55.94 30.09
CA ARG L 238 35.57 56.43 29.78
C ARG L 238 34.86 55.42 28.89
N VAL L 239 33.69 54.96 29.33
CA VAL L 239 32.85 54.07 28.53
C VAL L 239 31.48 54.71 28.38
N LEU L 240 30.77 54.32 27.33
CA LEU L 240 29.42 54.79 27.06
C LEU L 240 28.47 53.61 27.17
N PHE L 241 27.47 53.74 28.03
CA PHE L 241 26.39 52.78 28.16
C PHE L 241 25.20 53.31 27.37
N SER L 242 24.51 52.41 26.68
CA SER L 242 23.24 52.73 26.03
C SER L 242 22.24 51.67 26.47
N VAL L 243 21.34 52.06 27.35
CA VAL L 243 20.27 51.17 27.84
C VAL L 243 19.03 51.51 27.04
N GLY L 244 18.56 50.57 26.24
CA GLY L 244 17.57 50.92 25.24
C GLY L 244 18.11 52.06 24.41
N SER L 245 17.57 53.26 24.60
CA SER L 245 18.02 54.44 23.87
C SER L 245 18.57 55.54 24.77
N THR L 246 18.73 55.32 26.07
CA THR L 246 19.26 56.34 26.96
C THR L 246 20.74 56.10 27.20
N LEU L 247 21.53 57.17 27.13
CA LEU L 247 22.98 57.08 27.17
C LEU L 247 23.51 57.57 28.52
N TYR L 248 24.52 56.87 29.02
CA TYR L 248 25.17 57.19 30.29
C TYR L 248 26.68 57.01 30.21
N PRO L 249 27.47 58.05 30.48
CA PRO L 249 28.92 57.86 30.55
C PRO L 249 29.34 57.27 31.90
N GLU L 250 30.28 56.33 31.84
CA GLU L 250 30.78 55.70 33.05
C GLU L 250 32.31 55.74 33.06
N SER L 251 32.86 55.61 34.26
CA SER L 251 34.29 55.52 34.47
C SER L 251 34.64 54.09 34.89
N ARG L 252 35.72 53.56 34.33
CA ARG L 252 36.05 52.16 34.58
C ARG L 252 36.47 51.93 36.02
N LYS L 253 37.21 52.88 36.60
CA LYS L 253 37.61 52.73 38.00
C LYS L 253 36.40 52.68 38.92
N LEU L 254 35.43 53.56 38.70
CA LEU L 254 34.24 53.58 39.54
C LEU L 254 33.41 52.32 39.33
N LEU L 255 33.32 51.82 38.10
CA LEU L 255 32.61 50.58 37.84
C LEU L 255 33.28 49.40 38.54
N LYS L 256 34.61 49.31 38.43
CA LYS L 256 35.34 48.19 39.00
C LYS L 256 35.42 48.25 40.52
N SER L 257 35.30 49.44 41.11
CA SER L 257 35.33 49.55 42.56
C SER L 257 34.20 48.77 43.20
N TRP L 258 33.09 48.60 42.49
CA TRP L 258 31.92 47.91 43.01
C TRP L 258 32.00 46.40 42.84
N HIS L 259 33.08 45.89 42.25
CA HIS L 259 33.35 44.46 42.19
C HIS L 259 34.14 44.07 43.44
N LEU L 260 33.46 44.12 44.57
CA LEU L 260 34.05 43.94 45.89
C LEU L 260 34.33 42.47 46.19
N PRO L 261 35.30 42.17 47.05
CA PRO L 261 35.56 40.79 47.42
C PRO L 261 34.46 40.24 48.31
N SER L 262 34.58 38.94 48.62
CA SER L 262 33.62 38.32 49.53
C SER L 262 33.68 38.95 50.91
N VAL L 263 34.87 39.23 51.41
CA VAL L 263 35.07 39.93 52.69
C VAL L 263 36.16 40.95 52.51
N PHE L 264 36.00 42.11 53.13
CA PHE L 264 37.03 43.15 53.09
C PHE L 264 37.00 43.94 54.39
N HIS L 265 38.00 44.78 54.56
CA HIS L 265 38.17 45.59 55.76
C HIS L 265 38.29 47.06 55.38
N LEU L 266 37.53 47.91 56.06
CA LEU L 266 37.65 49.36 55.93
C LEU L 266 38.33 49.86 57.21
N LYS L 267 39.54 50.38 57.07
CA LYS L 267 40.36 50.78 58.21
C LYS L 267 40.54 52.29 58.20
N GLY L 268 39.69 52.99 58.96
CA GLY L 268 39.82 54.43 59.08
C GLY L 268 39.97 54.88 60.52
N LYS L 269 39.38 56.02 60.86
CA LYS L 269 39.28 56.38 62.28
C LYS L 269 38.47 55.34 63.04
N LEU L 270 37.41 54.83 62.41
CA LEU L 270 36.74 53.62 62.81
C LEU L 270 37.07 52.52 61.81
N SER L 271 36.92 51.27 62.25
N SER L 271 36.93 51.27 62.26
CA SER L 271 37.24 50.10 61.46
CA SER L 271 37.26 50.10 61.45
C SER L 271 36.00 49.23 61.30
C SER L 271 36.02 49.23 61.31
N PHE L 272 35.82 48.69 60.11
CA PHE L 272 34.65 47.87 59.82
C PHE L 272 35.05 46.64 59.02
N THR L 273 34.41 45.52 59.31
CA THR L 273 34.58 44.27 58.57
C THR L 273 33.31 44.07 57.73
N CYS L 274 33.47 44.02 56.42
CA CYS L 274 32.34 44.04 55.51
C CYS L 274 32.31 42.77 54.67
N ARG L 275 31.10 42.32 54.37
CA ARG L 275 30.88 41.10 53.60
C ARG L 275 29.95 41.42 52.44
N CYS L 276 30.44 41.24 51.21
CA CYS L 276 29.67 41.49 50.01
C CYS L 276 29.14 40.18 49.45
N ASP L 277 27.86 40.17 49.09
CA ASP L 277 27.21 38.96 48.60
C ASP L 277 26.22 39.32 47.50
N THR L 278 26.29 38.62 46.38
CA THR L 278 25.37 38.81 45.27
C THR L 278 24.11 37.99 45.54
N VAL L 279 23.00 38.67 45.81
CA VAL L 279 21.79 37.99 46.24
C VAL L 279 20.85 37.78 45.06
N VAL L 280 20.95 38.63 44.04
CA VAL L 280 20.18 38.43 42.82
C VAL L 280 21.10 38.56 41.61
N SER L 281 20.90 37.70 40.62
CA SER L 281 21.70 37.69 39.41
C SER L 281 20.83 37.24 38.25
N CYS L 282 20.43 38.17 37.39
CA CYS L 282 19.54 37.89 36.27
C CYS L 282 20.17 38.46 35.00
N GLU L 283 20.83 37.59 34.23
CA GLU L 283 21.25 37.86 32.85
C GLU L 283 22.00 39.19 32.73
N GLY L 284 22.87 39.48 33.69
CA GLY L 284 23.69 40.67 33.68
C GLY L 284 23.27 41.76 34.63
N TYR L 285 22.15 41.61 35.33
CA TYR L 285 21.71 42.59 36.31
C TYR L 285 21.76 41.96 37.70
N VAL L 286 22.44 42.61 38.63
CA VAL L 286 22.68 42.00 39.94
C VAL L 286 22.19 42.91 41.06
N VAL L 287 21.85 42.27 42.17
CA VAL L 287 21.63 42.91 43.45
C VAL L 287 22.62 42.30 44.43
N LYS L 288 23.45 43.17 45.03
CA LYS L 288 24.50 42.80 45.97
C LYS L 288 24.13 43.31 47.36
N ARG L 289 24.35 42.47 48.35
CA ARG L 289 24.14 42.80 49.76
C ARG L 289 25.49 42.96 50.44
N ILE L 290 25.69 44.08 51.13
CA ILE L 290 26.92 44.35 51.87
C ILE L 290 26.55 44.53 53.34
N THR L 291 27.06 43.67 54.19
CA THR L 291 26.93 43.87 55.62
C THR L 291 28.20 44.50 56.17
N MET L 292 28.04 45.38 57.15
CA MET L 292 29.17 46.08 57.75
C MET L 292 29.08 45.95 59.25
N SER L 293 30.18 45.57 59.89
CA SER L 293 30.21 45.34 61.32
C SER L 293 31.45 46.02 61.89
N PRO L 294 31.31 46.76 63.00
CA PRO L 294 32.48 47.44 63.56
C PRO L 294 33.53 46.47 64.07
N GLY L 295 34.78 46.88 63.98
CA GLY L 295 35.90 46.05 64.37
C GLY L 295 36.47 45.22 63.23
N LEU L 296 37.71 44.79 63.42
CA LEU L 296 38.41 43.98 62.44
C LEU L 296 38.38 42.51 62.87
N TYR L 297 37.88 41.65 61.98
CA TYR L 297 37.70 40.25 62.29
C TYR L 297 38.11 39.40 61.09
N GLY L 298 38.81 38.30 61.36
CA GLY L 298 39.16 37.36 60.33
C GLY L 298 40.26 37.86 59.42
N LYS L 299 40.39 37.15 58.30
CA LYS L 299 41.39 37.44 57.29
C LYS L 299 40.72 37.55 55.93
N THR L 300 41.28 38.38 55.06
CA THR L 300 40.77 38.61 53.72
C THR L 300 41.72 38.01 52.70
N THR L 301 41.17 37.36 51.68
CA THR L 301 41.97 36.84 50.58
C THR L 301 42.07 37.80 49.40
N GLY L 302 41.15 38.75 49.30
CA GLY L 302 41.15 39.65 48.16
C GLY L 302 40.61 39.07 46.88
N TYR L 303 39.75 38.06 46.95
CA TYR L 303 39.21 37.39 45.77
C TYR L 303 37.73 37.68 45.64
N ALA L 304 37.33 38.13 44.46
CA ALA L 304 35.94 38.34 44.10
C ALA L 304 35.51 37.24 43.14
N VAL L 305 34.35 36.64 43.38
CA VAL L 305 33.87 35.49 42.64
C VAL L 305 32.54 35.83 41.98
N THR L 306 32.41 35.48 40.70
CA THR L 306 31.17 35.60 39.96
C THR L 306 30.73 34.22 39.52
N HIS L 307 29.53 33.83 39.91
CA HIS L 307 28.94 32.57 39.45
C HIS L 307 28.20 32.81 38.15
N HIS L 308 28.37 31.91 37.20
CA HIS L 308 27.83 32.08 35.86
C HIS L 308 26.66 31.11 35.68
N ALA L 309 25.44 31.62 35.88
CA ALA L 309 24.26 30.82 35.57
C ALA L 309 24.07 30.68 34.07
N ASP L 310 24.42 31.71 33.31
CA ASP L 310 24.46 31.67 31.86
C ASP L 310 25.91 31.82 31.41
N GLY L 311 26.18 31.41 30.18
CA GLY L 311 27.53 31.51 29.67
C GLY L 311 27.97 32.97 29.53
N PHE L 312 29.23 33.23 29.83
CA PHE L 312 29.83 34.53 29.64
C PHE L 312 31.00 34.41 28.67
N LEU L 313 31.00 35.24 27.63
CA LEU L 313 32.02 35.17 26.59
C LEU L 313 32.77 36.48 26.49
N MET L 314 34.08 36.40 26.40
CA MET L 314 34.90 37.52 25.96
C MET L 314 35.79 37.01 24.83
N CYS L 315 35.77 37.69 23.70
CA CYS L 315 36.45 37.19 22.52
CA CYS L 315 36.45 37.19 22.53
C CYS L 315 37.12 38.33 21.79
N LYS L 316 38.01 37.98 20.87
CA LYS L 316 38.64 38.94 19.98
CA LYS L 316 38.61 38.98 20.02
C LYS L 316 37.76 39.16 18.76
N THR L 317 37.48 40.41 18.43
CA THR L 317 36.75 40.74 17.23
C THR L 317 37.64 41.65 16.39
N THR L 318 37.57 41.47 15.08
CA THR L 318 38.22 42.35 14.13
C THR L 318 37.15 43.24 13.52
N ASP L 319 37.29 44.55 13.70
CA ASP L 319 36.31 45.50 13.23
C ASP L 319 37.03 46.64 12.51
N THR L 320 36.25 47.58 12.00
CA THR L 320 36.76 48.74 11.27
C THR L 320 36.33 49.99 12.03
N VAL L 321 37.29 50.63 12.70
CA VAL L 321 37.05 51.86 13.45
C VAL L 321 37.54 53.02 12.60
N ASP L 322 36.61 53.87 12.18
CA ASP L 322 36.91 55.05 11.36
C ASP L 322 37.70 54.67 10.11
N GLY L 323 37.37 53.51 9.54
CA GLY L 323 38.05 53.02 8.36
C GLY L 323 39.22 52.10 8.64
N GLU L 324 39.85 52.20 9.80
CA GLU L 324 41.06 51.46 10.10
C GLU L 324 40.70 50.13 10.74
N ARG L 325 41.23 49.04 10.20
CA ARG L 325 40.91 47.71 10.72
C ARG L 325 41.74 47.45 11.97
N VAL L 326 41.06 47.10 13.06
CA VAL L 326 41.68 46.83 14.35
C VAL L 326 41.04 45.60 14.96
N SER L 327 41.63 45.12 16.04
CA SER L 327 41.09 44.02 16.83
C SER L 327 40.95 44.47 18.27
N PHE L 328 39.85 44.07 18.91
CA PHE L 328 39.66 44.38 20.32
C PHE L 328 38.72 43.34 20.92
N SER L 329 38.70 43.28 22.26
CA SER L 329 37.91 42.30 22.96
C SER L 329 36.48 42.77 23.16
N VAL L 330 35.54 41.84 22.98
CA VAL L 330 34.11 42.09 23.08
C VAL L 330 33.51 41.00 23.96
N CYS L 331 32.68 41.41 24.92
CA CYS L 331 32.07 40.48 25.86
C CYS L 331 30.56 40.45 25.69
N THR L 332 29.96 39.34 26.09
CA THR L 332 28.52 39.15 25.97
C THR L 332 28.09 38.02 26.89
N TYR L 333 26.77 37.87 27.02
CA TYR L 333 26.16 36.76 27.75
C TYR L 333 25.38 35.88 26.80
N VAL L 334 25.45 34.58 27.02
CA VAL L 334 24.81 33.58 26.17
C VAL L 334 23.90 32.75 27.05
N PRO L 335 22.65 32.51 26.66
CA PRO L 335 21.75 31.71 27.49
C PRO L 335 22.30 30.30 27.72
N ALA L 336 22.04 29.79 28.92
CA ALA L 336 22.61 28.50 29.32
C ALA L 336 22.12 27.37 28.45
N THR L 337 20.89 27.47 27.92
CA THR L 337 20.40 26.42 27.03
C THR L 337 21.20 26.39 25.73
N ILE L 338 21.52 27.55 25.17
CA ILE L 338 22.36 27.60 23.97
C ILE L 338 23.73 27.03 24.25
N CYS L 339 24.32 27.40 25.40
CA CYS L 339 25.63 26.88 25.76
C CYS L 339 25.60 25.36 25.91
N ASP L 340 24.55 24.82 26.52
CA ASP L 340 24.46 23.38 26.69
C ASP L 340 24.27 22.68 25.36
N GLN L 341 23.54 23.29 24.43
CA GLN L 341 23.27 22.65 23.14
C GLN L 341 24.49 22.66 22.21
N MET L 342 25.56 23.37 22.58
CA MET L 342 26.77 23.40 21.77
C MET L 342 27.91 22.58 22.35
N THR L 343 27.65 21.79 23.39
CA THR L 343 28.72 21.01 24.02
C THR L 343 29.28 19.97 23.06
N GLY L 344 28.42 19.30 22.31
CA GLY L 344 28.91 18.28 21.38
C GLY L 344 29.59 18.87 20.17
N ILE L 345 29.10 20.01 19.68
CA ILE L 345 29.68 20.64 18.49
C ILE L 345 31.09 21.13 18.78
N LEU L 346 31.34 21.66 19.97
CA LEU L 346 32.64 22.20 20.31
C LEU L 346 33.65 21.11 20.66
N ALA L 347 33.27 19.84 20.59
CA ALA L 347 34.23 18.76 20.74
C ALA L 347 35.22 18.72 19.59
N THR L 348 34.80 19.20 18.42
CA THR L 348 35.61 19.26 17.22
C THR L 348 35.90 20.72 16.88
N GLU L 349 36.86 20.93 15.99
CA GLU L 349 37.09 22.27 15.46
C GLU L 349 35.99 22.60 14.47
N VAL L 350 35.37 23.76 14.64
CA VAL L 350 34.25 24.19 13.83
C VAL L 350 34.58 25.57 13.27
N THR L 351 34.20 25.81 12.03
CA THR L 351 34.39 27.11 11.43
C THR L 351 33.37 28.09 11.99
N PRO L 352 33.67 29.40 11.95
CA PRO L 352 32.68 30.37 12.42
C PRO L 352 31.39 30.35 11.63
N GLU L 353 31.44 30.03 10.32
CA GLU L 353 30.22 29.97 9.52
C GLU L 353 29.34 28.80 9.94
N ASP L 354 29.93 27.62 10.13
CA ASP L 354 29.16 26.47 10.59
C ASP L 354 28.60 26.70 11.99
N ALA L 355 29.41 27.30 12.87
CA ALA L 355 28.94 27.63 14.21
C ALA L 355 27.79 28.61 14.17
N GLN L 356 27.88 29.62 13.30
CA GLN L 356 26.80 30.59 13.15
C GLN L 356 25.52 29.92 12.64
N LYS L 357 25.67 29.01 11.67
CA LYS L 357 24.50 28.32 11.15
C LYS L 357 23.86 27.44 12.22
N LEU L 358 24.67 26.76 13.02
CA LEU L 358 24.11 25.97 14.12
C LEU L 358 23.43 26.85 15.17
N LEU L 359 24.04 27.99 15.51
CA LEU L 359 23.45 28.90 16.48
C LEU L 359 22.13 29.44 15.98
N VAL L 360 22.04 29.78 14.70
CA VAL L 360 20.79 30.23 14.11
C VAL L 360 19.77 29.11 14.15
N GLY L 361 20.21 27.87 13.95
CA GLY L 361 19.30 26.74 14.09
C GLY L 361 18.73 26.61 15.49
N LEU L 362 19.59 26.73 16.50
CA LEU L 362 19.12 26.60 17.88
C LEU L 362 18.24 27.77 18.30
N ASN L 363 18.36 28.91 17.63
CA ASN L 363 17.49 30.07 17.85
C ASN L 363 16.18 29.97 17.07
N GLN L 364 15.81 28.78 16.63
CA GLN L 364 14.63 28.55 15.80
C GLN L 364 14.69 29.37 14.51
N THR L 376 10.37 33.36 16.85
CA THR L 376 10.88 33.69 18.17
C THR L 376 12.36 33.36 18.28
N ASN L 377 13.06 34.03 19.21
CA ASN L 377 14.50 33.87 19.37
C ASN L 377 14.84 33.73 20.84
N THR L 378 15.70 32.75 21.15
CA THR L 378 16.17 32.59 22.52
C THR L 378 17.17 33.69 22.89
N MET L 379 18.00 34.11 21.95
CA MET L 379 18.96 35.18 22.18
CA MET L 379 18.98 35.16 22.16
C MET L 379 18.96 36.11 20.97
N LYS L 380 19.40 37.35 21.24
CA LYS L 380 19.43 38.37 20.20
C LYS L 380 20.31 37.92 19.04
N ASN L 381 19.90 38.29 17.82
CA ASN L 381 20.61 37.80 16.64
C ASN L 381 21.84 38.63 16.33
N TYR L 382 21.86 39.91 16.73
CA TYR L 382 23.00 40.77 16.41
C TYR L 382 24.26 40.33 17.12
N MET L 383 24.15 39.55 18.19
CA MET L 383 25.30 38.98 18.87
C MET L 383 25.63 37.58 18.40
N ILE L 384 24.81 36.97 17.54
CA ILE L 384 25.07 35.60 17.09
C ILE L 384 26.38 35.49 16.32
N PRO L 385 26.73 36.39 15.36
CA PRO L 385 28.01 36.24 14.66
C PRO L 385 29.22 36.20 15.59
N VAL L 386 29.40 37.24 16.41
CA VAL L 386 30.59 37.31 17.25
C VAL L 386 30.65 36.09 18.17
N VAL L 387 29.51 35.71 18.75
CA VAL L 387 29.46 34.52 19.60
C VAL L 387 29.95 33.31 18.82
N ALA L 388 29.42 33.12 17.61
CA ALA L 388 29.87 32.03 16.77
C ALA L 388 31.37 32.07 16.61
N GLN L 389 31.91 33.23 16.23
CA GLN L 389 33.34 33.39 16.08
C GLN L 389 34.04 32.97 17.36
N ALA L 390 33.58 33.52 18.50
CA ALA L 390 34.13 33.15 19.79
C ALA L 390 34.17 31.63 19.94
N PHE L 391 33.02 30.99 19.79
CA PHE L 391 32.96 29.55 20.00
C PHE L 391 33.98 28.85 19.13
N SER L 392 34.03 29.23 17.85
CA SER L 392 34.96 28.58 16.92
C SER L 392 36.38 28.67 17.46
N LYS L 393 36.82 29.88 17.81
CA LYS L 393 38.17 30.04 18.32
C LYS L 393 38.37 29.19 19.55
N TRP L 394 37.41 29.24 20.48
CA TRP L 394 37.52 28.45 21.69
C TRP L 394 37.73 26.98 21.35
N ALA L 395 36.91 26.44 20.45
CA ALA L 395 37.05 25.04 20.09
C ALA L 395 38.47 24.76 19.64
N LYS L 396 38.98 25.58 18.71
CA LYS L 396 40.32 25.38 18.20
C LYS L 396 41.32 25.39 19.34
N GLU L 397 41.22 26.38 20.23
CA GLU L 397 42.20 26.48 21.32
C GLU L 397 42.18 25.22 22.17
N CYS L 398 40.99 24.67 22.42
CA CYS L 398 40.93 23.45 23.23
C CYS L 398 41.72 22.33 22.56
N ARG L 399 41.55 22.19 21.24
CA ARG L 399 42.32 21.18 20.52
C ARG L 399 43.80 21.40 20.70
N LYS L 400 44.26 22.65 20.64
CA LYS L 400 45.67 22.94 20.85
C LYS L 400 46.13 22.35 22.17
N ASP L 401 45.35 22.58 23.23
CA ASP L 401 45.74 22.08 24.55
C ASP L 401 45.80 20.57 24.54
N MET L 402 44.87 19.92 23.85
CA MET L 402 44.90 18.46 23.77
C MET L 402 46.08 18.00 22.95
N GLU L 403 46.43 18.75 21.91
CA GLU L 403 47.51 18.31 21.01
C GLU L 403 48.87 18.43 21.69
N ASP L 404 49.12 19.55 22.35
CA ASP L 404 50.43 19.80 22.94
C ASP L 404 50.32 19.48 24.45
N GLU L 405 50.24 18.19 24.72
CA GLU L 405 50.12 17.75 26.11
C GLU L 405 51.48 17.81 26.81
N LYS L 406 51.48 18.31 28.05
CA LYS L 406 52.69 18.46 28.84
C LYS L 406 52.84 17.34 29.85
N LEU L 407 53.88 17.44 30.68
CA LEU L 407 54.18 16.45 31.70
C LEU L 407 53.77 16.99 33.07
N LEU L 408 53.29 16.11 33.94
CA LEU L 408 52.92 16.51 35.30
C LEU L 408 54.13 16.97 36.09
N GLY L 409 53.95 18.05 36.85
CA GLY L 409 55.00 18.54 37.73
C GLY L 409 56.14 19.23 37.05
N VAL L 410 56.02 19.57 35.76
CA VAL L 410 57.10 20.19 35.01
C VAL L 410 56.60 21.52 34.46
N ARG L 411 57.57 22.41 34.17
CA ARG L 411 57.28 23.71 33.60
C ARG L 411 58.53 24.15 32.84
N GLU L 412 58.50 24.03 31.52
CA GLU L 412 59.69 24.28 30.72
C GLU L 412 60.06 25.75 30.73
N ARG L 413 61.31 26.05 31.10
CA ARG L 413 61.80 27.41 31.16
C ARG L 413 63.13 27.50 30.44
N THR L 414 63.38 28.65 29.82
CA THR L 414 64.60 28.90 29.06
C THR L 414 65.31 30.13 29.62
N LEU L 415 66.62 29.99 29.84
CA LEU L 415 67.41 31.09 30.39
C LEU L 415 67.76 32.10 29.30
N THR L 416 68.00 33.33 29.73
CA THR L 416 68.30 34.45 28.84
C THR L 416 69.57 35.16 29.27
N CYS L 417 70.61 34.36 29.57
CA CYS L 417 71.92 34.89 29.98
C CYS L 417 71.80 35.82 31.18
N CYS L 418 70.98 35.43 32.15
CA CYS L 418 70.79 36.19 33.38
C CYS L 418 70.29 35.25 34.46
N CYS L 419 70.13 35.80 35.66
CA CYS L 419 69.52 35.04 36.74
C CYS L 419 68.00 35.13 36.61
N LEU L 420 67.49 34.83 35.42
CA LEU L 420 66.11 35.13 35.08
C LEU L 420 65.79 34.38 33.79
N TRP L 421 64.57 33.83 33.72
CA TRP L 421 64.23 32.79 32.73
C TRP L 421 62.87 33.09 32.11
N ALA L 422 62.71 32.72 30.84
CA ALA L 422 61.49 32.95 30.08
C ALA L 422 60.81 31.63 29.74
N PHE L 423 59.63 31.72 29.11
CA PHE L 423 58.92 30.58 28.53
C PHE L 423 57.93 31.12 27.51
N LYS L 424 57.18 30.22 26.89
CA LYS L 424 56.25 30.56 25.83
C LYS L 424 54.84 30.75 26.38
N LYS L 425 54.21 31.87 26.03
CA LYS L 425 52.82 32.13 26.39
C LYS L 425 51.93 31.83 25.20
N GLN L 426 51.00 30.90 25.37
CA GLN L 426 50.11 30.53 24.29
C GLN L 426 49.14 31.66 23.97
N LYS L 427 48.66 31.69 22.72
CA LYS L 427 47.69 32.69 22.31
C LYS L 427 46.30 32.30 22.83
N THR L 428 45.61 33.27 23.43
CA THR L 428 44.28 33.07 24.01
C THR L 428 43.36 34.14 23.45
N HIS L 429 42.46 33.74 22.55
CA HIS L 429 41.56 34.67 21.89
C HIS L 429 40.12 34.54 22.35
N THR L 430 39.84 33.68 23.33
CA THR L 430 38.49 33.51 23.85
C THR L 430 38.55 33.08 25.31
N VAL L 431 37.84 33.81 26.16
CA VAL L 431 37.51 33.39 27.51
C VAL L 431 36.05 32.99 27.51
N TYR L 432 35.77 31.74 27.83
CA TYR L 432 34.42 31.18 27.78
C TYR L 432 34.10 30.59 29.15
N LYS L 433 33.36 31.34 29.96
CA LYS L 433 32.89 30.85 31.26
C LYS L 433 31.55 30.18 31.04
N ARG L 434 31.56 28.84 31.03
CA ARG L 434 30.37 28.08 30.78
C ARG L 434 29.41 28.19 31.97
N PRO L 435 28.13 27.88 31.75
CA PRO L 435 27.19 27.86 32.88
C PRO L 435 27.65 26.92 33.97
N ASP L 436 27.47 27.35 35.22
CA ASP L 436 27.89 26.64 36.43
C ASP L 436 29.39 26.70 36.67
N THR L 437 30.07 27.70 36.13
CA THR L 437 31.46 27.98 36.45
C THR L 437 31.54 29.29 37.23
N GLN L 438 32.74 29.62 37.68
CA GLN L 438 32.96 30.82 38.49
C GLN L 438 34.21 31.55 38.02
N SER L 439 34.08 32.85 37.82
CA SER L 439 35.23 33.73 37.63
C SER L 439 35.76 34.14 38.99
N ILE L 440 37.08 34.15 39.13
CA ILE L 440 37.73 34.57 40.37
C ILE L 440 38.80 35.59 40.04
N GLN L 441 38.71 36.77 40.65
CA GLN L 441 39.61 37.87 40.37
C GLN L 441 40.23 38.37 41.67
N LYS L 442 41.53 38.66 41.65
CA LYS L 442 42.19 39.22 42.81
C LYS L 442 42.02 40.72 42.79
N VAL L 443 41.33 41.25 43.81
CA VAL L 443 41.07 42.68 43.94
C VAL L 443 41.52 43.12 45.32
N GLN L 444 41.52 44.42 45.53
CA GLN L 444 41.88 44.96 46.84
C GLN L 444 40.83 44.58 47.87
N ALA L 445 41.30 44.23 49.07
CA ALA L 445 40.41 43.87 50.16
C ALA L 445 40.70 44.62 51.45
N GLU L 446 41.75 45.42 51.49
CA GLU L 446 42.12 46.21 52.67
C GLU L 446 42.12 47.67 52.26
N PHE L 447 41.07 48.40 52.63
CA PHE L 447 40.95 49.82 52.32
C PHE L 447 41.21 50.64 53.56
N ASP L 448 42.13 51.60 53.45
CA ASP L 448 42.46 52.47 54.56
C ASP L 448 42.64 53.94 54.18
N SER L 449 42.41 54.31 52.94
CA SER L 449 42.59 55.69 52.47
C SER L 449 41.28 56.17 51.87
N PHE L 450 40.38 56.64 52.73
CA PHE L 450 39.15 57.29 52.31
C PHE L 450 39.22 58.80 52.40
N VAL L 451 40.38 59.36 52.76
CA VAL L 451 40.51 60.81 52.90
C VAL L 451 40.65 61.52 51.57
N VAL L 452 40.81 60.78 50.48
CA VAL L 452 40.93 61.35 49.15
C VAL L 452 39.66 62.10 48.77
N SER L 458 25.96 72.04 47.84
CA SER L 458 25.67 73.37 47.30
C SER L 458 25.66 73.35 45.77
N GLY L 459 24.74 72.58 45.20
CA GLY L 459 24.66 72.46 43.76
C GLY L 459 23.28 72.69 43.19
N LEU L 460 22.53 73.63 43.77
CA LEU L 460 21.19 73.96 43.32
C LEU L 460 21.07 75.47 43.15
N SER L 461 20.47 75.89 42.03
CA SER L 461 20.42 77.29 41.65
C SER L 461 19.11 77.93 42.10
N ILE L 462 19.12 79.27 42.16
CA ILE L 462 17.95 80.00 42.63
C ILE L 462 16.72 79.81 41.73
N PRO L 463 16.83 79.93 40.39
CA PRO L 463 15.61 79.71 39.57
C PRO L 463 15.00 78.33 39.73
N LEU L 464 15.83 77.30 39.88
CA LEU L 464 15.29 75.97 40.17
C LEU L 464 14.59 75.95 41.53
N ARG L 465 15.15 76.65 42.52
CA ARG L 465 14.49 76.79 43.80
C ARG L 465 13.12 77.41 43.66
N THR L 466 13.01 78.47 42.87
CA THR L 466 11.73 79.12 42.67
C THR L 466 10.74 78.19 41.96
N ARG L 467 11.22 77.47 40.95
CA ARG L 467 10.33 76.58 40.20
C ARG L 467 9.82 75.45 41.07
N ILE L 468 10.67 74.90 41.93
CA ILE L 468 10.26 73.78 42.78
C ILE L 468 9.15 74.20 43.72
N LYS L 469 9.21 75.41 44.25
CA LYS L 469 8.18 75.92 45.14
C LYS L 469 6.84 76.04 44.44
ZN ZN M . 1.69 83.62 20.07
N SAH N . 1.84 71.75 12.36
CA SAH N . 0.88 71.43 11.32
CB SAH N . 1.42 71.82 9.96
CG SAH N . 2.74 72.57 10.01
SD SAH N . 3.32 73.07 8.38
C SAH N . 0.50 69.96 11.35
O SAH N . 0.00 69.42 10.37
OXT SAH N . 0.69 69.28 12.35
C5' SAH N . 4.77 73.74 9.19
C4' SAH N . 4.40 75.10 9.73
O4' SAH N . 5.46 75.70 10.43
C3' SAH N . 4.04 76.05 8.59
O3' SAH N . 2.65 76.26 8.58
C2' SAH N . 4.76 77.33 8.91
O2' SAH N . 3.85 78.40 8.90
C1' SAH N . 5.30 77.10 10.30
N9 SAH N . 6.57 77.81 10.53
C8 SAH N . 7.60 78.00 9.64
N7 SAH N . 8.56 78.71 10.25
C5 SAH N . 8.17 78.99 11.50
C6 SAH N . 8.77 79.68 12.54
N6 SAH N . 9.96 80.23 12.37
N1 SAH N . 8.11 79.82 13.74
C2 SAH N . 6.87 79.26 13.92
N3 SAH N . 6.28 78.56 12.88
C4 SAH N . 6.92 78.43 11.70
PA MGP O . -0.27 67.45 5.17
O1A MGP O . -0.37 67.51 3.64
O2A MGP O . 0.24 68.76 5.69
O3A MGP O . -1.75 67.14 5.83
O5' MGP O . 0.80 66.23 5.61
PB MGP O . -3.13 67.85 5.35
O1B MGP O . -3.21 69.26 5.88
O2B MGP O . -3.21 67.87 3.82
O3B MGP O . -4.39 66.95 5.94
PC MGP O . -4.54 65.34 5.58
O1C MGP O . -3.50 64.56 6.37
O2C MGP O . -5.94 64.86 5.95
O3C MGP O . -4.30 65.14 4.07
C5' MGP O . 0.39 64.90 5.55
C4' MGP O . 1.52 63.99 6.15
O4' MGP O . 2.66 64.40 5.70
C3' MGP O . 1.57 64.13 7.68
O3' MGP O . 1.06 63.01 8.28
C2' MGP O . 3.02 64.30 8.03
O2' MGP O . 3.59 63.00 8.49
C1' MGP O . 3.64 64.66 6.94
N9 MGP O . 4.01 66.08 6.98
C8 MGP O . 3.12 67.23 7.35
N7 MGP O . 3.97 68.47 7.21
CM7 MGP O . 3.52 69.84 7.47
C5 MGP O . 5.25 68.05 6.79
C6 MGP O . 6.51 68.84 6.50
O6 MGP O . 6.52 70.03 6.61
N1 MGP O . 7.71 68.15 6.08
C2 MGP O . 7.70 66.69 5.95
N2 MGP O . 8.92 66.01 5.54
N3 MGP O . 6.49 65.92 6.23
C4 MGP O . 5.27 66.62 6.66
MG MG P . -1.01 62.49 0.48
MG MG Q . 13.69 57.55 30.16
MG MG R . -3.38 66.30 1.97
ZN ZN S . -21.81 81.43 -16.89
N SAH T . -18.19 68.00 -18.93
CA SAH T . -19.01 67.02 -19.65
CB SAH T . -18.58 66.93 -21.09
CG SAH T . -17.42 67.85 -21.46
SD SAH T . -17.04 67.77 -23.22
C SAH T . -18.96 65.66 -18.97
O SAH T . -19.27 64.64 -19.59
OXT SAH T . -18.60 65.54 -17.81
C5' SAH T . -15.83 69.08 -22.93
C4' SAH T . -16.57 70.40 -22.96
O4' SAH T . -15.73 71.48 -22.66
C3' SAH T . -17.15 70.65 -24.33
O3' SAH T . -18.55 70.48 -24.29
C2' SAH T . -16.81 72.10 -24.63
O2' SAH T . -17.98 72.80 -24.98
C1' SAH T . -16.25 72.60 -23.31
N9 SAH T . -15.25 73.65 -23.53
C8 SAH T . -14.28 73.68 -24.49
N7 SAH T . -13.56 74.82 -24.35
C5 SAH T . -14.05 75.50 -23.30
C6 SAH T . -13.70 76.71 -22.73
N6 SAH T . -12.69 77.41 -23.22
N1 SAH T . -14.40 77.18 -21.64
C2 SAH T . -15.45 76.45 -21.13
N3 SAH T . -15.80 75.26 -21.70
C4 SAH T . -15.12 74.79 -22.78
PA MGP U . -18.86 60.58 -23.44
O1A MGP U . -18.96 59.95 -24.84
O2A MGP U . -18.76 62.08 -23.57
O3A MGP U . -20.20 60.21 -22.56
O5' MGP U . -17.50 59.99 -22.67
PB MGP U . -21.72 60.30 -23.12
O1B MGP U . -22.18 61.75 -23.15
O2B MGP U . -21.80 59.73 -24.53
O3B MGP U . -22.69 59.42 -22.12
PC MGP U . -22.35 57.84 -21.75
O1C MGP U . -21.15 57.79 -20.80
O2C MGP U . -23.56 57.18 -21.10
O3C MGP U . -22.00 57.10 -23.05
C5' MGP U . -17.53 58.73 -22.10
C4' MGP U . -16.21 58.49 -21.27
O4' MGP U . -15.20 58.95 -21.95
C3' MGP U . -16.26 59.28 -19.96
O3' MGP U . -16.46 58.43 -18.89
C2' MGP U . -14.89 59.93 -19.83
O2' MGP U . -14.02 59.12 -18.93
C1' MGP U . -14.37 59.95 -21.02
N9 MGP U . -14.42 61.29 -21.61
C8 MGP U . -15.59 62.22 -21.66
N7 MGP U . -15.12 63.46 -22.38
CM7 MGP U . -15.94 64.63 -22.66
C5 MGP U . -13.76 63.24 -22.73
C6 MGP U . -12.78 64.13 -23.46
O6 MGP U . -13.10 65.21 -23.85
N1 MGP U . -11.43 63.66 -23.67
C2 MGP U . -11.03 62.33 -23.20
N2 MGP U . -9.67 61.88 -23.42
N3 MGP U . -11.98 61.48 -22.50
C4 MGP U . -13.35 61.95 -22.27
MG MG V . -18.03 54.07 -25.54
MG MG W . -21.49 57.42 -25.60
ZN ZN X . -42.88 57.72 -47.24
N SAH Y . -35.59 46.10 -43.71
CA SAH Y . -36.11 44.74 -43.87
CB SAH Y . -35.61 44.17 -45.20
CG SAH Y . -34.78 45.13 -46.04
SD SAH Y . -34.33 44.42 -47.63
C SAH Y . -35.70 43.85 -42.72
O SAH Y . -35.72 42.62 -42.83
OXT SAH Y . -35.36 44.32 -41.63
C5' SAH Y . -33.55 45.99 -48.02
C4' SAH Y . -34.63 46.93 -48.53
O4' SAH Y . -34.12 48.21 -48.80
C3' SAH Y . -35.20 46.40 -49.83
O3' SAH Y . -36.50 45.91 -49.61
C2' SAH Y . -35.27 47.61 -50.74
O2' SAH Y . -36.56 47.75 -51.26
C1' SAH Y . -34.91 48.76 -49.83
N9 SAH Y . -34.20 49.83 -50.55
C8 SAH Y . -33.25 49.69 -51.52
N7 SAH Y . -32.87 50.92 -51.93
C5 SAH Y . -33.57 51.83 -51.23
C6 SAH Y . -33.58 53.21 -51.25
N6 SAH Y . -32.77 53.87 -52.08
N1 SAH Y . -34.41 53.91 -50.41
C2 SAH Y . -35.25 53.23 -49.55
N3 SAH Y . -35.24 51.85 -49.54
C4 SAH Y . -34.42 51.17 -50.36
PA MGP Z . -34.12 37.61 -44.70
O1A MGP Z . -33.99 36.41 -45.65
O2A MGP Z . -34.43 38.84 -45.50
O3A MGP Z . -35.34 37.36 -43.63
O5' MGP Z . -32.68 37.81 -43.87
PB MGP Z . -36.80 36.78 -44.02
O1B MGP Z . -37.66 37.88 -44.61
O2B MGP Z . -36.67 35.64 -45.01
O3B MGP Z . -37.51 36.20 -42.62
PC MGP Z . -36.78 35.05 -41.69
O1C MGP Z . -35.64 35.70 -40.90
O2C MGP Z . -37.79 34.46 -40.72
O3C MGP Z . -36.22 33.95 -42.60
C5' MGP Z . -32.40 36.97 -42.79
C4' MGP Z . -31.08 37.43 -42.08
O4' MGP Z . -30.22 37.79 -42.98
C3' MGP Z . -31.34 38.67 -41.21
O3' MGP Z . -31.31 38.33 -39.88
C2' MGP Z . -30.21 39.64 -41.52
O2' MGP Z . -29.17 39.55 -40.46
C1' MGP Z . -29.69 39.27 -42.65
N9 MGP Z . -30.08 40.16 -43.74
C8 MGP Z . -31.45 40.64 -44.09
N7 MGP Z . -31.31 41.53 -45.29
CM7 MGP Z . -32.41 42.20 -45.97
C5 MGP Z . -29.93 41.56 -45.62
C6 MGP Z . -29.19 42.28 -46.72
O6 MGP Z . -29.78 42.96 -47.51
N1 MGP Z . -27.77 42.14 -46.84
C2 MGP Z . -27.03 41.29 -45.88
N2 MGP Z . -25.60 41.17 -46.00
N3 MGP Z . -27.74 40.60 -44.81
C4 MGP Z . -29.20 40.74 -44.70
MG MG AA . -31.57 31.26 -43.97
MG MG BA . -35.68 33.31 -45.02
ZN ZN CA . -55.76 18.89 -62.71
N SAH DA . -45.71 12.10 -55.39
CA SAH DA . -45.82 10.72 -54.93
CB SAH DA . -45.15 9.77 -55.91
CG SAH DA . -44.67 10.46 -57.19
SD SAH DA . -43.94 9.28 -58.34
C SAH DA . -45.23 10.55 -53.54
O SAH DA . -44.89 9.45 -53.12
OXT SAH DA . -45.08 11.52 -52.80
C5' SAH DA . -43.61 10.68 -59.43
C4' SAH DA . -44.88 10.98 -60.19
O4' SAH DA . -44.74 12.11 -61.01
C3' SAH DA . -45.25 9.82 -61.08
O3' SAH DA . -46.36 9.14 -60.55
C2' SAH DA . -45.62 10.46 -62.40
O2' SAH DA . -46.90 10.02 -62.80
C1' SAH DA . -45.63 11.94 -62.09
N9 SAH DA . -45.23 12.74 -63.25
C8 SAH DA . -44.26 12.44 -64.18
N7 SAH DA . -44.23 13.45 -65.09
C5 SAH DA . -45.16 14.37 -64.75
C6 SAH DA . -45.53 15.57 -65.33
N6 SAH DA . -44.93 15.99 -66.44
N1 SAH DA . -46.54 16.32 -64.76
C2 SAH DA . -47.16 15.88 -63.62
N3 SAH DA . -46.78 14.68 -63.04
C4 SAH DA . -45.79 13.95 -63.60
PA MGP EA . -41.97 4.74 -52.90
O1A MGP EA . -41.50 3.35 -53.32
O2A MGP EA . -42.59 5.45 -54.07
O3A MGP EA . -43.09 4.63 -51.70
O5' MGP EA . -40.65 5.62 -52.34
PB MGP EA . -44.30 3.54 -51.67
O1B MGP EA . -45.40 3.96 -52.61
O2B MGP EA . -43.78 2.17 -52.08
O3B MGP EA . -44.88 3.45 -50.12
PC MGP EA . -43.89 3.07 -48.86
O1C MGP EA . -42.99 4.25 -48.54
O2C MGP EA . -44.73 2.72 -47.63
O3C MGP EA . -43.03 1.86 -49.25
C5' MGP EA . -40.19 5.41 -51.05
C4' MGP EA . -39.05 6.44 -50.72
O4' MGP EA . -38.30 6.58 -51.77
C3' MGP EA . -39.66 7.82 -50.42
O3' MGP EA . -39.56 8.12 -49.09
C2' MGP EA . -38.82 8.82 -51.22
O2' MGP EA . -37.83 9.47 -50.33
C1' MGP EA . -38.20 8.14 -52.14
N9 MGP EA . -38.78 8.34 -53.45
C8 MGP EA . -40.23 8.26 -53.84
N7 MGP EA . -40.30 8.55 -55.32
CM7 MGP EA . -41.53 8.57 -56.11
C5 MGP EA . -38.97 8.79 -55.76
C6 MGP EA . -38.43 9.14 -57.12
O6 MGP EA . -39.17 9.25 -58.06
N1 MGP EA . -37.02 9.34 -57.30
C2 MGP EA . -36.11 9.21 -56.16
N2 MGP EA . -34.69 9.42 -56.34
N3 MGP EA . -36.64 8.87 -54.82
C4 MGP EA . -38.07 8.68 -54.65
MG MG FA . -37.76 0.20 -49.81
MG MG GA . -42.26 0.44 -51.24
ZN ZN HA . -57.12 -24.84 -59.27
N SAH IA . -45.85 -24.98 -50.85
CA SAH IA . -45.58 -26.00 -49.84
CB SAH IA . -44.64 -27.06 -50.40
CG SAH IA . -44.30 -26.87 -51.86
SD SAH IA . -43.26 -28.20 -52.48
C SAH IA . -45.02 -25.39 -48.57
O SAH IA . -44.27 -26.04 -47.83
OXT SAH IA . -45.28 -24.24 -48.24
C5' SAH IA . -43.28 -27.36 -54.08
C4' SAH IA . -44.59 -27.73 -54.77
O4' SAH IA . -44.73 -27.06 -56.00
C3' SAH IA . -44.61 -29.22 -55.07
O3' SAH IA . -45.52 -29.85 -54.20
C2' SAH IA . -45.11 -29.32 -56.48
O2' SAH IA . -46.21 -30.18 -56.55
C1' SAH IA . -45.51 -27.89 -56.82
N9 SAH IA . -45.33 -27.59 -58.25
C8 SAH IA . -44.29 -28.00 -59.04
N7 SAH IA . -44.51 -27.52 -60.29
C5 SAH IA . -45.66 -26.83 -60.29
C6 SAH IA . -46.34 -26.14 -61.29
N6 SAH IA . -45.85 -26.10 -62.52
N1 SAH IA . -47.53 -25.52 -61.00
C2 SAH IA . -48.05 -25.57 -59.72
N3 SAH IA . -47.36 -26.25 -58.73
C4 SAH IA . -46.19 -26.86 -59.02
PA MGP JA . -40.15 -29.36 -45.77
O1A MGP JA . -39.30 -30.60 -45.50
O2A MGP JA . -40.83 -29.50 -47.11
O3A MGP JA . -41.29 -29.18 -44.60
O5' MGP JA . -39.16 -28.00 -45.79
PB MGP JA . -42.24 -30.39 -44.06
O1B MGP JA . -43.40 -30.61 -45.01
O2B MGP JA . -41.43 -31.69 -43.95
O3B MGP JA . -42.79 -29.99 -42.56
PC MGP JA . -41.78 -29.53 -41.34
O1C MGP JA . -41.27 -28.12 -41.60
O2C MGP JA . -42.51 -29.57 -40.01
O3C MGP JA . -40.59 -30.51 -41.30
C5' MGP JA . -38.73 -27.45 -44.58
C4' MGP JA . -37.96 -26.11 -44.85
O4' MGP JA . -37.25 -26.25 -45.92
C3' MGP JA . -38.94 -24.96 -45.10
O3' MGP JA . -39.01 -24.13 -44.02
C2' MGP JA . -38.39 -24.21 -46.29
O2' MGP JA . -37.60 -23.04 -45.83
C1' MGP JA . -37.59 -25.04 -46.91
N9 MGP JA . -38.20 -25.58 -48.13
C8 MGP JA . -39.57 -26.18 -48.29
N7 MGP JA . -39.69 -26.60 -49.72
CM7 MGP JA . -40.86 -27.22 -50.32
C5 MGP JA . -38.47 -26.24 -50.37
C6 MGP JA . -38.02 -26.41 -51.80
O6 MGP JA . -38.74 -26.91 -52.61
N1 MGP JA . -36.71 -25.97 -52.19
C2 MGP JA . -35.81 -25.35 -51.20
N2 MGP JA . -34.50 -24.91 -51.60
N3 MGP JA . -36.26 -25.20 -49.81
C4 MGP JA . -37.59 -25.64 -49.41
MG MG KA . -35.08 -30.76 -41.59
MG MG LA . -39.42 -32.46 -42.49
ZN ZN MA . -46.59 -61.59 -37.87
N SAH NA . -35.90 -55.13 -31.22
CA SAH NA . -35.40 -55.54 -29.91
CB SAH NA . -34.20 -56.45 -30.06
CG SAH NA . -33.89 -56.85 -31.50
SD SAH NA . -32.52 -58.02 -31.59
C SAH NA . -35.07 -54.34 -29.04
O SAH NA . -34.22 -54.42 -28.14
OXT SAH NA . -35.63 -53.26 -29.19
C5' SAH NA . -32.73 -57.98 -33.38
C4' SAH NA . -33.85 -58.94 -33.73
O4' SAH NA . -34.14 -58.93 -35.10
C3' SAH NA . -33.45 -60.36 -33.38
O3' SAH NA . -34.17 -60.78 -32.25
C2' SAH NA . -33.87 -61.18 -34.57
O2' SAH NA . -34.69 -62.24 -34.16
C1' SAH NA . -34.64 -60.20 -35.44
N9 SAH NA . -34.50 -60.50 -36.86
C8 SAH NA . -33.37 -60.89 -37.51
N7 SAH NA . -33.67 -61.07 -38.81
C5 SAH NA . -34.97 -60.79 -39.01
C6 SAH NA . -35.78 -60.80 -40.13
N6 SAH NA . -35.28 -61.14 -41.31
N1 SAH NA . -37.11 -60.46 -40.01
C2 SAH NA . -37.62 -60.09 -38.78
N3 SAH NA . -36.81 -60.08 -37.67
C4 SAH NA . -35.50 -60.42 -37.79
PA MGP OA . -29.50 -55.35 -25.38
O1A MGP OA . -28.33 -56.13 -24.75
O2A MGP OA . -30.15 -56.19 -26.44
O3A MGP OA . -30.61 -54.99 -24.23
O5' MGP OA . -28.90 -53.93 -26.04
PB MGP OA . -31.17 -56.03 -23.11
O1B MGP OA . -32.21 -56.94 -23.72
O2B MGP OA . -30.02 -56.86 -22.56
O3B MGP OA . -31.83 -55.15 -21.88
PC MGP OA . -30.97 -53.98 -21.09
O1C MGP OA . -30.84 -52.75 -21.98
O2C MGP OA . -31.67 -53.60 -19.78
O3C MGP OA . -29.56 -54.53 -20.78
C5' MGP OA . -28.56 -52.87 -25.21
C4' MGP OA . -28.17 -51.62 -26.07
O4' MGP OA . -27.43 -52.01 -27.06
C3' MGP OA . -29.42 -50.97 -26.68
O3' MGP OA . -29.71 -49.79 -26.06
C2' MGP OA . -29.08 -50.70 -28.14
O2' MGP OA . -28.69 -49.28 -28.31
C1' MGP OA . -28.05 -51.46 -28.43
N9 MGP OA . -28.44 -52.59 -29.27
C8 MGP OA . -29.58 -53.53 -29.05
N7 MGP OA . -29.55 -54.52 -30.19
CM7 MGP OA . -30.47 -55.62 -30.37
C5 MGP OA . -28.45 -54.16 -31.01
C6 MGP OA . -27.92 -54.77 -32.29
O6 MGP OA . -28.45 -55.74 -32.76
N1 MGP OA . -26.78 -54.20 -32.94
C2 MGP OA . -26.11 -53.03 -32.36
N2 MGP OA . -24.97 -52.45 -33.02
N3 MGP OA . -26.63 -52.42 -31.13
C4 MGP OA . -27.79 -53.00 -30.46
MG MG PA . -24.17 -53.56 -21.35
MG MG QA . -27.88 -56.40 -21.22
ZN ZN RA . -26.93 -81.63 -4.08
N SAH SA . -18.59 -70.38 -1.83
CA SAH SA . -18.07 -70.06 -0.52
CB SAH SA . -16.68 -70.68 -0.35
CG SAH SA . -16.13 -71.30 -1.62
SD SAH SA . -14.57 -72.16 -1.30
C SAH SA . -18.03 -68.56 -0.28
O SAH SA . -17.26 -68.05 0.53
OXT SAH SA . -18.77 -67.82 -0.91
C5' SAH SA . -14.74 -72.96 -2.90
C4' SAH SA . -15.54 -74.23 -2.70
O4' SAH SA . -15.77 -74.88 -3.93
C3' SAH SA . -14.77 -75.20 -1.82
O3' SAH SA . -15.37 -75.25 -0.56
C2' SAH SA . -14.90 -76.53 -2.52
O2' SAH SA . -15.41 -77.49 -1.62
C1' SAH SA . -15.90 -76.26 -3.63
N9 SAH SA . -15.64 -77.09 -4.81
C8 SAH SA . -14.43 -77.45 -5.33
N7 SAH SA . -14.65 -78.23 -6.41
C5 SAH SA . -15.98 -78.37 -6.59
C6 SAH SA . -16.73 -79.05 -7.53
N6 SAH SA . -16.14 -79.74 -8.49
N1 SAH SA . -18.11 -79.01 -7.45
C2 SAH SA . -18.73 -78.30 -6.45
N3 SAH SA . -17.97 -77.63 -5.52
C4 SAH SA . -16.62 -77.66 -5.59
PA MGP TA . -12.54 -66.44 2.91
O1A MGP TA . -11.23 -66.61 3.66
O2A MGP TA . -12.96 -67.76 2.31
O3A MGP TA . -13.73 -65.92 3.91
O5' MGP TA . -12.32 -65.32 1.67
PB MGP TA . -13.96 -66.49 5.43
O1B MGP TA . -14.64 -67.83 5.38
O2B MGP TA . -12.62 -66.62 6.15
O3B MGP TA . -14.91 -65.40 6.23
PC MGP TA . -14.46 -63.81 6.38
O1C MGP TA . -14.62 -63.11 5.02
O2C MGP TA . -15.33 -63.12 7.42
O3C MGP TA . -12.99 -63.75 6.81
C5' MGP TA . -12.31 -63.96 1.97
C4' MGP TA . -12.25 -63.14 0.63
O4' MGP TA . -11.42 -63.72 -0.18
C3' MGP TA . -13.63 -63.17 -0.06
O3' MGP TA . -14.24 -61.95 0.04
C2' MGP TA . -13.35 -63.48 -1.53
O2' MGP TA . -13.36 -62.22 -2.32
C1' MGP TA . -12.15 -63.99 -1.57
N9 MGP TA . -12.20 -65.43 -1.80
C8 MGP TA . -13.03 -66.45 -1.08
N7 MGP TA . -12.71 -67.78 -1.70
CM7 MGP TA . -13.29 -69.06 -1.29
C5 MGP TA . -11.74 -67.55 -2.70
C6 MGP TA . -11.04 -68.51 -3.64
O6 MGP TA . -11.28 -69.68 -3.60
N1 MGP TA . -10.08 -68.01 -4.58
C2 MGP TA . -9.78 -66.58 -4.63
N2 MGP TA . -8.82 -66.09 -5.59
N3 MGP TA . -10.45 -65.64 -3.73
C4 MGP TA . -11.44 -66.16 -2.76
MG MG UA . -8.05 -61.72 5.22
MG MG VA . -10.76 -65.17 6.96
ZN ZN WA . -3.44 -79.42 32.84
N SAH XA . 1.45 -66.61 29.49
CA SAH XA . 1.85 -65.61 30.47
CB SAH XA . 3.35 -65.69 30.71
CG SAH XA . 4.06 -66.75 29.89
SD SAH XA . 5.81 -66.86 30.30
C SAH XA . 1.44 -64.20 30.04
O SAH XA . 1.99 -63.21 30.50
OXT SAH XA . 0.55 -64.04 29.21
C5' SAH XA . 5.91 -68.27 29.18
C4' SAH XA . 5.46 -69.49 29.95
O4' SAH XA . 5.43 -70.64 29.13
C3' SAH XA . 6.42 -69.79 31.08
O3' SAH XA . 5.81 -69.46 32.31
C2' SAH XA . 6.66 -71.27 31.01
O2' SAH XA . 6.41 -71.87 32.26
C1' SAH XA . 5.67 -71.74 29.97
N9 SAH XA . 6.17 -72.91 29.24
C8 SAH XA . 7.45 -73.12 28.79
N7 SAH XA . 7.49 -74.32 28.17
C5 SAH XA . 6.26 -74.87 28.21
C6 SAH XA . 5.75 -76.06 27.73
N6 SAH XA . 6.55 -76.91 27.09
N1 SAH XA . 4.43 -76.37 27.92
C2 SAH XA . 3.60 -75.49 28.58
N3 SAH XA . 4.11 -74.31 29.06
C4 SAH XA . 5.42 -74.00 28.88
PA MGP YA . 6.09 -59.51 31.50
O1A MGP YA . 7.37 -58.96 32.12
O2A MGP YA . 6.09 -61.01 31.60
O3A MGP YA . 4.77 -58.92 32.30
O5' MGP YA . 5.99 -59.05 29.89
PB MGP YA . 4.61 -58.93 33.92
O1B MGP YA . 4.27 -60.33 34.40
O2B MGP YA . 5.91 -58.47 34.56
O3B MGP YA . 3.40 -57.88 34.32
PC MGP YA . 3.40 -56.31 33.77
O1C MGP YA . 2.97 -56.29 32.31
O2C MGP YA . 2.44 -55.47 34.60
O3C MGP YA . 4.83 -55.75 33.89
C5' MGP YA . 5.61 -57.75 29.57
C4' MGP YA . 5.46 -57.62 28.01
O4' MGP YA . 6.45 -58.24 27.44
C3' MGP YA . 4.17 -58.31 27.54
O3' MGP YA . 3.22 -57.38 27.21
C2' MGP YA . 4.57 -59.10 26.31
O2' MGP YA . 4.24 -58.32 25.08
C1' MGP YA . 5.87 -59.26 26.37
N9 MGP YA . 6.21 -60.62 26.77
C8 MGP YA . 5.66 -61.41 27.91
N7 MGP YA . 6.37 -62.75 27.90
CM7 MGP YA . 6.14 -63.84 28.84
C5 MGP YA . 7.27 -62.72 26.81
C6 MGP YA . 8.25 -63.77 26.30
O6 MGP YA . 8.35 -64.82 26.84
N1 MGP YA . 9.08 -63.47 25.16
C2 MGP YA . 8.97 -62.17 24.50
N2 MGP YA . 9.80 -61.88 23.34
N3 MGP YA . 8.02 -61.16 24.98
C4 MGP YA . 7.18 -61.45 26.14
MG MG ZA . 9.00 -53.40 31.22
MG MG AB . 7.18 -56.26 34.64
ZN ZN BB . 17.55 -55.71 63.16
N SAH CB . 18.78 -44.80 54.23
CA SAH CB . 18.87 -43.43 54.73
CB SAH CB . 20.33 -43.07 54.95
CG SAH CB . 21.34 -43.88 54.15
SD SAH CB . 23.01 -43.51 54.74
C SAH CB . 18.19 -42.45 53.79
O SAH CB . 18.50 -41.26 53.77
OXT SAH CB . 17.31 -42.82 53.03
C5' SAH CB . 23.55 -45.18 54.33
C4' SAH CB . 23.48 -46.03 55.59
O4' SAH CB . 23.81 -47.37 55.32
C3' SAH CB . 24.47 -45.54 56.62
O3' SAH CB . 23.78 -44.89 57.66
C2' SAH CB . 25.12 -46.80 57.15
O2' SAH CB . 25.00 -46.84 58.56
C1' SAH CB . 24.32 -47.91 56.51
N9 SAH CB . 25.14 -49.10 56.27
C8 SAH CB . 26.44 -49.14 55.82
N7 SAH CB . 26.82 -50.43 55.75
C5 SAH CB . 25.79 -51.21 56.15
C6 SAH CB . 25.65 -52.58 56.26
N6 SAH CB . 26.66 -53.38 55.95
N1 SAH CB . 24.45 -53.11 56.68
C2 SAH CB . 23.40 -52.27 57.02
N3 SAH CB . 23.56 -50.91 56.90
C4 SAH CB . 24.73 -50.39 56.47
PA MGP DB . 21.34 -36.58 52.75
O1A MGP DB . 22.37 -35.47 52.95
O2A MGP DB . 21.79 -37.81 53.47
O3A MGP DB . 19.88 -36.10 53.36
O5' MGP DB . 21.18 -36.88 51.12
PB MGP DB . 19.68 -35.41 54.81
O1B MGP DB . 19.73 -36.44 55.91
O2B MGP DB . 20.77 -34.36 55.05
O3B MGP DB . 18.20 -34.65 54.81
PC MGP DB . 17.81 -33.52 53.67
O1C MGP DB . 17.51 -34.23 52.35
O2C MGP DB . 16.57 -32.74 54.12
O3C MGP DB . 18.98 -32.55 53.49
C5' MGP DB . 20.45 -35.99 50.32
C4' MGP DB . 20.33 -36.57 48.86
O4' MGP DB . 21.46 -37.09 48.52
C3' MGP DB . 19.28 -37.70 48.82
O3' MGP DB . 18.14 -37.28 48.19
C2' MGP DB . 19.93 -38.81 48.01
O2' MGP DB . 19.43 -38.76 46.60
C1' MGP DB . 21.21 -38.59 48.01
N9 MGP DB . 21.92 -39.52 48.90
C8 MGP DB . 21.58 -39.86 50.31
N7 MGP DB . 22.62 -40.85 50.78
CM7 MGP DB . 22.68 -41.45 52.10
C5 MGP DB . 23.50 -41.05 49.68
C6 MGP DB . 24.74 -41.93 49.56
O6 MGP DB . 25.09 -42.60 50.47
N1 MGP DB . 25.46 -41.96 48.32
C2 MGP DB . 25.01 -41.14 47.18
N2 MGP DB . 25.75 -41.17 45.94
N3 MGP DB . 23.83 -40.29 47.30
C4 MGP DB . 23.09 -40.26 48.57
MG MG EB . 22.51 -30.51 49.71
MG MG FB . 21.46 -32.17 53.98
ZN ZN GB . 30.52 -16.81 78.61
N SAH HB . 28.98 -10.75 65.95
CA SAH HB . 28.67 -9.34 65.76
CB SAH HB . 29.95 -8.54 65.52
CG SAH HB . 31.21 -9.38 65.62
SD SAH HB . 32.70 -8.38 65.43
C SAH HB . 27.69 -9.13 64.61
O SAH HB . 27.59 -8.05 64.04
OXT SAH HB . 26.98 -10.06 64.22
C5' SAH HB . 33.64 -9.89 65.71
C4' SAH HB . 33.75 -10.10 67.21
O4' SAH HB . 34.42 -11.29 67.52
C3' SAH HB . 34.53 -8.96 67.84
O3' SAH HB . 33.66 -8.13 68.55
C2' SAH HB . 35.48 -9.64 68.79
O2' SAH HB . 35.34 -9.09 70.07
C1' SAH HB . 35.05 -11.09 68.77
N9 SAH HB . 36.17 -12.02 68.98
C8 SAH HB . 37.44 -11.90 68.49
N7 SAH HB . 38.15 -12.96 68.93
C5 SAH HB . 37.35 -13.75 69.69
C6 SAH HB . 37.57 -14.93 70.37
N6 SAH HB . 38.77 -15.51 70.33
N1 SAH HB . 36.54 -15.51 71.06
C2 SAH HB . 35.30 -14.92 71.09
N3 SAH HB . 35.09 -13.74 70.41
C4 SAH HB . 36.10 -13.16 69.73
PA MGP IB . 29.15 -3.67 60.91
O1A MGP IB . 29.85 -2.36 60.54
O2A MGP IB . 29.92 -4.35 62.02
O3A MGP IB . 27.62 -3.36 61.43
O5' MGP IB . 29.10 -4.67 59.57
PB MGP IB . 27.21 -2.16 62.45
O1B MGP IB . 27.53 -2.54 63.87
O2B MGP IB . 27.96 -0.89 62.08
O3B MGP IB . 25.58 -1.89 62.27
PC MGP IB . 24.92 -1.54 60.80
O1C MGP IB . 24.89 -2.80 59.95
O2C MGP IB . 23.49 -1.02 60.99
O3C MGP IB . 25.77 -0.47 60.12
C5' MGP IB . 28.17 -4.42 58.56
C4' MGP IB . 28.25 -5.56 57.49
O4' MGP IB . 29.51 -5.88 57.30
C3' MGP IB . 27.57 -6.84 58.02
O3' MGP IB . 26.38 -7.04 57.38
C2' MGP IB . 28.51 -7.99 57.71
O2' MGP IB . 28.08 -8.69 56.48
C1' MGP IB . 29.69 -7.45 57.49
N9 MGP IB . 30.60 -7.68 58.61
C8 MGP IB . 30.34 -7.45 60.06
N7 MGP IB . 31.59 -7.85 60.80
CM7 MGP IB . 31.78 -7.78 62.25
C5 MGP IB . 32.52 -8.27 59.82
C6 MGP IB . 33.95 -8.78 59.96
O6 MGP IB . 34.46 -8.86 61.03
N1 MGP IB . 34.69 -9.15 58.78
C2 MGP IB . 34.06 -9.04 57.45
N2 MGP IB . 34.82 -9.43 56.28
N3 MGP IB . 32.69 -8.56 57.32
C4 MGP IB . 31.93 -8.18 58.52
MG MG JB . 28.69 0.52 55.53
MG MG KB . 28.04 0.71 60.20
ZN ZN LB . 31.88 26.89 75.21
N SAH MB . 29.10 26.31 61.39
CA SAH MB . 28.42 27.37 60.64
CB SAH MB . 29.45 28.28 59.97
CG SAH MB . 30.89 27.97 60.34
SD SAH MB . 32.03 29.12 59.56
C SAH MB . 27.44 26.82 59.62
O SAH MB . 27.09 27.49 58.66
OXT SAH MB . 26.98 25.69 59.73
C5' SAH MB . 33.36 28.19 60.33
C4' SAH MB . 33.47 28.65 61.77
O4' SAH MB . 34.43 27.91 62.48
C3' SAH MB . 33.90 30.10 61.83
O3' SAH MB . 32.80 30.89 62.23
C2' SAH MB . 34.97 30.15 62.89
O2' SAH MB . 34.65 31.11 63.86
C1' SAH MB . 34.93 28.75 63.49
N9 SAH MB . 36.26 28.33 63.96
C8 SAH MB . 37.46 28.55 63.35
N7 SAH MB . 38.43 28.01 64.11
C5 SAH MB . 37.87 27.46 65.21
C6 SAH MB . 38.40 26.79 66.29
N6 SAH MB . 39.70 26.59 66.38
N1 SAH MB . 37.56 26.32 67.29
C2 SAH MB . 36.20 26.53 67.19
N3 SAH MB . 35.68 27.19 66.10
C4 SAH MB . 36.50 27.65 65.12
PA MGP NB . 27.43 30.35 53.84
O1A MGP NB . 27.78 31.52 52.91
O2A MGP NB . 28.29 30.41 55.08
O3A MGP NB . 25.86 30.42 54.28
O5' MGP NB . 27.72 28.90 53.04
PB MGP NB . 25.11 31.77 54.80
O1B MGP NB . 25.50 32.05 56.25
O2B MGP NB . 25.51 32.95 53.93
O3B MGP NB . 23.48 31.53 54.69
PC MGP NB . 22.78 31.04 53.27
O1C MGP NB . 23.08 29.56 53.05
O2C MGP NB . 21.27 31.25 53.34
O3C MGP NB . 23.36 31.86 52.12
C5' MGP NB . 26.80 28.44 52.10
C4' MGP NB . 27.22 27.00 51.63
O4' MGP NB . 28.49 26.97 51.47
C3' MGP NB . 26.88 25.97 52.72
O3' MGP NB . 25.79 25.23 52.35
C2' MGP NB . 28.10 25.06 52.80
O2' MGP NB . 27.88 23.83 52.00
C1' MGP NB . 29.10 25.74 52.29
N9 MGP NB . 30.00 26.24 53.31
C8 MGP NB . 29.64 26.98 54.57
N7 MGP NB . 30.92 27.30 55.27
CM7 MGP NB . 31.04 28.00 56.54
C5 MGP NB . 31.97 26.76 54.47
C6 MGP NB . 33.48 26.77 54.68
O6 MGP NB . 33.96 27.29 55.64
N1 MGP NB . 34.32 26.16 53.69
C2 MGP NB . 33.74 25.53 52.50
N2 MGP NB . 34.61 24.91 51.53
N3 MGP NB . 32.29 25.52 52.31
C4 MGP NB . 31.42 26.14 53.31
MG MG OB . 26.01 31.52 47.29
MG MG PB . 25.20 33.61 51.47
ZN ZN QB . 21.33 63.66 53.77
N SAH RB . 19.15 56.51 41.76
CA SAH RB . 18.24 56.92 40.70
CB SAH RB . 18.99 57.68 39.61
CG SAH RB . 20.45 57.96 39.96
SD SAH RB . 21.28 58.91 38.68
C SAH RB . 17.49 55.73 40.10
O SAH RB . 16.92 55.83 39.01
OXT SAH RB . 17.43 54.66 40.69
C5' SAH RB . 22.78 58.77 39.66
C4' SAH RB . 22.72 59.82 40.75
O4' SAH RB . 23.83 59.75 41.61
C3' SAH RB . 22.73 61.22 40.13
O3' SAH RB . 21.45 61.79 40.25
C2' SAH RB . 23.73 62.00 40.95
O2' SAH RB . 23.13 63.17 41.42
C1' SAH RB . 24.06 61.05 42.10
N9 SAH RB . 25.44 61.23 42.56
C8 SAH RB . 26.55 61.45 41.81
N7 SAH RB . 27.61 61.57 42.63
C5 SAH RB . 27.19 61.41 43.90
C6 SAH RB . 27.85 61.44 45.12
N6 SAH RB . 29.16 61.64 45.16
N1 SAH RB . 27.13 61.25 46.28
C2 SAH RB . 25.78 61.04 46.24
N3 SAH RB . 25.13 61.01 45.03
C4 SAH RB . 25.82 61.20 43.88
PA MGP SB . 16.67 56.40 33.44
O1A MGP SB . 16.68 57.08 32.07
O2A MGP SB . 17.46 57.22 34.42
O3A MGP SB . 15.13 56.24 33.98
O5' MGP SB . 17.36 54.87 33.29
PB MGP SB . 14.01 57.42 33.93
O1B MGP SB . 14.24 58.42 35.05
O2B MGP SB . 14.09 58.15 32.58
O3B MGP SB . 12.52 56.72 34.08
PC MGP SB . 12.01 55.53 33.05
O1C MGP SB . 12.73 54.23 33.41
O2C MGP SB . 10.51 55.34 33.19
O3C MGP SB . 12.36 55.92 31.61
C5' MGP SB . 16.60 53.83 32.75
C4' MGP SB . 17.39 52.49 32.86
O4' MGP SB . 18.64 52.71 32.59
C3' MGP SB . 17.33 51.95 34.30
O3' MGP SB . 16.51 50.85 34.36
C2' MGP SB . 18.75 51.54 34.63
O2' MGP SB . 18.91 50.06 34.46
C1' MGP SB . 19.54 52.14 33.79
N9 MGP SB . 20.25 53.25 34.41
C8 MGP SB . 19.68 54.35 35.26
N7 MGP SB . 20.83 55.23 35.65
CM7 MGP SB . 20.74 56.43 36.47
C5 MGP SB . 22.00 54.68 35.06
C6 MGP SB . 23.45 55.13 35.09
O6 MGP SB . 23.77 56.11 35.70
N1 MGP SB . 24.45 54.37 34.39
C2 MGP SB . 24.06 53.16 33.65
N2 MGP SB . 25.08 52.40 32.95
N3 MGP SB . 22.66 52.73 33.61
C4 MGP SB . 21.64 53.50 34.32
MG MG TB . 15.10 54.29 27.08
#